data_4K0J
#
_entry.id   4K0J
#
_cell.length_a   223.627
_cell.length_b   129.056
_cell.length_c   392.374
_cell.angle_alpha   90.00
_cell.angle_beta   94.62
_cell.angle_gamma   90.00
#
_symmetry.space_group_name_H-M   'C 1 2 1'
#
loop_
_entity.id
_entity.type
_entity.pdbx_description
1 polymer 'Heavy metal cation tricomponent efflux pump ZneA(CzcA-like)'
2 non-polymer 'ZINC ION'
#
_entity_poly.entity_id   1
_entity_poly.type   'polypeptide(L)'
_entity_poly.pdbx_seq_one_letter_code
;MIERLVTLCFNRRGIVALVFAMVALYGWYAWKQLPLEAYPDIADTTSQVVTQVNGLAAEEVEQQITIPLEREIMGVPGMH
VMRSKSTFGLSLITVVFKDGAEDYWSRQRLQERINGVSLPYGAQPSLDPLTSPIGEIYRYTLVSKTRDLRELSELQFWKV
IPRLKQVAGVVDVANFGGLTTQFMLEFDPVMLSKYNISLNQITQAISENNANAGGSILNRGEQGLVVRGVGLIRNLDDLG
NIVVTQKNGVPVLVKDLGRVVLGNPQRHGILGMDRNPDTIQGITLLLKNENPSVVMEGVHAAVRDLNDNILPKDVKVVPY
IDRSNLVDATVHTVGKTLMEGMFLVSLVLLLFLGSPRAAIIVAVTIPLSLLMAFILMHHFKIPANLLSLGAIDFGIIVDG
AIVVMENILRRREEDAEKELHGRDIMQSVLQVARPIFFGMIVIITAYLPLFAFQRIEYKLFSPMAFAVGFALFGALLVAL
LLIPGLAYWAYRKPRKVFHNPALVWLAPRYESVLNRLVGSTRTAIGIAVATLVGVMILGATIGRDFLPYLDEGSIWLQVT
LPPGISLEKAGQMADNLRAATMEFPEVEHVVTQVGRNDEGTDPFSPSHIETAVTLHPYSTWTSGRDKQQLIEAMATRFRD
LPGTQVGFSQPMIDGVLDKLAGAHSDLVVKVYGNDFAETRQVATAITRLLKTVPGAQDVIIDQEPPLPQVRIDVDRAAAA
RLGINVADVMALIQTGIGGSPVTQVFVEDRSYNVVARFIGSSRNDPEAIGNLTLTAANGAHVALAQVAHIRLAEGETTIT
REMNKRHLTVRLNLRGRDLSTFLEEARMRIDKEVPYDRTHIQVAWGGQFENQQRAQARLAVILPMVLALMFVLLFGEFKN
LRQPALILMAVPLATLGGLVALHLRGMTLNVSSAVGFIALFGVAVLNAIIMIANLNRWRDTSGVSLKEAVVRGAGERMRP
VLMTATVAALGLIPAALAHGLGSDVQRPLATVVVGGLITATALTLVLLPALYYLIETRAAKQVREEPPVQFGPTSEGDLH
HHHHH
;
_entity_poly.pdbx_strand_id   A,B,C,D,E,F
#
loop_
_chem_comp.id
_chem_comp.type
_chem_comp.name
_chem_comp.formula
ZN non-polymer 'ZINC ION' 'Zn 2'
#
# COMPACT_ATOMS: atom_id res chain seq x y z
N ARG A 4 -18.63 -13.46 -7.51
CA ARG A 4 -17.32 -14.08 -7.62
C ARG A 4 -17.08 -14.60 -9.04
N LEU A 5 -17.42 -15.87 -9.27
CA LEU A 5 -17.22 -16.49 -10.57
C LEU A 5 -18.31 -16.10 -11.56
N VAL A 6 -19.29 -15.33 -11.08
CA VAL A 6 -20.36 -14.83 -11.92
C VAL A 6 -19.80 -13.82 -12.91
N THR A 7 -18.64 -13.24 -12.56
CA THR A 7 -17.99 -12.26 -13.41
C THR A 7 -17.37 -12.92 -14.65
N LEU A 8 -16.57 -13.96 -14.43
CA LEU A 8 -15.81 -14.58 -15.52
C LEU A 8 -16.57 -15.66 -16.28
N CYS A 9 -17.63 -16.19 -15.68
CA CYS A 9 -18.41 -17.24 -16.34
C CYS A 9 -19.17 -16.68 -17.53
N PHE A 10 -19.42 -15.38 -17.50
CA PHE A 10 -20.17 -14.73 -18.57
C PHE A 10 -19.44 -14.78 -19.91
N ASN A 11 -18.12 -14.63 -19.87
CA ASN A 11 -17.32 -14.67 -21.08
C ASN A 11 -17.00 -16.09 -21.52
N ARG A 12 -17.54 -17.06 -20.80
CA ARG A 12 -17.31 -18.46 -21.14
C ARG A 12 -18.59 -19.11 -21.68
N ARG A 13 -19.58 -18.28 -22.01
CA ARG A 13 -20.90 -18.70 -22.47
C ARG A 13 -20.95 -20.02 -23.24
N GLY A 14 -20.27 -20.05 -24.38
CA GLY A 14 -20.23 -21.24 -25.20
C GLY A 14 -19.61 -22.42 -24.48
N ILE A 15 -18.39 -22.21 -24.00
CA ILE A 15 -17.63 -23.24 -23.31
C ILE A 15 -18.42 -23.87 -22.17
N VAL A 16 -18.85 -23.04 -21.21
CA VAL A 16 -19.62 -23.54 -20.07
C VAL A 16 -20.91 -24.20 -20.51
N ALA A 17 -21.46 -23.78 -21.66
CA ALA A 17 -22.64 -24.43 -22.17
C ALA A 17 -22.25 -25.82 -22.66
N LEU A 18 -21.15 -25.89 -23.41
CA LEU A 18 -20.67 -27.14 -23.97
C LEU A 18 -20.43 -28.19 -22.89
N VAL A 19 -19.64 -27.84 -21.88
CA VAL A 19 -19.39 -28.77 -20.78
C VAL A 19 -20.71 -29.17 -20.12
N PHE A 20 -21.65 -28.23 -20.05
CA PHE A 20 -22.92 -28.49 -19.39
C PHE A 20 -23.72 -29.52 -20.19
N ALA A 21 -23.46 -29.55 -21.49
CA ALA A 21 -24.03 -30.60 -22.33
C ALA A 21 -23.33 -31.90 -21.99
N MET A 22 -22.00 -31.87 -21.95
CA MET A 22 -21.20 -33.06 -21.70
C MET A 22 -21.56 -33.64 -20.35
N VAL A 23 -21.58 -32.79 -19.33
CA VAL A 23 -22.03 -33.17 -18.00
C VAL A 23 -23.39 -33.83 -18.08
N ALA A 24 -24.29 -33.19 -18.82
CA ALA A 24 -25.65 -33.70 -18.96
C ALA A 24 -25.61 -35.10 -19.53
N LEU A 25 -24.69 -35.34 -20.46
CA LEU A 25 -24.51 -36.66 -21.02
C LEU A 25 -24.14 -37.64 -19.90
N TYR A 26 -23.09 -37.30 -19.16
CA TYR A 26 -22.68 -38.13 -18.04
C TYR A 26 -23.80 -38.20 -17.02
N GLY A 27 -24.67 -37.19 -17.04
CA GLY A 27 -25.84 -37.22 -16.17
C GLY A 27 -26.74 -38.37 -16.54
N TRP A 28 -27.15 -38.41 -17.81
CA TRP A 28 -28.05 -39.46 -18.29
C TRP A 28 -27.40 -40.82 -18.10
N TYR A 29 -26.13 -40.90 -18.46
CA TYR A 29 -25.33 -42.11 -18.27
C TYR A 29 -25.35 -42.53 -16.80
N ALA A 30 -25.19 -41.56 -15.89
CA ALA A 30 -25.19 -41.86 -14.47
C ALA A 30 -26.54 -42.42 -14.06
N TRP A 31 -27.60 -41.95 -14.69
CA TRP A 31 -28.92 -42.46 -14.37
C TRP A 31 -29.07 -43.88 -14.90
N LYS A 32 -28.35 -44.20 -15.96
CA LYS A 32 -28.46 -45.52 -16.56
C LYS A 32 -27.94 -46.62 -15.64
N GLN A 33 -26.73 -46.44 -15.11
CA GLN A 33 -26.19 -47.38 -14.14
C GLN A 33 -26.58 -46.97 -12.72
N LEU A 34 -27.88 -46.90 -12.48
CA LEU A 34 -28.37 -46.51 -11.17
C LEU A 34 -29.42 -47.52 -10.69
N PRO A 35 -29.16 -48.15 -9.52
CA PRO A 35 -30.00 -49.22 -8.98
C PRO A 35 -31.40 -48.73 -8.63
N LEU A 36 -32.42 -49.37 -9.20
CA LEU A 36 -33.80 -48.96 -8.98
C LEU A 36 -34.45 -49.68 -7.81
N GLU A 37 -34.84 -48.92 -6.80
CA GLU A 37 -35.56 -49.44 -5.64
C GLU A 37 -36.97 -48.84 -5.60
N ALA A 38 -37.97 -49.71 -5.76
CA ALA A 38 -39.36 -49.31 -5.63
C ALA A 38 -39.76 -49.45 -4.17
N TYR A 39 -39.12 -50.39 -3.50
CA TYR A 39 -39.38 -50.66 -2.09
C TYR A 39 -38.04 -51.03 -1.47
N PRO A 40 -37.43 -50.10 -0.73
CA PRO A 40 -36.09 -50.27 -0.16
C PRO A 40 -36.03 -51.42 0.84
N ASP A 41 -34.83 -51.90 1.13
CA ASP A 41 -34.66 -52.94 2.12
C ASP A 41 -34.89 -52.36 3.51
N ILE A 42 -36.14 -52.47 3.95
CA ILE A 42 -36.58 -51.92 5.22
C ILE A 42 -35.99 -52.70 6.40
N ALA A 43 -35.80 -53.99 6.18
CA ALA A 43 -35.35 -54.90 7.24
C ALA A 43 -33.97 -54.59 7.78
N ASP A 44 -33.76 -54.94 9.04
CA ASP A 44 -32.46 -54.80 9.68
C ASP A 44 -31.64 -56.05 9.39
N THR A 45 -30.42 -56.11 9.91
CA THR A 45 -29.55 -57.25 9.68
C THR A 45 -29.81 -58.40 10.66
N THR A 46 -30.50 -59.44 10.17
CA THR A 46 -30.87 -60.58 11.00
C THR A 46 -30.26 -61.87 10.47
N SER A 47 -30.40 -62.94 11.25
CA SER A 47 -29.91 -64.26 10.88
C SER A 47 -30.46 -65.33 11.83
N GLN A 48 -31.04 -66.38 11.27
CA GLN A 48 -31.59 -67.48 12.06
C GLN A 48 -30.69 -68.70 12.00
N VAL A 49 -30.74 -69.52 13.04
CA VAL A 49 -30.09 -70.83 13.01
C VAL A 49 -31.13 -71.96 13.17
N VAL A 50 -31.11 -72.88 12.21
CA VAL A 50 -32.12 -73.91 12.07
C VAL A 50 -31.61 -75.31 12.42
N THR A 51 -32.19 -75.91 13.45
CA THR A 51 -31.92 -77.30 13.77
C THR A 51 -33.13 -78.16 13.44
N GLN A 52 -33.04 -78.93 12.36
CA GLN A 52 -34.19 -79.65 11.81
C GLN A 52 -34.20 -81.14 12.15
N VAL A 53 -34.60 -81.46 13.38
CA VAL A 53 -34.75 -82.85 13.81
C VAL A 53 -36.05 -83.45 13.25
N ASN A 54 -35.97 -84.64 12.67
CA ASN A 54 -37.11 -85.23 11.98
C ASN A 54 -37.90 -86.24 12.83
N GLY A 55 -39.03 -85.79 13.38
CA GLY A 55 -39.95 -86.69 14.06
C GLY A 55 -40.14 -86.46 15.54
N LEU A 56 -39.38 -85.53 16.11
CA LEU A 56 -39.36 -85.27 17.55
C LEU A 56 -40.42 -84.28 17.99
N ALA A 57 -40.76 -84.30 19.28
CA ALA A 57 -41.72 -83.33 19.82
C ALA A 57 -41.07 -82.23 20.67
N ALA A 58 -41.83 -81.14 20.87
CA ALA A 58 -41.35 -79.88 21.46
C ALA A 58 -40.48 -79.98 22.72
N GLU A 59 -40.92 -80.76 23.69
CA GLU A 59 -40.18 -80.89 24.95
C GLU A 59 -38.79 -81.49 24.70
N GLU A 60 -38.70 -82.37 23.71
CA GLU A 60 -37.45 -83.05 23.40
C GLU A 60 -36.58 -82.23 22.45
N VAL A 61 -37.13 -81.11 21.99
CA VAL A 61 -36.42 -80.22 21.07
C VAL A 61 -35.88 -78.97 21.76
N GLU A 62 -36.67 -78.42 22.69
CA GLU A 62 -36.25 -77.25 23.44
C GLU A 62 -35.09 -77.54 24.38
N GLN A 63 -35.18 -78.66 25.12
CA GLN A 63 -34.19 -78.98 26.15
C GLN A 63 -32.85 -79.46 25.60
N GLN A 64 -32.91 -80.11 24.44
CA GLN A 64 -31.71 -80.74 23.86
C GLN A 64 -31.10 -79.97 22.70
N ILE A 65 -31.76 -78.91 22.23
CA ILE A 65 -31.16 -78.06 21.20
C ILE A 65 -31.23 -76.56 21.48
N THR A 66 -32.44 -76.03 21.70
CA THR A 66 -32.60 -74.60 21.90
C THR A 66 -31.84 -74.13 23.14
N ILE A 67 -31.77 -74.97 24.16
CA ILE A 67 -31.01 -74.65 25.37
C ILE A 67 -29.48 -74.70 25.14
N PRO A 68 -28.97 -75.76 24.48
CA PRO A 68 -27.55 -75.73 24.09
C PRO A 68 -27.19 -74.57 23.16
N LEU A 69 -28.00 -74.29 22.14
CA LEU A 69 -27.70 -73.20 21.23
C LEU A 69 -27.73 -71.84 21.92
N GLU A 70 -28.81 -71.54 22.62
CA GLU A 70 -28.92 -70.28 23.34
C GLU A 70 -27.81 -70.14 24.37
N ARG A 71 -27.40 -71.26 24.95
CA ARG A 71 -26.28 -71.28 25.87
C ARG A 71 -25.01 -70.84 25.15
N GLU A 72 -24.87 -71.28 23.91
CA GLU A 72 -23.63 -71.08 23.15
C GLU A 72 -23.67 -69.88 22.21
N ILE A 73 -24.71 -69.05 22.32
CA ILE A 73 -24.91 -67.95 21.38
C ILE A 73 -24.99 -66.56 22.00
N MET A 74 -25.71 -66.45 23.11
CA MET A 74 -26.12 -65.15 23.69
C MET A 74 -25.05 -64.02 23.69
N GLY A 75 -23.79 -64.37 23.51
CA GLY A 75 -22.74 -63.37 23.56
C GLY A 75 -22.06 -63.06 22.24
N VAL A 76 -22.82 -63.06 21.14
CA VAL A 76 -22.26 -62.73 19.84
C VAL A 76 -22.05 -61.23 19.67
N PRO A 77 -20.84 -60.84 19.26
CA PRO A 77 -20.51 -59.44 18.98
C PRO A 77 -21.41 -58.83 17.92
N GLY A 78 -22.52 -58.22 18.34
CA GLY A 78 -23.40 -57.53 17.40
C GLY A 78 -24.87 -57.55 17.76
N MET A 79 -25.24 -58.42 18.71
CA MET A 79 -26.63 -58.64 19.11
C MET A 79 -27.43 -57.37 19.42
N HIS A 80 -28.74 -57.45 19.17
CA HIS A 80 -29.66 -56.38 19.51
C HIS A 80 -30.91 -57.00 20.11
N VAL A 81 -31.48 -57.95 19.38
CA VAL A 81 -32.60 -58.75 19.89
C VAL A 81 -32.30 -60.21 19.63
N MET A 82 -32.68 -61.09 20.56
CA MET A 82 -32.53 -62.51 20.33
C MET A 82 -33.77 -63.29 20.75
N ARG A 83 -34.33 -64.03 19.82
CA ARG A 83 -35.53 -64.80 20.06
C ARG A 83 -35.34 -66.22 19.55
N SER A 84 -36.23 -67.12 19.95
CA SER A 84 -36.16 -68.49 19.48
C SER A 84 -37.53 -69.15 19.61
N LYS A 85 -37.80 -70.10 18.73
CA LYS A 85 -39.02 -70.88 18.85
C LYS A 85 -38.68 -72.37 18.70
N SER A 86 -39.09 -73.14 19.70
CA SER A 86 -38.90 -74.57 19.69
C SER A 86 -40.24 -75.25 19.42
N THR A 87 -40.24 -76.16 18.44
CA THR A 87 -41.48 -76.80 18.01
C THR A 87 -41.25 -78.23 17.52
N PHE A 88 -42.30 -78.79 16.92
CA PHE A 88 -42.29 -80.16 16.43
C PHE A 88 -41.06 -80.47 15.60
N GLY A 89 -40.01 -80.95 16.27
CA GLY A 89 -38.76 -81.30 15.63
C GLY A 89 -38.09 -80.12 14.96
N LEU A 90 -37.99 -79.01 15.68
CA LEU A 90 -37.33 -77.82 15.13
C LEU A 90 -36.88 -76.82 16.18
N SER A 91 -35.58 -76.57 16.23
CA SER A 91 -35.07 -75.48 17.06
C SER A 91 -34.73 -74.32 16.16
N LEU A 92 -35.55 -73.27 16.19
CA LEU A 92 -35.38 -72.17 15.26
C LEU A 92 -35.00 -70.88 15.99
N ILE A 93 -33.73 -70.52 15.94
CA ILE A 93 -33.26 -69.39 16.74
C ILE A 93 -33.03 -68.14 15.90
N THR A 94 -33.92 -67.17 16.02
CA THR A 94 -33.79 -65.92 15.27
C THR A 94 -32.95 -64.90 16.05
N VAL A 95 -31.91 -64.38 15.41
CA VAL A 95 -31.11 -63.31 16.00
C VAL A 95 -31.17 -62.07 15.13
N VAL A 96 -31.34 -60.91 15.74
CA VAL A 96 -31.28 -59.66 14.97
C VAL A 96 -30.26 -58.68 15.55
N PHE A 97 -29.35 -58.22 14.68
CA PHE A 97 -28.18 -57.46 15.09
C PHE A 97 -28.46 -55.97 15.19
N LYS A 98 -27.50 -55.23 15.75
CA LYS A 98 -27.64 -53.78 15.93
C LYS A 98 -27.49 -53.06 14.60
N ASP A 99 -27.93 -51.81 14.55
CA ASP A 99 -27.87 -51.03 13.32
C ASP A 99 -26.45 -50.54 13.04
N GLY A 100 -25.78 -51.20 12.10
CA GLY A 100 -24.42 -50.86 11.74
C GLY A 100 -23.55 -52.09 11.55
N ALA A 101 -24.17 -53.25 11.66
CA ALA A 101 -23.46 -54.52 11.50
C ALA A 101 -23.64 -55.08 10.10
N GLU A 102 -22.53 -55.37 9.42
CA GLU A 102 -22.57 -55.97 8.09
C GLU A 102 -23.13 -57.40 8.14
N ASP A 103 -23.89 -57.79 7.12
CA ASP A 103 -24.49 -59.11 7.05
C ASP A 103 -23.48 -60.26 7.21
N TYR A 104 -22.58 -60.40 6.24
CA TYR A 104 -21.57 -61.47 6.26
C TYR A 104 -20.71 -61.53 7.52
N TRP A 105 -20.42 -60.36 8.09
CA TRP A 105 -19.70 -60.26 9.36
C TRP A 105 -20.50 -60.95 10.45
N SER A 106 -21.77 -60.56 10.55
CA SER A 106 -22.67 -61.11 11.54
C SER A 106 -22.82 -62.62 11.38
N ARG A 107 -23.09 -63.06 10.15
CA ARG A 107 -23.22 -64.48 9.86
C ARG A 107 -21.95 -65.21 10.24
N GLN A 108 -20.81 -64.53 10.08
CA GLN A 108 -19.54 -65.09 10.52
C GLN A 108 -19.54 -65.32 12.03
N ARG A 109 -19.72 -64.26 12.82
CA ARG A 109 -19.69 -64.40 14.28
C ARG A 109 -20.65 -65.48 14.78
N LEU A 110 -21.86 -65.43 14.25
CA LEU A 110 -22.89 -66.39 14.57
C LEU A 110 -22.41 -67.81 14.29
N GLN A 111 -22.01 -68.06 13.03
CA GLN A 111 -21.56 -69.38 12.61
C GLN A 111 -20.32 -69.84 13.38
N GLU A 112 -19.57 -68.90 13.91
CA GLU A 112 -18.47 -69.20 14.82
C GLU A 112 -19.07 -69.81 16.07
N ARG A 113 -20.13 -69.19 16.57
CA ARG A 113 -20.70 -69.62 17.84
C ARG A 113 -21.61 -70.87 17.77
N ILE A 114 -22.12 -71.21 16.60
CA ILE A 114 -23.05 -72.34 16.51
C ILE A 114 -22.39 -73.70 16.29
N ASN A 115 -21.21 -73.72 15.68
CA ASN A 115 -20.52 -74.97 15.41
C ASN A 115 -19.64 -75.42 16.57
N GLY A 116 -19.24 -76.69 16.57
CA GLY A 116 -18.44 -77.26 17.64
C GLY A 116 -19.30 -77.85 18.74
N VAL A 117 -20.60 -77.92 18.48
CA VAL A 117 -21.57 -78.41 19.46
C VAL A 117 -21.61 -79.92 19.56
N SER A 118 -22.78 -80.45 19.92
CA SER A 118 -23.03 -81.88 19.93
C SER A 118 -24.53 -82.11 20.02
N LEU A 119 -25.16 -82.38 18.88
CA LEU A 119 -26.60 -82.60 18.86
C LEU A 119 -26.95 -84.06 18.66
N PRO A 120 -27.65 -84.65 19.66
CA PRO A 120 -28.01 -86.06 19.78
C PRO A 120 -28.46 -86.72 18.47
N TYR A 121 -29.73 -86.56 18.12
CA TYR A 121 -30.32 -87.32 17.01
C TYR A 121 -29.77 -86.97 15.63
N GLY A 122 -28.45 -86.85 15.54
CA GLY A 122 -27.80 -86.51 14.28
C GLY A 122 -28.22 -85.15 13.75
N ALA A 123 -28.62 -84.27 14.65
CA ALA A 123 -29.13 -82.96 14.27
C ALA A 123 -27.98 -82.04 13.85
N GLN A 124 -28.14 -81.42 12.69
CA GLN A 124 -27.13 -80.56 12.12
C GLN A 124 -27.58 -79.10 12.04
N PRO A 125 -27.20 -78.30 13.05
CA PRO A 125 -27.51 -76.86 13.06
C PRO A 125 -26.83 -76.12 11.91
N SER A 126 -27.62 -75.76 10.90
CA SER A 126 -27.13 -74.94 9.81
C SER A 126 -27.62 -73.51 9.98
N LEU A 127 -27.39 -72.67 8.97
CA LEU A 127 -27.90 -71.31 8.99
C LEU A 127 -28.93 -71.09 7.88
N ASP A 128 -29.85 -70.15 8.08
CA ASP A 128 -30.83 -69.82 7.05
C ASP A 128 -30.13 -69.07 5.92
N PRO A 129 -30.69 -69.13 4.70
CA PRO A 129 -30.08 -68.40 3.57
C PRO A 129 -30.01 -66.88 3.80
N LEU A 130 -28.97 -66.25 3.27
CA LEU A 130 -28.77 -64.82 3.44
C LEU A 130 -29.82 -64.04 2.65
N THR A 131 -30.87 -63.62 3.34
CA THR A 131 -31.94 -62.91 2.66
C THR A 131 -32.69 -61.98 3.61
N SER A 132 -33.39 -61.03 3.03
CA SER A 132 -34.20 -60.10 3.78
C SER A 132 -35.64 -60.60 3.70
N PRO A 133 -36.47 -60.21 4.67
CA PRO A 133 -37.92 -60.41 4.67
C PRO A 133 -38.53 -60.03 3.33
N ILE A 134 -38.06 -58.93 2.76
CA ILE A 134 -38.56 -58.44 1.49
C ILE A 134 -37.85 -59.11 0.31
N GLY A 135 -37.20 -60.24 0.56
CA GLY A 135 -36.40 -60.89 -0.45
C GLY A 135 -37.17 -61.85 -1.32
N GLU A 136 -38.36 -62.23 -0.86
CA GLU A 136 -39.20 -63.16 -1.59
C GLU A 136 -39.77 -62.45 -2.82
N ILE A 137 -39.06 -62.55 -3.94
CA ILE A 137 -39.37 -61.71 -5.08
C ILE A 137 -40.22 -62.35 -6.18
N TYR A 138 -40.21 -63.68 -6.25
CA TYR A 138 -40.89 -64.38 -7.34
C TYR A 138 -41.61 -65.64 -6.87
N ARG A 139 -42.91 -65.52 -6.58
CA ARG A 139 -43.70 -66.68 -6.20
C ARG A 139 -44.35 -67.30 -7.43
N TYR A 140 -44.16 -68.61 -7.60
CA TYR A 140 -44.70 -69.30 -8.76
C TYR A 140 -45.30 -70.65 -8.38
N THR A 141 -45.89 -71.30 -9.38
CA THR A 141 -46.51 -72.61 -9.20
C THR A 141 -46.39 -73.36 -10.52
N LEU A 142 -46.28 -74.68 -10.46
CA LEU A 142 -46.22 -75.52 -11.65
C LEU A 142 -47.61 -75.97 -12.08
N VAL A 143 -48.11 -75.48 -13.22
CA VAL A 143 -49.41 -75.93 -13.71
C VAL A 143 -49.30 -76.97 -14.80
N SER A 144 -50.31 -77.83 -14.85
CA SER A 144 -50.41 -78.91 -15.83
C SER A 144 -51.80 -79.55 -15.75
N LYS A 145 -52.44 -79.73 -16.90
CA LYS A 145 -53.73 -80.39 -16.94
C LYS A 145 -53.59 -81.90 -16.77
N THR A 146 -52.49 -82.44 -17.32
CA THR A 146 -52.34 -83.88 -17.44
C THR A 146 -51.45 -84.55 -16.38
N ARG A 147 -50.38 -83.88 -15.97
CA ARG A 147 -49.44 -84.51 -15.06
C ARG A 147 -49.87 -84.46 -13.58
N ASP A 148 -49.32 -85.37 -12.80
CA ASP A 148 -49.70 -85.54 -11.40
C ASP A 148 -48.77 -84.75 -10.48
N LEU A 149 -49.07 -84.76 -9.19
CA LEU A 149 -48.33 -83.95 -8.23
C LEU A 149 -46.93 -84.52 -7.93
N ARG A 150 -46.79 -85.84 -8.03
CA ARG A 150 -45.49 -86.48 -7.82
C ARG A 150 -44.53 -86.09 -8.94
N GLU A 151 -45.04 -86.12 -10.18
CA GLU A 151 -44.23 -85.74 -11.32
C GLU A 151 -43.87 -84.26 -11.29
N LEU A 152 -44.85 -83.42 -10.95
CA LEU A 152 -44.60 -82.00 -10.80
C LEU A 152 -43.57 -81.74 -9.72
N SER A 153 -43.59 -82.55 -8.67
CA SER A 153 -42.63 -82.41 -7.58
C SER A 153 -41.23 -82.77 -8.05
N GLU A 154 -41.15 -83.84 -8.83
CA GLU A 154 -39.87 -84.26 -9.40
C GLU A 154 -39.28 -83.19 -10.32
N LEU A 155 -40.15 -82.57 -11.12
CA LEU A 155 -39.73 -81.50 -12.00
C LEU A 155 -39.20 -80.33 -11.17
N GLN A 156 -39.95 -80.00 -10.13
CA GLN A 156 -39.62 -78.93 -9.22
C GLN A 156 -38.23 -79.12 -8.63
N PHE A 157 -38.00 -80.32 -8.09
CA PHE A 157 -36.75 -80.62 -7.38
C PHE A 157 -35.53 -80.78 -8.28
N TRP A 158 -35.71 -81.41 -9.44
CA TRP A 158 -34.55 -81.76 -10.25
C TRP A 158 -34.28 -80.88 -11.48
N LYS A 159 -35.18 -79.95 -11.77
CA LYS A 159 -34.99 -79.09 -12.93
C LYS A 159 -35.24 -77.61 -12.66
N VAL A 160 -36.41 -77.29 -12.12
CA VAL A 160 -36.84 -75.91 -11.93
C VAL A 160 -35.99 -75.19 -10.89
N ILE A 161 -36.02 -75.72 -9.67
CA ILE A 161 -35.25 -75.13 -8.58
C ILE A 161 -33.76 -75.08 -8.91
N PRO A 162 -33.18 -76.19 -9.42
CA PRO A 162 -31.79 -76.07 -9.87
C PRO A 162 -31.56 -74.91 -10.85
N ARG A 163 -32.39 -74.82 -11.89
CA ARG A 163 -32.20 -73.80 -12.91
C ARG A 163 -32.31 -72.39 -12.33
N LEU A 164 -33.30 -72.16 -11.49
CA LEU A 164 -33.48 -70.87 -10.84
C LEU A 164 -32.31 -70.53 -9.94
N LYS A 165 -31.73 -71.57 -9.34
CA LYS A 165 -30.58 -71.39 -8.47
C LYS A 165 -29.36 -70.89 -9.24
N GLN A 166 -29.37 -71.10 -10.55
CA GLN A 166 -28.27 -70.67 -11.41
C GLN A 166 -28.30 -69.16 -11.64
N VAL A 167 -29.44 -68.54 -11.34
CA VAL A 167 -29.57 -67.08 -11.47
C VAL A 167 -28.78 -66.39 -10.36
N ALA A 168 -27.80 -65.59 -10.76
CA ALA A 168 -26.99 -64.83 -9.81
C ALA A 168 -27.85 -63.82 -9.07
N GLY A 169 -27.71 -63.79 -7.74
CA GLY A 169 -28.52 -62.92 -6.91
C GLY A 169 -29.62 -63.69 -6.24
N VAL A 170 -29.79 -64.95 -6.62
CA VAL A 170 -30.79 -65.81 -6.01
C VAL A 170 -30.12 -66.72 -4.99
N VAL A 171 -30.44 -66.52 -3.72
CA VAL A 171 -29.72 -67.22 -2.66
C VAL A 171 -30.27 -68.63 -2.43
N ASP A 172 -31.57 -68.81 -2.60
CA ASP A 172 -32.18 -70.15 -2.64
C ASP A 172 -33.63 -70.08 -3.08
N VAL A 173 -34.17 -71.24 -3.42
CA VAL A 173 -35.55 -71.35 -3.86
C VAL A 173 -36.30 -72.26 -2.90
N ALA A 174 -37.30 -71.67 -2.22
CA ALA A 174 -38.02 -72.38 -1.17
C ALA A 174 -39.24 -73.14 -1.68
N ASN A 175 -39.24 -74.45 -1.52
CA ASN A 175 -40.34 -75.29 -1.99
C ASN A 175 -41.43 -75.47 -0.97
N PHE A 176 -42.67 -75.51 -1.46
CA PHE A 176 -43.83 -75.78 -0.61
C PHE A 176 -44.80 -76.69 -1.36
N GLY A 177 -45.15 -77.82 -0.76
CA GLY A 177 -46.16 -78.71 -1.30
C GLY A 177 -45.58 -79.88 -2.07
N GLY A 178 -46.38 -80.43 -2.97
CA GLY A 178 -45.94 -81.56 -3.77
C GLY A 178 -45.68 -82.81 -2.94
N LEU A 179 -44.96 -83.76 -3.52
CA LEU A 179 -44.66 -85.01 -2.85
C LEU A 179 -43.22 -85.42 -3.13
N THR A 180 -42.40 -85.53 -2.09
CA THR A 180 -41.07 -86.09 -2.25
C THR A 180 -41.20 -87.62 -2.25
N THR A 181 -40.31 -88.29 -2.97
CA THR A 181 -40.44 -89.73 -3.13
C THR A 181 -39.46 -90.53 -2.25
N GLN A 182 -40.02 -91.34 -1.37
CA GLN A 182 -39.23 -92.26 -0.57
C GLN A 182 -39.36 -93.67 -1.11
N PHE A 183 -38.40 -94.52 -0.75
CA PHE A 183 -38.50 -95.95 -1.00
C PHE A 183 -39.01 -96.56 0.30
N MET A 184 -40.32 -96.63 0.42
CA MET A 184 -40.95 -97.15 1.63
C MET A 184 -40.91 -98.66 1.73
N LEU A 185 -40.59 -99.12 2.93
CA LEU A 185 -40.49 -100.53 3.27
C LEU A 185 -41.40 -100.82 4.47
N GLU A 186 -42.49 -101.51 4.20
CA GLU A 186 -43.53 -101.79 5.19
C GLU A 186 -43.30 -103.11 5.92
N PHE A 187 -42.93 -103.03 7.19
CA PHE A 187 -42.66 -104.20 8.02
C PHE A 187 -43.88 -104.61 8.84
N ASP A 188 -44.38 -105.82 8.63
CA ASP A 188 -45.40 -106.36 9.51
C ASP A 188 -44.71 -106.92 10.74
N PRO A 189 -44.96 -106.30 11.90
CA PRO A 189 -44.27 -106.63 13.15
C PRO A 189 -44.49 -108.07 13.63
N VAL A 190 -45.45 -108.76 13.02
CA VAL A 190 -45.73 -110.15 13.38
C VAL A 190 -44.54 -111.05 13.07
N MET A 191 -44.02 -110.95 11.86
CA MET A 191 -42.87 -111.73 11.44
C MET A 191 -41.57 -111.02 11.75
N LEU A 192 -41.63 -110.02 12.63
CA LEU A 192 -40.45 -109.25 13.00
C LEU A 192 -39.76 -109.90 14.20
N SER A 193 -40.49 -110.02 15.29
CA SER A 193 -40.00 -110.75 16.46
C SER A 193 -40.39 -112.22 16.34
N LYS A 194 -40.30 -112.74 15.11
CA LYS A 194 -40.56 -114.14 14.84
C LYS A 194 -39.31 -114.76 14.24
N TYR A 195 -38.61 -113.98 13.42
CA TYR A 195 -37.34 -114.41 12.85
C TYR A 195 -36.18 -114.01 13.76
N ASN A 196 -36.50 -113.78 15.04
CA ASN A 196 -35.52 -113.51 16.10
C ASN A 196 -34.88 -112.12 16.11
N ILE A 197 -34.36 -111.65 14.97
CA ILE A 197 -33.78 -110.32 14.89
C ILE A 197 -34.85 -109.23 14.70
N SER A 198 -34.62 -108.07 15.31
CA SER A 198 -35.61 -107.01 15.27
C SER A 198 -35.17 -105.85 14.36
N LEU A 199 -35.83 -104.71 14.53
CA LEU A 199 -35.65 -103.56 13.65
C LEU A 199 -34.21 -103.16 13.44
N ASN A 200 -33.54 -102.77 14.53
CA ASN A 200 -32.19 -102.23 14.45
C ASN A 200 -31.20 -103.14 13.72
N GLN A 201 -31.43 -104.45 13.81
CA GLN A 201 -30.63 -105.41 13.08
C GLN A 201 -30.80 -105.16 11.58
N ILE A 202 -32.05 -105.00 11.16
CA ILE A 202 -32.36 -104.70 9.76
C ILE A 202 -31.76 -103.36 9.35
N THR A 203 -32.17 -102.28 10.01
CA THR A 203 -31.75 -100.93 9.66
C THR A 203 -30.25 -100.66 9.77
N GLN A 204 -29.50 -101.64 10.29
CA GLN A 204 -28.04 -101.54 10.31
C GLN A 204 -27.46 -102.52 9.30
N ALA A 205 -28.33 -103.31 8.69
CA ALA A 205 -27.94 -104.26 7.66
C ALA A 205 -28.29 -103.71 6.28
N ILE A 206 -29.52 -103.21 6.13
CA ILE A 206 -29.96 -102.62 4.87
C ILE A 206 -29.27 -101.27 4.64
N SER A 207 -28.75 -100.69 5.72
CA SER A 207 -27.90 -99.51 5.62
C SER A 207 -26.54 -99.86 5.05
N GLU A 208 -26.13 -101.11 5.20
CA GLU A 208 -24.80 -101.54 4.79
C GLU A 208 -24.65 -101.76 3.28
N ASN A 209 -25.33 -102.77 2.76
CA ASN A 209 -25.13 -103.18 1.36
C ASN A 209 -25.59 -102.16 0.32
N ASN A 210 -24.99 -100.98 0.37
CA ASN A 210 -25.22 -99.93 -0.61
C ASN A 210 -24.08 -98.91 -0.55
N ALA A 211 -22.90 -99.35 -0.97
CA ALA A 211 -21.73 -98.49 -0.99
C ALA A 211 -20.70 -99.10 -1.92
N ASN A 212 -20.60 -98.57 -3.13
CA ASN A 212 -19.66 -99.06 -4.14
C ASN A 212 -18.23 -99.15 -3.63
N ALA A 213 -17.43 -99.97 -4.30
CA ALA A 213 -16.06 -100.14 -3.93
C ALA A 213 -15.16 -99.76 -5.08
N GLY A 214 -14.04 -99.11 -4.78
CA GLY A 214 -13.02 -98.85 -5.77
C GLY A 214 -11.81 -99.69 -5.43
N GLY A 215 -11.25 -100.35 -6.44
CA GLY A 215 -10.14 -101.26 -6.22
C GLY A 215 -8.79 -100.75 -6.67
N SER A 216 -8.72 -99.44 -6.93
CA SER A 216 -7.52 -98.81 -7.48
C SER A 216 -7.09 -99.46 -8.79
N ILE A 217 -5.79 -99.49 -9.05
CA ILE A 217 -5.30 -99.97 -10.34
C ILE A 217 -4.84 -101.42 -10.32
N LEU A 218 -5.28 -102.17 -11.32
CA LEU A 218 -4.84 -103.53 -11.57
C LEU A 218 -4.11 -103.51 -12.91
N ASN A 219 -2.85 -103.97 -12.91
CA ASN A 219 -2.05 -103.95 -14.12
C ASN A 219 -2.10 -105.21 -14.96
N ARG A 220 -2.23 -105.01 -16.27
CA ARG A 220 -2.17 -106.09 -17.22
C ARG A 220 -1.34 -105.64 -18.41
N GLY A 221 -0.17 -106.24 -18.58
CA GLY A 221 0.77 -105.85 -19.61
C GLY A 221 1.26 -104.44 -19.37
N GLU A 222 0.97 -103.55 -20.32
CA GLU A 222 1.31 -102.14 -20.17
C GLU A 222 0.08 -101.29 -19.87
N GLN A 223 -1.05 -101.94 -19.62
CA GLN A 223 -2.26 -101.21 -19.29
C GLN A 223 -2.61 -101.30 -17.80
N GLY A 224 -3.24 -100.26 -17.29
CA GLY A 224 -3.69 -100.24 -15.91
C GLY A 224 -5.18 -99.98 -15.85
N LEU A 225 -5.95 -101.01 -15.51
CA LEU A 225 -7.39 -100.89 -15.42
C LEU A 225 -7.81 -100.65 -13.97
N VAL A 226 -8.55 -99.58 -13.74
CA VAL A 226 -9.09 -99.34 -12.43
C VAL A 226 -10.16 -100.40 -12.14
N VAL A 227 -10.24 -100.85 -10.89
CA VAL A 227 -11.22 -101.86 -10.51
C VAL A 227 -12.47 -101.21 -9.92
N ARG A 228 -13.65 -101.64 -10.39
CA ARG A 228 -14.92 -101.14 -9.91
C ARG A 228 -15.79 -102.24 -9.34
N GLY A 229 -16.30 -102.02 -8.14
CA GLY A 229 -17.29 -102.90 -7.54
C GLY A 229 -18.59 -102.16 -7.44
N VAL A 230 -19.62 -102.63 -8.15
CA VAL A 230 -20.89 -101.93 -8.21
C VAL A 230 -21.90 -102.56 -7.25
N GLY A 231 -21.81 -102.16 -5.99
CA GLY A 231 -22.73 -102.66 -4.98
C GLY A 231 -23.67 -101.57 -4.49
N LEU A 232 -24.51 -101.07 -5.40
CA LEU A 232 -25.37 -99.94 -5.11
C LEU A 232 -26.83 -100.29 -5.38
N ILE A 233 -27.67 -100.09 -4.37
CA ILE A 233 -29.09 -100.36 -4.50
C ILE A 233 -29.69 -99.39 -5.51
N ARG A 234 -30.21 -99.94 -6.60
CA ARG A 234 -30.83 -99.13 -7.64
C ARG A 234 -32.33 -99.10 -7.49
N ASN A 235 -33.03 -99.84 -8.34
CA ASN A 235 -34.48 -99.90 -8.30
C ASN A 235 -35.00 -100.74 -7.14
N LEU A 236 -36.31 -100.72 -6.95
CA LEU A 236 -36.95 -101.38 -5.82
C LEU A 236 -36.75 -102.91 -5.80
N ASP A 237 -36.45 -103.49 -6.97
CA ASP A 237 -36.21 -104.93 -7.02
C ASP A 237 -34.81 -105.25 -6.51
N ASP A 238 -33.91 -104.27 -6.60
CA ASP A 238 -32.58 -104.42 -6.03
C ASP A 238 -32.71 -104.32 -4.52
N LEU A 239 -33.85 -103.82 -4.07
CA LEU A 239 -34.11 -103.58 -2.66
C LEU A 239 -34.83 -104.74 -1.99
N GLY A 240 -35.88 -105.23 -2.64
CA GLY A 240 -36.71 -106.28 -2.08
C GLY A 240 -35.96 -107.59 -1.86
N ASN A 241 -34.86 -107.76 -2.59
CA ASN A 241 -34.06 -108.97 -2.51
C ASN A 241 -32.83 -108.81 -1.64
N ILE A 242 -33.03 -108.35 -0.41
CA ILE A 242 -31.93 -108.21 0.54
C ILE A 242 -32.14 -109.11 1.75
N VAL A 243 -31.07 -109.72 2.24
CA VAL A 243 -31.17 -110.72 3.30
C VAL A 243 -30.35 -110.38 4.54
N VAL A 244 -30.86 -110.77 5.70
CA VAL A 244 -30.11 -110.64 6.95
C VAL A 244 -30.03 -112.01 7.62
N THR A 245 -31.04 -112.84 7.41
CA THR A 245 -31.05 -114.17 8.02
C THR A 245 -31.58 -115.25 7.08
N GLN A 246 -31.13 -116.48 7.30
CA GLN A 246 -31.57 -117.63 6.52
C GLN A 246 -31.82 -118.84 7.40
N GLY A 258 -42.88 -108.60 4.03
CA GLY A 258 -42.96 -107.15 4.06
C GLY A 258 -43.21 -106.57 2.68
N ARG A 259 -43.64 -105.31 2.64
CA ARG A 259 -43.97 -104.67 1.38
C ARG A 259 -42.89 -103.66 0.96
N VAL A 260 -42.73 -103.47 -0.34
CA VAL A 260 -41.74 -102.54 -0.87
C VAL A 260 -42.36 -101.67 -1.95
N VAL A 261 -42.53 -100.38 -1.67
CA VAL A 261 -43.15 -99.51 -2.65
C VAL A 261 -42.59 -98.10 -2.64
N LEU A 262 -42.79 -97.37 -3.73
CA LEU A 262 -42.53 -95.93 -3.73
C LEU A 262 -43.41 -95.31 -2.64
N GLY A 263 -42.93 -94.23 -2.03
CA GLY A 263 -43.68 -93.61 -0.97
C GLY A 263 -43.29 -92.18 -0.72
N ASN A 264 -43.95 -91.56 0.27
CA ASN A 264 -43.63 -90.20 0.68
C ASN A 264 -43.65 -90.06 2.19
N PRO A 265 -42.77 -89.21 2.74
CA PRO A 265 -42.80 -88.92 4.17
C PRO A 265 -44.07 -88.18 4.52
N GLN A 266 -44.46 -88.19 5.79
CA GLN A 266 -45.61 -87.43 6.24
C GLN A 266 -45.41 -85.95 5.90
N ARG A 267 -46.47 -85.31 5.42
CA ARG A 267 -46.34 -84.02 4.79
C ARG A 267 -46.16 -82.85 5.76
N HIS A 268 -45.15 -82.03 5.49
CA HIS A 268 -44.87 -80.82 6.25
C HIS A 268 -45.96 -79.79 6.01
N GLY A 269 -46.39 -79.70 4.75
CA GLY A 269 -47.41 -78.74 4.39
C GLY A 269 -48.27 -79.18 3.23
N ILE A 270 -49.32 -78.40 2.98
CA ILE A 270 -50.15 -78.55 1.78
C ILE A 270 -50.43 -77.17 1.21
N LEU A 271 -50.14 -77.01 -0.08
CA LEU A 271 -50.35 -75.74 -0.77
C LEU A 271 -51.59 -75.80 -1.64
N GLY A 272 -52.42 -74.77 -1.53
CA GLY A 272 -53.66 -74.75 -2.27
C GLY A 272 -53.78 -73.49 -3.09
N MET A 273 -54.74 -73.48 -4.02
CA MET A 273 -54.96 -72.30 -4.84
C MET A 273 -56.41 -72.22 -5.31
N ASP A 274 -56.62 -71.56 -6.45
CA ASP A 274 -57.95 -71.40 -7.00
C ASP A 274 -58.54 -72.77 -7.32
N ARG A 275 -59.35 -73.28 -6.40
CA ARG A 275 -60.02 -74.57 -6.56
C ARG A 275 -59.05 -75.73 -6.69
N ASN A 276 -57.79 -75.49 -6.37
CA ASN A 276 -56.76 -76.52 -6.46
C ASN A 276 -56.20 -76.85 -5.07
N PRO A 277 -56.69 -77.93 -4.46
CA PRO A 277 -56.34 -78.31 -3.09
C PRO A 277 -54.87 -78.63 -2.90
N ASP A 278 -54.27 -79.41 -3.80
CA ASP A 278 -52.90 -79.84 -3.61
C ASP A 278 -52.00 -79.53 -4.80
N THR A 279 -51.23 -78.45 -4.68
CA THR A 279 -50.23 -78.13 -5.69
C THR A 279 -48.86 -77.82 -5.06
N ILE A 280 -48.02 -77.11 -5.81
CA ILE A 280 -46.64 -76.91 -5.42
C ILE A 280 -46.11 -75.54 -5.84
N GLN A 281 -45.44 -74.86 -4.92
CA GLN A 281 -44.90 -73.53 -5.20
C GLN A 281 -43.43 -73.37 -4.83
N GLY A 282 -42.80 -72.42 -5.51
CA GLY A 282 -41.44 -72.04 -5.20
C GLY A 282 -41.39 -70.58 -4.87
N ILE A 283 -40.52 -70.22 -3.93
CA ILE A 283 -40.33 -68.83 -3.54
C ILE A 283 -38.89 -68.44 -3.80
N THR A 284 -38.69 -67.47 -4.69
CA THR A 284 -37.34 -67.05 -5.05
C THR A 284 -36.80 -66.08 -4.02
N LEU A 285 -35.77 -66.51 -3.32
CA LEU A 285 -35.18 -65.71 -2.25
C LEU A 285 -34.05 -64.85 -2.76
N LEU A 286 -34.28 -63.54 -2.79
CA LEU A 286 -33.26 -62.59 -3.18
C LEU A 286 -32.13 -62.53 -2.15
N LEU A 287 -30.89 -62.67 -2.64
CA LEU A 287 -29.72 -62.49 -1.80
C LEU A 287 -29.66 -61.07 -1.29
N LYS A 288 -29.37 -60.93 0.00
CA LYS A 288 -29.31 -59.62 0.68
C LYS A 288 -28.47 -58.59 -0.09
N ASN A 289 -28.93 -57.35 -0.09
CA ASN A 289 -28.26 -56.21 -0.74
C ASN A 289 -28.31 -56.19 -2.27
N GLU A 290 -28.39 -57.35 -2.91
CA GLU A 290 -28.49 -57.42 -4.37
C GLU A 290 -29.76 -56.73 -4.85
N ASN A 291 -29.73 -56.21 -6.07
CA ASN A 291 -30.85 -55.39 -6.56
C ASN A 291 -31.96 -56.21 -7.21
N PRO A 292 -33.20 -56.03 -6.73
CA PRO A 292 -34.39 -56.79 -7.14
C PRO A 292 -34.60 -56.87 -8.66
N SER A 293 -34.73 -55.75 -9.35
CA SER A 293 -35.00 -55.78 -10.79
C SER A 293 -33.89 -56.42 -11.62
N VAL A 294 -32.64 -56.11 -11.25
CA VAL A 294 -31.46 -56.67 -11.89
C VAL A 294 -31.51 -58.20 -11.88
N VAL A 295 -31.73 -58.75 -10.70
CA VAL A 295 -31.89 -60.19 -10.54
C VAL A 295 -33.14 -60.67 -11.27
N MET A 296 -34.16 -59.82 -11.29
CA MET A 296 -35.44 -60.17 -11.87
C MET A 296 -35.33 -60.48 -13.34
N GLU A 297 -34.52 -59.70 -14.05
CA GLU A 297 -34.21 -60.01 -15.44
C GLU A 297 -33.71 -61.45 -15.55
N GLY A 298 -32.79 -61.82 -14.67
CA GLY A 298 -32.21 -63.15 -14.66
C GLY A 298 -33.20 -64.28 -14.40
N VAL A 299 -34.01 -64.13 -13.35
CA VAL A 299 -35.00 -65.15 -13.03
C VAL A 299 -36.07 -65.23 -14.13
N HIS A 300 -36.35 -64.10 -14.78
CA HIS A 300 -37.26 -64.08 -15.93
C HIS A 300 -36.72 -64.92 -17.09
N ALA A 301 -35.49 -64.64 -17.49
CA ALA A 301 -34.83 -65.42 -18.53
C ALA A 301 -34.80 -66.91 -18.17
N ALA A 302 -34.49 -67.21 -16.91
CA ALA A 302 -34.46 -68.59 -16.42
C ALA A 302 -35.82 -69.26 -16.57
N VAL A 303 -36.88 -68.55 -16.18
CA VAL A 303 -38.24 -69.06 -16.24
C VAL A 303 -38.64 -69.34 -17.68
N ARG A 304 -38.36 -68.40 -18.57
CA ARG A 304 -38.64 -68.56 -19.99
C ARG A 304 -37.89 -69.77 -20.57
N ASP A 305 -36.62 -69.88 -20.20
CA ASP A 305 -35.79 -71.03 -20.59
C ASP A 305 -36.38 -72.35 -20.10
N LEU A 306 -36.98 -72.33 -18.91
CA LEU A 306 -37.64 -73.51 -18.37
C LEU A 306 -38.92 -73.87 -19.12
N ASN A 307 -39.85 -72.90 -19.19
CA ASN A 307 -41.13 -73.11 -19.85
C ASN A 307 -41.01 -73.52 -21.32
N ASP A 308 -40.05 -72.92 -22.01
CA ASP A 308 -39.91 -73.13 -23.44
C ASP A 308 -38.97 -74.27 -23.82
N ASN A 309 -37.98 -74.56 -22.98
CA ASN A 309 -36.95 -75.53 -23.33
C ASN A 309 -36.76 -76.70 -22.37
N ILE A 310 -36.55 -76.42 -21.08
CA ILE A 310 -36.23 -77.48 -20.13
C ILE A 310 -37.44 -78.33 -19.71
N LEU A 311 -38.48 -77.68 -19.22
CA LEU A 311 -39.68 -78.38 -18.79
C LEU A 311 -40.35 -79.05 -19.97
N PRO A 312 -41.04 -80.17 -19.73
CA PRO A 312 -41.86 -80.75 -20.79
C PRO A 312 -42.95 -79.75 -21.14
N LYS A 313 -43.28 -79.63 -22.42
CA LYS A 313 -44.43 -78.86 -22.83
C LYS A 313 -45.61 -79.51 -22.13
N ASP A 314 -46.62 -78.70 -21.80
CA ASP A 314 -47.80 -79.11 -21.01
C ASP A 314 -47.58 -78.95 -19.50
N VAL A 315 -46.36 -78.58 -19.12
CA VAL A 315 -46.06 -78.17 -17.75
C VAL A 315 -45.44 -76.79 -17.75
N LYS A 316 -46.16 -75.82 -17.21
CA LYS A 316 -45.71 -74.43 -17.28
C LYS A 316 -45.50 -73.82 -15.90
N VAL A 317 -44.41 -73.08 -15.77
CA VAL A 317 -44.16 -72.27 -14.57
C VAL A 317 -45.00 -71.02 -14.67
N VAL A 318 -45.89 -70.83 -13.70
CA VAL A 318 -46.73 -69.65 -13.69
C VAL A 318 -46.61 -68.91 -12.37
N PRO A 319 -46.02 -67.71 -12.41
CA PRO A 319 -45.92 -66.86 -11.22
C PRO A 319 -47.27 -66.30 -10.83
N TYR A 320 -47.41 -65.90 -9.58
CA TYR A 320 -48.62 -65.23 -9.11
C TYR A 320 -48.27 -64.00 -8.28
N ILE A 321 -47.01 -63.92 -7.87
CA ILE A 321 -46.47 -62.72 -7.25
C ILE A 321 -45.07 -62.44 -7.81
N ASP A 322 -44.93 -61.29 -8.45
CA ASP A 322 -43.67 -60.88 -9.04
C ASP A 322 -43.36 -59.44 -8.63
N ARG A 323 -42.15 -59.23 -8.13
CA ARG A 323 -41.75 -57.91 -7.62
C ARG A 323 -41.71 -56.86 -8.74
N SER A 324 -41.41 -57.30 -9.96
CA SER A 324 -41.34 -56.36 -11.09
C SER A 324 -42.71 -55.77 -11.44
N ASN A 325 -43.79 -56.41 -10.98
CA ASN A 325 -45.11 -55.82 -11.12
C ASN A 325 -45.20 -54.54 -10.31
N LEU A 326 -44.83 -54.64 -9.03
CA LEU A 326 -44.81 -53.49 -8.15
C LEU A 326 -43.82 -52.47 -8.68
N VAL A 327 -42.74 -52.95 -9.27
CA VAL A 327 -41.75 -52.06 -9.85
C VAL A 327 -42.37 -51.24 -10.98
N ASP A 328 -43.16 -51.90 -11.83
CA ASP A 328 -43.83 -51.22 -12.94
C ASP A 328 -44.86 -50.22 -12.43
N ALA A 329 -45.67 -50.64 -11.48
CA ALA A 329 -46.67 -49.75 -10.89
C ALA A 329 -46.01 -48.52 -10.30
N THR A 330 -44.87 -48.72 -9.64
CA THR A 330 -44.16 -47.64 -8.98
C THR A 330 -43.55 -46.68 -9.99
N VAL A 331 -42.85 -47.23 -10.97
CA VAL A 331 -42.27 -46.41 -12.04
C VAL A 331 -43.35 -45.58 -12.73
N HIS A 332 -44.47 -46.23 -13.01
CA HIS A 332 -45.61 -45.54 -13.61
C HIS A 332 -46.05 -44.37 -12.75
N THR A 333 -46.41 -44.66 -11.50
CA THR A 333 -46.97 -43.64 -10.61
C THR A 333 -46.01 -42.48 -10.35
N VAL A 334 -44.78 -42.81 -9.96
CA VAL A 334 -43.76 -41.80 -9.68
C VAL A 334 -43.48 -40.96 -10.92
N GLY A 335 -43.34 -41.64 -12.06
CA GLY A 335 -43.12 -40.95 -13.32
C GLY A 335 -44.24 -39.96 -13.59
N LYS A 336 -45.47 -40.41 -13.37
CA LYS A 336 -46.65 -39.59 -13.56
C LYS A 336 -46.58 -38.36 -12.66
N THR A 337 -46.14 -38.58 -11.43
CA THR A 337 -46.01 -37.50 -10.45
C THR A 337 -45.00 -36.44 -10.89
N LEU A 338 -43.80 -36.89 -11.27
CA LEU A 338 -42.76 -35.98 -11.72
C LEU A 338 -43.18 -35.22 -12.97
N MET A 339 -43.78 -35.93 -13.91
CA MET A 339 -44.25 -35.35 -15.17
C MET A 339 -45.28 -34.25 -14.91
N GLU A 340 -46.36 -34.59 -14.21
CA GLU A 340 -47.39 -33.61 -13.88
C GLU A 340 -46.79 -32.44 -13.11
N GLY A 341 -45.82 -32.74 -12.25
CA GLY A 341 -45.15 -31.72 -11.48
C GLY A 341 -44.45 -30.69 -12.36
N MET A 342 -43.54 -31.16 -13.20
CA MET A 342 -42.78 -30.30 -14.09
C MET A 342 -43.69 -29.55 -15.05
N PHE A 343 -44.73 -30.23 -15.51
CA PHE A 343 -45.72 -29.62 -16.40
C PHE A 343 -46.39 -28.43 -15.71
N LEU A 344 -46.93 -28.66 -14.52
CA LEU A 344 -47.60 -27.61 -13.77
C LEU A 344 -46.66 -26.44 -13.44
N VAL A 345 -45.43 -26.76 -13.07
CA VAL A 345 -44.44 -25.73 -12.78
C VAL A 345 -44.14 -24.88 -14.01
N SER A 346 -44.01 -25.52 -15.17
CA SER A 346 -43.77 -24.78 -16.40
C SER A 346 -44.97 -23.95 -16.83
N LEU A 347 -46.16 -24.48 -16.59
CA LEU A 347 -47.38 -23.76 -16.95
C LEU A 347 -47.55 -22.52 -16.10
N VAL A 348 -47.32 -22.65 -14.79
CA VAL A 348 -47.39 -21.49 -13.92
C VAL A 348 -46.25 -20.52 -14.22
N LEU A 349 -45.11 -21.04 -14.65
CA LEU A 349 -44.02 -20.20 -15.15
C LEU A 349 -44.49 -19.36 -16.33
N LEU A 350 -45.28 -19.98 -17.21
CA LEU A 350 -45.78 -19.29 -18.39
C LEU A 350 -46.77 -18.21 -17.99
N LEU A 351 -47.70 -18.56 -17.11
CA LEU A 351 -48.73 -17.62 -16.68
C LEU A 351 -48.18 -16.46 -15.86
N PHE A 352 -47.06 -16.69 -15.18
CA PHE A 352 -46.49 -15.66 -14.31
C PHE A 352 -45.40 -14.83 -14.99
N LEU A 353 -44.78 -15.38 -16.04
CA LEU A 353 -43.78 -14.64 -16.79
C LEU A 353 -44.36 -14.01 -18.05
N GLY A 354 -45.21 -14.78 -18.73
CA GLY A 354 -45.78 -14.33 -19.99
C GLY A 354 -44.94 -14.82 -21.15
N SER A 355 -43.64 -14.62 -21.05
CA SER A 355 -42.70 -15.04 -22.07
C SER A 355 -42.36 -16.53 -21.95
N PRO A 356 -42.49 -17.28 -23.05
CA PRO A 356 -42.17 -18.71 -23.09
C PRO A 356 -40.67 -18.96 -23.10
N ARG A 357 -39.92 -18.01 -23.64
CA ARG A 357 -38.47 -18.13 -23.75
C ARG A 357 -37.82 -18.15 -22.36
N ALA A 358 -38.10 -17.13 -21.57
CA ALA A 358 -37.59 -17.06 -20.21
C ALA A 358 -38.15 -18.18 -19.35
N ALA A 359 -39.43 -18.49 -19.56
CA ALA A 359 -40.08 -19.58 -18.83
C ALA A 359 -39.31 -20.87 -19.02
N ILE A 360 -38.99 -21.19 -20.27
CA ILE A 360 -38.20 -22.38 -20.58
C ILE A 360 -36.79 -22.26 -19.99
N ILE A 361 -36.22 -21.07 -20.07
CA ILE A 361 -34.90 -20.81 -19.51
C ILE A 361 -34.81 -21.21 -18.03
N VAL A 362 -35.83 -20.83 -17.25
CA VAL A 362 -35.85 -21.20 -15.84
C VAL A 362 -36.26 -22.67 -15.69
N ALA A 363 -37.05 -23.15 -16.64
CA ALA A 363 -37.57 -24.51 -16.58
C ALA A 363 -36.45 -25.53 -16.70
N VAL A 364 -35.48 -25.26 -17.57
CA VAL A 364 -34.39 -26.21 -17.79
C VAL A 364 -33.45 -26.31 -16.60
N THR A 365 -33.65 -25.46 -15.60
CA THR A 365 -32.90 -25.58 -14.36
C THR A 365 -33.26 -26.89 -13.68
N ILE A 366 -34.51 -27.31 -13.82
CA ILE A 366 -34.97 -28.57 -13.23
C ILE A 366 -34.30 -29.82 -13.83
N PRO A 367 -34.49 -30.10 -15.13
CA PRO A 367 -33.97 -31.36 -15.64
C PRO A 367 -32.45 -31.41 -15.58
N LEU A 368 -31.80 -30.29 -15.88
CA LEU A 368 -30.34 -30.23 -15.86
C LEU A 368 -29.81 -30.57 -14.47
N SER A 369 -30.43 -30.00 -13.44
CA SER A 369 -30.02 -30.25 -12.06
C SER A 369 -30.17 -31.72 -11.69
N LEU A 370 -31.20 -32.36 -12.22
CA LEU A 370 -31.45 -33.78 -11.93
C LEU A 370 -30.22 -34.59 -12.32
N LEU A 371 -29.73 -34.35 -13.52
CA LEU A 371 -28.57 -35.06 -14.04
C LEU A 371 -27.34 -34.74 -13.19
N MET A 372 -27.32 -33.53 -12.63
CA MET A 372 -26.24 -33.10 -11.75
C MET A 372 -26.39 -33.74 -10.38
N ALA A 373 -27.61 -34.11 -10.04
CA ALA A 373 -27.85 -34.82 -8.78
C ALA A 373 -27.59 -36.31 -8.97
N PHE A 374 -28.00 -36.84 -10.12
CA PHE A 374 -27.80 -38.24 -10.45
C PHE A 374 -26.33 -38.63 -10.43
N ILE A 375 -25.51 -37.82 -11.09
CA ILE A 375 -24.07 -38.08 -11.22
C ILE A 375 -23.40 -38.16 -9.85
N LEU A 376 -23.84 -37.33 -8.92
CA LEU A 376 -23.28 -37.33 -7.57
C LEU A 376 -23.75 -38.56 -6.80
N MET A 377 -25.01 -38.94 -6.99
CA MET A 377 -25.54 -40.15 -6.36
C MET A 377 -24.89 -41.40 -6.95
N HIS A 378 -24.70 -41.39 -8.26
CA HIS A 378 -24.09 -42.52 -8.97
C HIS A 378 -22.65 -42.75 -8.52
N HIS A 379 -21.82 -41.72 -8.57
CA HIS A 379 -20.40 -41.88 -8.32
C HIS A 379 -20.11 -42.13 -6.84
N PHE A 380 -21.07 -41.81 -5.98
CA PHE A 380 -20.87 -42.04 -4.55
C PHE A 380 -21.94 -42.92 -3.91
N LYS A 381 -22.30 -43.98 -4.62
CA LYS A 381 -23.09 -45.09 -4.09
C LYS A 381 -24.39 -44.68 -3.40
N ILE A 382 -25.35 -44.22 -4.20
CA ILE A 382 -26.68 -43.89 -3.67
C ILE A 382 -27.75 -44.51 -4.55
N PRO A 383 -28.68 -45.25 -3.94
CA PRO A 383 -29.72 -45.95 -4.69
C PRO A 383 -30.73 -44.96 -5.25
N ALA A 384 -31.22 -45.24 -6.46
CA ALA A 384 -32.29 -44.45 -7.05
C ALA A 384 -33.62 -44.91 -6.45
N ASN A 385 -33.85 -44.51 -5.20
CA ASN A 385 -35.07 -44.87 -4.49
C ASN A 385 -36.25 -44.12 -5.06
N LEU A 386 -37.21 -44.85 -5.62
CA LEU A 386 -38.32 -44.20 -6.31
C LEU A 386 -39.28 -43.52 -5.33
N LEU A 387 -39.39 -44.06 -4.13
CA LEU A 387 -40.27 -43.51 -3.10
C LEU A 387 -39.79 -42.15 -2.61
N SER A 388 -38.47 -42.01 -2.47
CA SER A 388 -37.90 -40.75 -2.01
C SER A 388 -37.56 -39.82 -3.18
N LEU A 389 -38.07 -40.16 -4.36
CA LEU A 389 -37.83 -39.37 -5.57
C LEU A 389 -39.11 -38.72 -6.08
N GLY A 390 -40.22 -39.45 -5.97
CA GLY A 390 -41.51 -38.92 -6.38
C GLY A 390 -41.94 -37.80 -5.47
N ALA A 391 -41.34 -37.75 -4.29
CA ALA A 391 -41.66 -36.72 -3.30
C ALA A 391 -40.83 -35.45 -3.50
N ILE A 392 -39.98 -35.46 -4.53
CA ILE A 392 -39.19 -34.26 -4.86
C ILE A 392 -40.15 -33.15 -5.30
N ASP A 393 -39.75 -31.91 -5.05
CA ASP A 393 -40.66 -30.78 -5.23
C ASP A 393 -40.55 -30.08 -6.58
N PHE A 394 -39.35 -30.07 -7.15
CA PHE A 394 -39.03 -29.29 -8.37
C PHE A 394 -39.17 -27.80 -8.12
N GLY A 395 -40.39 -27.36 -7.79
CA GLY A 395 -40.69 -25.95 -7.58
C GLY A 395 -39.86 -25.27 -6.50
N ILE A 396 -39.02 -26.05 -5.82
CA ILE A 396 -38.08 -25.52 -4.85
C ILE A 396 -36.73 -25.27 -5.53
N ILE A 397 -36.36 -26.18 -6.43
CA ILE A 397 -35.11 -26.13 -7.16
C ILE A 397 -34.92 -24.82 -7.93
N VAL A 398 -35.92 -24.47 -8.73
CA VAL A 398 -35.82 -23.33 -9.63
C VAL A 398 -35.73 -21.98 -8.92
N ASP A 399 -36.15 -21.93 -7.66
CA ASP A 399 -36.28 -20.68 -6.93
C ASP A 399 -35.08 -19.73 -7.07
N GLY A 400 -33.88 -20.26 -6.85
CA GLY A 400 -32.67 -19.47 -7.05
C GLY A 400 -32.69 -18.82 -8.41
N ALA A 401 -32.71 -19.66 -9.45
CA ALA A 401 -32.81 -19.20 -10.82
C ALA A 401 -33.95 -18.21 -10.98
N ILE A 402 -35.09 -18.49 -10.34
CA ILE A 402 -36.27 -17.63 -10.45
C ILE A 402 -35.94 -16.20 -10.05
N VAL A 403 -35.20 -16.02 -8.96
CA VAL A 403 -34.92 -14.66 -8.52
C VAL A 403 -33.98 -14.02 -9.53
N VAL A 404 -33.05 -14.82 -10.07
CA VAL A 404 -32.09 -14.32 -11.03
C VAL A 404 -32.83 -13.86 -12.27
N MET A 405 -34.03 -14.41 -12.45
CA MET A 405 -34.89 -13.95 -13.52
C MET A 405 -35.62 -12.69 -13.06
N GLU A 406 -36.27 -12.78 -11.89
CA GLU A 406 -37.15 -11.72 -11.40
C GLU A 406 -36.45 -10.37 -11.34
N ASN A 407 -35.16 -10.39 -11.06
CA ASN A 407 -34.36 -9.17 -11.11
C ASN A 407 -34.26 -8.68 -12.55
N ILE A 408 -33.61 -9.48 -13.39
CA ILE A 408 -33.32 -9.09 -14.77
C ILE A 408 -34.57 -8.66 -15.55
N LEU A 409 -35.60 -9.51 -15.54
CA LEU A 409 -36.83 -9.19 -16.25
C LEU A 409 -37.46 -7.91 -15.73
N ARG A 410 -37.34 -7.68 -14.42
CA ARG A 410 -37.92 -6.47 -13.85
C ARG A 410 -36.86 -5.38 -13.69
N ARG A 411 -35.81 -5.49 -14.49
CA ARG A 411 -34.82 -4.42 -14.56
C ARG A 411 -35.01 -3.65 -15.86
N ARG A 412 -35.73 -4.27 -16.80
CA ARG A 412 -36.08 -3.61 -18.05
C ARG A 412 -37.49 -3.03 -17.98
N ASP A 424 -25.53 -4.37 -19.44
CA ASP A 424 -25.08 -5.58 -18.79
C ASP A 424 -26.15 -6.11 -17.84
N ILE A 425 -26.06 -7.39 -17.52
CA ILE A 425 -26.98 -8.02 -16.60
C ILE A 425 -26.22 -8.74 -15.49
N MET A 426 -24.91 -8.87 -15.69
CA MET A 426 -24.06 -9.56 -14.72
C MET A 426 -24.04 -8.85 -13.38
N GLN A 427 -24.41 -7.57 -13.39
CA GLN A 427 -24.36 -6.77 -12.17
C GLN A 427 -25.56 -7.01 -11.26
N SER A 428 -26.73 -7.20 -11.84
CA SER A 428 -27.93 -7.50 -11.06
C SER A 428 -27.87 -8.94 -10.56
N VAL A 429 -27.24 -9.82 -11.34
CA VAL A 429 -27.07 -11.21 -10.96
C VAL A 429 -26.04 -11.33 -9.85
N LEU A 430 -24.95 -10.58 -9.96
CA LEU A 430 -23.96 -10.55 -8.88
C LEU A 430 -24.54 -9.82 -7.67
N GLN A 431 -25.55 -8.98 -7.90
CA GLN A 431 -26.27 -8.32 -6.82
C GLN A 431 -27.08 -9.31 -6.02
N VAL A 432 -27.91 -10.10 -6.72
CA VAL A 432 -28.81 -11.03 -6.05
C VAL A 432 -28.12 -12.36 -5.70
N ALA A 433 -26.87 -12.50 -6.09
CA ALA A 433 -26.12 -13.74 -5.86
C ALA A 433 -25.88 -14.04 -4.38
N ARG A 434 -25.32 -13.07 -3.67
CA ARG A 434 -25.05 -13.23 -2.25
C ARG A 434 -26.30 -13.56 -1.42
N PRO A 435 -27.43 -12.86 -1.67
CA PRO A 435 -28.64 -13.27 -0.94
C PRO A 435 -29.25 -14.59 -1.44
N ILE A 436 -28.55 -15.28 -2.34
CA ILE A 436 -29.00 -16.58 -2.83
C ILE A 436 -28.11 -17.69 -2.28
N PHE A 437 -26.81 -17.43 -2.19
CA PHE A 437 -25.91 -18.39 -1.55
C PHE A 437 -26.30 -18.55 -0.09
N PHE A 438 -26.72 -17.45 0.53
CA PHE A 438 -27.26 -17.49 1.87
C PHE A 438 -28.52 -18.32 1.91
N GLY A 439 -29.45 -18.02 1.01
CA GLY A 439 -30.69 -18.77 0.90
C GLY A 439 -30.45 -20.22 0.52
N MET A 440 -29.35 -20.47 -0.17
CA MET A 440 -28.99 -21.83 -0.55
C MET A 440 -28.71 -22.66 0.68
N ILE A 441 -27.83 -22.15 1.54
CA ILE A 441 -27.42 -22.86 2.74
C ILE A 441 -28.62 -23.15 3.64
N VAL A 442 -29.36 -22.10 3.97
CA VAL A 442 -30.48 -22.22 4.91
C VAL A 442 -31.53 -23.23 4.46
N ILE A 443 -31.70 -23.40 3.15
CA ILE A 443 -32.67 -24.35 2.63
C ILE A 443 -32.05 -25.73 2.43
N ILE A 444 -30.72 -25.77 2.29
CA ILE A 444 -30.01 -27.03 2.14
C ILE A 444 -29.59 -27.51 3.52
N THR A 445 -29.75 -26.66 4.52
CA THR A 445 -29.40 -27.00 5.88
C THR A 445 -30.52 -27.80 6.54
N ALA A 446 -31.73 -27.28 6.45
CA ALA A 446 -32.89 -27.89 7.09
C ALA A 446 -33.09 -29.35 6.69
N TYR A 447 -32.58 -29.72 5.52
CA TYR A 447 -32.65 -31.10 5.05
C TYR A 447 -31.62 -32.00 5.74
N LEU A 448 -30.56 -31.40 6.26
CA LEU A 448 -29.50 -32.17 6.94
C LEU A 448 -29.96 -33.05 8.11
N PRO A 449 -30.89 -32.57 8.96
CA PRO A 449 -31.42 -33.44 10.02
C PRO A 449 -32.03 -34.77 9.53
N LEU A 450 -32.34 -34.87 8.24
CA LEU A 450 -32.88 -36.11 7.69
C LEU A 450 -31.83 -37.21 7.64
N PHE A 451 -30.58 -36.83 7.85
CA PHE A 451 -29.49 -37.79 7.83
C PHE A 451 -29.29 -38.40 9.21
N ALA A 452 -29.95 -37.82 10.20
CA ALA A 452 -29.82 -38.26 11.58
C ALA A 452 -30.42 -39.63 11.81
N PHE A 453 -31.75 -39.73 11.70
CA PHE A 453 -32.45 -40.97 12.02
C PHE A 453 -31.96 -42.16 11.20
N GLN A 454 -31.72 -43.27 11.89
CA GLN A 454 -31.24 -44.49 11.26
C GLN A 454 -32.36 -45.50 11.09
N ARG A 455 -32.02 -46.78 11.22
CA ARG A 455 -32.99 -47.87 11.10
C ARG A 455 -33.80 -47.81 9.82
N ILE A 456 -35.09 -48.13 9.93
CA ILE A 456 -35.94 -48.28 8.76
C ILE A 456 -36.48 -46.95 8.22
N GLU A 457 -36.30 -45.88 8.97
CA GLU A 457 -36.72 -44.56 8.49
C GLU A 457 -35.57 -43.84 7.81
N TYR A 458 -34.45 -44.52 7.67
CA TYR A 458 -33.29 -43.97 6.96
C TYR A 458 -33.24 -44.48 5.53
N LYS A 459 -33.57 -45.76 5.36
CA LYS A 459 -33.51 -46.41 4.05
C LYS A 459 -34.59 -45.89 3.12
N LEU A 460 -35.42 -44.99 3.64
CA LEU A 460 -36.62 -44.56 2.93
C LEU A 460 -36.62 -43.05 2.62
N PHE A 461 -35.91 -42.26 3.40
CA PHE A 461 -35.94 -40.80 3.26
C PHE A 461 -34.59 -40.15 3.00
N SER A 462 -33.51 -40.85 3.31
CA SER A 462 -32.17 -40.30 3.11
C SER A 462 -31.81 -39.99 1.65
N PRO A 463 -32.11 -40.91 0.71
CA PRO A 463 -31.78 -40.58 -0.68
C PRO A 463 -32.51 -39.34 -1.18
N MET A 464 -33.65 -39.03 -0.59
CA MET A 464 -34.40 -37.83 -0.94
C MET A 464 -33.60 -36.60 -0.59
N ALA A 465 -33.12 -36.55 0.65
CA ALA A 465 -32.34 -35.41 1.11
C ALA A 465 -31.01 -35.31 0.36
N PHE A 466 -30.42 -36.45 0.06
CA PHE A 466 -29.20 -36.48 -0.74
C PHE A 466 -29.44 -35.86 -2.10
N ALA A 467 -30.47 -36.35 -2.78
CA ALA A 467 -30.82 -35.87 -4.11
C ALA A 467 -31.17 -34.39 -4.10
N VAL A 468 -31.79 -33.93 -3.01
CA VAL A 468 -32.17 -32.54 -2.90
C VAL A 468 -30.95 -31.63 -2.71
N GLY A 469 -30.04 -32.05 -1.82
CA GLY A 469 -28.82 -31.30 -1.60
C GLY A 469 -27.97 -31.23 -2.85
N PHE A 470 -27.86 -32.36 -3.54
CA PHE A 470 -27.09 -32.42 -4.78
C PHE A 470 -27.73 -31.54 -5.84
N ALA A 471 -29.05 -31.65 -5.98
CA ALA A 471 -29.78 -30.83 -6.94
C ALA A 471 -29.84 -29.36 -6.53
N LEU A 472 -29.37 -29.07 -5.31
CA LEU A 472 -29.30 -27.69 -4.84
C LEU A 472 -27.92 -27.11 -5.13
N PHE A 473 -26.90 -27.94 -5.03
CA PHE A 473 -25.57 -27.58 -5.51
C PHE A 473 -25.73 -27.27 -7.00
N GLY A 474 -26.43 -28.17 -7.68
CA GLY A 474 -26.72 -28.01 -9.10
C GLY A 474 -27.55 -26.78 -9.40
N ALA A 475 -28.61 -26.58 -8.64
CA ALA A 475 -29.50 -25.43 -8.85
C ALA A 475 -28.74 -24.12 -8.67
N LEU A 476 -27.89 -24.08 -7.65
CA LEU A 476 -27.09 -22.90 -7.39
C LEU A 476 -26.13 -22.63 -8.54
N LEU A 477 -25.33 -23.65 -8.89
CA LEU A 477 -24.39 -23.52 -10.00
C LEU A 477 -25.07 -23.08 -11.29
N VAL A 478 -26.27 -23.60 -11.53
CA VAL A 478 -27.01 -23.24 -12.73
C VAL A 478 -27.50 -21.79 -12.69
N ALA A 479 -28.07 -21.41 -11.56
CA ALA A 479 -28.61 -20.06 -11.39
C ALA A 479 -27.53 -18.98 -11.51
N LEU A 480 -26.38 -19.25 -10.91
CA LEU A 480 -25.34 -18.22 -10.82
C LEU A 480 -24.26 -18.33 -11.90
N LEU A 481 -24.22 -19.45 -12.61
CA LEU A 481 -23.19 -19.63 -13.64
C LEU A 481 -23.75 -20.03 -15.01
N LEU A 482 -25.03 -19.76 -15.25
CA LEU A 482 -25.63 -20.07 -16.55
C LEU A 482 -26.84 -19.20 -16.85
N ILE A 483 -27.74 -19.07 -15.86
CA ILE A 483 -28.95 -18.25 -16.02
C ILE A 483 -28.71 -16.81 -16.50
N PRO A 484 -27.72 -16.10 -15.92
CA PRO A 484 -27.47 -14.78 -16.48
C PRO A 484 -26.99 -14.87 -17.92
N GLY A 485 -26.08 -15.81 -18.18
CA GLY A 485 -25.50 -15.99 -19.50
C GLY A 485 -26.52 -16.22 -20.60
N LEU A 486 -27.64 -16.84 -20.24
CA LEU A 486 -28.70 -17.08 -21.20
C LEU A 486 -29.40 -15.78 -21.61
N ALA A 487 -28.86 -15.15 -22.64
CA ALA A 487 -29.41 -13.91 -23.18
C ALA A 487 -29.48 -13.97 -24.69
N ALA A 502 -55.84 -9.86 -14.90
CA ALA A 502 -56.31 -10.35 -13.61
C ALA A 502 -55.36 -9.96 -12.49
N LEU A 503 -54.07 -9.84 -12.82
CA LEU A 503 -53.05 -9.45 -11.86
C LEU A 503 -53.21 -7.98 -11.51
N VAL A 504 -53.89 -7.26 -12.39
CA VAL A 504 -54.13 -5.83 -12.22
C VAL A 504 -54.96 -5.54 -10.97
N TRP A 505 -55.76 -6.52 -10.56
CA TRP A 505 -56.52 -6.39 -9.32
C TRP A 505 -55.73 -6.96 -8.15
N LEU A 506 -54.77 -7.83 -8.47
CA LEU A 506 -53.95 -8.46 -7.44
C LEU A 506 -52.88 -7.51 -6.90
N ALA A 507 -52.46 -6.55 -7.72
CA ALA A 507 -51.38 -5.65 -7.33
C ALA A 507 -51.73 -4.59 -6.27
N PRO A 508 -52.76 -3.75 -6.49
CA PRO A 508 -52.99 -2.67 -5.52
C PRO A 508 -53.90 -3.09 -4.37
N ARG A 509 -54.58 -4.22 -4.51
CA ARG A 509 -55.35 -4.80 -3.42
C ARG A 509 -54.39 -5.15 -2.29
N TYR A 510 -53.19 -5.60 -2.68
CA TYR A 510 -52.14 -5.89 -1.72
C TYR A 510 -51.58 -4.60 -1.14
N GLU A 511 -51.56 -3.55 -1.94
CA GLU A 511 -51.07 -2.24 -1.51
C GLU A 511 -52.01 -1.61 -0.49
N SER A 512 -53.23 -2.11 -0.43
CA SER A 512 -54.23 -1.63 0.52
C SER A 512 -54.04 -2.26 1.89
N VAL A 513 -53.93 -3.59 1.91
CA VAL A 513 -53.80 -4.32 3.17
C VAL A 513 -52.47 -4.05 3.86
N LEU A 514 -51.46 -3.68 3.07
CA LEU A 514 -50.20 -3.24 3.64
C LEU A 514 -50.45 -2.03 4.53
N ASN A 515 -51.21 -1.07 4.01
CA ASN A 515 -51.56 0.13 4.75
C ASN A 515 -52.42 -0.21 5.97
N ARG A 516 -53.20 -1.26 5.86
CA ARG A 516 -54.01 -1.74 6.97
C ARG A 516 -53.14 -2.28 8.10
N SER A 520 -51.50 -0.15 14.57
CA SER A 520 -52.11 -1.29 15.24
C SER A 520 -51.08 -2.39 15.50
N THR A 521 -50.28 -2.21 16.54
CA THR A 521 -49.23 -3.16 16.87
C THR A 521 -49.74 -4.24 17.83
N ARG A 522 -50.71 -3.87 18.66
CA ARG A 522 -51.27 -4.79 19.65
C ARG A 522 -52.11 -5.89 19.00
N THR A 523 -52.97 -5.50 18.07
CA THR A 523 -53.81 -6.46 17.36
C THR A 523 -52.99 -7.35 16.43
N ALA A 524 -51.88 -6.82 15.93
CA ALA A 524 -51.01 -7.56 15.04
C ALA A 524 -50.29 -8.69 15.76
N ILE A 525 -49.60 -8.35 16.85
CA ILE A 525 -48.93 -9.35 17.68
C ILE A 525 -49.99 -10.24 18.33
N GLY A 526 -51.21 -9.72 18.45
CA GLY A 526 -52.33 -10.49 18.94
C GLY A 526 -52.66 -11.63 17.99
N ILE A 527 -52.80 -11.30 16.70
CA ILE A 527 -53.03 -12.31 15.67
C ILE A 527 -51.86 -13.29 15.61
N ALA A 528 -50.65 -12.76 15.71
CA ALA A 528 -49.45 -13.57 15.69
C ALA A 528 -49.45 -14.64 16.79
N VAL A 529 -49.57 -14.21 18.04
CA VAL A 529 -49.55 -15.11 19.18
C VAL A 529 -50.76 -16.05 19.18
N ALA A 530 -51.94 -15.52 18.85
CA ALA A 530 -53.16 -16.34 18.83
C ALA A 530 -53.08 -17.46 17.81
N THR A 531 -52.59 -17.13 16.61
CA THR A 531 -52.40 -18.13 15.56
C THR A 531 -51.30 -19.10 15.97
N LEU A 532 -50.30 -18.60 16.69
CA LEU A 532 -49.22 -19.44 17.21
C LEU A 532 -49.77 -20.52 18.15
N VAL A 533 -50.61 -20.11 19.09
CA VAL A 533 -51.28 -21.04 19.98
C VAL A 533 -52.26 -21.88 19.18
N GLY A 534 -52.62 -21.40 17.99
CA GLY A 534 -53.39 -22.18 17.06
C GLY A 534 -52.58 -23.38 16.61
N VAL A 535 -51.32 -23.14 16.24
CA VAL A 535 -50.44 -24.24 15.85
C VAL A 535 -50.12 -25.13 17.05
N MET A 536 -50.11 -24.55 18.24
CA MET A 536 -49.80 -25.32 19.45
C MET A 536 -50.95 -26.26 19.79
N ILE A 537 -52.17 -25.76 19.74
CA ILE A 537 -53.35 -26.55 20.05
C ILE A 537 -53.62 -27.58 18.96
N LEU A 538 -53.71 -27.12 17.71
CA LEU A 538 -54.01 -28.02 16.60
C LEU A 538 -52.86 -29.02 16.40
N GLY A 539 -51.67 -28.63 16.83
CA GLY A 539 -50.52 -29.50 16.76
C GLY A 539 -50.53 -30.56 17.84
N ALA A 540 -50.84 -30.15 19.07
CA ALA A 540 -50.89 -31.08 20.18
C ALA A 540 -52.01 -32.11 20.01
N THR A 541 -53.02 -31.75 19.22
CA THR A 541 -54.13 -32.65 18.94
C THR A 541 -54.03 -33.22 17.53
N ILE A 542 -53.20 -34.25 17.38
CA ILE A 542 -53.03 -34.91 16.09
C ILE A 542 -52.42 -36.31 16.29
N GLY A 543 -52.72 -37.21 15.36
CA GLY A 543 -52.24 -38.57 15.44
C GLY A 543 -50.74 -38.67 15.26
N ARG A 544 -50.17 -39.82 15.62
CA ARG A 544 -48.73 -40.03 15.52
C ARG A 544 -48.40 -41.46 15.09
N ASP A 545 -48.61 -41.76 13.81
CA ASP A 545 -48.29 -43.09 13.28
C ASP A 545 -46.79 -43.28 13.11
N PHE A 546 -46.43 -44.11 12.13
CA PHE A 546 -45.04 -44.26 11.71
C PHE A 546 -45.01 -44.47 10.21
N LEU A 547 -45.89 -45.33 9.71
CA LEU A 547 -46.01 -45.54 8.28
C LEU A 547 -47.44 -45.33 7.79
N PRO A 548 -47.57 -44.58 6.69
CA PRO A 548 -48.84 -44.45 5.96
C PRO A 548 -49.14 -45.70 5.13
N TYR A 549 -49.19 -46.86 5.80
CA TYR A 549 -49.55 -48.14 5.20
C TYR A 549 -48.57 -48.66 4.14
N LEU A 550 -48.29 -47.84 3.13
CA LEU A 550 -47.45 -48.25 1.99
C LEU A 550 -48.02 -49.45 1.25
N ASP A 551 -48.94 -49.19 0.33
CA ASP A 551 -49.66 -50.25 -0.35
C ASP A 551 -48.78 -51.01 -1.32
N GLU A 552 -48.73 -52.33 -1.15
CA GLU A 552 -48.12 -53.20 -2.13
C GLU A 552 -49.22 -53.64 -3.08
N GLY A 553 -48.88 -54.47 -4.05
CA GLY A 553 -49.87 -54.96 -4.98
C GLY A 553 -50.93 -55.84 -4.33
N SER A 554 -50.52 -56.64 -3.35
CA SER A 554 -51.38 -57.69 -2.82
C SER A 554 -51.60 -57.63 -1.31
N ILE A 555 -52.17 -58.71 -0.78
CA ILE A 555 -52.48 -58.82 0.65
C ILE A 555 -52.01 -60.17 1.19
N TRP A 556 -51.46 -60.15 2.39
CA TRP A 556 -50.98 -61.37 3.06
C TRP A 556 -51.80 -61.65 4.32
N LEU A 557 -52.14 -62.92 4.52
CA LEU A 557 -52.98 -63.32 5.63
C LEU A 557 -52.26 -64.26 6.58
N GLN A 558 -52.39 -63.96 7.87
CA GLN A 558 -52.01 -64.92 8.91
C GLN A 558 -53.27 -65.61 9.39
N VAL A 559 -53.59 -66.74 8.79
CA VAL A 559 -54.82 -67.47 9.09
C VAL A 559 -54.55 -68.50 10.17
N THR A 560 -55.44 -68.60 11.15
CA THR A 560 -55.22 -69.49 12.29
C THR A 560 -56.36 -70.49 12.54
N LEU A 561 -56.01 -71.77 12.48
CA LEU A 561 -56.97 -72.86 12.61
C LEU A 561 -56.92 -73.46 14.02
N PRO A 562 -57.92 -74.30 14.37
CA PRO A 562 -57.94 -74.96 15.69
C PRO A 562 -56.70 -75.83 15.93
N PRO A 563 -56.36 -76.08 17.20
CA PRO A 563 -55.13 -76.79 17.60
C PRO A 563 -55.14 -78.30 17.36
N GLY A 564 -53.99 -78.82 16.92
CA GLY A 564 -53.80 -80.24 16.76
C GLY A 564 -54.68 -80.92 15.73
N ILE A 565 -55.03 -80.23 14.66
CA ILE A 565 -55.81 -80.85 13.60
C ILE A 565 -54.92 -81.54 12.57
N SER A 566 -55.53 -82.37 11.73
CA SER A 566 -54.79 -83.14 10.74
C SER A 566 -54.57 -82.32 9.48
N LEU A 567 -53.54 -82.68 8.72
CA LEU A 567 -53.26 -82.03 7.43
C LEU A 567 -54.48 -82.04 6.53
N GLU A 568 -55.23 -83.14 6.57
CA GLU A 568 -56.43 -83.28 5.76
C GLU A 568 -57.45 -82.21 6.13
N LYS A 569 -57.78 -82.13 7.41
CA LYS A 569 -58.79 -81.20 7.89
C LYS A 569 -58.37 -79.77 7.59
N ALA A 570 -57.11 -79.45 7.90
CA ALA A 570 -56.55 -78.13 7.64
C ALA A 570 -56.70 -77.80 6.16
N GLY A 571 -56.51 -78.81 5.32
CA GLY A 571 -56.67 -78.66 3.88
C GLY A 571 -58.10 -78.31 3.50
N GLN A 572 -59.06 -79.01 4.10
CA GLN A 572 -60.47 -78.73 3.84
C GLN A 572 -60.77 -77.28 4.20
N MET A 573 -60.32 -76.89 5.38
CA MET A 573 -60.60 -75.56 5.90
C MET A 573 -60.01 -74.48 5.01
N ALA A 574 -58.75 -74.66 4.64
CA ALA A 574 -58.08 -73.73 3.75
C ALA A 574 -58.81 -73.63 2.42
N ASP A 575 -59.24 -74.77 1.89
CA ASP A 575 -60.04 -74.81 0.67
C ASP A 575 -61.28 -73.92 0.80
N ASN A 576 -62.00 -74.10 1.89
CA ASN A 576 -63.19 -73.28 2.13
C ASN A 576 -62.86 -71.80 2.32
N LEU A 577 -61.66 -71.52 2.82
CA LEU A 577 -61.26 -70.13 3.01
C LEU A 577 -61.03 -69.49 1.66
N ARG A 578 -60.41 -70.24 0.76
CA ARG A 578 -60.18 -69.77 -0.60
C ARG A 578 -61.48 -69.62 -1.36
N ALA A 579 -62.43 -70.50 -1.08
CA ALA A 579 -63.79 -70.35 -1.58
C ALA A 579 -64.35 -69.01 -1.14
N ALA A 580 -64.30 -68.76 0.17
CA ALA A 580 -64.78 -67.50 0.73
C ALA A 580 -64.07 -66.27 0.15
N THR A 581 -62.81 -66.43 -0.22
CA THR A 581 -62.03 -65.30 -0.68
C THR A 581 -62.31 -64.99 -2.15
N MET A 582 -62.44 -66.03 -2.96
CA MET A 582 -62.64 -65.85 -4.39
C MET A 582 -64.01 -65.30 -4.75
N GLU A 583 -64.92 -65.30 -3.76
CA GLU A 583 -66.26 -64.73 -3.93
C GLU A 583 -66.16 -63.26 -4.32
N PHE A 584 -65.29 -62.52 -3.64
CA PHE A 584 -65.02 -61.14 -4.00
C PHE A 584 -64.41 -61.11 -5.40
N PRO A 585 -64.84 -60.15 -6.22
CA PRO A 585 -64.34 -60.01 -7.59
C PRO A 585 -62.98 -59.32 -7.67
N GLU A 586 -62.58 -58.68 -6.58
CA GLU A 586 -61.34 -57.90 -6.56
C GLU A 586 -60.09 -58.78 -6.48
N VAL A 587 -60.26 -60.03 -6.08
CA VAL A 587 -59.13 -60.93 -5.91
C VAL A 587 -58.78 -61.66 -7.21
N GLU A 588 -57.49 -61.69 -7.53
CA GLU A 588 -57.03 -62.28 -8.77
C GLU A 588 -56.73 -63.77 -8.57
N HIS A 589 -55.78 -64.05 -7.69
CA HIS A 589 -55.47 -65.41 -7.30
C HIS A 589 -55.43 -65.47 -5.77
N VAL A 590 -55.80 -66.63 -5.22
CA VAL A 590 -55.66 -66.85 -3.79
C VAL A 590 -54.94 -68.16 -3.53
N VAL A 591 -53.81 -68.06 -2.83
CA VAL A 591 -52.96 -69.22 -2.56
C VAL A 591 -52.88 -69.46 -1.07
N THR A 592 -53.04 -70.72 -0.65
CA THR A 592 -52.89 -71.06 0.76
C THR A 592 -51.65 -71.92 1.05
N GLN A 593 -50.98 -71.62 2.15
CA GLN A 593 -49.92 -72.46 2.68
C GLN A 593 -50.33 -73.00 4.06
N VAL A 594 -50.77 -74.25 4.12
CA VAL A 594 -51.06 -74.83 5.42
C VAL A 594 -49.88 -75.69 5.86
N GLY A 595 -49.51 -75.59 7.13
CA GLY A 595 -48.31 -76.27 7.58
C GLY A 595 -47.07 -75.50 7.21
N ARG A 596 -45.97 -76.21 6.96
CA ARG A 596 -44.68 -75.55 6.74
C ARG A 596 -43.91 -76.11 5.55
N ASN A 597 -43.06 -75.25 4.97
CA ASN A 597 -42.17 -75.67 3.89
C ASN A 597 -41.14 -76.66 4.40
N ASP A 598 -40.45 -77.32 3.48
CA ASP A 598 -39.55 -78.40 3.86
C ASP A 598 -38.15 -77.94 4.26
N GLU A 599 -37.98 -76.63 4.45
CA GLU A 599 -36.69 -76.06 4.82
C GLU A 599 -36.50 -75.96 6.34
N GLY A 600 -37.53 -75.50 7.04
CA GLY A 600 -37.49 -75.40 8.48
C GLY A 600 -37.30 -73.97 8.92
N THR A 601 -37.31 -73.06 7.96
CA THR A 601 -37.22 -71.62 8.25
C THR A 601 -38.53 -71.07 8.81
N ASP A 602 -39.55 -71.92 8.85
CA ASP A 602 -40.80 -71.63 9.54
C ASP A 602 -41.16 -72.81 10.45
N PRO A 603 -41.58 -72.53 11.71
CA PRO A 603 -41.92 -73.48 12.76
C PRO A 603 -43.38 -73.93 12.74
N PHE A 604 -44.08 -73.57 11.67
CA PHE A 604 -45.53 -73.67 11.58
C PHE A 604 -46.12 -75.09 11.64
N SER A 605 -47.23 -75.21 12.35
CA SER A 605 -47.93 -76.47 12.48
C SER A 605 -48.99 -76.56 11.40
N PRO A 606 -49.62 -77.72 11.22
CA PRO A 606 -50.71 -77.80 10.25
C PRO A 606 -51.90 -76.93 10.62
N SER A 607 -51.93 -76.44 11.86
CA SER A 607 -53.02 -75.60 12.33
C SER A 607 -52.83 -74.15 11.87
N HIS A 608 -51.68 -73.88 11.25
CA HIS A 608 -51.36 -72.53 10.82
C HIS A 608 -51.43 -72.40 9.30
N ILE A 609 -52.05 -71.32 8.82
CA ILE A 609 -52.05 -71.04 7.40
C ILE A 609 -51.48 -69.66 7.13
N GLU A 610 -50.77 -69.54 6.02
CA GLU A 610 -50.40 -68.24 5.48
C GLU A 610 -51.06 -68.12 4.12
N THR A 611 -51.79 -67.04 3.89
CA THR A 611 -52.53 -66.93 2.63
C THR A 611 -52.11 -65.73 1.77
N ALA A 612 -51.65 -65.99 0.56
CA ALA A 612 -51.40 -64.93 -0.41
C ALA A 612 -52.67 -64.56 -1.16
N VAL A 613 -53.01 -63.28 -1.16
CA VAL A 613 -54.21 -62.81 -1.85
C VAL A 613 -53.86 -61.72 -2.84
N THR A 614 -53.81 -62.06 -4.13
CA THR A 614 -53.47 -61.10 -5.16
C THR A 614 -54.72 -60.39 -5.67
N LEU A 615 -54.51 -59.20 -6.25
CA LEU A 615 -55.63 -58.36 -6.67
C LEU A 615 -55.57 -58.01 -8.16
N HIS A 616 -56.69 -57.53 -8.67
CA HIS A 616 -56.75 -56.95 -10.01
C HIS A 616 -56.25 -55.52 -9.91
N PRO A 617 -55.86 -54.93 -11.04
CA PRO A 617 -55.42 -53.51 -11.03
C PRO A 617 -56.51 -52.62 -10.44
N TYR A 618 -56.09 -51.64 -9.64
CA TYR A 618 -57.02 -50.78 -8.94
C TYR A 618 -57.92 -49.99 -9.90
N SER A 619 -57.37 -49.62 -11.05
CA SER A 619 -58.14 -48.95 -12.09
C SER A 619 -58.75 -49.98 -13.03
N THR A 620 -59.42 -50.98 -12.48
CA THR A 620 -60.03 -52.04 -13.28
C THR A 620 -61.19 -52.69 -12.52
N TRP A 621 -61.25 -52.42 -11.21
CA TRP A 621 -62.28 -53.04 -10.37
C TRP A 621 -63.69 -52.56 -10.72
N THR A 622 -64.48 -53.46 -11.30
CA THR A 622 -65.89 -53.18 -11.53
C THR A 622 -66.63 -53.33 -10.21
N SER A 623 -66.39 -52.37 -9.32
CA SER A 623 -67.04 -52.33 -8.01
C SER A 623 -66.78 -50.97 -7.40
N GLY A 624 -67.24 -50.76 -6.17
CA GLY A 624 -67.09 -49.48 -5.52
C GLY A 624 -66.21 -49.52 -4.28
N ARG A 625 -65.65 -50.69 -4.00
CA ARG A 625 -64.86 -50.88 -2.78
C ARG A 625 -63.53 -50.13 -2.80
N ASP A 626 -63.14 -49.60 -1.66
CA ASP A 626 -61.87 -48.90 -1.52
C ASP A 626 -60.73 -49.90 -1.37
N LYS A 627 -59.80 -49.61 -0.47
CA LYS A 627 -58.76 -50.56 -0.12
C LYS A 627 -59.02 -51.10 1.28
N GLN A 628 -59.09 -50.21 2.25
CA GLN A 628 -59.40 -50.57 3.63
C GLN A 628 -60.83 -51.10 3.71
N GLN A 629 -61.65 -50.76 2.72
CA GLN A 629 -63.00 -51.28 2.62
C GLN A 629 -63.00 -52.72 2.13
N LEU A 630 -62.03 -53.05 1.28
CA LEU A 630 -61.87 -54.43 0.81
C LEU A 630 -61.36 -55.30 1.94
N ILE A 631 -60.35 -54.79 2.65
CA ILE A 631 -59.83 -55.48 3.82
C ILE A 631 -60.93 -55.68 4.87
N GLU A 632 -61.74 -54.65 5.09
CA GLU A 632 -62.84 -54.74 6.05
C GLU A 632 -63.93 -55.72 5.62
N ALA A 633 -64.18 -55.78 4.31
CA ALA A 633 -65.18 -56.70 3.76
C ALA A 633 -64.72 -58.14 3.94
N MET A 634 -63.49 -58.41 3.51
CA MET A 634 -62.89 -59.73 3.67
C MET A 634 -62.85 -60.11 5.14
N ALA A 635 -62.59 -59.13 6.00
CA ALA A 635 -62.57 -59.36 7.43
C ALA A 635 -63.95 -59.76 7.95
N THR A 636 -64.99 -59.12 7.44
CA THR A 636 -66.35 -59.48 7.82
C THR A 636 -66.72 -60.89 7.35
N ARG A 637 -66.38 -61.21 6.10
CA ARG A 637 -66.68 -62.52 5.54
C ARG A 637 -65.93 -63.62 6.29
N PHE A 638 -64.69 -63.33 6.66
CA PHE A 638 -63.83 -64.30 7.33
C PHE A 638 -64.22 -64.53 8.78
N ARG A 639 -65.06 -63.64 9.32
CA ARG A 639 -65.58 -63.83 10.66
C ARG A 639 -66.82 -64.72 10.65
N ASP A 640 -67.28 -65.04 9.44
CA ASP A 640 -68.49 -65.84 9.27
C ASP A 640 -68.15 -67.33 9.21
N LEU A 641 -66.88 -67.64 9.01
CA LEU A 641 -66.42 -69.02 8.97
C LEU A 641 -65.95 -69.47 10.35
N PRO A 642 -66.31 -70.70 10.74
CA PRO A 642 -65.99 -71.21 12.07
C PRO A 642 -64.59 -71.85 12.15
N GLY A 643 -63.87 -71.53 13.21
CA GLY A 643 -62.54 -72.10 13.45
C GLY A 643 -61.44 -71.32 12.77
N THR A 644 -61.81 -70.29 12.03
CA THR A 644 -60.86 -69.52 11.25
C THR A 644 -60.71 -68.10 11.75
N GLN A 645 -59.59 -67.83 12.41
CA GLN A 645 -59.24 -66.46 12.78
C GLN A 645 -58.25 -65.92 11.75
N VAL A 646 -58.46 -64.69 11.29
CA VAL A 646 -57.64 -64.17 10.20
C VAL A 646 -57.00 -62.82 10.48
N GLY A 647 -55.69 -62.76 10.30
CA GLY A 647 -54.93 -61.54 10.46
C GLY A 647 -54.55 -60.97 9.11
N PHE A 648 -54.61 -59.65 9.00
CA PHE A 648 -54.34 -58.97 7.73
C PHE A 648 -53.04 -58.18 7.74
N SER A 649 -52.25 -58.37 6.70
CA SER A 649 -50.99 -57.65 6.51
C SER A 649 -50.61 -57.69 5.03
N GLN A 650 -49.34 -57.44 4.75
CA GLN A 650 -48.84 -57.51 3.38
C GLN A 650 -47.53 -58.29 3.41
N PRO A 651 -47.19 -58.99 2.31
CA PRO A 651 -46.02 -59.86 2.22
C PRO A 651 -44.71 -59.33 2.83
N MET A 652 -44.11 -58.34 2.17
CA MET A 652 -42.82 -57.79 2.61
C MET A 652 -42.92 -57.23 4.02
N ILE A 653 -44.01 -56.54 4.29
CA ILE A 653 -44.19 -55.91 5.59
C ILE A 653 -44.49 -56.97 6.65
N ASP A 654 -45.12 -58.07 6.26
CA ASP A 654 -45.33 -59.17 7.21
C ASP A 654 -43.97 -59.68 7.61
N GLY A 655 -43.11 -59.88 6.62
CA GLY A 655 -41.73 -60.26 6.86
C GLY A 655 -41.02 -59.36 7.86
N VAL A 656 -40.90 -58.07 7.55
CA VAL A 656 -40.15 -57.15 8.41
C VAL A 656 -40.80 -56.94 9.79
N LEU A 657 -42.12 -56.98 9.85
CA LEU A 657 -42.83 -56.86 11.12
C LEU A 657 -42.48 -58.04 11.98
N ASP A 658 -42.42 -59.21 11.36
CA ASP A 658 -42.07 -60.43 12.08
C ASP A 658 -40.64 -60.38 12.58
N LYS A 659 -39.69 -60.10 11.69
CA LYS A 659 -38.30 -60.05 12.09
C LYS A 659 -38.05 -58.95 13.12
N LEU A 660 -38.95 -57.98 13.19
CA LEU A 660 -38.82 -56.94 14.21
C LEU A 660 -39.40 -57.38 15.56
N ALA A 661 -40.70 -57.63 15.60
CA ALA A 661 -41.39 -57.93 16.85
C ALA A 661 -41.17 -59.35 17.36
N GLY A 662 -41.14 -60.31 16.46
CA GLY A 662 -41.05 -61.71 16.82
C GLY A 662 -42.29 -62.45 16.40
N ALA A 663 -43.25 -61.68 15.88
CA ALA A 663 -44.54 -62.23 15.46
C ALA A 663 -45.09 -61.39 14.31
N HIS A 664 -46.05 -61.95 13.58
CA HIS A 664 -46.56 -61.29 12.39
C HIS A 664 -47.79 -60.43 12.67
N SER A 665 -47.58 -59.28 13.28
CA SER A 665 -48.64 -58.30 13.45
C SER A 665 -48.03 -56.92 13.70
N ASP A 666 -48.81 -55.86 13.52
CA ASP A 666 -48.34 -54.50 13.76
C ASP A 666 -47.86 -54.34 15.20
N LEU A 667 -48.70 -54.74 16.15
CA LEU A 667 -48.33 -54.66 17.55
C LEU A 667 -48.38 -56.04 18.21
N VAL A 668 -47.58 -56.22 19.25
CA VAL A 668 -47.60 -57.45 20.02
C VAL A 668 -47.46 -57.14 21.50
N VAL A 669 -48.00 -58.02 22.33
CA VAL A 669 -47.90 -57.87 23.77
C VAL A 669 -47.26 -59.12 24.36
N LYS A 670 -46.03 -58.98 24.82
CA LYS A 670 -45.30 -60.11 25.39
C LYS A 670 -45.70 -60.35 26.84
N VAL A 671 -45.82 -61.63 27.21
CA VAL A 671 -46.26 -62.01 28.55
C VAL A 671 -45.26 -62.98 29.18
N TYR A 672 -44.13 -62.44 29.63
CA TYR A 672 -43.02 -63.26 30.13
C TYR A 672 -43.43 -64.12 31.31
N GLY A 673 -42.75 -65.26 31.48
CA GLY A 673 -43.04 -66.16 32.58
C GLY A 673 -42.48 -67.55 32.35
N ASN A 674 -42.09 -68.23 33.43
CA ASN A 674 -41.47 -69.54 33.30
C ASN A 674 -42.48 -70.68 33.24
N ASP A 675 -43.69 -70.42 33.75
CA ASP A 675 -44.77 -71.40 33.68
C ASP A 675 -45.70 -71.11 32.50
N PHE A 676 -46.11 -72.17 31.82
CA PHE A 676 -46.95 -72.02 30.62
C PHE A 676 -48.39 -71.70 30.94
N ALA A 677 -48.97 -72.42 31.89
CA ALA A 677 -50.37 -72.25 32.25
C ALA A 677 -50.66 -70.83 32.70
N GLU A 678 -49.80 -70.32 33.58
CA GLU A 678 -49.94 -68.97 34.11
C GLU A 678 -49.92 -67.94 32.98
N THR A 679 -48.85 -67.94 32.21
CA THR A 679 -48.68 -67.03 31.09
C THR A 679 -49.83 -67.10 30.11
N ARG A 680 -50.37 -68.30 29.92
CA ARG A 680 -51.51 -68.50 29.04
C ARG A 680 -52.77 -67.86 29.62
N GLN A 681 -52.94 -67.96 30.93
CA GLN A 681 -54.06 -67.30 31.59
C GLN A 681 -53.96 -65.77 31.46
N VAL A 682 -52.80 -65.23 31.81
CA VAL A 682 -52.57 -63.79 31.70
C VAL A 682 -52.83 -63.32 30.28
N ALA A 683 -52.24 -64.01 29.31
CA ALA A 683 -52.41 -63.67 27.91
C ALA A 683 -53.86 -63.80 27.46
N THR A 684 -54.63 -64.65 28.13
CA THR A 684 -56.05 -64.78 27.85
C THR A 684 -56.73 -63.49 28.24
N ALA A 685 -56.47 -63.06 29.47
CA ALA A 685 -56.99 -61.78 29.96
C ALA A 685 -56.62 -60.62 29.04
N ILE A 686 -55.33 -60.53 28.69
CA ILE A 686 -54.84 -59.46 27.82
C ILE A 686 -55.48 -59.53 26.43
N THR A 687 -55.80 -60.74 25.99
CA THR A 687 -56.41 -60.92 24.67
C THR A 687 -57.84 -60.39 24.66
N ARG A 688 -58.63 -60.76 25.67
CA ARG A 688 -59.99 -60.22 25.79
C ARG A 688 -59.95 -58.69 25.97
N LEU A 689 -59.01 -58.23 26.78
CA LEU A 689 -58.82 -56.82 27.09
C LEU A 689 -58.52 -56.00 25.83
N LEU A 690 -57.63 -56.50 24.99
CA LEU A 690 -57.23 -55.81 23.77
C LEU A 690 -58.30 -55.94 22.69
N LYS A 691 -58.98 -57.08 22.69
CA LYS A 691 -60.10 -57.30 21.78
C LYS A 691 -61.19 -56.28 22.07
N THR A 692 -61.29 -55.86 23.32
CA THR A 692 -62.29 -54.88 23.75
C THR A 692 -62.17 -53.55 23.02
N VAL A 693 -61.00 -52.92 23.12
CA VAL A 693 -60.74 -51.59 22.56
C VAL A 693 -61.14 -51.44 21.10
N PRO A 694 -61.88 -50.36 20.77
CA PRO A 694 -62.26 -50.03 19.39
C PRO A 694 -61.11 -49.45 18.58
N GLY A 695 -59.96 -50.13 18.61
CA GLY A 695 -58.80 -49.71 17.84
C GLY A 695 -58.04 -50.89 17.28
N ALA A 696 -58.09 -52.01 18.00
CA ALA A 696 -57.41 -53.23 17.56
C ALA A 696 -58.34 -54.09 16.71
N GLN A 697 -58.07 -54.13 15.41
CA GLN A 697 -58.92 -54.84 14.47
C GLN A 697 -58.73 -56.36 14.55
N ASP A 698 -57.53 -56.79 14.89
CA ASP A 698 -57.29 -58.21 15.12
C ASP A 698 -56.49 -58.42 16.40
N VAL A 699 -56.88 -59.41 17.21
CA VAL A 699 -56.18 -59.73 18.46
C VAL A 699 -56.26 -61.21 18.73
N ILE A 700 -55.10 -61.85 18.94
CA ILE A 700 -55.07 -63.27 19.27
C ILE A 700 -53.69 -63.75 19.76
N ILE A 701 -53.70 -64.75 20.64
CA ILE A 701 -52.48 -65.36 21.13
C ILE A 701 -51.76 -66.07 19.98
N ASP A 702 -50.44 -65.86 19.89
CA ASP A 702 -49.67 -66.35 18.76
C ASP A 702 -49.35 -67.83 18.90
N GLN A 703 -49.09 -68.28 20.12
CA GLN A 703 -48.75 -69.68 20.37
C GLN A 703 -50.00 -70.55 20.41
N GLU A 704 -49.94 -71.68 19.71
CA GLU A 704 -51.04 -72.63 19.73
C GLU A 704 -51.19 -73.19 21.13
N PRO A 705 -52.41 -73.63 21.50
CA PRO A 705 -52.62 -74.25 22.81
C PRO A 705 -51.83 -75.55 22.95
N PRO A 706 -51.75 -76.09 24.17
CA PRO A 706 -51.22 -77.44 24.34
C PRO A 706 -51.98 -78.47 23.51
N LEU A 707 -51.29 -79.07 22.55
CA LEU A 707 -51.86 -80.13 21.74
C LEU A 707 -51.86 -81.44 22.51
N PRO A 708 -52.70 -82.39 22.10
CA PRO A 708 -52.59 -83.72 22.70
C PRO A 708 -51.44 -84.49 22.06
N GLN A 709 -51.05 -85.58 22.71
CA GLN A 709 -49.93 -86.37 22.25
C GLN A 709 -49.97 -87.70 22.97
N VAL A 710 -49.65 -88.76 22.24
CA VAL A 710 -49.53 -90.07 22.85
C VAL A 710 -48.09 -90.23 23.35
N ARG A 711 -47.96 -90.16 24.67
CA ARG A 711 -46.67 -90.19 25.35
C ARG A 711 -46.38 -91.63 25.75
N ILE A 712 -45.36 -92.21 25.12
CA ILE A 712 -44.89 -93.54 25.47
C ILE A 712 -43.70 -93.40 26.42
N ASP A 713 -43.99 -93.51 27.71
CA ASP A 713 -42.95 -93.55 28.74
C ASP A 713 -42.44 -94.97 28.80
N VAL A 714 -41.22 -95.15 29.31
CA VAL A 714 -40.65 -96.50 29.45
C VAL A 714 -40.44 -96.86 30.91
N ASP A 715 -41.14 -97.91 31.35
CA ASP A 715 -41.01 -98.44 32.69
C ASP A 715 -39.61 -99.04 32.90
N ARG A 716 -38.81 -98.39 33.73
CA ARG A 716 -37.43 -98.81 33.97
C ARG A 716 -37.35 -100.14 34.72
N ALA A 717 -37.90 -100.15 35.94
CA ALA A 717 -37.85 -101.33 36.80
C ALA A 717 -38.47 -102.58 36.16
N ALA A 718 -39.48 -102.37 35.33
CA ALA A 718 -40.11 -103.50 34.64
C ALA A 718 -39.21 -104.07 33.55
N ALA A 719 -38.62 -103.20 32.75
CA ALA A 719 -37.72 -103.62 31.69
C ALA A 719 -36.51 -104.30 32.30
N ALA A 720 -36.13 -103.83 33.48
CA ALA A 720 -35.04 -104.44 34.23
C ALA A 720 -35.45 -105.84 34.67
N ARG A 721 -36.65 -105.92 35.23
CA ARG A 721 -37.20 -107.20 35.69
C ARG A 721 -37.59 -108.12 34.53
N LEU A 722 -37.34 -107.68 33.31
CA LEU A 722 -37.75 -108.43 32.13
C LEU A 722 -36.69 -108.49 31.04
N GLY A 723 -35.56 -107.84 31.27
CA GLY A 723 -34.48 -107.82 30.29
C GLY A 723 -34.88 -107.15 28.98
N ILE A 724 -35.13 -105.84 29.04
CA ILE A 724 -35.45 -105.03 27.87
C ILE A 724 -34.68 -103.71 27.95
N ASN A 725 -34.17 -103.23 26.81
CA ASN A 725 -33.47 -101.96 26.78
C ASN A 725 -34.31 -100.82 26.21
N VAL A 726 -34.25 -99.67 26.89
CA VAL A 726 -34.90 -98.43 26.43
C VAL A 726 -34.56 -98.13 24.97
N ALA A 727 -33.31 -98.37 24.61
CA ALA A 727 -32.86 -98.19 23.25
C ALA A 727 -33.75 -98.92 22.24
N ASP A 728 -34.11 -100.17 22.55
CA ASP A 728 -34.91 -100.99 21.66
C ASP A 728 -36.26 -100.36 21.40
N VAL A 729 -36.89 -99.88 22.47
CA VAL A 729 -38.17 -99.18 22.40
C VAL A 729 -38.03 -97.95 21.51
N MET A 730 -37.01 -97.14 21.77
CA MET A 730 -36.78 -95.93 21.01
C MET A 730 -36.58 -96.21 19.52
N ALA A 731 -35.94 -97.35 19.23
CA ALA A 731 -35.71 -97.76 17.87
C ALA A 731 -37.03 -98.15 17.23
N LEU A 732 -37.87 -98.83 18.00
CA LEU A 732 -39.18 -99.23 17.51
C LEU A 732 -40.03 -98.03 17.19
N ILE A 733 -39.98 -97.01 18.04
CA ILE A 733 -40.78 -95.81 17.84
C ILE A 733 -40.26 -95.00 16.67
N GLN A 734 -38.97 -94.76 16.67
CA GLN A 734 -38.34 -93.89 15.68
C GLN A 734 -38.39 -94.49 14.29
N THR A 735 -38.30 -95.82 14.21
CA THR A 735 -38.23 -96.49 12.93
C THR A 735 -39.52 -97.22 12.57
N GLY A 736 -40.07 -97.96 13.53
CA GLY A 736 -41.26 -98.74 13.27
C GLY A 736 -42.51 -97.89 13.28
N ILE A 737 -42.55 -96.88 14.15
CA ILE A 737 -43.70 -95.98 14.21
C ILE A 737 -43.42 -94.70 13.45
N GLY A 738 -42.35 -94.01 13.84
CA GLY A 738 -41.95 -92.77 13.21
C GLY A 738 -41.56 -92.96 11.76
N GLY A 739 -40.66 -93.91 11.51
CA GLY A 739 -40.23 -94.22 10.16
C GLY A 739 -39.03 -93.41 9.72
N SER A 740 -37.88 -93.67 10.31
CA SER A 740 -36.65 -92.99 9.93
C SER A 740 -36.10 -93.60 8.65
N PRO A 741 -35.58 -92.75 7.75
CA PRO A 741 -34.99 -93.23 6.50
C PRO A 741 -33.73 -94.05 6.76
N VAL A 742 -33.72 -95.29 6.27
CA VAL A 742 -32.59 -96.19 6.44
C VAL A 742 -31.37 -95.66 5.71
N THR A 743 -31.48 -95.54 4.39
CA THR A 743 -30.32 -95.18 3.58
C THR A 743 -30.76 -94.30 2.43
N GLN A 744 -29.89 -94.09 1.44
CA GLN A 744 -30.28 -93.31 0.27
C GLN A 744 -29.82 -93.93 -1.06
N VAL A 745 -30.74 -93.92 -2.02
CA VAL A 745 -30.55 -94.52 -3.32
C VAL A 745 -30.36 -93.43 -4.37
N PHE A 746 -29.48 -93.67 -5.33
CA PHE A 746 -29.23 -92.68 -6.37
C PHE A 746 -29.79 -93.15 -7.71
N VAL A 747 -30.31 -92.20 -8.48
CA VAL A 747 -30.78 -92.46 -9.85
C VAL A 747 -30.37 -91.27 -10.71
N GLU A 748 -29.37 -91.47 -11.58
CA GLU A 748 -28.80 -90.40 -12.38
C GLU A 748 -28.20 -89.28 -11.53
N ASP A 749 -28.80 -88.10 -11.59
CA ASP A 749 -28.34 -86.94 -10.81
C ASP A 749 -29.24 -86.77 -9.59
N ARG A 750 -30.17 -87.70 -9.43
CA ARG A 750 -31.20 -87.63 -8.40
C ARG A 750 -30.95 -88.56 -7.22
N SER A 751 -31.59 -88.25 -6.10
CA SER A 751 -31.37 -88.96 -4.86
C SER A 751 -32.68 -89.14 -4.10
N TYR A 752 -32.90 -90.32 -3.55
CA TYR A 752 -34.11 -90.60 -2.77
C TYR A 752 -33.77 -91.34 -1.48
N ASN A 753 -34.69 -91.32 -0.52
CA ASN A 753 -34.46 -91.94 0.77
C ASN A 753 -35.16 -93.27 0.94
N VAL A 754 -34.40 -94.33 1.16
CA VAL A 754 -34.95 -95.63 1.51
C VAL A 754 -35.31 -95.64 2.98
N VAL A 755 -36.59 -95.79 3.28
CA VAL A 755 -37.10 -95.74 4.65
C VAL A 755 -37.75 -97.07 5.04
N ALA A 756 -37.57 -97.47 6.29
CA ALA A 756 -38.22 -98.67 6.80
C ALA A 756 -39.14 -98.31 7.96
N ARG A 757 -40.35 -98.83 7.93
CA ARG A 757 -41.33 -98.53 8.97
C ARG A 757 -42.38 -99.63 9.04
N PHE A 758 -42.94 -99.84 10.24
CA PHE A 758 -43.97 -100.86 10.42
C PHE A 758 -45.15 -100.66 9.48
N ILE A 759 -45.78 -101.78 9.13
CA ILE A 759 -46.76 -101.81 8.05
C ILE A 759 -48.03 -101.00 8.36
N GLY A 760 -48.78 -100.69 7.31
CA GLY A 760 -50.05 -100.01 7.46
C GLY A 760 -51.01 -100.85 8.29
N SER A 761 -51.84 -100.17 9.07
CA SER A 761 -52.75 -100.81 10.03
C SER A 761 -51.98 -101.62 11.06
N SER A 762 -51.16 -100.92 11.85
CA SER A 762 -50.35 -101.54 12.88
C SER A 762 -50.01 -100.57 14.01
N ARG A 763 -49.99 -99.28 13.66
CA ARG A 763 -49.65 -98.22 14.60
C ARG A 763 -50.76 -97.15 14.61
N ASN A 764 -51.96 -97.57 14.24
CA ASN A 764 -53.11 -96.68 14.13
C ASN A 764 -53.53 -95.97 15.40
N ASP A 765 -53.36 -96.62 16.54
CA ASP A 765 -53.83 -96.08 17.82
C ASP A 765 -53.09 -96.71 19.01
N PRO A 766 -53.17 -96.08 20.21
CA PRO A 766 -52.46 -96.54 21.41
C PRO A 766 -52.55 -98.05 21.71
N GLU A 767 -53.71 -98.65 21.53
CA GLU A 767 -53.84 -100.08 21.76
C GLU A 767 -52.91 -100.85 20.82
N ALA A 768 -53.01 -100.53 19.52
CA ALA A 768 -52.22 -101.18 18.49
C ALA A 768 -50.72 -101.02 18.76
N ILE A 769 -50.30 -99.80 19.02
CA ILE A 769 -48.92 -99.51 19.34
C ILE A 769 -48.47 -100.36 20.53
N GLY A 770 -49.30 -100.41 21.56
CA GLY A 770 -49.02 -101.23 22.74
C GLY A 770 -48.90 -102.70 22.40
N ASN A 771 -49.55 -103.10 21.30
CA ASN A 771 -49.47 -104.49 20.85
C ASN A 771 -48.14 -104.83 20.18
N LEU A 772 -47.45 -103.82 19.65
CA LEU A 772 -46.14 -104.00 19.04
C LEU A 772 -45.19 -104.65 20.03
N THR A 773 -44.26 -105.45 19.53
CA THR A 773 -43.40 -106.23 20.41
C THR A 773 -41.91 -105.95 20.20
N LEU A 774 -41.11 -106.36 21.18
CA LEU A 774 -39.65 -106.24 21.11
C LEU A 774 -39.01 -107.61 21.11
N THR A 775 -37.88 -107.72 21.79
CA THR A 775 -37.17 -108.99 21.93
C THR A 775 -36.32 -108.97 23.18
N ALA A 776 -36.77 -109.67 24.21
CA ALA A 776 -36.04 -109.71 25.48
C ALA A 776 -34.76 -110.54 25.37
N ALA A 777 -34.13 -110.80 26.51
CA ALA A 777 -32.95 -111.67 26.56
C ALA A 777 -33.37 -113.12 26.34
N ASN A 778 -34.65 -113.40 26.55
CA ASN A 778 -35.21 -114.72 26.29
C ASN A 778 -35.40 -114.95 24.79
N GLY A 779 -35.38 -113.85 24.04
CA GLY A 779 -35.49 -113.92 22.59
C GLY A 779 -36.82 -114.45 22.11
N ALA A 780 -37.87 -113.67 22.25
CA ALA A 780 -39.20 -114.09 21.84
C ALA A 780 -40.12 -112.91 21.53
N HIS A 781 -40.94 -112.54 22.51
CA HIS A 781 -41.90 -111.47 22.32
C HIS A 781 -42.26 -110.82 23.64
N VAL A 782 -42.21 -109.49 23.66
CA VAL A 782 -42.73 -108.71 24.79
C VAL A 782 -43.41 -107.47 24.22
N ALA A 783 -44.72 -107.38 24.37
CA ALA A 783 -45.44 -106.20 23.92
C ALA A 783 -44.99 -105.02 24.76
N LEU A 784 -44.81 -103.86 24.14
CA LEU A 784 -44.32 -102.70 24.87
C LEU A 784 -45.28 -102.34 26.01
N ALA A 785 -46.51 -102.83 25.90
CA ALA A 785 -47.53 -102.62 26.92
C ALA A 785 -47.15 -103.24 28.26
N GLN A 786 -46.11 -104.09 28.23
CA GLN A 786 -45.63 -104.75 29.44
C GLN A 786 -44.51 -103.96 30.12
N VAL A 787 -43.78 -103.15 29.36
CA VAL A 787 -42.64 -102.43 29.91
C VAL A 787 -42.69 -100.92 29.64
N ALA A 788 -43.79 -100.45 29.08
CA ALA A 788 -43.90 -99.03 28.75
C ALA A 788 -45.28 -98.49 29.04
N HIS A 789 -45.34 -97.30 29.64
CA HIS A 789 -46.62 -96.67 29.91
C HIS A 789 -47.03 -95.75 28.76
N ILE A 790 -47.99 -96.22 27.98
CA ILE A 790 -48.43 -95.50 26.80
C ILE A 790 -49.74 -94.79 27.08
N ARG A 791 -49.68 -93.47 27.20
CA ARG A 791 -50.86 -92.72 27.62
C ARG A 791 -51.12 -91.51 26.74
N LEU A 792 -52.21 -90.81 27.01
CA LEU A 792 -52.58 -89.62 26.27
C LEU A 792 -52.38 -88.41 27.14
N ALA A 793 -51.31 -87.68 26.87
CA ALA A 793 -50.99 -86.49 27.64
C ALA A 793 -51.13 -85.29 26.72
N GLU A 794 -50.95 -84.09 27.26
CA GLU A 794 -50.88 -82.92 26.41
C GLU A 794 -49.55 -82.23 26.61
N GLY A 795 -49.12 -81.48 25.60
CA GLY A 795 -47.85 -80.78 25.68
C GLY A 795 -47.91 -79.50 24.88
N GLU A 796 -46.92 -78.63 25.07
CA GLU A 796 -46.90 -77.37 24.34
C GLU A 796 -46.54 -77.56 22.87
N THR A 797 -47.18 -76.77 22.02
CA THR A 797 -46.97 -76.86 20.58
C THR A 797 -45.71 -76.13 20.18
N THR A 798 -45.58 -74.88 20.63
CA THR A 798 -44.39 -74.08 20.37
C THR A 798 -43.98 -73.32 21.63
N ILE A 799 -42.69 -73.26 21.90
CA ILE A 799 -42.19 -72.54 23.06
C ILE A 799 -41.32 -71.37 22.64
N THR A 800 -41.86 -70.15 22.77
CA THR A 800 -41.18 -68.96 22.28
C THR A 800 -40.26 -68.34 23.32
N ARG A 801 -39.08 -68.95 23.47
CA ARG A 801 -38.05 -68.42 24.37
C ARG A 801 -37.55 -67.05 23.92
N GLU A 802 -37.53 -66.10 24.85
CA GLU A 802 -37.08 -64.74 24.57
C GLU A 802 -35.88 -64.40 25.45
N MET A 803 -34.69 -64.53 24.89
CA MET A 803 -33.46 -64.28 25.64
C MET A 803 -33.40 -65.08 26.94
N ASN A 804 -33.81 -66.35 26.86
CA ASN A 804 -33.93 -67.23 28.02
C ASN A 804 -34.96 -66.76 29.04
N LYS A 805 -35.87 -65.90 28.60
CA LYS A 805 -37.00 -65.45 29.41
C LYS A 805 -38.29 -65.77 28.67
N ARG A 806 -38.84 -66.96 28.94
CA ARG A 806 -40.00 -67.48 28.21
C ARG A 806 -41.22 -66.55 28.27
N HIS A 807 -41.81 -66.27 27.12
CA HIS A 807 -43.01 -65.44 27.07
C HIS A 807 -44.08 -66.06 26.19
N LEU A 808 -45.15 -65.31 25.97
CA LEU A 808 -46.25 -65.75 25.13
C LEU A 808 -46.82 -64.54 24.39
N THR A 809 -46.72 -64.55 23.07
CA THR A 809 -47.07 -63.37 22.29
C THR A 809 -48.57 -63.16 22.19
N VAL A 810 -48.99 -61.90 22.28
CA VAL A 810 -50.38 -61.54 22.06
C VAL A 810 -50.46 -60.57 20.88
N ARG A 811 -50.70 -61.13 19.69
CA ARG A 811 -50.69 -60.35 18.47
C ARG A 811 -51.90 -59.44 18.37
N LEU A 812 -51.68 -58.26 17.77
CA LEU A 812 -52.75 -57.30 17.53
C LEU A 812 -52.46 -56.36 16.34
N ASN A 813 -53.35 -56.40 15.35
CA ASN A 813 -53.30 -55.44 14.24
C ASN A 813 -54.36 -54.36 14.41
N LEU A 814 -53.94 -53.11 14.21
CA LEU A 814 -54.86 -51.97 14.28
C LEU A 814 -55.20 -51.40 12.90
N ARG A 815 -56.42 -50.88 12.78
CA ARG A 815 -56.93 -50.39 11.51
C ARG A 815 -57.95 -49.28 11.71
N GLY A 816 -57.52 -48.04 11.57
CA GLY A 816 -58.40 -46.90 11.75
C GLY A 816 -57.81 -45.87 12.70
N ARG A 817 -57.91 -46.15 14.00
CA ARG A 817 -57.29 -45.30 15.01
C ARG A 817 -55.78 -45.34 14.85
N ASP A 818 -55.12 -44.24 15.16
CA ASP A 818 -53.67 -44.15 15.02
C ASP A 818 -52.94 -44.94 16.10
N LEU A 819 -51.72 -44.53 16.42
CA LEU A 819 -50.92 -45.23 17.41
C LEU A 819 -51.03 -44.60 18.79
N SER A 820 -51.11 -43.27 18.83
CA SER A 820 -51.15 -42.54 20.10
C SER A 820 -52.49 -42.68 20.80
N THR A 821 -53.57 -42.39 20.07
CA THR A 821 -54.93 -42.52 20.60
C THR A 821 -55.21 -43.96 21.02
N PHE A 822 -54.67 -44.91 20.26
CA PHE A 822 -54.83 -46.32 20.56
C PHE A 822 -54.05 -46.73 21.80
N LEU A 823 -52.72 -46.60 21.72
CA LEU A 823 -51.85 -47.04 22.80
C LEU A 823 -52.10 -46.31 24.10
N GLU A 824 -52.69 -45.12 24.04
CA GLU A 824 -53.08 -44.40 25.24
C GLU A 824 -54.01 -45.29 26.06
N GLU A 825 -55.23 -45.49 25.56
CA GLU A 825 -56.22 -46.32 26.24
C GLU A 825 -55.72 -47.73 26.49
N ALA A 826 -55.09 -48.34 25.48
CA ALA A 826 -54.64 -49.72 25.58
C ALA A 826 -53.61 -49.93 26.70
N ARG A 827 -52.45 -49.29 26.53
CA ARG A 827 -51.37 -49.41 27.52
C ARG A 827 -51.82 -48.91 28.90
N MET A 828 -52.78 -47.98 28.91
CA MET A 828 -53.39 -47.56 30.16
C MET A 828 -54.06 -48.73 30.85
N ARG A 829 -55.02 -49.34 30.16
CA ARG A 829 -55.82 -50.40 30.74
C ARG A 829 -55.03 -51.64 31.13
N ILE A 830 -54.21 -52.14 30.20
CA ILE A 830 -53.54 -53.44 30.37
C ILE A 830 -52.73 -53.64 31.66
N ASP A 831 -51.67 -52.84 31.84
CA ASP A 831 -50.75 -53.04 32.97
C ASP A 831 -51.37 -52.71 34.33
N LYS A 832 -52.67 -52.41 34.34
CA LYS A 832 -53.37 -52.05 35.57
C LYS A 832 -54.62 -52.91 35.77
N GLU A 833 -54.68 -54.03 35.07
CA GLU A 833 -55.78 -54.99 35.22
C GLU A 833 -55.24 -56.42 35.32
N VAL A 834 -53.92 -56.55 35.31
CA VAL A 834 -53.28 -57.86 35.36
C VAL A 834 -52.86 -58.27 36.77
N PRO A 835 -53.22 -59.50 37.17
CA PRO A 835 -52.91 -60.08 38.49
C PRO A 835 -51.44 -60.43 38.70
N TYR A 836 -50.71 -59.53 39.34
CA TYR A 836 -49.32 -59.77 39.72
C TYR A 836 -49.27 -60.82 40.83
N ASP A 837 -48.17 -61.56 40.95
CA ASP A 837 -46.97 -61.41 40.14
C ASP A 837 -46.39 -62.78 39.83
N ARG A 838 -46.02 -63.50 40.88
CA ARG A 838 -45.44 -64.84 40.77
C ARG A 838 -44.22 -64.91 39.86
N THR A 839 -44.16 -65.97 39.06
CA THR A 839 -43.03 -66.18 38.15
C THR A 839 -43.03 -65.17 37.02
N HIS A 840 -42.24 -64.11 37.19
CA HIS A 840 -42.13 -63.03 36.21
C HIS A 840 -43.46 -62.32 35.97
N ILE A 841 -44.06 -62.60 34.81
CA ILE A 841 -45.31 -61.96 34.38
C ILE A 841 -45.20 -60.44 34.33
N GLN A 842 -44.25 -59.93 33.56
CA GLN A 842 -44.20 -58.50 33.26
C GLN A 842 -44.65 -58.27 31.82
N VAL A 843 -45.88 -57.79 31.69
CA VAL A 843 -46.50 -57.55 30.40
C VAL A 843 -45.83 -56.42 29.62
N ALA A 844 -45.06 -56.79 28.60
CA ALA A 844 -44.34 -55.81 27.79
C ALA A 844 -44.99 -55.62 26.42
N TRP A 845 -44.49 -54.63 25.67
CA TRP A 845 -45.02 -54.37 24.34
C TRP A 845 -43.96 -54.52 23.24
N GLY A 846 -44.43 -54.54 22.00
CA GLY A 846 -43.54 -54.65 20.86
C GLY A 846 -44.28 -54.28 19.58
N GLY A 847 -43.52 -54.08 18.51
CA GLY A 847 -44.10 -53.69 17.23
C GLY A 847 -43.54 -52.36 16.79
N GLN A 848 -44.37 -51.56 16.10
CA GLN A 848 -43.95 -50.23 15.68
C GLN A 848 -43.93 -49.25 16.86
N PHE A 849 -44.10 -49.79 18.07
CA PHE A 849 -44.09 -49.01 19.30
C PHE A 849 -42.74 -48.35 19.57
N GLU A 850 -41.74 -49.17 19.90
CA GLU A 850 -40.40 -48.65 20.20
C GLU A 850 -39.77 -48.12 18.92
N ASN A 851 -40.28 -48.57 17.78
CA ASN A 851 -39.83 -48.08 16.48
C ASN A 851 -40.16 -46.61 16.37
N GLN A 852 -41.45 -46.29 16.45
CA GLN A 852 -41.94 -44.92 16.42
C GLN A 852 -41.30 -44.10 17.53
N GLN A 853 -41.16 -44.71 18.71
CA GLN A 853 -40.56 -44.02 19.84
C GLN A 853 -39.12 -43.57 19.57
N ARG A 854 -38.27 -44.49 19.11
CA ARG A 854 -36.89 -44.16 18.84
C ARG A 854 -36.78 -43.18 17.66
N ALA A 855 -37.64 -43.38 16.66
CA ALA A 855 -37.67 -42.50 15.49
C ALA A 855 -37.95 -41.06 15.90
N GLN A 856 -39.07 -40.84 16.59
CA GLN A 856 -39.44 -39.53 17.08
C GLN A 856 -38.40 -38.97 18.03
N ALA A 857 -37.80 -39.85 18.82
CA ALA A 857 -36.78 -39.45 19.78
C ALA A 857 -35.60 -38.80 19.06
N ARG A 858 -35.04 -39.51 18.09
CA ARG A 858 -33.90 -38.97 17.34
C ARG A 858 -34.31 -37.74 16.53
N LEU A 859 -35.55 -37.77 16.01
CA LEU A 859 -36.10 -36.65 15.25
C LEU A 859 -36.05 -35.38 16.09
N ALA A 860 -36.58 -35.44 17.30
CA ALA A 860 -36.57 -34.31 18.21
C ALA A 860 -35.23 -34.16 18.92
N VAL A 861 -34.28 -35.03 18.59
CA VAL A 861 -32.91 -34.86 19.06
C VAL A 861 -32.17 -33.93 18.11
N ILE A 862 -32.39 -34.15 16.81
CA ILE A 862 -31.66 -33.41 15.79
C ILE A 862 -32.40 -32.14 15.33
N LEU A 863 -33.72 -32.15 15.43
CA LEU A 863 -34.53 -30.99 15.01
C LEU A 863 -34.20 -29.66 15.74
N PRO A 864 -34.02 -29.69 17.07
CA PRO A 864 -33.69 -28.42 17.71
C PRO A 864 -32.23 -28.02 17.47
N MET A 865 -31.41 -28.98 17.05
CA MET A 865 -30.01 -28.71 16.80
C MET A 865 -29.82 -27.88 15.53
N VAL A 866 -30.69 -28.10 14.55
CA VAL A 866 -30.61 -27.38 13.30
C VAL A 866 -31.15 -25.96 13.43
N LEU A 867 -31.81 -25.68 14.55
CA LEU A 867 -32.39 -24.36 14.79
C LEU A 867 -31.31 -23.31 15.01
N ALA A 868 -30.42 -23.56 15.96
CA ALA A 868 -29.29 -22.68 16.22
C ALA A 868 -28.39 -22.61 15.00
N LEU A 869 -28.32 -23.72 14.25
CA LEU A 869 -27.53 -23.76 13.03
C LEU A 869 -28.09 -22.78 12.02
N MET A 870 -29.42 -22.77 11.88
CA MET A 870 -30.10 -21.84 10.99
C MET A 870 -30.47 -20.56 11.74
N PHE A 871 -29.76 -20.31 12.83
CA PHE A 871 -29.90 -19.07 13.58
C PHE A 871 -28.62 -18.26 13.50
N VAL A 872 -27.49 -18.97 13.51
CA VAL A 872 -26.19 -18.33 13.31
C VAL A 872 -26.06 -17.93 11.85
N LEU A 873 -26.70 -18.69 10.97
CA LEU A 873 -26.78 -18.34 9.55
C LEU A 873 -27.46 -16.99 9.38
N LEU A 874 -28.58 -16.80 10.07
CA LEU A 874 -29.35 -15.58 9.96
C LEU A 874 -28.72 -14.41 10.73
N PHE A 875 -27.53 -14.63 11.24
CA PHE A 875 -26.86 -13.62 12.07
C PHE A 875 -25.77 -12.89 11.28
N GLN A 883 -32.89 -9.36 14.79
CA GLN A 883 -33.19 -9.63 13.38
C GLN A 883 -33.42 -11.12 13.05
N PRO A 884 -32.52 -12.02 13.49
CA PRO A 884 -32.76 -13.43 13.14
C PRO A 884 -33.97 -13.99 13.90
N ALA A 885 -34.34 -13.34 14.99
CA ALA A 885 -35.42 -13.81 15.86
C ALA A 885 -36.76 -13.88 15.14
N LEU A 886 -37.10 -12.84 14.39
CA LEU A 886 -38.39 -12.77 13.71
C LEU A 886 -38.47 -13.74 12.53
N ILE A 887 -37.37 -13.86 11.79
CA ILE A 887 -37.31 -14.80 10.68
C ILE A 887 -37.40 -16.23 11.21
N LEU A 888 -36.75 -16.47 12.35
CA LEU A 888 -36.82 -17.76 13.01
C LEU A 888 -38.24 -18.00 13.49
N MET A 889 -38.94 -16.92 13.81
CA MET A 889 -40.31 -16.98 14.31
C MET A 889 -41.31 -17.07 13.15
N ALA A 890 -40.80 -16.96 11.93
CA ALA A 890 -41.62 -17.12 10.73
C ALA A 890 -41.77 -18.59 10.36
N VAL A 891 -41.30 -19.46 11.25
CA VAL A 891 -41.37 -20.89 11.05
C VAL A 891 -42.71 -21.53 11.46
N PRO A 892 -43.21 -21.24 12.69
CA PRO A 892 -44.47 -21.89 13.07
C PRO A 892 -45.68 -21.41 12.27
N LEU A 893 -45.48 -20.43 11.39
CA LEU A 893 -46.54 -19.96 10.51
C LEU A 893 -46.98 -21.09 9.58
N ALA A 894 -46.00 -21.80 9.04
CA ALA A 894 -46.25 -22.91 8.14
C ALA A 894 -46.82 -24.12 8.87
N THR A 895 -46.47 -24.24 10.14
CA THR A 895 -46.89 -25.35 10.98
C THR A 895 -48.40 -25.54 10.95
N LEU A 896 -49.14 -24.48 11.27
CA LEU A 896 -50.59 -24.54 11.29
C LEU A 896 -51.13 -24.82 9.90
N GLY A 897 -50.41 -24.34 8.88
CA GLY A 897 -50.79 -24.58 7.50
C GLY A 897 -50.72 -26.06 7.14
N GLY A 898 -49.75 -26.75 7.72
CA GLY A 898 -49.64 -28.19 7.53
C GLY A 898 -50.68 -28.93 8.36
N LEU A 899 -50.94 -28.39 9.55
CA LEU A 899 -51.89 -29.00 10.48
C LEU A 899 -53.33 -28.99 9.95
N VAL A 900 -53.72 -27.90 9.30
CA VAL A 900 -55.08 -27.82 8.75
C VAL A 900 -55.28 -28.82 7.61
N ALA A 901 -54.26 -29.01 6.78
CA ALA A 901 -54.35 -29.92 5.66
C ALA A 901 -54.28 -31.37 6.14
N LEU A 902 -53.50 -31.61 7.18
CA LEU A 902 -53.43 -32.94 7.78
C LEU A 902 -54.76 -33.31 8.41
N HIS A 903 -55.27 -32.44 9.27
CA HIS A 903 -56.56 -32.63 9.92
C HIS A 903 -57.64 -32.82 8.85
N LEU A 904 -57.53 -32.07 7.77
CA LEU A 904 -58.46 -32.18 6.65
C LEU A 904 -58.48 -33.60 6.10
N ARG A 905 -57.30 -34.14 5.84
CA ARG A 905 -57.18 -35.46 5.23
C ARG A 905 -57.04 -36.57 6.27
N GLY A 906 -57.38 -36.24 7.51
CA GLY A 906 -57.42 -37.20 8.61
C GLY A 906 -56.14 -37.99 8.81
N MET A 907 -55.03 -37.41 8.40
CA MET A 907 -53.74 -38.08 8.45
C MET A 907 -53.14 -38.01 9.85
N THR A 908 -51.87 -38.40 9.97
CA THR A 908 -51.19 -38.41 11.25
C THR A 908 -49.79 -37.79 11.15
N LEU A 909 -49.20 -37.50 12.29
CA LEU A 909 -47.86 -36.95 12.33
C LEU A 909 -46.83 -38.07 12.36
N ASN A 910 -46.63 -38.71 11.21
CA ASN A 910 -45.64 -39.77 11.09
C ASN A 910 -44.31 -39.21 10.60
N VAL A 911 -43.32 -40.08 10.43
CA VAL A 911 -42.00 -39.66 9.99
C VAL A 911 -42.08 -38.95 8.63
N SER A 912 -42.97 -39.43 7.77
CA SER A 912 -43.17 -38.84 6.45
C SER A 912 -43.56 -37.37 6.54
N SER A 913 -44.64 -37.10 7.26
CA SER A 913 -45.12 -35.74 7.45
C SER A 913 -44.09 -34.88 8.18
N ALA A 914 -43.29 -35.52 9.04
CA ALA A 914 -42.22 -34.81 9.73
C ALA A 914 -41.19 -34.30 8.73
N VAL A 915 -40.83 -35.17 7.79
CA VAL A 915 -39.95 -34.78 6.69
C VAL A 915 -40.62 -33.67 5.89
N GLY A 916 -41.94 -33.76 5.75
CA GLY A 916 -42.71 -32.73 5.08
C GLY A 916 -42.53 -31.38 5.74
N PHE A 917 -42.54 -31.38 7.07
CA PHE A 917 -42.33 -30.16 7.85
C PHE A 917 -40.87 -29.72 7.78
N ILE A 918 -39.99 -30.67 7.44
CA ILE A 918 -38.58 -30.33 7.26
C ILE A 918 -38.36 -29.56 5.96
N ALA A 919 -38.93 -30.06 4.87
CA ALA A 919 -38.91 -29.35 3.59
C ALA A 919 -39.60 -28.00 3.74
N LEU A 920 -40.74 -28.03 4.43
CA LEU A 920 -41.56 -26.84 4.63
C LEU A 920 -40.80 -25.76 5.39
N PHE A 921 -40.22 -26.13 6.53
CA PHE A 921 -39.44 -25.20 7.33
C PHE A 921 -38.19 -24.76 6.57
N GLY A 922 -37.71 -25.63 5.70
CA GLY A 922 -36.54 -25.32 4.89
C GLY A 922 -36.78 -24.23 3.87
N VAL A 923 -37.92 -24.29 3.19
CA VAL A 923 -38.20 -23.34 2.10
C VAL A 923 -38.94 -22.09 2.57
N ALA A 924 -39.82 -22.24 3.56
CA ALA A 924 -40.67 -21.14 4.00
C ALA A 924 -39.91 -19.99 4.65
N VAL A 925 -38.64 -20.21 4.94
CA VAL A 925 -37.81 -19.18 5.55
C VAL A 925 -37.12 -18.32 4.47
N LEU A 926 -36.93 -18.90 3.29
CA LEU A 926 -36.33 -18.19 2.17
C LEU A 926 -37.18 -16.97 1.81
N ASN A 927 -38.49 -17.15 1.83
CA ASN A 927 -39.42 -16.05 1.54
C ASN A 927 -39.28 -14.92 2.55
N ALA A 928 -39.03 -15.28 3.81
CA ALA A 928 -38.80 -14.29 4.84
C ALA A 928 -37.49 -13.55 4.59
N ILE A 929 -36.45 -14.32 4.28
CA ILE A 929 -35.12 -13.77 3.99
C ILE A 929 -35.19 -12.76 2.85
N ILE A 930 -35.93 -13.10 1.80
CA ILE A 930 -36.04 -12.24 0.63
C ILE A 930 -36.98 -11.05 0.87
N MET A 931 -37.98 -11.24 1.72
CA MET A 931 -38.87 -10.15 2.10
C MET A 931 -38.27 -9.36 3.24
N ILE A 932 -37.03 -9.65 3.58
CA ILE A 932 -36.30 -8.90 4.60
C ILE A 932 -35.11 -8.16 3.98
N ALA A 933 -34.46 -8.81 3.02
CA ALA A 933 -33.32 -8.22 2.32
C ALA A 933 -33.78 -7.03 1.48
N ASN A 934 -34.95 -7.18 0.86
CA ASN A 934 -35.55 -6.10 0.08
C ASN A 934 -36.10 -5.03 1.01
N LEU A 935 -36.49 -5.45 2.22
CA LEU A 935 -36.99 -4.54 3.23
C LEU A 935 -35.86 -4.08 4.16
N LYS A 947 -39.98 3.78 9.32
CA LYS A 947 -40.99 2.75 9.50
C LYS A 947 -41.85 2.62 8.25
N GLU A 948 -41.65 3.53 7.30
CA GLU A 948 -42.37 3.51 6.04
C GLU A 948 -41.62 2.70 5.00
N ALA A 949 -40.62 1.95 5.46
CA ALA A 949 -39.78 1.16 4.58
C ALA A 949 -40.53 -0.04 3.99
N VAL A 950 -41.70 -0.34 4.55
CA VAL A 950 -42.48 -1.49 4.11
C VAL A 950 -42.72 -1.47 2.61
N VAL A 951 -43.23 -0.34 2.11
CA VAL A 951 -43.53 -0.22 0.70
C VAL A 951 -42.30 -0.01 -0.19
N ARG A 952 -41.11 -0.05 0.41
CA ARG A 952 -39.89 0.05 -0.36
C ARG A 952 -39.55 -1.32 -0.95
N GLY A 953 -40.20 -2.34 -0.43
CA GLY A 953 -39.92 -3.70 -0.87
C GLY A 953 -41.15 -4.58 -0.99
N ALA A 954 -42.07 -4.45 -0.04
CA ALA A 954 -43.25 -5.31 0.02
C ALA A 954 -44.01 -5.33 -1.30
N GLY A 955 -44.44 -4.15 -1.74
CA GLY A 955 -45.15 -4.03 -3.00
C GLY A 955 -44.31 -4.43 -4.19
N GLU A 956 -42.99 -4.39 -4.02
CA GLU A 956 -42.06 -4.78 -5.08
C GLU A 956 -41.78 -6.28 -5.05
N ARG A 957 -41.63 -6.82 -3.85
CA ARG A 957 -41.21 -8.20 -3.69
C ARG A 957 -42.41 -9.16 -3.66
N MET A 958 -43.61 -8.60 -3.72
CA MET A 958 -44.83 -9.42 -3.66
C MET A 958 -44.98 -10.38 -4.84
N ARG A 959 -44.42 -10.03 -5.98
CA ARG A 959 -44.60 -10.84 -7.19
C ARG A 959 -43.75 -12.12 -7.24
N PRO A 960 -42.43 -12.02 -6.96
CA PRO A 960 -41.68 -13.28 -6.99
C PRO A 960 -41.99 -14.17 -5.79
N VAL A 961 -42.37 -13.57 -4.67
CA VAL A 961 -42.75 -14.33 -3.48
C VAL A 961 -43.89 -15.28 -3.82
N LEU A 962 -44.96 -14.75 -4.42
CA LEU A 962 -46.08 -15.58 -4.86
C LEU A 962 -45.61 -16.57 -5.90
N MET A 963 -44.73 -16.14 -6.79
CA MET A 963 -44.22 -16.99 -7.85
C MET A 963 -43.45 -18.18 -7.29
N THR A 964 -42.66 -17.93 -6.24
CA THR A 964 -41.94 -19.02 -5.57
C THR A 964 -42.89 -19.89 -4.74
N ALA A 965 -43.90 -19.26 -4.14
CA ALA A 965 -44.88 -19.95 -3.33
C ALA A 965 -45.92 -20.66 -4.18
N THR A 966 -45.94 -20.35 -5.48
CA THR A 966 -46.83 -21.04 -6.39
C THR A 966 -46.15 -22.30 -6.89
N VAL A 967 -44.94 -22.15 -7.42
CA VAL A 967 -44.21 -23.26 -8.03
C VAL A 967 -43.83 -24.36 -7.03
N ALA A 968 -43.48 -23.96 -5.82
CA ALA A 968 -43.14 -24.93 -4.77
C ALA A 968 -44.37 -25.73 -4.36
N ALA A 969 -45.44 -25.03 -4.00
CA ALA A 969 -46.69 -25.67 -3.64
C ALA A 969 -47.53 -25.99 -4.88
N LEU A 970 -46.91 -26.66 -5.85
CA LEU A 970 -47.61 -27.07 -7.06
C LEU A 970 -46.90 -28.27 -7.66
N GLY A 971 -45.63 -28.43 -7.30
CA GLY A 971 -44.88 -29.61 -7.68
C GLY A 971 -45.31 -30.79 -6.82
N LEU A 972 -45.66 -30.50 -5.58
CA LEU A 972 -46.09 -31.54 -4.65
C LEU A 972 -47.60 -31.75 -4.70
N ILE A 973 -48.29 -30.94 -5.49
CA ILE A 973 -49.74 -31.11 -5.65
C ILE A 973 -50.12 -32.41 -6.37
N PRO A 974 -49.47 -32.73 -7.51
CA PRO A 974 -49.76 -34.06 -8.05
C PRO A 974 -49.28 -35.18 -7.12
N ALA A 975 -48.32 -34.88 -6.26
CA ALA A 975 -47.85 -35.84 -5.26
C ALA A 975 -48.76 -35.80 -4.04
N ALA A 976 -49.84 -35.04 -4.13
CA ALA A 976 -50.86 -35.04 -3.09
C ALA A 976 -52.03 -35.90 -3.54
N LEU A 977 -51.93 -36.45 -4.75
CA LEU A 977 -52.95 -37.35 -5.27
C LEU A 977 -52.68 -38.80 -4.90
N ALA A 978 -53.71 -39.48 -4.40
CA ALA A 978 -53.61 -40.89 -4.02
C ALA A 978 -53.63 -41.79 -5.26
N HIS A 979 -54.16 -43.00 -5.09
CA HIS A 979 -54.26 -43.98 -6.16
C HIS A 979 -52.90 -44.46 -6.69
N GLY A 980 -52.84 -45.71 -7.11
CA GLY A 980 -51.61 -46.25 -7.68
C GLY A 980 -50.58 -46.54 -6.62
N LEU A 981 -49.87 -47.65 -6.80
CA LEU A 981 -48.85 -48.07 -5.85
C LEU A 981 -47.61 -47.19 -5.95
N GLY A 982 -47.18 -46.65 -4.82
CA GLY A 982 -45.94 -45.88 -4.77
C GLY A 982 -46.13 -44.42 -4.39
N SER A 983 -47.31 -44.08 -3.88
CA SER A 983 -47.59 -42.70 -3.51
C SER A 983 -47.84 -42.59 -2.02
N ASP A 984 -47.99 -43.74 -1.38
CA ASP A 984 -48.38 -43.79 0.02
C ASP A 984 -47.43 -43.04 0.94
N VAL A 985 -46.14 -43.07 0.60
CA VAL A 985 -45.14 -42.43 1.43
C VAL A 985 -45.02 -40.94 1.12
N GLN A 986 -45.08 -40.60 -0.15
CA GLN A 986 -44.83 -39.23 -0.62
C GLN A 986 -45.95 -38.27 -0.28
N ARG A 987 -47.18 -38.79 -0.23
CA ARG A 987 -48.36 -37.97 0.00
C ARG A 987 -48.31 -37.09 1.27
N PRO A 988 -48.00 -37.68 2.44
CA PRO A 988 -47.99 -36.88 3.67
C PRO A 988 -46.95 -35.75 3.67
N LEU A 989 -45.97 -35.79 2.77
CA LEU A 989 -45.06 -34.66 2.63
C LEU A 989 -45.75 -33.54 1.86
N ALA A 990 -46.53 -33.93 0.86
CA ALA A 990 -47.27 -32.98 0.05
C ALA A 990 -48.32 -32.26 0.88
N THR A 991 -49.09 -33.03 1.64
CA THR A 991 -50.14 -32.50 2.49
C THR A 991 -49.62 -31.46 3.46
N VAL A 992 -48.40 -31.67 3.93
CA VAL A 992 -47.77 -30.73 4.85
C VAL A 992 -47.24 -29.50 4.10
N VAL A 993 -46.46 -29.75 3.05
CA VAL A 993 -45.77 -28.70 2.34
C VAL A 993 -46.71 -27.71 1.64
N VAL A 994 -47.66 -28.22 0.87
CA VAL A 994 -48.54 -27.34 0.11
C VAL A 994 -49.44 -26.49 1.02
N GLY A 995 -50.20 -27.17 1.88
CA GLY A 995 -51.08 -26.50 2.81
C GLY A 995 -50.35 -25.57 3.74
N GLY A 996 -49.13 -25.96 4.13
CA GLY A 996 -48.30 -25.11 4.95
C GLY A 996 -47.94 -23.85 4.19
N LEU A 997 -47.45 -24.02 2.97
CA LEU A 997 -47.01 -22.91 2.13
C LEU A 997 -48.11 -21.90 1.83
N ILE A 998 -49.32 -22.39 1.59
CA ILE A 998 -50.43 -21.49 1.24
C ILE A 998 -50.74 -20.49 2.37
N THR A 999 -50.96 -20.99 3.58
CA THR A 999 -51.24 -20.13 4.71
C THR A 999 -50.02 -19.31 5.12
N ALA A 1000 -48.86 -19.96 5.21
CA ALA A 1000 -47.64 -19.29 5.62
C ALA A 1000 -47.24 -18.15 4.70
N THR A 1001 -47.50 -18.33 3.40
CA THR A 1001 -47.26 -17.27 2.43
C THR A 1001 -48.34 -16.19 2.56
N ALA A 1002 -49.59 -16.62 2.65
CA ALA A 1002 -50.70 -15.69 2.84
C ALA A 1002 -50.56 -14.85 4.10
N LEU A 1003 -49.65 -15.25 4.98
CA LEU A 1003 -49.43 -14.52 6.22
C LEU A 1003 -48.08 -13.81 6.27
N THR A 1004 -47.09 -14.32 5.55
CA THR A 1004 -45.74 -13.73 5.59
C THR A 1004 -45.70 -12.36 4.95
N LEU A 1005 -46.65 -12.09 4.06
CA LEU A 1005 -46.72 -10.79 3.41
C LEU A 1005 -47.76 -9.90 4.09
N VAL A 1006 -48.03 -10.19 5.36
CA VAL A 1006 -49.02 -9.44 6.14
C VAL A 1006 -48.50 -9.10 7.54
N LEU A 1007 -48.22 -10.12 8.34
CA LEU A 1007 -47.79 -9.92 9.73
C LEU A 1007 -46.28 -9.69 9.90
N LEU A 1008 -45.50 -10.16 8.94
CA LEU A 1008 -44.05 -9.97 8.99
C LEU A 1008 -43.61 -8.54 8.66
N PRO A 1009 -44.15 -7.93 7.58
CA PRO A 1009 -43.80 -6.53 7.36
C PRO A 1009 -44.39 -5.62 8.44
N ALA A 1010 -45.47 -6.09 9.07
CA ALA A 1010 -46.07 -5.37 10.18
C ALA A 1010 -45.32 -5.68 11.47
N LEU A 1011 -44.28 -6.50 11.35
CA LEU A 1011 -43.43 -6.82 12.48
C LEU A 1011 -42.05 -6.20 12.28
N TYR A 1012 -41.76 -5.82 11.04
CA TYR A 1012 -40.48 -5.17 10.71
C TYR A 1012 -40.53 -3.68 10.99
N TYR A 1013 -41.74 -3.12 11.06
CA TYR A 1013 -41.90 -1.71 11.41
C TYR A 1013 -42.05 -1.54 12.92
N LEU A 1014 -42.03 -2.68 13.63
CA LEU A 1014 -42.07 -2.69 15.08
C LEU A 1014 -40.75 -3.20 15.66
N ILE A 1015 -39.64 -2.71 15.11
CA ILE A 1015 -38.31 -3.05 15.65
C ILE A 1015 -37.45 -1.81 15.88
N GLU A 1016 -36.77 -1.78 17.02
CA GLU A 1016 -35.83 -0.72 17.37
C GLU A 1016 -36.43 0.68 17.27
N THR A 1017 -37.75 0.74 17.29
CA THR A 1017 -38.49 2.01 17.25
C THR A 1017 -39.48 2.06 18.41
N ARG A 1018 -39.68 0.91 19.06
CA ARG A 1018 -40.54 0.85 20.23
C ARG A 1018 -39.70 0.77 21.50
N ARG B 4 0.95 -17.73 -14.14
CA ARG B 4 0.39 -17.45 -12.82
C ARG B 4 1.44 -17.53 -11.72
N LEU B 5 2.05 -18.70 -11.58
CA LEU B 5 2.99 -18.97 -10.49
C LEU B 5 4.44 -18.71 -10.88
N VAL B 6 4.64 -18.04 -12.01
CA VAL B 6 5.99 -17.76 -12.51
C VAL B 6 6.54 -16.50 -11.87
N THR B 7 5.72 -15.85 -11.04
CA THR B 7 6.13 -14.60 -10.40
C THR B 7 6.85 -14.85 -9.08
N LEU B 8 6.33 -15.78 -8.28
CA LEU B 8 6.91 -16.07 -6.97
C LEU B 8 8.12 -17.02 -7.05
N CYS B 9 8.16 -17.83 -8.10
CA CYS B 9 9.20 -18.86 -8.25
C CYS B 9 10.61 -18.27 -8.30
N PHE B 10 10.81 -17.28 -9.16
CA PHE B 10 12.12 -16.68 -9.37
C PHE B 10 12.64 -16.00 -8.11
N ASN B 11 11.73 -15.58 -7.24
CA ASN B 11 12.12 -14.96 -5.98
C ASN B 11 12.19 -16.00 -4.86
N ARG B 12 11.68 -17.19 -5.14
CA ARG B 12 11.69 -18.29 -4.17
C ARG B 12 12.72 -19.33 -4.61
N ARG B 13 13.57 -18.95 -5.56
CA ARG B 13 14.54 -19.86 -6.18
C ARG B 13 15.29 -20.76 -5.21
N GLY B 14 15.92 -20.16 -4.21
CA GLY B 14 16.64 -20.91 -3.20
C GLY B 14 15.72 -21.86 -2.45
N ILE B 15 14.56 -21.36 -2.07
CA ILE B 15 13.59 -22.13 -1.31
C ILE B 15 13.01 -23.29 -2.11
N VAL B 16 12.56 -23.01 -3.33
CA VAL B 16 12.00 -24.06 -4.18
C VAL B 16 13.05 -25.12 -4.50
N ALA B 17 14.29 -24.67 -4.71
CA ALA B 17 15.40 -25.59 -4.96
C ALA B 17 15.63 -26.50 -3.76
N LEU B 18 15.65 -25.91 -2.57
CA LEU B 18 15.87 -26.68 -1.35
C LEU B 18 14.77 -27.70 -1.10
N VAL B 19 13.51 -27.25 -1.14
CA VAL B 19 12.40 -28.15 -0.93
C VAL B 19 12.37 -29.23 -2.01
N PHE B 20 12.91 -28.91 -3.19
CA PHE B 20 13.05 -29.91 -4.23
C PHE B 20 14.15 -30.91 -3.92
N ALA B 21 15.17 -30.47 -3.19
CA ALA B 21 16.20 -31.38 -2.72
C ALA B 21 15.60 -32.35 -1.70
N MET B 22 14.74 -31.81 -0.85
CA MET B 22 14.07 -32.63 0.17
C MET B 22 13.13 -33.64 -0.47
N VAL B 23 12.36 -33.20 -1.46
CA VAL B 23 11.46 -34.11 -2.16
C VAL B 23 12.23 -35.10 -3.02
N ALA B 24 13.48 -34.77 -3.34
CA ALA B 24 14.36 -35.70 -4.04
C ALA B 24 14.81 -36.79 -3.09
N LEU B 25 15.18 -36.39 -1.87
CA LEU B 25 15.53 -37.35 -0.83
C LEU B 25 14.37 -38.31 -0.54
N TYR B 26 13.18 -37.74 -0.34
CA TYR B 26 11.99 -38.55 -0.09
C TYR B 26 11.62 -39.36 -1.33
N GLY B 27 12.05 -38.89 -2.49
CA GLY B 27 11.77 -39.58 -3.74
C GLY B 27 12.57 -40.86 -3.87
N TRP B 28 13.89 -40.73 -3.70
CA TRP B 28 14.78 -41.89 -3.69
C TRP B 28 14.39 -42.87 -2.58
N TYR B 29 14.07 -42.33 -1.40
CA TYR B 29 13.59 -43.16 -0.30
C TYR B 29 12.32 -43.91 -0.68
N ALA B 30 11.39 -43.21 -1.32
CA ALA B 30 10.12 -43.80 -1.75
C ALA B 30 10.36 -44.94 -2.71
N TRP B 31 11.11 -44.69 -3.77
CA TRP B 31 11.39 -45.72 -4.76
C TRP B 31 12.12 -46.90 -4.12
N LYS B 32 12.90 -46.63 -3.08
CA LYS B 32 13.58 -47.69 -2.36
C LYS B 32 12.60 -48.54 -1.54
N GLN B 33 11.29 -48.34 -1.77
CA GLN B 33 10.26 -49.07 -1.04
C GLN B 33 9.03 -49.42 -1.88
N LEU B 34 9.23 -49.65 -3.18
CA LEU B 34 8.15 -50.10 -4.04
C LEU B 34 8.31 -51.58 -4.41
N PRO B 35 7.26 -52.38 -4.20
CA PRO B 35 7.30 -53.82 -4.50
C PRO B 35 7.60 -54.08 -5.97
N LEU B 36 8.72 -54.76 -6.23
CA LEU B 36 9.11 -55.06 -7.60
C LEU B 36 8.24 -56.15 -8.23
N GLU B 37 7.82 -55.89 -9.46
CA GLU B 37 7.05 -56.86 -10.22
C GLU B 37 7.64 -56.98 -11.62
N ALA B 38 8.18 -58.14 -11.93
CA ALA B 38 8.76 -58.42 -13.24
C ALA B 38 7.70 -59.07 -14.10
N TYR B 39 6.69 -59.62 -13.44
CA TYR B 39 5.58 -60.26 -14.11
C TYR B 39 4.38 -60.16 -13.18
N PRO B 40 3.50 -59.18 -13.42
CA PRO B 40 2.36 -58.91 -12.55
C PRO B 40 1.37 -60.06 -12.54
N ASP B 41 0.63 -60.20 -11.45
CA ASP B 41 -0.38 -61.25 -11.32
C ASP B 41 -1.54 -61.06 -12.31
N ILE B 42 -1.34 -61.56 -13.52
CA ILE B 42 -2.35 -61.53 -14.58
C ILE B 42 -3.64 -62.22 -14.17
N ALA B 43 -3.50 -63.28 -13.39
CA ALA B 43 -4.62 -64.17 -13.05
C ALA B 43 -5.80 -63.48 -12.38
N ASP B 44 -7.00 -63.99 -12.65
CA ASP B 44 -8.20 -63.51 -11.96
C ASP B 44 -8.45 -64.31 -10.70
N THR B 45 -9.29 -63.78 -9.81
CA THR B 45 -9.55 -64.41 -8.53
C THR B 45 -10.30 -65.72 -8.68
N THR B 46 -9.69 -66.80 -8.21
CA THR B 46 -10.27 -68.13 -8.35
C THR B 46 -9.86 -69.04 -7.19
N SER B 47 -10.74 -69.96 -6.84
CA SER B 47 -10.38 -70.99 -5.89
C SER B 47 -11.09 -72.29 -6.28
N GLN B 48 -10.45 -73.41 -6.02
CA GLN B 48 -11.03 -74.70 -6.37
C GLN B 48 -11.17 -75.59 -5.15
N VAL B 49 -12.22 -76.41 -5.13
CA VAL B 49 -12.42 -77.36 -4.04
C VAL B 49 -12.04 -78.79 -4.47
N VAL B 50 -11.18 -79.40 -3.67
CA VAL B 50 -10.61 -80.69 -4.00
C VAL B 50 -11.08 -81.78 -3.04
N THR B 51 -11.72 -82.80 -3.59
CA THR B 51 -12.08 -83.98 -2.78
C THR B 51 -11.30 -85.19 -3.28
N GLN B 52 -10.30 -85.61 -2.51
CA GLN B 52 -9.38 -86.66 -2.91
C GLN B 52 -9.75 -88.00 -2.28
N VAL B 53 -10.35 -88.87 -3.08
CA VAL B 53 -10.78 -90.18 -2.60
C VAL B 53 -10.02 -91.29 -3.33
N ASN B 54 -8.88 -91.69 -2.77
CA ASN B 54 -8.01 -92.70 -3.39
C ASN B 54 -8.65 -94.07 -3.48
N GLY B 55 -8.67 -94.63 -4.68
CA GLY B 55 -9.19 -95.98 -4.89
C GLY B 55 -10.40 -96.02 -5.80
N LEU B 56 -11.26 -95.00 -5.68
CA LEU B 56 -12.54 -94.95 -6.40
C LEU B 56 -12.42 -94.60 -7.88
N ALA B 57 -13.30 -95.18 -8.69
CA ALA B 57 -13.37 -94.87 -10.12
C ALA B 57 -14.03 -93.51 -10.40
N ALA B 58 -14.03 -93.11 -11.68
CA ALA B 58 -14.47 -91.78 -12.08
C ALA B 58 -15.99 -91.59 -12.15
N GLU B 59 -16.71 -92.65 -12.49
CA GLU B 59 -18.17 -92.57 -12.54
C GLU B 59 -18.71 -92.44 -11.12
N GLU B 60 -18.09 -93.14 -10.19
CA GLU B 60 -18.49 -93.11 -8.79
C GLU B 60 -18.14 -91.77 -8.18
N VAL B 61 -16.98 -91.23 -8.55
CA VAL B 61 -16.55 -89.92 -8.11
C VAL B 61 -17.52 -88.85 -8.61
N GLU B 62 -17.87 -88.91 -9.88
CA GLU B 62 -18.70 -87.87 -10.49
C GLU B 62 -20.13 -87.95 -10.04
N GLN B 63 -20.62 -89.16 -9.78
CA GLN B 63 -22.01 -89.34 -9.40
C GLN B 63 -22.23 -89.10 -7.91
N GLN B 64 -21.25 -89.50 -7.09
CA GLN B 64 -21.43 -89.48 -5.64
C GLN B 64 -20.71 -88.36 -4.89
N ILE B 65 -19.78 -87.68 -5.54
CA ILE B 65 -19.00 -86.65 -4.86
C ILE B 65 -19.03 -85.29 -5.56
N THR B 66 -18.80 -85.28 -6.87
CA THR B 66 -18.78 -84.03 -7.63
C THR B 66 -20.13 -83.31 -7.59
N ILE B 67 -21.16 -83.98 -8.10
CA ILE B 67 -22.50 -83.41 -8.16
C ILE B 67 -23.08 -82.96 -6.81
N PRO B 68 -22.92 -83.77 -5.74
CA PRO B 68 -23.41 -83.28 -4.44
C PRO B 68 -22.72 -81.99 -3.96
N LEU B 69 -21.45 -81.81 -4.34
CA LEU B 69 -20.73 -80.59 -3.99
C LEU B 69 -21.20 -79.42 -4.83
N GLU B 70 -21.03 -79.53 -6.15
CA GLU B 70 -21.42 -78.46 -7.07
C GLU B 70 -22.89 -78.07 -6.92
N ARG B 71 -23.68 -78.98 -6.35
CA ARG B 71 -25.06 -78.69 -5.98
C ARG B 71 -25.13 -77.41 -5.17
N GLU B 72 -24.54 -77.44 -3.99
CA GLU B 72 -24.56 -76.30 -3.09
C GLU B 72 -23.62 -75.20 -3.57
N ILE B 73 -22.48 -75.59 -4.14
CA ILE B 73 -21.46 -74.61 -4.53
C ILE B 73 -21.97 -73.70 -5.64
N MET B 74 -22.99 -74.16 -6.37
CA MET B 74 -23.59 -73.34 -7.42
C MET B 74 -24.09 -71.96 -6.96
N GLY B 75 -24.74 -71.92 -5.80
CA GLY B 75 -25.36 -70.69 -5.36
C GLY B 75 -24.48 -69.71 -4.59
N VAL B 76 -23.31 -69.38 -5.15
CA VAL B 76 -22.46 -68.39 -4.49
C VAL B 76 -22.43 -67.04 -5.20
N PRO B 77 -22.45 -65.96 -4.42
CA PRO B 77 -22.30 -64.60 -4.94
C PRO B 77 -20.89 -64.39 -5.49
N GLY B 78 -20.74 -63.49 -6.46
CA GLY B 78 -19.44 -63.19 -7.02
C GLY B 78 -18.94 -64.21 -8.02
N MET B 79 -19.51 -65.41 -7.94
CA MET B 79 -19.13 -66.52 -8.82
C MET B 79 -19.27 -66.15 -10.29
N HIS B 80 -18.16 -66.15 -11.01
CA HIS B 80 -18.17 -65.89 -12.44
C HIS B 80 -18.43 -67.21 -13.16
N VAL B 81 -17.39 -68.02 -13.29
CA VAL B 81 -17.54 -69.27 -14.04
C VAL B 81 -17.28 -70.47 -13.16
N MET B 82 -18.06 -71.52 -13.36
CA MET B 82 -17.88 -72.75 -12.60
C MET B 82 -17.55 -73.92 -13.49
N ARG B 83 -16.51 -74.66 -13.13
CA ARG B 83 -16.08 -75.82 -13.90
C ARG B 83 -15.78 -76.97 -12.94
N SER B 84 -15.71 -78.19 -13.45
CA SER B 84 -15.38 -79.33 -12.59
C SER B 84 -14.78 -80.50 -13.37
N LYS B 85 -13.78 -81.14 -12.77
CA LYS B 85 -13.21 -82.35 -13.33
C LYS B 85 -13.30 -83.52 -12.36
N SER B 86 -13.97 -84.57 -12.82
CA SER B 86 -14.22 -85.75 -12.03
C SER B 86 -13.46 -86.93 -12.63
N THR B 87 -12.62 -87.57 -11.82
CA THR B 87 -11.83 -88.69 -12.30
C THR B 87 -11.46 -89.67 -11.18
N PHE B 88 -10.91 -90.80 -11.59
CA PHE B 88 -10.40 -91.80 -10.65
C PHE B 88 -9.51 -91.14 -9.62
N GLY B 89 -9.95 -91.21 -8.36
CA GLY B 89 -9.16 -90.65 -7.28
C GLY B 89 -9.70 -89.35 -6.70
N LEU B 90 -10.41 -88.56 -7.52
CA LEU B 90 -10.84 -87.24 -7.03
C LEU B 90 -11.92 -86.52 -7.82
N SER B 91 -12.52 -85.56 -7.13
CA SER B 91 -13.41 -84.58 -7.74
C SER B 91 -12.92 -83.18 -7.42
N LEU B 92 -12.46 -82.45 -8.41
CA LEU B 92 -12.05 -81.08 -8.15
C LEU B 92 -12.82 -80.06 -8.97
N ILE B 93 -13.41 -79.12 -8.25
CA ILE B 93 -14.27 -78.10 -8.85
C ILE B 93 -13.54 -76.77 -8.89
N THR B 94 -13.31 -76.23 -10.08
CA THR B 94 -12.68 -74.91 -10.18
C THR B 94 -13.74 -73.81 -10.23
N VAL B 95 -13.64 -72.85 -9.32
CA VAL B 95 -14.57 -71.72 -9.33
C VAL B 95 -13.85 -70.39 -9.50
N VAL B 96 -14.22 -69.65 -10.54
CA VAL B 96 -13.65 -68.33 -10.77
C VAL B 96 -14.70 -67.25 -10.52
N PHE B 97 -14.23 -66.11 -10.02
CA PHE B 97 -15.09 -65.01 -9.61
C PHE B 97 -14.96 -63.82 -10.57
N LYS B 98 -15.84 -62.84 -10.41
CA LYS B 98 -15.82 -61.65 -11.27
C LYS B 98 -14.76 -60.69 -10.75
N ASP B 99 -14.42 -59.69 -11.56
CA ASP B 99 -13.50 -58.65 -11.11
C ASP B 99 -14.12 -57.86 -9.95
N GLY B 100 -13.29 -57.53 -8.97
CA GLY B 100 -13.78 -56.82 -7.80
C GLY B 100 -14.27 -57.81 -6.76
N ALA B 101 -13.68 -59.01 -6.77
CA ALA B 101 -13.98 -60.03 -5.78
C ALA B 101 -12.71 -60.35 -4.98
N GLU B 102 -12.68 -59.95 -3.72
CA GLU B 102 -11.49 -60.13 -2.89
C GLU B 102 -11.30 -61.59 -2.50
N ASP B 103 -10.05 -62.04 -2.47
CA ASP B 103 -9.73 -63.45 -2.29
C ASP B 103 -10.29 -64.08 -1.03
N TYR B 104 -9.95 -63.55 0.14
CA TYR B 104 -10.39 -64.14 1.40
C TYR B 104 -11.91 -64.11 1.56
N TRP B 105 -12.55 -63.10 0.99
CA TRP B 105 -14.00 -63.02 0.97
C TRP B 105 -14.55 -64.24 0.23
N SER B 106 -14.11 -64.38 -1.02
CA SER B 106 -14.52 -65.46 -1.90
C SER B 106 -14.27 -66.83 -1.32
N ARG B 107 -13.02 -67.08 -0.91
CA ARG B 107 -12.64 -68.36 -0.34
C ARG B 107 -13.43 -68.63 0.93
N GLN B 108 -13.79 -67.58 1.65
CA GLN B 108 -14.66 -67.75 2.80
C GLN B 108 -16.06 -68.21 2.35
N ARG B 109 -16.57 -67.65 1.25
CA ARG B 109 -17.89 -68.03 0.77
C ARG B 109 -17.94 -69.48 0.28
N LEU B 110 -16.95 -69.83 -0.53
CA LEU B 110 -16.80 -71.19 -1.01
C LEU B 110 -16.70 -72.13 0.18
N GLN B 111 -15.96 -71.70 1.19
CA GLN B 111 -15.86 -72.43 2.44
C GLN B 111 -17.23 -72.63 3.08
N GLU B 112 -18.04 -71.58 3.07
CA GLU B 112 -19.39 -71.63 3.61
C GLU B 112 -20.18 -72.71 2.90
N ARG B 113 -20.02 -72.79 1.59
CA ARG B 113 -20.82 -73.73 0.79
C ARG B 113 -20.37 -75.19 0.82
N ILE B 114 -19.07 -75.45 0.84
CA ILE B 114 -18.57 -76.82 0.75
C ILE B 114 -18.80 -77.70 1.98
N ASN B 115 -18.96 -77.08 3.15
CA ASN B 115 -19.12 -77.85 4.38
C ASN B 115 -20.57 -78.02 4.84
N GLY B 116 -20.85 -79.15 5.47
CA GLY B 116 -22.20 -79.49 5.88
C GLY B 116 -22.74 -80.65 5.08
N VAL B 117 -21.84 -81.38 4.43
CA VAL B 117 -22.23 -82.49 3.56
C VAL B 117 -21.86 -83.84 4.18
N PRO B 125 -13.34 -83.09 2.08
CA PRO B 125 -13.11 -81.97 1.15
C PRO B 125 -12.15 -80.92 1.72
N SER B 126 -11.01 -80.76 1.06
CA SER B 126 -10.09 -79.67 1.40
C SER B 126 -10.45 -78.43 0.60
N LEU B 127 -9.45 -77.66 0.22
CA LEU B 127 -9.65 -76.44 -0.55
C LEU B 127 -8.33 -75.97 -1.15
N ASP B 128 -8.41 -75.34 -2.32
CA ASP B 128 -7.24 -74.80 -2.99
C ASP B 128 -6.35 -73.98 -2.05
N PRO B 129 -5.05 -74.25 -2.05
CA PRO B 129 -4.09 -73.32 -1.45
C PRO B 129 -4.24 -71.94 -2.09
N LEU B 130 -4.19 -70.89 -1.29
CA LEU B 130 -4.40 -69.55 -1.83
C LEU B 130 -3.21 -69.07 -2.64
N THR B 131 -3.17 -69.47 -3.90
CA THR B 131 -2.07 -69.10 -4.79
C THR B 131 -2.56 -68.89 -6.21
N SER B 132 -1.97 -67.90 -6.89
CA SER B 132 -2.22 -67.67 -8.30
C SER B 132 -1.40 -68.67 -9.14
N PRO B 133 -1.86 -68.94 -10.37
CA PRO B 133 -1.14 -69.81 -11.30
C PRO B 133 0.27 -69.32 -11.63
N ILE B 134 0.63 -68.12 -11.18
CA ILE B 134 1.99 -67.61 -11.33
C ILE B 134 2.74 -67.69 -10.01
N GLY B 135 2.15 -68.38 -9.05
CA GLY B 135 2.69 -68.46 -7.71
C GLY B 135 3.70 -69.58 -7.51
N GLU B 136 3.80 -70.47 -8.48
CA GLU B 136 4.76 -71.57 -8.42
C GLU B 136 6.18 -71.05 -8.65
N ILE B 137 6.75 -70.40 -7.64
CA ILE B 137 7.95 -69.57 -7.83
C ILE B 137 9.29 -70.31 -7.77
N TYR B 138 9.37 -71.40 -7.04
CA TYR B 138 10.64 -72.08 -6.82
C TYR B 138 10.51 -73.59 -6.92
N ARG B 139 10.98 -74.14 -8.04
CA ARG B 139 10.97 -75.58 -8.24
C ARG B 139 12.34 -76.16 -7.96
N TYR B 140 12.40 -77.13 -7.05
CA TYR B 140 13.67 -77.73 -6.69
C TYR B 140 13.52 -79.24 -6.77
N THR B 141 14.65 -79.93 -6.69
CA THR B 141 14.65 -81.38 -6.54
C THR B 141 15.62 -81.74 -5.42
N LEU B 142 15.52 -82.97 -4.93
CA LEU B 142 16.45 -83.49 -3.95
C LEU B 142 17.48 -84.36 -4.64
N VAL B 143 18.66 -83.80 -4.90
CA VAL B 143 19.73 -84.54 -5.55
C VAL B 143 20.65 -85.23 -4.54
N SER B 144 21.03 -86.45 -4.86
CA SER B 144 21.98 -87.21 -4.05
C SER B 144 22.54 -88.38 -4.86
N LYS B 145 23.77 -88.76 -4.57
CA LYS B 145 24.40 -89.87 -5.28
C LYS B 145 24.31 -91.15 -4.45
N THR B 146 24.31 -90.99 -3.13
CA THR B 146 24.32 -92.14 -2.22
C THR B 146 22.92 -92.54 -1.76
N ARG B 147 22.10 -91.55 -1.40
CA ARG B 147 20.78 -91.83 -0.85
C ARG B 147 19.79 -92.35 -1.89
N ASP B 148 18.94 -93.27 -1.46
CA ASP B 148 17.90 -93.83 -2.31
C ASP B 148 16.68 -92.94 -2.29
N LEU B 149 15.68 -93.30 -3.09
CA LEU B 149 14.50 -92.45 -3.25
C LEU B 149 13.63 -92.38 -2.01
N ARG B 150 13.66 -93.43 -1.19
CA ARG B 150 12.88 -93.45 0.05
C ARG B 150 13.46 -92.44 1.04
N GLU B 151 14.76 -92.50 1.23
CA GLU B 151 15.46 -91.56 2.11
C GLU B 151 15.19 -90.13 1.67
N LEU B 152 15.27 -89.91 0.36
CA LEU B 152 14.98 -88.60 -0.22
C LEU B 152 13.54 -88.18 0.03
N SER B 153 12.62 -89.14 0.02
CA SER B 153 11.22 -88.84 0.24
C SER B 153 10.96 -88.42 1.68
N GLU B 154 11.51 -89.17 2.63
CA GLU B 154 11.34 -88.84 4.05
C GLU B 154 12.01 -87.51 4.35
N LEU B 155 13.15 -87.25 3.69
CA LEU B 155 13.85 -85.98 3.86
C LEU B 155 12.99 -84.83 3.34
N GLN B 156 12.32 -85.07 2.23
CA GLN B 156 11.40 -84.10 1.66
C GLN B 156 10.26 -83.82 2.64
N PHE B 157 9.72 -84.89 3.19
CA PHE B 157 8.50 -84.82 3.98
C PHE B 157 8.69 -84.19 5.35
N TRP B 158 9.77 -84.56 6.03
CA TRP B 158 9.89 -84.22 7.46
C TRP B 158 10.94 -83.15 7.79
N LYS B 159 11.57 -82.59 6.77
CA LYS B 159 12.56 -81.54 6.95
C LYS B 159 12.44 -80.43 5.90
N VAL B 160 12.56 -80.80 4.63
CA VAL B 160 12.57 -79.84 3.53
C VAL B 160 11.29 -79.02 3.47
N ILE B 161 10.17 -79.72 3.27
CA ILE B 161 8.88 -79.04 3.18
C ILE B 161 8.51 -78.22 4.43
N PRO B 162 8.59 -78.82 5.63
CA PRO B 162 8.26 -78.01 6.81
C PRO B 162 9.07 -76.72 6.90
N ARG B 163 10.38 -76.84 6.69
CA ARG B 163 11.28 -75.70 6.70
C ARG B 163 10.85 -74.66 5.67
N LEU B 164 10.58 -75.12 4.45
CA LEU B 164 10.12 -74.25 3.37
C LEU B 164 8.83 -73.54 3.76
N LYS B 165 8.00 -74.22 4.53
CA LYS B 165 6.72 -73.69 4.93
C LYS B 165 6.84 -72.72 6.11
N GLN B 166 8.00 -72.72 6.77
CA GLN B 166 8.26 -71.72 7.79
C GLN B 166 8.42 -70.32 7.19
N VAL B 167 8.80 -70.25 5.92
CA VAL B 167 9.00 -68.98 5.24
C VAL B 167 7.70 -68.17 5.15
N ALA B 168 7.75 -66.90 5.51
CA ALA B 168 6.57 -66.04 5.43
C ALA B 168 6.31 -65.64 3.99
N GLY B 169 5.14 -66.04 3.48
CA GLY B 169 4.78 -65.70 2.12
C GLY B 169 4.50 -66.91 1.25
N VAL B 170 4.98 -68.08 1.67
CA VAL B 170 4.70 -69.28 0.92
C VAL B 170 3.51 -69.99 1.52
N VAL B 171 2.44 -70.09 0.74
CA VAL B 171 1.19 -70.67 1.24
C VAL B 171 1.30 -72.18 1.40
N ASP B 172 1.99 -72.84 0.47
CA ASP B 172 2.23 -74.27 0.60
C ASP B 172 3.33 -74.77 -0.32
N VAL B 173 3.76 -76.00 -0.09
CA VAL B 173 4.78 -76.63 -0.91
C VAL B 173 4.21 -77.88 -1.54
N ALA B 174 4.16 -77.89 -2.87
CA ALA B 174 3.66 -79.04 -3.61
C ALA B 174 4.74 -80.10 -3.67
N ASN B 175 4.34 -81.36 -3.64
CA ASN B 175 5.30 -82.45 -3.79
C ASN B 175 4.94 -83.29 -5.00
N PHE B 176 5.95 -83.75 -5.73
CA PHE B 176 5.72 -84.65 -6.86
C PHE B 176 6.84 -85.66 -6.95
N GLY B 177 6.49 -86.95 -6.98
CA GLY B 177 7.47 -88.01 -7.07
C GLY B 177 7.69 -88.70 -5.74
N GLY B 178 8.92 -89.09 -5.48
CA GLY B 178 9.27 -89.73 -4.22
C GLY B 178 8.50 -91.00 -3.91
N LEU B 179 8.69 -91.51 -2.69
CA LEU B 179 7.99 -92.70 -2.23
C LEU B 179 7.44 -92.50 -0.81
N THR B 180 6.13 -92.60 -0.66
CA THR B 180 5.53 -92.56 0.68
C THR B 180 5.64 -93.94 1.34
N THR B 181 6.04 -93.96 2.61
CA THR B 181 6.23 -95.22 3.31
C THR B 181 4.96 -95.66 4.04
N GLN B 182 4.56 -96.91 3.83
CA GLN B 182 3.41 -97.46 4.52
C GLN B 182 3.74 -98.76 5.23
N PHE B 183 2.95 -99.07 6.25
CA PHE B 183 3.02 -100.36 6.90
C PHE B 183 2.11 -101.29 6.12
N MET B 184 2.59 -102.49 5.86
CA MET B 184 1.88 -103.43 5.00
C MET B 184 1.45 -104.70 5.71
N LEU B 185 0.21 -105.10 5.47
CA LEU B 185 -0.32 -106.37 5.94
C LEU B 185 -0.75 -107.15 4.73
N GLU B 186 0.11 -108.05 4.27
CA GLU B 186 -0.12 -108.78 3.02
C GLU B 186 -0.85 -110.11 3.27
N PHE B 187 -2.16 -110.03 3.47
CA PHE B 187 -2.98 -111.21 3.74
C PHE B 187 -3.01 -112.17 2.55
N ASP B 188 -3.19 -113.45 2.86
CA ASP B 188 -3.48 -114.45 1.84
C ASP B 188 -4.83 -115.04 2.21
N PRO B 189 -5.86 -114.73 1.41
CA PRO B 189 -7.27 -115.00 1.71
C PRO B 189 -7.55 -116.44 2.11
N VAL B 190 -6.71 -117.36 1.62
CA VAL B 190 -6.82 -118.77 1.96
C VAL B 190 -6.85 -118.98 3.47
N MET B 191 -5.96 -118.30 4.19
CA MET B 191 -5.92 -118.39 5.64
C MET B 191 -6.89 -117.40 6.27
N LEU B 192 -8.07 -117.27 5.67
CA LEU B 192 -9.10 -116.37 6.20
C LEU B 192 -10.48 -117.00 6.07
N TYR B 195 -12.76 -119.00 8.11
CA TYR B 195 -12.50 -118.87 9.53
C TYR B 195 -13.44 -117.85 10.13
N ASN B 196 -14.36 -117.36 9.28
CA ASN B 196 -15.32 -116.33 9.66
C ASN B 196 -14.68 -115.05 10.24
N ILE B 197 -13.37 -114.95 10.18
CA ILE B 197 -12.70 -113.70 10.51
C ILE B 197 -12.82 -112.81 9.26
N SER B 198 -13.73 -111.86 9.33
CA SER B 198 -14.06 -111.04 8.18
C SER B 198 -12.92 -110.12 7.74
N LEU B 199 -12.98 -109.72 6.48
CA LEU B 199 -12.01 -108.77 5.92
C LEU B 199 -12.28 -107.39 6.51
N ASN B 200 -13.44 -107.23 7.13
CA ASN B 200 -13.75 -106.00 7.85
C ASN B 200 -13.56 -106.17 9.35
N GLN B 201 -13.62 -107.43 9.82
CA GLN B 201 -13.37 -107.72 11.22
C GLN B 201 -11.93 -107.37 11.59
N ILE B 202 -10.97 -107.80 10.76
CA ILE B 202 -9.57 -107.53 11.01
C ILE B 202 -9.25 -106.03 11.03
N THR B 203 -9.75 -105.31 10.03
CA THR B 203 -9.51 -103.88 9.91
C THR B 203 -10.22 -103.08 11.00
N GLN B 204 -11.28 -103.65 11.57
CA GLN B 204 -11.98 -103.02 12.68
C GLN B 204 -11.31 -103.41 14.00
N ALA B 205 -10.51 -104.46 13.95
CA ALA B 205 -9.81 -104.94 15.14
C ALA B 205 -8.59 -104.07 15.42
N ILE B 206 -7.68 -103.97 14.45
CA ILE B 206 -6.41 -103.32 14.70
C ILE B 206 -6.49 -101.81 14.58
N SER B 207 -7.67 -101.30 14.25
CA SER B 207 -7.92 -99.86 14.27
C SER B 207 -8.30 -99.41 15.66
N GLU B 208 -8.47 -100.38 16.57
CA GLU B 208 -8.99 -100.09 17.90
C GLU B 208 -7.99 -100.28 19.04
N ASN B 209 -6.93 -101.05 18.81
CA ASN B 209 -5.88 -101.20 19.81
C ASN B 209 -4.63 -100.38 19.50
N ASN B 210 -4.87 -99.11 19.18
CA ASN B 210 -3.81 -98.13 18.97
C ASN B 210 -4.23 -96.80 19.59
N ALA B 211 -4.33 -96.79 20.91
CA ALA B 211 -4.77 -95.59 21.62
C ALA B 211 -4.30 -95.60 23.07
N ASN B 212 -3.46 -94.63 23.42
CA ASN B 212 -2.99 -94.52 24.80
C ASN B 212 -4.09 -94.07 25.76
N ALA B 213 -3.80 -94.15 27.05
CA ALA B 213 -4.79 -93.79 28.05
C ALA B 213 -4.15 -92.99 29.17
N GLY B 214 -4.98 -92.35 29.98
CA GLY B 214 -4.50 -91.52 31.07
C GLY B 214 -5.45 -91.61 32.24
N GLY B 215 -5.05 -92.32 33.29
CA GLY B 215 -5.92 -92.57 34.42
C GLY B 215 -6.00 -91.46 35.45
N SER B 216 -5.78 -90.22 35.00
CA SER B 216 -5.78 -89.05 35.88
C SER B 216 -4.74 -89.17 36.99
N ILE B 217 -5.00 -88.53 38.12
CA ILE B 217 -4.01 -88.45 39.19
C ILE B 217 -4.23 -89.43 40.35
N LEU B 218 -3.23 -90.26 40.60
CA LEU B 218 -3.21 -91.09 41.80
C LEU B 218 -2.43 -90.38 42.90
N ASN B 219 -3.08 -90.22 44.04
CA ASN B 219 -2.45 -89.55 45.17
C ASN B 219 -1.82 -90.55 46.12
N ARG B 220 -0.49 -90.59 46.13
CA ARG B 220 0.24 -91.46 47.03
C ARG B 220 0.99 -90.61 48.04
N GLY B 221 0.25 -90.01 48.96
CA GLY B 221 0.83 -89.14 49.97
C GLY B 221 0.61 -87.69 49.63
N GLU B 222 1.70 -86.92 49.61
CA GLU B 222 1.63 -85.53 49.23
C GLU B 222 1.95 -85.35 47.75
N GLN B 223 2.15 -86.47 47.05
CA GLN B 223 2.40 -86.43 45.62
C GLN B 223 1.21 -86.95 44.83
N GLY B 224 1.17 -86.58 43.55
CA GLY B 224 0.07 -86.96 42.69
C GLY B 224 0.56 -87.31 41.30
N LEU B 225 0.73 -88.60 41.06
CA LEU B 225 1.32 -89.10 39.83
C LEU B 225 0.24 -89.32 38.77
N VAL B 226 0.49 -88.87 37.55
CA VAL B 226 -0.48 -89.10 36.49
C VAL B 226 -0.31 -90.52 36.00
N VAL B 227 -1.39 -91.13 35.51
CA VAL B 227 -1.31 -92.49 35.01
C VAL B 227 -1.11 -92.53 33.51
N ARG B 228 -0.08 -93.24 33.08
CA ARG B 228 0.27 -93.35 31.66
C ARG B 228 -0.04 -94.74 31.11
N GLY B 229 -1.15 -94.87 30.40
CA GLY B 229 -1.43 -96.07 29.64
C GLY B 229 -0.78 -95.98 28.27
N VAL B 230 -0.17 -97.06 27.80
CA VAL B 230 0.52 -97.04 26.52
C VAL B 230 0.02 -98.17 25.63
N GLY B 231 -0.72 -97.82 24.58
CA GLY B 231 -1.28 -98.81 23.69
C GLY B 231 -0.86 -98.67 22.24
N LEU B 232 -0.23 -97.54 21.91
CA LEU B 232 0.22 -97.25 20.56
C LEU B 232 1.13 -98.34 20.00
N ILE B 233 0.88 -98.74 18.75
CA ILE B 233 1.77 -99.63 18.05
C ILE B 233 2.99 -98.84 17.58
N ARG B 234 4.17 -99.31 17.94
CA ARG B 234 5.39 -98.58 17.62
C ARG B 234 6.06 -99.07 16.34
N ASN B 235 5.76 -100.31 15.94
CA ASN B 235 6.46 -100.92 14.82
C ASN B 235 5.82 -102.22 14.38
N LEU B 236 6.46 -102.86 13.39
CA LEU B 236 6.00 -104.11 12.83
C LEU B 236 5.76 -105.16 13.90
N ASP B 237 6.56 -105.10 14.94
CA ASP B 237 6.48 -106.07 16.03
C ASP B 237 5.14 -105.96 16.74
N ASP B 238 4.77 -104.74 17.14
CA ASP B 238 3.48 -104.54 17.80
C ASP B 238 2.35 -104.78 16.80
N LEU B 239 2.71 -104.74 15.52
CA LEU B 239 1.75 -105.01 14.44
C LEU B 239 1.55 -106.50 14.28
N GLY B 240 2.64 -107.22 14.01
CA GLY B 240 2.58 -108.65 13.75
C GLY B 240 2.19 -109.52 14.93
N ASN B 241 1.59 -108.92 15.96
CA ASN B 241 1.14 -109.65 17.14
C ASN B 241 -0.11 -109.06 17.76
N ILE B 242 -1.14 -108.85 16.93
CA ILE B 242 -2.40 -108.28 17.40
C ILE B 242 -3.53 -109.31 17.42
N VAL B 243 -4.33 -109.28 18.48
CA VAL B 243 -5.41 -110.24 18.70
C VAL B 243 -6.58 -110.04 17.75
N VAL B 244 -6.85 -111.05 16.93
CA VAL B 244 -7.95 -111.03 15.96
C VAL B 244 -9.30 -110.73 16.61
N ASP B 256 0.93 -114.59 13.33
CA ASP B 256 1.68 -115.23 12.26
C ASP B 256 1.14 -114.82 10.89
N LEU B 257 0.31 -115.69 10.31
CA LEU B 257 -0.38 -115.44 9.05
C LEU B 257 0.57 -115.08 7.91
N GLY B 258 0.15 -114.15 7.06
CA GLY B 258 0.96 -113.68 5.95
C GLY B 258 1.94 -112.60 6.37
N ARG B 259 2.63 -112.02 5.39
CA ARG B 259 3.66 -111.04 5.67
C ARG B 259 3.12 -109.78 6.35
N VAL B 260 3.92 -109.23 7.25
CA VAL B 260 3.68 -107.90 7.79
C VAL B 260 4.96 -107.07 7.62
N VAL B 261 4.98 -106.22 6.60
CA VAL B 261 6.22 -105.60 6.14
C VAL B 261 6.10 -104.09 5.96
N LEU B 262 7.04 -103.51 5.20
CA LEU B 262 6.96 -102.11 4.79
C LEU B 262 6.53 -102.00 3.34
N GLY B 263 6.26 -100.78 2.86
CA GLY B 263 5.85 -100.61 1.49
C GLY B 263 5.39 -99.20 1.11
N ASN B 264 5.06 -99.05 -0.16
CA ASN B 264 4.57 -97.78 -0.70
C ASN B 264 3.22 -97.96 -1.41
N PRO B 265 2.29 -97.02 -1.18
CA PRO B 265 0.95 -97.09 -1.78
C PRO B 265 0.97 -96.84 -3.28
N GLN B 266 -0.19 -97.02 -3.92
CA GLN B 266 -0.33 -96.76 -5.35
C GLN B 266 0.09 -95.32 -5.62
N ARG B 267 1.14 -95.18 -6.43
CA ARG B 267 1.79 -93.89 -6.67
C ARG B 267 0.92 -92.90 -7.43
N HIS B 268 1.09 -91.62 -7.10
CA HIS B 268 0.32 -90.54 -7.75
C HIS B 268 0.96 -90.08 -9.04
N GLY B 269 2.22 -90.42 -9.22
CA GLY B 269 2.96 -90.02 -10.41
C GLY B 269 4.43 -90.32 -10.32
N ILE B 270 5.19 -89.86 -11.31
CA ILE B 270 6.63 -90.05 -11.34
C ILE B 270 7.31 -88.79 -11.86
N LEU B 271 8.44 -88.42 -11.27
CA LEU B 271 9.22 -87.31 -11.77
C LEU B 271 10.48 -87.80 -12.46
N GLY B 272 10.86 -87.13 -13.54
CA GLY B 272 12.06 -87.47 -14.26
C GLY B 272 12.95 -86.27 -14.53
N MET B 273 14.25 -86.43 -14.33
CA MET B 273 15.22 -85.40 -14.63
C MET B 273 15.97 -85.78 -15.90
N ASP B 274 17.05 -85.07 -16.19
CA ASP B 274 17.90 -85.39 -17.32
C ASP B 274 18.56 -86.77 -17.13
N ARG B 275 18.00 -87.77 -17.80
CA ARG B 275 18.48 -89.16 -17.75
C ARG B 275 18.17 -89.90 -16.46
N ASN B 276 18.02 -89.17 -15.35
CA ASN B 276 17.56 -89.77 -14.10
C ASN B 276 16.02 -89.81 -14.04
N PRO B 277 15.45 -91.04 -14.08
CA PRO B 277 14.02 -91.23 -14.38
C PRO B 277 13.14 -91.32 -13.16
N ASP B 278 13.69 -91.17 -11.96
CA ASP B 278 12.88 -91.42 -10.77
C ASP B 278 13.38 -90.67 -9.54
N THR B 279 13.18 -89.36 -9.54
CA THR B 279 13.57 -88.53 -8.41
C THR B 279 12.36 -87.90 -7.73
N ILE B 280 12.57 -86.76 -7.07
CA ILE B 280 11.52 -86.11 -6.28
C ILE B 280 11.62 -84.59 -6.38
N GLN B 281 10.49 -83.91 -6.52
CA GLN B 281 10.50 -82.44 -6.65
C GLN B 281 9.51 -81.75 -5.72
N GLY B 282 9.81 -80.48 -5.43
CA GLY B 282 8.93 -79.64 -4.65
C GLY B 282 8.66 -78.34 -5.37
N ILE B 283 7.44 -77.83 -5.23
CA ILE B 283 7.03 -76.59 -5.89
C ILE B 283 6.56 -75.56 -4.87
N THR B 284 7.35 -74.50 -4.71
CA THR B 284 6.98 -73.46 -3.75
C THR B 284 5.82 -72.62 -4.27
N LEU B 285 4.71 -72.62 -3.54
CA LEU B 285 3.51 -71.87 -3.93
C LEU B 285 3.41 -70.52 -3.21
N LEU B 286 3.63 -69.44 -3.96
CA LEU B 286 3.54 -68.10 -3.44
C LEU B 286 2.11 -67.77 -3.01
N LEU B 287 1.97 -67.31 -1.77
CA LEU B 287 0.67 -66.84 -1.25
C LEU B 287 0.18 -65.68 -2.09
N LYS B 288 -1.11 -65.69 -2.40
CA LYS B 288 -1.75 -64.66 -3.24
C LYS B 288 -1.40 -63.22 -2.83
N ASN B 289 -1.25 -62.36 -3.82
CA ASN B 289 -1.02 -60.92 -3.62
C ASN B 289 0.34 -60.51 -3.06
N GLU B 290 1.02 -61.43 -2.37
CA GLU B 290 2.36 -61.14 -1.83
C GLU B 290 3.39 -60.93 -2.95
N ASN B 291 4.43 -60.17 -2.64
CA ASN B 291 5.44 -59.85 -3.64
C ASN B 291 6.52 -60.91 -3.76
N PRO B 292 6.61 -61.56 -4.94
CA PRO B 292 7.52 -62.66 -5.24
C PRO B 292 8.95 -62.50 -4.74
N SER B 293 9.58 -61.35 -4.98
CA SER B 293 10.98 -61.15 -4.56
C SER B 293 11.14 -61.17 -3.05
N VAL B 294 10.20 -60.53 -2.35
CA VAL B 294 10.22 -60.47 -0.89
C VAL B 294 10.21 -61.86 -0.27
N VAL B 295 9.24 -62.67 -0.67
CA VAL B 295 9.15 -64.03 -0.18
C VAL B 295 10.37 -64.84 -0.63
N MET B 296 10.81 -64.58 -1.85
CA MET B 296 11.92 -65.32 -2.46
C MET B 296 13.25 -65.14 -1.71
N GLU B 297 13.46 -63.95 -1.14
CA GLU B 297 14.60 -63.75 -0.26
C GLU B 297 14.58 -64.76 0.87
N GLY B 298 13.45 -64.81 1.56
CA GLY B 298 13.26 -65.74 2.67
C GLY B 298 13.41 -67.17 2.23
N VAL B 299 12.93 -67.49 1.03
CA VAL B 299 13.01 -68.85 0.52
C VAL B 299 14.47 -69.23 0.24
N HIS B 300 15.25 -68.26 -0.24
CA HIS B 300 16.67 -68.48 -0.42
C HIS B 300 17.36 -68.75 0.91
N ALA B 301 17.06 -67.93 1.92
CA ALA B 301 17.55 -68.18 3.26
C ALA B 301 17.23 -69.59 3.77
N ALA B 302 15.97 -70.00 3.63
CA ALA B 302 15.56 -71.33 4.04
C ALA B 302 16.31 -72.43 3.30
N VAL B 303 16.48 -72.25 1.99
CA VAL B 303 17.14 -73.24 1.16
C VAL B 303 18.59 -73.41 1.58
N ARG B 304 19.27 -72.29 1.79
CA ARG B 304 20.66 -72.33 2.24
C ARG B 304 20.80 -72.93 3.63
N ASP B 305 19.84 -72.64 4.51
CA ASP B 305 19.81 -73.26 5.83
C ASP B 305 19.65 -74.78 5.73
N LEU B 306 18.76 -75.22 4.85
CA LEU B 306 18.58 -76.64 4.64
C LEU B 306 19.88 -77.29 4.16
N ASN B 307 20.45 -76.72 3.10
CA ASN B 307 21.64 -77.30 2.48
C ASN B 307 22.86 -77.31 3.38
N ASP B 308 23.04 -76.22 4.13
CA ASP B 308 24.21 -76.05 4.97
C ASP B 308 24.14 -76.86 6.25
N ASN B 309 23.00 -76.81 6.94
CA ASN B 309 22.90 -77.41 8.26
C ASN B 309 21.87 -78.54 8.42
N ILE B 310 20.62 -78.29 8.06
CA ILE B 310 19.55 -79.25 8.29
C ILE B 310 19.75 -80.60 7.58
N LEU B 311 19.82 -80.57 6.25
CA LEU B 311 19.96 -81.81 5.49
C LEU B 311 21.30 -82.49 5.73
N PRO B 312 21.33 -83.82 5.63
CA PRO B 312 22.60 -84.54 5.61
C PRO B 312 23.39 -84.07 4.42
N LYS B 313 24.71 -84.05 4.55
CA LYS B 313 25.55 -83.75 3.41
C LYS B 313 25.44 -84.89 2.42
N ASP B 314 25.89 -84.65 1.19
CA ASP B 314 25.76 -85.62 0.10
C ASP B 314 24.30 -85.75 -0.32
N VAL B 315 23.48 -84.80 0.12
CA VAL B 315 22.10 -84.64 -0.30
C VAL B 315 21.76 -83.15 -0.31
N LYS B 316 21.60 -82.58 -1.50
CA LYS B 316 21.29 -81.16 -1.61
C LYS B 316 19.95 -80.90 -2.28
N VAL B 317 19.26 -79.84 -1.83
CA VAL B 317 18.08 -79.35 -2.53
C VAL B 317 18.51 -78.33 -3.57
N VAL B 318 18.22 -78.60 -4.82
CA VAL B 318 18.69 -77.75 -5.90
C VAL B 318 17.58 -77.39 -6.90
N PRO B 319 17.43 -76.09 -7.17
CA PRO B 319 16.36 -75.59 -8.03
C PRO B 319 16.65 -75.73 -9.50
N TYR B 320 15.59 -75.65 -10.31
CA TYR B 320 15.72 -75.61 -11.77
C TYR B 320 14.86 -74.49 -12.33
N ILE B 321 13.95 -74.00 -11.50
CA ILE B 321 13.15 -72.83 -11.84
C ILE B 321 13.09 -71.87 -10.65
N ASP B 322 13.46 -70.62 -10.91
CA ASP B 322 13.56 -69.61 -9.87
C ASP B 322 13.08 -68.26 -10.42
N ARG B 323 12.01 -67.73 -9.84
CA ARG B 323 11.44 -66.45 -10.30
C ARG B 323 12.48 -65.34 -10.26
N SER B 324 13.44 -65.46 -9.34
CA SER B 324 14.53 -64.50 -9.21
C SER B 324 15.32 -64.33 -10.51
N ASN B 325 15.41 -65.39 -11.31
CA ASN B 325 16.09 -65.30 -12.59
C ASN B 325 15.33 -64.36 -13.51
N LEU B 326 14.02 -64.55 -13.58
CA LEU B 326 13.16 -63.72 -14.40
C LEU B 326 13.22 -62.27 -13.94
N VAL B 327 13.27 -62.08 -12.63
CA VAL B 327 13.36 -60.74 -12.07
C VAL B 327 14.70 -60.10 -12.45
N ASP B 328 15.78 -60.86 -12.30
CA ASP B 328 17.11 -60.39 -12.65
C ASP B 328 17.19 -59.97 -14.11
N ALA B 329 16.62 -60.79 -14.99
CA ALA B 329 16.67 -60.51 -16.42
C ALA B 329 15.78 -59.34 -16.81
N THR B 330 14.62 -59.23 -16.18
CA THR B 330 13.71 -58.13 -16.46
C THR B 330 14.32 -56.82 -15.98
N VAL B 331 14.96 -56.86 -14.82
CA VAL B 331 15.66 -55.70 -14.29
C VAL B 331 16.81 -55.30 -15.20
N HIS B 332 17.54 -56.30 -15.69
CA HIS B 332 18.66 -56.05 -16.57
C HIS B 332 18.21 -55.39 -17.88
N THR B 333 17.14 -55.93 -18.46
CA THR B 333 16.65 -55.43 -19.74
C THR B 333 15.96 -54.07 -19.64
N VAL B 334 15.08 -53.91 -18.67
CA VAL B 334 14.40 -52.64 -18.43
C VAL B 334 15.41 -51.57 -18.06
N GLY B 335 16.41 -51.95 -17.27
CA GLY B 335 17.49 -51.05 -16.90
C GLY B 335 18.30 -50.65 -18.12
N LYS B 336 18.55 -51.61 -18.99
CA LYS B 336 19.28 -51.37 -20.24
C LYS B 336 18.52 -50.34 -21.07
N THR B 337 17.23 -50.59 -21.23
CA THR B 337 16.37 -49.72 -22.02
C THR B 337 16.29 -48.31 -21.46
N LEU B 338 16.01 -48.18 -20.16
CA LEU B 338 15.90 -46.87 -19.53
C LEU B 338 17.22 -46.09 -19.56
N MET B 339 18.33 -46.79 -19.35
CA MET B 339 19.64 -46.15 -19.40
C MET B 339 19.93 -45.63 -20.80
N GLU B 340 19.76 -46.51 -21.80
CA GLU B 340 19.98 -46.14 -23.19
C GLU B 340 19.08 -44.99 -23.62
N GLY B 341 17.84 -45.01 -23.15
CA GLY B 341 16.87 -43.98 -23.50
C GLY B 341 17.21 -42.65 -22.88
N MET B 342 17.57 -42.67 -21.60
CA MET B 342 17.97 -41.45 -20.90
C MET B 342 19.21 -40.83 -21.54
N PHE B 343 20.24 -41.63 -21.75
CA PHE B 343 21.48 -41.12 -22.32
C PHE B 343 21.30 -40.65 -23.76
N LEU B 344 20.47 -41.34 -24.52
CA LEU B 344 20.25 -40.97 -25.92
C LEU B 344 19.42 -39.69 -26.02
N VAL B 345 18.44 -39.54 -25.13
CA VAL B 345 17.65 -38.32 -25.08
C VAL B 345 18.52 -37.13 -24.69
N SER B 346 19.36 -37.33 -23.67
CA SER B 346 20.30 -36.32 -23.24
C SER B 346 21.25 -35.95 -24.38
N LEU B 347 21.63 -36.97 -25.16
CA LEU B 347 22.51 -36.77 -26.30
C LEU B 347 21.84 -35.90 -27.35
N VAL B 348 20.58 -36.20 -27.67
CA VAL B 348 19.84 -35.41 -28.64
C VAL B 348 19.69 -33.97 -28.16
N LEU B 349 19.41 -33.81 -26.87
CA LEU B 349 19.34 -32.47 -26.28
C LEU B 349 20.64 -31.70 -26.48
N LEU B 350 21.75 -32.32 -26.08
CA LEU B 350 23.06 -31.69 -26.23
C LEU B 350 23.33 -31.30 -27.68
N LEU B 351 23.09 -32.23 -28.60
CA LEU B 351 23.31 -32.02 -30.03
C LEU B 351 22.50 -30.84 -30.56
N PHE B 352 21.21 -30.83 -30.26
CA PHE B 352 20.31 -29.79 -30.73
C PHE B 352 20.58 -28.46 -30.04
N LEU B 353 21.27 -28.52 -28.91
CA LEU B 353 21.51 -27.31 -28.11
C LEU B 353 22.93 -26.80 -28.24
N GLY B 354 23.91 -27.64 -27.89
CA GLY B 354 25.31 -27.27 -27.99
C GLY B 354 25.92 -26.89 -26.65
N SER B 355 25.07 -26.46 -25.72
CA SER B 355 25.54 -26.05 -24.40
C SER B 355 25.28 -27.12 -23.35
N PRO B 356 26.36 -27.67 -22.76
CA PRO B 356 26.27 -28.75 -21.78
C PRO B 356 25.46 -28.36 -20.55
N ARG B 357 25.63 -27.11 -20.10
CA ARG B 357 24.94 -26.63 -18.90
C ARG B 357 23.42 -26.68 -19.08
N ALA B 358 22.95 -26.25 -20.24
CA ALA B 358 21.53 -26.23 -20.54
C ALA B 358 20.98 -27.63 -20.78
N ALA B 359 21.68 -28.41 -21.59
CA ALA B 359 21.28 -29.78 -21.88
C ALA B 359 21.12 -30.57 -20.59
N ILE B 360 22.06 -30.38 -19.66
CA ILE B 360 21.98 -31.04 -18.37
C ILE B 360 20.86 -30.47 -17.51
N ILE B 361 20.72 -29.14 -17.51
CA ILE B 361 19.68 -28.52 -16.68
C ILE B 361 18.27 -28.86 -17.15
N VAL B 362 18.17 -29.38 -18.38
CA VAL B 362 16.88 -29.87 -18.87
C VAL B 362 16.79 -31.37 -18.60
N ALA B 363 17.89 -32.07 -18.80
CA ALA B 363 17.94 -33.53 -18.60
C ALA B 363 17.62 -33.92 -17.16
N VAL B 364 17.98 -33.04 -16.21
CA VAL B 364 17.74 -33.32 -14.80
C VAL B 364 16.28 -33.22 -14.43
N THR B 365 15.44 -32.78 -15.37
CA THR B 365 14.00 -32.78 -15.16
C THR B 365 13.51 -34.22 -15.13
N ILE B 366 14.20 -35.07 -15.89
CA ILE B 366 13.83 -36.47 -16.00
C ILE B 366 13.85 -37.22 -14.66
N PRO B 367 15.03 -37.32 -14.00
CA PRO B 367 15.00 -38.12 -12.78
C PRO B 367 14.29 -37.40 -11.64
N LEU B 368 14.17 -36.08 -11.74
CA LEU B 368 13.48 -35.31 -10.73
C LEU B 368 11.98 -35.52 -10.81
N SER B 369 11.43 -35.45 -12.03
CA SER B 369 10.02 -35.71 -12.22
C SER B 369 9.72 -37.19 -12.00
N LEU B 370 10.75 -38.01 -12.19
CA LEU B 370 10.63 -39.45 -11.98
C LEU B 370 10.51 -39.73 -10.49
N LEU B 371 11.35 -39.06 -9.70
CA LEU B 371 11.29 -39.17 -8.25
C LEU B 371 9.96 -38.65 -7.72
N MET B 372 9.44 -37.61 -8.36
CA MET B 372 8.15 -37.05 -7.98
C MET B 372 7.04 -38.07 -8.19
N ALA B 373 7.20 -38.87 -9.25
CA ALA B 373 6.23 -39.89 -9.57
C ALA B 373 6.25 -41.00 -8.51
N PHE B 374 7.45 -41.38 -8.09
CA PHE B 374 7.62 -42.50 -7.16
C PHE B 374 6.88 -42.29 -5.84
N ILE B 375 7.10 -41.15 -5.20
CA ILE B 375 6.42 -40.81 -3.95
C ILE B 375 4.91 -40.80 -4.12
N LEU B 376 4.45 -40.26 -5.26
CA LEU B 376 3.03 -40.29 -5.59
C LEU B 376 2.55 -41.74 -5.72
N MET B 377 3.42 -42.61 -6.22
CA MET B 377 3.08 -44.03 -6.34
C MET B 377 3.19 -44.74 -4.99
N HIS B 378 3.94 -44.15 -4.07
CA HIS B 378 4.13 -44.73 -2.75
C HIS B 378 2.82 -44.70 -1.95
N HIS B 379 2.33 -43.50 -1.67
CA HIS B 379 1.12 -43.34 -0.86
C HIS B 379 -0.13 -43.87 -1.59
N PHE B 380 -0.05 -43.97 -2.90
CA PHE B 380 -1.13 -44.56 -3.69
C PHE B 380 -0.96 -46.07 -3.77
N LYS B 381 0.15 -46.57 -3.21
CA LYS B 381 0.44 -48.00 -3.15
C LYS B 381 0.55 -48.67 -4.52
N ILE B 382 0.81 -47.87 -5.55
CA ILE B 382 0.94 -48.38 -6.91
C ILE B 382 2.27 -49.10 -7.07
N PRO B 383 2.23 -50.35 -7.55
CA PRO B 383 3.43 -51.18 -7.65
C PRO B 383 4.33 -50.74 -8.80
N ALA B 384 5.60 -51.09 -8.72
CA ALA B 384 6.55 -50.81 -9.80
C ALA B 384 6.59 -51.97 -10.79
N ASN B 385 5.49 -52.17 -11.52
CA ASN B 385 5.45 -53.19 -12.55
C ASN B 385 6.44 -52.82 -13.64
N LEU B 386 7.61 -53.46 -13.60
CA LEU B 386 8.75 -53.10 -14.46
C LEU B 386 8.43 -53.06 -15.94
N LEU B 387 7.41 -53.80 -16.35
CA LEU B 387 6.97 -53.82 -17.75
C LEU B 387 6.33 -52.48 -18.16
N SER B 388 5.48 -51.95 -17.29
CA SER B 388 4.81 -50.69 -17.56
C SER B 388 5.75 -49.50 -17.39
N LEU B 389 6.91 -49.76 -16.79
CA LEU B 389 7.85 -48.69 -16.49
C LEU B 389 8.98 -48.63 -17.51
N GLY B 390 9.36 -49.79 -18.03
CA GLY B 390 10.32 -49.83 -19.12
C GLY B 390 9.77 -49.10 -20.32
N ALA B 391 8.44 -49.08 -20.43
CA ALA B 391 7.75 -48.47 -21.57
C ALA B 391 7.48 -46.98 -21.37
N ILE B 392 8.38 -46.29 -20.69
CA ILE B 392 8.30 -44.84 -20.54
C ILE B 392 9.32 -44.20 -21.46
N ASP B 393 8.87 -43.25 -22.27
CA ASP B 393 9.69 -42.72 -23.35
C ASP B 393 10.73 -41.70 -22.89
N PHE B 394 10.49 -41.08 -21.74
CA PHE B 394 11.29 -39.94 -21.26
C PHE B 394 11.13 -38.68 -22.12
N GLY B 395 11.21 -38.84 -23.44
CA GLY B 395 11.12 -37.74 -24.37
C GLY B 395 9.90 -36.86 -24.16
N ILE B 396 8.77 -37.48 -23.86
CA ILE B 396 7.54 -36.73 -23.61
C ILE B 396 7.68 -35.82 -22.39
N ILE B 397 8.41 -36.30 -21.38
CA ILE B 397 8.70 -35.48 -20.21
C ILE B 397 9.60 -34.30 -20.57
N VAL B 398 10.54 -34.56 -21.48
CA VAL B 398 11.47 -33.54 -21.95
C VAL B 398 10.73 -32.44 -22.71
N ASP B 399 9.75 -32.84 -23.52
CA ASP B 399 8.97 -31.92 -24.35
C ASP B 399 8.37 -30.78 -23.56
N GLY B 400 8.07 -31.05 -22.29
CA GLY B 400 7.51 -30.03 -21.41
C GLY B 400 8.53 -28.98 -21.05
N ALA B 401 9.81 -29.33 -21.11
CA ALA B 401 10.88 -28.43 -20.71
C ALA B 401 11.57 -27.72 -21.87
N ILE B 402 11.84 -28.48 -22.94
CA ILE B 402 12.57 -27.92 -24.08
C ILE B 402 11.75 -26.90 -24.86
N VAL B 403 10.47 -26.81 -24.58
CA VAL B 403 9.65 -25.76 -25.16
C VAL B 403 10.06 -24.42 -24.56
N VAL B 404 10.05 -24.35 -23.23
CA VAL B 404 10.47 -23.17 -22.50
C VAL B 404 11.95 -22.87 -22.77
N MET B 405 12.74 -23.94 -22.81
CA MET B 405 14.18 -23.81 -23.03
C MET B 405 14.47 -23.20 -24.41
N GLU B 406 13.96 -23.83 -25.46
CA GLU B 406 14.20 -23.34 -26.82
C GLU B 406 13.62 -21.95 -27.01
N ASN B 407 12.43 -21.73 -26.45
CA ASN B 407 11.80 -20.41 -26.52
C ASN B 407 12.69 -19.33 -25.92
N ILE B 408 13.24 -19.59 -24.74
CA ILE B 408 14.16 -18.65 -24.11
C ILE B 408 15.42 -18.45 -24.96
N LEU B 409 16.02 -19.56 -25.38
CA LEU B 409 17.30 -19.55 -26.09
C LEU B 409 17.21 -18.92 -27.48
N ARG B 410 15.99 -18.80 -28.02
CA ARG B 410 15.84 -18.23 -29.35
C ARG B 410 15.24 -16.82 -29.32
N ARG B 411 14.23 -16.61 -28.48
CA ARG B 411 13.56 -15.32 -28.38
C ARG B 411 14.49 -14.25 -27.83
N ARG B 412 15.37 -14.63 -26.92
CA ARG B 412 16.24 -13.67 -26.24
C ARG B 412 17.56 -13.43 -26.97
N GLU B 413 17.82 -14.22 -28.01
CA GLU B 413 19.02 -14.04 -28.81
C GLU B 413 18.70 -13.88 -30.29
N ILE B 425 13.70 -13.00 -17.64
CA ILE B 425 13.56 -14.32 -18.26
C ILE B 425 12.15 -14.88 -18.12
N MET B 426 11.44 -14.42 -17.10
CA MET B 426 10.09 -14.92 -16.83
C MET B 426 9.06 -14.40 -17.84
N GLN B 427 9.49 -13.46 -18.67
CA GLN B 427 8.62 -12.90 -19.71
C GLN B 427 8.31 -13.96 -20.77
N SER B 428 9.36 -14.46 -21.41
CA SER B 428 9.24 -15.48 -22.44
C SER B 428 8.65 -16.78 -21.88
N VAL B 429 8.84 -16.99 -20.58
CA VAL B 429 8.30 -18.15 -19.89
C VAL B 429 6.79 -18.04 -19.68
N LEU B 430 6.35 -16.92 -19.13
CA LEU B 430 4.93 -16.69 -18.87
C LEU B 430 4.17 -16.47 -20.18
N GLN B 431 4.91 -16.17 -21.25
CA GLN B 431 4.31 -16.03 -22.57
C GLN B 431 3.92 -17.41 -23.14
N VAL B 432 4.84 -18.36 -23.04
CA VAL B 432 4.65 -19.69 -23.59
C VAL B 432 4.09 -20.66 -22.54
N ALA B 433 3.76 -20.11 -21.37
CA ALA B 433 3.25 -20.92 -20.27
C ALA B 433 1.85 -21.45 -20.53
N ARG B 434 0.95 -20.57 -20.95
CA ARG B 434 -0.45 -20.93 -21.18
C ARG B 434 -0.67 -22.07 -22.19
N PRO B 435 0.10 -22.10 -23.31
CA PRO B 435 -0.06 -23.25 -24.20
C PRO B 435 0.75 -24.49 -23.75
N ILE B 436 1.12 -24.56 -22.48
CA ILE B 436 1.86 -25.72 -21.95
C ILE B 436 1.08 -26.46 -20.88
N PHE B 437 0.44 -25.71 -19.99
CA PHE B 437 -0.46 -26.29 -18.99
C PHE B 437 -1.50 -27.10 -19.74
N PHE B 438 -2.02 -26.49 -20.79
CA PHE B 438 -2.93 -27.15 -21.71
C PHE B 438 -2.31 -28.43 -22.26
N GLY B 439 -1.05 -28.37 -22.65
CA GLY B 439 -0.37 -29.52 -23.23
C GLY B 439 -0.25 -30.71 -22.30
N MET B 440 0.27 -30.47 -21.10
CA MET B 440 0.45 -31.52 -20.11
C MET B 440 -0.91 -32.09 -19.70
N ILE B 441 -1.91 -31.22 -19.58
CA ILE B 441 -3.26 -31.65 -19.26
C ILE B 441 -3.77 -32.55 -20.39
N VAL B 442 -3.40 -32.20 -21.62
CA VAL B 442 -3.81 -32.94 -22.79
C VAL B 442 -3.19 -34.34 -22.80
N ILE B 443 -1.92 -34.44 -22.42
CA ILE B 443 -1.28 -35.76 -22.38
C ILE B 443 -1.85 -36.63 -21.27
N ILE B 444 -2.11 -36.05 -20.10
CA ILE B 444 -2.75 -36.83 -19.03
C ILE B 444 -4.15 -37.28 -19.44
N THR B 445 -4.93 -36.37 -19.99
CA THR B 445 -6.28 -36.69 -20.44
C THR B 445 -6.23 -37.53 -21.71
N ALA B 446 -5.03 -37.74 -22.23
CA ALA B 446 -4.81 -38.65 -23.35
C ALA B 446 -4.59 -40.05 -22.77
N TYR B 447 -3.95 -40.11 -21.61
CA TYR B 447 -3.74 -41.39 -20.94
C TYR B 447 -4.98 -41.85 -20.17
N LEU B 448 -5.95 -40.96 -20.04
CA LEU B 448 -7.25 -41.29 -19.41
C LEU B 448 -7.88 -42.65 -19.78
N PRO B 449 -7.89 -43.02 -21.07
CA PRO B 449 -8.53 -44.31 -21.41
C PRO B 449 -7.86 -45.53 -20.80
N LEU B 450 -6.64 -45.40 -20.30
CA LEU B 450 -5.93 -46.57 -19.76
C LEU B 450 -6.50 -47.03 -18.42
N PHE B 451 -7.18 -46.13 -17.73
CA PHE B 451 -7.77 -46.46 -16.44
C PHE B 451 -9.15 -47.07 -16.65
N ALA B 452 -9.58 -47.13 -17.90
CA ALA B 452 -10.93 -47.58 -18.23
C ALA B 452 -11.05 -49.10 -18.28
N PHE B 453 -10.14 -49.75 -19.00
CA PHE B 453 -10.19 -51.21 -19.12
C PHE B 453 -9.83 -51.91 -17.81
N GLN B 454 -10.27 -53.16 -17.67
CA GLN B 454 -10.05 -53.91 -16.45
C GLN B 454 -9.39 -55.26 -16.70
N ARG B 455 -9.42 -56.13 -15.69
CA ARG B 455 -8.83 -57.46 -15.77
C ARG B 455 -7.33 -57.43 -16.02
N ILE B 456 -6.86 -58.31 -16.90
CA ILE B 456 -5.44 -58.50 -17.10
C ILE B 456 -4.74 -57.33 -17.82
N GLU B 457 -5.48 -56.60 -18.65
CA GLU B 457 -4.90 -55.46 -19.36
C GLU B 457 -4.73 -54.27 -18.43
N TYR B 458 -5.61 -54.19 -17.43
CA TYR B 458 -5.45 -53.20 -16.38
C TYR B 458 -4.30 -53.61 -15.46
N LYS B 459 -4.23 -54.89 -15.12
CA LYS B 459 -3.15 -55.38 -14.28
C LYS B 459 -1.80 -55.12 -14.94
N LEU B 460 -1.78 -55.17 -16.28
CA LEU B 460 -0.53 -55.08 -17.00
C LEU B 460 -0.21 -53.65 -17.48
N PHE B 461 -1.19 -52.75 -17.47
CA PHE B 461 -0.93 -51.37 -17.90
C PHE B 461 -1.32 -50.28 -16.89
N SER B 462 -1.60 -50.66 -15.66
CA SER B 462 -1.97 -49.68 -14.64
C SER B 462 -0.88 -48.66 -14.30
N PRO B 463 0.30 -49.12 -13.85
CA PRO B 463 1.27 -48.14 -13.32
C PRO B 463 1.76 -47.16 -14.37
N MET B 464 1.77 -47.57 -15.64
CA MET B 464 2.23 -46.68 -16.71
C MET B 464 1.39 -45.43 -16.77
N ALA B 465 0.07 -45.60 -16.90
CA ALA B 465 -0.86 -44.47 -16.96
C ALA B 465 -0.83 -43.69 -15.65
N PHE B 466 -0.40 -44.36 -14.59
CA PHE B 466 -0.19 -43.69 -13.32
C PHE B 466 1.13 -42.94 -13.33
N ALA B 467 2.23 -43.70 -13.45
CA ALA B 467 3.58 -43.14 -13.41
C ALA B 467 3.74 -41.99 -14.40
N VAL B 468 3.28 -42.19 -15.63
CA VAL B 468 3.33 -41.14 -16.63
C VAL B 468 2.44 -39.97 -16.22
N GLY B 469 1.22 -40.27 -15.79
CA GLY B 469 0.28 -39.26 -15.38
C GLY B 469 0.83 -38.41 -14.24
N PHE B 470 1.50 -39.05 -13.30
CA PHE B 470 2.11 -38.35 -12.18
C PHE B 470 3.30 -37.53 -12.64
N ALA B 471 4.22 -38.20 -13.33
CA ALA B 471 5.43 -37.55 -13.83
C ALA B 471 5.11 -36.39 -14.75
N LEU B 472 4.03 -36.52 -15.53
CA LEU B 472 3.61 -35.45 -16.43
C LEU B 472 3.22 -34.22 -15.64
N PHE B 473 2.51 -34.43 -14.55
CA PHE B 473 2.19 -33.35 -13.63
C PHE B 473 3.47 -32.86 -12.95
N GLY B 474 4.43 -33.77 -12.79
CA GLY B 474 5.69 -33.46 -12.17
C GLY B 474 6.55 -32.52 -12.99
N ALA B 475 6.71 -32.85 -14.27
CA ALA B 475 7.51 -32.04 -15.18
C ALA B 475 6.93 -30.62 -15.30
N LEU B 476 5.61 -30.53 -15.21
CA LEU B 476 4.94 -29.24 -15.25
C LEU B 476 5.38 -28.39 -14.06
N LEU B 477 5.51 -29.02 -12.90
CA LEU B 477 5.95 -28.33 -11.69
C LEU B 477 7.45 -28.07 -11.68
N VAL B 478 8.10 -28.30 -12.81
CA VAL B 478 9.54 -28.09 -12.94
C VAL B 478 9.82 -27.11 -14.06
N ALA B 479 9.21 -27.35 -15.21
CA ALA B 479 9.43 -26.53 -16.40
C ALA B 479 8.85 -25.13 -16.23
N LEU B 480 7.93 -24.99 -15.28
CA LEU B 480 7.29 -23.71 -15.02
C LEU B 480 7.54 -23.30 -13.56
N LEU B 481 8.72 -23.62 -13.05
CA LEU B 481 9.04 -23.36 -11.66
C LEU B 481 10.54 -23.32 -11.45
N LEU B 482 11.19 -24.44 -11.73
CA LEU B 482 12.64 -24.55 -11.55
C LEU B 482 13.38 -24.09 -12.80
N ILE B 483 13.05 -24.72 -13.92
CA ILE B 483 13.66 -24.40 -15.22
C ILE B 483 13.66 -22.90 -15.59
N PRO B 484 12.52 -22.19 -15.44
CA PRO B 484 12.55 -20.76 -15.79
C PRO B 484 13.54 -20.02 -14.91
N GLY B 485 13.46 -20.25 -13.61
CA GLY B 485 14.37 -19.62 -12.66
C GLY B 485 15.73 -20.28 -12.61
N LEU B 486 16.29 -20.56 -13.79
CA LEU B 486 17.62 -21.16 -13.90
C LEU B 486 18.36 -20.66 -15.13
N ALA B 487 19.36 -19.82 -14.91
CA ALA B 487 20.18 -19.26 -15.99
C ALA B 487 21.68 -19.44 -15.70
N ALA B 502 24.71 -28.37 -39.53
CA ALA B 502 23.87 -29.30 -40.28
C ALA B 502 22.43 -28.83 -40.30
N LEU B 503 22.15 -27.75 -39.58
CA LEU B 503 20.82 -27.16 -39.57
C LEU B 503 20.77 -26.05 -40.61
N VAL B 504 21.96 -25.63 -41.05
CA VAL B 504 22.09 -24.56 -42.02
C VAL B 504 21.42 -24.93 -43.35
N TRP B 505 21.43 -26.21 -43.68
CA TRP B 505 20.82 -26.68 -44.92
C TRP B 505 19.36 -27.08 -44.70
N LEU B 506 19.03 -27.50 -43.49
CA LEU B 506 17.67 -27.87 -43.16
C LEU B 506 16.79 -26.62 -43.07
N ALA B 507 17.42 -25.48 -42.80
CA ALA B 507 16.68 -24.23 -42.60
C ALA B 507 15.94 -23.69 -43.84
N PRO B 508 16.65 -23.43 -44.95
CA PRO B 508 15.92 -22.82 -46.07
C PRO B 508 15.15 -23.84 -46.91
N ARG B 509 15.48 -25.12 -46.76
CA ARG B 509 14.75 -26.19 -47.43
C ARG B 509 13.33 -26.24 -46.91
N TYR B 510 13.17 -25.90 -45.63
CA TYR B 510 11.84 -25.83 -45.01
C TYR B 510 11.09 -24.65 -45.62
N GLU B 511 11.78 -23.52 -45.77
CA GLU B 511 11.18 -22.32 -46.36
C GLU B 511 10.68 -22.59 -47.79
N SER B 512 11.40 -23.46 -48.50
CA SER B 512 11.03 -23.81 -49.86
C SER B 512 9.70 -24.56 -49.92
N VAL B 513 9.62 -25.68 -49.22
CA VAL B 513 8.42 -26.51 -49.23
C VAL B 513 7.21 -25.80 -48.59
N LEU B 514 7.49 -24.91 -47.64
CA LEU B 514 6.42 -24.11 -47.03
C LEU B 514 5.79 -23.20 -48.08
N ASN B 515 6.62 -22.72 -49.01
CA ASN B 515 6.14 -21.86 -50.08
C ASN B 515 5.30 -22.64 -51.08
N ARG B 516 5.48 -23.95 -51.11
CA ARG B 516 4.69 -24.83 -51.96
C ARG B 516 3.29 -25.04 -51.40
N LEU B 517 3.06 -24.50 -50.21
CA LEU B 517 1.78 -24.66 -49.53
C LEU B 517 0.85 -23.46 -49.77
N VAL B 518 1.46 -22.31 -50.10
CA VAL B 518 0.70 -21.12 -50.43
C VAL B 518 -0.12 -21.34 -51.70
N GLY B 519 -1.38 -21.75 -51.52
CA GLY B 519 -2.24 -22.07 -52.64
C GLY B 519 -2.26 -23.56 -52.90
N SER B 520 -2.90 -23.96 -54.01
CA SER B 520 -3.08 -25.36 -54.37
C SER B 520 -3.67 -26.15 -53.21
N THR B 521 -4.71 -25.60 -52.59
CA THR B 521 -5.34 -26.21 -51.43
C THR B 521 -6.11 -27.47 -51.80
N ARG B 522 -6.45 -27.60 -53.08
CA ARG B 522 -7.14 -28.78 -53.58
C ARG B 522 -6.23 -30.00 -53.52
N THR B 523 -4.97 -29.80 -53.89
CA THR B 523 -3.99 -30.88 -53.86
C THR B 523 -3.60 -31.21 -52.43
N ALA B 524 -3.48 -30.17 -51.60
CA ALA B 524 -3.16 -30.33 -50.19
C ALA B 524 -4.24 -31.14 -49.48
N ILE B 525 -5.50 -30.74 -49.66
CA ILE B 525 -6.61 -31.47 -49.08
C ILE B 525 -6.75 -32.84 -49.74
N GLY B 526 -6.21 -32.95 -50.96
CA GLY B 526 -6.13 -34.23 -51.65
C GLY B 526 -5.23 -35.19 -50.89
N ILE B 527 -4.09 -34.67 -50.43
CA ILE B 527 -3.18 -35.45 -49.60
C ILE B 527 -3.83 -35.77 -48.25
N ALA B 528 -4.50 -34.79 -47.68
CA ALA B 528 -5.18 -34.94 -46.39
C ALA B 528 -6.19 -36.09 -46.43
N VAL B 529 -7.00 -36.13 -47.48
CA VAL B 529 -7.95 -37.22 -47.66
C VAL B 529 -7.22 -38.51 -48.02
N ALA B 530 -6.11 -38.40 -48.74
CA ALA B 530 -5.31 -39.56 -49.12
C ALA B 530 -4.81 -40.32 -47.90
N THR B 531 -4.43 -39.59 -46.86
CA THR B 531 -4.00 -40.24 -45.61
C THR B 531 -5.20 -40.58 -44.74
N LEU B 532 -6.24 -39.76 -44.82
CA LEU B 532 -7.48 -39.99 -44.07
C LEU B 532 -8.08 -41.34 -44.46
N VAL B 533 -7.84 -41.74 -45.70
CA VAL B 533 -8.30 -43.02 -46.22
C VAL B 533 -7.19 -44.06 -46.09
N GLY B 534 -5.94 -43.59 -46.21
CA GLY B 534 -4.77 -44.45 -46.09
C GLY B 534 -4.73 -45.18 -44.76
N VAL B 535 -4.96 -44.45 -43.67
CA VAL B 535 -4.99 -45.06 -42.35
C VAL B 535 -6.12 -46.07 -42.24
N MET B 536 -7.19 -45.86 -42.99
CA MET B 536 -8.34 -46.75 -42.95
C MET B 536 -8.04 -48.05 -43.70
N ILE B 537 -7.29 -47.94 -44.80
CA ILE B 537 -6.90 -49.11 -45.56
C ILE B 537 -5.88 -49.92 -44.77
N LEU B 538 -4.85 -49.23 -44.28
CA LEU B 538 -3.81 -49.87 -43.49
C LEU B 538 -4.40 -50.54 -42.25
N GLY B 539 -5.33 -49.85 -41.61
CA GLY B 539 -5.98 -50.35 -40.41
C GLY B 539 -6.88 -51.54 -40.65
N ALA B 540 -7.86 -51.37 -41.53
CA ALA B 540 -8.88 -52.41 -41.77
C ALA B 540 -8.30 -53.74 -42.23
N THR B 541 -7.10 -53.70 -42.80
CA THR B 541 -6.46 -54.92 -43.30
C THR B 541 -5.30 -55.36 -42.41
N ILE B 542 -5.50 -55.26 -41.10
CA ILE B 542 -4.48 -55.69 -40.15
C ILE B 542 -5.04 -56.81 -39.26
N GLY B 543 -4.16 -57.51 -38.58
CA GLY B 543 -4.56 -58.56 -37.67
C GLY B 543 -4.72 -58.05 -36.25
N ARG B 544 -5.36 -58.83 -35.39
CA ARG B 544 -5.53 -58.46 -34.00
C ARG B 544 -5.32 -59.64 -33.05
N ASP B 545 -4.28 -59.55 -32.23
CA ASP B 545 -4.05 -60.52 -31.17
C ASP B 545 -4.50 -59.90 -29.85
N PHE B 546 -4.00 -60.42 -28.74
CA PHE B 546 -4.30 -59.83 -27.44
C PHE B 546 -3.02 -59.49 -26.68
N LEU B 547 -2.17 -60.48 -26.47
CA LEU B 547 -0.88 -60.26 -25.83
C LEU B 547 0.26 -60.47 -26.80
N PRO B 548 1.29 -59.63 -26.71
CA PRO B 548 2.54 -59.85 -27.46
C PRO B 548 3.37 -60.95 -26.82
N TYR B 549 2.80 -62.16 -26.78
CA TYR B 549 3.50 -63.36 -26.31
C TYR B 549 3.94 -63.33 -24.84
N LEU B 550 4.82 -62.39 -24.51
CA LEU B 550 5.47 -62.34 -23.19
C LEU B 550 6.39 -63.55 -22.95
N ASP B 551 7.67 -63.38 -23.24
CA ASP B 551 8.64 -64.45 -23.14
C ASP B 551 9.19 -64.64 -21.72
N GLU B 552 8.90 -65.80 -21.14
CA GLU B 552 9.52 -66.21 -19.90
C GLU B 552 10.70 -67.08 -20.30
N GLY B 553 11.74 -67.11 -19.48
CA GLY B 553 12.99 -67.76 -19.86
C GLY B 553 12.92 -69.25 -20.18
N SER B 554 11.73 -69.85 -20.08
CA SER B 554 11.58 -71.30 -20.26
C SER B 554 10.40 -71.69 -21.13
N ILE B 555 10.08 -72.97 -21.13
CA ILE B 555 8.95 -73.51 -21.90
C ILE B 555 8.22 -74.60 -21.12
N TRP B 556 6.92 -74.44 -20.92
CA TRP B 556 6.11 -75.49 -20.31
C TRP B 556 5.54 -76.35 -21.42
N LEU B 557 5.18 -77.59 -21.07
CA LEU B 557 4.82 -78.57 -22.08
C LEU B 557 3.68 -79.46 -21.60
N GLN B 558 2.53 -79.36 -22.25
CA GLN B 558 1.49 -80.36 -22.04
C GLN B 558 1.82 -81.53 -22.95
N VAL B 559 1.74 -82.74 -22.42
CA VAL B 559 2.12 -83.92 -23.17
C VAL B 559 1.08 -84.99 -22.98
N THR B 560 0.56 -85.53 -24.07
CA THR B 560 -0.53 -86.50 -23.96
C THR B 560 -0.11 -87.86 -24.51
N LEU B 561 -0.56 -88.93 -23.85
CA LEU B 561 -0.12 -90.29 -24.14
C LEU B 561 -1.32 -91.22 -24.38
N PRO B 562 -1.06 -92.44 -24.89
CA PRO B 562 -2.16 -93.42 -25.08
C PRO B 562 -2.93 -93.70 -23.80
N PRO B 563 -4.26 -93.90 -23.93
CA PRO B 563 -5.19 -94.03 -22.80
C PRO B 563 -5.03 -95.32 -21.99
N GLY B 564 -5.35 -95.25 -20.70
CA GLY B 564 -5.35 -96.42 -19.83
C GLY B 564 -4.01 -97.11 -19.76
N ILE B 565 -2.95 -96.32 -19.72
CA ILE B 565 -1.59 -96.84 -19.82
C ILE B 565 -0.96 -97.00 -18.43
N SER B 566 -0.11 -98.00 -18.27
CA SER B 566 0.53 -98.24 -16.99
C SER B 566 1.50 -97.12 -16.63
N LEU B 567 1.76 -96.94 -15.33
CA LEU B 567 2.65 -95.90 -14.86
C LEU B 567 4.09 -96.18 -15.26
N GLU B 568 4.44 -97.46 -15.30
CA GLU B 568 5.75 -97.87 -15.77
C GLU B 568 5.92 -97.41 -17.21
N LYS B 569 5.02 -97.84 -18.09
CA LYS B 569 5.08 -97.52 -19.50
C LYS B 569 5.14 -96.02 -19.75
N ALA B 570 4.27 -95.28 -19.05
CA ALA B 570 4.24 -93.83 -19.13
C ALA B 570 5.63 -93.32 -18.82
N GLY B 571 6.19 -93.82 -17.72
CA GLY B 571 7.55 -93.49 -17.32
C GLY B 571 8.57 -93.70 -18.42
N GLN B 572 8.49 -94.84 -19.09
CA GLN B 572 9.42 -95.16 -20.17
C GLN B 572 9.28 -94.17 -21.33
N MET B 573 8.04 -93.89 -21.70
CA MET B 573 7.75 -92.92 -22.75
C MET B 573 8.35 -91.57 -22.41
N ALA B 574 8.12 -91.13 -21.18
CA ALA B 574 8.65 -89.87 -20.67
C ALA B 574 10.17 -89.82 -20.70
N ASP B 575 10.79 -90.93 -20.33
CA ASP B 575 12.22 -91.09 -20.44
C ASP B 575 12.65 -90.79 -21.88
N ASN B 576 11.98 -91.43 -22.82
CA ASN B 576 12.21 -91.16 -24.23
C ASN B 576 12.05 -89.68 -24.57
N LEU B 577 11.03 -89.05 -24.02
CA LEU B 577 10.78 -87.63 -24.27
C LEU B 577 11.95 -86.74 -23.84
N ARG B 578 12.45 -86.96 -22.63
CA ARG B 578 13.58 -86.18 -22.15
C ARG B 578 14.89 -86.50 -22.86
N ALA B 579 15.08 -87.76 -23.24
CA ALA B 579 16.29 -88.15 -23.94
C ALA B 579 16.32 -87.54 -25.33
N ALA B 580 15.13 -87.22 -25.85
CA ALA B 580 15.00 -86.64 -27.18
C ALA B 580 14.96 -85.11 -27.11
N THR B 581 14.90 -84.59 -25.90
CA THR B 581 14.73 -83.16 -25.70
C THR B 581 16.05 -82.51 -25.30
N MET B 582 16.90 -83.28 -24.64
CA MET B 582 18.23 -82.82 -24.30
C MET B 582 19.10 -82.76 -25.55
N GLU B 583 18.67 -83.47 -26.60
CA GLU B 583 19.41 -83.54 -27.84
C GLU B 583 19.65 -82.16 -28.47
N PHE B 584 18.72 -81.23 -28.24
CA PHE B 584 18.93 -79.86 -28.67
C PHE B 584 19.84 -79.14 -27.69
N PRO B 585 20.77 -78.34 -28.21
CA PRO B 585 21.80 -77.66 -27.39
C PRO B 585 21.22 -76.53 -26.55
N GLU B 586 20.02 -76.06 -26.90
CA GLU B 586 19.41 -74.92 -26.23
C GLU B 586 19.07 -75.18 -24.76
N VAL B 587 18.68 -76.43 -24.46
CA VAL B 587 18.17 -76.79 -23.16
C VAL B 587 19.27 -77.09 -22.14
N GLU B 588 18.92 -76.98 -20.86
CA GLU B 588 19.86 -77.26 -19.78
C GLU B 588 19.30 -78.30 -18.82
N HIS B 589 17.99 -78.25 -18.60
CA HIS B 589 17.31 -79.26 -17.82
C HIS B 589 15.94 -79.55 -18.43
N VAL B 590 15.57 -80.82 -18.47
CA VAL B 590 14.21 -81.19 -18.82
C VAL B 590 13.62 -82.01 -17.68
N VAL B 591 12.50 -81.53 -17.14
CA VAL B 591 11.84 -82.22 -16.04
C VAL B 591 10.47 -82.70 -16.47
N THR B 592 10.20 -83.98 -16.26
CA THR B 592 8.90 -84.55 -16.62
C THR B 592 8.07 -84.96 -15.40
N GLN B 593 6.82 -84.52 -15.40
CA GLN B 593 5.87 -84.87 -14.34
C GLN B 593 4.77 -85.77 -14.89
N VAL B 594 4.98 -87.08 -14.87
CA VAL B 594 3.95 -87.99 -15.36
C VAL B 594 2.91 -88.28 -14.27
N GLY B 595 1.67 -87.95 -14.56
CA GLY B 595 0.60 -88.12 -13.59
C GLY B 595 0.20 -86.83 -12.91
N ARG B 596 0.14 -86.87 -11.59
CA ARG B 596 -0.31 -85.73 -10.79
C ARG B 596 0.41 -85.67 -9.45
N ASN B 597 0.41 -84.48 -8.84
CA ASN B 597 1.02 -84.31 -7.53
C ASN B 597 0.17 -84.97 -6.44
N ASP B 598 0.75 -85.11 -5.25
CA ASP B 598 0.10 -85.81 -4.15
C ASP B 598 -1.01 -85.01 -3.45
N GLU B 599 -1.50 -83.97 -4.12
CA GLU B 599 -2.57 -83.14 -3.56
C GLU B 599 -3.91 -83.34 -4.28
N GLY B 600 -3.84 -83.38 -5.61
CA GLY B 600 -5.05 -83.48 -6.39
C GLY B 600 -5.51 -82.10 -6.83
N THR B 601 -4.55 -81.20 -7.01
CA THR B 601 -4.82 -79.89 -7.60
C THR B 601 -4.68 -80.00 -9.12
N ASP B 602 -4.28 -81.19 -9.57
CA ASP B 602 -4.37 -81.57 -10.97
C ASP B 602 -4.94 -83.00 -11.04
N PRO B 603 -6.03 -83.19 -11.80
CA PRO B 603 -6.76 -84.46 -11.92
C PRO B 603 -6.04 -85.48 -12.78
N PHE B 604 -4.88 -85.10 -13.30
CA PHE B 604 -4.19 -85.81 -14.36
C PHE B 604 -3.92 -87.29 -14.13
N SER B 605 -4.06 -88.07 -15.20
CA SER B 605 -3.85 -89.52 -15.17
C SER B 605 -2.38 -89.81 -15.50
N PRO B 606 -1.96 -91.08 -15.36
CA PRO B 606 -0.58 -91.41 -15.76
C PRO B 606 -0.39 -91.31 -17.26
N SER B 607 -1.48 -91.21 -18.01
CA SER B 607 -1.40 -90.94 -19.43
C SER B 607 -0.80 -89.56 -19.62
N HIS B 608 -1.18 -88.64 -18.74
CA HIS B 608 -0.79 -87.25 -18.89
C HIS B 608 0.62 -86.98 -18.41
N ILE B 609 1.34 -86.17 -19.17
CA ILE B 609 2.62 -85.64 -18.70
C ILE B 609 2.61 -84.12 -18.75
N GLU B 610 3.18 -83.50 -17.71
CA GLU B 610 3.55 -82.10 -17.80
C GLU B 610 5.07 -82.06 -17.79
N THR B 611 5.64 -81.21 -18.63
CA THR B 611 7.09 -81.15 -18.77
C THR B 611 7.60 -79.71 -18.66
N ALA B 612 8.69 -79.55 -17.91
CA ALA B 612 9.32 -78.25 -17.76
C ALA B 612 10.63 -78.27 -18.52
N VAL B 613 10.82 -77.28 -19.40
CA VAL B 613 12.02 -77.20 -20.19
C VAL B 613 12.71 -75.86 -19.97
N THR B 614 13.94 -75.91 -19.48
CA THR B 614 14.72 -74.71 -19.24
C THR B 614 15.78 -74.53 -20.31
N LEU B 615 15.95 -73.30 -20.77
CA LEU B 615 16.95 -72.98 -21.79
C LEU B 615 18.20 -72.43 -21.15
N HIS B 616 19.32 -72.54 -21.87
CA HIS B 616 20.53 -71.82 -21.47
C HIS B 616 20.27 -70.35 -21.68
N PRO B 617 21.01 -69.49 -20.97
CA PRO B 617 20.93 -68.04 -21.18
C PRO B 617 20.91 -67.71 -22.67
N TYR B 618 19.93 -66.90 -23.08
CA TYR B 618 19.75 -66.52 -24.47
C TYR B 618 21.04 -65.97 -25.09
N SER B 619 21.80 -65.26 -24.28
CA SER B 619 23.05 -64.66 -24.73
C SER B 619 24.09 -65.72 -25.07
N THR B 620 23.77 -66.98 -24.79
CA THR B 620 24.72 -68.08 -25.00
C THR B 620 24.15 -69.15 -25.91
N TRP B 621 23.82 -68.77 -27.14
CA TRP B 621 23.21 -69.71 -28.08
C TRP B 621 24.02 -69.89 -29.37
N THR B 622 24.09 -71.14 -29.83
CA THR B 622 24.79 -71.48 -31.05
C THR B 622 23.85 -72.22 -31.98
N SER B 623 23.01 -71.48 -32.70
CA SER B 623 22.00 -72.12 -33.57
C SER B 623 21.41 -71.16 -34.60
N GLY B 624 21.37 -69.87 -34.26
CA GLY B 624 20.67 -68.91 -35.09
C GLY B 624 19.19 -69.22 -35.07
N ARG B 625 18.66 -69.33 -33.84
CA ARG B 625 17.34 -69.88 -33.61
C ARG B 625 16.68 -69.12 -32.49
N ASP B 626 15.71 -68.27 -32.82
CA ASP B 626 15.13 -67.33 -31.86
C ASP B 626 13.90 -67.84 -31.10
N LYS B 627 14.11 -68.84 -30.25
CA LYS B 627 13.05 -69.38 -29.38
C LYS B 627 11.87 -69.93 -30.19
N GLN B 628 11.17 -69.06 -30.91
CA GLN B 628 10.04 -69.47 -31.73
C GLN B 628 10.47 -70.52 -32.74
N GLN B 629 11.63 -70.28 -33.35
CA GLN B 629 12.25 -71.25 -34.25
C GLN B 629 12.48 -72.56 -33.49
N LEU B 630 12.95 -72.43 -32.25
CA LEU B 630 13.21 -73.59 -31.41
C LEU B 630 11.92 -74.30 -31.04
N ILE B 631 10.85 -73.54 -30.89
CA ILE B 631 9.55 -74.13 -30.57
C ILE B 631 9.01 -74.94 -31.75
N GLU B 632 9.08 -74.37 -32.95
CA GLU B 632 8.65 -75.11 -34.14
C GLU B 632 9.53 -76.35 -34.41
N ALA B 633 10.84 -76.18 -34.28
CA ALA B 633 11.76 -77.30 -34.44
C ALA B 633 11.46 -78.42 -33.44
N MET B 634 11.24 -78.02 -32.19
CA MET B 634 10.84 -78.98 -31.15
C MET B 634 9.52 -79.67 -31.47
N ALA B 635 8.59 -78.95 -32.07
CA ALA B 635 7.33 -79.56 -32.50
C ALA B 635 7.59 -80.64 -33.53
N THR B 636 8.37 -80.32 -34.56
CA THR B 636 8.71 -81.33 -35.57
C THR B 636 9.38 -82.54 -34.94
N ARG B 637 10.35 -82.29 -34.07
CA ARG B 637 11.07 -83.38 -33.42
C ARG B 637 10.12 -84.28 -32.65
N PHE B 638 9.37 -83.69 -31.73
CA PHE B 638 8.42 -84.41 -30.89
C PHE B 638 7.38 -85.17 -31.71
N ARG B 639 7.08 -84.68 -32.91
CA ARG B 639 6.15 -85.41 -33.79
C ARG B 639 6.67 -86.80 -34.20
N ASP B 640 7.97 -87.04 -34.02
CA ASP B 640 8.57 -88.32 -34.35
C ASP B 640 8.65 -89.29 -33.17
N LEU B 641 7.76 -89.12 -32.20
CA LEU B 641 7.68 -90.03 -31.06
C LEU B 641 6.30 -90.70 -31.00
N PRO B 642 6.29 -92.04 -30.90
CA PRO B 642 5.05 -92.81 -30.90
C PRO B 642 4.27 -92.56 -29.62
N GLY B 643 2.96 -92.35 -29.75
CA GLY B 643 2.10 -92.09 -28.61
C GLY B 643 2.14 -90.65 -28.13
N THR B 644 3.34 -90.11 -28.04
CA THR B 644 3.57 -88.78 -27.48
C THR B 644 3.04 -87.63 -28.32
N GLN B 645 1.96 -87.00 -27.87
CA GLN B 645 1.46 -85.79 -28.49
C GLN B 645 1.79 -84.58 -27.62
N VAL B 646 2.52 -83.62 -28.18
CA VAL B 646 3.05 -82.52 -27.39
C VAL B 646 2.52 -81.14 -27.76
N GLY B 647 1.90 -80.47 -26.79
CA GLY B 647 1.52 -79.08 -26.92
C GLY B 647 2.48 -78.20 -26.16
N PHE B 648 2.85 -77.07 -26.76
CA PHE B 648 3.80 -76.14 -26.15
C PHE B 648 3.12 -75.01 -25.38
N SER B 649 3.87 -74.39 -24.45
CA SER B 649 3.38 -73.29 -23.61
C SER B 649 4.50 -72.74 -22.75
N GLN B 650 4.13 -72.00 -21.72
CA GLN B 650 5.07 -71.48 -20.74
C GLN B 650 4.43 -71.58 -19.37
N PRO B 651 5.24 -71.88 -18.33
CA PRO B 651 4.76 -72.16 -16.97
C PRO B 651 3.62 -71.24 -16.48
N MET B 652 3.95 -70.01 -16.07
CA MET B 652 2.97 -69.08 -15.51
C MET B 652 1.80 -68.87 -16.45
N ILE B 653 2.11 -68.59 -17.70
CA ILE B 653 1.07 -68.33 -18.67
C ILE B 653 0.23 -69.57 -18.94
N ASP B 654 0.81 -70.76 -18.79
CA ASP B 654 0.03 -71.97 -18.95
C ASP B 654 -0.98 -72.03 -17.83
N GLY B 655 -0.51 -71.77 -16.62
CA GLY B 655 -1.38 -71.70 -15.47
C GLY B 655 -2.57 -70.78 -15.71
N VAL B 656 -2.30 -69.55 -16.15
CA VAL B 656 -3.39 -68.60 -16.35
C VAL B 656 -4.32 -69.01 -17.51
N LEU B 657 -3.75 -69.59 -18.56
CA LEU B 657 -4.54 -70.08 -19.69
C LEU B 657 -5.54 -71.09 -19.19
N ASP B 658 -5.07 -71.95 -18.30
CA ASP B 658 -5.90 -72.98 -17.67
C ASP B 658 -7.01 -72.36 -16.85
N LYS B 659 -6.66 -71.48 -15.92
CA LYS B 659 -7.67 -70.87 -15.08
C LYS B 659 -8.77 -70.16 -15.87
N LEU B 660 -8.41 -69.47 -16.95
CA LEU B 660 -9.44 -68.82 -17.75
C LEU B 660 -10.24 -69.78 -18.65
N ALA B 661 -9.54 -70.41 -19.60
CA ALA B 661 -10.20 -71.14 -20.68
C ALA B 661 -10.82 -72.48 -20.31
N GLY B 662 -10.44 -73.03 -19.16
CA GLY B 662 -10.89 -74.35 -18.76
C GLY B 662 -9.87 -75.43 -19.08
N ALA B 663 -8.90 -75.10 -19.94
CA ALA B 663 -7.86 -76.04 -20.34
C ALA B 663 -6.54 -75.35 -20.68
N HIS B 664 -5.47 -76.11 -20.69
CA HIS B 664 -4.15 -75.56 -20.86
C HIS B 664 -3.86 -75.30 -22.32
N SER B 665 -4.48 -74.26 -22.87
CA SER B 665 -4.24 -73.88 -24.25
C SER B 665 -4.68 -72.44 -24.52
N ASP B 666 -4.27 -71.90 -25.65
CA ASP B 666 -4.65 -70.54 -26.05
C ASP B 666 -6.14 -70.50 -26.33
N LEU B 667 -6.58 -71.40 -27.20
CA LEU B 667 -7.98 -71.48 -27.58
C LEU B 667 -8.56 -72.83 -27.20
N VAL B 668 -9.86 -72.85 -26.92
CA VAL B 668 -10.56 -74.10 -26.67
C VAL B 668 -11.93 -74.07 -27.32
N VAL B 669 -12.36 -75.23 -27.79
CA VAL B 669 -13.71 -75.39 -28.28
C VAL B 669 -14.40 -76.32 -27.32
N LYS B 670 -15.68 -76.10 -27.07
CA LYS B 670 -16.44 -76.93 -26.16
C LYS B 670 -17.67 -77.54 -26.83
N VAL B 671 -17.66 -78.87 -26.94
CA VAL B 671 -18.83 -79.62 -27.38
C VAL B 671 -19.64 -80.00 -26.14
N TYR B 672 -20.70 -79.24 -25.89
CA TYR B 672 -21.61 -79.50 -24.79
C TYR B 672 -22.61 -80.58 -25.20
N GLY B 673 -22.81 -81.57 -24.34
CA GLY B 673 -23.77 -82.62 -24.60
C GLY B 673 -23.82 -83.63 -23.48
N ASN B 674 -24.99 -84.21 -23.26
CA ASN B 674 -25.20 -85.12 -22.14
C ASN B 674 -24.43 -86.43 -22.28
N ASP B 675 -24.65 -87.14 -23.39
CA ASP B 675 -23.99 -88.44 -23.62
C ASP B 675 -22.58 -88.27 -24.19
N PHE B 676 -21.71 -89.21 -23.85
CA PHE B 676 -20.27 -89.05 -24.09
C PHE B 676 -19.81 -89.53 -25.46
N ALA B 677 -20.49 -90.52 -26.01
CA ALA B 677 -20.15 -91.02 -27.33
C ALA B 677 -20.32 -89.89 -28.36
N GLU B 678 -21.50 -89.28 -28.38
CA GLU B 678 -21.79 -88.23 -29.37
C GLU B 678 -20.89 -87.01 -29.21
N THR B 679 -20.64 -86.59 -27.97
CA THR B 679 -19.77 -85.45 -27.74
C THR B 679 -18.37 -85.77 -28.23
N ARG B 680 -17.92 -86.99 -27.95
CA ARG B 680 -16.61 -87.46 -28.43
C ARG B 680 -16.55 -87.43 -29.96
N GLN B 681 -17.68 -87.77 -30.59
CA GLN B 681 -17.78 -87.80 -32.04
C GLN B 681 -17.68 -86.40 -32.66
N VAL B 682 -18.57 -85.51 -32.24
CA VAL B 682 -18.55 -84.14 -32.71
C VAL B 682 -17.18 -83.51 -32.48
N ALA B 683 -16.62 -83.78 -31.29
CA ALA B 683 -15.31 -83.24 -30.94
C ALA B 683 -14.24 -83.80 -31.85
N THR B 684 -14.43 -85.03 -32.29
CA THR B 684 -13.51 -85.65 -33.23
C THR B 684 -13.57 -84.89 -34.54
N ALA B 685 -14.78 -84.55 -34.96
CA ALA B 685 -14.99 -83.77 -36.18
C ALA B 685 -14.30 -82.40 -36.11
N ILE B 686 -14.50 -81.68 -35.00
CA ILE B 686 -13.87 -80.37 -34.82
C ILE B 686 -12.36 -80.49 -34.71
N THR B 687 -11.90 -81.62 -34.20
CA THR B 687 -10.47 -81.88 -34.09
C THR B 687 -9.83 -82.04 -35.45
N ARG B 688 -10.44 -82.86 -36.30
CA ARG B 688 -9.97 -83.03 -37.66
C ARG B 688 -10.13 -81.74 -38.48
N LEU B 689 -11.09 -80.91 -38.09
CA LEU B 689 -11.35 -79.67 -38.80
C LEU B 689 -10.30 -78.61 -38.48
N LEU B 690 -10.15 -78.27 -37.21
CA LEU B 690 -9.21 -77.24 -36.79
C LEU B 690 -7.77 -77.61 -37.10
N LYS B 691 -7.52 -78.91 -37.24
CA LYS B 691 -6.18 -79.40 -37.52
C LYS B 691 -5.80 -79.04 -38.96
N THR B 692 -6.80 -78.62 -39.73
CA THR B 692 -6.61 -78.25 -41.12
C THR B 692 -6.53 -76.74 -41.26
N VAL B 693 -7.23 -76.02 -40.40
CA VAL B 693 -7.28 -74.56 -40.46
C VAL B 693 -5.90 -73.95 -40.20
N PRO B 694 -5.41 -73.15 -41.16
CA PRO B 694 -4.06 -72.58 -41.21
C PRO B 694 -3.55 -71.98 -39.90
N GLY B 695 -4.45 -71.49 -39.05
CA GLY B 695 -4.06 -70.83 -37.82
C GLY B 695 -3.62 -71.75 -36.70
N ALA B 696 -4.34 -72.85 -36.52
CA ALA B 696 -4.06 -73.78 -35.43
C ALA B 696 -2.72 -74.47 -35.58
N GLN B 697 -1.85 -74.32 -34.58
CA GLN B 697 -0.57 -75.02 -34.56
C GLN B 697 -0.69 -76.34 -33.82
N ASP B 698 -1.29 -76.31 -32.63
CA ASP B 698 -1.50 -77.56 -31.89
C ASP B 698 -3.00 -77.79 -31.70
N VAL B 699 -3.42 -79.06 -31.73
CA VAL B 699 -4.85 -79.42 -31.63
C VAL B 699 -5.05 -80.81 -31.03
N ILE B 700 -5.83 -80.91 -29.95
CA ILE B 700 -6.09 -82.19 -29.29
C ILE B 700 -7.34 -82.19 -28.43
N ILE B 701 -8.01 -83.33 -28.34
CA ILE B 701 -9.13 -83.49 -27.41
C ILE B 701 -8.59 -83.61 -25.99
N ASP B 702 -9.04 -82.72 -25.12
CA ASP B 702 -8.53 -82.60 -23.77
C ASP B 702 -8.80 -83.85 -22.94
N GLN B 703 -10.05 -84.31 -22.94
CA GLN B 703 -10.43 -85.49 -22.18
C GLN B 703 -9.84 -86.77 -22.77
N GLU B 704 -9.19 -87.54 -21.91
CA GLU B 704 -8.64 -88.82 -22.30
C GLU B 704 -9.78 -89.77 -22.63
N PRO B 705 -9.63 -90.55 -23.71
CA PRO B 705 -10.66 -91.51 -24.15
C PRO B 705 -11.05 -92.48 -23.03
N PRO B 706 -12.20 -93.15 -23.17
CA PRO B 706 -12.63 -94.13 -22.16
C PRO B 706 -11.61 -95.25 -21.99
N LEU B 707 -11.16 -95.45 -20.75
CA LEU B 707 -10.15 -96.47 -20.44
C LEU B 707 -10.83 -97.77 -20.02
N PRO B 708 -10.12 -98.91 -20.18
CA PRO B 708 -10.76 -100.15 -19.76
C PRO B 708 -10.78 -100.28 -18.25
N GLN B 709 -11.81 -100.94 -17.73
CA GLN B 709 -11.92 -101.21 -16.31
C GLN B 709 -12.34 -102.65 -16.12
N VAL B 710 -11.80 -103.31 -15.11
CA VAL B 710 -12.35 -104.59 -14.72
C VAL B 710 -13.46 -104.28 -13.71
N ARG B 711 -14.70 -104.49 -14.13
CA ARG B 711 -15.87 -104.12 -13.36
C ARG B 711 -16.45 -105.32 -12.60
N ILE B 712 -16.48 -105.21 -11.28
CA ILE B 712 -17.03 -106.27 -10.44
C ILE B 712 -18.44 -105.88 -9.99
N ASP B 713 -19.42 -106.15 -10.84
CA ASP B 713 -20.81 -105.96 -10.45
C ASP B 713 -21.22 -107.13 -9.58
N VAL B 714 -22.21 -106.91 -8.72
CA VAL B 714 -22.67 -107.95 -7.82
C VAL B 714 -24.09 -108.39 -8.13
N ASP B 715 -24.26 -109.69 -8.42
CA ASP B 715 -25.58 -110.26 -8.63
C ASP B 715 -26.33 -110.33 -7.31
N ARG B 716 -27.39 -109.54 -7.19
CA ARG B 716 -28.19 -109.51 -5.97
C ARG B 716 -28.81 -110.86 -5.66
N ALA B 717 -29.65 -111.34 -6.58
CA ALA B 717 -30.37 -112.60 -6.42
C ALA B 717 -29.48 -113.79 -6.06
N ALA B 718 -28.24 -113.78 -6.53
CA ALA B 718 -27.30 -114.84 -6.19
C ALA B 718 -26.91 -114.77 -4.72
N ALA B 719 -26.34 -113.64 -4.31
CA ALA B 719 -25.92 -113.45 -2.91
C ALA B 719 -27.11 -113.55 -1.97
N ALA B 720 -28.31 -113.41 -2.53
CA ALA B 720 -29.54 -113.61 -1.79
C ALA B 720 -29.77 -115.09 -1.60
N ARG B 721 -29.73 -115.83 -2.71
CA ARG B 721 -29.90 -117.28 -2.69
C ARG B 721 -28.64 -118.00 -2.23
N LEU B 722 -27.68 -117.21 -1.72
CA LEU B 722 -26.44 -117.74 -1.19
C LEU B 722 -26.16 -117.16 0.20
N GLY B 723 -27.02 -116.26 0.64
CA GLY B 723 -26.88 -115.64 1.95
C GLY B 723 -25.59 -114.85 2.10
N ILE B 724 -25.49 -113.74 1.38
CA ILE B 724 -24.29 -112.89 1.40
C ILE B 724 -24.68 -111.43 1.19
N ASN B 725 -24.00 -110.53 1.90
CA ASN B 725 -24.23 -109.10 1.76
C ASN B 725 -23.25 -108.44 0.79
N VAL B 726 -23.76 -107.52 -0.05
CA VAL B 726 -22.91 -106.84 -1.02
C VAL B 726 -21.88 -105.98 -0.31
N ALA B 727 -22.16 -105.63 0.94
CA ALA B 727 -21.19 -104.92 1.75
C ALA B 727 -19.92 -105.75 1.95
N ASP B 728 -20.10 -107.06 2.10
CA ASP B 728 -18.98 -107.98 2.28
C ASP B 728 -18.07 -107.92 1.05
N VAL B 729 -18.70 -107.90 -0.11
CA VAL B 729 -17.99 -107.82 -1.39
C VAL B 729 -17.24 -106.52 -1.51
N MET B 730 -17.94 -105.41 -1.22
CA MET B 730 -17.34 -104.08 -1.28
C MET B 730 -16.16 -103.94 -0.32
N ALA B 731 -16.21 -104.63 0.81
CA ALA B 731 -15.09 -104.67 1.73
C ALA B 731 -13.97 -105.56 1.19
N LEU B 732 -14.36 -106.61 0.49
CA LEU B 732 -13.41 -107.50 -0.17
C LEU B 732 -12.58 -106.74 -1.19
N ILE B 733 -13.22 -105.79 -1.87
CA ILE B 733 -12.56 -105.01 -2.91
C ILE B 733 -11.80 -103.82 -2.35
N GLN B 734 -12.51 -103.00 -1.57
CA GLN B 734 -11.95 -101.78 -1.03
C GLN B 734 -10.73 -102.09 -0.17
N THR B 735 -10.78 -103.19 0.56
CA THR B 735 -9.68 -103.56 1.45
C THR B 735 -8.81 -104.65 0.86
N GLY B 736 -9.42 -105.77 0.49
CA GLY B 736 -8.66 -106.90 -0.02
C GLY B 736 -7.98 -106.61 -1.34
N ILE B 737 -8.72 -106.00 -2.26
CA ILE B 737 -8.17 -105.67 -3.57
C ILE B 737 -7.59 -104.25 -3.58
N GLY B 738 -8.41 -103.28 -3.19
CA GLY B 738 -7.99 -101.89 -3.15
C GLY B 738 -6.88 -101.65 -2.15
N GLY B 739 -7.13 -101.98 -0.89
CA GLY B 739 -6.14 -101.85 0.16
C GLY B 739 -6.21 -100.54 0.91
N SER B 740 -7.31 -100.32 1.62
CA SER B 740 -7.46 -99.12 2.43
C SER B 740 -6.53 -99.16 3.64
N PRO B 741 -5.95 -98.01 3.99
CA PRO B 741 -5.19 -97.89 5.25
C PRO B 741 -6.08 -98.19 6.45
N VAL B 742 -5.56 -98.95 7.40
CA VAL B 742 -6.36 -99.36 8.55
C VAL B 742 -6.23 -98.41 9.72
N THR B 743 -4.98 -98.06 10.06
CA THR B 743 -4.78 -97.09 11.14
C THR B 743 -3.58 -96.21 10.88
N GLN B 744 -3.22 -95.39 11.85
CA GLN B 744 -2.09 -94.47 11.69
C GLN B 744 -1.01 -94.69 12.75
N VAL B 745 0.16 -95.12 12.30
CA VAL B 745 1.28 -95.37 13.18
C VAL B 745 2.17 -94.13 13.32
N PHE B 746 2.67 -93.88 14.53
CA PHE B 746 3.46 -92.68 14.83
C PHE B 746 4.88 -93.03 15.28
N VAL B 747 5.87 -92.37 14.68
CA VAL B 747 7.24 -92.48 15.17
C VAL B 747 7.89 -91.09 15.21
N GLU B 748 8.25 -90.64 16.41
CA GLU B 748 8.72 -89.28 16.62
C GLU B 748 7.67 -88.27 16.14
N ASP B 749 8.06 -87.34 15.28
CA ASP B 749 7.10 -86.40 14.72
C ASP B 749 6.60 -86.87 13.36
N ARG B 750 7.05 -88.06 12.96
CA ARG B 750 6.68 -88.66 11.69
C ARG B 750 5.45 -89.58 11.82
N SER B 751 4.71 -89.70 10.72
CA SER B 751 3.44 -90.43 10.71
C SER B 751 3.33 -91.31 9.45
N TYR B 752 2.81 -92.52 9.62
CA TYR B 752 2.73 -93.50 8.52
C TYR B 752 1.42 -94.27 8.56
N ASN B 753 1.00 -94.83 7.43
CA ASN B 753 -0.29 -95.52 7.35
C ASN B 753 -0.17 -97.02 7.46
N VAL B 754 -0.78 -97.61 8.49
CA VAL B 754 -0.89 -99.05 8.59
C VAL B 754 -2.03 -99.52 7.69
N VAL B 755 -1.65 -100.31 6.69
CA VAL B 755 -2.54 -100.71 5.60
C VAL B 755 -2.68 -102.22 5.49
N ALA B 756 -3.91 -102.70 5.30
CA ALA B 756 -4.16 -104.12 5.14
C ALA B 756 -4.66 -104.42 3.73
N ARG B 757 -4.10 -105.44 3.11
CA ARG B 757 -4.49 -105.84 1.75
C ARG B 757 -3.97 -107.23 1.38
N PHE B 758 -4.67 -107.91 0.48
CA PHE B 758 -4.25 -109.23 -0.01
C PHE B 758 -2.86 -109.22 -0.66
N ILE B 759 -2.21 -110.38 -0.65
CA ILE B 759 -0.87 -110.49 -1.21
C ILE B 759 -0.93 -110.43 -2.74
N GLY B 760 0.21 -110.24 -3.38
CA GLY B 760 0.28 -110.22 -4.83
C GLY B 760 -0.10 -111.57 -5.42
N SER B 761 -0.42 -111.58 -6.71
CA SER B 761 -0.87 -112.79 -7.40
C SER B 761 -2.12 -113.42 -6.79
N SER B 762 -2.80 -112.67 -5.91
CA SER B 762 -4.07 -113.08 -5.36
C SER B 762 -5.15 -112.19 -5.94
N ARG B 763 -4.72 -111.09 -6.57
CA ARG B 763 -5.63 -110.10 -7.14
C ARG B 763 -5.11 -109.61 -8.49
N ASN B 764 -4.23 -110.39 -9.11
CA ASN B 764 -3.48 -109.95 -10.28
C ASN B 764 -4.28 -109.91 -11.59
N ASP B 765 -5.34 -110.70 -11.66
CA ASP B 765 -6.12 -110.82 -12.88
C ASP B 765 -7.59 -111.02 -12.52
N PRO B 766 -8.49 -110.82 -13.50
CA PRO B 766 -9.93 -111.03 -13.25
C PRO B 766 -10.27 -112.43 -12.76
N GLU B 767 -9.62 -113.46 -13.29
CA GLU B 767 -9.87 -114.80 -12.81
C GLU B 767 -9.47 -114.97 -11.33
N ALA B 768 -8.22 -114.62 -11.02
CA ALA B 768 -7.68 -114.69 -9.66
C ALA B 768 -8.60 -114.01 -8.65
N ILE B 769 -9.01 -112.80 -9.00
CA ILE B 769 -9.97 -112.05 -8.20
C ILE B 769 -11.27 -112.83 -8.09
N GLY B 770 -11.67 -113.46 -9.18
CA GLY B 770 -12.90 -114.22 -9.20
C GLY B 770 -12.84 -115.39 -8.24
N ASN B 771 -11.64 -115.87 -7.98
CA ASN B 771 -11.44 -117.00 -7.08
C ASN B 771 -11.20 -116.59 -5.63
N LEU B 772 -11.28 -115.29 -5.37
CA LEU B 772 -11.34 -114.80 -3.99
C LEU B 772 -12.65 -115.29 -3.39
N THR B 773 -12.66 -115.52 -2.09
CA THR B 773 -13.87 -116.04 -1.44
C THR B 773 -14.31 -115.19 -0.25
N LEU B 774 -15.43 -115.57 0.34
CA LEU B 774 -15.97 -114.91 1.52
C LEU B 774 -17.04 -115.79 2.16
N THR B 775 -17.13 -115.75 3.49
CA THR B 775 -18.08 -116.59 4.22
C THR B 775 -19.52 -116.13 4.00
N ALA B 776 -20.47 -117.04 4.24
CA ALA B 776 -21.89 -116.74 4.05
C ALA B 776 -22.68 -116.74 5.35
N ALA B 777 -24.00 -116.87 5.23
CA ALA B 777 -24.89 -116.92 6.39
C ALA B 777 -24.91 -118.32 6.99
N ASN B 778 -24.52 -119.30 6.18
CA ASN B 778 -24.43 -120.69 6.62
C ASN B 778 -22.98 -121.16 6.68
N GLY B 779 -22.05 -120.22 6.66
CA GLY B 779 -20.63 -120.52 6.74
C GLY B 779 -20.17 -121.38 5.57
N ALA B 780 -20.34 -120.86 4.36
CA ALA B 780 -20.02 -121.61 3.16
C ALA B 780 -18.65 -121.25 2.59
N HIS B 781 -18.37 -121.78 1.41
CA HIS B 781 -17.10 -121.52 0.72
C HIS B 781 -17.39 -120.85 -0.61
N VAL B 782 -18.06 -119.70 -0.55
CA VAL B 782 -18.50 -119.01 -1.76
C VAL B 782 -17.39 -118.17 -2.39
N ALA B 783 -17.04 -118.50 -3.63
CA ALA B 783 -16.05 -117.72 -4.37
C ALA B 783 -16.72 -116.51 -4.98
N LEU B 784 -15.95 -115.44 -5.16
CA LEU B 784 -16.49 -114.18 -5.65
C LEU B 784 -17.19 -114.36 -6.99
N ALA B 785 -16.71 -115.32 -7.77
CA ALA B 785 -17.20 -115.53 -9.13
C ALA B 785 -18.63 -116.09 -9.22
N GLN B 786 -19.19 -116.50 -8.08
CA GLN B 786 -20.52 -117.09 -8.10
C GLN B 786 -21.60 -116.20 -7.49
N VAL B 787 -21.24 -114.98 -7.11
CA VAL B 787 -22.23 -114.00 -6.68
C VAL B 787 -22.03 -112.70 -7.47
N ALA B 788 -20.87 -112.56 -8.09
CA ALA B 788 -20.51 -111.32 -8.77
C ALA B 788 -20.08 -111.59 -10.22
N HIS B 789 -20.55 -110.73 -11.14
CA HIS B 789 -20.19 -110.85 -12.55
C HIS B 789 -18.96 -110.00 -12.86
N ILE B 790 -17.78 -110.60 -12.74
CA ILE B 790 -16.52 -109.90 -12.94
C ILE B 790 -16.20 -109.79 -14.42
N ARG B 791 -16.32 -108.58 -14.98
CA ARG B 791 -16.13 -108.41 -16.41
C ARG B 791 -15.13 -107.32 -16.76
N LEU B 792 -14.97 -107.08 -18.06
CA LEU B 792 -14.14 -106.00 -18.55
C LEU B 792 -14.97 -105.04 -19.38
N ALA B 793 -15.06 -103.80 -18.93
CA ALA B 793 -15.84 -102.76 -19.60
C ALA B 793 -15.14 -101.42 -19.49
N GLU B 794 -15.09 -100.67 -20.58
CA GLU B 794 -14.45 -99.37 -20.56
C GLU B 794 -15.38 -98.30 -20.01
N GLY B 795 -14.80 -97.31 -19.35
CA GLY B 795 -15.55 -96.20 -18.77
C GLY B 795 -14.81 -94.89 -18.89
N GLU B 796 -15.46 -93.79 -18.52
CA GLU B 796 -14.83 -92.48 -18.68
C GLU B 796 -13.61 -92.25 -17.79
N THR B 797 -12.59 -91.64 -18.37
CA THR B 797 -11.36 -91.33 -17.68
C THR B 797 -11.55 -90.07 -16.85
N THR B 798 -12.02 -89.02 -17.51
CA THR B 798 -12.22 -87.73 -16.86
C THR B 798 -13.47 -87.02 -17.37
N ILE B 799 -14.52 -87.04 -16.57
CA ILE B 799 -15.76 -86.33 -16.89
C ILE B 799 -15.63 -84.87 -16.46
N THR B 800 -15.78 -83.95 -17.40
CA THR B 800 -15.67 -82.54 -17.05
C THR B 800 -16.99 -81.80 -17.26
N ARG B 801 -17.53 -81.27 -16.18
CA ARG B 801 -18.80 -80.54 -16.24
C ARG B 801 -18.57 -79.04 -16.21
N GLU B 802 -19.56 -78.30 -16.71
CA GLU B 802 -19.59 -76.85 -16.57
C GLU B 802 -20.99 -76.36 -16.20
N MET B 803 -21.10 -75.67 -15.08
CA MET B 803 -22.40 -75.23 -14.54
C MET B 803 -23.34 -76.41 -14.33
N ASN B 804 -22.78 -77.52 -13.85
CA ASN B 804 -23.51 -78.78 -13.71
C ASN B 804 -24.14 -79.24 -15.02
N LYS B 805 -23.36 -79.15 -16.10
CA LYS B 805 -23.74 -79.71 -17.39
C LYS B 805 -22.79 -80.84 -17.79
N ARG B 806 -22.35 -80.81 -19.05
CA ARG B 806 -21.51 -81.87 -19.61
C ARG B 806 -20.88 -81.37 -20.90
N HIS B 807 -19.55 -81.44 -21.00
CA HIS B 807 -18.87 -80.96 -22.19
C HIS B 807 -17.52 -81.63 -22.40
N LEU B 808 -17.09 -81.73 -23.66
CA LEU B 808 -15.73 -82.14 -23.98
C LEU B 808 -15.01 -81.00 -24.70
N THR B 809 -13.68 -81.01 -24.67
CA THR B 809 -12.91 -79.87 -25.14
C THR B 809 -11.92 -80.21 -26.24
N VAL B 810 -11.91 -79.40 -27.29
CA VAL B 810 -10.83 -79.45 -28.27
C VAL B 810 -9.90 -78.27 -28.01
N ARG B 811 -8.77 -78.54 -27.39
CA ARG B 811 -7.82 -77.49 -27.06
C ARG B 811 -6.81 -77.29 -28.18
N LEU B 812 -6.48 -76.03 -28.44
CA LEU B 812 -5.64 -75.69 -29.58
C LEU B 812 -4.81 -74.45 -29.35
N ASN B 813 -3.55 -74.51 -29.80
CA ASN B 813 -2.65 -73.37 -29.68
C ASN B 813 -2.35 -72.77 -31.04
N LEU B 814 -2.61 -71.48 -31.18
CA LEU B 814 -2.31 -70.75 -32.41
C LEU B 814 -0.90 -70.22 -32.41
N ARG B 815 -0.24 -70.32 -33.56
CA ARG B 815 1.11 -69.81 -33.72
C ARG B 815 1.28 -69.18 -35.09
N GLY B 816 1.58 -67.89 -35.11
CA GLY B 816 1.83 -67.19 -36.37
C GLY B 816 0.59 -66.94 -37.21
N ARG B 817 -0.42 -66.35 -36.58
CA ARG B 817 -1.63 -65.92 -37.27
C ARG B 817 -2.51 -65.09 -36.34
N ASP B 818 -3.20 -64.10 -36.91
CA ASP B 818 -4.10 -63.23 -36.16
C ASP B 818 -5.17 -64.07 -35.48
N LEU B 819 -5.46 -63.76 -34.23
CA LEU B 819 -6.47 -64.49 -33.48
C LEU B 819 -7.87 -64.17 -34.03
N SER B 820 -8.05 -62.92 -34.44
CA SER B 820 -9.31 -62.46 -35.01
C SER B 820 -9.60 -63.12 -36.36
N THR B 821 -8.63 -63.05 -37.26
CA THR B 821 -8.72 -63.70 -38.57
C THR B 821 -9.02 -65.18 -38.39
N PHE B 822 -8.21 -65.80 -37.53
CA PHE B 822 -8.33 -67.22 -37.25
C PHE B 822 -9.73 -67.61 -36.78
N LEU B 823 -10.23 -66.93 -35.76
CA LEU B 823 -11.57 -67.23 -35.25
C LEU B 823 -12.62 -67.04 -36.35
N GLU B 824 -12.49 -65.94 -37.09
CA GLU B 824 -13.36 -65.62 -38.21
C GLU B 824 -13.52 -66.80 -39.16
N GLU B 825 -12.39 -67.32 -39.64
CA GLU B 825 -12.43 -68.48 -40.54
C GLU B 825 -12.95 -69.73 -39.84
N ALA B 826 -12.34 -70.05 -38.71
CA ALA B 826 -12.60 -71.28 -37.98
C ALA B 826 -14.05 -71.48 -37.56
N ARG B 827 -14.56 -70.61 -36.69
CA ARG B 827 -15.91 -70.81 -36.14
C ARG B 827 -16.99 -70.78 -37.23
N MET B 828 -16.68 -70.11 -38.33
CA MET B 828 -17.52 -70.14 -39.52
C MET B 828 -17.51 -71.55 -40.11
N ARG B 829 -16.31 -72.07 -40.35
CA ARG B 829 -16.15 -73.43 -40.87
C ARG B 829 -16.89 -74.45 -40.02
N ILE B 830 -16.64 -74.41 -38.71
CA ILE B 830 -17.27 -75.33 -37.77
C ILE B 830 -18.78 -75.16 -37.78
N ASP B 831 -19.24 -73.92 -37.94
CA ASP B 831 -20.66 -73.66 -38.07
C ASP B 831 -21.24 -74.36 -39.30
N LYS B 832 -20.44 -74.46 -40.36
CA LYS B 832 -20.93 -74.99 -41.62
C LYS B 832 -20.49 -76.40 -41.96
N GLU B 833 -19.84 -77.11 -41.03
CA GLU B 833 -19.27 -78.42 -41.36
C GLU B 833 -19.48 -79.55 -40.35
N VAL B 834 -20.14 -79.25 -39.22
CA VAL B 834 -20.39 -80.29 -38.23
C VAL B 834 -21.89 -80.46 -37.90
N PRO B 835 -22.32 -81.71 -37.64
CA PRO B 835 -23.70 -82.06 -37.28
C PRO B 835 -23.96 -81.85 -35.79
N TYR B 836 -25.24 -81.76 -35.40
CA TYR B 836 -25.58 -81.47 -34.00
C TYR B 836 -26.98 -81.94 -33.59
N ASP B 837 -27.29 -81.77 -32.31
CA ASP B 837 -28.56 -82.22 -31.72
C ASP B 837 -28.91 -83.67 -32.07
N ILE B 841 -27.34 -80.51 -27.38
CA ILE B 841 -25.93 -80.43 -27.73
C ILE B 841 -25.58 -79.09 -28.39
N GLN B 842 -24.59 -78.41 -27.84
CA GLN B 842 -24.15 -77.13 -28.40
C GLN B 842 -22.64 -77.09 -28.60
N VAL B 843 -22.15 -76.03 -29.24
CA VAL B 843 -20.70 -75.84 -29.42
C VAL B 843 -20.29 -74.39 -29.19
N ALA B 844 -19.34 -74.18 -28.28
CA ALA B 844 -18.89 -72.83 -27.98
C ALA B 844 -17.38 -72.67 -28.11
N TRP B 845 -16.91 -71.43 -28.08
CA TRP B 845 -15.47 -71.17 -28.06
C TRP B 845 -15.07 -70.56 -26.72
N GLY B 846 -13.77 -70.56 -26.45
CA GLY B 846 -13.26 -70.00 -25.22
C GLY B 846 -11.76 -69.76 -25.28
N GLY B 847 -11.26 -68.93 -24.39
CA GLY B 847 -9.83 -68.67 -24.32
C GLY B 847 -9.51 -67.19 -24.35
N GLN B 848 -8.38 -66.86 -24.97
CA GLN B 848 -7.90 -65.49 -25.01
C GLN B 848 -8.80 -64.57 -25.84
N PHE B 849 -9.81 -65.14 -26.49
CA PHE B 849 -10.70 -64.35 -27.34
C PHE B 849 -11.76 -63.64 -26.51
N GLU B 850 -12.02 -64.14 -25.30
CA GLU B 850 -12.90 -63.47 -24.37
C GLU B 850 -12.28 -62.13 -23.98
N ASN B 851 -10.99 -62.17 -23.66
CA ASN B 851 -10.26 -60.97 -23.28
C ASN B 851 -9.93 -60.11 -24.49
N GLN B 852 -9.73 -60.76 -25.65
CA GLN B 852 -9.53 -60.03 -26.90
C GLN B 852 -10.72 -59.15 -27.16
N GLN B 853 -11.90 -59.76 -27.20
CA GLN B 853 -13.14 -59.03 -27.42
C GLN B 853 -13.39 -58.00 -26.32
N ARG B 854 -13.12 -58.37 -25.06
CA ARG B 854 -13.32 -57.43 -23.96
C ARG B 854 -12.48 -56.17 -24.13
N ALA B 855 -11.19 -56.36 -24.39
CA ALA B 855 -10.25 -55.25 -24.54
C ALA B 855 -10.59 -54.40 -25.74
N GLN B 856 -10.71 -55.03 -26.91
CA GLN B 856 -10.95 -54.29 -28.14
C GLN B 856 -12.28 -53.53 -28.11
N ALA B 857 -13.33 -54.18 -27.63
CA ALA B 857 -14.63 -53.52 -27.50
C ALA B 857 -14.53 -52.38 -26.50
N ARG B 858 -13.74 -52.58 -25.44
CA ARG B 858 -13.53 -51.54 -24.45
C ARG B 858 -12.90 -50.31 -25.10
N LEU B 859 -11.92 -50.54 -25.96
CA LEU B 859 -11.30 -49.45 -26.70
C LEU B 859 -12.29 -48.82 -27.66
N ALA B 860 -13.24 -49.62 -28.15
CA ALA B 860 -14.31 -49.13 -29.00
C ALA B 860 -15.33 -48.35 -28.17
N VAL B 861 -15.20 -48.41 -26.85
CA VAL B 861 -16.09 -47.68 -25.95
C VAL B 861 -15.47 -46.38 -25.45
N ILE B 862 -14.28 -46.47 -24.87
CA ILE B 862 -13.66 -45.33 -24.18
C ILE B 862 -12.65 -44.53 -24.99
N LEU B 863 -12.72 -44.61 -26.31
CA LEU B 863 -11.91 -43.77 -27.17
C LEU B 863 -12.61 -42.47 -27.58
N PRO B 864 -13.93 -42.52 -27.87
CA PRO B 864 -14.63 -41.24 -27.98
C PRO B 864 -14.76 -40.56 -26.62
N MET B 865 -14.45 -41.29 -25.56
CA MET B 865 -14.43 -40.77 -24.21
C MET B 865 -13.47 -39.59 -24.10
N VAL B 866 -12.38 -39.64 -24.87
CA VAL B 866 -11.40 -38.57 -24.87
C VAL B 866 -11.43 -37.74 -26.15
N LEU B 867 -11.80 -38.37 -27.27
CA LEU B 867 -11.86 -37.68 -28.56
C LEU B 867 -12.95 -36.61 -28.57
N ALA B 868 -13.80 -36.64 -27.55
CA ALA B 868 -14.78 -35.59 -27.35
C ALA B 868 -14.30 -34.70 -26.21
N LEU B 869 -13.51 -35.27 -25.32
CA LEU B 869 -12.97 -34.54 -24.19
C LEU B 869 -11.91 -33.55 -24.66
N MET B 870 -11.05 -34.02 -25.56
CA MET B 870 -10.01 -33.17 -26.13
C MET B 870 -10.62 -32.10 -27.02
N PHE B 871 -11.73 -32.47 -27.68
CA PHE B 871 -12.48 -31.55 -28.52
C PHE B 871 -12.88 -30.31 -27.71
N VAL B 872 -13.46 -30.54 -26.54
CA VAL B 872 -13.91 -29.46 -25.68
C VAL B 872 -12.73 -28.75 -25.02
N LEU B 873 -11.79 -29.53 -24.52
CA LEU B 873 -10.62 -29.00 -23.82
C LEU B 873 -9.89 -27.99 -24.69
N LEU B 874 -9.54 -28.41 -25.90
CA LEU B 874 -8.90 -27.54 -26.87
C LEU B 874 -9.83 -26.38 -27.22
N PHE B 875 -9.51 -25.21 -26.70
CA PHE B 875 -10.32 -24.01 -26.95
C PHE B 875 -9.45 -22.76 -27.03
N GLY B 876 -8.95 -22.48 -28.23
CA GLY B 876 -8.13 -21.29 -28.45
C GLY B 876 -8.99 -20.08 -28.72
N ARG B 882 -14.15 -25.43 -34.17
CA ARG B 882 -13.63 -24.98 -35.45
C ARG B 882 -12.16 -25.37 -35.59
N GLN B 883 -11.27 -24.44 -35.26
CA GLN B 883 -9.83 -24.72 -35.23
C GLN B 883 -9.42 -25.92 -34.35
N PRO B 884 -10.08 -26.09 -33.18
CA PRO B 884 -9.79 -27.31 -32.41
C PRO B 884 -9.96 -28.60 -33.21
N ALA B 885 -10.87 -28.63 -34.18
CA ALA B 885 -10.99 -29.79 -35.05
C ALA B 885 -9.69 -29.98 -35.83
N LEU B 886 -9.16 -28.88 -36.34
CA LEU B 886 -7.93 -28.90 -37.12
C LEU B 886 -6.79 -29.45 -36.28
N ILE B 887 -6.68 -28.95 -35.04
CA ILE B 887 -5.64 -29.43 -34.14
C ILE B 887 -5.88 -30.90 -33.79
N LEU B 888 -7.15 -31.31 -33.79
CA LEU B 888 -7.54 -32.65 -33.40
C LEU B 888 -7.27 -33.65 -34.53
N MET B 889 -7.08 -33.13 -35.75
CA MET B 889 -6.77 -33.98 -36.89
C MET B 889 -5.30 -34.42 -36.91
N ALA B 890 -4.58 -34.09 -35.85
CA ALA B 890 -3.18 -34.50 -35.74
C ALA B 890 -3.09 -35.99 -35.46
N VAL B 891 -4.21 -36.57 -35.03
CA VAL B 891 -4.28 -37.99 -34.69
C VAL B 891 -4.08 -38.94 -35.88
N PRO B 892 -4.88 -38.81 -36.96
CA PRO B 892 -4.69 -39.72 -38.09
C PRO B 892 -3.28 -39.68 -38.70
N LEU B 893 -2.72 -38.48 -38.82
CA LEU B 893 -1.38 -38.29 -39.38
C LEU B 893 -0.36 -39.15 -38.65
N ALA B 894 -0.51 -39.22 -37.33
CA ALA B 894 0.36 -40.04 -36.49
C ALA B 894 0.06 -41.51 -36.69
N THR B 895 -1.22 -41.82 -36.84
CA THR B 895 -1.68 -43.19 -37.02
C THR B 895 -1.07 -43.82 -38.26
N LEU B 896 -0.83 -42.99 -39.28
CA LEU B 896 -0.24 -43.45 -40.52
C LEU B 896 1.05 -44.20 -40.25
N GLY B 897 2.02 -43.51 -39.67
CA GLY B 897 3.33 -44.09 -39.41
C GLY B 897 3.29 -45.24 -38.43
N GLY B 898 2.30 -45.24 -37.55
CA GLY B 898 2.16 -46.28 -36.55
C GLY B 898 1.66 -47.57 -37.16
N LEU B 899 0.68 -47.46 -38.04
CA LEU B 899 0.13 -48.64 -38.70
C LEU B 899 1.16 -49.27 -39.63
N VAL B 900 1.97 -48.44 -40.30
CA VAL B 900 2.96 -48.96 -41.23
C VAL B 900 4.19 -49.50 -40.50
N ALA B 901 4.30 -49.22 -39.21
CA ALA B 901 5.39 -49.75 -38.39
C ALA B 901 5.03 -51.15 -37.91
N LEU B 902 3.73 -51.46 -37.91
CA LEU B 902 3.26 -52.78 -37.51
C LEU B 902 3.29 -53.76 -38.69
N HIS B 903 2.87 -53.28 -39.86
CA HIS B 903 2.96 -54.06 -41.09
C HIS B 903 4.42 -54.36 -41.40
N LEU B 904 5.30 -53.46 -40.96
CA LEU B 904 6.73 -53.63 -41.15
C LEU B 904 7.26 -54.83 -40.40
N ARG B 905 6.97 -54.89 -39.10
CA ARG B 905 7.52 -55.94 -38.25
C ARG B 905 6.56 -57.13 -38.10
N GLY B 906 5.49 -57.13 -38.88
CA GLY B 906 4.51 -58.20 -38.82
C GLY B 906 3.77 -58.23 -37.50
N MET B 907 3.69 -57.08 -36.85
CA MET B 907 3.00 -56.97 -35.57
C MET B 907 1.53 -56.64 -35.79
N THR B 908 0.70 -56.98 -34.81
CA THR B 908 -0.74 -56.77 -34.93
C THR B 908 -1.24 -55.71 -33.94
N LEU B 909 -2.55 -55.66 -33.78
CA LEU B 909 -3.18 -54.70 -32.87
C LEU B 909 -3.47 -55.34 -31.52
N ASN B 910 -2.44 -55.50 -30.71
CA ASN B 910 -2.62 -55.94 -29.33
C ASN B 910 -2.81 -54.73 -28.44
N VAL B 911 -3.18 -54.96 -27.18
CA VAL B 911 -3.40 -53.86 -26.24
C VAL B 911 -2.16 -52.97 -26.11
N SER B 912 -0.98 -53.58 -26.14
CA SER B 912 0.28 -52.88 -26.02
C SER B 912 0.41 -51.79 -27.09
N SER B 913 0.36 -52.23 -28.35
CA SER B 913 0.42 -51.32 -29.48
C SER B 913 -0.66 -50.24 -29.39
N ALA B 914 -1.84 -50.62 -28.89
CA ALA B 914 -2.93 -49.66 -28.74
C ALA B 914 -2.55 -48.54 -27.76
N VAL B 915 -1.96 -48.93 -26.63
CA VAL B 915 -1.46 -47.95 -25.69
C VAL B 915 -0.44 -47.04 -26.38
N GLY B 916 0.43 -47.66 -27.17
CA GLY B 916 1.39 -46.92 -27.97
C GLY B 916 0.72 -45.87 -28.85
N PHE B 917 -0.41 -46.24 -29.43
CA PHE B 917 -1.20 -45.30 -30.22
C PHE B 917 -1.70 -44.14 -29.37
N ILE B 918 -2.22 -44.44 -28.19
CA ILE B 918 -2.68 -43.39 -27.28
C ILE B 918 -1.57 -42.37 -26.97
N ALA B 919 -0.41 -42.88 -26.56
CA ALA B 919 0.72 -42.03 -26.25
C ALA B 919 1.11 -41.20 -27.47
N LEU B 920 1.13 -41.86 -28.62
CA LEU B 920 1.45 -41.21 -29.88
C LEU B 920 0.52 -40.04 -30.16
N PHE B 921 -0.77 -40.25 -29.91
CA PHE B 921 -1.77 -39.22 -30.10
C PHE B 921 -1.47 -38.06 -29.17
N GLY B 922 -1.08 -38.38 -27.95
CA GLY B 922 -0.70 -37.36 -26.99
C GLY B 922 0.41 -36.45 -27.49
N VAL B 923 1.56 -37.05 -27.81
CA VAL B 923 2.71 -36.24 -28.24
C VAL B 923 2.45 -35.51 -29.56
N ALA B 924 1.74 -36.17 -30.48
CA ALA B 924 1.40 -35.57 -31.77
C ALA B 924 0.56 -34.32 -31.57
N VAL B 925 -0.51 -34.45 -30.78
CA VAL B 925 -1.36 -33.30 -30.48
C VAL B 925 -0.55 -32.21 -29.79
N LEU B 926 0.39 -32.58 -28.93
CA LEU B 926 1.28 -31.59 -28.33
C LEU B 926 2.02 -30.77 -29.38
N ASN B 927 2.75 -31.44 -30.26
CA ASN B 927 3.46 -30.75 -31.35
C ASN B 927 2.53 -29.87 -32.20
N ALA B 928 1.33 -30.38 -32.46
CA ALA B 928 0.32 -29.65 -33.22
C ALA B 928 -0.08 -28.36 -32.50
N ILE B 929 -0.16 -28.41 -31.18
CA ILE B 929 -0.44 -27.22 -30.39
C ILE B 929 0.71 -26.24 -30.49
N ILE B 930 1.93 -26.74 -30.31
CA ILE B 930 3.13 -25.90 -30.43
C ILE B 930 3.16 -25.15 -31.76
N MET B 931 2.84 -25.84 -32.84
CA MET B 931 2.79 -25.22 -34.16
C MET B 931 1.64 -24.21 -34.27
N ILE B 932 0.44 -24.65 -33.92
CA ILE B 932 -0.76 -23.83 -34.11
C ILE B 932 -0.75 -22.56 -33.26
N ALA B 933 0.01 -22.57 -32.18
CA ALA B 933 0.14 -21.38 -31.33
C ALA B 933 0.83 -20.27 -32.11
N ASN B 934 1.99 -20.58 -32.69
CA ASN B 934 2.70 -19.65 -33.54
C ASN B 934 1.88 -19.30 -34.78
N LEU B 935 1.12 -20.27 -35.28
CA LEU B 935 0.22 -20.02 -36.40
C LEU B 935 -0.85 -19.01 -36.03
N ASN B 936 -1.16 -18.91 -34.74
CA ASN B 936 -2.13 -17.94 -34.26
C ASN B 936 -1.49 -16.61 -33.84
N ARG B 937 -0.17 -16.63 -33.63
CA ARG B 937 0.55 -15.44 -33.21
C ARG B 937 0.75 -14.49 -34.38
N TRP B 938 0.27 -14.90 -35.55
CA TRP B 938 0.29 -14.06 -36.74
C TRP B 938 -0.61 -12.84 -36.54
N ARG B 939 0.02 -11.71 -36.20
CA ARG B 939 -0.69 -10.45 -35.99
C ARG B 939 0.15 -9.26 -36.45
N GLU B 948 -1.76 -15.81 -46.60
CA GLU B 948 -0.56 -16.53 -47.00
C GLU B 948 0.59 -16.24 -46.04
N ALA B 949 0.24 -15.88 -44.80
CA ALA B 949 1.24 -15.55 -43.79
C ALA B 949 1.46 -16.69 -42.81
N VAL B 950 1.16 -17.91 -43.24
CA VAL B 950 1.33 -19.09 -42.40
C VAL B 950 2.79 -19.56 -42.37
N VAL B 951 3.54 -19.21 -43.42
CA VAL B 951 4.93 -19.64 -43.55
C VAL B 951 5.83 -19.04 -42.48
N ARG B 952 5.74 -17.71 -42.32
CA ARG B 952 6.59 -16.98 -41.38
C ARG B 952 6.37 -17.45 -39.94
N GLY B 953 5.17 -17.93 -39.65
CA GLY B 953 4.83 -18.39 -38.32
C GLY B 953 5.12 -19.87 -38.09
N ALA B 954 5.02 -20.65 -39.16
CA ALA B 954 5.29 -22.08 -39.09
C ALA B 954 6.80 -22.34 -39.04
N GLY B 955 7.56 -21.48 -39.71
CA GLY B 955 9.01 -21.60 -39.73
C GLY B 955 9.64 -21.39 -38.36
N GLU B 956 8.93 -20.68 -37.50
CA GLU B 956 9.40 -20.43 -36.15
C GLU B 956 9.41 -21.72 -35.34
N ARG B 957 8.40 -22.56 -35.58
CA ARG B 957 8.29 -23.84 -34.87
C ARG B 957 8.97 -24.98 -35.63
N MET B 958 10.24 -24.79 -35.98
CA MET B 958 11.01 -25.83 -36.61
C MET B 958 11.91 -26.52 -35.60
N ARG B 959 12.72 -25.73 -34.90
CA ARG B 959 13.61 -26.26 -33.87
C ARG B 959 12.87 -26.95 -32.71
N PRO B 960 11.94 -26.25 -32.04
CA PRO B 960 11.32 -26.89 -30.87
C PRO B 960 10.47 -28.11 -31.22
N VAL B 961 9.66 -28.01 -32.26
CA VAL B 961 8.81 -29.12 -32.69
C VAL B 961 9.65 -30.36 -33.01
N LEU B 962 10.63 -30.20 -33.88
CA LEU B 962 11.49 -31.31 -34.27
C LEU B 962 12.32 -31.82 -33.11
N MET B 963 12.65 -30.95 -32.17
CA MET B 963 13.40 -31.37 -30.99
C MET B 963 12.55 -32.29 -30.13
N THR B 964 11.34 -31.84 -29.81
CA THR B 964 10.40 -32.62 -29.03
C THR B 964 10.10 -33.96 -29.70
N ALA B 965 9.83 -33.89 -31.00
CA ALA B 965 9.53 -35.08 -31.78
C ALA B 965 10.71 -36.05 -31.78
N THR B 966 11.92 -35.51 -31.83
CA THR B 966 13.12 -36.35 -31.84
C THR B 966 13.36 -37.03 -30.49
N VAL B 967 13.35 -36.25 -29.41
CA VAL B 967 13.57 -36.83 -28.08
C VAL B 967 12.46 -37.80 -27.68
N ALA B 968 11.24 -37.55 -28.14
CA ALA B 968 10.13 -38.45 -27.88
C ALA B 968 10.24 -39.74 -28.70
N ALA B 969 10.54 -39.60 -29.99
CA ALA B 969 10.60 -40.76 -30.89
C ALA B 969 11.95 -41.46 -30.87
N LEU B 970 12.86 -41.01 -30.02
CA LEU B 970 14.16 -41.67 -29.88
C LEU B 970 14.32 -42.25 -28.49
N GLY B 971 13.47 -41.81 -27.57
CA GLY B 971 13.48 -42.33 -26.22
C GLY B 971 12.86 -43.70 -26.14
N LEU B 972 12.29 -44.15 -27.25
CA LEU B 972 11.65 -45.46 -27.31
C LEU B 972 12.36 -46.40 -28.26
N ILE B 973 13.30 -45.87 -29.03
CA ILE B 973 14.14 -46.70 -29.90
C ILE B 973 14.93 -47.80 -29.17
N PRO B 974 15.51 -47.50 -27.98
CA PRO B 974 16.19 -48.58 -27.27
C PRO B 974 15.25 -49.73 -26.90
N ALA B 975 14.00 -49.40 -26.58
CA ALA B 975 13.00 -50.42 -26.26
C ALA B 975 12.50 -51.10 -27.53
N ALA B 976 12.60 -50.38 -28.64
CA ALA B 976 12.03 -50.83 -29.91
C ALA B 976 12.73 -52.06 -30.50
N LEU B 977 14.01 -52.24 -30.17
CA LEU B 977 14.75 -53.38 -30.70
C LEU B 977 14.33 -54.68 -30.02
N ALA B 978 14.34 -55.78 -30.78
CA ALA B 978 13.95 -57.08 -30.26
C ALA B 978 14.88 -57.56 -29.16
N HIS B 979 14.54 -57.23 -27.92
CA HIS B 979 15.42 -57.51 -26.78
C HIS B 979 14.99 -58.72 -25.96
N GLY B 980 15.72 -58.97 -24.88
CA GLY B 980 15.53 -60.16 -24.07
C GLY B 980 14.30 -60.14 -23.20
N LEU B 981 14.36 -60.90 -22.11
CA LEU B 981 13.23 -61.09 -21.20
C LEU B 981 12.74 -59.79 -20.58
N GLY B 982 11.48 -59.44 -20.85
CA GLY B 982 10.86 -58.27 -20.25
C GLY B 982 10.85 -57.06 -21.16
N SER B 983 10.66 -57.30 -22.44
CA SER B 983 10.56 -56.22 -23.41
C SER B 983 9.48 -56.54 -24.43
N ASP B 984 8.83 -57.69 -24.22
CA ASP B 984 7.84 -58.20 -25.16
C ASP B 984 6.57 -57.38 -25.16
N VAL B 985 6.24 -56.76 -24.03
CA VAL B 985 5.06 -55.93 -23.93
C VAL B 985 5.32 -54.50 -24.41
N GLN B 986 6.55 -54.03 -24.24
CA GLN B 986 6.89 -52.63 -24.52
C GLN B 986 7.24 -52.41 -25.99
N ARG B 987 7.83 -53.42 -26.61
CA ARG B 987 8.20 -53.35 -28.01
C ARG B 987 7.09 -52.88 -28.98
N PRO B 988 5.84 -53.36 -28.78
CA PRO B 988 4.77 -52.82 -29.64
C PRO B 988 4.54 -51.34 -29.42
N LEU B 989 4.53 -50.92 -28.16
CA LEU B 989 4.39 -49.51 -27.80
C LEU B 989 5.43 -48.68 -28.54
N ALA B 990 6.70 -48.98 -28.27
CA ALA B 990 7.82 -48.25 -28.87
C ALA B 990 7.71 -48.24 -30.39
N THR B 991 7.31 -49.38 -30.97
CA THR B 991 7.14 -49.49 -32.40
C THR B 991 6.12 -48.48 -32.94
N VAL B 992 4.91 -48.54 -32.39
CA VAL B 992 3.83 -47.65 -32.82
C VAL B 992 4.19 -46.18 -32.63
N VAL B 993 4.69 -45.85 -31.45
CA VAL B 993 5.03 -44.46 -31.14
C VAL B 993 6.12 -43.91 -32.06
N VAL B 994 7.26 -44.60 -32.10
CA VAL B 994 8.38 -44.15 -32.92
C VAL B 994 7.99 -44.06 -34.39
N GLY B 995 7.41 -45.13 -34.92
CA GLY B 995 7.03 -45.17 -36.33
C GLY B 995 6.00 -44.12 -36.71
N GLY B 996 5.08 -43.86 -35.79
CA GLY B 996 4.00 -42.91 -36.04
C GLY B 996 4.45 -41.47 -35.94
N LEU B 997 5.35 -41.21 -35.00
CA LEU B 997 5.80 -39.85 -34.72
C LEU B 997 6.46 -39.18 -35.91
N ILE B 998 6.89 -39.99 -36.88
CA ILE B 998 7.55 -39.47 -38.09
C ILE B 998 6.56 -38.80 -39.04
N THR B 999 5.54 -39.54 -39.45
CA THR B 999 4.49 -38.97 -40.29
C THR B 999 3.70 -37.94 -39.50
N ALA B 1000 3.63 -38.14 -38.19
CA ALA B 1000 3.01 -37.16 -37.30
C ALA B 1000 3.68 -35.82 -37.44
N THR B 1001 4.97 -35.78 -37.15
CA THR B 1001 5.73 -34.53 -37.17
C THR B 1001 5.84 -33.93 -38.58
N ALA B 1002 6.06 -34.80 -39.56
CA ALA B 1002 6.18 -34.36 -40.96
C ALA B 1002 4.91 -33.68 -41.43
N LEU B 1003 3.79 -34.39 -41.33
CA LEU B 1003 2.51 -33.84 -41.76
C LEU B 1003 2.10 -32.66 -40.88
N THR B 1004 2.62 -32.61 -39.67
CA THR B 1004 2.36 -31.49 -38.78
C THR B 1004 3.03 -30.22 -39.30
N LEU B 1005 4.31 -30.33 -39.62
CA LEU B 1005 5.07 -29.19 -40.12
C LEU B 1005 4.63 -28.78 -41.52
N VAL B 1006 4.14 -29.74 -42.30
CA VAL B 1006 3.79 -29.48 -43.70
C VAL B 1006 2.31 -29.18 -43.92
N LEU B 1007 1.45 -30.16 -43.67
CA LEU B 1007 0.03 -30.03 -44.02
C LEU B 1007 -0.77 -29.13 -43.08
N LEU B 1008 -0.33 -29.01 -41.84
CA LEU B 1008 -1.07 -28.20 -40.86
C LEU B 1008 -1.04 -26.68 -41.11
N PRO B 1009 0.14 -26.10 -41.39
CA PRO B 1009 0.12 -24.65 -41.65
C PRO B 1009 -0.68 -24.29 -42.91
N ALA B 1010 -0.68 -25.20 -43.88
CA ALA B 1010 -1.47 -25.02 -45.09
C ALA B 1010 -2.96 -25.21 -44.79
N LEU B 1011 -3.24 -25.87 -43.67
CA LEU B 1011 -4.61 -26.10 -43.24
C LEU B 1011 -5.15 -24.88 -42.50
N TYR B 1012 -4.32 -24.26 -41.67
CA TYR B 1012 -4.74 -23.06 -40.94
C TYR B 1012 -4.98 -21.91 -41.91
N TYR B 1013 -4.33 -21.98 -43.06
CA TYR B 1013 -4.53 -21.02 -44.14
C TYR B 1013 -5.86 -21.28 -44.84
N LEU B 1014 -6.04 -22.53 -45.29
CA LEU B 1014 -7.22 -22.92 -46.07
C LEU B 1014 -8.53 -22.82 -45.28
N ILE B 1015 -8.51 -23.21 -44.01
CA ILE B 1015 -9.73 -23.31 -43.23
C ILE B 1015 -10.44 -21.98 -42.97
N GLU B 1016 -9.73 -21.03 -42.37
CA GLU B 1016 -10.36 -19.78 -41.96
C GLU B 1016 -10.57 -18.78 -43.11
N THR B 1017 -10.77 -19.31 -44.31
CA THR B 1017 -11.17 -18.48 -45.44
C THR B 1017 -12.64 -18.76 -45.78
N ARG B 1018 -13.04 -20.02 -45.66
CA ARG B 1018 -14.42 -20.42 -45.91
C ARG B 1018 -14.87 -21.52 -44.94
N ARG C 4 -2.22 -11.66 8.20
CA ARG C 4 -2.95 -12.13 7.04
C ARG C 4 -4.46 -12.11 7.29
N LEU C 5 -4.95 -13.15 7.96
CA LEU C 5 -6.38 -13.33 8.18
C LEU C 5 -6.85 -12.69 9.47
N VAL C 6 -5.98 -11.89 10.08
CA VAL C 6 -6.35 -11.12 11.26
C VAL C 6 -7.18 -9.92 10.79
N THR C 7 -6.99 -9.55 9.53
CA THR C 7 -7.66 -8.40 8.94
C THR C 7 -9.18 -8.56 8.93
N LEU C 8 -9.66 -9.60 8.24
CA LEU C 8 -11.09 -9.85 8.17
C LEU C 8 -11.66 -10.21 9.54
N CYS C 9 -10.81 -10.78 10.39
CA CYS C 9 -11.22 -11.24 11.71
C CYS C 9 -11.50 -10.07 12.64
N PHE C 10 -10.71 -9.02 12.53
CA PHE C 10 -10.89 -7.84 13.36
C PHE C 10 -12.25 -7.20 13.10
N ASN C 11 -12.74 -7.34 11.87
CA ASN C 11 -14.07 -6.88 11.50
C ASN C 11 -15.09 -8.02 11.59
N ARG C 12 -14.65 -9.16 12.11
CA ARG C 12 -15.50 -10.33 12.23
C ARG C 12 -15.59 -10.77 13.69
N ARG C 13 -15.43 -9.81 14.60
CA ARG C 13 -15.43 -10.09 16.04
C ARG C 13 -16.64 -10.91 16.51
N GLY C 14 -17.82 -10.36 16.29
CA GLY C 14 -19.06 -11.02 16.71
C GLY C 14 -19.24 -12.38 16.06
N ILE C 15 -18.91 -12.47 14.78
CA ILE C 15 -19.07 -13.72 14.04
C ILE C 15 -18.10 -14.80 14.51
N VAL C 16 -16.82 -14.46 14.63
CA VAL C 16 -15.84 -15.43 15.13
C VAL C 16 -16.16 -15.83 16.56
N ALA C 17 -16.72 -14.91 17.33
CA ALA C 17 -17.13 -15.20 18.70
C ALA C 17 -18.27 -16.21 18.71
N LEU C 18 -19.26 -16.00 17.85
CA LEU C 18 -20.42 -16.88 17.79
C LEU C 18 -20.02 -18.28 17.30
N VAL C 19 -19.23 -18.34 16.24
CA VAL C 19 -18.79 -19.64 15.71
C VAL C 19 -17.88 -20.35 16.70
N PHE C 20 -17.09 -19.60 17.46
CA PHE C 20 -16.23 -20.21 18.47
C PHE C 20 -17.10 -20.73 19.62
N ALA C 21 -18.23 -20.08 19.85
CA ALA C 21 -19.20 -20.59 20.81
C ALA C 21 -19.80 -21.90 20.28
N MET C 22 -19.97 -21.96 18.96
CA MET C 22 -20.50 -23.17 18.32
C MET C 22 -19.53 -24.34 18.46
N VAL C 23 -18.25 -24.07 18.22
CA VAL C 23 -17.22 -25.08 18.38
C VAL C 23 -17.09 -25.43 19.87
N ALA C 24 -17.46 -24.50 20.73
CA ALA C 24 -17.47 -24.76 22.16
C ALA C 24 -18.55 -25.79 22.49
N LEU C 25 -19.76 -25.55 22.01
CA LEU C 25 -20.87 -26.49 22.25
C LEU C 25 -20.58 -27.86 21.63
N TYR C 26 -20.14 -27.87 20.38
CA TYR C 26 -19.86 -29.14 19.70
C TYR C 26 -18.63 -29.81 20.29
N GLY C 27 -17.82 -29.05 21.02
CA GLY C 27 -16.65 -29.57 21.68
C GLY C 27 -17.04 -30.27 22.96
N TRP C 28 -17.94 -29.63 23.71
CA TRP C 28 -18.50 -30.24 24.91
C TRP C 28 -19.25 -31.52 24.54
N TYR C 29 -20.02 -31.44 23.47
CA TYR C 29 -20.75 -32.61 22.97
C TYR C 29 -19.78 -33.69 22.50
N ALA C 30 -18.69 -33.27 21.86
CA ALA C 30 -17.68 -34.22 21.39
C ALA C 30 -17.03 -34.96 22.55
N TRP C 31 -16.76 -34.23 23.63
CA TRP C 31 -16.17 -34.88 24.80
C TRP C 31 -17.20 -35.80 25.45
N LYS C 32 -18.46 -35.42 25.40
CA LYS C 32 -19.53 -36.27 25.95
C LYS C 32 -19.77 -37.54 25.11
N GLN C 33 -19.09 -37.62 23.96
CA GLN C 33 -19.15 -38.81 23.12
C GLN C 33 -17.75 -39.32 22.81
N LEU C 34 -16.94 -39.49 23.86
CA LEU C 34 -15.57 -39.95 23.71
C LEU C 34 -15.28 -41.10 24.68
N PRO C 35 -14.61 -42.17 24.20
CA PRO C 35 -14.34 -43.36 25.02
C PRO C 35 -13.30 -43.13 26.10
N LEU C 36 -13.61 -43.56 27.31
CA LEU C 36 -12.68 -43.45 28.43
C LEU C 36 -11.73 -44.63 28.46
N GLU C 37 -10.43 -44.33 28.38
CA GLU C 37 -9.41 -45.36 28.50
C GLU C 37 -8.39 -44.97 29.55
N ALA C 38 -8.40 -45.68 30.67
CA ALA C 38 -7.50 -45.38 31.79
C ALA C 38 -6.23 -46.20 31.69
N TYR C 39 -6.35 -47.39 31.11
CA TYR C 39 -5.20 -48.25 30.87
C TYR C 39 -5.35 -48.78 29.47
N PRO C 40 -4.71 -48.11 28.50
CA PRO C 40 -4.84 -48.41 27.07
C PRO C 40 -4.54 -49.87 26.77
N ASP C 41 -5.22 -50.45 25.79
CA ASP C 41 -4.98 -51.84 25.41
C ASP C 41 -3.54 -51.99 24.92
N ILE C 42 -2.65 -52.20 25.88
CA ILE C 42 -1.21 -52.33 25.64
C ILE C 42 -0.90 -53.54 24.78
N ALA C 43 -1.73 -54.57 24.95
CA ALA C 43 -1.54 -55.86 24.28
C ALA C 43 -1.33 -55.77 22.78
N ASP C 44 -0.70 -56.80 22.23
CA ASP C 44 -0.57 -56.97 20.79
C ASP C 44 -1.63 -57.95 20.32
N THR C 45 -1.86 -58.01 19.01
CA THR C 45 -2.87 -58.89 18.45
C THR C 45 -2.47 -60.36 18.56
N THR C 46 -3.09 -61.07 19.51
CA THR C 46 -2.76 -62.47 19.75
C THR C 46 -3.99 -63.37 19.84
N SER C 47 -3.78 -64.66 19.61
CA SER C 47 -4.84 -65.64 19.74
C SER C 47 -4.23 -67.02 19.94
N GLN C 48 -4.86 -67.82 20.79
CA GLN C 48 -4.34 -69.16 21.09
C GLN C 48 -5.36 -70.26 20.77
N VAL C 49 -4.85 -71.40 20.31
CA VAL C 49 -5.66 -72.57 20.01
C VAL C 49 -5.52 -73.66 21.08
N VAL C 50 -6.66 -74.18 21.51
CA VAL C 50 -6.68 -75.15 22.59
C VAL C 50 -7.10 -76.52 22.09
N THR C 51 -6.15 -77.45 22.07
CA THR C 51 -6.46 -78.84 21.78
C THR C 51 -6.48 -79.59 23.11
N GLN C 52 -7.67 -79.75 23.67
CA GLN C 52 -7.82 -80.36 24.99
C GLN C 52 -8.19 -81.83 24.93
N VAL C 53 -7.36 -82.69 25.51
CA VAL C 53 -7.66 -84.11 25.64
C VAL C 53 -7.77 -84.50 27.11
N ASN C 54 -8.99 -84.70 27.60
CA ASN C 54 -9.25 -84.89 29.02
C ASN C 54 -8.61 -86.14 29.62
N GLY C 55 -7.87 -85.95 30.71
CA GLY C 55 -7.32 -87.07 31.48
C GLY C 55 -6.06 -87.69 30.91
N LEU C 56 -5.63 -87.21 29.75
CA LEU C 56 -4.46 -87.77 29.07
C LEU C 56 -3.18 -87.05 29.50
N ALA C 57 -2.08 -87.79 29.58
CA ALA C 57 -0.80 -87.23 30.03
C ALA C 57 -0.02 -86.45 28.96
N ALA C 58 1.25 -86.14 29.27
CA ALA C 58 1.99 -85.04 28.63
C ALA C 58 2.97 -85.40 27.50
N GLU C 59 2.73 -86.48 26.79
CA GLU C 59 3.67 -86.87 25.73
C GLU C 59 2.92 -87.51 24.57
N GLU C 60 1.70 -87.95 24.89
CA GLU C 60 0.76 -88.41 23.87
C GLU C 60 -0.12 -87.22 23.52
N VAL C 61 0.45 -86.03 23.68
CA VAL C 61 -0.25 -84.76 23.51
C VAL C 61 0.63 -83.77 22.73
N GLU C 62 1.89 -84.13 22.53
CA GLU C 62 2.85 -83.23 21.90
C GLU C 62 3.48 -83.88 20.69
N GLN C 63 3.60 -85.22 20.77
CA GLN C 63 4.27 -85.99 19.74
C GLN C 63 3.59 -85.82 18.39
N GLN C 64 2.26 -85.84 18.41
CA GLN C 64 1.48 -85.87 17.19
C GLN C 64 0.45 -84.75 17.11
N ILE C 65 0.39 -83.92 18.14
CA ILE C 65 -0.63 -82.89 18.19
C ILE C 65 -0.05 -81.50 17.98
N THR C 66 0.79 -81.06 18.90
CA THR C 66 1.36 -79.73 18.84
C THR C 66 2.28 -79.54 17.63
N ILE C 67 2.98 -80.60 17.24
CA ILE C 67 3.96 -80.52 16.15
C ILE C 67 3.37 -80.24 14.76
N PRO C 68 2.42 -81.08 14.28
CA PRO C 68 1.91 -80.83 12.92
C PRO C 68 1.04 -79.57 12.85
N LEU C 69 0.35 -79.29 13.95
CA LEU C 69 -0.39 -78.05 14.12
C LEU C 69 0.58 -76.88 14.01
N GLU C 70 1.73 -77.00 14.64
CA GLU C 70 2.74 -75.94 14.57
C GLU C 70 3.24 -75.78 13.14
N ARG C 71 3.37 -76.90 12.43
CA ARG C 71 3.76 -76.87 11.02
C ARG C 71 2.78 -76.05 10.17
N GLU C 72 1.50 -76.42 10.20
CA GLU C 72 0.52 -75.69 9.39
C GLU C 72 0.29 -74.24 9.85
N ILE C 73 0.10 -74.06 11.15
CA ILE C 73 -0.16 -72.75 11.74
C ILE C 73 1.01 -71.76 11.59
N MET C 74 2.24 -72.26 11.54
CA MET C 74 3.41 -71.39 11.35
C MET C 74 3.26 -70.53 10.09
N GLY C 75 2.52 -71.05 9.11
CA GLY C 75 2.33 -70.36 7.85
C GLY C 75 1.15 -69.40 7.78
N VAL C 76 0.47 -69.16 8.90
CA VAL C 76 -0.61 -68.19 8.90
C VAL C 76 -0.06 -66.80 8.57
N PRO C 77 -0.78 -66.05 7.74
CA PRO C 77 -0.37 -64.71 7.35
C PRO C 77 -0.35 -63.78 8.55
N GLY C 78 0.57 -62.82 8.55
CA GLY C 78 0.64 -61.81 9.60
C GLY C 78 1.18 -62.33 10.91
N MET C 79 1.70 -63.56 10.90
CA MET C 79 2.26 -64.14 12.11
C MET C 79 3.55 -63.42 12.51
N HIS C 80 3.77 -63.25 13.81
CA HIS C 80 4.98 -62.60 14.30
C HIS C 80 5.77 -63.53 15.22
N VAL C 81 5.15 -63.93 16.32
CA VAL C 81 5.78 -64.87 17.24
C VAL C 81 4.88 -66.07 17.45
N MET C 82 5.46 -67.27 17.39
CA MET C 82 4.67 -68.48 17.60
C MET C 82 5.21 -69.37 18.71
N ARG C 83 4.44 -69.46 19.79
CA ARG C 83 4.80 -70.29 20.94
C ARG C 83 3.81 -71.42 21.13
N SER C 84 4.17 -72.41 21.93
CA SER C 84 3.27 -73.53 22.19
C SER C 84 3.68 -74.33 23.43
N LYS C 85 2.69 -74.89 24.12
CA LYS C 85 2.95 -75.64 25.33
C LYS C 85 2.10 -76.91 25.42
N SER C 86 2.78 -78.02 25.70
CA SER C 86 2.14 -79.33 25.68
C SER C 86 2.28 -80.05 27.02
N THR C 87 1.20 -80.68 27.46
CA THR C 87 1.15 -81.23 28.81
C THR C 87 -0.09 -82.08 29.10
N PHE C 88 -0.11 -82.66 30.29
CA PHE C 88 -1.25 -83.40 30.80
C PHE C 88 -2.49 -82.54 30.66
N GLY C 89 -3.48 -83.07 29.97
CA GLY C 89 -4.71 -82.34 29.72
C GLY C 89 -4.79 -81.76 28.32
N LEU C 90 -3.70 -81.18 27.81
CA LEU C 90 -3.82 -80.38 26.60
C LEU C 90 -2.56 -79.98 25.85
N SER C 91 -2.79 -79.44 24.66
CA SER C 91 -1.79 -78.73 23.87
C SER C 91 -2.36 -77.36 23.54
N LEU C 92 -1.77 -76.31 24.10
CA LEU C 92 -2.23 -74.95 23.79
C LEU C 92 -1.17 -74.16 23.04
N ILE C 93 -1.54 -73.64 21.88
CA ILE C 93 -0.60 -72.96 21.01
C ILE C 93 -0.90 -71.48 20.94
N THR C 94 0.06 -70.65 21.34
CA THR C 94 -0.12 -69.20 21.31
C THR C 94 0.46 -68.62 20.03
N VAL C 95 -0.31 -67.78 19.35
CA VAL C 95 0.20 -67.05 18.19
C VAL C 95 0.00 -65.56 18.35
N VAL C 96 1.08 -64.79 18.30
CA VAL C 96 0.99 -63.34 18.27
C VAL C 96 1.35 -62.85 16.88
N PHE C 97 0.61 -61.86 16.41
CA PHE C 97 0.69 -61.38 15.02
C PHE C 97 1.49 -60.09 14.88
N LYS C 98 1.70 -59.66 13.64
CA LYS C 98 2.36 -58.39 13.38
C LYS C 98 1.37 -57.28 13.65
N ASP C 99 1.85 -56.04 13.71
CA ASP C 99 0.97 -54.90 13.95
C ASP C 99 0.22 -54.48 12.69
N GLY C 100 -1.03 -54.06 12.90
CA GLY C 100 -1.91 -53.71 11.79
C GLY C 100 -2.80 -54.90 11.45
N ALA C 101 -2.46 -56.06 11.99
CA ALA C 101 -3.25 -57.27 11.76
C ALA C 101 -4.55 -57.22 12.54
N GLU C 102 -5.66 -57.08 11.82
CA GLU C 102 -6.97 -56.96 12.44
C GLU C 102 -7.37 -58.28 13.11
N ASP C 103 -8.05 -58.16 14.26
CA ASP C 103 -8.40 -59.32 15.10
C ASP C 103 -9.18 -60.43 14.39
N TYR C 104 -10.45 -60.17 14.09
CA TYR C 104 -11.32 -61.20 13.51
C TYR C 104 -10.72 -61.82 12.25
N TRP C 105 -10.03 -61.00 11.48
CA TRP C 105 -9.29 -61.45 10.31
C TRP C 105 -8.26 -62.52 10.71
N SER C 106 -7.39 -62.18 11.64
CA SER C 106 -6.37 -63.10 12.12
C SER C 106 -6.97 -64.39 12.67
N ARG C 107 -7.95 -64.25 13.56
CA ARG C 107 -8.64 -65.38 14.16
C ARG C 107 -9.24 -66.25 13.07
N GLN C 108 -9.59 -65.62 11.95
CA GLN C 108 -10.17 -66.33 10.83
C GLN C 108 -9.12 -67.13 10.08
N ARG C 109 -7.94 -66.55 9.89
CA ARG C 109 -6.87 -67.26 9.20
C ARG C 109 -6.43 -68.46 10.04
N LEU C 110 -6.31 -68.21 11.33
CA LEU C 110 -5.95 -69.22 12.31
C LEU C 110 -6.97 -70.34 12.23
N GLN C 111 -8.24 -69.99 12.38
CA GLN C 111 -9.32 -70.96 12.35
C GLN C 111 -9.34 -71.77 11.06
N GLU C 112 -9.01 -71.12 9.94
CA GLU C 112 -8.94 -71.81 8.66
C GLU C 112 -7.83 -72.85 8.70
N ARG C 113 -6.66 -72.46 9.17
CA ARG C 113 -5.50 -73.36 9.16
C ARG C 113 -5.62 -74.57 10.09
N ILE C 114 -6.30 -74.38 11.22
CA ILE C 114 -6.45 -75.47 12.19
C ILE C 114 -7.53 -76.47 11.78
N ASN C 115 -8.13 -76.25 10.61
CA ASN C 115 -9.13 -77.17 10.07
C ASN C 115 -8.57 -77.99 8.93
N ALA C 123 -7.96 -85.23 16.88
CA ALA C 123 -7.94 -84.13 17.84
C ALA C 123 -8.97 -83.07 17.48
N GLN C 124 -9.37 -82.29 18.49
CA GLN C 124 -10.41 -81.29 18.32
C GLN C 124 -9.96 -79.89 18.74
N PRO C 125 -9.10 -79.24 17.93
CA PRO C 125 -8.52 -77.93 18.27
C PRO C 125 -9.52 -76.77 18.17
N SER C 126 -9.64 -76.01 19.25
CA SER C 126 -10.59 -74.91 19.33
C SER C 126 -9.88 -73.56 19.43
N LEU C 127 -10.66 -72.47 19.41
CA LEU C 127 -10.10 -71.14 19.54
C LEU C 127 -10.48 -70.51 20.88
N ASP C 128 -9.51 -69.92 21.56
CA ASP C 128 -9.77 -69.25 22.83
C ASP C 128 -10.61 -68.00 22.60
N PRO C 129 -11.31 -67.51 23.64
CA PRO C 129 -12.11 -66.29 23.55
C PRO C 129 -11.32 -65.06 23.09
N LEU C 130 -11.98 -64.17 22.36
CA LEU C 130 -11.33 -62.97 21.82
C LEU C 130 -11.26 -61.85 22.85
N THR C 131 -10.20 -61.89 23.65
CA THR C 131 -9.99 -60.92 24.71
C THR C 131 -8.51 -60.58 24.83
N SER C 132 -8.24 -59.39 25.35
CA SER C 132 -6.88 -58.95 25.62
C SER C 132 -6.45 -59.50 26.97
N PRO C 133 -5.14 -59.67 27.18
CA PRO C 133 -4.59 -60.05 28.48
C PRO C 133 -4.94 -59.06 29.58
N ILE C 134 -5.50 -57.91 29.22
CA ILE C 134 -6.03 -56.96 30.18
C ILE C 134 -7.54 -56.87 30.10
N GLY C 135 -8.18 -57.94 29.63
CA GLY C 135 -9.61 -57.96 29.48
C GLY C 135 -10.34 -58.44 30.73
N GLU C 136 -9.58 -58.92 31.71
CA GLU C 136 -10.15 -59.50 32.92
C GLU C 136 -10.59 -58.41 33.90
N ILE C 137 -11.76 -57.84 33.65
CA ILE C 137 -12.09 -56.55 34.26
C ILE C 137 -12.88 -56.61 35.57
N TYR C 138 -13.40 -57.78 35.90
CA TYR C 138 -14.24 -57.89 37.09
C TYR C 138 -14.13 -59.26 37.73
N ARG C 139 -13.23 -59.39 38.71
CA ARG C 139 -13.05 -60.63 39.45
C ARG C 139 -13.97 -60.66 40.66
N TYR C 140 -14.61 -61.81 40.89
CA TYR C 140 -15.58 -61.90 41.97
C TYR C 140 -15.63 -63.30 42.55
N THR C 141 -16.36 -63.42 43.66
CA THR C 141 -16.54 -64.70 44.34
C THR C 141 -17.96 -64.75 44.88
N LEU C 142 -18.57 -65.93 44.81
CA LEU C 142 -19.84 -66.18 45.44
C LEU C 142 -19.64 -66.37 46.95
N VAL C 143 -20.11 -65.42 47.76
CA VAL C 143 -20.07 -65.61 49.21
C VAL C 143 -21.40 -66.03 49.81
N SER C 144 -21.30 -66.77 50.90
CA SER C 144 -22.45 -67.22 51.67
C SER C 144 -21.93 -67.71 53.02
N LYS C 145 -22.84 -67.83 53.99
CA LYS C 145 -22.46 -68.34 55.31
C LYS C 145 -23.08 -69.71 55.53
N THR C 146 -24.20 -69.96 54.84
CA THR C 146 -25.01 -71.14 55.05
C THR C 146 -24.95 -72.13 53.89
N ARG C 147 -24.54 -71.66 52.72
CA ARG C 147 -24.57 -72.49 51.52
C ARG C 147 -23.27 -73.25 51.27
N ASP C 148 -23.40 -74.45 50.71
CA ASP C 148 -22.24 -75.33 50.51
C ASP C 148 -21.68 -75.20 49.11
N LEU C 149 -20.38 -75.47 48.99
CA LEU C 149 -19.64 -75.24 47.76
C LEU C 149 -20.25 -75.87 46.50
N ARG C 150 -20.97 -76.97 46.65
CA ARG C 150 -21.64 -77.58 45.52
C ARG C 150 -22.81 -76.70 45.07
N GLU C 151 -23.60 -76.24 46.04
CA GLU C 151 -24.72 -75.34 45.77
C GLU C 151 -24.25 -74.05 45.12
N LEU C 152 -23.16 -73.50 45.65
CA LEU C 152 -22.55 -72.32 45.07
C LEU C 152 -22.01 -72.60 43.68
N SER C 153 -21.59 -73.84 43.44
CA SER C 153 -21.09 -74.20 42.13
C SER C 153 -22.21 -74.22 41.11
N GLU C 154 -23.34 -74.82 41.46
CA GLU C 154 -24.48 -74.85 40.54
C GLU C 154 -25.05 -73.45 40.33
N LEU C 155 -25.03 -72.64 41.38
CA LEU C 155 -25.49 -71.26 41.28
C LEU C 155 -24.61 -70.54 40.28
N GLN C 156 -23.31 -70.75 40.40
CA GLN C 156 -22.37 -70.16 39.48
C GLN C 156 -22.71 -70.57 38.07
N PHE C 157 -22.75 -71.88 37.85
CA PHE C 157 -22.86 -72.45 36.52
C PHE C 157 -24.14 -72.10 35.79
N TRP C 158 -25.24 -72.09 36.53
CA TRP C 158 -26.54 -72.01 35.86
C TRP C 158 -27.30 -70.69 36.06
N LYS C 159 -26.78 -69.84 36.94
CA LYS C 159 -27.39 -68.54 37.18
C LYS C 159 -26.44 -67.39 36.83
N VAL C 160 -25.32 -67.33 37.54
CA VAL C 160 -24.44 -66.16 37.49
C VAL C 160 -23.76 -65.99 36.14
N ILE C 161 -23.04 -67.02 35.72
CA ILE C 161 -22.35 -66.96 34.43
C ILE C 161 -23.33 -66.79 33.26
N PRO C 162 -24.41 -67.62 33.20
CA PRO C 162 -25.35 -67.40 32.10
C PRO C 162 -25.89 -65.97 32.05
N ARG C 163 -25.92 -65.29 33.20
CA ARG C 163 -26.42 -63.93 33.26
C ARG C 163 -25.39 -62.94 32.77
N LEU C 164 -24.20 -62.99 33.36
CA LEU C 164 -23.13 -62.07 32.99
C LEU C 164 -22.73 -62.23 31.53
N LYS C 165 -23.01 -63.41 30.96
CA LYS C 165 -22.75 -63.66 29.55
C LYS C 165 -23.66 -62.82 28.64
N GLN C 166 -24.69 -62.22 29.23
CA GLN C 166 -25.61 -61.40 28.44
C GLN C 166 -25.14 -59.95 28.34
N VAL C 167 -24.22 -59.55 29.19
CA VAL C 167 -23.72 -58.19 29.16
C VAL C 167 -22.94 -57.95 27.87
N ALA C 168 -23.46 -57.07 27.03
CA ALA C 168 -22.83 -56.76 25.76
C ALA C 168 -21.42 -56.23 25.98
N GLY C 169 -20.45 -56.88 25.35
CA GLY C 169 -19.05 -56.52 25.50
C GLY C 169 -18.32 -57.57 26.31
N VAL C 170 -19.06 -58.52 26.86
CA VAL C 170 -18.47 -59.60 27.63
C VAL C 170 -18.34 -60.84 26.75
N VAL C 171 -17.12 -61.15 26.35
CA VAL C 171 -16.91 -62.24 25.43
C VAL C 171 -17.10 -63.60 26.12
N ASP C 172 -16.59 -63.72 27.34
CA ASP C 172 -16.81 -64.93 28.14
C ASP C 172 -16.50 -64.71 29.62
N VAL C 173 -16.93 -65.68 30.43
CA VAL C 173 -16.68 -65.68 31.86
C VAL C 173 -15.90 -66.94 32.23
N ALA C 174 -14.84 -66.77 33.01
CA ALA C 174 -13.99 -67.89 33.39
C ALA C 174 -14.21 -68.35 34.83
N ASN C 175 -14.68 -69.57 35.02
CA ASN C 175 -14.86 -70.11 36.36
C ASN C 175 -13.60 -70.72 36.93
N PHE C 176 -13.43 -70.63 38.24
CA PHE C 176 -12.34 -71.33 38.92
C PHE C 176 -12.80 -71.70 40.34
N GLY C 177 -12.77 -73.00 40.63
CA GLY C 177 -13.13 -73.48 41.95
C GLY C 177 -14.49 -74.13 41.98
N GLY C 178 -14.96 -74.43 43.17
CA GLY C 178 -16.25 -75.08 43.29
C GLY C 178 -16.23 -76.51 42.81
N LEU C 179 -17.41 -77.08 42.53
CA LEU C 179 -17.50 -78.49 42.20
C LEU C 179 -18.55 -78.76 41.14
N THR C 180 -18.11 -79.21 39.97
CA THR C 180 -19.05 -79.69 38.96
C THR C 180 -19.62 -81.02 39.44
N THR C 181 -20.91 -81.23 39.21
CA THR C 181 -21.60 -82.38 39.77
C THR C 181 -21.87 -83.43 38.69
N GLN C 182 -21.52 -84.67 38.97
CA GLN C 182 -21.76 -85.75 38.02
C GLN C 182 -22.41 -86.96 38.69
N PHE C 183 -23.00 -87.82 37.86
CA PHE C 183 -23.62 -89.05 38.32
C PHE C 183 -22.61 -90.16 38.12
N MET C 184 -22.33 -90.95 39.15
CA MET C 184 -21.33 -92.00 39.00
C MET C 184 -21.57 -93.25 39.82
N LEU C 185 -21.43 -94.40 39.15
CA LEU C 185 -21.44 -95.68 39.81
C LEU C 185 -20.01 -96.02 40.19
N GLU C 186 -19.82 -96.56 41.39
CA GLU C 186 -18.49 -96.91 41.87
C GLU C 186 -18.25 -98.41 41.82
N PHE C 187 -17.78 -98.88 40.67
CA PHE C 187 -17.55 -100.30 40.42
C PHE C 187 -16.63 -101.01 41.42
N ASP C 188 -16.91 -102.29 41.63
CA ASP C 188 -16.00 -103.17 42.33
C ASP C 188 -15.78 -104.37 41.41
N PRO C 189 -14.62 -104.40 40.73
CA PRO C 189 -14.27 -105.41 39.72
C PRO C 189 -14.38 -106.85 40.21
N VAL C 190 -14.53 -107.04 41.52
CA VAL C 190 -14.76 -108.35 42.10
C VAL C 190 -15.95 -109.03 41.41
N MET C 191 -16.99 -108.24 41.11
CA MET C 191 -18.15 -108.74 40.39
C MET C 191 -18.06 -108.42 38.89
N LEU C 192 -16.83 -108.30 38.39
CA LEU C 192 -16.58 -108.17 36.97
C LEU C 192 -15.73 -109.36 36.52
N SER C 193 -15.22 -110.07 37.52
CA SER C 193 -14.33 -111.20 37.30
C SER C 193 -14.92 -112.27 36.39
N LYS C 194 -15.81 -113.10 36.93
CA LYS C 194 -16.44 -114.17 36.16
C LYS C 194 -17.80 -113.75 35.63
N TYR C 195 -17.84 -112.62 34.93
CA TYR C 195 -19.09 -112.09 34.42
C TYR C 195 -18.93 -111.74 32.93
N ASN C 196 -17.69 -111.77 32.47
CA ASN C 196 -17.36 -111.58 31.06
C ASN C 196 -17.96 -110.37 30.36
N ILE C 197 -18.40 -109.38 31.13
CA ILE C 197 -18.79 -108.09 30.56
C ILE C 197 -17.71 -107.06 30.82
N SER C 198 -17.23 -106.44 29.75
CA SER C 198 -16.16 -105.46 29.86
C SER C 198 -16.68 -104.08 30.20
N LEU C 199 -15.76 -103.19 30.54
CA LEU C 199 -16.09 -101.79 30.79
C LEU C 199 -16.69 -101.18 29.52
N ASN C 200 -16.26 -101.67 28.37
CA ASN C 200 -16.75 -101.15 27.11
C ASN C 200 -18.17 -101.58 26.77
N GLN C 201 -18.51 -102.83 27.08
CA GLN C 201 -19.89 -103.28 26.88
C GLN C 201 -20.80 -102.66 27.94
N ILE C 202 -20.28 -102.51 29.15
CA ILE C 202 -21.01 -101.83 30.22
C ILE C 202 -21.34 -100.39 29.80
N THR C 203 -20.34 -99.67 29.30
CA THR C 203 -20.52 -98.28 28.93
C THR C 203 -21.33 -98.09 27.65
N GLN C 204 -21.14 -98.96 26.66
CA GLN C 204 -21.92 -98.89 25.43
C GLN C 204 -23.38 -99.18 25.74
N ALA C 205 -23.62 -100.15 26.60
CA ALA C 205 -24.97 -100.45 27.07
C ALA C 205 -25.57 -99.24 27.77
N ILE C 206 -24.88 -98.79 28.81
CA ILE C 206 -25.38 -97.72 29.68
C ILE C 206 -25.46 -96.37 28.95
N SER C 207 -24.86 -96.28 27.77
CA SER C 207 -24.92 -95.05 26.99
C SER C 207 -25.99 -95.10 25.89
N GLU C 208 -26.10 -96.23 25.20
CA GLU C 208 -27.00 -96.34 24.05
C GLU C 208 -28.49 -96.27 24.40
N ASN C 209 -28.84 -96.54 25.66
CA ASN C 209 -30.24 -96.48 26.08
C ASN C 209 -30.61 -95.17 26.77
N ASN C 210 -30.09 -94.06 26.24
CA ASN C 210 -30.47 -92.74 26.70
C ASN C 210 -30.93 -91.88 25.54
N ALA C 211 -32.16 -92.10 25.10
CA ALA C 211 -32.71 -91.36 23.97
C ALA C 211 -34.22 -91.23 24.06
N ASN C 212 -34.74 -90.14 23.52
CA ASN C 212 -36.17 -89.91 23.46
C ASN C 212 -36.64 -89.83 22.02
N ALA C 213 -36.97 -90.97 21.43
CA ALA C 213 -37.46 -90.99 20.05
C ALA C 213 -38.81 -90.28 19.94
N GLY C 214 -39.13 -89.83 18.73
CA GLY C 214 -40.43 -89.29 18.43
C GLY C 214 -41.04 -90.13 17.32
N GLY C 215 -42.34 -90.37 17.39
CA GLY C 215 -43.02 -91.19 16.40
C GLY C 215 -43.76 -90.38 15.35
N SER C 216 -43.41 -89.10 15.22
CA SER C 216 -44.10 -88.18 14.31
C SER C 216 -45.61 -88.13 14.56
N ILE C 217 -46.38 -87.97 13.49
CA ILE C 217 -47.81 -87.70 13.64
C ILE C 217 -48.70 -88.92 13.43
N LEU C 218 -49.47 -89.25 14.46
CA LEU C 218 -50.42 -90.36 14.38
C LEU C 218 -51.83 -89.80 14.44
N ASN C 219 -52.61 -90.09 13.41
CA ASN C 219 -53.94 -89.50 13.28
C ASN C 219 -55.03 -90.29 14.00
N ARG C 220 -56.10 -89.57 14.34
CA ARG C 220 -57.24 -90.15 15.03
C ARG C 220 -58.47 -89.28 14.75
N GLY C 221 -59.11 -89.55 13.61
CA GLY C 221 -60.22 -88.74 13.16
C GLY C 221 -59.72 -87.50 12.46
N GLU C 222 -60.12 -86.34 12.98
CA GLU C 222 -59.67 -85.06 12.45
C GLU C 222 -58.45 -84.53 13.20
N GLN C 223 -58.05 -85.24 14.25
CA GLN C 223 -56.88 -84.83 15.03
C GLN C 223 -55.65 -85.59 14.59
N GLY C 224 -54.48 -84.97 14.77
CA GLY C 224 -53.21 -85.60 14.46
C GLY C 224 -52.19 -85.38 15.58
N LEU C 225 -52.06 -86.40 16.43
CA LEU C 225 -51.28 -86.28 17.66
C LEU C 225 -49.84 -86.75 17.50
N VAL C 226 -48.90 -85.95 17.98
CA VAL C 226 -47.49 -86.35 17.91
C VAL C 226 -47.19 -87.46 18.91
N VAL C 227 -46.32 -88.39 18.52
CA VAL C 227 -45.97 -89.49 19.41
C VAL C 227 -44.64 -89.25 20.12
N ARG C 228 -44.65 -89.36 21.43
CA ARG C 228 -43.46 -89.16 22.23
C ARG C 228 -43.03 -90.41 22.96
N GLY C 229 -41.87 -90.94 22.58
CA GLY C 229 -41.21 -91.97 23.37
C GLY C 229 -40.22 -91.30 24.30
N VAL C 230 -40.21 -91.70 25.56
CA VAL C 230 -39.32 -91.09 26.54
C VAL C 230 -38.41 -92.13 27.18
N GLY C 231 -37.11 -91.99 26.95
CA GLY C 231 -36.14 -92.92 27.50
C GLY C 231 -34.93 -92.21 28.06
N LEU C 232 -35.01 -90.89 28.13
CA LEU C 232 -33.94 -90.07 28.69
C LEU C 232 -33.84 -90.31 30.20
N ILE C 233 -32.63 -90.62 30.67
CA ILE C 233 -32.40 -90.85 32.10
C ILE C 233 -32.55 -89.54 32.88
N ARG C 234 -33.17 -89.61 34.06
CA ARG C 234 -33.54 -88.40 34.80
C ARG C 234 -32.83 -88.26 36.13
N ASN C 235 -32.61 -89.38 36.80
CA ASN C 235 -31.91 -89.35 38.07
C ASN C 235 -31.25 -90.70 38.33
N LEU C 236 -30.35 -90.73 39.31
CA LEU C 236 -29.64 -91.96 39.64
C LEU C 236 -30.58 -93.09 40.02
N ASP C 237 -31.81 -92.74 40.35
CA ASP C 237 -32.86 -93.72 40.52
C ASP C 237 -33.11 -94.43 39.20
N ASP C 238 -33.18 -93.65 38.12
CA ASP C 238 -33.40 -94.22 36.79
C ASP C 238 -32.10 -94.84 36.26
N LEU C 239 -31.00 -94.54 36.94
CA LEU C 239 -29.71 -95.12 36.59
C LEU C 239 -29.53 -96.48 37.28
N GLY C 240 -30.01 -96.55 38.52
CA GLY C 240 -29.89 -97.74 39.33
C GLY C 240 -30.58 -98.98 38.77
N ASN C 241 -31.37 -98.79 37.72
CA ASN C 241 -32.06 -99.90 37.09
C ASN C 241 -31.59 -100.12 35.65
N LEU C 257 -25.07 -103.88 42.13
CA LEU C 257 -23.61 -103.94 42.13
C LEU C 257 -23.00 -102.99 43.14
N GLY C 258 -22.27 -102.00 42.64
CA GLY C 258 -21.58 -101.05 43.49
C GLY C 258 -22.44 -99.86 43.87
N ARG C 259 -21.81 -98.86 44.49
CA ARG C 259 -22.51 -97.70 44.99
C ARG C 259 -22.74 -96.67 43.89
N VAL C 260 -23.98 -96.56 43.42
CA VAL C 260 -24.32 -95.51 42.47
C VAL C 260 -24.75 -94.24 43.19
N VAL C 261 -23.94 -93.20 43.07
CA VAL C 261 -24.19 -91.96 43.80
C VAL C 261 -23.88 -90.73 42.97
N LEU C 262 -24.24 -89.58 43.52
CA LEU C 262 -23.78 -88.31 43.00
C LEU C 262 -22.28 -88.19 43.28
N GLY C 263 -21.62 -87.27 42.60
CA GLY C 263 -20.19 -87.10 42.77
C GLY C 263 -19.62 -85.99 41.92
N ASN C 264 -18.30 -85.89 41.94
CA ASN C 264 -17.60 -84.85 41.20
C ASN C 264 -16.31 -85.40 40.62
N PRO C 265 -15.93 -84.92 39.43
CA PRO C 265 -14.69 -85.38 38.79
C PRO C 265 -13.48 -84.92 39.57
N GLN C 266 -12.32 -85.53 39.31
CA GLN C 266 -11.09 -85.17 40.00
C GLN C 266 -10.88 -83.67 39.85
N ARG C 267 -10.56 -83.02 40.96
CA ARG C 267 -10.64 -81.57 41.04
C ARG C 267 -9.64 -80.83 40.17
N HIS C 268 -10.17 -79.87 39.41
CA HIS C 268 -9.38 -79.01 38.53
C HIS C 268 -8.28 -78.34 39.33
N GLY C 269 -8.62 -77.23 39.97
CA GLY C 269 -7.76 -76.58 40.92
C GLY C 269 -8.57 -76.20 42.15
N ILE C 270 -7.93 -75.53 43.09
CA ILE C 270 -8.64 -74.98 44.24
C ILE C 270 -8.39 -73.48 44.28
N LEU C 271 -9.41 -72.72 44.67
CA LEU C 271 -9.28 -71.29 44.83
C LEU C 271 -9.48 -70.95 46.29
N GLY C 272 -8.62 -70.09 46.81
CA GLY C 272 -8.70 -69.73 48.21
C GLY C 272 -8.79 -68.24 48.44
N MET C 273 -9.32 -67.84 49.60
CA MET C 273 -9.38 -66.44 49.97
C MET C 273 -9.14 -66.25 51.47
N ASP C 274 -9.47 -65.07 51.98
CA ASP C 274 -9.30 -64.72 53.39
C ASP C 274 -9.76 -65.84 54.31
N ARG C 275 -8.83 -66.67 54.73
CA ARG C 275 -9.11 -67.85 55.58
C ARG C 275 -9.95 -68.95 54.90
N ASN C 276 -10.66 -68.59 53.83
CA ASN C 276 -11.43 -69.57 53.07
C ASN C 276 -10.54 -70.33 52.09
N PRO C 277 -10.39 -71.65 52.31
CA PRO C 277 -9.52 -72.48 51.46
C PRO C 277 -10.22 -72.95 50.20
N ASP C 278 -11.55 -73.09 50.25
CA ASP C 278 -12.28 -73.69 49.14
C ASP C 278 -13.55 -72.92 48.74
N THR C 279 -13.40 -71.91 47.88
CA THR C 279 -14.57 -71.24 47.33
C THR C 279 -14.59 -71.26 45.79
N ILE C 280 -15.30 -70.32 45.18
CA ILE C 280 -15.47 -70.34 43.73
C ILE C 280 -15.55 -68.93 43.12
N GLN C 281 -14.84 -68.71 42.03
CA GLN C 281 -14.72 -67.37 41.47
C GLN C 281 -14.97 -67.30 39.97
N GLY C 282 -15.23 -66.10 39.49
CA GLY C 282 -15.39 -65.86 38.07
C GLY C 282 -14.54 -64.70 37.57
N ILE C 283 -14.17 -64.77 36.29
CA ILE C 283 -13.35 -63.76 35.65
C ILE C 283 -14.08 -63.22 34.41
N THR C 284 -14.53 -61.97 34.49
CA THR C 284 -15.27 -61.35 33.40
C THR C 284 -14.30 -60.86 32.34
N LEU C 285 -14.39 -61.46 31.15
CA LEU C 285 -13.42 -61.20 30.09
C LEU C 285 -13.94 -60.15 29.12
N LEU C 286 -13.31 -58.98 29.17
CA LEU C 286 -13.62 -57.89 28.26
C LEU C 286 -13.34 -58.31 26.82
N LEU C 287 -14.38 -58.29 26.01
CA LEU C 287 -14.27 -58.55 24.58
C LEU C 287 -13.27 -57.57 23.98
N LYS C 288 -12.46 -58.06 23.05
CA LYS C 288 -11.40 -57.26 22.46
C LYS C 288 -11.95 -56.00 21.80
N ASN C 289 -11.25 -54.89 22.00
CA ASN C 289 -11.60 -53.60 21.40
C ASN C 289 -13.02 -53.12 21.71
N GLU C 290 -13.38 -53.19 22.99
CA GLU C 290 -14.61 -52.60 23.49
C GLU C 290 -14.28 -51.82 24.76
N ASN C 291 -15.04 -50.76 25.04
CA ASN C 291 -14.68 -49.82 26.10
C ASN C 291 -14.95 -50.39 27.49
N PRO C 292 -13.88 -50.59 28.27
CA PRO C 292 -13.93 -51.21 29.60
C PRO C 292 -15.00 -50.63 30.54
N SER C 293 -15.01 -49.32 30.75
CA SER C 293 -15.96 -48.73 31.68
C SER C 293 -17.40 -48.91 31.19
N VAL C 294 -17.57 -48.74 29.87
CA VAL C 294 -18.86 -48.90 29.20
C VAL C 294 -19.45 -50.27 29.46
N VAL C 295 -18.64 -51.30 29.28
CA VAL C 295 -19.08 -52.66 29.55
C VAL C 295 -19.26 -52.88 31.05
N MET C 296 -18.44 -52.21 31.86
CA MET C 296 -18.53 -52.33 33.31
C MET C 296 -19.88 -51.82 33.83
N GLU C 297 -20.46 -50.87 33.11
CA GLU C 297 -21.80 -50.42 33.43
C GLU C 297 -22.80 -51.57 33.36
N GLY C 298 -22.86 -52.24 32.22
CA GLY C 298 -23.77 -53.34 32.00
C GLY C 298 -23.49 -54.53 32.89
N VAL C 299 -22.21 -54.76 33.19
CA VAL C 299 -21.84 -55.80 34.13
C VAL C 299 -22.38 -55.46 35.51
N HIS C 300 -22.31 -54.19 35.88
CA HIS C 300 -22.81 -53.73 37.17
C HIS C 300 -24.32 -53.94 37.27
N ALA C 301 -25.01 -53.63 36.17
CA ALA C 301 -26.44 -53.91 36.07
C ALA C 301 -26.71 -55.40 36.29
N ALA C 302 -25.95 -56.25 35.60
CA ALA C 302 -26.11 -57.70 35.71
C ALA C 302 -25.91 -58.21 37.13
N VAL C 303 -24.74 -57.92 37.68
CA VAL C 303 -24.40 -58.28 39.05
C VAL C 303 -25.48 -57.84 40.05
N ARG C 304 -25.87 -56.56 39.95
CA ARG C 304 -26.92 -56.02 40.80
C ARG C 304 -28.20 -56.85 40.70
N ASP C 305 -28.63 -57.10 39.46
CA ASP C 305 -29.79 -57.94 39.19
C ASP C 305 -29.67 -59.32 39.83
N LEU C 306 -28.46 -59.88 39.82
CA LEU C 306 -28.23 -61.17 40.42
C LEU C 306 -28.43 -61.14 41.92
N ASN C 307 -27.84 -60.15 42.59
CA ASN C 307 -27.98 -60.08 44.03
C ASN C 307 -29.40 -59.75 44.48
N ASP C 308 -29.99 -58.75 43.84
CA ASP C 308 -31.30 -58.24 44.22
C ASP C 308 -32.45 -59.24 44.02
N ASN C 309 -32.51 -59.84 42.83
CA ASN C 309 -33.71 -60.58 42.44
C ASN C 309 -33.52 -62.06 42.09
N ILE C 310 -32.35 -62.43 41.60
CA ILE C 310 -32.15 -63.80 41.14
C ILE C 310 -31.63 -64.76 42.20
N LEU C 311 -30.41 -64.51 42.69
CA LEU C 311 -29.76 -65.39 43.64
C LEU C 311 -30.56 -65.60 44.93
N PRO C 312 -30.39 -66.77 45.57
CA PRO C 312 -30.95 -66.97 46.91
C PRO C 312 -30.35 -65.96 47.86
N LYS C 313 -31.06 -65.64 48.92
CA LYS C 313 -30.55 -64.70 49.91
C LYS C 313 -29.36 -65.33 50.63
N ASP C 314 -28.51 -64.48 51.21
CA ASP C 314 -27.21 -64.90 51.75
C ASP C 314 -26.41 -65.69 50.73
N VAL C 315 -26.53 -65.25 49.49
CA VAL C 315 -25.62 -65.65 48.43
C VAL C 315 -25.39 -64.38 47.63
N LYS C 316 -24.21 -63.81 47.78
CA LYS C 316 -23.92 -62.54 47.16
C LYS C 316 -22.68 -62.64 46.28
N VAL C 317 -22.78 -62.18 45.05
CA VAL C 317 -21.62 -62.07 44.18
C VAL C 317 -20.87 -60.82 44.60
N VAL C 318 -19.65 -61.01 45.09
CA VAL C 318 -18.88 -59.86 45.56
C VAL C 318 -17.54 -59.82 44.86
N PRO C 319 -17.22 -58.66 44.28
CA PRO C 319 -15.97 -58.47 43.54
C PRO C 319 -14.77 -58.22 44.44
N TYR C 320 -13.57 -58.52 43.94
CA TYR C 320 -12.35 -58.19 44.65
C TYR C 320 -11.40 -57.42 43.73
N ILE C 321 -11.58 -57.60 42.43
CA ILE C 321 -10.99 -56.69 41.46
C ILE C 321 -12.09 -56.15 40.56
N ASP C 322 -12.09 -54.84 40.36
CA ASP C 322 -13.11 -54.18 39.58
C ASP C 322 -12.48 -53.00 38.84
N ARG C 323 -12.30 -53.16 37.53
CA ARG C 323 -11.61 -52.16 36.70
C ARG C 323 -12.14 -50.74 36.91
N SER C 324 -13.42 -50.65 37.28
CA SER C 324 -14.05 -49.37 37.57
C SER C 324 -13.28 -48.59 38.64
N ASN C 325 -12.79 -49.30 39.65
CA ASN C 325 -11.99 -48.68 40.70
C ASN C 325 -10.80 -47.95 40.10
N LEU C 326 -10.09 -48.64 39.22
CA LEU C 326 -8.90 -48.09 38.59
C LEU C 326 -9.27 -46.88 37.75
N VAL C 327 -10.37 -46.98 37.02
CA VAL C 327 -10.84 -45.85 36.23
C VAL C 327 -11.12 -44.65 37.13
N ASP C 328 -11.69 -44.92 38.30
CA ASP C 328 -11.96 -43.88 39.29
C ASP C 328 -10.69 -43.20 39.76
N ALA C 329 -9.76 -43.97 40.29
CA ALA C 329 -8.50 -43.42 40.79
C ALA C 329 -7.74 -42.67 39.71
N THR C 330 -7.86 -43.15 38.48
CA THR C 330 -7.19 -42.52 37.35
C THR C 330 -7.81 -41.18 36.98
N VAL C 331 -9.15 -41.11 36.93
CA VAL C 331 -9.80 -39.83 36.63
C VAL C 331 -9.68 -38.85 37.78
N HIS C 332 -9.50 -39.36 39.00
CA HIS C 332 -9.27 -38.50 40.15
C HIS C 332 -7.87 -37.90 40.08
N THR C 333 -6.89 -38.74 39.75
CA THR C 333 -5.50 -38.30 39.65
C THR C 333 -5.29 -37.32 38.50
N VAL C 334 -5.78 -37.68 37.32
CA VAL C 334 -5.70 -36.80 36.16
C VAL C 334 -6.52 -35.53 36.35
N GLY C 335 -7.69 -35.66 36.98
CA GLY C 335 -8.53 -34.51 37.26
C GLY C 335 -7.84 -33.51 38.17
N LYS C 336 -7.29 -34.03 39.27
CA LYS C 336 -6.56 -33.21 40.23
C LYS C 336 -5.36 -32.56 39.55
N THR C 337 -4.66 -33.33 38.72
CA THR C 337 -3.50 -32.83 37.99
C THR C 337 -3.84 -31.66 37.07
N LEU C 338 -4.79 -31.88 36.16
CA LEU C 338 -5.19 -30.84 35.21
C LEU C 338 -5.76 -29.60 35.91
N MET C 339 -6.51 -29.81 37.00
CA MET C 339 -7.02 -28.69 37.77
C MET C 339 -5.89 -27.85 38.39
N GLU C 340 -4.96 -28.52 39.08
CA GLU C 340 -3.83 -27.82 39.71
C GLU C 340 -2.99 -27.08 38.68
N GLY C 341 -2.72 -27.73 37.55
CA GLY C 341 -1.98 -27.10 36.46
C GLY C 341 -2.69 -25.86 35.95
N MET C 342 -4.00 -26.00 35.75
CA MET C 342 -4.84 -24.89 35.32
C MET C 342 -4.71 -23.69 36.25
N PHE C 343 -5.04 -23.89 37.52
CA PHE C 343 -5.01 -22.80 38.50
C PHE C 343 -3.61 -22.20 38.68
N LEU C 344 -2.58 -23.02 38.53
CA LEU C 344 -1.21 -22.50 38.61
C LEU C 344 -0.86 -21.62 37.42
N VAL C 345 -1.24 -22.06 36.22
CA VAL C 345 -0.99 -21.27 35.01
C VAL C 345 -1.73 -19.93 35.08
N SER C 346 -2.99 -19.97 35.51
CA SER C 346 -3.76 -18.75 35.69
C SER C 346 -3.17 -17.86 36.78
N LEU C 347 -2.61 -18.50 37.81
CA LEU C 347 -1.91 -17.76 38.86
C LEU C 347 -0.73 -17.00 38.25
N VAL C 348 -0.02 -17.65 37.33
CA VAL C 348 1.09 -17.02 36.63
C VAL C 348 0.63 -15.84 35.78
N LEU C 349 -0.42 -16.05 34.99
CA LEU C 349 -0.97 -14.98 34.16
C LEU C 349 -1.41 -13.77 34.99
N LEU C 350 -2.06 -14.06 36.11
CA LEU C 350 -2.54 -13.02 37.02
C LEU C 350 -1.38 -12.24 37.63
N LEU C 351 -0.39 -12.96 38.13
CA LEU C 351 0.79 -12.35 38.74
C LEU C 351 1.59 -11.52 37.73
N PHE C 352 1.56 -11.94 36.46
CA PHE C 352 2.35 -11.29 35.43
C PHE C 352 1.67 -10.08 34.81
N LEU C 353 0.54 -10.29 34.14
CA LEU C 353 -0.15 -9.20 33.46
C LEU C 353 -0.65 -8.12 34.41
N GLY C 354 -1.05 -8.53 35.61
CA GLY C 354 -1.57 -7.62 36.61
C GLY C 354 -3.07 -7.43 36.47
N SER C 355 -3.54 -7.43 35.22
CA SER C 355 -4.96 -7.28 34.94
C SER C 355 -5.65 -8.65 34.83
N PRO C 356 -6.58 -8.93 35.77
CA PRO C 356 -7.34 -10.17 35.77
C PRO C 356 -8.17 -10.34 34.50
N ARG C 357 -8.54 -9.22 33.89
CA ARG C 357 -9.29 -9.24 32.64
C ARG C 357 -8.48 -9.92 31.54
N ALA C 358 -7.29 -9.38 31.29
CA ALA C 358 -6.38 -9.93 30.28
C ALA C 358 -5.98 -11.36 30.61
N ALA C 359 -5.76 -11.62 31.90
CA ALA C 359 -5.42 -12.95 32.38
C ALA C 359 -6.50 -13.94 31.99
N ILE C 360 -7.76 -13.57 32.21
CA ILE C 360 -8.89 -14.42 31.85
C ILE C 360 -9.03 -14.59 30.34
N ILE C 361 -8.97 -13.49 29.59
CA ILE C 361 -9.17 -13.56 28.15
C ILE C 361 -8.04 -14.32 27.45
N VAL C 362 -6.89 -14.43 28.08
CA VAL C 362 -5.80 -15.21 27.52
C VAL C 362 -5.80 -16.63 28.10
N ALA C 363 -6.50 -16.79 29.22
CA ALA C 363 -6.63 -18.11 29.83
C ALA C 363 -7.66 -18.95 29.08
N VAL C 364 -8.72 -18.31 28.62
CA VAL C 364 -9.80 -19.00 27.93
C VAL C 364 -9.40 -19.58 26.59
N THR C 365 -8.10 -19.64 26.33
CA THR C 365 -7.59 -20.35 25.17
C THR C 365 -7.53 -21.84 25.49
N ILE C 366 -7.15 -22.14 26.73
CA ILE C 366 -7.05 -23.52 27.21
C ILE C 366 -8.36 -24.32 27.08
N PRO C 367 -9.48 -23.79 27.61
CA PRO C 367 -10.70 -24.57 27.44
C PRO C 367 -11.20 -24.55 26.00
N LEU C 368 -10.93 -23.46 25.29
CA LEU C 368 -11.33 -23.35 23.89
C LEU C 368 -10.63 -24.38 23.03
N SER C 369 -9.31 -24.45 23.15
CA SER C 369 -8.53 -25.40 22.37
C SER C 369 -8.90 -26.85 22.71
N LEU C 370 -9.11 -27.11 23.99
CA LEU C 370 -9.50 -28.44 24.44
C LEU C 370 -10.79 -28.90 23.79
N LEU C 371 -11.80 -28.02 23.79
CA LEU C 371 -13.06 -28.31 23.11
C LEU C 371 -12.84 -28.39 21.61
N MET C 372 -11.85 -27.65 21.12
CA MET C 372 -11.56 -27.59 19.70
C MET C 372 -10.66 -28.75 19.28
N ALA C 373 -10.20 -29.51 20.27
CA ALA C 373 -9.37 -30.68 20.00
C ALA C 373 -10.19 -31.96 20.17
N PHE C 374 -11.19 -31.91 21.04
CA PHE C 374 -12.08 -33.05 21.27
C PHE C 374 -12.80 -33.42 19.98
N ILE C 375 -13.33 -32.41 19.30
CA ILE C 375 -14.04 -32.58 18.04
C ILE C 375 -13.21 -33.34 17.01
N LEU C 376 -11.95 -32.95 16.88
CA LEU C 376 -11.05 -33.59 15.92
C LEU C 376 -10.71 -35.02 16.35
N MET C 377 -10.77 -35.26 17.66
CA MET C 377 -10.56 -36.62 18.17
C MET C 377 -11.87 -37.37 18.12
N HIS C 378 -12.97 -36.65 18.07
CA HIS C 378 -14.28 -37.24 17.99
C HIS C 378 -14.53 -37.81 16.59
N HIS C 379 -14.03 -37.09 15.58
CA HIS C 379 -14.26 -37.50 14.20
C HIS C 379 -13.16 -38.38 13.63
N PHE C 380 -11.99 -38.36 14.25
CA PHE C 380 -10.92 -39.30 13.89
C PHE C 380 -11.06 -40.54 14.78
N LYS C 381 -12.05 -40.50 15.67
CA LYS C 381 -12.36 -41.61 16.58
C LYS C 381 -11.23 -41.89 17.58
N ILE C 382 -10.43 -40.88 17.87
CA ILE C 382 -9.33 -41.02 18.82
C ILE C 382 -9.87 -41.08 20.24
N PRO C 383 -9.39 -42.04 21.03
CA PRO C 383 -9.86 -42.19 22.41
C PRO C 383 -9.37 -41.07 23.32
N ALA C 384 -9.83 -41.08 24.55
CA ALA C 384 -9.37 -40.13 25.55
C ALA C 384 -8.52 -40.82 26.61
N ASN C 385 -7.30 -41.19 26.24
CA ASN C 385 -6.33 -41.72 27.19
C ASN C 385 -6.09 -40.77 28.34
N LEU C 386 -6.52 -41.18 29.53
CA LEU C 386 -6.32 -40.37 30.72
C LEU C 386 -4.85 -40.34 31.11
N LEU C 387 -4.14 -41.44 30.85
CA LEU C 387 -2.72 -41.53 31.17
C LEU C 387 -1.89 -40.51 30.40
N SER C 388 -2.33 -40.18 29.19
CA SER C 388 -1.58 -39.26 28.34
C SER C 388 -2.17 -37.85 28.33
N LEU C 389 -3.47 -37.73 28.61
CA LEU C 389 -4.10 -36.42 28.71
C LEU C 389 -3.73 -35.75 30.03
N GLY C 390 -3.28 -36.54 30.99
CA GLY C 390 -2.80 -35.99 32.24
C GLY C 390 -1.50 -35.27 31.99
N ALA C 391 -0.80 -35.68 30.93
CA ALA C 391 0.52 -35.14 30.65
C ALA C 391 0.49 -33.96 29.67
N ILE C 392 -0.64 -33.27 29.60
CA ILE C 392 -0.73 -32.06 28.79
C ILE C 392 -0.19 -30.89 29.61
N ASP C 393 0.53 -29.99 28.95
CA ASP C 393 1.24 -28.92 29.64
C ASP C 393 0.35 -27.72 29.96
N PHE C 394 -0.68 -27.52 29.15
CA PHE C 394 -1.57 -26.34 29.28
C PHE C 394 -0.81 -25.03 29.11
N GLY C 395 0.19 -24.81 29.96
CA GLY C 395 1.01 -23.63 29.88
C GLY C 395 1.90 -23.61 28.65
N ILE C 396 1.79 -24.63 27.81
CA ILE C 396 2.53 -24.67 26.55
C ILE C 396 1.58 -24.37 25.40
N ILE C 397 0.28 -24.34 25.71
CA ILE C 397 -0.75 -24.03 24.74
C ILE C 397 -0.93 -22.52 24.58
N VAL C 398 -0.85 -21.82 25.71
CA VAL C 398 -1.13 -20.39 25.75
C VAL C 398 0.05 -19.55 25.29
N ASP C 399 1.23 -20.17 25.16
CA ASP C 399 2.43 -19.46 24.73
C ASP C 399 2.25 -18.87 23.34
N GLY C 400 1.32 -19.41 22.58
CA GLY C 400 0.97 -18.83 21.30
C GLY C 400 0.16 -17.57 21.50
N ALA C 401 -0.47 -17.46 22.66
CA ALA C 401 -1.37 -16.34 22.94
C ALA C 401 -0.78 -15.28 23.85
N ILE C 402 -0.03 -15.71 24.86
CA ILE C 402 0.46 -14.76 25.87
C ILE C 402 1.54 -13.82 25.37
N VAL C 403 2.23 -14.22 24.29
CA VAL C 403 3.25 -13.36 23.70
C VAL C 403 2.60 -12.15 23.03
N VAL C 404 1.43 -12.38 22.44
CA VAL C 404 0.66 -11.32 21.80
C VAL C 404 0.19 -10.32 22.86
N MET C 405 -0.44 -10.86 23.89
CA MET C 405 -0.92 -10.06 25.02
C MET C 405 0.21 -9.26 25.66
N GLU C 406 1.39 -9.87 25.77
CA GLU C 406 2.55 -9.19 26.33
C GLU C 406 2.97 -8.07 25.40
N ASN C 407 2.90 -8.34 24.10
CA ASN C 407 3.32 -7.35 23.09
C ASN C 407 2.32 -6.21 22.94
N ILE C 408 1.12 -6.39 23.50
CA ILE C 408 0.09 -5.36 23.41
C ILE C 408 -0.05 -4.54 24.70
N LEU C 409 -0.08 -5.22 25.84
CA LEU C 409 -0.34 -4.56 27.12
C LEU C 409 0.92 -3.95 27.74
N ARG C 410 2.04 -4.09 27.06
CA ARG C 410 3.30 -3.54 27.56
C ARG C 410 4.07 -2.79 26.47
N ARG C 411 4.45 -3.52 25.42
CA ARG C 411 5.20 -2.97 24.32
C ARG C 411 4.47 -1.80 23.64
N ARG C 412 3.17 -1.98 23.43
CA ARG C 412 2.35 -0.98 22.76
C ARG C 412 2.19 0.26 23.63
N GLU C 413 2.08 0.07 24.94
CA GLU C 413 1.89 1.18 25.86
C GLU C 413 3.18 1.95 26.09
N ARG C 423 -7.01 1.72 20.06
CA ARG C 423 -6.82 2.14 18.67
C ARG C 423 -6.75 0.95 17.72
N ASP C 424 -5.55 0.65 17.23
CA ASP C 424 -5.37 -0.42 16.27
C ASP C 424 -4.69 -1.62 16.92
N ILE C 425 -5.47 -2.65 17.20
CA ILE C 425 -4.96 -3.84 17.84
C ILE C 425 -4.01 -4.60 16.93
N MET C 426 -4.47 -4.96 15.74
CA MET C 426 -3.69 -5.84 14.87
C MET C 426 -2.54 -5.16 14.14
N GLN C 427 -2.02 -4.08 14.72
CA GLN C 427 -0.77 -3.50 14.27
C GLN C 427 0.35 -4.09 15.11
N SER C 428 0.01 -4.47 16.33
CA SER C 428 0.97 -5.03 17.27
C SER C 428 1.06 -6.55 17.14
N VAL C 429 -0.03 -7.17 16.69
CA VAL C 429 -0.09 -8.62 16.56
C VAL C 429 0.69 -9.09 15.33
N LEU C 430 1.08 -8.15 14.49
CA LEU C 430 1.83 -8.46 13.28
C LEU C 430 3.33 -8.53 13.54
N GLN C 431 3.76 -7.85 14.60
CA GLN C 431 5.18 -7.81 14.96
C GLN C 431 5.68 -9.20 15.36
N VAL C 432 4.91 -9.88 16.21
CA VAL C 432 5.30 -11.16 16.74
C VAL C 432 4.51 -12.29 16.06
N ALA C 433 3.89 -11.95 14.93
CA ALA C 433 3.10 -12.92 14.18
C ALA C 433 3.94 -14.05 13.58
N ARG C 434 4.86 -13.71 12.67
CA ARG C 434 5.73 -14.69 12.01
C ARG C 434 6.46 -15.67 12.96
N PRO C 435 7.11 -15.15 14.02
CA PRO C 435 7.77 -16.08 14.94
C PRO C 435 6.77 -16.97 15.67
N ILE C 436 5.49 -16.56 15.70
CA ILE C 436 4.46 -17.36 16.35
C ILE C 436 3.86 -18.42 15.44
N PHE C 437 3.51 -18.06 14.21
CA PHE C 437 3.02 -19.05 13.27
C PHE C 437 4.11 -20.08 13.02
N PHE C 438 5.32 -19.62 12.73
CA PHE C 438 6.42 -20.55 12.47
C PHE C 438 6.91 -21.26 13.73
N GLY C 439 6.91 -20.57 14.86
CA GLY C 439 7.29 -21.18 16.11
C GLY C 439 6.34 -22.31 16.51
N MET C 440 5.05 -22.07 16.34
CA MET C 440 4.04 -23.07 16.70
C MET C 440 3.94 -24.20 15.68
N ILE C 441 4.18 -23.90 14.40
CA ILE C 441 4.25 -24.99 13.43
C ILE C 441 5.52 -25.80 13.67
N VAL C 442 6.50 -25.18 14.32
CA VAL C 442 7.71 -25.88 14.72
C VAL C 442 7.45 -26.78 15.92
N ILE C 443 6.68 -26.29 16.90
CA ILE C 443 6.36 -27.13 18.03
C ILE C 443 5.41 -28.27 17.62
N ILE C 444 4.66 -28.03 16.55
CA ILE C 444 3.78 -29.07 16.00
C ILE C 444 4.58 -30.10 15.20
N THR C 445 5.53 -29.63 14.38
CA THR C 445 6.37 -30.55 13.61
C THR C 445 7.31 -31.30 14.54
N ALA C 446 7.53 -30.76 15.74
CA ALA C 446 8.40 -31.39 16.72
C ALA C 446 7.61 -32.41 17.51
N TYR C 447 6.38 -32.06 17.85
CA TYR C 447 5.48 -32.99 18.53
C TYR C 447 5.06 -34.08 17.57
N LEU C 448 5.29 -33.86 16.29
CA LEU C 448 4.82 -34.75 15.24
C LEU C 448 5.38 -36.19 15.33
N PRO C 449 6.70 -36.36 15.21
CA PRO C 449 7.19 -37.73 15.06
C PRO C 449 7.07 -38.61 16.31
N LEU C 450 5.87 -38.72 16.87
CA LEU C 450 5.60 -39.71 17.90
C LEU C 450 4.88 -40.87 17.24
N PHE C 451 4.45 -40.65 16.01
CA PHE C 451 3.71 -41.67 15.27
C PHE C 451 4.68 -42.68 14.67
N ALA C 452 5.98 -42.43 14.85
CA ALA C 452 7.01 -43.33 14.33
C ALA C 452 6.91 -44.72 14.97
N PHE C 453 7.14 -44.79 16.27
CA PHE C 453 7.13 -46.07 16.97
C PHE C 453 5.75 -46.73 16.97
N GLN C 454 5.75 -48.05 17.08
CA GLN C 454 4.52 -48.82 17.06
C GLN C 454 4.34 -49.60 18.36
N ARG C 455 3.48 -50.62 18.32
CA ARG C 455 3.23 -51.47 19.47
C ARG C 455 2.80 -50.72 20.73
N ILE C 456 3.35 -51.14 21.86
CA ILE C 456 2.94 -50.64 23.17
C ILE C 456 3.36 -49.19 23.42
N GLU C 457 4.57 -48.82 22.99
CA GLU C 457 5.08 -47.48 23.19
C GLU C 457 4.30 -46.48 22.35
N TYR C 458 3.58 -46.99 21.36
CA TYR C 458 2.67 -46.16 20.57
C TYR C 458 1.31 -46.11 21.23
N LYS C 459 0.73 -47.26 21.56
CA LYS C 459 -0.59 -47.33 22.18
C LYS C 459 -0.65 -46.47 23.44
N LEU C 460 0.46 -46.44 24.18
CA LEU C 460 0.53 -45.64 25.40
C LEU C 460 0.53 -44.14 25.10
N PHE C 461 1.40 -43.70 24.19
CA PHE C 461 1.61 -42.28 23.92
C PHE C 461 1.19 -41.85 22.53
N SER C 462 -0.03 -42.17 22.13
CA SER C 462 -0.54 -41.73 20.83
C SER C 462 -1.66 -40.71 20.89
N PRO C 463 -2.69 -40.94 21.74
CA PRO C 463 -3.74 -39.91 21.85
C PRO C 463 -3.19 -38.57 22.29
N MET C 464 -2.10 -38.58 23.06
CA MET C 464 -1.47 -37.33 23.47
C MET C 464 -0.95 -36.57 22.26
N ALA C 465 -0.32 -37.28 21.33
CA ALA C 465 0.26 -36.65 20.15
C ALA C 465 -0.80 -35.93 19.34
N PHE C 466 -1.93 -36.60 19.14
CA PHE C 466 -3.02 -36.03 18.37
C PHE C 466 -3.69 -34.89 19.12
N ALA C 467 -4.03 -35.13 20.38
CA ALA C 467 -4.69 -34.12 21.21
C ALA C 467 -3.87 -32.85 21.22
N VAL C 468 -2.57 -33.00 21.45
CA VAL C 468 -1.65 -31.88 21.47
C VAL C 468 -1.57 -31.20 20.10
N GLY C 469 -1.53 -32.00 19.03
CA GLY C 469 -1.50 -31.44 17.69
C GLY C 469 -2.70 -30.54 17.41
N PHE C 470 -3.88 -31.14 17.51
CA PHE C 470 -5.15 -30.44 17.27
C PHE C 470 -5.27 -29.21 18.15
N ALA C 471 -5.03 -29.38 19.45
CA ALA C 471 -5.14 -28.28 20.40
C ALA C 471 -4.12 -27.19 20.09
N LEU C 472 -3.00 -27.57 19.50
CA LEU C 472 -1.95 -26.62 19.16
C LEU C 472 -2.42 -25.78 17.99
N PHE C 473 -2.95 -26.45 16.98
CA PHE C 473 -3.50 -25.75 15.82
C PHE C 473 -4.66 -24.86 16.24
N GLY C 474 -5.36 -25.27 17.29
CA GLY C 474 -6.44 -24.48 17.86
C GLY C 474 -5.91 -23.25 18.57
N ALA C 475 -4.78 -23.41 19.23
CA ALA C 475 -4.13 -22.30 19.92
C ALA C 475 -3.67 -21.27 18.90
N LEU C 476 -3.17 -21.77 17.77
CA LEU C 476 -2.81 -20.92 16.65
C LEU C 476 -4.04 -20.18 16.14
N LEU C 477 -5.10 -20.93 15.88
CA LEU C 477 -6.33 -20.37 15.33
C LEU C 477 -7.07 -19.45 16.31
N VAL C 478 -6.64 -19.44 17.57
CA VAL C 478 -7.26 -18.60 18.58
C VAL C 478 -6.45 -17.33 18.82
N ALA C 479 -5.14 -17.50 18.98
CA ALA C 479 -4.25 -16.40 19.35
C ALA C 479 -4.20 -15.30 18.28
N LEU C 480 -4.38 -15.69 17.04
CA LEU C 480 -4.34 -14.75 15.94
C LEU C 480 -5.71 -14.64 15.27
N LEU C 481 -6.75 -14.53 16.10
CA LEU C 481 -8.12 -14.44 15.60
C LEU C 481 -9.11 -13.91 16.64
N LEU C 482 -9.33 -14.68 17.70
CA LEU C 482 -10.29 -14.29 18.73
C LEU C 482 -9.64 -13.33 19.73
N ILE C 483 -8.33 -13.42 19.88
CA ILE C 483 -7.58 -12.57 20.80
C ILE C 483 -7.44 -11.11 20.34
N PRO C 484 -7.12 -10.86 19.05
CA PRO C 484 -7.12 -9.46 18.60
C PRO C 484 -8.46 -8.77 18.81
N GLY C 485 -9.55 -9.53 18.71
CA GLY C 485 -10.88 -8.98 18.97
C GLY C 485 -11.02 -8.49 20.39
N LEU C 486 -10.18 -9.00 21.29
CA LEU C 486 -10.21 -8.62 22.70
C LEU C 486 -9.19 -7.53 23.00
N ALA C 487 -9.66 -6.40 23.50
CA ALA C 487 -8.81 -5.25 23.78
C ALA C 487 -9.09 -4.65 25.16
N ALA C 502 8.41 -6.86 42.64
CA ALA C 502 9.57 -7.75 42.65
C ALA C 502 10.19 -7.84 41.26
N LEU C 503 9.42 -7.47 40.24
CA LEU C 503 9.90 -7.47 38.87
C LEU C 503 10.83 -6.29 38.67
N VAL C 504 10.61 -5.24 39.47
CA VAL C 504 11.39 -4.01 39.42
C VAL C 504 12.89 -4.29 39.54
N TRP C 505 13.26 -5.15 40.48
CA TRP C 505 14.66 -5.50 40.68
C TRP C 505 15.14 -6.51 39.65
N LEU C 506 14.20 -7.27 39.08
CA LEU C 506 14.53 -8.23 38.04
C LEU C 506 14.89 -7.53 36.74
N ALA C 507 14.38 -6.31 36.58
CA ALA C 507 14.62 -5.55 35.34
C ALA C 507 16.09 -5.17 35.09
N PRO C 508 16.72 -4.38 36.00
CA PRO C 508 18.07 -3.91 35.67
C PRO C 508 19.17 -4.93 35.99
N ARG C 509 18.84 -5.93 36.79
CA ARG C 509 19.75 -7.04 37.05
C ARG C 509 20.04 -7.72 35.71
N TYR C 510 19.01 -7.79 34.88
CA TYR C 510 19.13 -8.36 33.55
C TYR C 510 20.01 -7.48 32.66
N GLU C 511 19.89 -6.17 32.84
CA GLU C 511 20.66 -5.20 32.05
C GLU C 511 22.15 -5.30 32.38
N SER C 512 22.46 -5.64 33.62
CA SER C 512 23.84 -5.74 34.08
C SER C 512 24.58 -6.90 33.42
N VAL C 513 24.00 -8.10 33.50
CA VAL C 513 24.62 -9.29 32.93
C VAL C 513 24.67 -9.23 31.40
N LEU C 514 23.73 -8.50 30.81
CA LEU C 514 23.75 -8.27 29.36
C LEU C 514 24.93 -7.38 29.00
N ASN C 515 25.30 -6.49 29.93
CA ASN C 515 26.47 -5.64 29.74
C ASN C 515 27.76 -6.44 29.97
N ARG C 516 27.62 -7.58 30.65
CA ARG C 516 28.73 -8.49 30.83
C ARG C 516 29.00 -9.25 29.54
N LEU C 517 28.00 -9.29 28.66
CA LEU C 517 28.12 -9.96 27.38
C LEU C 517 28.91 -9.14 26.37
N VAL C 518 29.14 -7.87 26.69
CA VAL C 518 29.96 -7.00 25.85
C VAL C 518 31.39 -7.51 25.84
N GLY C 519 31.69 -8.38 24.87
CA GLY C 519 32.98 -9.05 24.81
C GLY C 519 32.87 -10.45 25.38
N SER C 520 33.94 -10.92 26.02
CA SER C 520 33.99 -12.24 26.64
C SER C 520 33.54 -13.34 25.67
N THR C 521 34.08 -13.30 24.46
CA THR C 521 33.74 -14.26 23.42
C THR C 521 34.13 -15.68 23.83
N ARG C 522 35.41 -15.87 24.10
CA ARG C 522 35.94 -17.19 24.46
C ARG C 522 35.36 -17.72 25.76
N THR C 523 34.90 -16.82 26.62
CA THR C 523 34.30 -17.22 27.89
C THR C 523 32.86 -17.67 27.67
N ALA C 524 32.14 -16.97 26.81
CA ALA C 524 30.76 -17.31 26.51
C ALA C 524 30.70 -18.64 25.77
N ILE C 525 31.44 -18.73 24.66
CA ILE C 525 31.52 -19.97 23.90
C ILE C 525 32.21 -21.04 24.75
N GLY C 526 32.98 -20.59 25.73
CA GLY C 526 33.58 -21.48 26.70
C GLY C 526 32.50 -22.18 27.50
N ILE C 527 31.60 -21.39 28.08
CA ILE C 527 30.48 -21.93 28.85
C ILE C 527 29.64 -22.86 27.98
N ALA C 528 29.33 -22.40 26.76
CA ALA C 528 28.53 -23.18 25.83
C ALA C 528 29.15 -24.55 25.55
N VAL C 529 30.36 -24.54 24.99
CA VAL C 529 31.04 -25.77 24.61
C VAL C 529 31.30 -26.68 25.81
N ALA C 530 31.67 -26.10 26.94
CA ALA C 530 31.95 -26.88 28.15
C ALA C 530 30.70 -27.56 28.69
N THR C 531 29.58 -26.85 28.71
CA THR C 531 28.34 -27.43 29.21
C THR C 531 27.72 -28.40 28.20
N LEU C 532 28.11 -28.27 26.93
CA LEU C 532 27.67 -29.22 25.91
C LEU C 532 28.10 -30.63 26.28
N VAL C 533 29.39 -30.81 26.48
CA VAL C 533 29.92 -32.10 26.91
C VAL C 533 29.56 -32.33 28.38
N GLY C 534 29.33 -31.23 29.09
CA GLY C 534 28.96 -31.27 30.49
C GLY C 534 27.60 -31.90 30.71
N VAL C 535 26.79 -31.93 29.66
CA VAL C 535 25.52 -32.63 29.69
C VAL C 535 25.60 -33.89 28.84
N MET C 536 26.55 -33.92 27.92
CA MET C 536 26.79 -35.11 27.10
C MET C 536 27.35 -36.23 27.97
N ILE C 537 27.99 -35.86 29.08
CA ILE C 537 28.50 -36.83 30.04
C ILE C 537 27.75 -36.67 31.37
N LEU C 538 26.43 -36.66 31.28
CA LEU C 538 25.56 -36.67 32.45
C LEU C 538 24.37 -37.55 32.08
N GLY C 539 24.00 -37.52 30.80
CA GLY C 539 23.02 -38.43 30.26
C GLY C 539 23.70 -39.69 29.75
N ALA C 540 25.02 -39.74 29.92
CA ALA C 540 25.79 -40.92 29.57
C ALA C 540 25.88 -41.84 30.78
N THR C 541 25.55 -41.30 31.94
CA THR C 541 25.59 -42.05 33.18
C THR C 541 24.19 -42.38 33.68
N ILE C 542 23.19 -41.77 33.07
CA ILE C 542 21.80 -42.01 33.45
C ILE C 542 21.38 -43.45 33.18
N GLY C 543 20.55 -44.00 34.06
CA GLY C 543 20.01 -45.33 33.87
C GLY C 543 18.94 -45.33 32.80
N ARG C 544 18.72 -46.48 32.16
CA ARG C 544 17.73 -46.58 31.09
C ARG C 544 16.74 -47.71 31.34
N ASP C 545 15.45 -47.39 31.23
CA ASP C 545 14.39 -48.39 31.38
C ASP C 545 13.61 -48.53 30.08
N PHE C 546 12.31 -48.77 30.21
CA PHE C 546 11.41 -48.75 29.06
C PHE C 546 10.11 -48.03 29.44
N LEU C 547 9.70 -48.21 30.68
CA LEU C 547 8.60 -47.44 31.26
C LEU C 547 8.62 -47.60 32.77
N PRO C 548 8.12 -46.58 33.49
CA PRO C 548 8.02 -46.67 34.96
C PRO C 548 7.05 -47.75 35.40
N TYR C 549 7.02 -48.02 36.70
CA TYR C 549 6.27 -49.15 37.27
C TYR C 549 4.81 -49.25 36.83
N LEU C 550 4.17 -48.10 36.59
CA LEU C 550 2.76 -48.05 36.20
C LEU C 550 1.88 -48.75 37.23
N ASP C 551 1.57 -48.04 38.32
CA ASP C 551 0.86 -48.62 39.45
C ASP C 551 -0.61 -48.91 39.17
N GLU C 552 -0.99 -50.18 39.28
CA GLU C 552 -2.39 -50.57 39.19
C GLU C 552 -2.95 -50.64 40.61
N GLY C 553 -4.20 -51.08 40.74
CA GLY C 553 -4.83 -51.14 42.05
C GLY C 553 -4.25 -52.20 42.98
N SER C 554 -3.59 -53.19 42.42
CA SER C 554 -3.21 -54.38 43.18
C SER C 554 -1.84 -54.94 42.84
N ILE C 555 -1.61 -56.18 43.26
CA ILE C 555 -0.35 -56.89 42.98
C ILE C 555 -0.61 -58.35 42.60
N TRP C 556 -0.04 -58.81 41.50
CA TRP C 556 -0.21 -60.20 41.07
C TRP C 556 1.02 -61.07 41.36
N LEU C 557 0.78 -62.34 41.69
CA LEU C 557 1.85 -63.24 42.06
C LEU C 557 1.88 -64.51 41.19
N GLN C 558 3.06 -64.89 40.74
CA GLN C 558 3.25 -66.19 40.12
C GLN C 558 3.99 -67.10 41.09
N VAL C 559 3.23 -67.75 41.97
CA VAL C 559 3.80 -68.52 43.06
C VAL C 559 4.10 -69.95 42.65
N THR C 560 5.37 -70.33 42.77
CA THR C 560 5.84 -71.65 42.35
C THR C 560 6.04 -72.59 43.53
N LEU C 561 5.61 -73.83 43.37
CA LEU C 561 5.61 -74.80 44.45
C LEU C 561 6.41 -76.06 44.07
N PRO C 562 6.77 -76.88 45.07
CA PRO C 562 7.52 -78.11 44.80
C PRO C 562 6.84 -79.04 43.78
N PRO C 563 7.64 -79.78 43.00
CA PRO C 563 7.18 -80.64 41.90
C PRO C 563 6.39 -81.87 42.36
N GLY C 564 5.35 -82.23 41.59
CA GLY C 564 4.61 -83.45 41.83
C GLY C 564 3.61 -83.40 42.98
N ILE C 565 3.63 -82.30 43.73
CA ILE C 565 2.77 -82.09 44.88
C ILE C 565 1.29 -82.33 44.58
N SER C 566 0.63 -83.07 45.47
CA SER C 566 -0.80 -83.35 45.37
C SER C 566 -1.59 -82.07 45.47
N LEU C 567 -2.87 -82.12 45.13
CA LEU C 567 -3.71 -80.94 45.21
C LEU C 567 -4.06 -80.55 46.66
N GLU C 568 -4.07 -81.55 47.56
CA GLU C 568 -4.32 -81.26 48.97
C GLU C 568 -3.16 -80.49 49.56
N LYS C 569 -1.95 -81.02 49.38
CA LYS C 569 -0.74 -80.38 49.89
C LYS C 569 -0.57 -78.99 49.30
N ALA C 570 -0.77 -78.87 47.99
CA ALA C 570 -0.76 -77.58 47.31
C ALA C 570 -1.70 -76.63 48.00
N GLY C 571 -2.93 -77.08 48.20
CA GLY C 571 -3.94 -76.31 48.89
C GLY C 571 -3.50 -75.80 50.25
N GLN C 572 -2.84 -76.66 51.02
CA GLN C 572 -2.34 -76.26 52.33
C GLN C 572 -1.24 -75.21 52.21
N MET C 573 -0.34 -75.41 51.25
CA MET C 573 0.74 -74.47 51.04
C MET C 573 0.19 -73.10 50.68
N ALA C 574 -0.84 -73.09 49.85
CA ALA C 574 -1.49 -71.86 49.43
C ALA C 574 -2.18 -71.20 50.63
N ASP C 575 -2.88 -72.01 51.42
CA ASP C 575 -3.48 -71.55 52.68
C ASP C 575 -2.47 -70.78 53.52
N ASN C 576 -1.30 -71.39 53.70
CA ASN C 576 -0.26 -70.74 54.47
C ASN C 576 0.25 -69.45 53.83
N LEU C 577 0.42 -69.50 52.52
CA LEU C 577 0.93 -68.34 51.77
C LEU C 577 0.03 -67.15 52.00
N ARG C 578 -1.26 -67.42 51.86
CA ARG C 578 -2.29 -66.43 51.98
C ARG C 578 -2.44 -65.94 53.41
N ALA C 579 -2.19 -66.82 54.38
CA ALA C 579 -2.24 -66.42 55.78
C ALA C 579 -1.04 -65.56 56.17
N ALA C 580 0.06 -65.69 55.43
CA ALA C 580 1.24 -64.85 55.65
C ALA C 580 1.12 -63.53 54.90
N THR C 581 0.36 -63.53 53.81
CA THR C 581 0.12 -62.30 53.05
C THR C 581 -0.81 -61.37 53.81
N MET C 582 -1.75 -61.94 54.55
CA MET C 582 -2.67 -61.14 55.37
C MET C 582 -2.01 -60.54 56.61
N GLU C 583 -0.75 -60.91 56.85
CA GLU C 583 -0.03 -60.40 58.01
C GLU C 583 0.42 -58.96 57.81
N PHE C 584 -0.31 -58.23 56.96
CA PHE C 584 -0.02 -56.84 56.71
C PHE C 584 -1.30 -56.02 56.82
N PRO C 585 -1.18 -54.77 57.28
CA PRO C 585 -2.34 -53.90 57.46
C PRO C 585 -2.87 -53.35 56.15
N GLU C 586 -2.12 -53.55 55.06
CA GLU C 586 -2.46 -52.90 53.79
C GLU C 586 -3.11 -53.82 52.77
N VAL C 587 -3.36 -55.08 53.14
CA VAL C 587 -3.96 -56.04 52.21
C VAL C 587 -5.46 -56.26 52.45
N GLU C 588 -6.26 -55.76 51.54
CA GLU C 588 -7.72 -55.86 51.63
C GLU C 588 -8.18 -57.31 51.51
N HIS C 589 -7.84 -57.95 50.39
CA HIS C 589 -8.15 -59.37 50.18
C HIS C 589 -6.97 -60.07 49.52
N VAL C 590 -6.86 -61.37 49.75
CA VAL C 590 -5.84 -62.18 49.10
C VAL C 590 -6.49 -63.43 48.51
N VAL C 591 -6.30 -63.64 47.22
CA VAL C 591 -6.92 -64.74 46.50
C VAL C 591 -5.85 -65.63 45.86
N THR C 592 -5.96 -66.93 46.09
CA THR C 592 -5.05 -67.87 45.43
C THR C 592 -5.81 -68.70 44.39
N GLN C 593 -5.16 -68.92 43.25
CA GLN C 593 -5.68 -69.83 42.26
C GLN C 593 -4.69 -70.98 42.05
N VAL C 594 -4.73 -71.96 42.94
CA VAL C 594 -3.82 -73.09 42.78
C VAL C 594 -4.41 -74.07 41.78
N GLY C 595 -3.61 -74.51 40.82
CA GLY C 595 -4.07 -75.50 39.87
C GLY C 595 -4.80 -74.91 38.68
N ARG C 596 -5.70 -75.71 38.10
CA ARG C 596 -6.37 -75.36 36.85
C ARG C 596 -7.86 -75.08 37.05
N ASN C 597 -8.48 -74.49 36.04
CA ASN C 597 -9.90 -74.13 36.09
C ASN C 597 -10.81 -75.04 35.27
N ASP C 598 -11.70 -74.44 34.49
CA ASP C 598 -12.66 -75.22 33.72
C ASP C 598 -12.35 -75.26 32.22
N GLU C 599 -12.04 -74.09 31.67
CA GLU C 599 -11.81 -73.95 30.23
C GLU C 599 -10.59 -74.71 29.72
N GLY C 600 -9.41 -74.28 30.14
CA GLY C 600 -8.18 -74.92 29.72
C GLY C 600 -7.28 -73.94 28.99
N THR C 601 -7.43 -72.66 29.31
CA THR C 601 -6.58 -71.61 28.74
C THR C 601 -5.31 -71.46 29.59
N ASP C 602 -5.18 -72.35 30.56
CA ASP C 602 -3.96 -72.47 31.37
C ASP C 602 -3.64 -73.96 31.57
N PRO C 603 -2.37 -74.34 31.36
CA PRO C 603 -1.85 -75.70 31.50
C PRO C 603 -1.20 -75.90 32.86
N PHE C 604 -1.90 -75.52 33.92
CA PHE C 604 -1.30 -75.43 35.25
C PHE C 604 -1.58 -76.64 36.15
N SER C 605 -0.61 -76.92 37.02
CA SER C 605 -0.66 -78.05 37.93
C SER C 605 -0.83 -77.49 39.33
N PRO C 606 -1.10 -78.36 40.33
CA PRO C 606 -1.25 -77.85 41.70
C PRO C 606 0.02 -77.19 42.22
N SER C 607 1.16 -77.52 41.61
CA SER C 607 2.42 -76.91 42.00
C SER C 607 2.50 -75.49 41.50
N HIS C 608 1.56 -75.09 40.66
CA HIS C 608 1.49 -73.73 40.18
C HIS C 608 0.36 -72.96 40.83
N ILE C 609 0.66 -71.74 41.28
CA ILE C 609 -0.37 -70.87 41.80
C ILE C 609 -0.23 -69.52 41.15
N GLU C 610 -1.37 -68.89 40.92
CA GLU C 610 -1.41 -67.48 40.62
C GLU C 610 -2.20 -66.84 41.74
N THR C 611 -1.62 -65.81 42.35
CA THR C 611 -2.24 -65.17 43.50
C THR C 611 -2.63 -63.72 43.19
N ALA C 612 -3.80 -63.31 43.63
CA ALA C 612 -4.19 -61.90 43.51
C ALA C 612 -4.15 -61.23 44.88
N VAL C 613 -3.40 -60.14 44.97
CA VAL C 613 -3.25 -59.40 46.22
C VAL C 613 -3.83 -58.00 46.12
N THR C 614 -4.98 -57.80 46.74
CA THR C 614 -5.67 -56.51 46.70
C THR C 614 -5.23 -55.68 47.90
N LEU C 615 -5.14 -54.37 47.70
CA LEU C 615 -4.65 -53.48 48.75
C LEU C 615 -5.72 -52.54 49.29
N HIS C 616 -5.37 -51.82 50.34
CA HIS C 616 -6.20 -50.73 50.84
C HIS C 616 -5.84 -49.47 50.08
N PRO C 617 -6.75 -48.48 50.07
CA PRO C 617 -6.41 -47.18 49.48
C PRO C 617 -5.12 -46.64 50.10
N TYR C 618 -4.21 -46.15 49.27
CA TYR C 618 -2.95 -45.59 49.74
C TYR C 618 -3.21 -44.50 50.78
N SER C 619 -4.35 -43.84 50.62
CA SER C 619 -4.80 -42.80 51.54
C SER C 619 -4.82 -43.29 52.98
N THR C 620 -5.25 -44.54 53.17
CA THR C 620 -5.37 -45.11 54.51
C THR C 620 -4.26 -46.10 54.84
N TRP C 621 -3.01 -45.68 54.71
CA TRP C 621 -1.90 -46.55 55.06
C TRP C 621 -1.25 -46.13 56.38
N THR C 622 -1.78 -46.70 57.47
CA THR C 622 -1.27 -46.41 58.81
C THR C 622 0.20 -46.81 58.93
N SER C 623 0.51 -48.02 58.50
CA SER C 623 1.89 -48.49 58.50
C SER C 623 2.73 -47.65 57.53
N GLY C 624 3.74 -46.98 58.07
CA GLY C 624 4.62 -46.17 57.26
C GLY C 624 5.47 -47.01 56.34
N ARG C 625 4.89 -47.41 55.21
CA ARG C 625 5.58 -48.25 54.25
C ARG C 625 5.26 -47.84 52.82
N ASP C 626 6.31 -47.65 52.01
CA ASP C 626 6.14 -47.39 50.59
C ASP C 626 5.63 -48.67 49.93
N LYS C 627 4.95 -48.53 48.80
CA LYS C 627 4.44 -49.69 48.08
C LYS C 627 5.54 -50.65 47.67
N GLN C 628 6.64 -50.11 47.16
CA GLN C 628 7.79 -50.93 46.77
C GLN C 628 8.37 -51.60 48.01
N GLN C 629 8.37 -50.87 49.12
CA GLN C 629 8.85 -51.39 50.39
C GLN C 629 7.87 -52.44 50.94
N LEU C 630 6.61 -52.29 50.59
CA LEU C 630 5.62 -53.30 50.92
C LEU C 630 5.93 -54.55 50.13
N ILE C 631 6.34 -54.36 48.89
CA ILE C 631 6.67 -55.46 47.99
C ILE C 631 7.89 -56.22 48.50
N GLU C 632 8.90 -55.48 48.97
CA GLU C 632 10.09 -56.13 49.50
C GLU C 632 9.87 -56.75 50.88
N ALA C 633 8.94 -56.18 51.65
CA ALA C 633 8.55 -56.78 52.91
C ALA C 633 7.85 -58.10 52.61
N MET C 634 7.04 -58.09 51.55
CA MET C 634 6.34 -59.29 51.08
C MET C 634 7.31 -60.35 50.58
N ALA C 635 8.32 -59.93 49.82
CA ALA C 635 9.29 -60.85 49.24
C ALA C 635 10.13 -61.47 50.35
N THR C 636 10.57 -60.65 51.28
CA THR C 636 11.33 -61.14 52.41
C THR C 636 10.48 -62.12 53.21
N ARG C 637 9.22 -61.76 53.47
CA ARG C 637 8.32 -62.64 54.21
C ARG C 637 8.18 -63.97 53.51
N PHE C 638 8.01 -63.91 52.20
CA PHE C 638 7.79 -65.10 51.38
C PHE C 638 9.04 -65.97 51.32
N ARG C 639 10.20 -65.36 51.57
CA ARG C 639 11.44 -66.13 51.71
C ARG C 639 11.54 -66.74 53.11
N ASP C 640 10.39 -67.14 53.66
CA ASP C 640 10.32 -67.79 54.97
C ASP C 640 9.13 -68.75 55.01
N LEU C 641 8.45 -68.88 53.87
CA LEU C 641 7.45 -69.92 53.67
C LEU C 641 8.12 -71.05 52.88
N PRO C 642 8.12 -72.27 53.44
CA PRO C 642 8.86 -73.38 52.85
C PRO C 642 8.28 -73.87 51.52
N GLY C 643 9.11 -73.92 50.49
CA GLY C 643 8.72 -74.44 49.19
C GLY C 643 8.05 -73.42 48.30
N THR C 644 7.78 -72.25 48.86
CA THR C 644 6.98 -71.23 48.18
C THR C 644 7.83 -70.22 47.42
N GLN C 645 8.12 -70.50 46.15
CA GLN C 645 8.77 -69.51 45.29
C GLN C 645 7.77 -68.52 44.69
N VAL C 646 8.04 -67.22 44.83
CA VAL C 646 7.06 -66.20 44.50
C VAL C 646 7.51 -65.17 43.46
N GLY C 647 6.82 -65.15 42.32
CA GLY C 647 7.08 -64.17 41.28
C GLY C 647 6.22 -62.94 41.49
N PHE C 648 6.81 -61.75 41.29
CA PHE C 648 6.11 -60.50 41.54
C PHE C 648 5.77 -59.71 40.27
N SER C 649 4.49 -59.39 40.11
CA SER C 649 3.98 -58.65 38.95
C SER C 649 2.67 -57.94 39.26
N GLN C 650 1.86 -57.69 38.23
CA GLN C 650 0.57 -57.03 38.41
C GLN C 650 -0.49 -57.69 37.53
N PRO C 651 -1.77 -57.61 37.94
CA PRO C 651 -2.83 -58.34 37.24
C PRO C 651 -2.99 -58.02 35.75
N MET C 652 -2.84 -56.77 35.34
CA MET C 652 -2.99 -56.44 33.92
C MET C 652 -1.71 -56.69 33.14
N ILE C 653 -0.60 -56.18 33.66
CA ILE C 653 0.68 -56.21 32.96
C ILE C 653 1.29 -57.60 32.85
N ASP C 654 0.97 -58.48 33.80
CA ASP C 654 1.48 -59.85 33.79
C ASP C 654 1.05 -60.57 32.52
N GLY C 655 -0.20 -60.35 32.11
CA GLY C 655 -0.75 -60.94 30.91
C GLY C 655 0.02 -60.56 29.67
N VAL C 656 0.22 -59.26 29.45
CA VAL C 656 0.91 -58.78 28.26
C VAL C 656 2.39 -59.16 28.31
N LEU C 657 2.96 -59.19 29.51
CA LEU C 657 4.32 -59.68 29.69
C LEU C 657 4.43 -61.11 29.17
N ASP C 658 3.44 -61.92 29.52
CA ASP C 658 3.43 -63.32 29.13
C ASP C 658 3.22 -63.49 27.62
N LYS C 659 2.21 -62.81 27.08
CA LYS C 659 1.92 -62.90 25.66
C LYS C 659 3.10 -62.38 24.83
N LEU C 660 3.87 -61.46 25.40
CA LEU C 660 5.01 -60.88 24.68
C LEU C 660 6.22 -61.81 24.71
N ALA C 661 6.83 -61.94 25.88
CA ALA C 661 8.01 -62.79 26.05
C ALA C 661 7.68 -64.28 25.95
N GLY C 662 6.99 -64.80 26.95
CA GLY C 662 6.63 -66.20 26.99
C GLY C 662 6.06 -66.56 28.34
N ALA C 663 6.76 -66.15 29.38
CA ALA C 663 6.35 -66.43 30.75
C ALA C 663 5.98 -65.15 31.49
N HIS C 664 5.35 -65.31 32.64
CA HIS C 664 4.83 -64.18 33.39
C HIS C 664 5.91 -63.48 34.21
N SER C 665 6.83 -62.82 33.51
CA SER C 665 7.89 -62.04 34.16
C SER C 665 8.40 -60.94 33.24
N ASP C 666 9.03 -59.93 33.83
CA ASP C 666 9.54 -58.78 33.08
C ASP C 666 10.61 -59.22 32.09
N LEU C 667 11.49 -60.10 32.56
CA LEU C 667 12.62 -60.56 31.76
C LEU C 667 12.61 -62.08 31.70
N VAL C 668 13.08 -62.64 30.59
CA VAL C 668 13.29 -64.08 30.51
C VAL C 668 14.61 -64.36 29.81
N VAL C 669 15.13 -65.56 30.05
CA VAL C 669 16.28 -66.07 29.30
C VAL C 669 15.94 -67.45 28.74
N LYS C 670 15.83 -67.52 27.43
CA LYS C 670 15.41 -68.76 26.77
C LYS C 670 16.59 -69.62 26.35
N VAL C 671 16.68 -70.82 26.91
CA VAL C 671 17.72 -71.79 26.59
C VAL C 671 17.19 -72.86 25.63
N TYR C 672 17.57 -72.76 24.37
CA TYR C 672 16.99 -73.59 23.32
C TYR C 672 17.75 -74.89 23.16
N GLY C 673 17.08 -75.91 22.63
CA GLY C 673 17.73 -77.19 22.35
C GLY C 673 16.78 -78.37 22.43
N ASN C 674 17.01 -79.37 21.59
CA ASN C 674 16.09 -80.49 21.47
C ASN C 674 16.27 -81.55 22.56
N ASP C 675 17.20 -81.31 23.47
CA ASP C 675 17.43 -82.22 24.60
C ASP C 675 16.89 -81.62 25.90
N PHE C 676 16.07 -82.39 26.60
CA PHE C 676 15.46 -81.91 27.84
C PHE C 676 16.48 -81.78 28.97
N ALA C 677 17.23 -82.86 29.20
CA ALA C 677 18.24 -82.91 30.26
C ALA C 677 19.26 -81.79 30.14
N GLU C 678 19.90 -81.65 28.98
CA GLU C 678 20.95 -80.66 28.80
C GLU C 678 20.48 -79.21 28.86
N THR C 679 19.38 -78.90 28.17
CA THR C 679 18.81 -77.56 28.23
C THR C 679 18.47 -77.22 29.67
N ARG C 680 17.97 -78.20 30.41
CA ARG C 680 17.69 -77.99 31.83
C ARG C 680 18.96 -77.79 32.65
N GLN C 681 20.04 -78.45 32.24
CA GLN C 681 21.33 -78.28 32.89
C GLN C 681 21.82 -76.84 32.73
N VAL C 682 21.95 -76.42 31.49
CA VAL C 682 22.37 -75.05 31.16
C VAL C 682 21.46 -74.04 31.84
N ALA C 683 20.17 -74.35 31.89
CA ALA C 683 19.20 -73.49 32.54
C ALA C 683 19.47 -73.40 34.05
N THR C 684 19.89 -74.51 34.64
CA THR C 684 20.27 -74.52 36.05
C THR C 684 21.44 -73.57 36.25
N ALA C 685 22.40 -73.64 35.34
CA ALA C 685 23.53 -72.71 35.35
C ALA C 685 23.08 -71.25 35.30
N ILE C 686 22.34 -70.89 34.25
CA ILE C 686 21.89 -69.51 34.06
C ILE C 686 21.04 -69.02 35.23
N THR C 687 20.30 -69.94 35.83
CA THR C 687 19.49 -69.58 36.98
C THR C 687 20.39 -69.21 38.16
N ARG C 688 21.27 -70.12 38.52
CA ARG C 688 22.20 -69.91 39.62
C ARG C 688 23.04 -68.65 39.41
N LEU C 689 23.36 -68.35 38.16
CA LEU C 689 24.18 -67.19 37.84
C LEU C 689 23.36 -65.91 37.99
N LEU C 690 22.29 -65.81 37.21
CA LEU C 690 21.45 -64.62 37.20
C LEU C 690 20.93 -64.26 38.58
N LYS C 691 20.73 -65.26 39.43
CA LYS C 691 20.17 -64.99 40.73
C LYS C 691 21.21 -64.43 41.70
N THR C 692 22.44 -64.27 41.21
CA THR C 692 23.51 -63.67 42.00
C THR C 692 23.68 -62.18 41.69
N VAL C 693 23.30 -61.78 40.48
CA VAL C 693 23.35 -60.38 40.07
C VAL C 693 22.43 -59.51 40.92
N PRO C 694 22.96 -58.42 41.51
CA PRO C 694 22.24 -57.54 42.44
C PRO C 694 20.99 -56.86 41.87
N GLY C 695 20.77 -56.97 40.56
CA GLY C 695 19.60 -56.38 39.95
C GLY C 695 18.42 -57.33 39.83
N ALA C 696 18.72 -58.59 39.53
CA ALA C 696 17.70 -59.62 39.36
C ALA C 696 17.07 -59.97 40.69
N GLN C 697 15.75 -59.86 40.77
CA GLN C 697 15.06 -60.08 42.04
C GLN C 697 14.56 -61.51 42.20
N ASP C 698 13.61 -61.91 41.38
CA ASP C 698 13.14 -63.30 41.38
C ASP C 698 13.75 -63.98 40.16
N VAL C 699 14.13 -65.25 40.29
CA VAL C 699 14.64 -66.04 39.17
C VAL C 699 14.22 -67.50 39.31
N ILE C 700 13.57 -68.04 38.27
CA ILE C 700 13.20 -69.46 38.28
C ILE C 700 13.16 -70.06 36.89
N ILE C 701 13.14 -71.38 36.82
CA ILE C 701 12.94 -72.07 35.55
C ILE C 701 11.45 -72.29 35.37
N ASP C 702 10.86 -71.62 34.38
CA ASP C 702 9.44 -71.66 34.14
C ASP C 702 8.92 -73.09 34.00
N GLN C 703 9.59 -73.89 33.16
CA GLN C 703 9.22 -75.29 32.97
C GLN C 703 9.51 -76.10 34.24
N GLU C 704 8.46 -76.70 34.78
CA GLU C 704 8.56 -77.51 35.98
C GLU C 704 9.31 -78.80 35.67
N PRO C 705 10.05 -79.34 36.66
CA PRO C 705 10.85 -80.56 36.48
C PRO C 705 10.02 -81.75 36.03
N PRO C 706 10.69 -82.78 35.47
CA PRO C 706 9.97 -84.02 35.19
C PRO C 706 9.41 -84.63 36.48
N LEU C 707 8.31 -85.36 36.37
CA LEU C 707 7.65 -85.92 37.52
C LEU C 707 7.48 -87.42 37.39
N PRO C 708 7.36 -88.11 38.53
CA PRO C 708 7.08 -89.53 38.43
C PRO C 708 5.68 -89.73 37.89
N GLN C 709 5.48 -90.79 37.12
CA GLN C 709 4.18 -91.19 36.65
C GLN C 709 4.14 -92.69 36.80
N VAL C 710 3.08 -93.22 37.40
CA VAL C 710 2.89 -94.66 37.38
C VAL C 710 2.44 -95.01 35.97
N ARG C 711 3.33 -95.65 35.23
CA ARG C 711 3.17 -95.88 33.80
C ARG C 711 2.87 -97.34 33.49
N ILE C 712 1.81 -97.56 32.73
CA ILE C 712 1.42 -98.92 32.35
C ILE C 712 1.64 -99.18 30.87
N ASP C 713 2.75 -99.84 30.55
CA ASP C 713 2.98 -100.27 29.18
C ASP C 713 2.32 -101.62 29.01
N VAL C 714 1.99 -102.00 27.78
CA VAL C 714 1.38 -103.31 27.57
C VAL C 714 2.35 -104.29 26.94
N ASP C 715 2.35 -105.52 27.46
CA ASP C 715 3.20 -106.58 26.94
C ASP C 715 2.48 -107.23 25.76
N ARG C 716 3.06 -107.06 24.58
CA ARG C 716 2.46 -107.57 23.35
C ARG C 716 2.37 -109.09 23.35
N ALA C 717 3.51 -109.76 23.39
CA ALA C 717 3.56 -111.21 23.38
C ALA C 717 2.79 -111.88 24.53
N ALA C 718 2.72 -111.21 25.68
CA ALA C 718 1.96 -111.76 26.80
C ALA C 718 0.48 -111.82 26.48
N ALA C 719 -0.06 -110.73 25.94
CA ALA C 719 -1.46 -110.67 25.57
C ALA C 719 -1.69 -111.38 24.23
N ALA C 720 -0.59 -111.80 23.62
CA ALA C 720 -0.65 -112.59 22.41
C ALA C 720 -0.72 -114.06 22.78
N ARG C 721 -0.35 -114.35 24.02
CA ARG C 721 -0.42 -115.72 24.55
C ARG C 721 -1.56 -115.88 25.52
N LEU C 722 -2.32 -114.80 25.73
CA LEU C 722 -3.48 -114.85 26.63
C LEU C 722 -4.74 -114.37 25.93
N GLY C 723 -4.61 -113.99 24.67
CA GLY C 723 -5.74 -113.49 23.91
C GLY C 723 -6.39 -112.29 24.55
N ILE C 724 -5.70 -111.15 24.50
CA ILE C 724 -6.20 -109.90 25.06
C ILE C 724 -5.77 -108.72 24.19
N ASN C 725 -6.68 -107.76 23.99
CA ASN C 725 -6.37 -106.55 23.25
C ASN C 725 -5.82 -105.47 24.14
N VAL C 726 -4.90 -104.67 23.60
CA VAL C 726 -4.40 -103.53 24.34
C VAL C 726 -5.54 -102.55 24.59
N ALA C 727 -6.53 -102.58 23.73
CA ALA C 727 -7.70 -101.72 23.87
C ALA C 727 -8.54 -102.05 25.11
N ASP C 728 -8.49 -103.30 25.55
CA ASP C 728 -9.21 -103.73 26.75
C ASP C 728 -8.55 -103.08 27.96
N VAL C 729 -7.22 -103.07 27.92
CA VAL C 729 -6.39 -102.48 28.95
C VAL C 729 -6.60 -100.97 29.02
N MET C 730 -6.45 -100.31 27.88
CA MET C 730 -6.64 -98.87 27.79
C MET C 730 -8.05 -98.46 28.20
N ALA C 731 -9.03 -99.32 27.89
CA ALA C 731 -10.39 -99.09 28.33
C ALA C 731 -10.41 -99.14 29.85
N LEU C 732 -9.75 -100.16 30.39
CA LEU C 732 -9.68 -100.35 31.84
C LEU C 732 -9.11 -99.12 32.52
N ILE C 733 -8.11 -98.51 31.90
CA ILE C 733 -7.42 -97.37 32.51
C ILE C 733 -8.20 -96.08 32.34
N GLN C 734 -8.85 -95.93 31.18
CA GLN C 734 -9.51 -94.69 30.82
C GLN C 734 -10.90 -94.60 31.45
N THR C 735 -11.58 -95.74 31.48
CA THR C 735 -12.93 -95.80 32.05
C THR C 735 -12.85 -96.17 33.51
N GLY C 736 -12.32 -97.36 33.79
CA GLY C 736 -12.21 -97.86 35.14
C GLY C 736 -11.38 -96.99 36.07
N ILE C 737 -10.09 -96.83 35.75
CA ILE C 737 -9.23 -95.98 36.57
C ILE C 737 -9.51 -94.52 36.31
N GLY C 738 -9.25 -94.08 35.08
CA GLY C 738 -9.38 -92.68 34.69
C GLY C 738 -10.71 -92.05 35.04
N GLY C 739 -11.78 -92.82 34.88
CA GLY C 739 -13.12 -92.37 35.18
C GLY C 739 -13.68 -91.45 34.12
N SER C 740 -13.67 -91.92 32.88
CA SER C 740 -14.24 -91.15 31.76
C SER C 740 -15.76 -91.12 31.87
N PRO C 741 -16.37 -89.96 31.58
CA PRO C 741 -17.83 -89.81 31.53
C PRO C 741 -18.42 -90.69 30.45
N VAL C 742 -19.52 -91.36 30.76
CA VAL C 742 -20.13 -92.27 29.80
C VAL C 742 -21.24 -91.60 29.00
N THR C 743 -22.15 -90.92 29.71
CA THR C 743 -23.26 -90.28 29.01
C THR C 743 -23.59 -88.91 29.61
N GLN C 744 -24.76 -88.38 29.27
CA GLN C 744 -25.13 -87.03 29.70
C GLN C 744 -26.59 -86.87 30.07
N VAL C 745 -26.86 -86.86 31.38
CA VAL C 745 -28.21 -86.74 31.90
C VAL C 745 -28.64 -85.27 31.98
N PHE C 746 -29.88 -84.99 31.58
CA PHE C 746 -30.41 -83.63 31.60
C PHE C 746 -31.39 -83.40 32.74
N VAL C 747 -31.27 -82.26 33.41
CA VAL C 747 -32.23 -81.84 34.43
C VAL C 747 -32.56 -80.37 34.25
N GLU C 748 -33.79 -80.09 33.81
CA GLU C 748 -34.20 -78.74 33.41
C GLU C 748 -33.33 -78.18 32.29
N ASP C 749 -32.77 -77.00 32.52
CA ASP C 749 -31.86 -76.41 31.55
C ASP C 749 -30.41 -76.77 31.88
N ARG C 750 -30.24 -77.63 32.87
CA ARG C 750 -28.92 -78.05 33.29
C ARG C 750 -28.59 -79.45 32.78
N SER C 751 -27.31 -79.80 32.77
CA SER C 751 -26.87 -81.11 32.32
C SER C 751 -25.64 -81.60 33.08
N TYR C 752 -25.52 -82.91 33.21
CA TYR C 752 -24.46 -83.52 34.02
C TYR C 752 -23.94 -84.77 33.32
N ASN C 753 -22.67 -85.08 33.53
CA ASN C 753 -22.09 -86.28 32.96
C ASN C 753 -22.35 -87.48 33.85
N VAL C 754 -22.77 -88.59 33.25
CA VAL C 754 -22.83 -89.85 33.96
C VAL C 754 -21.55 -90.63 33.70
N VAL C 755 -20.86 -90.94 34.79
CA VAL C 755 -19.54 -91.57 34.73
C VAL C 755 -19.56 -92.96 35.38
N ALA C 756 -18.79 -93.88 34.80
CA ALA C 756 -18.53 -95.18 35.43
C ALA C 756 -17.06 -95.28 35.77
N ARG C 757 -16.76 -95.63 37.01
CA ARG C 757 -15.39 -95.82 37.43
C ARG C 757 -15.30 -96.69 38.69
N PHE C 758 -14.20 -97.41 38.83
CA PHE C 758 -13.94 -98.24 40.00
C PHE C 758 -13.89 -97.39 41.25
N ILE C 759 -14.21 -98.00 42.39
CA ILE C 759 -14.23 -97.29 43.66
C ILE C 759 -12.81 -96.99 44.12
N GLY C 760 -12.69 -96.06 45.08
CA GLY C 760 -11.41 -95.74 45.66
C GLY C 760 -10.80 -96.95 46.32
N SER C 761 -9.49 -96.91 46.54
CA SER C 761 -8.75 -98.03 47.13
C SER C 761 -8.81 -99.30 46.29
N SER C 762 -9.29 -99.18 45.06
CA SER C 762 -9.21 -100.26 44.08
C SER C 762 -8.21 -99.86 43.02
N ARG C 763 -7.84 -98.57 43.05
CA ARG C 763 -6.84 -98.00 42.15
C ARG C 763 -5.79 -97.30 43.00
N ASN C 764 -5.78 -97.61 44.29
CA ASN C 764 -4.97 -96.92 45.30
C ASN C 764 -3.50 -96.71 44.93
N ASP C 765 -2.80 -97.80 44.62
CA ASP C 765 -1.38 -97.79 44.34
C ASP C 765 -1.08 -98.64 43.10
N PRO C 766 0.18 -98.68 42.63
CA PRO C 766 0.51 -99.52 41.46
C PRO C 766 0.22 -101.00 41.64
N GLU C 767 0.42 -101.51 42.86
CA GLU C 767 0.05 -102.90 43.16
C GLU C 767 -1.42 -103.17 42.89
N ALA C 768 -2.28 -102.38 43.52
CA ALA C 768 -3.74 -102.52 43.39
C ALA C 768 -4.23 -102.44 41.95
N ILE C 769 -3.67 -101.50 41.18
CA ILE C 769 -3.95 -101.42 39.76
C ILE C 769 -3.58 -102.73 39.11
N GLY C 770 -2.33 -103.16 39.31
CA GLY C 770 -1.85 -104.38 38.68
C GLY C 770 -2.63 -105.61 39.08
N ASN C 771 -3.37 -105.50 40.19
CA ASN C 771 -4.02 -106.66 40.81
C ASN C 771 -5.47 -106.85 40.36
N LEU C 772 -6.11 -105.79 39.89
CA LEU C 772 -7.46 -105.92 39.37
C LEU C 772 -7.42 -106.64 38.02
N THR C 773 -8.53 -107.25 37.66
CA THR C 773 -8.54 -108.21 36.56
C THR C 773 -9.35 -107.74 35.34
N LEU C 774 -9.17 -108.47 34.24
CA LEU C 774 -9.90 -108.23 33.00
C LEU C 774 -9.96 -109.55 32.22
N THR C 775 -11.14 -109.87 31.68
CA THR C 775 -11.35 -111.17 31.04
C THR C 775 -10.58 -111.33 29.72
N ALA C 776 -10.58 -112.54 29.19
CA ALA C 776 -9.79 -112.86 27.99
C ALA C 776 -10.64 -113.56 26.93
N ALA C 777 -9.96 -114.26 26.02
CA ALA C 777 -10.63 -114.97 24.93
C ALA C 777 -11.11 -116.35 25.38
N ASN C 778 -10.51 -116.87 26.45
CA ASN C 778 -10.88 -118.17 26.99
C ASN C 778 -12.06 -118.09 27.95
N GLY C 779 -12.61 -116.90 28.11
CA GLY C 779 -13.78 -116.70 28.95
C GLY C 779 -13.48 -116.81 30.44
N ALA C 780 -12.31 -116.31 30.84
CA ALA C 780 -11.90 -116.35 32.23
C ALA C 780 -11.03 -115.14 32.57
N HIS C 781 -11.17 -114.66 33.81
CA HIS C 781 -10.45 -113.47 34.26
C HIS C 781 -8.93 -113.59 34.11
N VAL C 782 -8.27 -112.45 33.87
CA VAL C 782 -6.82 -112.37 33.79
C VAL C 782 -6.32 -111.11 34.48
N ALA C 783 -5.44 -111.28 35.46
CA ALA C 783 -4.91 -110.13 36.21
C ALA C 783 -4.11 -109.21 35.30
N LEU C 784 -4.15 -107.92 35.59
CA LEU C 784 -3.53 -106.92 34.73
C LEU C 784 -2.00 -107.02 34.71
N ALA C 785 -1.40 -107.39 35.84
CA ALA C 785 0.05 -107.46 35.95
C ALA C 785 0.63 -108.69 35.23
N GLN C 786 -0.24 -109.37 34.49
CA GLN C 786 0.11 -110.59 33.78
C GLN C 786 0.47 -110.28 32.34
N VAL C 787 0.12 -109.08 31.88
CA VAL C 787 0.32 -108.70 30.50
C VAL C 787 0.74 -107.24 30.32
N ALA C 788 1.04 -106.57 31.42
CA ALA C 788 1.33 -105.14 31.35
C ALA C 788 2.35 -104.73 32.40
N HIS C 789 3.36 -103.99 31.96
CA HIS C 789 4.35 -103.45 32.87
C HIS C 789 3.83 -102.19 33.57
N ILE C 790 3.33 -102.38 34.78
CA ILE C 790 2.93 -101.28 35.65
C ILE C 790 4.13 -100.88 36.50
N ARG C 791 4.69 -99.72 36.22
CA ARG C 791 5.87 -99.29 36.96
C ARG C 791 5.81 -97.82 37.28
N LEU C 792 6.95 -97.29 37.72
CA LEU C 792 7.04 -95.89 38.08
C LEU C 792 8.15 -95.27 37.25
N ALA C 793 7.77 -94.42 36.31
CA ALA C 793 8.74 -93.83 35.39
C ALA C 793 8.61 -92.32 35.34
N GLU C 794 9.75 -91.64 35.29
CA GLU C 794 9.78 -90.19 35.26
C GLU C 794 9.50 -89.68 33.85
N GLY C 795 8.58 -88.75 33.72
CA GLY C 795 8.24 -88.16 32.42
C GLY C 795 8.22 -86.65 32.50
N GLU C 796 8.20 -85.97 31.36
CA GLU C 796 8.21 -84.52 31.37
C GLU C 796 6.83 -83.96 31.71
N THR C 797 6.80 -82.85 32.43
CA THR C 797 5.55 -82.25 32.88
C THR C 797 4.99 -81.29 31.83
N THR C 798 5.91 -80.56 31.19
CA THR C 798 5.54 -79.50 30.25
C THR C 798 6.60 -79.35 29.16
N ILE C 799 6.17 -79.34 27.91
CA ILE C 799 7.08 -79.14 26.78
C ILE C 799 6.74 -77.85 26.05
N THR C 800 7.67 -76.90 26.05
CA THR C 800 7.41 -75.61 25.43
C THR C 800 8.23 -75.41 24.15
N ARG C 801 7.55 -75.34 23.01
CA ARG C 801 8.21 -75.13 21.73
C ARG C 801 7.90 -73.75 21.16
N GLU C 802 8.94 -72.98 20.90
CA GLU C 802 8.80 -71.62 20.36
C GLU C 802 9.63 -71.44 19.10
N MET C 803 8.97 -71.02 18.02
CA MET C 803 9.62 -70.89 16.71
C MET C 803 10.27 -72.20 16.30
N ASN C 804 9.57 -73.30 16.58
CA ASN C 804 10.03 -74.64 16.22
C ASN C 804 11.34 -75.02 16.89
N LYS C 805 11.47 -74.60 18.14
CA LYS C 805 12.64 -74.89 18.95
C LYS C 805 12.21 -75.25 20.37
N ARG C 806 12.66 -76.41 20.84
CA ARG C 806 12.43 -76.80 22.23
C ARG C 806 13.30 -75.92 23.11
N HIS C 807 12.69 -75.21 24.06
CA HIS C 807 13.46 -74.35 24.96
C HIS C 807 12.98 -74.42 26.40
N LEU C 808 13.84 -74.01 27.31
CA LEU C 808 13.44 -73.85 28.71
C LEU C 808 13.59 -72.38 29.08
N THR C 809 12.73 -71.89 29.96
CA THR C 809 12.67 -70.47 30.23
C THR C 809 13.13 -70.12 31.63
N VAL C 810 14.14 -69.27 31.73
CA VAL C 810 14.53 -68.74 33.02
C VAL C 810 13.86 -67.39 33.19
N ARG C 811 12.72 -67.37 33.87
CA ARG C 811 12.00 -66.14 34.07
C ARG C 811 12.49 -65.38 35.30
N LEU C 812 12.51 -64.05 35.20
CA LEU C 812 13.11 -63.18 36.21
C LEU C 812 12.63 -61.72 36.15
N ASN C 813 12.57 -61.06 37.30
CA ASN C 813 12.12 -59.65 37.35
C ASN C 813 13.26 -58.65 37.57
N LEU C 814 13.15 -57.50 36.90
CA LEU C 814 14.21 -56.48 36.92
C LEU C 814 14.22 -55.65 38.19
N ARG C 815 13.18 -55.81 39.01
CA ARG C 815 12.97 -55.01 40.22
C ARG C 815 14.19 -54.95 41.14
N GLY C 816 14.48 -53.76 41.65
CA GLY C 816 15.57 -53.58 42.59
C GLY C 816 16.54 -52.48 42.20
N ARG C 817 16.82 -52.38 40.90
CA ARG C 817 17.82 -51.43 40.43
C ARG C 817 17.48 -50.83 39.08
N ASP C 818 18.25 -51.19 38.05
CA ASP C 818 18.14 -50.57 36.75
C ASP C 818 17.75 -51.61 35.71
N LEU C 819 17.84 -51.23 34.44
CA LEU C 819 17.64 -52.18 33.36
C LEU C 819 18.84 -52.20 32.43
N SER C 820 19.29 -51.01 32.01
CA SER C 820 20.42 -50.91 31.09
C SER C 820 21.69 -51.48 31.70
N THR C 821 22.14 -50.87 32.79
CA THR C 821 23.35 -51.31 33.48
C THR C 821 23.20 -52.74 34.00
N PHE C 822 22.01 -53.05 34.50
CA PHE C 822 21.74 -54.38 35.03
C PHE C 822 21.86 -55.45 33.96
N LEU C 823 21.12 -55.27 32.87
CA LEU C 823 21.13 -56.24 31.78
C LEU C 823 22.52 -56.31 31.16
N GLU C 824 23.22 -55.19 31.14
CA GLU C 824 24.60 -55.16 30.68
C GLU C 824 25.47 -56.11 31.51
N GLU C 825 25.43 -55.92 32.82
CA GLU C 825 26.21 -56.73 33.75
C GLU C 825 25.86 -58.21 33.67
N ALA C 826 24.59 -58.54 33.85
CA ALA C 826 24.13 -59.92 33.86
C ALA C 826 24.39 -60.63 32.53
N ARG C 827 23.96 -60.01 31.43
CA ARG C 827 24.19 -60.57 30.10
C ARG C 827 25.68 -60.76 29.81
N MET C 828 26.50 -59.85 30.32
CA MET C 828 27.95 -60.02 30.20
C MET C 828 28.42 -61.25 30.98
N ARG C 829 27.85 -61.43 32.17
CA ARG C 829 28.21 -62.58 33.00
C ARG C 829 27.66 -63.90 32.46
N ILE C 830 26.74 -63.83 31.51
CA ILE C 830 26.17 -65.02 30.89
C ILE C 830 27.14 -65.69 29.93
N ASP C 831 27.95 -64.89 29.25
CA ASP C 831 28.87 -65.39 28.23
C ASP C 831 29.95 -66.30 28.79
N LYS C 832 30.12 -66.27 30.11
CA LYS C 832 31.07 -67.14 30.80
C LYS C 832 30.74 -68.61 30.55
N GLU C 833 29.47 -68.97 30.75
CA GLU C 833 29.03 -70.35 30.67
C GLU C 833 28.70 -70.77 29.25
N VAL C 834 27.43 -71.11 29.03
CA VAL C 834 26.94 -71.65 27.77
C VAL C 834 27.80 -72.80 27.23
N PRO C 835 27.83 -73.94 27.93
CA PRO C 835 28.60 -75.09 27.45
C PRO C 835 28.01 -75.72 26.19
N TYR C 836 28.46 -75.23 25.04
CA TYR C 836 28.07 -75.71 23.72
C TYR C 836 28.37 -77.20 23.59
N ASP C 837 27.68 -77.93 22.72
CA ASP C 837 26.61 -77.42 21.86
C ASP C 837 25.57 -78.51 21.59
N ARG C 838 26.05 -79.75 21.48
CA ARG C 838 25.23 -80.91 21.17
C ARG C 838 24.42 -80.75 19.89
N ILE C 841 22.78 -75.83 21.24
CA ILE C 841 22.03 -75.12 22.26
C ILE C 841 22.29 -73.61 22.25
N GLN C 842 21.25 -72.84 21.96
CA GLN C 842 21.35 -71.39 21.89
C GLN C 842 20.67 -70.74 23.09
N VAL C 843 21.08 -69.52 23.42
CA VAL C 843 20.50 -68.80 24.55
C VAL C 843 20.18 -67.35 24.18
N ALA C 844 18.94 -66.93 24.43
CA ALA C 844 18.51 -65.57 24.12
C ALA C 844 17.90 -64.86 25.32
N TRP C 845 17.82 -63.54 25.23
CA TRP C 845 17.14 -62.74 26.26
C TRP C 845 15.80 -62.25 25.70
N GLY C 846 14.82 -62.07 26.58
CA GLY C 846 13.49 -61.65 26.15
C GLY C 846 12.75 -60.85 27.21
N GLY C 847 11.64 -60.23 26.80
CA GLY C 847 10.83 -59.44 27.70
C GLY C 847 10.91 -57.95 27.41
N GLN C 848 11.08 -57.15 28.44
CA GLN C 848 11.21 -55.71 28.27
C GLN C 848 12.58 -55.32 27.72
N PHE C 849 13.42 -56.32 27.50
CA PHE C 849 14.68 -56.14 26.80
C PHE C 849 14.38 -55.73 25.37
N GLU C 850 13.48 -56.47 24.73
CA GLU C 850 13.06 -56.16 23.37
C GLU C 850 12.35 -54.83 23.31
N ASN C 851 11.56 -54.55 24.35
CA ASN C 851 10.89 -53.26 24.47
C ASN C 851 11.91 -52.12 24.48
N GLN C 852 12.95 -52.26 25.31
CA GLN C 852 14.03 -51.27 25.38
C GLN C 852 14.71 -51.12 24.04
N GLN C 853 14.99 -52.23 23.37
CA GLN C 853 15.63 -52.20 22.06
C GLN C 853 14.81 -51.43 21.02
N ARG C 854 13.54 -51.79 20.87
CA ARG C 854 12.67 -51.12 19.92
C ARG C 854 12.51 -49.64 20.23
N ALA C 855 12.34 -49.32 21.52
CA ALA C 855 12.19 -47.93 21.94
C ALA C 855 13.43 -47.09 21.62
N GLN C 856 14.60 -47.63 21.98
CA GLN C 856 15.87 -46.96 21.71
C GLN C 856 16.07 -46.74 20.21
N ALA C 857 15.93 -47.81 19.44
CA ALA C 857 16.08 -47.73 17.99
C ALA C 857 15.15 -46.68 17.39
N ARG C 858 13.91 -46.67 17.88
CA ARG C 858 12.93 -45.69 17.42
C ARG C 858 13.32 -44.26 17.81
N LEU C 859 13.93 -44.10 18.97
CA LEU C 859 14.42 -42.79 19.40
C LEU C 859 15.49 -42.30 18.42
N ALA C 860 16.44 -43.18 18.13
CA ALA C 860 17.52 -42.87 17.19
C ALA C 860 16.99 -42.59 15.78
N VAL C 861 15.87 -43.20 15.42
CA VAL C 861 15.25 -42.95 14.12
C VAL C 861 14.56 -41.58 14.09
N ILE C 862 13.80 -41.29 15.14
CA ILE C 862 13.02 -40.07 15.24
C ILE C 862 13.88 -38.81 15.32
N LEU C 863 14.87 -38.83 16.20
CA LEU C 863 15.69 -37.64 16.47
C LEU C 863 16.17 -36.82 15.26
N PRO C 864 16.79 -37.47 14.25
CA PRO C 864 17.28 -36.64 13.14
C PRO C 864 16.17 -36.29 12.16
N MET C 865 15.07 -37.04 12.21
CA MET C 865 13.96 -36.81 11.30
C MET C 865 13.35 -35.44 11.55
N VAL C 866 13.13 -35.12 12.82
CA VAL C 866 12.54 -33.85 13.20
C VAL C 866 13.50 -32.69 12.96
N LEU C 867 14.77 -32.87 13.32
CA LEU C 867 15.77 -31.81 13.15
C LEU C 867 15.99 -31.44 11.69
N ALA C 868 15.56 -32.33 10.79
CA ALA C 868 15.57 -32.02 9.37
C ALA C 868 14.53 -30.95 9.07
N LEU C 869 13.27 -31.28 9.31
CA LEU C 869 12.16 -30.34 9.09
C LEU C 869 12.30 -29.09 9.97
N MET C 870 12.71 -29.30 11.21
CA MET C 870 12.89 -28.21 12.17
C MET C 870 13.87 -27.16 11.64
N PHE C 871 14.95 -27.62 11.03
CA PHE C 871 15.91 -26.72 10.40
C PHE C 871 15.30 -26.16 9.12
N VAL C 872 14.51 -26.98 8.45
CA VAL C 872 13.86 -26.57 7.20
C VAL C 872 12.85 -25.44 7.44
N LEU C 873 12.01 -25.60 8.46
CA LEU C 873 11.09 -24.53 8.83
C LEU C 873 11.88 -23.31 9.29
N LEU C 874 12.93 -23.56 10.05
CA LEU C 874 13.78 -22.49 10.56
C LEU C 874 14.72 -21.93 9.48
N PHE C 875 14.56 -22.39 8.24
CA PHE C 875 15.34 -21.82 7.15
C PHE C 875 14.69 -20.52 6.71
N GLY C 876 15.52 -19.59 6.23
CA GLY C 876 15.07 -18.28 5.82
C GLY C 876 14.68 -17.44 7.01
N GLU C 877 13.47 -17.69 7.51
CA GLU C 877 12.95 -17.00 8.69
C GLU C 877 13.73 -17.39 9.95
N GLN C 883 22.94 -20.29 9.99
CA GLN C 883 22.07 -19.34 10.71
C GLN C 883 20.97 -20.01 11.54
N PRO C 884 20.22 -20.96 10.94
CA PRO C 884 19.20 -21.60 11.79
C PRO C 884 19.83 -22.52 12.82
N ALA C 885 21.07 -22.94 12.56
CA ALA C 885 21.79 -23.80 13.47
C ALA C 885 21.90 -23.17 14.85
N LEU C 886 22.05 -21.85 14.86
CA LEU C 886 22.08 -21.07 16.08
C LEU C 886 20.88 -21.39 16.96
N ILE C 887 19.69 -21.38 16.36
CA ILE C 887 18.47 -21.64 17.11
C ILE C 887 18.33 -23.12 17.41
N LEU C 888 18.77 -23.95 16.46
CA LEU C 888 18.70 -25.40 16.62
C LEU C 888 19.47 -25.87 17.85
N MET C 889 20.57 -25.19 18.14
CA MET C 889 21.42 -25.57 19.27
C MET C 889 20.87 -25.10 20.62
N ALA C 890 19.55 -24.91 20.69
CA ALA C 890 18.91 -24.57 21.95
C ALA C 890 18.48 -25.84 22.68
N VAL C 891 18.48 -26.96 21.96
CA VAL C 891 18.09 -28.25 22.54
C VAL C 891 18.98 -28.75 23.71
N PRO C 892 20.31 -28.55 23.64
CA PRO C 892 21.07 -29.02 24.80
C PRO C 892 20.84 -28.15 26.03
N LEU C 893 20.51 -26.87 25.81
CA LEU C 893 20.24 -25.94 26.89
C LEU C 893 19.11 -26.45 27.75
N ALA C 894 18.14 -27.09 27.10
CA ALA C 894 17.00 -27.67 27.79
C ALA C 894 17.34 -29.06 28.27
N THR C 895 18.24 -29.73 27.55
CA THR C 895 18.65 -31.08 27.88
C THR C 895 19.32 -31.15 29.26
N LEU C 896 20.03 -30.07 29.61
CA LEU C 896 20.69 -29.98 30.92
C LEU C 896 19.71 -30.24 32.06
N GLY C 897 18.70 -29.39 32.16
CA GLY C 897 17.71 -29.52 33.21
C GLY C 897 16.93 -30.81 33.13
N GLY C 898 16.66 -31.26 31.92
CA GLY C 898 15.90 -32.47 31.68
C GLY C 898 16.63 -33.71 32.19
N LEU C 899 17.93 -33.58 32.40
CA LEU C 899 18.73 -34.69 32.87
C LEU C 899 19.17 -34.53 34.33
N VAL C 900 19.32 -33.29 34.79
CA VAL C 900 19.67 -33.06 36.19
C VAL C 900 18.46 -33.29 37.08
N ALA C 901 17.27 -33.18 36.51
CA ALA C 901 16.04 -33.38 37.25
C ALA C 901 15.75 -34.87 37.40
N LEU C 902 16.20 -35.66 36.43
CA LEU C 902 16.05 -37.11 36.50
C LEU C 902 16.89 -37.67 37.64
N HIS C 903 18.12 -37.20 37.75
CA HIS C 903 19.01 -37.59 38.86
C HIS C 903 18.49 -37.04 40.19
N LEU C 904 17.75 -35.94 40.14
CA LEU C 904 17.26 -35.27 41.34
C LEU C 904 16.34 -36.16 42.18
N ARG C 905 15.21 -36.57 41.59
CA ARG C 905 14.23 -37.36 42.32
C ARG C 905 14.57 -38.85 42.34
N GLY C 906 15.47 -39.26 41.46
CA GLY C 906 15.86 -40.66 41.36
C GLY C 906 15.04 -41.41 40.32
N MET C 907 15.36 -41.17 39.06
CA MET C 907 14.61 -41.78 37.96
C MET C 907 15.55 -42.33 36.89
N THR C 908 14.96 -42.79 35.79
CA THR C 908 15.72 -43.33 34.67
C THR C 908 15.38 -42.59 33.38
N LEU C 909 15.63 -43.24 32.24
CA LEU C 909 15.34 -42.63 30.93
C LEU C 909 14.40 -43.51 30.12
N ASN C 910 13.11 -43.40 30.40
CA ASN C 910 12.10 -44.22 29.75
C ASN C 910 11.52 -43.53 28.51
N VAL C 911 10.72 -44.27 27.74
CA VAL C 911 10.09 -43.71 26.55
C VAL C 911 9.19 -42.53 26.90
N SER C 912 8.64 -42.56 28.11
CA SER C 912 7.81 -41.48 28.64
C SER C 912 8.60 -40.18 28.75
N SER C 913 9.74 -40.26 29.44
CA SER C 913 10.61 -39.10 29.59
C SER C 913 11.22 -38.68 28.25
N ALA C 914 11.40 -39.63 27.35
CA ALA C 914 11.86 -39.33 26.00
C ALA C 914 10.86 -38.41 25.31
N VAL C 915 9.60 -38.84 25.29
CA VAL C 915 8.52 -38.00 24.77
C VAL C 915 8.51 -36.67 25.51
N GLY C 916 8.84 -36.70 26.80
CA GLY C 916 9.00 -35.49 27.58
C GLY C 916 10.00 -34.52 26.97
N PHE C 917 11.15 -35.05 26.53
CA PHE C 917 12.16 -34.22 25.87
C PHE C 917 11.65 -33.70 24.54
N ILE C 918 10.90 -34.55 23.83
CA ILE C 918 10.28 -34.15 22.57
C ILE C 918 9.38 -32.93 22.80
N ALA C 919 8.70 -32.92 23.94
CA ALA C 919 7.84 -31.80 24.32
C ALA C 919 8.64 -30.56 24.70
N LEU C 920 9.65 -30.76 25.55
CA LEU C 920 10.47 -29.68 26.07
C LEU C 920 11.16 -28.90 24.94
N PHE C 921 11.60 -29.64 23.94
CA PHE C 921 12.29 -29.05 22.80
C PHE C 921 11.42 -28.00 22.10
N GLY C 922 10.12 -28.28 22.04
CA GLY C 922 9.19 -27.36 21.42
C GLY C 922 9.14 -25.99 22.10
N VAL C 923 8.81 -25.98 23.38
CA VAL C 923 8.72 -24.73 24.12
C VAL C 923 10.06 -24.02 24.20
N ALA C 924 11.14 -24.78 24.40
CA ALA C 924 12.48 -24.20 24.47
C ALA C 924 12.85 -23.49 23.16
N VAL C 925 12.67 -24.21 22.05
CA VAL C 925 12.98 -23.64 20.75
C VAL C 925 12.01 -22.50 20.41
N LEU C 926 10.84 -22.50 21.03
CA LEU C 926 9.90 -21.41 20.84
C LEU C 926 10.46 -20.15 21.49
N ASN C 927 10.96 -20.29 22.71
CA ASN C 927 11.59 -19.16 23.39
C ASN C 927 12.81 -18.64 22.65
N ALA C 928 13.66 -19.57 22.19
CA ALA C 928 14.82 -19.20 21.38
C ALA C 928 14.41 -18.45 20.12
N ILE C 929 13.38 -18.95 19.44
CA ILE C 929 12.87 -18.33 18.22
C ILE C 929 12.39 -16.91 18.49
N ILE C 930 11.56 -16.73 19.50
CA ILE C 930 11.06 -15.41 19.86
C ILE C 930 12.20 -14.44 20.14
N MET C 931 13.12 -14.88 21.00
CA MET C 931 14.31 -14.07 21.32
C MET C 931 15.05 -13.62 20.06
N ILE C 932 15.53 -14.59 19.29
CA ILE C 932 16.35 -14.31 18.12
C ILE C 932 15.61 -13.50 17.05
N ALA C 933 14.31 -13.71 16.94
CA ALA C 933 13.50 -13.01 15.95
C ALA C 933 13.30 -11.54 16.32
N ASN C 934 12.82 -11.29 17.54
CA ASN C 934 12.63 -9.91 17.99
C ASN C 934 13.96 -9.17 18.04
N LEU C 935 15.03 -9.90 18.28
CA LEU C 935 16.38 -9.33 18.26
C LEU C 935 16.76 -8.90 16.83
N ASN C 936 16.81 -9.89 15.94
CA ASN C 936 17.21 -9.71 14.54
C ASN C 936 16.33 -8.72 13.79
N ARG C 937 15.11 -8.53 14.25
CA ARG C 937 14.19 -7.57 13.64
C ARG C 937 14.33 -6.20 14.28
N TRP C 938 14.63 -6.17 15.59
CA TRP C 938 14.88 -4.91 16.27
C TRP C 938 16.07 -4.20 15.66
N ARG C 939 17.16 -4.94 15.45
CA ARG C 939 18.36 -4.33 14.89
C ARG C 939 18.36 -4.30 13.35
N ASP C 940 17.98 -5.42 12.73
CA ASP C 940 18.06 -5.55 11.28
C ASP C 940 16.67 -5.68 10.66
N VAL C 944 29.11 -0.84 21.13
CA VAL C 944 28.87 -0.96 19.70
C VAL C 944 27.38 -0.81 19.39
N SER C 945 27.07 -0.21 18.24
CA SER C 945 25.69 0.04 17.84
C SER C 945 24.87 -1.25 17.70
N LEU C 946 25.55 -2.35 17.39
CA LEU C 946 24.89 -3.64 17.30
C LEU C 946 24.80 -4.29 18.67
N LYS C 947 25.80 -4.02 19.50
CA LYS C 947 25.82 -4.54 20.87
C LYS C 947 24.71 -3.93 21.72
N GLU C 948 24.27 -2.74 21.32
CA GLU C 948 23.16 -2.08 22.00
C GLU C 948 21.88 -2.87 21.82
N ALA C 949 21.73 -3.50 20.66
CA ALA C 949 20.55 -4.30 20.36
C ALA C 949 20.48 -5.53 21.26
N VAL C 950 21.64 -6.00 21.71
CA VAL C 950 21.72 -7.16 22.59
C VAL C 950 21.01 -6.89 23.92
N VAL C 951 20.88 -5.62 24.27
CA VAL C 951 20.16 -5.22 25.48
C VAL C 951 18.86 -4.52 25.11
N ARG C 952 18.71 -4.18 23.83
CA ARG C 952 17.51 -3.51 23.32
C ARG C 952 16.50 -4.50 22.76
N GLY C 953 16.89 -5.21 21.71
CA GLY C 953 16.01 -6.17 21.07
C GLY C 953 15.87 -7.46 21.84
N ALA C 954 16.75 -7.67 22.81
CA ALA C 954 16.76 -8.87 23.63
C ALA C 954 16.35 -8.55 25.07
N GLY C 955 16.74 -7.36 25.53
CA GLY C 955 16.47 -6.93 26.89
C GLY C 955 15.01 -6.70 27.17
N GLU C 956 14.23 -6.46 26.12
CA GLU C 956 12.80 -6.22 26.27
C GLU C 956 12.00 -7.49 26.02
N ARG C 957 12.70 -8.57 25.66
CA ARG C 957 12.05 -9.86 25.49
C ARG C 957 12.15 -10.66 26.77
N MET C 958 12.62 -10.01 27.82
CA MET C 958 12.73 -10.63 29.14
C MET C 958 11.38 -11.16 29.60
N ARG C 959 10.38 -10.29 29.64
CA ARG C 959 9.05 -10.66 30.12
C ARG C 959 8.29 -11.73 29.32
N PRO C 960 8.25 -11.63 27.97
CA PRO C 960 7.56 -12.69 27.23
C PRO C 960 8.19 -14.06 27.45
N VAL C 961 9.51 -14.12 27.32
CA VAL C 961 10.25 -15.35 27.49
C VAL C 961 10.07 -15.93 28.88
N LEU C 962 10.23 -15.10 29.91
CA LEU C 962 10.05 -15.56 31.29
C LEU C 962 8.63 -16.06 31.52
N MET C 963 7.65 -15.36 30.95
CA MET C 963 6.25 -15.70 31.13
C MET C 963 5.94 -17.06 30.53
N THR C 964 6.32 -17.24 29.28
CA THR C 964 6.15 -18.51 28.58
C THR C 964 6.85 -19.63 29.33
N ALA C 965 8.11 -19.39 29.69
CA ALA C 965 8.94 -20.37 30.37
C ALA C 965 8.43 -20.68 31.78
N THR C 966 7.53 -19.85 32.27
CA THR C 966 6.92 -20.11 33.57
C THR C 966 5.64 -20.91 33.46
N VAL C 967 4.71 -20.45 32.63
CA VAL C 967 3.45 -21.17 32.46
C VAL C 967 3.70 -22.58 31.92
N ALA C 968 4.65 -22.71 31.00
CA ALA C 968 4.95 -24.02 30.44
C ALA C 968 5.65 -24.91 31.46
N ALA C 969 6.15 -24.32 32.54
CA ALA C 969 6.90 -25.07 33.54
C ALA C 969 6.16 -25.19 34.86
N LEU C 970 4.93 -24.69 34.91
CA LEU C 970 4.11 -24.83 36.11
C LEU C 970 2.87 -25.67 35.84
N GLY C 971 2.60 -25.91 34.56
CA GLY C 971 1.48 -26.77 34.18
C GLY C 971 1.83 -28.23 34.43
N LEU C 972 3.12 -28.52 34.52
CA LEU C 972 3.57 -29.89 34.65
C LEU C 972 4.06 -30.23 36.06
N ILE C 973 4.17 -29.21 36.90
CA ILE C 973 4.46 -29.42 38.32
C ILE C 973 3.44 -30.34 39.01
N PRO C 974 2.13 -30.11 38.79
CA PRO C 974 1.18 -31.05 39.41
C PRO C 974 1.29 -32.44 38.80
N ALA C 975 1.68 -32.51 37.53
CA ALA C 975 1.85 -33.79 36.86
C ALA C 975 3.10 -34.49 37.38
N ALA C 976 3.95 -33.74 38.07
CA ALA C 976 5.14 -34.30 38.71
C ALA C 976 4.80 -34.85 40.09
N LEU C 977 3.49 -34.96 40.38
CA LEU C 977 3.03 -35.61 41.60
C LEU C 977 2.72 -37.08 41.36
N ALA C 978 2.95 -37.91 42.37
CA ALA C 978 2.80 -39.34 42.25
C ALA C 978 1.59 -39.85 43.02
N HIS C 979 1.23 -39.12 44.07
CA HIS C 979 0.17 -39.53 44.99
C HIS C 979 -1.14 -39.87 44.29
N GLY C 980 -1.22 -41.10 43.76
CA GLY C 980 -2.42 -41.55 43.09
C GLY C 980 -2.15 -42.44 41.90
N LEU C 981 -3.16 -43.24 41.54
CA LEU C 981 -3.07 -44.13 40.39
C LEU C 981 -3.32 -43.36 39.11
N GLY C 982 -2.35 -43.38 38.19
CA GLY C 982 -2.53 -42.72 36.91
C GLY C 982 -1.49 -41.64 36.64
N SER C 983 -0.63 -41.43 37.63
CA SER C 983 0.43 -40.45 37.50
C SER C 983 1.76 -41.15 37.28
N ASP C 984 1.69 -42.46 37.02
CA ASP C 984 2.89 -43.27 36.89
C ASP C 984 3.41 -43.33 35.46
N VAL C 985 3.20 -42.27 34.71
CA VAL C 985 3.72 -42.19 33.35
C VAL C 985 3.85 -40.73 32.93
N GLN C 986 3.21 -39.86 33.71
CA GLN C 986 3.22 -38.43 33.43
C GLN C 986 4.44 -37.77 34.06
N ARG C 987 4.79 -38.24 35.25
CA ARG C 987 5.94 -37.71 35.98
C ARG C 987 7.27 -37.68 35.21
N PRO C 988 7.50 -38.65 34.30
CA PRO C 988 8.69 -38.50 33.46
C PRO C 988 8.69 -37.24 32.60
N LEU C 989 7.63 -37.03 31.81
CA LEU C 989 7.54 -35.84 30.97
C LEU C 989 7.53 -34.58 31.83
N ALA C 990 6.81 -34.65 32.94
CA ALA C 990 6.73 -33.55 33.90
C ALA C 990 8.11 -33.15 34.38
N THR C 991 8.88 -34.14 34.82
CA THR C 991 10.22 -33.91 35.33
C THR C 991 11.13 -33.34 34.25
N VAL C 992 11.16 -34.00 33.10
CA VAL C 992 11.99 -33.57 31.98
C VAL C 992 11.72 -32.12 31.57
N VAL C 993 10.45 -31.77 31.44
CA VAL C 993 10.09 -30.41 31.01
C VAL C 993 10.33 -29.37 32.11
N VAL C 994 9.74 -29.59 33.29
CA VAL C 994 9.88 -28.67 34.42
C VAL C 994 11.34 -28.39 34.75
N GLY C 995 12.13 -29.46 34.89
CA GLY C 995 13.54 -29.31 35.18
C GLY C 995 14.32 -28.75 34.01
N GLY C 996 13.95 -29.17 32.80
CA GLY C 996 14.67 -28.77 31.60
C GLY C 996 14.25 -27.43 31.02
N LEU C 997 13.38 -26.72 31.72
CA LEU C 997 12.94 -25.41 31.25
C LEU C 997 13.40 -24.33 32.21
N ILE C 998 13.65 -24.73 33.45
CA ILE C 998 14.10 -23.80 34.47
C ILE C 998 15.62 -23.64 34.40
N THR C 999 16.26 -24.42 33.54
CA THR C 999 17.70 -24.30 33.31
C THR C 999 17.97 -24.08 31.83
N ALA C 1000 16.93 -23.79 31.07
CA ALA C 1000 17.06 -23.54 29.64
C ALA C 1000 16.87 -22.07 29.35
N THR C 1001 15.99 -21.43 30.13
CA THR C 1001 15.72 -20.01 29.97
C THR C 1001 16.93 -19.20 30.40
N ALA C 1002 17.62 -19.68 31.43
CA ALA C 1002 18.80 -18.99 31.96
C ALA C 1002 19.96 -19.02 30.97
N LEU C 1003 19.84 -19.88 29.96
CA LEU C 1003 20.85 -19.95 28.92
C LEU C 1003 20.30 -19.43 27.60
N THR C 1004 19.00 -19.14 27.60
CA THR C 1004 18.34 -18.56 26.43
C THR C 1004 18.48 -17.04 26.49
N LEU C 1005 18.62 -16.52 27.70
CA LEU C 1005 18.66 -15.08 27.92
C LEU C 1005 20.07 -14.57 28.20
N VAL C 1006 21.04 -15.48 28.22
CA VAL C 1006 22.42 -15.11 28.52
C VAL C 1006 23.39 -15.54 27.43
N LEU C 1007 23.63 -16.85 27.30
CA LEU C 1007 24.58 -17.37 26.32
C LEU C 1007 24.09 -17.16 24.90
N LEU C 1008 22.77 -17.08 24.73
CA LEU C 1008 22.17 -16.98 23.40
C LEU C 1008 22.34 -15.61 22.72
N PRO C 1009 22.08 -14.51 23.44
CA PRO C 1009 22.33 -13.20 22.80
C PRO C 1009 23.81 -13.02 22.47
N ALA C 1010 24.69 -13.43 23.39
CA ALA C 1010 26.12 -13.40 23.16
C ALA C 1010 26.48 -14.25 21.95
N LEU C 1011 25.76 -15.35 21.78
CA LEU C 1011 25.96 -16.21 20.63
C LEU C 1011 25.62 -15.47 19.34
N TYR C 1012 24.48 -14.78 19.35
CA TYR C 1012 24.01 -14.04 18.18
C TYR C 1012 24.98 -12.91 17.81
N TYR C 1013 25.45 -12.19 18.82
CA TYR C 1013 26.38 -11.09 18.59
C TYR C 1013 27.73 -11.60 18.09
N LEU C 1014 28.16 -12.75 18.61
CA LEU C 1014 29.44 -13.33 18.22
C LEU C 1014 29.42 -13.88 16.80
N ILE C 1015 28.30 -14.47 16.42
CA ILE C 1015 28.19 -15.13 15.12
C ILE C 1015 28.04 -14.16 13.95
N GLU C 1016 27.20 -13.14 14.14
CA GLU C 1016 26.86 -12.22 13.05
C GLU C 1016 27.93 -11.16 12.71
N THR C 1017 29.15 -11.38 13.21
CA THR C 1017 30.27 -10.50 12.88
C THR C 1017 31.40 -11.27 12.20
N ARG D 4 5.51 17.40 15.80
CA ARG D 4 6.31 17.40 14.58
C ARG D 4 7.80 17.39 14.90
N LEU D 5 8.39 18.57 14.96
CA LEU D 5 9.82 18.71 15.23
C LEU D 5 10.12 18.54 16.71
N VAL D 6 9.07 18.40 17.51
CA VAL D 6 9.22 18.17 18.95
C VAL D 6 9.84 16.79 19.18
N THR D 7 9.70 15.92 18.20
CA THR D 7 10.25 14.58 18.29
C THR D 7 11.78 14.58 18.16
N LEU D 8 12.28 15.22 17.11
CA LEU D 8 13.72 15.18 16.81
C LEU D 8 14.54 16.24 17.53
N CYS D 9 13.89 17.29 18.02
CA CYS D 9 14.61 18.36 18.71
C CYS D 9 15.13 17.87 20.05
N PHE D 10 14.51 16.83 20.58
CA PHE D 10 14.88 16.29 21.88
C PHE D 10 16.29 15.71 21.86
N ASN D 11 16.65 15.04 20.78
CA ASN D 11 17.97 14.44 20.64
C ASN D 11 19.03 15.44 20.20
N ARG D 12 18.63 16.70 20.08
CA ARG D 12 19.55 17.75 19.69
C ARG D 12 19.84 18.70 20.85
N ARG D 13 19.46 18.28 22.06
CA ARG D 13 19.56 19.07 23.28
C ARG D 13 20.73 20.05 23.34
N GLY D 14 21.95 19.51 23.28
CA GLY D 14 23.14 20.33 23.32
C GLY D 14 23.22 21.29 22.16
N ILE D 15 23.14 20.74 20.95
CA ILE D 15 23.22 21.51 19.72
C ILE D 15 22.24 22.68 19.70
N VAL D 16 20.95 22.37 19.83
CA VAL D 16 19.93 23.41 19.84
C VAL D 16 20.13 24.40 20.97
N ALA D 17 20.74 23.96 22.07
CA ALA D 17 21.05 24.89 23.15
C ALA D 17 22.16 25.82 22.67
N LEU D 18 23.20 25.24 22.08
CA LEU D 18 24.34 25.99 21.61
C LEU D 18 23.93 27.10 20.64
N VAL D 19 23.19 26.74 19.59
CA VAL D 19 22.73 27.73 18.63
C VAL D 19 21.87 28.78 19.33
N PHE D 20 21.12 28.35 20.34
CA PHE D 20 20.24 29.28 21.05
C PHE D 20 21.07 30.28 21.84
N ALA D 21 22.28 29.88 22.21
CA ALA D 21 23.21 30.80 22.81
C ALA D 21 23.70 31.76 21.73
N MET D 22 24.11 31.20 20.59
CA MET D 22 24.64 32.00 19.48
C MET D 22 23.60 33.00 19.01
N VAL D 23 22.39 32.51 18.78
CA VAL D 23 21.26 33.37 18.45
C VAL D 23 21.14 34.47 19.48
N ALA D 24 21.19 34.09 20.75
CA ALA D 24 21.06 35.05 21.84
C ALA D 24 22.13 36.14 21.70
N LEU D 25 23.33 35.72 21.29
CA LEU D 25 24.41 36.67 21.06
C LEU D 25 23.98 37.66 19.98
N TYR D 26 23.57 37.13 18.84
CA TYR D 26 23.08 37.97 17.75
C TYR D 26 21.87 38.75 18.22
N GLY D 27 21.18 38.22 19.22
CA GLY D 27 20.06 38.93 19.81
C GLY D 27 20.54 40.22 20.45
N TRP D 28 21.49 40.09 21.37
CA TRP D 28 22.02 41.25 22.09
C TRP D 28 22.63 42.23 21.10
N TYR D 29 23.41 41.69 20.16
CA TYR D 29 24.00 42.48 19.08
C TYR D 29 22.91 43.23 18.31
N ALA D 30 21.80 42.55 18.03
CA ALA D 30 20.71 43.18 17.28
C ALA D 30 20.14 44.32 18.09
N TRP D 31 20.13 44.18 19.41
CA TRP D 31 19.61 45.24 20.25
C TRP D 31 20.59 46.42 20.25
N LYS D 32 21.86 46.13 20.05
CA LYS D 32 22.88 47.18 20.08
C LYS D 32 22.72 48.17 18.93
N GLN D 33 22.61 47.66 17.70
CA GLN D 33 22.34 48.51 16.56
C GLN D 33 20.84 48.68 16.35
N LEU D 34 20.15 49.20 17.35
CA LEU D 34 18.72 49.40 17.27
C LEU D 34 18.36 50.83 17.67
N PRO D 35 17.72 51.58 16.74
CA PRO D 35 17.41 53.00 16.94
C PRO D 35 16.45 53.22 18.10
N LEU D 36 16.84 54.06 19.05
CA LEU D 36 16.01 54.31 20.22
C LEU D 36 15.10 55.51 20.05
N GLU D 37 13.80 55.25 20.09
CA GLU D 37 12.79 56.29 20.06
C GLU D 37 12.03 56.37 21.39
N ALA D 38 12.19 57.49 22.09
CA ALA D 38 11.44 57.74 23.31
C ALA D 38 10.12 58.40 22.95
N TYR D 39 10.14 59.14 21.85
CA TYR D 39 8.97 59.83 21.35
C TYR D 39 9.06 59.78 19.83
N PRO D 40 8.25 58.91 19.20
CA PRO D 40 8.30 58.66 17.76
C PRO D 40 7.94 59.90 16.96
N ASP D 41 8.29 59.91 15.68
CA ASP D 41 7.93 61.03 14.81
C ASP D 41 6.44 60.96 14.51
N ILE D 42 5.68 61.69 15.33
CA ILE D 42 4.22 61.69 15.27
C ILE D 42 3.74 62.44 14.04
N ALA D 43 4.51 63.44 13.64
CA ALA D 43 4.13 64.33 12.54
C ALA D 43 4.00 63.63 11.20
N ASP D 44 3.15 64.18 10.34
CA ASP D 44 3.00 63.70 8.98
C ASP D 44 4.03 64.39 8.09
N THR D 45 4.02 64.07 6.80
CA THR D 45 4.96 64.67 5.87
C THR D 45 4.52 66.05 5.35
N THR D 46 5.12 67.10 5.89
CA THR D 46 4.76 68.47 5.53
C THR D 46 5.94 69.22 4.93
N SER D 47 5.67 70.42 4.43
CA SER D 47 6.68 71.28 3.84
C SER D 47 6.11 72.68 3.58
N GLN D 48 6.83 73.69 4.05
CA GLN D 48 6.40 75.08 3.88
C GLN D 48 7.27 75.77 2.82
N VAL D 49 6.70 76.78 2.17
CA VAL D 49 7.48 77.66 1.31
C VAL D 49 7.45 79.10 1.83
N VAL D 50 8.64 79.66 2.00
CA VAL D 50 8.84 80.93 2.66
C VAL D 50 9.27 82.04 1.71
N THR D 51 8.44 83.07 1.57
CA THR D 51 8.83 84.28 0.85
C THR D 51 9.05 85.44 1.81
N GLN D 52 10.32 85.78 2.03
CA GLN D 52 10.69 86.75 3.07
C GLN D 52 11.00 88.15 2.54
N VAL D 53 9.96 88.90 2.22
CA VAL D 53 10.11 90.29 1.80
C VAL D 53 10.38 91.19 3.01
N ASN D 54 11.39 92.06 2.90
CA ASN D 54 11.82 92.86 4.04
C ASN D 54 11.24 94.29 4.06
N GLY D 55 10.21 94.49 4.88
CA GLY D 55 9.68 95.83 5.10
C GLY D 55 8.26 96.09 4.65
N LEU D 56 7.67 95.11 3.98
CA LEU D 56 6.35 95.25 3.37
C LEU D 56 5.20 94.91 4.32
N ALA D 57 4.01 95.40 4.00
CA ALA D 57 2.83 95.08 4.81
C ALA D 57 1.87 94.07 4.16
N ALA D 58 1.00 93.49 4.99
CA ALA D 58 0.17 92.33 4.63
C ALA D 58 -0.57 92.39 3.29
N GLU D 59 -1.23 93.51 3.01
CA GLU D 59 -1.99 93.63 1.78
C GLU D 59 -1.08 93.54 0.56
N GLU D 60 0.16 94.02 0.71
CA GLU D 60 1.13 94.03 -0.37
C GLU D 60 1.87 92.71 -0.47
N VAL D 61 1.64 91.83 0.50
CA VAL D 61 2.30 90.53 0.56
C VAL D 61 1.38 89.40 0.10
N GLU D 62 0.11 89.48 0.47
CA GLU D 62 -0.87 88.48 0.07
C GLU D 62 -1.16 88.50 -1.42
N GLN D 63 -1.34 89.70 -1.98
CA GLN D 63 -1.76 89.85 -3.37
C GLN D 63 -0.64 89.59 -4.37
N GLN D 64 0.60 89.89 -3.97
CA GLN D 64 1.73 89.79 -4.88
C GLN D 64 2.62 88.56 -4.65
N ILE D 65 2.38 87.80 -3.60
CA ILE D 65 3.10 86.55 -3.43
C ILE D 65 2.22 85.32 -3.10
N THR D 66 1.42 85.40 -2.04
CA THR D 66 0.60 84.26 -1.63
C THR D 66 -0.38 83.86 -2.73
N ILE D 67 -0.87 84.83 -3.48
CA ILE D 67 -1.78 84.54 -4.60
C ILE D 67 -1.05 83.92 -5.80
N PRO D 68 0.11 84.48 -6.20
CA PRO D 68 0.92 83.77 -7.21
C PRO D 68 1.36 82.37 -6.81
N LEU D 69 1.83 82.19 -5.58
CA LEU D 69 2.27 80.88 -5.12
C LEU D 69 1.12 79.88 -5.07
N GLU D 70 0.03 80.23 -4.39
CA GLU D 70 -1.13 79.34 -4.31
C GLU D 70 -1.69 79.05 -5.69
N ARG D 71 -1.57 80.01 -6.60
CA ARG D 71 -1.98 79.81 -7.98
C ARG D 71 -1.11 78.72 -8.62
N GLU D 72 0.17 78.73 -8.27
CA GLU D 72 1.14 77.87 -8.92
C GLU D 72 1.44 76.58 -8.15
N ILE D 73 0.66 76.32 -7.11
CA ILE D 73 0.95 75.20 -6.21
C ILE D 73 -0.16 74.15 -6.07
N MET D 74 -1.40 74.62 -5.94
CA MET D 74 -2.55 73.80 -5.53
C MET D 74 -2.65 72.39 -6.14
N GLY D 75 -1.92 72.13 -7.23
CA GLY D 75 -2.01 70.85 -7.89
C GLY D 75 -0.79 69.95 -7.76
N VAL D 76 -0.13 69.99 -6.62
CA VAL D 76 1.05 69.13 -6.41
C VAL D 76 0.66 67.68 -6.12
N PRO D 77 1.24 66.75 -6.87
CA PRO D 77 1.01 65.31 -6.67
C PRO D 77 1.37 64.87 -5.25
N GLY D 78 0.40 64.90 -4.34
CA GLY D 78 0.59 64.40 -2.99
C GLY D 78 -0.20 65.11 -1.91
N MET D 79 -0.78 66.25 -2.26
CA MET D 79 -1.49 67.12 -1.31
C MET D 79 -2.51 66.42 -0.45
N HIS D 80 -2.72 66.95 0.76
CA HIS D 80 -3.76 66.47 1.66
C HIS D 80 -4.44 67.68 2.28
N VAL D 81 -3.63 68.56 2.85
CA VAL D 81 -4.11 69.84 3.36
C VAL D 81 -3.19 70.95 2.85
N MET D 82 -3.76 72.10 2.53
CA MET D 82 -2.94 73.23 2.13
C MET D 82 -3.41 74.53 2.79
N ARG D 83 -2.50 75.16 3.52
CA ARG D 83 -2.80 76.39 4.23
C ARG D 83 -1.72 77.42 3.93
N SER D 84 -1.98 78.66 4.28
CA SER D 84 -1.01 79.72 4.09
C SER D 84 -1.32 80.88 5.00
N LYS D 85 -0.28 81.61 5.40
CA LYS D 85 -0.47 82.82 6.18
C LYS D 85 0.36 83.95 5.57
N SER D 86 -0.32 85.04 5.24
CA SER D 86 0.33 86.23 4.72
C SER D 86 0.39 87.29 5.81
N THR D 87 1.59 87.83 6.04
CA THR D 87 1.80 88.78 7.13
C THR D 87 2.88 89.82 6.80
N PHE D 88 3.25 90.59 7.83
CA PHE D 88 4.23 91.67 7.69
C PHE D 88 5.48 91.22 6.94
N GLY D 89 5.44 91.39 5.62
CA GLY D 89 6.55 91.03 4.77
C GLY D 89 6.88 89.54 4.79
N LEU D 90 5.84 88.71 4.65
CA LEU D 90 6.06 87.27 4.65
C LEU D 90 4.90 86.49 4.06
N SER D 91 5.19 85.74 3.01
CA SER D 91 4.23 84.80 2.47
C SER D 91 4.64 83.41 2.89
N LEU D 92 3.91 82.83 3.84
CA LEU D 92 4.32 81.55 4.42
C LEU D 92 3.30 80.47 4.09
N ILE D 93 3.62 79.63 3.11
CA ILE D 93 2.64 78.64 2.65
C ILE D 93 2.93 77.24 3.16
N THR D 94 2.12 76.78 4.12
CA THR D 94 2.29 75.44 4.67
C THR D 94 1.52 74.40 3.86
N VAL D 95 2.21 73.36 3.41
CA VAL D 95 1.55 72.25 2.72
C VAL D 95 1.77 70.95 3.50
N VAL D 96 0.72 70.15 3.66
CA VAL D 96 0.89 68.84 4.28
C VAL D 96 0.34 67.72 3.41
N PHE D 97 1.19 66.73 3.15
CA PHE D 97 0.93 65.69 2.17
C PHE D 97 0.15 64.51 2.74
N LYS D 98 -0.30 63.62 1.86
CA LYS D 98 -1.09 62.46 2.27
C LYS D 98 -0.20 61.42 2.95
N ASP D 99 -0.82 60.48 3.66
CA ASP D 99 -0.06 59.45 4.38
C ASP D 99 0.46 58.39 3.43
N GLY D 100 1.75 58.45 3.12
CA GLY D 100 2.37 57.51 2.21
C GLY D 100 3.32 58.18 1.24
N ALA D 101 3.51 59.49 1.43
CA ALA D 101 4.39 60.27 0.58
C ALA D 101 5.75 60.47 1.24
N GLU D 102 6.82 60.11 0.51
CA GLU D 102 8.18 60.30 1.01
C GLU D 102 8.52 61.80 1.10
N ASP D 103 9.30 62.17 2.12
CA ASP D 103 9.68 63.57 2.32
C ASP D 103 10.35 64.21 1.10
N TYR D 104 11.52 63.69 0.72
CA TYR D 104 12.29 64.26 -0.40
C TYR D 104 11.53 64.28 -1.73
N TRP D 105 10.67 63.28 -1.94
CA TRP D 105 9.81 63.21 -3.11
C TRP D 105 8.89 64.42 -3.12
N SER D 106 8.21 64.63 -1.99
CA SER D 106 7.29 65.74 -1.81
C SER D 106 7.99 67.08 -2.00
N ARG D 107 9.12 67.27 -1.31
CA ARG D 107 9.90 68.49 -1.44
C ARG D 107 10.31 68.70 -2.89
N GLN D 108 10.54 67.60 -3.60
CA GLN D 108 10.84 67.70 -5.03
C GLN D 108 9.64 68.28 -5.78
N ARG D 109 8.49 67.63 -5.71
CA ARG D 109 7.31 68.12 -6.45
C ARG D 109 7.01 69.59 -6.15
N LEU D 110 7.02 69.90 -4.86
CA LEU D 110 6.78 71.24 -4.38
C LEU D 110 7.77 72.22 -5.02
N GLN D 111 9.06 71.94 -4.85
CA GLN D 111 10.11 72.80 -5.38
C GLN D 111 10.07 72.92 -6.90
N GLU D 112 9.47 71.92 -7.55
CA GLU D 112 9.22 71.97 -8.97
C GLU D 112 8.21 73.07 -9.21
N ARG D 113 7.17 73.08 -8.39
CA ARG D 113 6.06 74.03 -8.58
C ARG D 113 6.31 75.47 -8.11
N ILE D 114 7.28 75.67 -7.21
CA ILE D 114 7.51 77.02 -6.67
C ILE D 114 8.47 77.90 -7.48
N ASN D 115 9.38 77.27 -8.21
CA ASN D 115 10.36 78.03 -9.00
C ASN D 115 9.85 78.37 -10.40
N GLY D 116 10.51 79.31 -11.06
CA GLY D 116 10.10 79.75 -12.38
C GLY D 116 9.11 80.90 -12.31
N VAL D 117 8.93 81.44 -11.10
CA VAL D 117 7.96 82.50 -10.85
C VAL D 117 8.49 83.88 -11.25
N SER D 118 7.99 84.90 -10.55
CA SER D 118 8.48 86.26 -10.71
C SER D 118 7.98 87.10 -9.54
N LEU D 119 8.85 87.29 -8.55
CA LEU D 119 8.47 88.06 -7.36
C LEU D 119 9.12 89.44 -7.37
N PRO D 120 8.27 90.49 -7.39
CA PRO D 120 8.62 91.91 -7.50
C PRO D 120 9.85 92.33 -6.68
N TYR D 121 9.65 92.62 -5.40
CA TYR D 121 10.69 93.24 -4.58
C TYR D 121 11.90 92.35 -4.33
N GLY D 122 12.38 91.69 -5.37
CA GLY D 122 13.52 90.80 -5.27
C GLY D 122 13.28 89.65 -4.30
N ALA D 123 12.02 89.27 -4.15
CA ALA D 123 11.65 88.22 -3.21
C ALA D 123 12.02 86.85 -3.75
N GLN D 124 12.71 86.07 -2.92
CA GLN D 124 13.18 84.75 -3.30
C GLN D 124 12.50 83.64 -2.50
N PRO D 125 11.45 83.04 -3.07
CA PRO D 125 10.76 81.90 -2.45
C PRO D 125 11.66 80.69 -2.31
N SER D 126 12.11 80.43 -1.09
CA SER D 126 12.87 79.23 -0.79
C SER D 126 11.97 78.22 -0.07
N LEU D 127 12.57 77.14 0.42
CA LEU D 127 11.84 76.15 1.18
C LEU D 127 12.33 76.09 2.63
N ASP D 128 11.48 75.70 3.55
CA ASP D 128 11.88 75.54 4.95
C ASP D 128 12.76 74.30 5.08
N PRO D 129 13.62 74.25 6.11
CA PRO D 129 14.49 73.09 6.28
C PRO D 129 13.71 71.78 6.49
N LEU D 130 14.26 70.68 6.01
CA LEU D 130 13.61 69.38 6.15
C LEU D 130 13.61 68.92 7.58
N THR D 131 12.50 69.15 8.28
CA THR D 131 12.42 68.79 9.69
C THR D 131 10.99 68.53 10.12
N SER D 132 10.86 67.81 11.22
CA SER D 132 9.56 67.54 11.81
C SER D 132 9.35 68.53 12.94
N PRO D 133 8.08 68.79 13.29
CA PRO D 133 7.68 69.55 14.48
C PRO D 133 8.47 69.12 15.72
N ILE D 134 8.65 67.81 15.87
CA ILE D 134 9.37 67.25 17.00
C ILE D 134 10.88 67.25 16.77
N GLY D 135 11.35 68.03 15.80
CA GLY D 135 12.74 68.03 15.42
C GLY D 135 13.61 68.96 16.25
N GLU D 136 12.96 69.90 16.93
CA GLU D 136 13.68 70.86 17.76
C GLU D 136 14.25 70.17 19.00
N ILE D 137 15.48 69.68 18.88
CA ILE D 137 15.99 68.75 19.90
C ILE D 137 16.90 69.39 20.95
N TYR D 138 17.50 70.53 20.63
CA TYR D 138 18.48 71.14 21.52
C TYR D 138 18.36 72.66 21.60
N ARG D 139 17.62 73.15 22.59
CA ARG D 139 17.50 74.59 22.78
C ARG D 139 18.56 75.09 23.74
N TYR D 140 19.31 76.12 23.32
CA TYR D 140 20.39 76.64 24.14
C TYR D 140 20.42 78.16 24.13
N THR D 141 21.34 78.73 24.91
CA THR D 141 21.50 80.16 25.02
C THR D 141 22.97 80.43 25.32
N LEU D 142 23.49 81.57 24.88
CA LEU D 142 24.85 81.96 25.18
C LEU D 142 24.91 82.82 26.44
N VAL D 143 25.52 82.28 27.51
CA VAL D 143 25.69 83.08 28.73
C VAL D 143 27.08 83.67 28.86
N SER D 144 27.12 84.83 29.52
CA SER D 144 28.36 85.55 29.78
C SER D 144 28.08 86.70 30.75
N LYS D 145 28.91 86.82 31.79
CA LYS D 145 28.79 87.92 32.74
C LYS D 145 29.31 89.23 32.15
N THR D 146 30.37 89.11 31.34
CA THR D 146 31.10 90.30 30.89
C THR D 146 30.78 90.77 29.48
N ARG D 147 30.53 89.87 28.56
CA ARG D 147 30.30 90.28 27.17
C ARG D 147 28.89 90.79 26.88
N ASP D 148 28.77 91.56 25.81
CA ASP D 148 27.53 92.22 25.44
C ASP D 148 26.75 91.39 24.44
N LEU D 149 25.54 91.85 24.09
CA LEU D 149 24.67 91.09 23.22
C LEU D 149 25.11 91.12 21.76
N ARG D 150 25.77 92.18 21.34
CA ARG D 150 26.29 92.27 19.98
C ARG D 150 27.41 91.25 19.78
N GLU D 151 28.30 91.16 20.76
CA GLU D 151 29.40 90.20 20.70
C GLU D 151 28.89 88.76 20.76
N LEU D 152 27.93 88.51 21.66
CA LEU D 152 27.32 87.19 21.74
C LEU D 152 26.64 86.82 20.43
N SER D 153 26.06 87.82 19.76
CA SER D 153 25.41 87.59 18.48
C SER D 153 26.42 87.23 17.42
N GLU D 154 27.55 87.93 17.43
CA GLU D 154 28.65 87.63 16.50
C GLU D 154 29.20 86.21 16.70
N LEU D 155 29.32 85.81 17.96
CA LEU D 155 29.78 84.47 18.28
C LEU D 155 28.78 83.47 17.75
N GLN D 156 27.51 83.74 18.00
CA GLN D 156 26.40 82.89 17.56
C GLN D 156 26.44 82.66 16.06
N PHE D 157 26.55 83.74 15.31
CA PHE D 157 26.51 83.69 13.85
C PHE D 157 27.76 83.12 13.19
N TRP D 158 28.93 83.45 13.72
CA TRP D 158 30.15 83.07 13.02
C TRP D 158 30.92 81.87 13.57
N LYS D 159 30.50 81.35 14.72
CA LYS D 159 31.19 80.21 15.31
C LYS D 159 30.26 79.10 15.77
N VAL D 160 29.28 79.44 16.60
CA VAL D 160 28.43 78.45 17.24
C VAL D 160 27.53 77.73 16.24
N ILE D 161 26.68 78.51 15.57
CA ILE D 161 25.79 77.97 14.55
C ILE D 161 26.56 77.23 13.44
N PRO D 162 27.64 77.83 12.90
CA PRO D 162 28.45 77.05 11.96
C PRO D 162 28.89 75.70 12.51
N ARG D 163 29.46 75.68 13.71
CA ARG D 163 29.97 74.44 14.30
C ARG D 163 28.89 73.39 14.48
N LEU D 164 27.73 73.82 14.99
CA LEU D 164 26.59 72.93 15.18
C LEU D 164 26.10 72.40 13.86
N LYS D 165 26.21 73.22 12.82
CA LYS D 165 25.78 72.82 11.50
C LYS D 165 26.64 71.69 10.95
N GLN D 166 27.84 71.53 11.51
CA GLN D 166 28.75 70.49 11.07
C GLN D 166 28.32 69.12 11.59
N VAL D 167 27.43 69.11 12.58
CA VAL D 167 26.91 67.87 13.13
C VAL D 167 25.96 67.21 12.13
N ALA D 168 26.30 66.00 11.69
CA ALA D 168 25.48 65.26 10.75
C ALA D 168 24.14 64.90 11.39
N GLY D 169 23.06 65.15 10.66
CA GLY D 169 21.72 64.95 11.18
C GLY D 169 21.08 66.26 11.62
N VAL D 170 21.87 67.32 11.63
CA VAL D 170 21.36 68.64 11.96
C VAL D 170 21.09 69.41 10.67
N VAL D 171 19.82 69.70 10.41
CA VAL D 171 19.45 70.31 9.14
C VAL D 171 19.64 71.82 9.14
N ASP D 172 19.42 72.47 10.28
CA ASP D 172 19.79 73.87 10.47
C ASP D 172 19.64 74.29 11.93
N VAL D 173 20.21 75.44 12.25
CA VAL D 173 20.18 75.99 13.59
C VAL D 173 19.46 77.33 13.57
N ALA D 174 18.31 77.41 14.23
CA ALA D 174 17.45 78.58 14.18
C ALA D 174 17.79 79.61 15.26
N ASN D 175 18.20 80.80 14.84
CA ASN D 175 18.56 81.86 15.78
C ASN D 175 17.38 82.73 16.19
N PHE D 176 17.38 83.11 17.47
CA PHE D 176 16.40 84.05 17.99
C PHE D 176 17.07 85.05 18.92
N GLY D 177 16.91 86.34 18.65
CA GLY D 177 17.39 87.38 19.54
C GLY D 177 18.71 88.00 19.10
N GLY D 178 19.43 88.56 20.04
CA GLY D 178 20.71 89.17 19.74
C GLY D 178 20.60 90.38 18.83
N LEU D 179 21.71 90.77 18.23
CA LEU D 179 21.76 91.93 17.34
C LEU D 179 22.65 91.63 16.14
N THR D 180 22.09 91.66 14.94
CA THR D 180 22.92 91.56 13.74
C THR D 180 23.48 92.95 13.46
N THR D 181 24.67 92.99 12.86
CA THR D 181 25.36 94.26 12.67
C THR D 181 25.27 94.79 11.24
N GLN D 182 24.65 95.96 11.10
CA GLN D 182 24.62 96.66 9.82
C GLN D 182 25.61 97.81 9.82
N PHE D 183 25.96 98.26 8.63
CA PHE D 183 26.72 99.50 8.46
C PHE D 183 25.70 100.58 8.13
N MET D 184 25.16 101.19 9.17
CA MET D 184 24.13 102.22 9.01
C MET D 184 24.69 103.56 8.54
N LEU D 185 23.96 104.13 7.59
CA LEU D 185 24.27 105.42 7.00
C LEU D 185 23.08 106.35 7.13
N GLU D 186 23.21 107.34 8.01
CA GLU D 186 22.13 108.24 8.36
C GLU D 186 22.12 109.50 7.49
N PHE D 187 21.14 109.60 6.61
CA PHE D 187 21.00 110.74 5.70
C PHE D 187 20.04 111.80 6.25
N ASP D 188 20.55 113.00 6.48
CA ASP D 188 19.67 114.13 6.79
C ASP D 188 19.10 114.64 5.49
N PRO D 189 17.77 114.51 5.33
CA PRO D 189 17.08 114.84 4.06
C PRO D 189 17.18 116.32 3.67
N VAL D 190 17.66 117.16 4.59
CA VAL D 190 17.83 118.58 4.31
C VAL D 190 18.85 118.82 3.21
N MET D 191 20.02 118.21 3.36
CA MET D 191 21.08 118.33 2.36
C MET D 191 20.96 117.24 1.30
N LEU D 192 19.79 116.61 1.21
CA LEU D 192 19.56 115.55 0.23
C LEU D 192 19.05 116.15 -1.07
N SER D 193 17.92 116.84 -1.00
CA SER D 193 17.39 117.57 -2.13
C SER D 193 17.95 118.98 -2.13
N LYS D 194 19.23 119.09 -1.77
CA LYS D 194 19.95 120.35 -1.78
C LYS D 194 21.13 120.23 -2.74
N TYR D 195 21.75 119.06 -2.74
CA TYR D 195 22.84 118.77 -3.68
C TYR D 195 22.29 118.19 -4.98
N ASN D 196 21.00 118.45 -5.23
CA ASN D 196 20.33 118.08 -6.49
C ASN D 196 19.97 116.61 -6.67
N ILE D 197 20.93 115.70 -6.47
CA ILE D 197 20.65 114.27 -6.58
C ILE D 197 20.02 113.70 -5.32
N SER D 198 19.10 112.75 -5.49
CA SER D 198 18.37 112.20 -4.36
C SER D 198 18.81 110.78 -4.02
N LEU D 199 17.98 110.08 -3.24
CA LEU D 199 18.33 108.78 -2.68
C LEU D 199 18.83 107.78 -3.71
N ASN D 200 17.98 107.45 -4.67
CA ASN D 200 18.29 106.40 -5.64
C ASN D 200 19.60 106.63 -6.39
N GLN D 201 19.96 107.89 -6.58
CA GLN D 201 21.27 108.22 -7.16
C GLN D 201 22.37 107.68 -6.25
N ILE D 202 22.24 107.94 -4.95
CA ILE D 202 23.20 107.45 -3.98
C ILE D 202 23.23 105.92 -3.96
N THR D 203 22.09 105.31 -3.63
CA THR D 203 21.97 103.86 -3.47
C THR D 203 22.28 103.06 -4.74
N GLN D 204 22.48 103.74 -5.86
CA GLN D 204 22.92 103.07 -7.08
C GLN D 204 24.37 103.44 -7.38
N ALA D 205 24.91 104.32 -6.55
CA ALA D 205 26.31 104.73 -6.64
C ALA D 205 27.14 104.03 -5.56
N ILE D 206 26.65 104.05 -4.33
CA ILE D 206 27.33 103.39 -3.21
C ILE D 206 27.21 101.87 -3.36
N SER D 207 26.24 101.43 -4.15
CA SER D 207 26.12 100.03 -4.51
C SER D 207 27.22 99.63 -5.49
N GLU D 208 27.73 100.61 -6.24
CA GLU D 208 28.71 100.33 -7.29
C GLU D 208 30.12 100.07 -6.78
N ASN D 209 30.75 101.10 -6.21
CA ASN D 209 32.17 101.02 -5.84
C ASN D 209 32.50 100.04 -4.71
N ASN D 210 32.18 98.77 -4.94
CA ASN D 210 32.51 97.69 -4.02
C ASN D 210 32.43 96.36 -4.76
N ALA D 211 33.35 96.16 -5.69
CA ALA D 211 33.42 94.92 -6.44
C ALA D 211 34.81 94.79 -7.05
N ASN D 212 35.65 93.97 -6.43
CA ASN D 212 37.02 93.76 -6.89
C ASN D 212 37.11 93.39 -8.36
N ALA D 213 38.29 93.62 -8.93
CA ALA D 213 38.50 93.32 -10.33
C ALA D 213 39.64 92.32 -10.46
N GLY D 214 39.49 91.39 -11.39
CA GLY D 214 40.56 90.49 -11.74
C GLY D 214 41.04 90.82 -13.13
N GLY D 215 42.35 90.91 -13.32
CA GLY D 215 42.91 91.33 -14.58
C GLY D 215 43.54 90.20 -15.39
N SER D 216 43.26 88.95 -14.99
CA SER D 216 43.87 87.77 -15.60
C SER D 216 45.39 87.83 -15.53
N ILE D 217 46.06 87.28 -16.53
CA ILE D 217 47.51 87.15 -16.46
C ILE D 217 48.25 88.24 -17.24
N LEU D 218 49.24 88.82 -16.58
CA LEU D 218 50.17 89.77 -17.19
C LEU D 218 51.54 89.12 -17.20
N ASN D 219 52.14 89.01 -18.38
CA ASN D 219 53.45 88.35 -18.50
C ASN D 219 54.65 89.26 -18.40
N ARG D 220 55.63 88.81 -17.63
CA ARG D 220 56.91 89.49 -17.51
C ARG D 220 58.00 88.43 -17.56
N GLY D 221 58.79 88.45 -18.64
CA GLY D 221 59.83 87.46 -18.85
C GLY D 221 59.22 86.09 -19.01
N GLU D 222 59.56 85.19 -18.09
CA GLU D 222 59.00 83.85 -18.08
C GLU D 222 58.00 83.68 -16.95
N GLN D 223 57.63 84.78 -16.30
CA GLN D 223 56.64 84.72 -15.22
C GLN D 223 55.31 85.32 -15.64
N GLY D 224 54.23 84.79 -15.06
CA GLY D 224 52.91 85.30 -15.32
C GLY D 224 52.24 85.69 -14.01
N LEU D 225 52.11 87.00 -13.80
CA LEU D 225 51.49 87.49 -12.58
C LEU D 225 50.03 87.82 -12.82
N VAL D 226 49.15 87.25 -12.01
CA VAL D 226 47.75 87.60 -12.10
C VAL D 226 47.57 89.04 -11.60
N VAL D 227 46.65 89.79 -12.21
CA VAL D 227 46.44 91.17 -11.82
C VAL D 227 45.24 91.27 -10.88
N ARG D 228 45.42 91.99 -9.78
CA ARG D 228 44.37 92.19 -8.78
C ARG D 228 44.05 93.66 -8.61
N GLY D 229 42.77 94.00 -8.69
CA GLY D 229 42.28 95.31 -8.32
C GLY D 229 41.44 95.22 -7.07
N VAL D 230 41.90 95.86 -6.00
CA VAL D 230 41.23 95.74 -4.71
C VAL D 230 40.33 96.94 -4.46
N GLY D 231 39.13 96.90 -5.01
CA GLY D 231 38.16 97.96 -4.82
C GLY D 231 36.98 97.50 -3.97
N LEU D 232 37.27 97.19 -2.71
CA LEU D 232 36.27 96.60 -1.82
C LEU D 232 36.14 97.43 -0.55
N ILE D 233 34.91 97.86 -0.25
CA ILE D 233 34.65 98.64 0.96
C ILE D 233 34.91 97.79 2.18
N ARG D 234 35.89 98.19 2.98
CA ARG D 234 36.24 97.46 4.19
C ARG D 234 35.59 98.08 5.41
N ASN D 235 36.38 98.78 6.21
CA ASN D 235 35.87 99.44 7.41
C ASN D 235 35.06 100.69 7.09
N LEU D 236 34.45 101.26 8.12
CA LEU D 236 33.54 102.39 7.96
C LEU D 236 34.21 103.64 7.40
N ASP D 237 35.53 103.73 7.52
CA ASP D 237 36.25 104.89 6.97
C ASP D 237 36.43 104.73 5.47
N ASP D 238 36.41 103.48 5.00
CA ASP D 238 36.43 103.23 3.57
C ASP D 238 35.05 103.57 3.01
N LEU D 239 34.08 103.71 3.90
CA LEU D 239 32.70 103.97 3.52
C LEU D 239 32.36 105.46 3.53
N GLY D 240 32.76 106.15 4.60
CA GLY D 240 32.44 107.55 4.77
C GLY D 240 33.02 108.44 3.70
N ASN D 241 34.08 107.95 3.05
CA ASN D 241 34.78 108.73 2.04
C ASN D 241 34.39 108.30 0.62
N ILE D 242 33.10 108.30 0.34
CA ILE D 242 32.60 107.97 -0.99
C ILE D 242 31.87 109.17 -1.59
N VAL D 243 32.07 109.39 -2.89
CA VAL D 243 31.53 110.59 -3.54
C VAL D 243 30.63 110.28 -4.74
N VAL D 244 29.62 111.11 -4.93
CA VAL D 244 28.77 111.02 -6.11
C VAL D 244 28.78 112.36 -6.85
N THR D 245 28.96 113.44 -6.10
CA THR D 245 28.97 114.77 -6.71
C THR D 245 30.03 115.70 -6.11
N GLN D 246 30.50 116.64 -6.91
CA GLN D 246 31.47 117.63 -6.47
C GLN D 246 31.12 119.03 -6.97
N GLY D 258 26.09 113.66 6.60
CA GLY D 258 25.45 112.42 7.03
C GLY D 258 26.30 111.67 8.03
N ARG D 259 25.68 110.73 8.73
CA ARG D 259 26.39 109.97 9.77
C ARG D 259 26.70 108.55 9.30
N VAL D 260 27.78 107.99 9.81
CA VAL D 260 28.18 106.63 9.45
C VAL D 260 28.53 105.83 10.69
N VAL D 261 27.72 104.84 11.04
CA VAL D 261 27.99 104.06 12.25
C VAL D 261 27.60 102.60 12.14
N LEU D 262 28.16 101.78 13.01
CA LEU D 262 27.67 100.41 13.16
C LEU D 262 26.20 100.49 13.56
N GLY D 263 25.41 99.51 13.15
CA GLY D 263 23.98 99.55 13.44
C GLY D 263 23.33 98.18 13.35
N ASN D 264 22.02 98.17 13.62
CA ASN D 264 21.23 96.95 13.51
C ASN D 264 19.88 97.24 12.85
N PRO D 265 19.36 96.28 12.08
CA PRO D 265 18.01 96.42 11.52
C PRO D 265 17.00 96.36 12.64
N GLN D 266 15.79 96.87 12.40
CA GLN D 266 14.71 96.77 13.37
C GLN D 266 14.46 95.31 13.71
N ARG D 267 14.25 95.06 15.00
CA ARG D 267 14.30 93.70 15.51
C ARG D 267 13.06 92.85 15.21
N HIS D 268 13.31 91.66 14.67
CA HIS D 268 12.27 90.67 14.40
C HIS D 268 11.69 90.15 15.70
N GLY D 269 12.56 89.94 16.68
CA GLY D 269 12.13 89.43 17.96
C GLY D 269 13.01 89.85 19.12
N ILE D 270 12.54 89.53 20.32
CA ILE D 270 13.34 89.68 21.53
C ILE D 270 13.19 88.42 22.39
N LEU D 271 14.31 87.84 22.79
CA LEU D 271 14.31 86.63 23.60
C LEU D 271 14.64 86.97 25.04
N GLY D 272 13.86 86.46 25.97
CA GLY D 272 14.05 86.73 27.37
C GLY D 272 14.20 85.47 28.18
N MET D 273 14.66 85.60 29.41
CA MET D 273 14.81 84.45 30.28
C MET D 273 14.68 84.83 31.75
N ASP D 274 15.30 84.05 32.62
CA ASP D 274 15.28 84.31 34.05
C ASP D 274 15.90 85.66 34.34
N ARG D 275 15.05 86.68 34.48
CA ARG D 275 15.48 88.04 34.79
C ARG D 275 16.39 88.63 33.72
N ASN D 276 16.45 87.98 32.57
CA ASN D 276 17.29 88.45 31.47
C ASN D 276 16.45 88.86 30.27
N PRO D 277 16.19 90.17 30.13
CA PRO D 277 15.30 90.72 29.11
C PRO D 277 15.76 90.45 27.68
N ASP D 278 17.03 90.69 27.40
CA ASP D 278 17.53 90.53 26.02
C ASP D 278 18.71 89.58 25.90
N THR D 279 18.43 88.35 25.46
CA THR D 279 19.49 87.40 25.17
C THR D 279 19.31 86.74 23.79
N ILE D 280 19.93 85.58 23.61
CA ILE D 280 19.99 84.95 22.29
C ILE D 280 19.98 83.43 22.38
N GLN D 281 19.14 82.79 21.56
CA GLN D 281 19.03 81.34 21.59
C GLN D 281 19.17 80.69 20.21
N GLY D 282 19.58 79.43 20.24
CA GLY D 282 19.63 78.63 19.03
C GLY D 282 18.74 77.42 19.22
N ILE D 283 18.09 76.99 18.14
CA ILE D 283 17.26 75.80 18.16
C ILE D 283 17.83 74.80 17.15
N THR D 284 18.25 73.65 17.65
CA THR D 284 18.82 72.64 16.76
C THR D 284 17.73 71.83 16.10
N LEU D 285 17.64 71.98 14.77
CA LEU D 285 16.62 71.30 13.98
C LEU D 285 17.10 69.95 13.47
N LEU D 286 16.49 68.89 14.01
CA LEU D 286 16.80 67.54 13.59
C LEU D 286 16.30 67.30 12.18
N LEU D 287 17.18 66.78 11.32
CA LEU D 287 16.79 66.38 9.98
C LEU D 287 15.80 65.23 10.06
N LYS D 288 14.74 65.32 9.24
CA LYS D 288 13.67 64.33 9.21
C LYS D 288 14.19 62.90 9.12
N ASN D 289 13.53 61.98 9.84
CA ASN D 289 13.85 60.56 9.86
C ASN D 289 15.12 60.15 10.61
N GLU D 290 16.10 61.04 10.69
CA GLU D 290 17.35 60.76 11.42
C GLU D 290 17.04 60.56 12.90
N ASN D 291 17.87 59.77 13.58
CA ASN D 291 17.59 59.38 14.95
C ASN D 291 18.08 60.39 15.98
N PRO D 292 17.17 60.86 16.86
CA PRO D 292 17.42 61.89 17.87
C PRO D 292 18.67 61.67 18.73
N SER D 293 18.77 60.55 19.44
CA SER D 293 19.91 60.32 20.33
C SER D 293 21.25 60.22 19.60
N VAL D 294 21.24 59.53 18.46
CA VAL D 294 22.43 59.38 17.61
C VAL D 294 23.01 60.74 17.25
N VAL D 295 22.16 61.63 16.74
CA VAL D 295 22.55 62.99 16.43
C VAL D 295 22.95 63.74 17.71
N MET D 296 22.26 63.40 18.80
CA MET D 296 22.46 64.07 20.08
C MET D 296 23.89 63.93 20.57
N GLU D 297 24.45 62.73 20.39
CA GLU D 297 25.85 62.52 20.70
C GLU D 297 26.70 63.54 19.97
N GLY D 298 26.43 63.71 18.68
CA GLY D 298 27.14 64.66 17.84
C GLY D 298 27.04 66.11 18.27
N VAL D 299 25.81 66.58 18.52
CA VAL D 299 25.62 67.97 18.94
C VAL D 299 26.21 68.18 20.34
N HIS D 300 26.22 67.14 21.17
CA HIS D 300 26.87 67.21 22.48
C HIS D 300 28.38 67.42 22.34
N ALA D 301 29.02 66.58 21.53
CA ALA D 301 30.45 66.72 21.26
C ALA D 301 30.76 68.10 20.70
N ALA D 302 29.91 68.57 19.79
CA ALA D 302 30.07 69.89 19.19
C ALA D 302 30.00 70.99 20.22
N VAL D 303 29.03 70.90 21.13
CA VAL D 303 28.84 71.89 22.17
C VAL D 303 30.04 71.92 23.11
N ARG D 304 30.50 70.75 23.52
CA ARG D 304 31.67 70.64 24.38
C ARG D 304 32.90 71.25 23.71
N ASP D 305 33.10 70.92 22.43
CA ASP D 305 34.16 71.49 21.60
C ASP D 305 34.07 73.01 21.56
N LEU D 306 32.85 73.54 21.51
CA LEU D 306 32.65 74.98 21.50
C LEU D 306 33.00 75.62 22.85
N ASN D 307 32.36 75.14 23.91
CA ASN D 307 32.56 75.67 25.26
C ASN D 307 34.01 75.60 25.72
N ASP D 308 34.69 74.52 25.38
CA ASP D 308 36.04 74.27 25.88
C ASP D 308 37.13 74.79 24.95
N ASN D 309 36.86 74.85 23.65
CA ASN D 309 37.91 75.21 22.69
C ASN D 309 37.63 76.40 21.78
N ILE D 310 36.49 76.39 21.08
CA ILE D 310 36.23 77.45 20.10
C ILE D 310 35.81 78.78 20.72
N LEU D 311 34.77 78.76 21.55
CA LEU D 311 34.29 79.98 22.18
C LEU D 311 35.34 80.54 23.12
N PRO D 312 35.35 81.87 23.31
CA PRO D 312 36.21 82.43 24.35
C PRO D 312 35.74 81.92 25.68
N LYS D 313 36.67 81.61 26.58
CA LYS D 313 36.31 81.29 27.96
C LYS D 313 35.58 82.52 28.47
N ASP D 314 34.63 82.31 29.38
CA ASP D 314 33.72 83.33 29.92
C ASP D 314 32.46 83.49 29.07
N VAL D 315 32.40 82.77 27.96
CA VAL D 315 31.17 82.66 27.16
C VAL D 315 30.82 81.19 27.01
N LYS D 316 29.71 80.77 27.60
CA LYS D 316 29.36 79.36 27.61
C LYS D 316 28.02 79.08 26.96
N VAL D 317 27.97 78.03 26.16
CA VAL D 317 26.72 77.52 25.61
C VAL D 317 26.01 76.74 26.70
N VAL D 318 24.81 77.19 27.05
CA VAL D 318 24.04 76.49 28.07
C VAL D 318 22.66 76.15 27.53
N PRO D 319 22.39 74.85 27.37
CA PRO D 319 21.08 74.35 26.95
C PRO D 319 20.06 74.50 28.06
N TYR D 320 18.79 74.53 27.70
CA TYR D 320 17.71 74.55 28.69
C TYR D 320 16.63 73.55 28.32
N ILE D 321 16.67 73.08 27.09
CA ILE D 321 15.85 71.97 26.65
C ILE D 321 16.66 71.01 25.80
N ASP D 322 16.80 69.78 26.29
CA ASP D 322 17.56 68.75 25.59
C ASP D 322 16.74 67.48 25.49
N ARG D 323 16.65 66.91 24.29
CA ARG D 323 15.81 65.73 24.05
C ARG D 323 16.34 64.51 24.80
N SER D 324 17.65 64.45 24.99
CA SER D 324 18.25 63.32 25.69
C SER D 324 17.85 63.27 27.18
N ASN D 325 17.36 64.38 27.73
CA ASN D 325 16.79 64.37 29.07
C ASN D 325 15.55 63.50 29.10
N LEU D 326 14.64 63.77 28.17
CA LEU D 326 13.43 62.97 28.04
C LEU D 326 13.79 61.53 27.72
N VAL D 327 14.85 61.36 26.94
CA VAL D 327 15.33 60.03 26.58
C VAL D 327 15.74 59.28 27.84
N ASP D 328 16.46 59.96 28.73
CA ASP D 328 16.90 59.35 29.99
C ASP D 328 15.73 59.02 30.90
N ALA D 329 14.81 59.96 31.05
CA ALA D 329 13.61 59.74 31.84
C ALA D 329 12.83 58.53 31.33
N THR D 330 12.75 58.42 30.01
CA THR D 330 11.99 57.37 29.36
C THR D 330 12.65 56.02 29.56
N VAL D 331 13.95 55.95 29.28
CA VAL D 331 14.72 54.73 29.50
C VAL D 331 14.61 54.25 30.94
N HIS D 332 14.72 55.20 31.86
CA HIS D 332 14.57 54.92 33.28
C HIS D 332 13.20 54.30 33.55
N THR D 333 12.14 55.01 33.19
CA THR D 333 10.79 54.58 33.52
C THR D 333 10.42 53.23 32.89
N VAL D 334 10.63 53.12 31.59
CA VAL D 334 10.34 51.90 30.86
C VAL D 334 11.14 50.73 31.40
N GLY D 335 12.44 50.96 31.63
CA GLY D 335 13.29 49.95 32.21
C GLY D 335 12.74 49.47 33.54
N LYS D 336 12.32 50.42 34.37
CA LYS D 336 11.76 50.13 35.68
C LYS D 336 10.52 49.26 35.51
N THR D 337 9.71 49.58 34.51
CA THR D 337 8.49 48.83 34.23
C THR D 337 8.78 47.39 33.84
N LEU D 338 9.68 47.20 32.89
CA LEU D 338 10.05 45.85 32.44
C LEU D 338 10.66 45.04 33.57
N MET D 339 11.55 45.67 34.33
CA MET D 339 12.22 45.03 35.46
C MET D 339 11.21 44.55 36.50
N GLU D 340 10.39 45.46 37.00
CA GLU D 340 9.37 45.10 37.98
C GLU D 340 8.44 44.03 37.42
N GLY D 341 8.16 44.12 36.12
CA GLY D 341 7.32 43.15 35.46
C GLY D 341 7.87 41.74 35.54
N MET D 342 9.09 41.57 35.03
CA MET D 342 9.75 40.27 35.01
C MET D 342 9.96 39.74 36.42
N PHE D 343 10.27 40.64 37.35
CA PHE D 343 10.44 40.28 38.75
C PHE D 343 9.15 39.69 39.32
N LEU D 344 8.04 40.41 39.15
CA LEU D 344 6.75 39.96 39.65
C LEU D 344 6.31 38.64 39.00
N VAL D 345 6.55 38.51 37.70
CA VAL D 345 6.22 37.28 36.99
C VAL D 345 7.03 36.10 37.52
N SER D 346 8.31 36.31 37.78
CA SER D 346 9.14 35.24 38.33
C SER D 346 8.76 34.89 39.76
N LEU D 347 8.37 35.89 40.54
CA LEU D 347 7.97 35.68 41.92
C LEU D 347 6.68 34.86 41.99
N VAL D 348 5.70 35.23 41.16
CA VAL D 348 4.46 34.46 41.11
C VAL D 348 4.72 33.07 40.54
N LEU D 349 5.70 32.96 39.64
CA LEU D 349 6.13 31.65 39.15
C LEU D 349 6.64 30.80 40.31
N LEU D 350 7.37 31.43 41.22
CA LEU D 350 7.91 30.73 42.38
C LEU D 350 6.80 30.28 43.31
N LEU D 351 5.88 31.20 43.60
CA LEU D 351 4.80 30.91 44.52
C LEU D 351 3.82 29.88 43.97
N PHE D 352 3.71 29.80 42.65
CA PHE D 352 2.75 28.88 42.02
C PHE D 352 3.35 27.54 41.62
N LEU D 353 4.68 27.50 41.45
CA LEU D 353 5.35 26.24 41.12
C LEU D 353 5.97 25.61 42.36
N GLY D 354 6.57 26.45 43.21
CA GLY D 354 7.27 25.98 44.39
C GLY D 354 8.74 25.76 44.09
N SER D 355 9.00 25.09 42.98
CA SER D 355 10.37 24.81 42.55
C SER D 355 10.98 26.01 41.83
N PRO D 356 12.18 26.42 42.24
CA PRO D 356 12.89 27.55 41.62
C PRO D 356 13.52 27.16 40.29
N ARG D 357 13.84 25.88 40.15
CA ARG D 357 14.47 25.37 38.94
C ARG D 357 13.53 25.48 37.74
N ALA D 358 12.33 24.91 37.88
CA ALA D 358 11.33 24.98 36.83
C ALA D 358 10.86 26.42 36.62
N ALA D 359 10.73 27.15 37.72
CA ALA D 359 10.34 28.56 37.66
C ALA D 359 11.29 29.33 36.76
N ILE D 360 12.58 29.17 36.98
CA ILE D 360 13.59 29.80 36.15
C ILE D 360 13.53 29.28 34.72
N ILE D 361 13.31 27.98 34.57
CA ILE D 361 13.18 27.37 33.26
C ILE D 361 12.11 28.06 32.40
N VAL D 362 10.96 28.34 33.00
CA VAL D 362 9.90 29.04 32.27
C VAL D 362 10.24 30.52 32.17
N ALA D 363 10.97 31.02 33.16
CA ALA D 363 11.29 32.44 33.23
C ALA D 363 12.18 32.86 32.07
N VAL D 364 13.13 32.00 31.70
CA VAL D 364 14.08 32.32 30.64
C VAL D 364 13.43 32.35 29.27
N THR D 365 12.16 31.94 29.20
CA THR D 365 11.41 32.05 27.96
C THR D 365 11.24 33.53 27.61
N ILE D 366 11.12 34.36 28.63
CA ILE D 366 10.97 35.80 28.44
C ILE D 366 12.20 36.47 27.81
N PRO D 367 13.36 36.46 28.51
CA PRO D 367 14.48 37.23 27.97
C PRO D 367 14.97 36.67 26.64
N LEU D 368 14.99 35.34 26.52
CA LEU D 368 15.43 34.72 25.29
C LEU D 368 14.57 35.15 24.11
N SER D 369 13.26 35.17 24.31
CA SER D 369 12.33 35.58 23.25
C SER D 369 12.56 37.03 22.83
N LEU D 370 12.92 37.88 23.79
CA LEU D 370 13.17 39.29 23.49
C LEU D 370 14.24 39.42 22.42
N LEU D 371 15.33 38.68 22.63
CA LEU D 371 16.44 38.69 21.69
C LEU D 371 16.01 38.13 20.35
N MET D 372 15.05 37.21 20.39
CA MET D 372 14.49 36.62 19.17
C MET D 372 13.54 37.59 18.50
N ALA D 373 12.99 38.51 19.28
CA ALA D 373 12.13 39.55 18.73
C ALA D 373 12.98 40.70 18.21
N PHE D 374 14.03 41.04 18.95
CA PHE D 374 14.95 42.11 18.57
C PHE D 374 15.59 41.85 17.22
N ILE D 375 16.10 40.64 17.03
CA ILE D 375 16.79 40.26 15.80
C ILE D 375 15.90 40.40 14.56
N LEU D 376 14.62 40.08 14.73
CA LEU D 376 13.66 40.21 13.64
C LEU D 376 13.36 41.69 13.36
N MET D 377 13.25 42.48 14.43
CA MET D 377 13.02 43.91 14.27
C MET D 377 14.25 44.60 13.67
N HIS D 378 15.42 44.17 14.12
CA HIS D 378 16.69 44.73 13.64
C HIS D 378 16.89 44.47 12.15
N HIS D 379 16.80 43.21 11.74
CA HIS D 379 17.12 42.84 10.37
C HIS D 379 16.07 43.32 9.38
N PHE D 380 14.88 43.65 9.87
CA PHE D 380 13.83 44.14 8.98
C PHE D 380 13.27 45.51 9.38
N LYS D 381 14.20 46.41 9.73
CA LYS D 381 13.92 47.83 9.87
C LYS D 381 12.74 48.19 10.77
N ILE D 382 12.90 47.96 12.07
CA ILE D 382 11.88 48.34 13.03
C ILE D 382 12.51 49.09 14.19
N PRO D 383 11.98 50.28 14.50
CA PRO D 383 12.54 51.13 15.55
C PRO D 383 12.28 50.53 16.92
N ALA D 384 13.26 50.66 17.82
CA ALA D 384 13.07 50.25 19.21
C ALA D 384 12.29 51.34 19.95
N ASN D 385 10.99 51.41 19.66
CA ASN D 385 10.12 52.40 20.28
C ASN D 385 9.90 52.08 21.74
N LEU D 386 10.35 52.95 22.63
CA LEU D 386 10.30 52.68 24.06
C LEU D 386 8.87 52.72 24.59
N LEU D 387 8.03 53.55 23.98
CA LEU D 387 6.63 53.67 24.40
C LEU D 387 5.83 52.41 24.11
N SER D 388 6.09 51.79 22.97
CA SER D 388 5.38 50.57 22.59
C SER D 388 6.12 49.32 23.09
N LEU D 389 7.08 49.52 23.99
CA LEU D 389 7.86 48.41 24.53
C LEU D 389 7.60 48.23 26.02
N GLY D 390 7.44 49.35 26.74
CA GLY D 390 7.13 49.31 28.16
C GLY D 390 5.76 48.73 28.39
N ALA D 391 4.93 48.74 27.35
CA ALA D 391 3.57 48.22 27.42
C ALA D 391 3.51 46.73 27.14
N ILE D 392 4.67 46.12 26.90
CA ILE D 392 4.74 44.67 26.69
C ILE D 392 4.33 43.97 27.98
N ASP D 393 3.75 42.78 27.85
CA ASP D 393 3.14 42.12 29.00
C ASP D 393 4.05 41.12 29.71
N PHE D 394 4.93 40.48 28.96
CA PHE D 394 5.75 39.34 29.44
C PHE D 394 4.88 38.15 29.83
N GLY D 395 4.02 38.34 30.83
CA GLY D 395 3.16 37.28 31.35
C GLY D 395 2.26 36.63 30.32
N ILE D 396 2.28 37.15 29.10
CA ILE D 396 1.56 36.54 27.98
C ILE D 396 2.49 35.62 27.22
N ILE D 397 3.74 36.04 27.09
CA ILE D 397 4.77 35.29 26.38
C ILE D 397 4.95 33.87 26.90
N VAL D 398 5.15 33.75 28.21
CA VAL D 398 5.48 32.49 28.84
C VAL D 398 4.38 31.44 28.78
N ASP D 399 3.15 31.89 28.55
CA ASP D 399 1.97 31.03 28.66
C ASP D 399 2.12 29.69 27.96
N GLY D 400 2.55 29.72 26.70
CA GLY D 400 2.80 28.49 25.96
C GLY D 400 3.69 27.57 26.77
N ALA D 401 4.90 28.04 27.05
CA ALA D 401 5.84 27.33 27.90
C ALA D 401 5.19 26.88 29.20
N ILE D 402 4.38 27.76 29.78
CA ILE D 402 3.73 27.45 31.06
C ILE D 402 2.91 26.17 30.96
N VAL D 403 2.17 26.00 29.88
CA VAL D 403 1.34 24.81 29.80
C VAL D 403 2.25 23.60 29.62
N VAL D 404 3.35 23.78 28.87
CA VAL D 404 4.29 22.71 28.62
C VAL D 404 4.89 22.30 29.95
N MET D 405 4.87 23.21 30.91
CA MET D 405 5.31 22.88 32.25
C MET D 405 4.16 22.19 32.98
N GLU D 406 2.98 22.83 32.97
CA GLU D 406 1.84 22.39 33.77
C GLU D 406 1.47 20.94 33.50
N ASN D 407 1.68 20.50 32.26
CA ASN D 407 1.50 19.10 31.92
C ASN D 407 2.56 18.26 32.63
N ILE D 408 3.82 18.48 32.26
CA ILE D 408 4.93 17.66 32.74
C ILE D 408 5.00 17.59 34.28
N LEU D 409 4.98 18.74 34.92
CA LEU D 409 5.04 18.80 36.38
C LEU D 409 3.86 18.06 37.01
N ARG D 410 2.70 18.14 36.36
CA ARG D 410 1.51 17.46 36.90
C ARG D 410 1.30 16.13 36.20
N ARG D 411 2.38 15.57 35.66
CA ARG D 411 2.34 14.23 35.12
C ARG D 411 3.07 13.29 36.08
N ARG D 412 3.87 13.88 36.97
CA ARG D 412 4.55 13.13 38.02
C ARG D 412 3.77 13.20 39.33
N ASP D 424 9.61 9.16 29.51
CA ASP D 424 9.71 10.21 28.51
C ASP D 424 8.75 11.36 28.84
N ILE D 425 9.03 12.52 28.29
CA ILE D 425 8.18 13.70 28.48
C ILE D 425 7.80 14.29 27.14
N MET D 426 8.46 13.83 26.08
CA MET D 426 8.22 14.33 24.74
C MET D 426 6.79 14.05 24.28
N GLN D 427 6.15 13.09 24.94
CA GLN D 427 4.82 12.66 24.54
C GLN D 427 3.73 13.59 25.06
N SER D 428 3.91 14.08 26.29
CA SER D 428 2.96 15.04 26.86
C SER D 428 3.14 16.41 26.22
N VAL D 429 4.37 16.72 25.82
CA VAL D 429 4.67 17.96 25.14
C VAL D 429 4.12 17.94 23.72
N LEU D 430 4.29 16.82 23.03
CA LEU D 430 3.69 16.66 21.71
C LEU D 430 2.16 16.57 21.82
N GLN D 431 1.68 16.18 23.00
CA GLN D 431 0.25 16.17 23.29
C GLN D 431 -0.30 17.58 23.36
N VAL D 432 0.32 18.42 24.17
CA VAL D 432 -0.16 19.78 24.39
C VAL D 432 0.30 20.75 23.30
N ALA D 433 1.13 20.26 22.38
CA ALA D 433 1.69 21.11 21.32
C ALA D 433 0.64 21.66 20.36
N ARG D 434 -0.17 20.77 19.80
CA ARG D 434 -1.22 21.17 18.87
C ARG D 434 -2.21 22.18 19.48
N PRO D 435 -2.67 21.96 20.73
CA PRO D 435 -3.53 22.99 21.32
C PRO D 435 -2.77 24.26 21.72
N ILE D 436 -1.50 24.34 21.37
CA ILE D 436 -0.71 25.54 21.63
C ILE D 436 -0.42 26.31 20.34
N PHE D 437 -0.17 25.59 19.26
CA PHE D 437 -0.01 26.22 17.96
C PHE D 437 -1.32 26.89 17.58
N PHE D 438 -2.43 26.25 17.94
CA PHE D 438 -3.75 26.84 17.76
C PHE D 438 -3.86 28.10 18.60
N GLY D 439 -3.53 27.98 19.88
CA GLY D 439 -3.55 29.12 20.78
C GLY D 439 -2.57 30.20 20.39
N MET D 440 -1.50 29.79 19.71
CA MET D 440 -0.51 30.74 19.23
C MET D 440 -1.13 31.68 18.21
N ILE D 441 -1.76 31.09 17.21
CA ILE D 441 -2.35 31.86 16.12
C ILE D 441 -3.41 32.82 16.65
N VAL D 442 -4.36 32.29 17.40
CA VAL D 442 -5.49 33.09 17.88
C VAL D 442 -5.05 34.29 18.72
N ILE D 443 -3.92 34.16 19.41
CA ILE D 443 -3.44 35.26 20.24
C ILE D 443 -2.49 36.17 19.44
N ILE D 444 -1.90 35.63 18.38
CA ILE D 444 -1.02 36.40 17.53
C ILE D 444 -1.85 37.02 16.40
N THR D 445 -3.11 36.59 16.29
CA THR D 445 -4.01 37.11 15.28
C THR D 445 -4.62 38.42 15.73
N ALA D 446 -5.16 38.43 16.94
CA ALA D 446 -5.86 39.60 17.47
C ALA D 446 -5.00 40.86 17.43
N TYR D 447 -3.68 40.68 17.44
CA TYR D 447 -2.74 41.80 17.36
C TYR D 447 -2.61 42.34 15.95
N LEU D 448 -2.95 41.52 14.96
CA LEU D 448 -2.84 41.94 13.55
C LEU D 448 -3.64 43.21 13.16
N PRO D 449 -4.87 43.38 13.69
CA PRO D 449 -5.59 44.63 13.43
C PRO D 449 -4.85 45.91 13.82
N LEU D 450 -3.81 45.80 14.66
CA LEU D 450 -3.04 46.96 15.06
C LEU D 450 -2.19 47.49 13.91
N PHE D 451 -2.09 46.70 12.85
CA PHE D 451 -1.32 47.10 11.68
C PHE D 451 -2.18 47.91 10.73
N ALA D 452 -3.49 47.92 10.98
CA ALA D 452 -4.43 48.60 10.11
C ALA D 452 -4.27 50.12 10.17
N PHE D 453 -4.58 50.71 11.31
CA PHE D 453 -4.59 52.16 11.44
C PHE D 453 -3.25 52.80 11.11
N GLN D 454 -3.31 53.86 10.29
CA GLN D 454 -2.11 54.57 9.86
C GLN D 454 -1.94 55.87 10.63
N ARG D 455 -1.42 56.88 9.95
CA ARG D 455 -1.19 58.19 10.54
C ARG D 455 -0.41 58.14 11.85
N ILE D 456 -0.81 58.96 12.81
CA ILE D 456 -0.04 59.15 14.03
C ILE D 456 -0.30 58.08 15.09
N GLU D 457 -1.31 57.25 14.86
CA GLU D 457 -1.58 56.15 15.78
C GLU D 457 -0.91 54.86 15.30
N TYR D 458 -0.13 54.97 14.23
CA TYR D 458 0.63 53.83 13.72
C TYR D 458 2.07 53.90 14.21
N LYS D 459 2.63 55.10 14.23
CA LYS D 459 4.02 55.30 14.62
C LYS D 459 4.23 55.06 16.11
N LEU D 460 3.14 54.72 16.80
CA LEU D 460 3.17 54.65 18.25
C LEU D 460 2.83 53.26 18.79
N PHE D 461 2.07 52.48 18.02
CA PHE D 461 1.60 51.18 18.50
C PHE D 461 2.02 50.00 17.63
N SER D 462 2.40 50.25 16.40
CA SER D 462 2.79 49.18 15.49
C SER D 462 4.03 48.38 15.94
N PRO D 463 5.11 49.07 16.38
CA PRO D 463 6.26 48.30 16.85
C PRO D 463 5.93 47.36 18.01
N MET D 464 4.91 47.72 18.79
CA MET D 464 4.48 46.88 19.89
C MET D 464 3.95 45.55 19.36
N ALA D 465 3.04 45.64 18.40
CA ALA D 465 2.45 44.43 17.81
C ALA D 465 3.50 43.62 17.06
N PHE D 466 4.42 44.30 16.40
CA PHE D 466 5.52 43.63 15.73
C PHE D 466 6.34 42.82 16.73
N ALA D 467 6.76 43.49 17.79
CA ALA D 467 7.59 42.88 18.81
C ALA D 467 6.86 41.74 19.49
N VAL D 468 5.54 41.86 19.63
CA VAL D 468 4.75 40.82 20.25
C VAL D 468 4.62 39.59 19.37
N GLY D 469 4.34 39.80 18.09
CA GLY D 469 4.27 38.71 17.13
C GLY D 469 5.60 37.98 17.01
N PHE D 470 6.68 38.74 16.93
CA PHE D 470 8.02 38.17 16.84
C PHE D 470 8.33 37.38 18.11
N ALA D 471 8.06 37.98 19.26
CA ALA D 471 8.30 37.30 20.53
C ALA D 471 7.33 36.16 20.76
N LEU D 472 6.34 36.02 19.89
CA LEU D 472 5.41 34.90 19.96
C LEU D 472 5.87 33.76 19.09
N PHE D 473 6.48 34.10 17.95
CA PHE D 473 7.20 33.12 17.14
C PHE D 473 8.28 32.54 18.04
N GLY D 474 8.98 33.44 18.72
CA GLY D 474 10.02 33.05 19.66
C GLY D 474 9.50 32.23 20.82
N ALA D 475 8.40 32.67 21.42
CA ALA D 475 7.82 31.97 22.57
C ALA D 475 7.39 30.56 22.18
N LEU D 476 6.80 30.44 21.00
CA LEU D 476 6.36 29.14 20.49
C LEU D 476 7.56 28.24 20.29
N LEU D 477 8.54 28.71 19.51
CA LEU D 477 9.75 27.94 19.25
C LEU D 477 10.44 27.49 20.53
N VAL D 478 10.45 28.36 21.53
CA VAL D 478 11.07 28.04 22.82
C VAL D 478 10.28 26.99 23.57
N ALA D 479 8.97 27.16 23.64
CA ALA D 479 8.10 26.24 24.36
C ALA D 479 8.12 24.83 23.78
N LEU D 480 8.12 24.75 22.46
CA LEU D 480 7.99 23.45 21.79
C LEU D 480 9.30 22.83 21.35
N LEU D 481 10.38 23.61 21.36
CA LEU D 481 11.67 23.09 20.92
C LEU D 481 12.81 23.31 21.91
N LEU D 482 12.47 23.53 23.18
CA LEU D 482 13.49 23.72 24.21
C LEU D 482 12.98 23.37 25.61
N ILE D 483 11.80 23.86 25.95
CA ILE D 483 11.19 23.60 27.25
C ILE D 483 11.09 22.12 27.65
N PRO D 484 10.64 21.24 26.72
CA PRO D 484 10.66 19.83 27.11
C PRO D 484 12.08 19.34 27.34
N GLY D 485 13.00 19.74 26.46
CA GLY D 485 14.39 19.32 26.52
C GLY D 485 15.06 19.66 27.83
N LEU D 486 14.63 20.75 28.46
CA LEU D 486 15.19 21.16 29.74
C LEU D 486 14.77 20.20 30.85
N ALA D 487 15.57 19.15 31.03
CA ALA D 487 15.34 18.14 32.06
C ALA D 487 16.64 17.83 32.81
N ALA D 502 -2.27 27.43 51.71
CA ALA D 502 -3.33 28.39 51.39
C ALA D 502 -4.12 27.95 50.17
N LEU D 503 -3.44 27.24 49.27
CA LEU D 503 -4.08 26.73 48.06
C LEU D 503 -5.03 25.60 48.42
N VAL D 504 -4.80 25.00 49.59
CA VAL D 504 -5.60 23.89 50.08
C VAL D 504 -7.06 24.30 50.28
N TRP D 505 -7.29 25.58 50.51
CA TRP D 505 -8.64 26.11 50.64
C TRP D 505 -9.14 26.58 49.27
N LEU D 506 -8.20 26.87 48.38
CA LEU D 506 -8.54 27.35 47.04
C LEU D 506 -9.01 26.23 46.12
N ALA D 507 -8.57 25.01 46.40
CA ALA D 507 -8.89 23.87 45.54
C ALA D 507 -10.35 23.37 45.60
N PRO D 508 -10.85 22.98 46.80
CA PRO D 508 -12.19 22.39 46.83
C PRO D 508 -13.31 23.42 46.96
N ARG D 509 -12.96 24.65 47.32
CA ARG D 509 -13.91 25.76 47.32
C ARG D 509 -14.40 25.95 45.90
N TYR D 510 -13.49 25.77 44.94
CA TYR D 510 -13.82 25.85 43.53
C TYR D 510 -14.65 24.64 43.11
N GLU D 511 -14.38 23.50 43.75
CA GLU D 511 -15.12 22.27 43.46
C GLU D 511 -16.57 22.35 43.95
N SER D 512 -16.82 23.30 44.84
CA SER D 512 -18.16 23.53 45.36
C SER D 512 -19.00 24.36 44.40
N VAL D 513 -18.46 25.50 43.97
CA VAL D 513 -19.18 26.41 43.09
C VAL D 513 -19.41 25.81 41.71
N LEU D 514 -18.56 24.87 41.31
CA LEU D 514 -18.79 24.10 40.09
C LEU D 514 -20.12 23.37 40.19
N ASN D 515 -20.33 22.71 41.32
CA ASN D 515 -21.56 21.99 41.59
C ASN D 515 -22.75 22.94 41.67
N ARG D 516 -22.49 24.17 42.11
CA ARG D 516 -23.52 25.19 42.17
C ARG D 516 -23.96 25.62 40.77
N SER D 520 -29.77 24.75 36.94
CA SER D 520 -30.07 26.17 36.85
C SER D 520 -29.50 26.78 35.58
N THR D 521 -30.19 26.56 34.46
CA THR D 521 -29.74 27.05 33.17
C THR D 521 -30.28 28.45 32.89
N ARG D 522 -31.46 28.74 33.42
CA ARG D 522 -32.11 30.02 33.20
C ARG D 522 -31.40 31.17 33.93
N THR D 523 -31.05 30.93 35.19
CA THR D 523 -30.36 31.93 35.99
C THR D 523 -28.93 32.13 35.50
N ALA D 524 -28.34 31.09 34.92
CA ALA D 524 -26.99 31.15 34.40
C ALA D 524 -26.90 32.05 33.16
N ILE D 525 -27.73 31.75 32.17
CA ILE D 525 -27.81 32.57 30.96
C ILE D 525 -28.35 33.95 31.33
N GLY D 526 -29.08 34.02 32.44
CA GLY D 526 -29.56 35.28 32.97
C GLY D 526 -28.40 36.16 33.40
N ILE D 527 -27.50 35.61 34.19
CA ILE D 527 -26.29 36.32 34.61
C ILE D 527 -25.44 36.68 33.40
N ALA D 528 -25.34 35.75 32.45
CA ALA D 528 -24.58 35.97 31.22
C ALA D 528 -25.09 37.20 30.44
N VAL D 529 -26.36 37.17 30.08
CA VAL D 529 -26.95 38.26 29.31
C VAL D 529 -26.98 39.58 30.10
N ALA D 530 -27.33 39.51 31.38
CA ALA D 530 -27.38 40.70 32.22
C ALA D 530 -26.02 41.39 32.34
N THR D 531 -24.98 40.60 32.56
CA THR D 531 -23.62 41.13 32.63
C THR D 531 -23.20 41.64 31.25
N LEU D 532 -23.67 40.98 30.20
CA LEU D 532 -23.42 41.41 28.83
C LEU D 532 -23.95 42.83 28.57
N VAL D 533 -25.21 43.05 28.96
CA VAL D 533 -25.82 44.37 28.87
C VAL D 533 -25.13 45.30 29.88
N GLY D 534 -24.43 44.71 30.84
CA GLY D 534 -23.58 45.48 31.74
C GLY D 534 -22.43 46.08 30.95
N VAL D 535 -21.80 45.27 30.11
CA VAL D 535 -20.73 45.76 29.25
C VAL D 535 -21.26 46.73 28.19
N MET D 536 -22.52 46.52 27.79
CA MET D 536 -23.12 47.38 26.77
C MET D 536 -23.42 48.77 27.34
N ILE D 537 -24.00 48.80 28.54
CA ILE D 537 -24.33 50.06 29.20
C ILE D 537 -23.08 50.79 29.66
N LEU D 538 -22.25 50.11 30.43
CA LEU D 538 -21.03 50.72 30.96
C LEU D 538 -20.07 51.08 29.83
N GLY D 539 -20.18 50.37 28.72
CA GLY D 539 -19.39 50.65 27.53
C GLY D 539 -19.88 51.87 26.79
N ALA D 540 -21.19 51.95 26.59
CA ALA D 540 -21.79 53.08 25.88
C ALA D 540 -21.59 54.38 26.65
N THR D 541 -21.40 54.28 27.95
CA THR D 541 -21.18 55.44 28.80
C THR D 541 -19.72 55.55 29.22
N ILE D 542 -18.89 56.06 28.32
CA ILE D 542 -17.47 56.24 28.60
C ILE D 542 -16.87 57.27 27.64
N GLY D 543 -15.81 57.95 28.09
CA GLY D 543 -15.16 58.97 27.29
C GLY D 543 -14.47 58.40 26.06
N ARG D 544 -14.12 59.27 25.13
CA ARG D 544 -13.46 58.85 23.90
C ARG D 544 -12.40 59.85 23.46
N ASP D 545 -11.27 59.88 24.14
CA ASP D 545 -10.16 60.77 23.78
C ASP D 545 -9.43 60.28 22.53
N PHE D 546 -8.15 60.62 22.45
CA PHE D 546 -7.27 60.08 21.43
C PHE D 546 -5.88 59.86 22.04
N LEU D 547 -5.42 60.84 22.81
CA LEU D 547 -4.15 60.71 23.51
C LEU D 547 -4.30 60.97 25.00
N PRO D 548 -3.71 60.09 25.82
CA PRO D 548 -3.58 60.30 27.26
C PRO D 548 -2.47 61.31 27.58
N TYR D 549 -2.60 62.51 27.01
CA TYR D 549 -1.69 63.62 27.26
C TYR D 549 -0.24 63.41 26.79
N LEU D 550 0.38 62.32 27.22
CA LEU D 550 1.80 62.05 26.94
C LEU D 550 2.72 63.15 27.45
N ASP D 551 3.09 63.04 28.73
CA ASP D 551 3.85 64.10 29.38
C ASP D 551 5.29 64.15 28.88
N GLU D 552 5.69 65.33 28.43
CA GLU D 552 7.08 65.59 28.13
C GLU D 552 7.70 66.19 29.38
N GLY D 553 8.98 66.54 29.32
CA GLY D 553 9.63 67.13 30.48
C GLY D 553 9.08 68.49 30.85
N SER D 554 8.69 69.28 29.85
CA SER D 554 8.38 70.68 30.07
C SER D 554 7.00 71.11 29.57
N ILE D 555 6.79 72.42 29.52
CA ILE D 555 5.53 73.03 29.11
C ILE D 555 5.79 74.14 28.10
N TRP D 556 4.93 74.23 27.09
CA TRP D 556 5.02 75.28 26.07
C TRP D 556 3.79 76.17 26.11
N LEU D 557 4.02 77.46 25.97
CA LEU D 557 2.96 78.45 26.07
C LEU D 557 2.78 79.22 24.77
N GLN D 558 1.53 79.33 24.34
CA GLN D 558 1.15 80.30 23.32
C GLN D 558 0.59 81.54 24.02
N VAL D 559 1.46 82.51 24.29
CA VAL D 559 1.08 83.73 24.97
C VAL D 559 0.67 84.81 23.97
N THR D 560 -0.42 85.51 24.26
CA THR D 560 -0.96 86.49 23.31
C THR D 560 -1.14 87.88 23.90
N LEU D 561 -0.46 88.84 23.30
CA LEU D 561 -0.45 90.22 23.78
C LEU D 561 -1.39 91.10 22.94
N PRO D 562 -1.68 92.33 23.41
CA PRO D 562 -2.53 93.26 22.65
C PRO D 562 -1.97 93.58 21.26
N PRO D 563 -2.85 93.98 20.32
CA PRO D 563 -2.49 94.22 18.91
C PRO D 563 -1.67 95.49 18.64
N GLY D 564 -0.70 95.36 17.75
CA GLY D 564 0.08 96.49 17.28
C GLY D 564 0.93 97.18 18.34
N ILE D 565 1.43 96.44 19.31
CA ILE D 565 2.33 97.02 20.30
C ILE D 565 3.78 97.00 19.85
N SER D 566 4.63 97.77 20.51
CA SER D 566 6.03 97.89 20.16
C SER D 566 6.84 96.76 20.76
N LEU D 567 7.99 96.46 20.16
CA LEU D 567 8.91 95.45 20.67
C LEU D 567 9.27 95.71 22.13
N GLU D 568 9.45 96.99 22.46
CA GLU D 568 9.78 97.38 23.82
C GLU D 568 8.68 96.96 24.79
N LYS D 569 7.44 97.34 24.49
CA LYS D 569 6.31 97.05 25.38
C LYS D 569 6.12 95.55 25.53
N ALA D 570 6.16 94.85 24.41
CA ALA D 570 6.04 93.40 24.38
C ALA D 570 7.12 92.79 25.27
N GLY D 571 8.30 93.39 25.23
CA GLY D 571 9.40 92.96 26.07
C GLY D 571 9.10 93.13 27.55
N GLN D 572 8.55 94.29 27.92
CA GLN D 572 8.18 94.55 29.30
C GLN D 572 7.20 93.48 29.76
N MET D 573 6.17 93.27 28.94
CA MET D 573 5.10 92.36 29.27
C MET D 573 5.62 90.95 29.48
N ALA D 574 6.41 90.49 28.52
CA ALA D 574 7.03 89.16 28.59
C ALA D 574 7.87 89.03 29.86
N ASP D 575 8.64 90.08 30.17
CA ASP D 575 9.43 90.12 31.41
C ASP D 575 8.55 89.87 32.63
N ASN D 576 7.44 90.59 32.70
CA ASN D 576 6.50 90.42 33.80
C ASN D 576 5.84 89.05 33.82
N LEU D 577 5.72 88.44 32.64
CA LEU D 577 5.13 87.11 32.57
C LEU D 577 6.10 86.10 33.15
N ARG D 578 7.39 86.29 32.85
CA ARG D 578 8.41 85.44 33.41
C ARG D 578 8.55 85.63 34.90
N ALA D 579 8.34 86.86 35.34
CA ALA D 579 8.27 87.14 36.76
C ALA D 579 7.15 86.30 37.38
N ALA D 580 5.96 86.40 36.80
CA ALA D 580 4.81 85.63 37.27
C ALA D 580 5.04 84.13 37.27
N THR D 581 5.84 83.66 36.32
CA THR D 581 6.04 82.22 36.17
C THR D 581 7.07 81.69 37.16
N MET D 582 8.14 82.44 37.37
CA MET D 582 9.22 82.01 38.26
C MET D 582 8.82 81.98 39.72
N GLU D 583 7.69 82.61 40.04
CA GLU D 583 7.15 82.61 41.40
C GLU D 583 6.93 81.18 41.87
N PHE D 584 6.34 80.36 41.01
CA PHE D 584 6.17 78.95 41.31
C PHE D 584 7.54 78.31 41.44
N PRO D 585 7.70 77.42 42.43
CA PRO D 585 8.99 76.76 42.68
C PRO D 585 9.22 75.58 41.73
N GLU D 586 8.18 75.14 41.05
CA GLU D 586 8.26 73.95 40.19
C GLU D 586 8.98 74.22 38.86
N VAL D 587 9.09 75.50 38.51
CA VAL D 587 9.69 75.88 37.24
C VAL D 587 11.21 76.04 37.36
N GLU D 588 11.93 75.47 36.40
CA GLU D 588 13.39 75.48 36.43
C GLU D 588 13.92 76.70 35.70
N HIS D 589 13.61 76.78 34.42
CA HIS D 589 13.93 77.97 33.62
C HIS D 589 12.68 78.40 32.86
N VAL D 590 12.56 79.70 32.61
CA VAL D 590 11.48 80.20 31.80
C VAL D 590 12.03 81.13 30.71
N VAL D 591 11.78 80.77 29.46
CA VAL D 591 12.29 81.50 28.33
C VAL D 591 11.15 82.07 27.49
N THR D 592 11.26 83.33 27.10
CA THR D 592 10.24 83.94 26.25
C THR D 592 10.77 84.28 24.87
N GLN D 593 9.93 84.04 23.87
CA GLN D 593 10.19 84.47 22.49
C GLN D 593 9.10 85.46 22.08
N VAL D 594 9.42 86.75 22.08
CA VAL D 594 8.45 87.72 21.59
C VAL D 594 8.81 88.09 20.15
N GLY D 595 7.83 88.18 19.28
CA GLY D 595 8.11 88.42 17.89
C GLY D 595 8.54 87.15 17.20
N ARG D 596 9.43 87.27 16.21
CA ARG D 596 9.78 86.11 15.38
C ARG D 596 11.28 85.97 15.12
N ASN D 597 11.71 84.73 14.90
CA ASN D 597 13.10 84.45 14.53
C ASN D 597 13.41 85.04 13.16
N ASP D 598 14.70 85.10 12.82
CA ASP D 598 15.12 85.78 11.61
C ASP D 598 15.06 84.90 10.36
N GLU D 599 14.43 83.74 10.46
CA GLU D 599 14.31 82.80 9.34
C GLU D 599 13.05 83.03 8.50
N GLY D 600 11.93 83.26 9.17
CA GLY D 600 10.68 83.50 8.49
C GLY D 600 9.77 82.29 8.51
N THR D 601 10.21 81.24 9.21
CA THR D 601 9.43 80.02 9.35
C THR D 601 8.29 80.21 10.34
N ASP D 602 8.25 81.38 10.98
CA ASP D 602 7.12 81.81 11.79
C ASP D 602 6.71 83.25 11.37
N PRO D 603 5.39 83.47 11.22
CA PRO D 603 4.75 84.72 10.77
C PRO D 603 4.45 85.69 11.92
N PHE D 604 4.97 85.36 13.10
CA PHE D 604 4.61 86.03 14.34
C PHE D 604 4.94 87.53 14.46
N SER D 605 4.00 88.27 15.03
CA SER D 605 4.18 89.70 15.24
C SER D 605 4.78 89.91 16.62
N PRO D 606 5.18 91.15 16.94
CA PRO D 606 5.67 91.42 18.30
C PRO D 606 4.59 91.22 19.36
N SER D 607 3.34 91.14 18.94
CA SER D 607 2.24 90.95 19.86
C SER D 607 2.10 89.49 20.28
N HIS D 608 2.90 88.63 19.66
CA HIS D 608 2.82 87.21 19.94
C HIS D 608 4.04 86.73 20.73
N ILE D 609 3.79 85.94 21.77
CA ILE D 609 4.88 85.30 22.49
C ILE D 609 4.75 83.78 22.48
N GLU D 610 5.88 83.10 22.43
CA GLU D 610 5.94 81.67 22.69
C GLU D 610 6.82 81.49 23.90
N THR D 611 6.34 80.78 24.92
CA THR D 611 7.12 80.66 26.14
C THR D 611 7.50 79.22 26.50
N ALA D 612 8.80 78.95 26.61
CA ALA D 612 9.26 77.65 27.10
C ALA D 612 9.31 77.65 28.62
N VAL D 613 8.68 76.67 29.24
CA VAL D 613 8.66 76.58 30.69
C VAL D 613 9.19 75.23 31.15
N THR D 614 10.44 75.19 31.62
CA THR D 614 11.05 73.93 32.06
C THR D 614 10.76 73.67 33.53
N LEU D 615 10.84 72.41 33.93
CA LEU D 615 10.48 72.00 35.28
C LEU D 615 11.62 71.29 36.01
N HIS D 616 11.49 71.20 37.33
CA HIS D 616 12.36 70.37 38.13
C HIS D 616 11.86 68.94 38.04
N PRO D 617 12.72 67.96 38.37
CA PRO D 617 12.29 66.55 38.36
C PRO D 617 11.06 66.36 39.24
N TYR D 618 10.13 65.54 38.77
CA TYR D 618 8.85 65.34 39.47
C TYR D 618 9.05 64.77 40.87
N SER D 619 10.07 63.93 41.02
CA SER D 619 10.41 63.39 42.34
C SER D 619 11.42 64.29 43.03
N THR D 620 11.12 65.58 43.08
CA THR D 620 12.04 66.55 43.69
C THR D 620 11.26 67.79 44.15
N TRP D 621 10.02 67.91 43.69
CA TRP D 621 9.21 69.07 44.00
C TRP D 621 8.83 69.14 45.48
N THR D 622 9.43 70.10 46.19
CA THR D 622 9.03 70.37 47.57
C THR D 622 7.72 71.14 47.55
N SER D 623 6.65 70.45 47.18
CA SER D 623 5.31 71.01 47.14
C SER D 623 4.33 69.85 46.98
N GLY D 624 3.04 70.17 46.85
CA GLY D 624 2.02 69.14 46.76
C GLY D 624 1.29 69.15 45.43
N ARG D 625 1.71 70.03 44.52
CA ARG D 625 1.02 70.19 43.25
C ARG D 625 1.20 68.98 42.33
N ASP D 626 0.14 68.65 41.59
CA ASP D 626 0.16 67.55 40.64
C ASP D 626 0.83 68.01 39.34
N LYS D 627 0.25 67.63 38.22
CA LYS D 627 0.69 68.13 36.92
C LYS D 627 -0.36 69.07 36.36
N GLN D 628 -1.58 68.55 36.20
CA GLN D 628 -2.69 69.36 35.73
C GLN D 628 -3.04 70.43 36.77
N GLN D 629 -2.62 70.20 38.00
CA GLN D 629 -2.78 71.17 39.07
C GLN D 629 -1.78 72.31 38.91
N LEU D 630 -0.60 71.99 38.40
CA LEU D 630 0.42 73.00 38.13
C LEU D 630 -0.02 73.85 36.96
N ILE D 631 -0.48 73.19 35.91
CA ILE D 631 -1.02 73.88 34.74
C ILE D 631 -2.20 74.77 35.15
N GLU D 632 -3.06 74.25 36.01
CA GLU D 632 -4.23 75.03 36.46
C GLU D 632 -3.83 76.21 37.34
N ALA D 633 -2.78 76.03 38.14
CA ALA D 633 -2.28 77.10 39.00
C ALA D 633 -1.69 78.23 38.15
N MET D 634 -0.79 77.85 37.25
CA MET D 634 -0.20 78.81 36.33
C MET D 634 -1.28 79.51 35.52
N ALA D 635 -2.31 78.76 35.14
CA ALA D 635 -3.43 79.33 34.40
C ALA D 635 -4.18 80.37 35.23
N THR D 636 -4.35 80.10 36.52
CA THR D 636 -4.99 81.06 37.42
C THR D 636 -4.15 82.33 37.57
N ARG D 637 -2.85 82.16 37.78
CA ARG D 637 -1.95 83.29 37.96
C ARG D 637 -1.87 84.14 36.70
N PHE D 638 -1.89 83.49 35.55
CA PHE D 638 -1.77 84.16 34.26
C PHE D 638 -3.05 84.89 33.86
N ARG D 639 -4.14 84.58 34.55
CA ARG D 639 -5.39 85.31 34.32
C ARG D 639 -5.43 86.59 35.15
N ASP D 640 -4.44 86.74 36.01
CA ASP D 640 -4.38 87.88 36.91
C ASP D 640 -3.60 89.04 36.28
N LEU D 641 -2.86 88.73 35.21
CA LEU D 641 -2.12 89.76 34.49
C LEU D 641 -2.96 90.31 33.35
N PRO D 642 -2.90 91.64 33.15
CA PRO D 642 -3.71 92.31 32.12
C PRO D 642 -3.05 92.31 30.74
N GLY D 643 -3.84 92.01 29.71
CA GLY D 643 -3.37 92.04 28.34
C GLY D 643 -2.74 90.74 27.91
N THR D 644 -2.66 89.79 28.84
CA THR D 644 -1.98 88.54 28.58
C THR D 644 -2.93 87.36 28.59
N GLN D 645 -3.23 86.84 27.41
CA GLN D 645 -3.96 85.59 27.29
C GLN D 645 -2.97 84.44 27.06
N VAL D 646 -3.16 83.33 27.76
CA VAL D 646 -2.17 82.26 27.71
C VAL D 646 -2.74 80.88 27.38
N GLY D 647 -2.16 80.26 26.36
CA GLY D 647 -2.54 78.92 25.96
C GLY D 647 -1.49 77.92 26.40
N PHE D 648 -1.95 76.76 26.85
CA PHE D 648 -1.07 75.72 27.39
C PHE D 648 -0.96 74.50 26.48
N SER D 649 0.28 74.08 26.23
CA SER D 649 0.58 72.89 25.45
C SER D 649 1.97 72.39 25.78
N GLN D 650 2.55 71.57 24.92
CA GLN D 650 3.90 71.07 25.10
C GLN D 650 4.64 71.25 23.76
N PRO D 651 5.97 71.44 23.81
CA PRO D 651 6.80 71.72 22.62
C PRO D 651 6.50 70.87 21.38
N MET D 652 6.85 69.59 21.43
CA MET D 652 6.72 68.70 20.27
C MET D 652 5.26 68.62 19.84
N ILE D 653 4.38 68.52 20.83
CA ILE D 653 2.95 68.38 20.55
C ILE D 653 2.38 69.70 20.04
N ASP D 654 2.94 70.83 20.47
CA ASP D 654 2.51 72.11 19.92
C ASP D 654 2.84 72.11 18.44
N GLY D 655 4.05 71.68 18.13
CA GLY D 655 4.47 71.51 16.75
C GLY D 655 3.48 70.69 15.92
N VAL D 656 3.28 69.44 16.30
CA VAL D 656 2.42 68.56 15.50
C VAL D 656 0.95 68.99 15.46
N LEU D 657 0.47 69.58 16.54
CA LEU D 657 -0.90 70.07 16.59
C LEU D 657 -1.04 71.20 15.59
N ASP D 658 -0.01 72.03 15.52
CA ASP D 658 -0.01 73.15 14.58
C ASP D 658 0.03 72.66 13.15
N LYS D 659 0.99 71.80 12.82
CA LYS D 659 1.10 71.30 11.47
C LYS D 659 -0.13 70.50 11.07
N LEU D 660 -0.89 70.02 12.05
CA LEU D 660 -2.13 69.32 11.75
C LEU D 660 -3.29 70.28 11.49
N ALA D 661 -3.67 71.04 12.52
CA ALA D 661 -4.85 71.90 12.46
C ALA D 661 -4.63 73.18 11.65
N GLY D 662 -3.46 73.79 11.81
CA GLY D 662 -3.15 75.07 11.20
C GLY D 662 -2.92 76.12 12.27
N ALA D 663 -3.13 75.71 13.51
CA ALA D 663 -2.99 76.59 14.68
C ALA D 663 -2.55 75.79 15.90
N HIS D 664 -2.01 76.48 16.90
CA HIS D 664 -1.44 75.79 18.04
C HIS D 664 -2.43 75.61 19.18
N SER D 665 -3.35 74.67 19.00
CA SER D 665 -4.26 74.29 20.08
C SER D 665 -4.83 72.90 19.79
N ASP D 666 -5.39 72.26 20.81
CA ASP D 666 -5.97 70.93 20.66
C ASP D 666 -7.08 70.96 19.63
N LEU D 667 -8.00 71.89 19.79
CA LEU D 667 -9.11 72.04 18.85
C LEU D 667 -9.13 73.44 18.24
N VAL D 668 -9.67 73.53 17.03
CA VAL D 668 -9.83 74.83 16.38
C VAL D 668 -11.17 74.87 15.66
N VAL D 669 -11.70 76.07 15.52
CA VAL D 669 -12.93 76.28 14.80
C VAL D 669 -12.70 77.26 13.67
N LYS D 670 -12.75 76.76 12.44
CA LYS D 670 -12.54 77.60 11.26
C LYS D 670 -13.81 78.35 10.87
N VAL D 671 -13.65 79.61 10.48
CA VAL D 671 -14.77 80.48 10.14
C VAL D 671 -14.58 81.08 8.75
N TYR D 672 -14.78 80.26 7.72
CA TYR D 672 -14.51 80.65 6.34
C TYR D 672 -15.30 81.89 5.90
N GLY D 673 -14.75 82.65 4.96
CA GLY D 673 -15.42 83.84 4.46
C GLY D 673 -14.46 84.77 3.75
N ASN D 674 -14.97 85.48 2.75
CA ASN D 674 -14.12 86.36 1.93
C ASN D 674 -13.96 87.75 2.53
N ASP D 675 -14.90 88.14 3.39
CA ASP D 675 -14.81 89.42 4.09
C ASP D 675 -14.24 89.23 5.49
N PHE D 676 -13.37 90.16 5.89
CA PHE D 676 -12.70 90.06 7.18
C PHE D 676 -13.60 90.45 8.35
N ALA D 677 -14.31 91.57 8.22
CA ALA D 677 -15.16 92.08 9.29
C ALA D 677 -16.21 91.07 9.69
N GLU D 678 -16.90 90.51 8.69
CA GLU D 678 -17.92 89.50 8.91
C GLU D 678 -17.37 88.30 9.67
N THR D 679 -16.36 87.66 9.11
CA THR D 679 -15.72 86.50 9.72
C THR D 679 -15.25 86.79 11.13
N ARG D 680 -14.79 88.02 11.37
CA ARG D 680 -14.33 88.42 12.70
C ARG D 680 -15.51 88.52 13.67
N GLN D 681 -16.65 88.98 13.17
CA GLN D 681 -17.86 89.05 14.00
C GLN D 681 -18.33 87.65 14.37
N VAL D 682 -18.46 86.79 13.36
CA VAL D 682 -18.86 85.41 13.58
C VAL D 682 -17.92 84.73 14.58
N ALA D 683 -16.63 84.86 14.34
CA ALA D 683 -15.62 84.27 15.22
C ALA D 683 -15.69 84.85 16.63
N THR D 684 -16.17 86.09 16.75
CA THR D 684 -16.36 86.70 18.05
C THR D 684 -17.45 85.94 18.79
N ALA D 685 -18.58 85.77 18.10
CA ALA D 685 -19.69 84.99 18.65
C ALA D 685 -19.25 83.59 19.06
N ILE D 686 -18.55 82.89 18.17
CA ILE D 686 -18.08 81.54 18.41
C ILE D 686 -17.10 81.50 19.58
N THR D 687 -16.33 82.57 19.73
CA THR D 687 -15.36 82.63 20.81
C THR D 687 -16.04 82.75 22.17
N ARG D 688 -17.01 83.65 22.28
CA ARG D 688 -17.78 83.75 23.53
C ARG D 688 -18.54 82.44 23.80
N LEU D 689 -19.12 81.89 22.74
CA LEU D 689 -19.89 80.64 22.81
C LEU D 689 -19.05 79.48 23.34
N LEU D 690 -17.82 79.34 22.84
CA LEU D 690 -16.93 78.26 23.26
C LEU D 690 -16.32 78.53 24.63
N LYS D 691 -16.09 79.80 24.92
CA LYS D 691 -15.61 80.22 26.23
C LYS D 691 -16.64 79.85 27.28
N THR D 692 -17.92 79.84 26.89
CA THR D 692 -19.00 79.48 27.81
C THR D 692 -18.88 78.07 28.38
N VAL D 693 -18.83 77.08 27.50
CA VAL D 693 -18.81 75.67 27.88
C VAL D 693 -17.76 75.31 28.93
N PRO D 694 -18.17 74.59 29.99
CA PRO D 694 -17.27 74.10 31.02
C PRO D 694 -16.42 72.91 30.57
N GLY D 695 -15.78 73.05 29.42
CA GLY D 695 -14.90 72.02 28.89
C GLY D 695 -13.69 72.60 28.19
N ALA D 696 -13.86 73.79 27.62
CA ALA D 696 -12.78 74.47 26.93
C ALA D 696 -12.02 75.37 27.89
N GLN D 697 -10.79 74.96 28.24
CA GLN D 697 -10.00 75.70 29.22
C GLN D 697 -9.39 76.96 28.64
N ASP D 698 -9.10 76.94 27.35
CA ASP D 698 -8.64 78.16 26.67
C ASP D 698 -9.37 78.35 25.35
N VAL D 699 -9.79 79.59 25.07
CA VAL D 699 -10.48 79.89 23.81
C VAL D 699 -10.14 81.31 23.35
N ILE D 700 -9.66 81.44 22.11
CA ILE D 700 -9.35 82.77 21.57
C ILE D 700 -9.11 82.76 20.06
N ILE D 701 -9.45 83.86 19.40
CA ILE D 701 -9.22 84.01 17.97
C ILE D 701 -7.72 84.05 17.70
N ASP D 702 -7.28 83.30 16.71
CA ASP D 702 -5.85 83.15 16.44
C ASP D 702 -5.25 84.35 15.71
N GLN D 703 -6.03 84.95 14.81
CA GLN D 703 -5.55 86.10 14.04
C GLN D 703 -5.65 87.38 14.85
N GLU D 704 -4.59 88.18 14.82
CA GLU D 704 -4.59 89.47 15.51
C GLU D 704 -5.62 90.38 14.86
N PRO D 705 -6.16 91.35 15.62
CA PRO D 705 -7.09 92.30 15.03
C PRO D 705 -6.41 93.16 13.97
N PRO D 706 -7.20 93.91 13.19
CA PRO D 706 -6.62 94.92 12.31
C PRO D 706 -5.75 95.93 13.08
N LEU D 707 -4.46 95.95 12.78
CA LEU D 707 -3.54 96.89 13.39
C LEU D 707 -3.69 98.23 12.68
N PRO D 708 -3.22 99.31 13.34
CA PRO D 708 -3.15 100.58 12.63
C PRO D 708 -1.91 100.61 11.74
N GLN D 709 -1.87 101.56 10.83
CA GLN D 709 -0.77 101.70 9.89
C GLN D 709 -0.85 103.06 9.23
N VAL D 710 0.30 103.69 9.04
CA VAL D 710 0.35 104.94 8.32
C VAL D 710 0.48 104.62 6.83
N ARG D 711 -0.62 104.84 6.11
CA ARG D 711 -0.75 104.54 4.70
C ARG D 711 -0.41 105.77 3.89
N ILE D 712 0.69 105.69 3.17
CA ILE D 712 1.10 106.75 2.27
C ILE D 712 0.64 106.40 0.87
N ASP D 713 -0.52 106.93 0.49
CA ASP D 713 -1.01 106.82 -0.87
C ASP D 713 -0.31 107.89 -1.71
N VAL D 714 -0.25 107.68 -3.03
CA VAL D 714 0.36 108.67 -3.91
C VAL D 714 -0.66 109.27 -4.87
N ASP D 715 -0.83 110.60 -4.75
CA ASP D 715 -1.73 111.37 -5.61
C ASP D 715 -1.17 111.37 -7.04
N ARG D 716 -1.88 110.70 -7.94
CA ARG D 716 -1.45 110.56 -9.33
C ARG D 716 -1.52 111.89 -10.09
N ALA D 717 -2.73 112.45 -10.19
CA ALA D 717 -2.97 113.68 -10.93
C ALA D 717 -2.13 114.85 -10.44
N ALA D 718 -1.84 114.88 -9.14
CA ALA D 718 -1.02 115.93 -8.57
C ALA D 718 0.44 115.80 -8.99
N ALA D 719 0.97 114.59 -8.88
CA ALA D 719 2.36 114.32 -9.27
C ALA D 719 2.51 114.58 -10.76
N ALA D 720 1.45 114.32 -11.52
CA ALA D 720 1.44 114.61 -12.94
C ALA D 720 1.47 116.11 -13.14
N ARG D 721 0.63 116.82 -12.40
CA ARG D 721 0.56 118.27 -12.47
C ARG D 721 1.79 118.94 -11.84
N LEU D 722 2.73 118.13 -11.37
CA LEU D 722 3.91 118.66 -10.67
C LEU D 722 5.22 117.99 -11.09
N GLY D 723 5.14 117.01 -11.98
CA GLY D 723 6.33 116.32 -12.43
C GLY D 723 7.03 115.56 -11.33
N ILE D 724 6.37 114.52 -10.82
CA ILE D 724 6.93 113.65 -9.79
C ILE D 724 6.59 112.20 -10.13
N ASN D 725 7.53 111.29 -9.92
CA ASN D 725 7.28 109.87 -10.17
C ASN D 725 7.02 109.05 -8.91
N VAL D 726 6.00 108.20 -8.97
CA VAL D 726 5.66 107.26 -7.91
C VAL D 726 6.88 106.48 -7.43
N ALA D 727 7.71 106.09 -8.39
CA ALA D 727 8.96 105.40 -8.10
C ALA D 727 9.80 106.14 -7.07
N ASP D 728 9.92 107.46 -7.24
CA ASP D 728 10.74 108.29 -6.35
C ASP D 728 10.25 108.20 -4.91
N VAL D 729 8.93 108.32 -4.76
CA VAL D 729 8.28 108.20 -3.46
C VAL D 729 8.58 106.85 -2.84
N MET D 730 8.39 105.79 -3.63
CA MET D 730 8.60 104.43 -3.15
C MET D 730 10.04 104.21 -2.72
N ALA D 731 10.96 104.88 -3.41
CA ALA D 731 12.37 104.80 -3.09
C ALA D 731 12.62 105.51 -1.77
N LEU D 732 11.97 106.65 -1.60
CA LEU D 732 12.11 107.41 -0.37
C LEU D 732 11.61 106.62 0.82
N ILE D 733 10.50 105.92 0.65
CA ILE D 733 9.89 105.15 1.73
C ILE D 733 10.73 103.93 2.05
N GLN D 734 11.07 103.18 1.00
CA GLN D 734 11.77 101.91 1.15
C GLN D 734 13.18 102.11 1.68
N THR D 735 13.81 103.21 1.30
CA THR D 735 15.21 103.44 1.65
C THR D 735 15.37 104.50 2.72
N GLY D 736 14.67 105.61 2.56
CA GLY D 736 14.79 106.72 3.50
C GLY D 736 14.01 106.48 4.78
N ILE D 737 12.86 105.85 4.67
CA ILE D 737 12.06 105.54 5.85
C ILE D 737 12.28 104.11 6.28
N GLY D 738 12.02 103.17 5.36
CA GLY D 738 12.20 101.76 5.64
C GLY D 738 13.64 101.39 5.93
N GLY D 739 14.54 101.81 5.05
CA GLY D 739 15.96 101.55 5.22
C GLY D 739 16.41 100.23 4.62
N SER D 740 16.40 100.15 3.29
CA SER D 740 16.87 98.97 2.60
C SER D 740 18.39 98.94 2.58
N PRO D 741 18.98 97.75 2.76
CA PRO D 741 20.44 97.61 2.71
C PRO D 741 20.98 97.90 1.31
N VAL D 742 21.91 98.84 1.22
CA VAL D 742 22.50 99.22 -0.06
C VAL D 742 23.32 98.07 -0.62
N THR D 743 24.34 97.68 0.11
CA THR D 743 25.29 96.69 -0.41
C THR D 743 25.76 95.79 0.73
N GLN D 744 26.81 95.02 0.48
CA GLN D 744 27.36 94.17 1.55
C GLN D 744 28.88 94.18 1.63
N VAL D 745 29.38 94.30 2.86
CA VAL D 745 30.80 94.42 3.14
C VAL D 745 31.31 93.12 3.75
N PHE D 746 32.53 92.72 3.37
CA PHE D 746 33.10 91.49 3.90
C PHE D 746 34.22 91.78 4.88
N VAL D 747 34.33 90.96 5.91
CA VAL D 747 35.43 91.03 6.87
C VAL D 747 35.82 89.59 7.22
N GLU D 748 36.97 89.15 6.73
CA GLU D 748 37.41 87.76 6.90
C GLU D 748 36.44 86.75 6.27
N ASP D 749 35.81 85.94 7.12
CA ASP D 749 34.83 84.94 6.68
C ASP D 749 33.41 85.48 6.92
N ARG D 750 33.34 86.71 7.39
CA ARG D 750 32.10 87.32 7.82
C ARG D 750 31.57 88.34 6.81
N SER D 751 30.27 88.63 6.92
CA SER D 751 29.58 89.48 5.97
C SER D 751 28.56 90.35 6.69
N TYR D 752 28.48 91.62 6.30
CA TYR D 752 27.52 92.55 6.90
C TYR D 752 26.85 93.40 5.83
N ASN D 753 25.72 94.02 6.19
CA ASN D 753 24.94 94.79 5.23
C ASN D 753 25.10 96.30 5.42
N VAL D 754 25.61 96.97 4.39
CA VAL D 754 25.65 98.42 4.38
C VAL D 754 24.28 98.95 3.98
N VAL D 755 23.66 99.67 4.90
CA VAL D 755 22.31 100.18 4.72
C VAL D 755 22.30 101.72 4.75
N ALA D 756 21.46 102.33 3.91
CA ALA D 756 21.29 103.78 3.91
C ALA D 756 19.84 104.13 4.25
N ARG D 757 19.68 105.08 5.16
CA ARG D 757 18.34 105.47 5.59
C ARG D 757 18.37 106.87 6.16
N PHE D 758 17.25 107.60 6.04
CA PHE D 758 17.15 108.96 6.57
C PHE D 758 17.48 109.03 8.05
N ILE D 759 18.01 110.16 8.46
CA ILE D 759 18.61 110.31 9.78
C ILE D 759 17.60 110.19 10.92
N GLY D 760 18.11 109.97 12.13
CA GLY D 760 17.26 109.92 13.31
C GLY D 760 16.58 111.25 13.53
N SER D 761 15.35 111.19 14.05
CA SER D 761 14.50 112.36 14.22
C SER D 761 14.20 113.03 12.89
N SER D 762 13.53 112.29 12.01
CA SER D 762 13.19 112.77 10.67
C SER D 762 11.96 112.08 10.13
N ARG D 763 11.74 110.85 10.59
CA ARG D 763 10.62 110.01 10.15
C ARG D 763 9.82 109.53 11.36
N ASN D 764 9.89 110.28 12.45
CA ASN D 764 9.23 109.94 13.70
C ASN D 764 7.70 109.82 13.64
N ASP D 765 7.04 110.63 12.81
CA ASP D 765 5.59 110.66 12.75
C ASP D 765 5.08 111.23 11.41
N PRO D 766 3.79 111.02 11.09
CA PRO D 766 3.21 111.44 9.81
C PRO D 766 3.52 112.87 9.36
N GLU D 767 3.54 113.83 10.29
CA GLU D 767 3.87 115.20 9.91
C GLU D 767 5.30 115.26 9.37
N ALA D 768 6.23 114.68 10.13
CA ALA D 768 7.64 114.66 9.77
C ALA D 768 7.86 113.98 8.42
N ILE D 769 7.27 112.80 8.26
CA ILE D 769 7.35 112.07 6.99
C ILE D 769 6.83 112.93 5.85
N GLY D 770 5.71 113.61 6.08
CA GLY D 770 5.13 114.50 5.08
C GLY D 770 6.07 115.65 4.76
N ASN D 771 6.95 115.99 5.70
CA ASN D 771 7.92 117.05 5.49
C ASN D 771 9.07 116.64 4.58
N LEU D 772 9.37 115.35 4.52
CA LEU D 772 10.40 114.82 3.63
C LEU D 772 10.12 115.26 2.20
N THR D 773 11.19 115.45 1.43
CA THR D 773 11.05 116.00 0.09
C THR D 773 11.62 115.10 -1.00
N LEU D 774 11.22 115.37 -2.23
CA LEU D 774 11.73 114.66 -3.40
C LEU D 774 12.50 115.62 -4.30
N THR D 775 12.35 115.43 -5.61
CA THR D 775 12.99 116.28 -6.60
C THR D 775 12.20 116.25 -7.92
N ALA D 776 11.46 117.32 -8.18
CA ALA D 776 10.65 117.39 -9.39
C ALA D 776 11.51 117.57 -10.64
N ALA D 777 10.85 117.84 -11.76
CA ALA D 777 11.56 118.13 -13.01
C ALA D 777 12.21 119.51 -12.94
N ASN D 778 11.70 120.34 -12.03
CA ASN D 778 12.28 121.65 -11.76
C ASN D 778 13.58 121.53 -10.97
N GLY D 779 13.77 120.38 -10.35
CA GLY D 779 15.00 120.10 -9.61
C GLY D 779 15.18 120.98 -8.40
N ALA D 780 14.38 120.76 -7.38
CA ALA D 780 14.43 121.56 -6.16
C ALA D 780 13.92 120.82 -4.94
N HIS D 781 12.66 121.08 -4.58
CA HIS D 781 12.06 120.49 -3.41
C HIS D 781 10.55 120.40 -3.55
N VAL D 782 10.01 119.22 -3.26
CA VAL D 782 8.57 119.03 -3.14
C VAL D 782 8.32 118.08 -1.98
N ALA D 783 7.71 118.57 -0.91
CA ALA D 783 7.36 117.71 0.21
C ALA D 783 6.32 116.71 -0.25
N LEU D 784 6.42 115.46 0.20
CA LEU D 784 5.51 114.43 -0.27
C LEU D 784 4.07 114.78 0.11
N ALA D 785 3.94 115.69 1.08
CA ALA D 785 2.65 116.19 1.53
C ALA D 785 1.91 116.93 0.41
N GLN D 786 2.63 117.23 -0.67
CA GLN D 786 2.04 117.92 -1.81
C GLN D 786 1.52 116.97 -2.86
N VAL D 787 2.07 115.76 -2.92
CA VAL D 787 1.69 114.81 -3.96
C VAL D 787 1.30 113.43 -3.41
N ALA D 788 1.21 113.31 -2.09
CA ALA D 788 0.89 112.03 -1.48
C ALA D 788 -0.05 112.19 -0.31
N HIS D 789 -1.07 111.32 -0.23
CA HIS D 789 -1.99 111.35 0.89
C HIS D 789 -1.53 110.42 2.01
N ILE D 790 -1.00 111.02 3.07
CA ILE D 790 -0.43 110.27 4.17
C ILE D 790 -1.41 110.24 5.34
N ARG D 791 -2.04 109.10 5.55
CA ARG D 791 -3.08 109.02 6.56
C ARG D 791 -2.90 107.84 7.50
N LEU D 792 -3.78 107.76 8.49
CA LEU D 792 -3.75 106.67 9.45
C LEU D 792 -4.92 105.75 9.19
N ALA D 793 -4.63 104.60 8.59
CA ALA D 793 -5.66 103.63 8.27
C ALA D 793 -5.43 102.40 9.12
N GLU D 794 -6.31 101.42 9.02
CA GLU D 794 -6.05 100.14 9.66
C GLU D 794 -6.04 99.03 8.61
N GLY D 795 -5.34 97.95 8.91
CA GLY D 795 -5.25 96.85 7.98
C GLY D 795 -5.11 95.54 8.72
N GLU D 796 -5.29 94.42 8.02
CA GLU D 796 -5.18 93.12 8.67
C GLU D 796 -3.75 92.75 8.99
N THR D 797 -3.56 92.11 10.13
CA THR D 797 -2.23 91.73 10.59
C THR D 797 -1.75 90.48 9.89
N THR D 798 -2.58 89.44 9.90
CA THR D 798 -2.29 88.19 9.22
C THR D 798 -3.52 87.69 8.49
N ILE D 799 -3.34 87.18 7.28
CA ILE D 799 -4.46 86.64 6.51
C ILE D 799 -4.28 85.15 6.27
N THR D 800 -5.06 84.34 6.98
CA THR D 800 -4.90 82.90 6.94
C THR D 800 -5.72 82.26 5.82
N ARG D 801 -5.21 82.34 4.60
CA ARG D 801 -5.84 81.69 3.44
C ARG D 801 -5.85 80.16 3.58
N GLU D 802 -7.01 79.57 3.39
CA GLU D 802 -7.18 78.13 3.48
C GLU D 802 -7.66 77.56 2.14
N MET D 803 -6.73 77.04 1.34
CA MET D 803 -7.05 76.51 0.02
C MET D 803 -7.81 77.53 -0.82
N ASN D 804 -7.37 78.79 -0.77
CA ASN D 804 -8.04 79.91 -1.44
C ASN D 804 -9.44 80.19 -0.91
N LYS D 805 -9.72 79.67 0.29
CA LYS D 805 -10.97 79.96 0.99
C LYS D 805 -10.64 80.58 2.34
N ARG D 806 -10.58 81.91 2.38
CA ARG D 806 -10.15 82.65 3.57
C ARG D 806 -11.00 82.35 4.80
N HIS D 807 -10.34 82.05 5.91
CA HIS D 807 -11.03 81.78 7.17
C HIS D 807 -10.40 82.54 8.32
N LEU D 808 -10.87 82.25 9.53
CA LEU D 808 -10.35 82.87 10.73
C LEU D 808 -10.41 81.85 11.87
N THR D 809 -9.25 81.49 12.41
CA THR D 809 -9.17 80.39 13.35
C THR D 809 -9.69 80.79 14.74
N VAL D 810 -10.42 79.88 15.38
CA VAL D 810 -10.84 80.07 16.76
C VAL D 810 -10.25 78.94 17.61
N ARG D 811 -9.10 79.22 18.21
CA ARG D 811 -8.38 78.22 18.98
C ARG D 811 -9.07 77.88 20.28
N LEU D 812 -8.97 76.60 20.67
CA LEU D 812 -9.52 76.14 21.94
C LEU D 812 -8.80 74.89 22.48
N ASN D 813 -8.24 75.02 23.68
CA ASN D 813 -7.67 73.89 24.40
C ASN D 813 -8.60 73.41 25.50
N LEU D 814 -8.80 72.09 25.57
CA LEU D 814 -9.63 71.48 26.59
C LEU D 814 -8.82 70.76 27.67
N ARG D 815 -9.34 70.78 28.89
CA ARG D 815 -8.63 70.22 30.04
C ARG D 815 -9.60 69.73 31.10
N GLY D 816 -9.83 68.42 31.11
CA GLY D 816 -10.76 67.82 32.07
C GLY D 816 -11.78 66.93 31.40
N ARG D 817 -12.80 67.54 30.82
CA ARG D 817 -13.79 66.81 30.04
C ARG D 817 -13.13 66.19 28.82
N ASP D 818 -13.62 65.02 28.40
CA ASP D 818 -13.04 64.32 27.26
C ASP D 818 -13.39 65.00 25.95
N LEU D 819 -13.40 64.23 24.87
CA LEU D 819 -13.70 64.78 23.55
C LEU D 819 -15.16 64.62 23.17
N SER D 820 -15.77 63.49 23.56
CA SER D 820 -17.14 63.21 23.19
C SER D 820 -18.14 64.06 23.97
N THR D 821 -18.00 64.05 25.30
CA THR D 821 -18.86 64.84 26.17
C THR D 821 -18.72 66.33 25.85
N PHE D 822 -17.51 66.75 25.50
CA PHE D 822 -17.26 68.13 25.14
C PHE D 822 -17.88 68.48 23.79
N LEU D 823 -17.41 67.81 22.74
CA LEU D 823 -17.85 68.12 21.38
C LEU D 823 -19.34 67.92 21.18
N GLU D 824 -19.96 67.09 22.01
CA GLU D 824 -21.41 66.94 21.98
C GLU D 824 -22.06 68.31 22.15
N GLU D 825 -21.99 68.85 23.37
CA GLU D 825 -22.55 70.16 23.68
C GLU D 825 -22.00 71.25 22.77
N ALA D 826 -20.69 71.27 22.57
CA ALA D 826 -20.06 72.33 21.77
C ALA D 826 -20.58 72.37 20.34
N ARG D 827 -20.31 71.31 19.58
CA ARG D 827 -20.74 71.22 18.19
C ARG D 827 -22.26 71.32 18.07
N MET D 828 -22.97 70.91 19.11
CA MET D 828 -24.41 71.10 19.15
C MET D 828 -24.74 72.58 19.10
N ARG D 829 -24.24 73.33 20.08
CA ARG D 829 -24.58 74.73 20.23
C ARG D 829 -24.13 75.60 19.05
N ILE D 830 -22.87 75.45 18.65
CA ILE D 830 -22.25 76.36 17.68
C ILE D 830 -23.00 76.55 16.35
N ASP D 831 -23.11 75.48 15.57
CA ASP D 831 -23.68 75.57 14.22
C ASP D 831 -25.18 75.87 14.20
N LYS D 832 -25.75 76.14 15.38
CA LYS D 832 -27.17 76.42 15.49
C LYS D 832 -27.42 77.74 16.24
N GLU D 833 -26.38 78.57 16.33
CA GLU D 833 -26.51 79.90 16.94
C GLU D 833 -25.84 80.96 16.08
N VAL D 834 -25.32 80.54 14.92
CA VAL D 834 -24.60 81.43 14.03
C VAL D 834 -25.49 81.99 12.91
N PRO D 835 -25.46 83.31 12.71
CA PRO D 835 -26.23 84.04 11.69
C PRO D 835 -25.77 83.81 10.25
N TYR D 836 -26.44 82.89 9.57
CA TYR D 836 -26.19 82.62 8.15
C TYR D 836 -26.69 83.81 7.33
N ASP D 837 -26.12 84.05 6.14
CA ASP D 837 -25.09 83.22 5.54
C ASP D 837 -24.07 84.11 4.84
N ARG D 838 -24.55 84.85 3.85
CA ARG D 838 -23.72 85.77 3.07
C ARG D 838 -22.50 85.10 2.44
N THR D 839 -21.37 85.80 2.46
CA THR D 839 -20.14 85.29 1.88
C THR D 839 -19.58 84.12 2.67
N HIS D 840 -19.89 82.91 2.20
CA HIS D 840 -19.45 81.66 2.83
C HIS D 840 -19.99 81.52 4.25
N ILE D 841 -19.10 81.71 5.22
CA ILE D 841 -19.41 81.54 6.65
C ILE D 841 -19.96 80.15 6.97
N GLN D 842 -19.18 79.12 6.66
CA GLN D 842 -19.50 77.78 7.10
C GLN D 842 -18.54 77.38 8.21
N VAL D 843 -19.03 77.42 9.44
CA VAL D 843 -18.23 77.13 10.63
C VAL D 843 -17.79 75.67 10.71
N ALA D 844 -16.52 75.41 10.43
CA ALA D 844 -15.99 74.05 10.45
C ALA D 844 -15.12 73.80 11.67
N TRP D 845 -14.72 72.55 11.86
CA TRP D 845 -13.87 72.17 12.99
C TRP D 845 -12.52 71.61 12.56
N GLY D 846 -11.61 71.50 13.52
CA GLY D 846 -10.30 70.93 13.28
C GLY D 846 -9.61 70.59 14.58
N GLY D 847 -8.52 69.83 14.49
CA GLY D 847 -7.80 69.39 15.67
C GLY D 847 -7.78 67.88 15.73
N GLN D 848 -7.79 67.34 16.95
CA GLN D 848 -7.84 65.89 17.13
C GLN D 848 -9.23 65.33 16.82
N PHE D 849 -10.09 66.18 16.28
CA PHE D 849 -11.45 65.81 15.90
C PHE D 849 -11.49 64.76 14.80
N GLU D 850 -11.11 65.15 13.59
CA GLU D 850 -11.11 64.23 12.46
C GLU D 850 -10.03 63.18 12.63
N ASN D 851 -9.05 63.49 13.48
CA ASN D 851 -8.00 62.55 13.83
C ASN D 851 -8.62 61.35 14.54
N GLN D 852 -9.24 61.63 15.69
CA GLN D 852 -9.94 60.61 16.46
C GLN D 852 -11.00 59.92 15.62
N GLN D 853 -11.71 60.69 14.80
CA GLN D 853 -12.75 60.13 13.94
C GLN D 853 -12.22 59.09 12.96
N ARG D 854 -11.17 59.44 12.22
CA ARG D 854 -10.60 58.51 11.25
C ARG D 854 -9.95 57.31 11.95
N ALA D 855 -9.32 57.57 13.09
CA ALA D 855 -8.70 56.52 13.88
C ALA D 855 -9.73 55.46 14.30
N GLN D 856 -10.77 55.92 14.98
CA GLN D 856 -11.84 55.04 15.43
C GLN D 856 -12.52 54.37 14.23
N ALA D 857 -12.63 55.12 13.14
CA ALA D 857 -13.25 54.60 11.93
C ALA D 857 -12.51 53.36 11.42
N ARG D 858 -11.21 53.50 11.21
CA ARG D 858 -10.41 52.37 10.74
C ARG D 858 -10.36 51.25 11.79
N LEU D 859 -10.33 51.64 13.06
CA LEU D 859 -10.33 50.68 14.16
C LEU D 859 -11.54 49.77 14.06
N ALA D 860 -12.72 50.35 13.94
CA ALA D 860 -13.95 49.60 13.81
C ALA D 860 -14.15 49.10 12.38
N VAL D 861 -13.20 49.39 11.50
CA VAL D 861 -13.20 48.81 10.16
C VAL D 861 -12.51 47.46 10.21
N ILE D 862 -11.40 47.40 10.94
CA ILE D 862 -10.59 46.18 10.98
C ILE D 862 -10.96 45.25 12.14
N LEU D 863 -11.50 45.82 13.22
CA LEU D 863 -11.89 45.03 14.40
C LEU D 863 -12.93 43.92 14.13
N PRO D 864 -13.99 44.22 13.35
CA PRO D 864 -14.93 43.12 13.11
C PRO D 864 -14.40 42.12 12.08
N MET D 865 -13.38 42.52 11.33
CA MET D 865 -12.79 41.65 10.32
C MET D 865 -11.99 40.52 10.96
N VAL D 866 -11.37 40.82 12.09
CA VAL D 866 -10.56 39.82 12.79
C VAL D 866 -11.43 38.83 13.56
N LEU D 867 -12.72 39.15 13.68
CA LEU D 867 -13.67 38.29 14.40
C LEU D 867 -13.91 36.98 13.64
N ALA D 868 -14.31 37.09 12.38
CA ALA D 868 -14.50 35.93 11.53
C ALA D 868 -13.19 35.18 11.34
N LEU D 869 -12.09 35.93 11.35
CA LEU D 869 -10.76 35.34 11.24
C LEU D 869 -10.49 34.45 12.43
N MET D 870 -10.83 34.93 13.62
CA MET D 870 -10.68 34.16 14.84
C MET D 870 -11.96 33.39 15.14
N PHE D 871 -12.76 33.16 14.10
CA PHE D 871 -13.94 32.33 14.20
C PHE D 871 -13.75 31.08 13.34
N VAL D 872 -13.10 31.24 12.20
CA VAL D 872 -12.76 30.10 11.36
C VAL D 872 -11.63 29.32 12.03
N LEU D 873 -10.79 30.02 12.78
CA LEU D 873 -9.76 29.39 13.59
C LEU D 873 -10.38 28.44 14.59
N LEU D 874 -11.42 28.90 15.27
CA LEU D 874 -12.09 28.10 16.30
C LEU D 874 -13.00 27.03 15.71
N PHE D 875 -12.95 26.87 14.39
CA PHE D 875 -13.83 25.93 13.70
C PHE D 875 -13.09 24.64 13.33
N GLN D 883 -19.91 25.33 18.67
CA GLN D 883 -18.70 25.32 19.50
C GLN D 883 -17.90 26.64 19.47
N PRO D 884 -17.60 27.18 18.27
CA PRO D 884 -16.83 28.43 18.28
C PRO D 884 -17.64 29.60 18.80
N ALA D 885 -18.97 29.46 18.78
CA ALA D 885 -19.86 30.55 19.18
C ALA D 885 -19.69 30.97 20.64
N LEU D 886 -19.59 29.99 21.53
CA LEU D 886 -19.47 30.28 22.96
C LEU D 886 -18.11 30.86 23.32
N ILE D 887 -17.06 30.33 22.70
CA ILE D 887 -15.71 30.85 22.92
C ILE D 887 -15.62 32.26 22.38
N LEU D 888 -16.27 32.51 21.25
CA LEU D 888 -16.33 33.84 20.67
C LEU D 888 -17.12 34.76 21.59
N MET D 889 -18.06 34.16 22.32
CA MET D 889 -18.93 34.90 23.24
C MET D 889 -18.25 35.09 24.59
N ALA D 890 -17.09 34.46 24.75
CA ALA D 890 -16.29 34.62 25.96
C ALA D 890 -15.42 35.88 25.87
N VAL D 891 -15.67 36.68 24.84
CA VAL D 891 -14.94 37.93 24.63
C VAL D 891 -15.48 39.13 25.42
N PRO D 892 -16.81 39.39 25.35
CA PRO D 892 -17.30 40.57 26.08
C PRO D 892 -17.23 40.43 27.60
N LEU D 893 -16.79 39.26 28.08
CA LEU D 893 -16.60 39.07 29.52
C LEU D 893 -15.51 39.99 30.02
N ALA D 894 -14.43 40.08 29.25
CA ALA D 894 -13.30 40.92 29.61
C ALA D 894 -13.62 42.40 29.43
N THR D 895 -14.54 42.69 28.52
CA THR D 895 -14.93 44.06 28.21
C THR D 895 -15.35 44.83 29.45
N LEU D 896 -16.29 44.27 30.20
CA LEU D 896 -16.78 44.92 31.41
C LEU D 896 -15.67 45.03 32.45
N GLY D 897 -14.77 44.06 32.43
CA GLY D 897 -13.61 44.07 33.32
C GLY D 897 -12.68 45.24 33.05
N GLY D 898 -12.57 45.61 31.78
CA GLY D 898 -11.78 46.77 31.41
C GLY D 898 -12.55 48.05 31.70
N LEU D 899 -13.86 48.00 31.51
CA LEU D 899 -14.72 49.15 31.74
C LEU D 899 -14.76 49.59 33.20
N VAL D 900 -14.79 48.63 34.11
CA VAL D 900 -14.81 48.96 35.54
C VAL D 900 -13.50 49.63 35.99
N ALA D 901 -12.38 49.16 35.46
CA ALA D 901 -11.08 49.72 35.82
C ALA D 901 -10.88 51.09 35.17
N LEU D 902 -11.41 51.25 33.96
CA LEU D 902 -11.35 52.53 33.28
C LEU D 902 -12.18 53.57 34.02
N HIS D 903 -13.45 53.23 34.27
CA HIS D 903 -14.35 54.08 35.04
C HIS D 903 -13.74 54.42 36.39
N LEU D 904 -13.08 53.44 37.00
CA LEU D 904 -12.41 53.61 38.27
C LEU D 904 -11.37 54.73 38.18
N ARG D 905 -10.52 54.66 37.16
CA ARG D 905 -9.43 55.61 37.00
C ARG D 905 -9.82 56.79 36.11
N GLY D 906 -11.13 56.97 35.91
CA GLY D 906 -11.68 58.11 35.19
C GLY D 906 -11.09 58.34 33.81
N MET D 907 -10.60 57.27 33.21
CA MET D 907 -9.94 57.35 31.91
C MET D 907 -10.95 57.39 30.78
N THR D 908 -10.46 57.26 29.54
CA THR D 908 -11.33 57.31 28.37
C THR D 908 -11.01 56.19 27.39
N LEU D 909 -11.89 55.98 26.43
CA LEU D 909 -11.70 54.95 25.41
C LEU D 909 -10.93 55.53 24.23
N ASN D 910 -9.63 55.73 24.44
CA ASN D 910 -8.76 56.21 23.38
C ASN D 910 -8.12 55.06 22.62
N VAL D 911 -7.31 55.38 21.61
CA VAL D 911 -6.63 54.36 20.82
C VAL D 911 -5.80 53.41 21.70
N SER D 912 -5.16 53.97 22.73
CA SER D 912 -4.35 53.21 23.67
C SER D 912 -5.17 52.10 24.34
N SER D 913 -6.25 52.49 24.99
CA SER D 913 -7.12 51.54 25.66
C SER D 913 -7.75 50.56 24.67
N ALA D 914 -7.95 51.01 23.43
CA ALA D 914 -8.45 50.14 22.38
C ALA D 914 -7.46 49.01 22.10
N VAL D 915 -6.19 49.38 21.99
CA VAL D 915 -5.12 48.40 21.86
C VAL D 915 -5.11 47.49 23.09
N GLY D 916 -5.41 48.07 24.24
CA GLY D 916 -5.51 47.31 25.48
C GLY D 916 -6.57 46.22 25.37
N PHE D 917 -7.71 46.57 24.75
CA PHE D 917 -8.78 45.61 24.54
C PHE D 917 -8.41 44.62 23.44
N ILE D 918 -7.44 45.01 22.61
CA ILE D 918 -6.94 44.09 21.58
C ILE D 918 -6.08 43.00 22.19
N ALA D 919 -5.15 43.39 23.05
CA ALA D 919 -4.34 42.42 23.79
C ALA D 919 -5.25 41.56 24.67
N LEU D 920 -6.20 42.22 25.32
CA LEU D 920 -7.13 41.56 26.22
C LEU D 920 -7.96 40.50 25.49
N PHE D 921 -8.57 40.88 24.38
CA PHE D 921 -9.37 39.96 23.60
C PHE D 921 -8.49 38.87 23.01
N GLY D 922 -7.23 39.21 22.77
CA GLY D 922 -6.26 38.26 22.23
C GLY D 922 -5.92 37.14 23.19
N VAL D 923 -5.71 37.47 24.46
CA VAL D 923 -5.26 36.48 25.44
C VAL D 923 -6.43 35.80 26.19
N ALA D 924 -7.50 36.53 26.42
CA ALA D 924 -8.61 36.04 27.24
C ALA D 924 -9.37 34.88 26.58
N VAL D 925 -9.11 34.65 25.30
CA VAL D 925 -9.75 33.55 24.60
C VAL D 925 -8.96 32.25 24.72
N LEU D 926 -7.65 32.38 24.95
CA LEU D 926 -6.79 31.22 25.14
C LEU D 926 -7.25 30.40 26.34
N ASN D 927 -7.65 31.10 27.40
CA ASN D 927 -8.16 30.44 28.60
C ASN D 927 -9.43 29.65 28.31
N ALA D 928 -10.27 30.18 27.43
CA ALA D 928 -11.48 29.49 27.00
C ALA D 928 -11.12 28.25 26.20
N ILE D 929 -10.19 28.42 25.25
CA ILE D 929 -9.71 27.32 24.42
C ILE D 929 -9.18 26.17 25.26
N ILE D 930 -8.40 26.50 26.29
CA ILE D 930 -7.79 25.49 27.13
C ILE D 930 -8.79 24.90 28.13
N MET D 931 -9.78 25.68 28.54
CA MET D 931 -10.84 25.18 29.39
C MET D 931 -11.93 24.53 28.57
N ILE D 932 -11.68 24.38 27.28
CA ILE D 932 -12.60 23.69 26.38
C ILE D 932 -11.97 22.40 25.86
N ALA D 933 -10.67 22.45 25.58
CA ALA D 933 -9.93 21.30 25.09
C ALA D 933 -9.86 20.23 26.17
N ASN D 934 -9.66 20.66 27.41
CA ASN D 934 -9.65 19.76 28.55
C ASN D 934 -11.06 19.29 28.87
N LEU D 935 -12.04 20.13 28.52
CA LEU D 935 -13.45 19.79 28.73
C LEU D 935 -14.04 19.17 27.46
N LYS D 947 -23.00 15.26 30.59
CA LYS D 947 -23.07 16.63 31.11
C LYS D 947 -22.25 16.77 32.37
N GLU D 948 -21.75 15.65 32.88
CA GLU D 948 -20.92 15.64 34.07
C GLU D 948 -19.45 15.77 33.70
N ALA D 949 -19.20 16.15 32.45
CA ALA D 949 -17.85 16.28 31.94
C ALA D 949 -17.11 17.48 32.52
N VAL D 950 -17.86 18.36 33.19
CA VAL D 950 -17.29 19.57 33.76
C VAL D 950 -16.11 19.26 34.68
N VAL D 951 -16.31 18.35 35.61
CA VAL D 951 -15.26 17.99 36.57
C VAL D 951 -14.18 17.08 35.98
N ARG D 952 -14.26 16.81 34.67
CA ARG D 952 -13.23 16.02 34.01
C ARG D 952 -12.06 16.93 33.65
N GLY D 953 -12.31 18.22 33.71
CA GLY D 953 -11.30 19.19 33.31
C GLY D 953 -11.25 20.43 34.18
N ALA D 954 -12.42 20.94 34.56
CA ALA D 954 -12.52 22.18 35.32
C ALA D 954 -11.65 22.17 36.58
N GLY D 955 -11.89 21.20 37.45
CA GLY D 955 -11.13 21.05 38.66
C GLY D 955 -9.66 20.76 38.39
N GLU D 956 -9.38 20.23 37.20
CA GLU D 956 -8.01 19.92 36.80
C GLU D 956 -7.33 21.12 36.17
N ARG D 957 -8.07 21.85 35.34
CA ARG D 957 -7.51 22.94 34.56
C ARG D 957 -7.55 24.27 35.32
N MET D 958 -8.14 24.26 36.51
CA MET D 958 -8.27 25.48 37.31
C MET D 958 -6.93 26.08 37.73
N ARG D 959 -5.91 25.25 37.87
CA ARG D 959 -4.62 25.72 38.37
C ARG D 959 -3.76 26.49 37.34
N PRO D 960 -3.59 25.94 36.12
CA PRO D 960 -2.81 26.74 35.17
C PRO D 960 -3.57 27.96 34.66
N VAL D 961 -4.90 27.86 34.62
CA VAL D 961 -5.72 28.99 34.20
C VAL D 961 -5.44 30.19 35.08
N LEU D 962 -5.51 30.00 36.39
CA LEU D 962 -5.17 31.07 37.33
C LEU D 962 -3.72 31.49 37.15
N MET D 963 -2.85 30.51 36.93
CA MET D 963 -1.43 30.79 36.77
C MET D 963 -1.17 31.67 35.55
N THR D 964 -1.89 31.40 34.46
CA THR D 964 -1.78 32.23 33.27
C THR D 964 -2.45 33.59 33.47
N ALA D 965 -3.55 33.59 34.22
CA ALA D 965 -4.30 34.81 34.48
C ALA D 965 -3.64 35.63 35.58
N THR D 966 -2.67 35.03 36.27
CA THR D 966 -1.92 35.78 37.27
C THR D 966 -0.74 36.47 36.61
N VAL D 967 0.05 35.71 35.87
CA VAL D 967 1.27 36.24 35.24
C VAL D 967 0.99 37.30 34.18
N ALA D 968 -0.08 37.13 33.41
CA ALA D 968 -0.46 38.11 32.39
C ALA D 968 -0.90 39.42 33.05
N ALA D 969 -1.84 39.31 33.98
CA ALA D 969 -2.32 40.48 34.71
C ALA D 969 -1.43 40.79 35.90
N LEU D 970 -0.13 40.88 35.65
CA LEU D 970 0.83 41.22 36.69
C LEU D 970 2.07 41.82 36.06
N GLY D 971 2.25 41.55 34.77
CA GLY D 971 3.32 42.17 34.01
C GLY D 971 2.92 43.61 33.67
N LEU D 972 1.62 43.82 33.48
CA LEU D 972 1.11 45.13 33.15
C LEU D 972 0.73 45.91 34.40
N ILE D 973 0.84 45.28 35.55
CA ILE D 973 0.55 45.97 36.81
C ILE D 973 1.56 47.09 37.13
N PRO D 974 2.88 46.82 37.02
CA PRO D 974 3.79 47.95 37.18
C PRO D 974 3.62 48.98 36.06
N ALA D 975 3.08 48.55 34.92
CA ALA D 975 2.77 49.45 33.81
C ALA D 975 1.42 50.09 34.02
N ALA D 976 0.82 49.85 35.19
CA ALA D 976 -0.40 50.53 35.58
C ALA D 976 -0.07 51.66 36.55
N LEU D 977 1.21 51.79 36.88
CA LEU D 977 1.67 52.85 37.76
C LEU D 977 2.04 54.10 36.97
N ALA D 978 1.55 55.26 37.45
CA ALA D 978 1.84 56.54 36.83
C ALA D 978 3.24 57.01 37.19
N HIS D 979 3.41 58.33 37.25
CA HIS D 979 4.68 58.97 37.58
C HIS D 979 5.78 58.71 36.54
N GLY D 980 6.67 59.67 36.37
CA GLY D 980 7.78 59.51 35.44
C GLY D 980 7.35 59.61 34.00
N LEU D 981 8.20 60.25 33.20
CA LEU D 981 7.90 60.46 31.79
C LEU D 981 8.05 59.16 31.01
N GLY D 982 7.02 58.80 30.26
CA GLY D 982 7.07 57.64 29.39
C GLY D 982 6.11 56.52 29.74
N SER D 983 5.13 56.83 30.60
CA SER D 983 4.17 55.82 31.02
C SER D 983 2.77 56.21 30.58
N ASP D 984 2.64 57.44 30.12
CA ASP D 984 1.34 58.01 29.80
C ASP D 984 0.59 57.21 28.74
N VAL D 985 1.32 56.63 27.80
CA VAL D 985 0.70 55.87 26.73
C VAL D 985 0.39 54.44 27.15
N GLN D 986 1.32 53.82 27.89
CA GLN D 986 1.24 52.41 28.24
C GLN D 986 0.19 52.11 29.29
N ARG D 987 -0.06 53.08 30.16
CA ARG D 987 -0.99 52.89 31.27
C ARG D 987 -2.41 52.43 30.88
N PRO D 988 -3.06 53.13 29.93
CA PRO D 988 -4.42 52.73 29.54
C PRO D 988 -4.53 51.32 28.95
N LEU D 989 -3.42 50.72 28.52
CA LEU D 989 -3.46 49.33 28.11
C LEU D 989 -3.49 48.43 29.34
N ALA D 990 -2.74 48.83 30.36
CA ALA D 990 -2.68 48.07 31.61
C ALA D 990 -4.04 48.09 32.30
N THR D 991 -4.63 49.28 32.40
CA THR D 991 -5.93 49.46 33.05
C THR D 991 -7.00 48.58 32.41
N VAL D 992 -6.90 48.39 31.11
CA VAL D 992 -7.86 47.54 30.40
C VAL D 992 -7.54 46.07 30.60
N VAL D 993 -6.27 45.70 30.37
CA VAL D 993 -5.86 44.31 30.38
C VAL D 993 -5.99 43.65 31.75
N VAL D 994 -5.44 44.28 32.78
CA VAL D 994 -5.46 43.67 34.11
C VAL D 994 -6.87 43.53 34.68
N GLY D 995 -7.59 44.65 34.74
CA GLY D 995 -8.96 44.67 35.24
C GLY D 995 -9.87 43.78 34.42
N GLY D 996 -9.63 43.74 33.11
CA GLY D 996 -10.38 42.86 32.24
C GLY D 996 -10.13 41.41 32.61
N LEU D 997 -8.85 41.06 32.73
CA LEU D 997 -8.45 39.68 33.02
C LEU D 997 -8.97 39.17 34.35
N ILE D 998 -8.97 40.03 35.37
CA ILE D 998 -9.43 39.60 36.69
C ILE D 998 -10.89 39.14 36.70
N THR D 999 -11.79 39.98 36.19
CA THR D 999 -13.20 39.62 36.14
C THR D 999 -13.47 38.52 35.12
N ALA D 1000 -12.88 38.65 33.94
CA ALA D 1000 -13.09 37.67 32.87
C ALA D 1000 -12.63 36.28 33.26
N THR D 1001 -11.56 36.20 34.03
CA THR D 1001 -11.07 34.92 34.54
C THR D 1001 -11.99 34.44 35.66
N ALA D 1002 -12.32 35.35 36.58
CA ALA D 1002 -13.22 35.02 37.69
C ALA D 1002 -14.59 34.56 37.19
N LEU D 1003 -14.87 34.77 35.91
CA LEU D 1003 -16.15 34.37 35.34
C LEU D 1003 -16.02 33.20 34.35
N THR D 1004 -14.86 33.06 33.72
CA THR D 1004 -14.68 32.01 32.71
C THR D 1004 -14.67 30.62 33.32
N LEU D 1005 -14.36 30.54 34.60
CA LEU D 1005 -14.35 29.26 35.30
C LEU D 1005 -15.65 29.08 36.08
N VAL D 1006 -16.70 29.78 35.66
CA VAL D 1006 -18.00 29.71 36.32
C VAL D 1006 -19.15 29.56 35.33
N LEU D 1007 -19.32 30.55 34.46
CA LEU D 1007 -20.43 30.56 33.52
C LEU D 1007 -20.16 29.80 32.22
N LEU D 1008 -18.88 29.65 31.88
CA LEU D 1008 -18.51 28.90 30.67
C LEU D 1008 -18.68 27.38 30.82
N PRO D 1009 -18.19 26.79 31.93
CA PRO D 1009 -18.45 25.36 32.09
C PRO D 1009 -19.94 25.08 32.34
N ALA D 1010 -20.65 26.09 32.84
CA ALA D 1010 -22.08 25.99 33.02
C ALA D 1010 -22.80 26.28 31.71
N LEU D 1011 -22.01 26.56 30.67
CA LEU D 1011 -22.55 26.78 29.34
C LEU D 1011 -22.16 25.62 28.42
N TYR D 1012 -21.17 24.85 28.84
CA TYR D 1012 -20.72 23.69 28.07
C TYR D 1012 -21.58 22.47 28.38
N TYR D 1013 -22.27 22.49 29.51
CA TYR D 1013 -23.20 21.40 29.84
C TYR D 1013 -24.60 21.71 29.31
N LEU D 1014 -24.74 22.87 28.69
CA LEU D 1014 -25.98 23.27 28.05
C LEU D 1014 -25.81 23.34 26.53
N ILE D 1015 -25.17 22.31 25.96
CA ILE D 1015 -25.03 22.22 24.50
C ILE D 1015 -25.45 20.84 23.98
N GLU D 1016 -26.20 20.83 22.88
CA GLU D 1016 -26.61 19.61 22.19
C GLU D 1016 -27.30 18.60 23.11
N THR D 1017 -27.79 19.08 24.25
CA THR D 1017 -28.51 18.26 25.21
C THR D 1017 -29.85 18.91 25.52
N ARG D 1018 -30.01 20.16 25.11
CA ARG D 1018 -31.27 20.87 25.27
C ARG D 1018 -32.04 20.93 23.95
N ARG E 4 19.47 11.59 1.22
CA ARG E 4 18.05 11.92 1.16
C ARG E 4 17.51 11.84 -0.28
N LEU E 5 18.08 12.66 -1.15
CA LEU E 5 17.60 12.79 -2.53
C LEU E 5 18.31 11.87 -3.51
N VAL E 6 19.07 10.91 -2.97
CA VAL E 6 19.83 10.00 -3.81
C VAL E 6 18.97 8.82 -4.25
N THR E 7 17.72 8.80 -3.78
CA THR E 7 16.82 7.71 -4.10
C THR E 7 16.04 7.98 -5.40
N LEU E 8 15.57 9.20 -5.57
CA LEU E 8 14.78 9.57 -6.74
C LEU E 8 15.64 9.87 -7.97
N CYS E 9 16.88 10.30 -7.73
CA CYS E 9 17.77 10.74 -8.80
C CYS E 9 18.07 9.64 -9.82
N PHE E 10 18.46 8.48 -9.33
CA PHE E 10 18.85 7.36 -10.19
C PHE E 10 17.69 6.88 -11.05
N ASN E 11 16.47 7.10 -10.57
CA ASN E 11 15.28 6.72 -11.33
C ASN E 11 14.79 7.89 -12.19
N ARG E 12 15.33 9.07 -11.93
CA ARG E 12 14.97 10.27 -12.66
C ARG E 12 16.10 10.67 -13.60
N ARG E 13 17.05 9.74 -13.78
CA ARG E 13 18.28 9.99 -14.53
C ARG E 13 18.07 10.71 -15.86
N GLY E 14 17.20 10.18 -16.71
CA GLY E 14 16.91 10.80 -17.99
C GLY E 14 16.35 12.20 -17.80
N ILE E 15 15.42 12.33 -16.85
CA ILE E 15 14.75 13.59 -16.59
C ILE E 15 15.70 14.65 -16.02
N VAL E 16 16.46 14.28 -15.00
CA VAL E 16 17.42 15.21 -14.40
C VAL E 16 18.48 15.62 -15.42
N ALA E 17 18.91 14.67 -16.25
CA ALA E 17 19.87 14.97 -17.30
C ALA E 17 19.31 15.97 -18.29
N LEU E 18 18.07 15.75 -18.72
CA LEU E 18 17.42 16.65 -19.67
C LEU E 18 17.25 18.06 -19.11
N VAL E 19 16.66 18.16 -17.93
CA VAL E 19 16.47 19.46 -17.31
C VAL E 19 17.81 20.14 -17.06
N PHE E 20 18.86 19.35 -16.88
CA PHE E 20 20.21 19.90 -16.76
C PHE E 20 20.73 20.40 -18.09
N ALA E 21 20.28 19.79 -19.19
CA ALA E 21 20.62 20.29 -20.51
C ALA E 21 19.93 21.64 -20.72
N MET E 22 18.69 21.74 -20.26
CA MET E 22 17.94 22.98 -20.39
C MET E 22 18.56 24.10 -19.55
N VAL E 23 18.96 23.77 -18.32
CA VAL E 23 19.61 24.76 -17.45
C VAL E 23 21.01 25.09 -17.97
N ALA E 24 21.58 24.21 -18.78
CA ALA E 24 22.86 24.49 -19.44
C ALA E 24 22.65 25.51 -20.54
N LEU E 25 21.58 25.32 -21.32
CA LEU E 25 21.21 26.28 -22.36
C LEU E 25 20.95 27.67 -21.76
N TYR E 26 20.15 27.70 -20.70
CA TYR E 26 19.85 28.96 -20.02
C TYR E 26 21.10 29.51 -19.33
N GLY E 27 22.05 28.62 -19.03
CA GLY E 27 23.29 29.02 -18.39
C GLY E 27 24.18 29.78 -19.35
N TRP E 28 24.45 29.19 -20.50
CA TRP E 28 25.22 29.84 -21.55
C TRP E 28 24.54 31.14 -21.98
N TYR E 29 23.21 31.09 -22.13
CA TYR E 29 22.45 32.29 -22.46
C TYR E 29 22.64 33.38 -21.40
N ALA E 30 22.58 32.98 -20.13
CA ALA E 30 22.74 33.90 -19.01
C ALA E 30 24.11 34.57 -19.03
N TRP E 31 25.17 33.76 -19.11
CA TRP E 31 26.52 34.30 -19.16
C TRP E 31 26.70 35.21 -20.37
N LYS E 32 25.98 34.91 -21.45
CA LYS E 32 26.03 35.75 -22.65
C LYS E 32 25.36 37.11 -22.41
N GLN E 33 25.03 37.40 -21.15
CA GLN E 33 24.34 38.65 -20.81
C GLN E 33 24.77 39.22 -19.45
N LEU E 34 26.03 39.02 -19.08
CA LEU E 34 26.57 39.64 -17.88
C LEU E 34 27.54 40.77 -18.22
N PRO E 35 27.33 41.96 -17.63
CA PRO E 35 28.17 43.12 -17.89
C PRO E 35 29.63 42.86 -17.53
N LEU E 36 30.51 42.94 -18.52
CA LEU E 36 31.93 42.68 -18.29
C LEU E 36 32.59 43.83 -17.54
N GLU E 37 33.39 43.47 -16.53
CA GLU E 37 34.18 44.44 -15.79
C GLU E 37 35.61 43.94 -15.66
N ALA E 38 36.53 44.66 -16.29
CA ALA E 38 37.94 44.33 -16.24
C ALA E 38 38.57 45.11 -15.09
N TYR E 39 37.88 46.17 -14.69
CA TYR E 39 38.34 47.02 -13.59
C TYR E 39 37.09 47.66 -13.00
N PRO E 40 36.59 47.09 -11.90
CA PRO E 40 35.35 47.54 -11.26
C PRO E 40 35.47 48.95 -10.71
N ASP E 41 34.35 49.65 -10.62
CA ASP E 41 34.33 51.01 -10.10
C ASP E 41 34.69 51.06 -8.61
N ILE E 42 35.99 51.12 -8.35
CA ILE E 42 36.53 51.22 -6.99
C ILE E 42 36.01 52.47 -6.27
N ALA E 43 35.83 53.54 -7.02
CA ALA E 43 35.51 54.86 -6.48
C ALA E 43 34.25 54.91 -5.61
N ASP E 44 34.28 55.78 -4.60
CA ASP E 44 33.10 56.01 -3.78
C ASP E 44 32.27 57.15 -4.36
N THR E 45 31.02 57.26 -3.92
CA THR E 45 30.10 58.23 -4.48
C THR E 45 30.49 59.66 -4.10
N THR E 46 30.74 60.48 -5.12
CA THR E 46 31.20 61.85 -4.91
C THR E 46 30.75 62.77 -6.02
N SER E 47 30.52 64.03 -5.68
CA SER E 47 30.26 65.03 -6.68
C SER E 47 30.87 66.35 -6.25
N GLN E 48 31.30 67.15 -7.20
CA GLN E 48 31.94 68.42 -6.87
C GLN E 48 31.22 69.57 -7.55
N VAL E 49 31.17 70.72 -6.88
CA VAL E 49 30.57 71.91 -7.46
C VAL E 49 31.63 72.90 -7.95
N VAL E 50 31.51 73.28 -9.21
CA VAL E 50 32.52 74.11 -9.86
C VAL E 50 31.99 75.50 -10.20
N THR E 51 32.64 76.53 -9.66
CA THR E 51 32.32 77.90 -10.04
C THR E 51 33.50 78.52 -10.77
N GLN E 52 33.35 78.67 -12.08
CA GLN E 52 34.45 79.11 -12.94
C GLN E 52 34.34 80.60 -13.26
N VAL E 53 35.16 81.41 -12.60
CA VAL E 53 35.15 82.85 -12.79
C VAL E 53 36.47 83.34 -13.38
N ASN E 54 36.55 83.37 -14.71
CA ASN E 54 37.78 83.74 -15.41
C ASN E 54 38.19 85.18 -15.19
N GLY E 55 39.44 85.38 -14.75
CA GLY E 55 39.97 86.71 -14.55
C GLY E 55 40.35 86.99 -13.12
N LEU E 56 39.55 86.49 -12.19
CA LEU E 56 39.69 86.78 -10.75
C LEU E 56 40.84 86.04 -10.07
N ALA E 57 41.46 86.69 -9.10
CA ALA E 57 42.51 86.09 -8.30
C ALA E 57 41.97 85.11 -7.25
N ALA E 58 42.87 84.43 -6.56
CA ALA E 58 42.52 83.33 -5.66
C ALA E 58 41.98 83.77 -4.30
N GLU E 59 42.47 84.90 -3.80
CA GLU E 59 41.98 85.41 -2.53
C GLU E 59 40.54 85.88 -2.69
N GLU E 60 40.25 86.48 -3.84
CA GLU E 60 38.92 86.97 -4.15
C GLU E 60 37.96 85.81 -4.38
N VAL E 61 38.45 84.78 -5.07
CA VAL E 61 37.69 83.56 -5.28
C VAL E 61 37.34 82.89 -3.96
N GLU E 62 38.34 82.75 -3.08
CA GLU E 62 38.14 82.03 -1.83
C GLU E 62 37.29 82.81 -0.85
N GLN E 63 37.43 84.13 -0.85
CA GLN E 63 36.69 84.95 0.09
C GLN E 63 35.25 85.23 -0.35
N GLN E 64 35.06 85.38 -1.67
CA GLN E 64 33.77 85.80 -2.20
C GLN E 64 32.91 84.72 -2.87
N ILE E 65 33.51 83.59 -3.18
CA ILE E 65 32.78 82.53 -3.89
C ILE E 65 32.81 81.17 -3.18
N THR E 66 34.00 80.73 -2.77
CA THR E 66 34.14 79.43 -2.11
C THR E 66 33.35 79.37 -0.81
N ILE E 67 33.70 80.25 0.13
CA ILE E 67 33.05 80.27 1.44
C ILE E 67 31.52 80.45 1.43
N PRO E 68 30.99 81.37 0.59
CA PRO E 68 29.53 81.47 0.51
C PRO E 68 28.86 80.19 0.03
N LEU E 69 29.53 79.42 -0.80
CA LEU E 69 29.00 78.14 -1.28
C LEU E 69 29.07 77.09 -0.19
N GLU E 70 30.29 76.79 0.27
CA GLU E 70 30.50 75.77 1.29
C GLU E 70 29.70 76.05 2.56
N ARG E 71 29.31 77.32 2.73
CA ARG E 71 28.40 77.74 3.79
C ARG E 71 27.17 76.85 3.81
N GLU E 72 26.39 76.93 2.74
CA GLU E 72 25.16 76.16 2.63
C GLU E 72 25.44 74.70 2.34
N ILE E 73 26.47 74.44 1.54
CA ILE E 73 26.76 73.06 1.12
C ILE E 73 27.14 72.19 2.31
N MET E 74 27.61 72.81 3.39
CA MET E 74 27.97 72.06 4.60
C MET E 74 26.83 71.18 5.17
N GLY E 75 25.61 71.70 5.18
CA GLY E 75 24.51 70.99 5.82
C GLY E 75 23.78 69.96 4.97
N VAL E 76 24.52 69.06 4.34
CA VAL E 76 23.86 68.01 3.55
C VAL E 76 23.92 66.65 4.21
N PRO E 77 22.81 65.89 4.13
CA PRO E 77 22.76 64.50 4.59
C PRO E 77 23.61 63.61 3.70
N GLY E 78 24.11 62.51 4.25
CA GLY E 78 24.91 61.58 3.49
C GLY E 78 26.35 62.02 3.28
N MET E 79 26.58 63.33 3.41
CA MET E 79 27.90 63.91 3.22
C MET E 79 28.94 63.28 4.13
N HIS E 80 29.94 62.64 3.52
CA HIS E 80 31.03 62.05 4.28
C HIS E 80 32.09 63.12 4.49
N VAL E 81 32.89 63.38 3.46
CA VAL E 81 33.98 64.33 3.62
C VAL E 81 33.82 65.52 2.68
N MET E 82 34.14 66.69 3.17
CA MET E 82 34.06 67.89 2.35
C MET E 82 35.42 68.58 2.20
N ARG E 83 35.76 68.90 0.96
CA ARG E 83 37.04 69.55 0.64
C ARG E 83 36.80 70.67 -0.35
N SER E 84 37.75 71.59 -0.47
CA SER E 84 37.60 72.67 -1.45
C SER E 84 38.94 73.26 -1.90
N LYS E 85 39.03 73.58 -3.19
CA LYS E 85 40.20 74.25 -3.72
C LYS E 85 39.81 75.54 -4.42
N SER E 86 40.41 76.62 -3.92
CA SER E 86 40.13 77.96 -4.36
C SER E 86 41.38 78.53 -5.02
N THR E 87 41.23 78.96 -6.27
CA THR E 87 42.37 79.50 -7.00
C THR E 87 41.95 80.48 -8.09
N PHE E 88 42.94 81.16 -8.66
CA PHE E 88 42.73 82.07 -9.77
C PHE E 88 41.90 81.38 -10.84
N GLY E 89 40.71 81.92 -11.08
CA GLY E 89 39.85 81.40 -12.11
C GLY E 89 38.65 80.62 -11.59
N LEU E 90 38.77 80.01 -10.41
CA LEU E 90 37.67 79.17 -9.94
C LEU E 90 37.68 78.77 -8.47
N SER E 91 36.49 78.35 -8.02
CA SER E 91 36.31 77.70 -6.74
C SER E 91 35.64 76.36 -6.98
N LEU E 92 36.36 75.27 -6.71
CA LEU E 92 35.71 73.96 -6.82
C LEU E 92 35.72 73.19 -5.52
N ILE E 93 34.51 72.77 -5.11
CA ILE E 93 34.32 72.09 -3.84
C ILE E 93 34.06 70.62 -4.10
N THR E 94 34.91 69.74 -3.60
CA THR E 94 34.68 68.32 -3.74
C THR E 94 33.91 67.76 -2.53
N VAL E 95 32.78 67.11 -2.80
CA VAL E 95 32.01 66.49 -1.73
C VAL E 95 31.86 64.99 -1.91
N VAL E 96 32.32 64.23 -0.93
CA VAL E 96 32.17 62.78 -0.96
C VAL E 96 31.15 62.32 0.09
N PHE E 97 30.42 61.26 -0.26
CA PHE E 97 29.35 60.74 0.57
C PHE E 97 29.72 59.40 1.21
N LYS E 98 28.89 58.94 2.14
CA LYS E 98 29.14 57.68 2.82
C LYS E 98 28.66 56.53 1.94
N ASP E 99 29.05 55.31 2.28
CA ASP E 99 28.57 54.13 1.56
C ASP E 99 27.07 54.00 1.74
N GLY E 100 26.38 53.61 0.67
CA GLY E 100 24.93 53.50 0.70
C GLY E 100 24.29 54.83 0.38
N ALA E 101 24.99 55.64 -0.40
CA ALA E 101 24.45 56.91 -0.88
C ALA E 101 24.35 56.87 -2.40
N GLU E 102 23.13 56.83 -2.92
CA GLU E 102 22.91 56.72 -4.37
C GLU E 102 23.24 58.03 -5.09
N ASP E 103 23.83 57.92 -6.27
CA ASP E 103 24.36 59.07 -7.00
C ASP E 103 23.35 60.18 -7.26
N TYR E 104 22.26 59.87 -7.96
CA TYR E 104 21.28 60.89 -8.31
C TYR E 104 20.62 61.54 -7.11
N TRP E 105 20.48 60.76 -6.04
CA TRP E 105 19.96 61.29 -4.78
C TRP E 105 20.89 62.37 -4.28
N SER E 106 22.15 61.99 -4.11
CA SER E 106 23.20 62.88 -3.62
C SER E 106 23.35 64.14 -4.46
N ARG E 107 23.55 63.94 -5.76
CA ARG E 107 23.71 65.06 -6.68
C ARG E 107 22.47 65.95 -6.68
N GLN E 108 21.31 65.36 -6.45
CA GLN E 108 20.11 66.15 -6.29
C GLN E 108 20.18 67.00 -5.02
N ARG E 109 20.71 66.44 -3.94
CA ARG E 109 20.83 67.19 -2.68
C ARG E 109 21.81 68.35 -2.79
N LEU E 110 22.99 68.05 -3.33
CA LEU E 110 23.99 69.07 -3.58
C LEU E 110 23.40 70.15 -4.47
N GLN E 111 22.63 69.72 -5.47
CA GLN E 111 21.90 70.66 -6.32
C GLN E 111 20.97 71.56 -5.50
N GLU E 112 20.26 70.96 -4.54
CA GLU E 112 19.36 71.69 -3.67
C GLU E 112 20.13 72.78 -2.94
N ARG E 113 21.33 72.44 -2.48
CA ARG E 113 22.12 73.39 -1.68
C ARG E 113 22.85 74.50 -2.44
N ILE E 114 23.38 74.19 -3.62
CA ILE E 114 24.19 75.17 -4.34
C ILE E 114 23.42 76.35 -4.96
N ASN E 115 22.12 76.16 -5.22
CA ASN E 115 21.34 77.23 -5.85
C ASN E 115 20.52 78.08 -4.88
N GLY E 116 20.34 79.35 -5.24
CA GLY E 116 19.67 80.30 -4.37
C GLY E 116 20.64 81.33 -3.83
N VAL E 117 21.79 81.46 -4.48
CA VAL E 117 22.85 82.36 -4.03
C VAL E 117 23.01 83.55 -4.97
N PRO E 125 27.43 78.87 -11.01
CA PRO E 125 27.84 77.57 -10.49
C PRO E 125 27.25 76.41 -11.29
N SER E 126 28.14 75.62 -11.90
CA SER E 126 27.73 74.39 -12.56
C SER E 126 27.78 73.25 -11.56
N LEU E 127 28.12 72.05 -12.03
CA LEU E 127 28.20 70.87 -11.18
C LEU E 127 28.97 69.77 -11.92
N ASP E 128 29.66 68.94 -11.14
CA ASP E 128 30.43 67.83 -11.68
C ASP E 128 29.59 66.99 -12.65
N PRO E 129 30.16 66.70 -13.83
CA PRO E 129 29.61 65.64 -14.70
C PRO E 129 29.54 64.34 -13.90
N LEU E 130 28.45 63.59 -14.04
CA LEU E 130 28.29 62.37 -13.27
C LEU E 130 29.18 61.25 -13.79
N THR E 131 30.43 61.25 -13.34
CA THR E 131 31.42 60.26 -13.74
C THR E 131 32.37 59.92 -12.62
N SER E 132 32.76 58.64 -12.55
CA SER E 132 33.77 58.18 -11.62
C SER E 132 35.14 58.51 -12.17
N PRO E 133 36.14 58.62 -11.28
CA PRO E 133 37.53 58.85 -11.69
C PRO E 133 38.10 57.76 -12.60
N ILE E 134 37.35 56.68 -12.80
CA ILE E 134 37.74 55.64 -13.73
C ILE E 134 36.91 55.73 -15.01
N GLY E 135 36.17 56.83 -15.14
CA GLY E 135 35.27 57.02 -16.25
C GLY E 135 35.90 57.64 -17.48
N GLU E 136 37.14 58.12 -17.34
CA GLU E 136 37.85 58.72 -18.46
C GLU E 136 38.33 57.64 -19.44
N ILE E 137 37.39 57.08 -20.21
CA ILE E 137 37.63 55.82 -20.92
C ILE E 137 38.33 55.92 -22.28
N TYR E 138 38.18 57.04 -22.98
CA TYR E 138 38.71 57.17 -24.33
C TYR E 138 39.37 58.52 -24.55
N ARG E 139 40.69 58.54 -24.55
CA ARG E 139 41.44 59.75 -24.82
C ARG E 139 41.91 59.78 -26.26
N TYR E 140 41.56 60.85 -26.98
CA TYR E 140 41.95 60.95 -28.38
C TYR E 140 42.58 62.31 -28.61
N THR E 141 43.20 62.48 -29.77
CA THR E 141 43.65 63.78 -30.22
C THR E 141 43.18 63.99 -31.65
N LEU E 142 43.23 65.24 -32.11
CA LEU E 142 42.93 65.56 -33.48
C LEU E 142 44.23 65.73 -34.26
N VAL E 143 44.62 64.69 -35.00
CA VAL E 143 45.83 64.74 -35.79
C VAL E 143 45.58 65.23 -37.21
N SER E 144 46.49 66.08 -37.71
CA SER E 144 46.44 66.56 -39.08
C SER E 144 47.79 67.15 -39.47
N LYS E 145 48.13 67.05 -40.74
CA LYS E 145 49.39 67.58 -41.23
C LYS E 145 49.18 68.96 -41.87
N THR E 146 48.00 69.15 -42.46
CA THR E 146 47.70 70.38 -43.18
C THR E 146 46.98 71.43 -42.31
N ARG E 147 46.01 70.98 -41.53
CA ARG E 147 45.19 71.91 -40.73
C ARG E 147 45.93 72.50 -39.55
N ASP E 148 45.65 73.77 -39.28
CA ASP E 148 46.24 74.48 -38.15
C ASP E 148 45.45 74.19 -36.89
N LEU E 149 45.93 74.68 -35.75
CA LEU E 149 45.32 74.39 -34.47
C LEU E 149 43.93 75.01 -34.31
N ARG E 150 43.67 76.14 -34.96
CA ARG E 150 42.36 76.78 -34.89
C ARG E 150 41.31 75.93 -35.59
N GLU E 151 41.63 75.48 -36.81
CA GLU E 151 40.75 74.60 -37.56
C GLU E 151 40.46 73.34 -36.76
N LEU E 152 41.50 72.80 -36.15
CA LEU E 152 41.36 71.61 -35.31
C LEU E 152 40.46 71.88 -34.10
N SER E 153 40.55 73.10 -33.57
CA SER E 153 39.75 73.46 -32.40
C SER E 153 38.28 73.59 -32.74
N GLU E 154 37.98 74.26 -33.84
CA GLU E 154 36.59 74.39 -34.28
C GLU E 154 36.02 73.02 -34.65
N LEU E 155 36.85 72.17 -35.23
CA LEU E 155 36.43 70.81 -35.57
C LEU E 155 36.11 70.02 -34.32
N GLN E 156 36.92 70.22 -33.30
CA GLN E 156 36.69 69.60 -32.02
C GLN E 156 35.36 70.06 -31.43
N PHE E 157 35.15 71.37 -31.49
CA PHE E 157 34.03 72.01 -30.82
C PHE E 157 32.67 71.72 -31.46
N TRP E 158 32.62 71.77 -32.79
CA TRP E 158 31.32 71.79 -33.46
C TRP E 158 30.96 70.51 -34.23
N LYS E 159 31.83 69.51 -34.13
CA LYS E 159 31.59 68.24 -34.80
C LYS E 159 31.98 67.05 -33.92
N VAL E 160 33.23 67.01 -33.50
CA VAL E 160 33.77 65.88 -32.76
C VAL E 160 33.05 65.65 -31.45
N ILE E 161 33.12 66.65 -30.58
CA ILE E 161 32.48 66.57 -29.28
C ILE E 161 30.96 66.33 -29.34
N PRO E 162 30.22 67.12 -30.13
CA PRO E 162 28.77 66.85 -30.20
C PRO E 162 28.46 65.41 -30.59
N ARG E 163 29.14 64.93 -31.63
CA ARG E 163 28.96 63.57 -32.10
C ARG E 163 29.27 62.57 -30.99
N LEU E 164 30.40 62.78 -30.31
CA LEU E 164 30.80 61.93 -29.19
C LEU E 164 29.74 61.91 -28.11
N LYS E 165 29.09 63.05 -27.92
CA LYS E 165 28.08 63.19 -26.89
C LYS E 165 26.72 62.60 -27.30
N GLN E 166 26.56 62.31 -28.58
CA GLN E 166 25.38 61.59 -29.03
C GLN E 166 25.38 60.15 -28.52
N VAL E 167 26.56 59.61 -28.24
CA VAL E 167 26.70 58.22 -27.77
C VAL E 167 26.01 58.01 -26.42
N ALA E 168 25.20 56.96 -26.31
CA ALA E 168 24.51 56.69 -25.07
C ALA E 168 25.45 56.07 -24.06
N GLY E 169 25.65 56.77 -22.94
CA GLY E 169 26.53 56.29 -21.88
C GLY E 169 27.67 57.23 -21.57
N VAL E 170 27.96 58.15 -22.48
CA VAL E 170 28.99 59.14 -22.20
C VAL E 170 28.36 60.41 -21.65
N VAL E 171 28.68 60.72 -20.39
CA VAL E 171 28.07 61.85 -19.72
C VAL E 171 28.59 63.18 -20.28
N ASP E 172 29.87 63.24 -20.61
CA ASP E 172 30.43 64.44 -21.23
C ASP E 172 31.79 64.18 -21.88
N VAL E 173 32.25 65.15 -22.65
CA VAL E 173 33.55 65.07 -23.29
C VAL E 173 34.39 66.25 -22.82
N ALA E 174 35.50 65.93 -22.17
CA ALA E 174 36.43 66.95 -21.70
C ALA E 174 37.30 67.42 -22.85
N ASN E 175 37.63 68.71 -22.85
CA ASN E 175 38.53 69.23 -23.87
C ASN E 175 39.77 69.81 -23.21
N PHE E 176 40.93 69.62 -23.85
CA PHE E 176 42.16 70.20 -23.35
C PHE E 176 43.05 70.62 -24.53
N GLY E 177 43.46 71.88 -24.54
CA GLY E 177 44.32 72.39 -25.60
C GLY E 177 43.55 73.25 -26.57
N GLY E 178 43.92 73.17 -27.84
CA GLY E 178 43.22 73.90 -28.89
C GLY E 178 43.22 75.40 -28.72
N LEU E 179 42.45 76.09 -29.56
CA LEU E 179 42.32 77.53 -29.49
C LEU E 179 40.85 77.94 -29.65
N THR E 180 40.31 78.61 -28.64
CA THR E 180 38.96 79.14 -28.74
C THR E 180 38.98 80.47 -29.49
N THR E 181 38.07 80.66 -30.43
CA THR E 181 38.04 81.87 -31.25
C THR E 181 37.17 82.95 -30.62
N GLN E 182 37.72 84.15 -30.50
CA GLN E 182 36.96 85.29 -29.99
C GLN E 182 37.00 86.48 -30.93
N PHE E 183 36.00 87.32 -30.82
CA PHE E 183 35.98 88.59 -31.52
C PHE E 183 36.70 89.59 -30.63
N MET E 184 37.58 90.39 -31.21
CA MET E 184 38.45 91.27 -30.44
C MET E 184 38.21 92.75 -30.75
N LEU E 185 38.17 93.53 -29.69
CA LEU E 185 38.09 94.98 -29.79
C LEU E 185 39.29 95.54 -29.06
N GLU E 186 40.35 95.85 -29.80
CA GLU E 186 41.61 96.27 -29.21
C GLU E 186 41.69 97.79 -29.06
N PHE E 187 41.03 98.31 -28.02
CA PHE E 187 41.01 99.74 -27.76
C PHE E 187 42.38 100.31 -27.42
N ASP E 188 42.58 101.59 -27.73
CA ASP E 188 43.76 102.31 -27.28
C ASP E 188 43.23 103.46 -26.45
N PRO E 189 43.41 103.41 -25.12
CA PRO E 189 42.78 104.30 -24.14
C PRO E 189 42.95 105.77 -24.47
N VAL E 190 44.01 106.11 -25.19
CA VAL E 190 44.27 107.48 -25.62
C VAL E 190 43.06 108.07 -26.34
N MET E 191 42.49 107.29 -27.26
CA MET E 191 41.31 107.73 -28.00
C MET E 191 40.03 107.41 -27.21
N LEU E 192 40.07 107.62 -25.90
CA LEU E 192 38.91 107.39 -25.05
C LEU E 192 38.80 108.48 -23.98
N TYR E 195 37.12 111.68 -23.51
CA TYR E 195 35.95 111.81 -24.37
C TYR E 195 34.70 111.45 -23.58
N ASN E 196 34.90 111.19 -22.29
CA ASN E 196 33.82 110.76 -21.40
C ASN E 196 33.03 109.55 -21.87
N ILE E 197 33.50 108.90 -22.93
CA ILE E 197 32.95 107.62 -23.33
C ILE E 197 33.59 106.57 -22.42
N SER E 198 32.83 106.12 -21.43
CA SER E 198 33.36 105.24 -20.40
C SER E 198 33.76 103.86 -20.93
N LEU E 199 34.64 103.20 -20.19
CA LEU E 199 35.07 101.85 -20.51
C LEU E 199 33.91 100.89 -20.20
N ASN E 200 32.93 101.38 -19.47
CA ASN E 200 31.72 100.62 -19.22
C ASN E 200 30.58 101.08 -20.14
N GLN E 201 30.68 102.31 -20.62
CA GLN E 201 29.69 102.82 -21.57
C GLN E 201 29.73 102.04 -22.86
N ILE E 202 30.92 101.81 -23.39
CA ILE E 202 31.09 101.07 -24.63
C ILE E 202 30.58 99.63 -24.52
N THR E 203 30.96 98.95 -23.45
CA THR E 203 30.56 97.55 -23.24
C THR E 203 29.06 97.42 -22.94
N GLN E 204 28.45 98.50 -22.46
CA GLN E 204 27.01 98.50 -22.22
C GLN E 204 26.29 98.91 -23.50
N ALA E 205 27.03 99.51 -24.43
CA ALA E 205 26.47 99.94 -25.69
C ALA E 205 26.29 98.76 -26.63
N ILE E 206 27.39 98.05 -26.90
CA ILE E 206 27.35 97.03 -27.94
C ILE E 206 26.80 95.70 -27.43
N SER E 207 26.46 95.67 -26.15
CA SER E 207 25.79 94.50 -25.59
C SER E 207 24.28 94.63 -25.80
N GLU E 208 23.86 95.76 -26.32
CA GLU E 208 22.42 96.06 -26.43
C GLU E 208 21.89 96.13 -27.87
N ASN E 209 22.77 96.31 -28.84
CA ASN E 209 22.34 96.27 -30.24
C ASN E 209 22.70 94.96 -30.93
N ASN E 210 22.37 93.86 -30.26
CA ASN E 210 22.52 92.52 -30.81
C ASN E 210 21.31 91.66 -30.42
N ALA E 211 20.14 92.04 -30.94
CA ALA E 211 18.91 91.36 -30.59
C ALA E 211 17.84 91.54 -31.66
N ASN E 212 17.44 90.44 -32.29
CA ASN E 212 16.39 90.49 -33.29
C ASN E 212 15.03 90.78 -32.71
N ALA E 213 14.06 91.08 -33.57
CA ALA E 213 12.73 91.43 -33.11
C ALA E 213 11.68 90.74 -33.97
N GLY E 214 10.45 90.71 -33.48
CA GLY E 214 9.35 90.08 -34.18
C GLY E 214 8.07 90.86 -33.94
N GLY E 215 7.62 91.58 -34.95
CA GLY E 215 6.45 92.44 -34.82
C GLY E 215 5.11 91.77 -34.96
N SER E 216 5.06 90.47 -34.62
CA SER E 216 3.84 89.68 -34.72
C SER E 216 3.30 89.65 -36.15
N ILE E 217 2.00 89.48 -36.29
CA ILE E 217 1.40 89.28 -37.61
C ILE E 217 0.73 90.51 -38.22
N LEU E 218 1.20 90.91 -39.39
CA LEU E 218 0.54 91.95 -40.19
C LEU E 218 -0.40 91.30 -41.18
N ASN E 219 -1.66 91.69 -41.12
CA ASN E 219 -2.67 91.15 -42.01
C ASN E 219 -2.85 92.01 -43.25
N ARG E 220 -2.39 91.51 -44.38
CA ARG E 220 -2.55 92.20 -45.65
C ARG E 220 -3.49 91.41 -46.54
N GLY E 221 -4.77 91.43 -46.19
CA GLY E 221 -5.78 90.69 -46.92
C GLY E 221 -6.16 89.41 -46.22
N GLU E 222 -6.08 88.28 -46.93
CA GLU E 222 -6.35 86.98 -46.33
C GLU E 222 -5.05 86.33 -45.86
N GLN E 223 -3.94 87.04 -46.00
CA GLN E 223 -2.65 86.55 -45.53
C GLN E 223 -2.18 87.28 -44.28
N GLY E 224 -1.27 86.66 -43.56
CA GLY E 224 -0.76 87.22 -42.32
C GLY E 224 0.72 86.97 -42.17
N LEU E 225 1.51 87.99 -42.52
CA LEU E 225 2.96 87.86 -42.59
C LEU E 225 3.57 88.20 -41.23
N VAL E 226 4.49 87.39 -40.75
CA VAL E 226 5.15 87.74 -39.50
C VAL E 226 6.20 88.78 -39.78
N VAL E 227 6.49 89.63 -38.80
CA VAL E 227 7.50 90.67 -38.98
C VAL E 227 8.87 90.22 -38.46
N ARG E 228 9.88 90.33 -39.31
CA ARG E 228 11.23 89.91 -38.97
C ARG E 228 12.17 91.11 -38.82
N GLY E 229 12.44 91.48 -37.56
CA GLY E 229 13.47 92.47 -37.28
C GLY E 229 14.80 91.76 -37.18
N VAL E 230 15.84 92.35 -37.75
CA VAL E 230 17.16 91.73 -37.72
C VAL E 230 18.21 92.69 -37.17
N GLY E 231 18.70 92.42 -35.97
CA GLY E 231 19.67 93.29 -35.33
C GLY E 231 20.99 92.62 -34.97
N LEU E 232 21.02 91.30 -35.07
CA LEU E 232 22.21 90.51 -34.73
C LEU E 232 23.44 90.94 -35.52
N ILE E 233 24.57 91.07 -34.83
CA ILE E 233 25.83 91.32 -35.50
C ILE E 233 26.33 90.01 -36.11
N ARG E 234 26.62 90.03 -37.40
CA ARG E 234 27.01 88.82 -38.09
C ARG E 234 28.53 88.65 -38.18
N ASN E 235 29.26 89.75 -38.07
CA ASN E 235 30.69 89.72 -38.28
C ASN E 235 31.39 91.01 -37.87
N LEU E 236 32.70 91.04 -38.10
CA LEU E 236 33.53 92.20 -37.77
C LEU E 236 32.99 93.50 -38.35
N ASP E 237 32.34 93.38 -39.51
CA ASP E 237 31.78 94.54 -40.18
C ASP E 237 30.67 95.17 -39.35
N ASP E 238 29.72 94.35 -38.90
CA ASP E 238 28.63 94.87 -38.08
C ASP E 238 29.18 95.29 -36.73
N LEU E 239 30.38 94.78 -36.41
CA LEU E 239 31.07 95.12 -35.18
C LEU E 239 31.74 96.47 -35.31
N GLY E 240 32.65 96.59 -36.27
CA GLY E 240 33.42 97.81 -36.47
C GLY E 240 32.64 99.03 -36.92
N ASN E 241 31.32 99.02 -36.74
CA ASN E 241 30.46 100.14 -37.10
C ASN E 241 29.26 100.30 -36.17
N ILE E 242 29.52 100.31 -34.87
CA ILE E 242 28.46 100.43 -33.87
C ILE E 242 28.47 101.82 -33.20
N VAL E 243 27.28 102.38 -33.01
CA VAL E 243 27.13 103.72 -32.45
C VAL E 243 27.45 103.77 -30.95
N VAL E 244 28.46 104.57 -30.60
CA VAL E 244 28.89 104.75 -29.22
C VAL E 244 27.76 105.21 -28.30
N ASP E 256 35.61 103.58 -36.40
CA ASP E 256 37.05 103.56 -36.70
C ASP E 256 37.84 103.07 -35.49
N LEU E 257 38.41 104.03 -34.75
CA LEU E 257 39.14 103.76 -33.50
C LEU E 257 40.28 102.77 -33.69
N GLY E 258 40.47 101.89 -32.69
CA GLY E 258 41.50 100.88 -32.75
C GLY E 258 41.04 99.63 -33.49
N ARG E 259 41.87 98.60 -33.46
CA ARG E 259 41.58 97.38 -34.23
C ARG E 259 40.32 96.68 -33.76
N VAL E 260 39.60 96.09 -34.72
CA VAL E 260 38.53 95.17 -34.42
C VAL E 260 38.78 93.88 -35.22
N VAL E 261 39.30 92.86 -34.54
CA VAL E 261 39.86 91.70 -35.22
C VAL E 261 39.36 90.37 -34.65
N LEU E 262 40.09 89.29 -34.93
CA LEU E 262 39.83 87.99 -34.32
C LEU E 262 40.88 87.71 -33.25
N GLY E 263 40.69 86.63 -32.48
CA GLY E 263 41.64 86.28 -31.44
C GLY E 263 41.24 85.13 -30.53
N ASN E 264 42.14 84.80 -29.60
CA ASN E 264 41.91 83.76 -28.62
C ASN E 264 42.10 84.28 -27.20
N PRO E 265 41.22 83.89 -26.28
CA PRO E 265 41.29 84.34 -24.88
C PRO E 265 42.46 83.74 -24.13
N GLN E 266 42.68 84.20 -22.90
CA GLN E 266 43.72 83.66 -22.05
C GLN E 266 43.52 82.15 -21.88
N ARG E 267 44.51 81.40 -22.36
CA ARG E 267 44.40 79.95 -22.48
C ARG E 267 44.37 79.24 -21.14
N HIS E 268 43.62 78.14 -21.09
CA HIS E 268 43.46 77.35 -19.86
C HIS E 268 44.59 76.35 -19.69
N GLY E 269 45.29 76.07 -20.77
CA GLY E 269 46.38 75.12 -20.74
C GLY E 269 46.95 74.80 -22.11
N ILE E 270 47.88 73.86 -22.15
CA ILE E 270 48.49 73.43 -23.41
C ILE E 270 48.64 71.91 -23.41
N LEU E 271 48.39 71.29 -24.56
CA LEU E 271 48.62 69.86 -24.70
C LEU E 271 49.83 69.60 -25.58
N GLY E 272 50.61 68.58 -25.22
CA GLY E 272 51.77 68.20 -25.99
C GLY E 272 51.81 66.72 -26.30
N MET E 273 52.16 66.38 -27.54
CA MET E 273 52.31 64.99 -27.95
C MET E 273 53.81 64.70 -28.09
N ASP E 274 54.14 63.56 -28.68
CA ASP E 274 55.52 63.22 -28.96
C ASP E 274 56.13 64.21 -29.95
N ARG E 275 56.93 65.13 -29.42
CA ARG E 275 57.62 66.17 -30.21
C ARG E 275 56.72 67.30 -30.73
N ASN E 276 55.44 67.00 -30.95
CA ASN E 276 54.46 68.04 -31.29
C ASN E 276 53.90 68.72 -30.03
N PRO E 277 54.25 70.00 -29.84
CA PRO E 277 54.08 70.67 -28.55
C PRO E 277 52.77 71.42 -28.38
N ASP E 278 51.88 71.37 -29.37
CA ASP E 278 50.70 72.23 -29.31
C ASP E 278 49.53 71.68 -30.12
N THR E 279 48.92 70.63 -29.61
CA THR E 279 47.76 70.02 -30.26
C THR E 279 46.49 70.14 -29.40
N ILE E 280 45.55 69.21 -29.59
CA ILE E 280 44.27 69.26 -28.91
C ILE E 280 43.77 67.86 -28.56
N GLN E 281 43.22 67.69 -27.36
CA GLN E 281 42.74 66.38 -26.93
C GLN E 281 41.33 66.40 -26.34
N GLY E 282 40.69 65.25 -26.40
CA GLY E 282 39.38 65.07 -25.81
C GLY E 282 39.35 63.84 -24.91
N ILE E 283 38.61 63.94 -23.82
CA ILE E 283 38.54 62.85 -22.84
C ILE E 283 37.09 62.40 -22.66
N THR E 284 36.78 61.18 -23.11
CA THR E 284 35.42 60.68 -23.01
C THR E 284 35.12 60.28 -21.57
N LEU E 285 34.11 60.90 -20.98
CA LEU E 285 33.73 60.64 -19.59
C LEU E 285 32.54 59.68 -19.49
N LEU E 286 32.82 58.47 -19.04
CA LEU E 286 31.79 57.45 -18.87
C LEU E 286 30.79 57.86 -17.78
N LEU E 287 29.52 57.83 -18.12
CA LEU E 287 28.44 58.08 -17.15
C LEU E 287 28.51 57.05 -16.04
N LYS E 288 28.31 57.49 -14.81
CA LYS E 288 28.38 56.64 -13.61
C LYS E 288 27.59 55.34 -13.74
N ASN E 289 28.13 54.27 -13.17
CA ASN E 289 27.46 52.97 -13.08
C ASN E 289 27.28 52.20 -14.40
N GLU E 290 27.31 52.91 -15.52
CA GLU E 290 27.20 52.26 -16.84
C GLU E 290 28.41 51.37 -17.14
N ASN E 291 28.21 50.35 -17.97
CA ASN E 291 29.26 49.39 -18.26
C ASN E 291 30.17 49.85 -19.40
N PRO E 292 31.46 50.07 -19.09
CA PRO E 292 32.48 50.61 -20.00
C PRO E 292 32.50 50.00 -21.41
N SER E 293 32.44 48.68 -21.55
CA SER E 293 32.48 48.04 -22.86
C SER E 293 31.25 48.38 -23.71
N VAL E 294 30.09 48.39 -23.08
CA VAL E 294 28.83 48.69 -23.75
C VAL E 294 28.86 50.07 -24.40
N VAL E 295 29.21 51.08 -23.60
CA VAL E 295 29.32 52.44 -24.10
C VAL E 295 30.44 52.53 -25.13
N MET E 296 31.52 51.81 -24.86
CA MET E 296 32.72 51.85 -25.70
C MET E 296 32.46 51.36 -27.13
N GLU E 297 31.56 50.39 -27.27
CA GLU E 297 31.14 49.95 -28.60
C GLU E 297 30.57 51.14 -29.37
N GLY E 298 29.63 51.83 -28.74
CA GLY E 298 29.01 53.00 -29.34
C GLY E 298 30.02 54.08 -29.64
N VAL E 299 31.00 54.24 -28.76
CA VAL E 299 32.01 55.27 -28.94
C VAL E 299 32.90 54.94 -30.14
N HIS E 300 33.16 53.66 -30.32
CA HIS E 300 33.90 53.20 -31.49
C HIS E 300 33.14 53.52 -32.76
N ALA E 301 31.85 53.16 -32.77
CA ALA E 301 30.98 53.53 -33.89
C ALA E 301 31.03 55.03 -34.20
N ALA E 302 30.86 55.87 -33.18
CA ALA E 302 30.91 57.32 -33.35
C ALA E 302 32.25 57.79 -33.92
N VAL E 303 33.34 57.22 -33.41
CA VAL E 303 34.68 57.61 -33.84
C VAL E 303 34.90 57.26 -35.30
N ARG E 304 34.49 56.06 -35.70
CA ARG E 304 34.61 55.65 -37.10
C ARG E 304 33.72 56.48 -38.01
N ASP E 305 32.53 56.84 -37.54
CA ASP E 305 31.65 57.73 -38.28
C ASP E 305 32.30 59.10 -38.49
N LEU E 306 32.94 59.62 -37.45
CA LEU E 306 33.62 60.90 -37.56
C LEU E 306 34.73 60.81 -38.59
N ASN E 307 35.59 59.80 -38.44
CA ASN E 307 36.75 59.67 -39.30
C ASN E 307 36.43 59.39 -40.76
N ASP E 308 35.40 58.57 -40.98
CA ASP E 308 35.02 58.17 -42.33
C ASP E 308 34.26 59.25 -43.07
N ASN E 309 33.27 59.84 -42.42
CA ASN E 309 32.35 60.74 -43.10
C ASN E 309 32.32 62.19 -42.60
N ILE E 310 32.10 62.37 -41.30
CA ILE E 310 31.91 63.72 -40.76
C ILE E 310 33.13 64.65 -40.93
N LEU E 311 34.27 64.25 -40.37
CA LEU E 311 35.47 65.08 -40.45
C LEU E 311 36.01 65.18 -41.87
N PRO E 312 36.65 66.32 -42.18
CA PRO E 312 37.39 66.44 -43.44
C PRO E 312 38.48 65.40 -43.44
N LYS E 313 38.82 64.87 -44.60
CA LYS E 313 39.93 63.96 -44.71
C LYS E 313 41.20 64.76 -44.43
N ASP E 314 42.30 64.05 -44.19
CA ASP E 314 43.58 64.67 -43.81
C ASP E 314 43.48 65.28 -42.41
N VAL E 315 42.43 64.89 -41.70
CA VAL E 315 42.25 65.21 -40.28
C VAL E 315 41.55 64.04 -39.61
N LYS E 316 42.27 63.29 -38.78
CA LYS E 316 41.68 62.15 -38.09
C LYS E 316 41.67 62.29 -36.57
N VAL E 317 40.64 61.75 -35.93
CA VAL E 317 40.61 61.64 -34.48
C VAL E 317 41.23 60.30 -34.10
N VAL E 318 42.31 60.34 -33.34
CA VAL E 318 43.02 59.12 -33.00
C VAL E 318 43.34 59.00 -31.52
N PRO E 319 42.98 57.86 -30.92
CA PRO E 319 43.14 57.63 -29.48
C PRO E 319 44.55 57.27 -29.08
N TYR E 320 44.83 57.41 -27.78
CA TYR E 320 46.10 56.96 -27.21
C TYR E 320 45.82 56.18 -25.92
N ILE E 321 44.60 56.34 -25.41
CA ILE E 321 44.13 55.54 -24.28
C ILE E 321 42.72 55.03 -24.53
N ASP E 322 42.56 53.72 -24.41
CA ASP E 322 41.30 53.05 -24.73
C ASP E 322 41.05 51.93 -23.72
N ARG E 323 39.98 52.05 -22.94
CA ARG E 323 39.66 51.04 -21.92
C ARG E 323 39.52 49.64 -22.53
N SER E 324 39.14 49.60 -23.81
CA SER E 324 39.00 48.35 -24.55
C SER E 324 40.30 47.55 -24.56
N ASN E 325 41.44 48.24 -24.52
CA ASN E 325 42.72 47.55 -24.49
C ASN E 325 42.88 46.81 -23.17
N LEU E 326 42.55 47.49 -22.08
CA LEU E 326 42.61 46.89 -20.76
C LEU E 326 41.65 45.72 -20.65
N VAL E 327 40.47 45.87 -21.25
CA VAL E 327 39.49 44.78 -21.25
C VAL E 327 40.00 43.59 -22.05
N ASP E 328 40.56 43.85 -23.23
CA ASP E 328 41.12 42.81 -24.07
C ASP E 328 42.21 42.03 -23.34
N ALA E 329 43.10 42.77 -22.67
CA ALA E 329 44.21 42.14 -21.96
C ALA E 329 43.75 41.36 -20.73
N THR E 330 42.78 41.91 -20.01
CA THR E 330 42.25 41.23 -18.83
C THR E 330 41.52 39.97 -19.23
N VAL E 331 40.78 40.05 -20.32
CA VAL E 331 40.10 38.88 -20.87
C VAL E 331 41.10 37.82 -21.32
N HIS E 332 42.18 38.27 -21.97
CA HIS E 332 43.21 37.37 -22.43
C HIS E 332 43.89 36.64 -21.27
N THR E 333 44.23 37.40 -20.23
CA THR E 333 44.95 36.84 -19.09
C THR E 333 44.07 35.95 -18.21
N VAL E 334 42.88 36.44 -17.88
CA VAL E 334 41.93 35.65 -17.10
C VAL E 334 41.54 34.39 -17.84
N GLY E 335 41.35 34.52 -19.15
CA GLY E 335 41.05 33.38 -20.00
C GLY E 335 42.20 32.39 -20.02
N LYS E 336 43.42 32.90 -20.08
CA LYS E 336 44.63 32.07 -20.05
C LYS E 336 44.65 31.27 -18.76
N THR E 337 44.45 31.97 -17.65
CA THR E 337 44.45 31.37 -16.33
C THR E 337 43.38 30.29 -16.17
N LEU E 338 42.13 30.62 -16.50
CA LEU E 338 41.02 29.68 -16.37
C LEU E 338 41.19 28.47 -17.27
N MET E 339 41.68 28.69 -18.48
CA MET E 339 41.92 27.58 -19.41
C MET E 339 43.00 26.65 -18.86
N GLU E 340 44.13 27.23 -18.48
CA GLU E 340 45.24 26.45 -17.93
C GLU E 340 44.82 25.69 -16.67
N GLY E 341 44.00 26.34 -15.84
CA GLY E 341 43.55 25.75 -14.60
C GLY E 341 42.61 24.59 -14.84
N MET E 342 41.66 24.80 -15.74
CA MET E 342 40.70 23.75 -16.09
C MET E 342 41.41 22.53 -16.68
N PHE E 343 42.28 22.76 -17.67
CA PHE E 343 42.97 21.66 -18.31
C PHE E 343 43.94 20.95 -17.37
N LEU E 344 44.58 21.70 -16.49
CA LEU E 344 45.53 21.10 -15.55
C LEU E 344 44.81 20.30 -14.48
N VAL E 345 43.67 20.79 -14.04
CA VAL E 345 42.85 20.06 -13.07
C VAL E 345 42.33 18.77 -13.69
N SER E 346 41.86 18.86 -14.92
CA SER E 346 41.40 17.69 -15.66
C SER E 346 42.55 16.70 -15.84
N LEU E 347 43.74 17.23 -16.06
CA LEU E 347 44.93 16.41 -16.21
C LEU E 347 45.23 15.64 -14.93
N VAL E 348 45.19 16.34 -13.80
CA VAL E 348 45.43 15.70 -12.51
C VAL E 348 44.39 14.63 -12.24
N LEU E 349 43.14 14.92 -12.56
CA LEU E 349 42.07 13.93 -12.43
C LEU E 349 42.38 12.69 -13.24
N LEU E 350 42.68 12.87 -14.52
CA LEU E 350 43.00 11.76 -15.41
C LEU E 350 44.15 10.92 -14.86
N LEU E 351 45.22 11.61 -14.47
CA LEU E 351 46.42 10.97 -13.93
C LEU E 351 46.12 10.13 -12.70
N PHE E 352 45.41 10.73 -11.74
CA PHE E 352 45.08 10.04 -10.49
C PHE E 352 44.04 8.95 -10.71
N LEU E 353 43.35 9.01 -11.83
CA LEU E 353 42.26 8.07 -12.10
C LEU E 353 42.66 7.00 -13.12
N GLY E 354 43.05 7.43 -14.31
CA GLY E 354 43.46 6.51 -15.35
C GLY E 354 42.39 6.27 -16.40
N SER E 355 41.13 6.48 -16.01
CA SER E 355 40.00 6.26 -16.92
C SER E 355 39.46 7.58 -17.47
N PRO E 356 39.56 7.77 -18.79
CA PRO E 356 39.13 9.00 -19.46
C PRO E 356 37.65 9.31 -19.24
N ARG E 357 36.82 8.27 -19.27
CA ARG E 357 35.38 8.42 -19.13
C ARG E 357 35.02 9.04 -17.78
N ALA E 358 35.68 8.56 -16.73
CA ALA E 358 35.42 9.04 -15.37
C ALA E 358 36.01 10.44 -15.16
N ALA E 359 37.26 10.61 -15.57
CA ALA E 359 37.92 11.91 -15.45
C ALA E 359 37.10 13.00 -16.12
N ILE E 360 36.56 12.69 -17.30
CA ILE E 360 35.71 13.63 -18.01
C ILE E 360 34.36 13.80 -17.31
N ILE E 361 33.76 12.71 -16.86
CA ILE E 361 32.46 12.79 -16.20
C ILE E 361 32.51 13.55 -14.88
N VAL E 362 33.71 13.72 -14.34
CA VAL E 362 33.90 14.56 -13.16
C VAL E 362 34.24 15.97 -13.58
N ALA E 363 35.08 16.09 -14.61
CA ALA E 363 35.51 17.39 -15.11
C ALA E 363 34.34 18.24 -15.61
N VAL E 364 33.32 17.58 -16.14
CA VAL E 364 32.16 18.27 -16.67
C VAL E 364 31.29 18.88 -15.58
N THR E 365 31.62 18.59 -14.32
CA THR E 365 30.95 19.22 -13.19
C THR E 365 31.34 20.69 -13.17
N ILE E 366 32.56 20.97 -13.61
CA ILE E 366 33.10 22.32 -13.60
C ILE E 366 32.27 23.30 -14.44
N PRO E 367 32.16 23.09 -15.76
CA PRO E 367 31.45 24.11 -16.52
C PRO E 367 29.95 24.06 -16.26
N LEU E 368 29.46 22.93 -15.79
CA LEU E 368 28.05 22.78 -15.48
C LEU E 368 27.68 23.56 -14.22
N SER E 369 28.48 23.41 -13.18
CA SER E 369 28.28 24.17 -11.95
C SER E 369 28.60 25.63 -12.19
N LEU E 370 29.46 25.89 -13.17
CA LEU E 370 29.81 27.26 -13.54
C LEU E 370 28.62 27.93 -14.21
N LEU E 371 27.97 27.21 -15.11
CA LEU E 371 26.77 27.71 -15.77
C LEU E 371 25.65 27.93 -14.76
N MET E 372 25.58 27.05 -13.76
CA MET E 372 24.59 27.19 -12.69
C MET E 372 24.80 28.48 -11.93
N ALA E 373 26.07 28.85 -11.77
CA ALA E 373 26.42 30.07 -11.05
C ALA E 373 25.99 31.29 -11.85
N PHE E 374 26.20 31.25 -13.16
CA PHE E 374 25.92 32.39 -14.02
C PHE E 374 24.47 32.86 -13.97
N ILE E 375 23.55 31.92 -14.15
CA ILE E 375 22.11 32.21 -14.08
C ILE E 375 21.74 32.77 -12.70
N LEU E 376 22.32 32.20 -11.66
CA LEU E 376 22.13 32.73 -10.31
C LEU E 376 22.66 34.15 -10.20
N MET E 377 23.75 34.44 -10.92
CA MET E 377 24.31 35.78 -10.96
C MET E 377 23.48 36.71 -11.86
N HIS E 378 22.72 36.12 -12.77
CA HIS E 378 21.90 36.90 -13.70
C HIS E 378 20.76 37.61 -12.97
N HIS E 379 19.87 36.84 -12.38
CA HIS E 379 18.71 37.40 -11.68
C HIS E 379 19.10 38.18 -10.43
N PHE E 380 20.28 37.89 -9.91
CA PHE E 380 20.82 38.64 -8.78
C PHE E 380 21.56 39.89 -9.27
N LYS E 381 21.67 40.02 -10.59
CA LYS E 381 22.30 41.17 -11.24
C LYS E 381 23.77 41.36 -10.86
N ILE E 382 24.40 40.29 -10.38
CA ILE E 382 25.81 40.34 -9.99
C ILE E 382 26.70 40.37 -11.23
N PRO E 383 27.60 41.37 -11.30
CA PRO E 383 28.44 41.58 -12.48
C PRO E 383 29.54 40.55 -12.59
N ALA E 384 30.06 40.34 -13.79
CA ALA E 384 31.18 39.44 -14.01
C ALA E 384 32.50 40.20 -13.88
N ASN E 385 32.81 40.63 -12.67
CA ASN E 385 34.10 41.27 -12.40
C ASN E 385 35.21 40.26 -12.64
N LEU E 386 35.84 40.35 -13.81
CA LEU E 386 36.81 39.36 -14.28
C LEU E 386 37.94 39.07 -13.30
N LEU E 387 38.23 40.02 -12.42
CA LEU E 387 39.28 39.85 -11.43
C LEU E 387 38.86 38.86 -10.35
N SER E 388 37.61 38.95 -9.90
CA SER E 388 37.10 38.06 -8.88
C SER E 388 36.78 36.68 -9.46
N LEU E 389 36.79 36.57 -10.78
CA LEU E 389 36.43 35.33 -11.44
C LEU E 389 37.66 34.56 -11.91
N GLY E 390 38.71 35.29 -12.29
CA GLY E 390 39.96 34.66 -12.61
C GLY E 390 40.48 33.93 -11.39
N ALA E 391 40.12 34.43 -10.21
CA ALA E 391 40.61 33.89 -8.95
C ALA E 391 39.74 32.75 -8.41
N ILE E 392 39.19 31.95 -9.32
CA ILE E 392 38.45 30.75 -8.95
C ILE E 392 39.32 29.52 -9.21
N ASP E 393 39.46 28.67 -8.21
CA ASP E 393 40.44 27.59 -8.27
C ASP E 393 40.00 26.38 -9.09
N PHE E 394 38.69 26.23 -9.26
CA PHE E 394 38.09 25.04 -9.89
C PHE E 394 38.25 23.78 -9.03
N GLY E 395 39.46 23.57 -8.51
CA GLY E 395 39.77 22.39 -7.72
C GLY E 395 38.83 22.16 -6.57
N ILE E 396 38.42 23.24 -5.91
CA ILE E 396 37.48 23.15 -4.79
C ILE E 396 36.13 22.60 -5.26
N ILE E 397 35.73 22.99 -6.45
CA ILE E 397 34.49 22.45 -7.05
C ILE E 397 34.64 20.96 -7.33
N VAL E 398 35.83 20.57 -7.77
CA VAL E 398 36.14 19.19 -8.07
C VAL E 398 36.08 18.32 -6.81
N ASP E 399 36.58 18.87 -5.71
CA ASP E 399 36.65 18.17 -4.44
C ASP E 399 35.30 17.62 -4.00
N GLY E 400 34.23 18.30 -4.40
CA GLY E 400 32.89 17.85 -4.07
C GLY E 400 32.50 16.60 -4.84
N ALA E 401 33.15 16.38 -5.98
CA ALA E 401 32.79 15.26 -6.86
C ALA E 401 33.74 14.07 -6.71
N ILE E 402 35.03 14.34 -6.63
CA ILE E 402 36.03 13.27 -6.57
C ILE E 402 36.00 12.50 -5.25
N VAL E 403 35.27 13.02 -4.27
CA VAL E 403 35.06 12.27 -3.04
C VAL E 403 34.14 11.09 -3.33
N VAL E 404 32.99 11.37 -3.92
CA VAL E 404 32.03 10.34 -4.32
C VAL E 404 32.65 9.42 -5.37
N MET E 405 33.39 10.02 -6.30
CA MET E 405 34.02 9.27 -7.37
C MET E 405 35.04 8.26 -6.83
N GLU E 406 36.01 8.75 -6.06
CA GLU E 406 37.04 7.88 -5.50
C GLU E 406 36.43 6.85 -4.57
N ASN E 407 35.46 7.28 -3.77
CA ASN E 407 34.78 6.36 -2.86
C ASN E 407 34.12 5.20 -3.61
N ILE E 408 33.42 5.51 -4.71
CA ILE E 408 32.83 4.47 -5.53
C ILE E 408 33.90 3.58 -6.15
N LEU E 409 34.91 4.21 -6.75
CA LEU E 409 35.94 3.49 -7.49
C LEU E 409 36.85 2.62 -6.60
N ARG E 410 36.82 2.86 -5.30
CA ARG E 410 37.66 2.09 -4.40
C ARG E 410 36.87 1.10 -3.55
N ARG E 411 35.73 1.55 -3.03
CA ARG E 411 34.89 0.72 -2.18
C ARG E 411 34.30 -0.47 -2.94
N ARG E 412 33.99 -0.26 -4.22
CA ARG E 412 33.32 -1.28 -5.01
C ARG E 412 34.29 -2.21 -5.73
N GLU E 413 35.58 -1.90 -5.67
CA GLU E 413 36.60 -2.75 -6.27
C GLU E 413 37.68 -3.13 -5.26
N ILE E 425 24.89 1.37 -6.70
CA ILE E 425 25.91 2.41 -6.64
C ILE E 425 25.53 3.51 -5.66
N MET E 426 24.23 3.67 -5.42
CA MET E 426 23.75 4.73 -4.54
C MET E 426 24.03 4.43 -3.07
N GLN E 427 24.51 3.22 -2.78
CA GLN E 427 24.87 2.82 -1.42
C GLN E 427 26.08 3.60 -0.94
N SER E 428 27.19 3.45 -1.66
CA SER E 428 28.44 4.13 -1.33
C SER E 428 28.28 5.66 -1.43
N VAL E 429 27.33 6.10 -2.26
CA VAL E 429 27.04 7.52 -2.42
C VAL E 429 26.31 8.07 -1.21
N LEU E 430 25.23 7.41 -0.81
CA LEU E 430 24.42 7.85 0.33
C LEU E 430 25.18 7.63 1.64
N GLN E 431 26.21 6.79 1.60
CA GLN E 431 27.08 6.59 2.75
C GLN E 431 27.97 7.80 2.98
N VAL E 432 28.60 8.28 1.92
CA VAL E 432 29.55 9.39 2.01
C VAL E 432 28.85 10.73 1.74
N ALA E 433 27.53 10.69 1.60
CA ALA E 433 26.74 11.88 1.32
C ALA E 433 26.71 12.86 2.49
N ARG E 434 26.39 12.35 3.68
CA ARG E 434 26.25 13.17 4.88
C ARG E 434 27.50 14.00 5.24
N PRO E 435 28.71 13.43 5.11
CA PRO E 435 29.88 14.28 5.36
C PRO E 435 30.28 15.14 4.16
N ILE E 436 29.36 15.38 3.22
CA ILE E 436 29.65 16.22 2.06
C ILE E 436 28.76 17.47 2.02
N PHE E 437 27.48 17.31 2.34
CA PHE E 437 26.57 18.44 2.48
C PHE E 437 27.16 19.38 3.52
N PHE E 438 27.63 18.79 4.61
CA PHE E 438 28.37 19.50 5.63
C PHE E 438 29.58 20.23 5.04
N GLY E 439 30.32 19.55 4.18
CA GLY E 439 31.51 20.14 3.58
C GLY E 439 31.25 21.38 2.73
N MET E 440 30.31 21.25 1.79
CA MET E 440 29.96 22.37 0.92
C MET E 440 29.37 23.53 1.72
N ILE E 441 28.58 23.20 2.73
CA ILE E 441 28.02 24.21 3.62
C ILE E 441 29.16 24.91 4.35
N VAL E 442 30.18 24.14 4.69
CA VAL E 442 31.35 24.66 5.39
C VAL E 442 32.13 25.63 4.53
N ILE E 443 32.29 25.31 3.25
CA ILE E 443 33.02 26.20 2.35
C ILE E 443 32.24 27.49 2.08
N ILE E 444 30.91 27.38 1.92
CA ILE E 444 30.12 28.60 1.75
C ILE E 444 30.16 29.46 3.01
N THR E 445 29.99 28.84 4.17
CA THR E 445 30.03 29.56 5.44
C THR E 445 31.46 29.95 5.77
N ALA E 446 32.40 29.51 4.94
CA ALA E 446 33.78 29.94 5.04
C ALA E 446 33.94 31.22 4.23
N TYR E 447 33.21 31.31 3.13
CA TYR E 447 33.23 32.51 2.31
C TYR E 447 32.35 33.62 2.88
N LEU E 448 31.54 33.27 3.88
CA LEU E 448 30.69 34.24 4.58
C LEU E 448 31.34 35.59 4.96
N PRO E 449 32.58 35.59 5.47
CA PRO E 449 33.17 36.89 5.84
C PRO E 449 33.39 37.85 4.67
N LEU E 450 33.33 37.37 3.44
CA LEU E 450 33.59 38.24 2.29
C LEU E 450 32.45 39.21 2.02
N PHE E 451 31.26 38.89 2.51
CA PHE E 451 30.10 39.74 2.33
C PHE E 451 30.05 40.80 3.43
N ALA E 452 30.98 40.70 4.37
CA ALA E 452 30.98 41.56 5.54
C ALA E 452 31.60 42.93 5.27
N PHE E 453 32.79 42.96 4.68
CA PHE E 453 33.46 44.21 4.40
C PHE E 453 32.76 45.02 3.31
N GLN E 454 33.01 46.33 3.29
CA GLN E 454 32.35 47.21 2.34
C GLN E 454 33.35 48.05 1.55
N ARG E 455 32.83 49.08 0.88
CA ARG E 455 33.64 50.00 0.08
C ARG E 455 34.36 49.29 -1.06
N ILE E 456 35.62 49.66 -1.28
CA ILE E 456 36.37 49.19 -2.44
C ILE E 456 36.73 47.70 -2.38
N GLU E 457 36.88 47.15 -1.18
CA GLU E 457 37.22 45.73 -1.06
C GLU E 457 36.00 44.86 -1.32
N TYR E 458 34.83 45.39 -1.01
CA TYR E 458 33.59 44.73 -1.40
C TYR E 458 33.38 44.86 -2.90
N LYS E 459 33.63 46.04 -3.44
CA LYS E 459 33.50 46.25 -4.89
C LYS E 459 34.41 45.30 -5.64
N LEU E 460 35.56 45.00 -5.06
CA LEU E 460 36.57 44.22 -5.74
C LEU E 460 36.51 42.71 -5.43
N PHE E 461 35.80 42.32 -4.36
CA PHE E 461 35.69 40.90 -4.04
C PHE E 461 34.27 40.35 -3.90
N SER E 462 33.27 41.12 -4.34
CA SER E 462 31.88 40.68 -4.25
C SER E 462 31.56 39.42 -5.07
N PRO E 463 31.78 39.46 -6.40
CA PRO E 463 31.26 38.35 -7.21
C PRO E 463 31.91 37.02 -6.88
N MET E 464 33.15 37.04 -6.41
CA MET E 464 33.86 35.81 -6.07
C MET E 464 33.10 35.02 -5.01
N ALA E 465 32.84 35.68 -3.89
CA ALA E 465 32.11 35.07 -2.78
C ALA E 465 30.70 34.70 -3.21
N PHE E 466 30.22 35.37 -4.26
CA PHE E 466 28.94 35.03 -4.85
C PHE E 466 29.11 33.83 -5.78
N ALA E 467 29.89 34.02 -6.84
CA ALA E 467 30.10 32.99 -7.85
C ALA E 467 30.52 31.67 -7.24
N VAL E 468 31.48 31.72 -6.33
CA VAL E 468 31.92 30.52 -5.64
C VAL E 468 30.80 29.96 -4.77
N GLY E 469 30.13 30.84 -4.02
CA GLY E 469 29.04 30.42 -3.16
C GLY E 469 27.93 29.74 -3.93
N PHE E 470 27.61 30.28 -5.10
CA PHE E 470 26.59 29.72 -5.96
C PHE E 470 27.06 28.40 -6.54
N ALA E 471 28.24 28.42 -7.15
CA ALA E 471 28.80 27.23 -7.79
C ALA E 471 29.01 26.11 -6.79
N LEU E 472 29.34 26.46 -5.55
CA LEU E 472 29.53 25.48 -4.50
C LEU E 472 28.24 24.75 -4.21
N PHE E 473 27.14 25.50 -4.18
CA PHE E 473 25.82 24.91 -4.06
C PHE E 473 25.49 24.15 -5.34
N GLY E 474 26.05 24.60 -6.45
CA GLY E 474 25.83 23.97 -7.74
C GLY E 474 26.44 22.59 -7.84
N ALA E 475 27.72 22.48 -7.46
CA ALA E 475 28.42 21.21 -7.50
C ALA E 475 27.76 20.18 -6.61
N LEU E 476 27.19 20.64 -5.50
CA LEU E 476 26.46 19.78 -4.59
C LEU E 476 25.26 19.16 -5.29
N LEU E 477 24.58 19.96 -6.11
CA LEU E 477 23.44 19.49 -6.86
C LEU E 477 23.83 18.66 -8.08
N VAL E 478 25.11 18.31 -8.16
CA VAL E 478 25.62 17.49 -9.25
C VAL E 478 26.27 16.22 -8.72
N ALA E 479 27.14 16.40 -7.73
CA ALA E 479 27.88 15.27 -7.16
C ALA E 479 26.97 14.33 -6.38
N LEU E 480 25.79 14.83 -6.01
CA LEU E 480 24.82 14.04 -5.26
C LEU E 480 23.51 13.95 -6.04
N LEU E 481 23.62 13.89 -7.36
CA LEU E 481 22.45 13.88 -8.20
C LEU E 481 22.77 13.28 -9.58
N LEU E 482 23.68 13.93 -10.30
CA LEU E 482 24.07 13.48 -11.62
C LEU E 482 25.21 12.47 -11.55
N ILE E 483 26.30 12.87 -10.90
CA ILE E 483 27.47 12.00 -10.73
C ILE E 483 27.18 10.59 -10.17
N PRO E 484 26.37 10.48 -9.10
CA PRO E 484 26.10 9.13 -8.60
C PRO E 484 25.38 8.30 -9.64
N GLY E 485 24.35 8.87 -10.26
CA GLY E 485 23.60 8.19 -11.30
C GLY E 485 24.31 8.23 -12.65
N LEU E 486 25.61 7.95 -12.64
CA LEU E 486 26.40 7.89 -13.87
C LEU E 486 27.50 6.84 -13.79
N ALA E 487 27.32 5.74 -14.54
CA ALA E 487 28.30 4.66 -14.58
C ALA E 487 28.64 4.28 -16.02
N ALA E 502 53.46 4.77 -9.74
CA ALA E 502 54.18 5.74 -8.92
C ALA E 502 53.52 5.89 -7.55
N LEU E 503 52.37 5.25 -7.39
CA LEU E 503 51.67 5.28 -6.12
C LEU E 503 52.08 4.06 -5.30
N VAL E 504 52.69 3.09 -5.99
CA VAL E 504 53.12 1.84 -5.38
C VAL E 504 54.16 2.11 -4.29
N TRP E 505 54.97 3.15 -4.47
CA TRP E 505 56.00 3.49 -3.49
C TRP E 505 55.48 4.49 -2.46
N LEU E 506 54.51 5.30 -2.87
CA LEU E 506 53.91 6.26 -1.96
C LEU E 506 53.02 5.55 -0.94
N ALA E 507 52.54 4.37 -1.31
CA ALA E 507 51.62 3.61 -0.45
C ALA E 507 52.20 3.12 0.90
N PRO E 508 53.27 2.32 0.87
CA PRO E 508 53.71 1.80 2.18
C PRO E 508 54.57 2.79 2.96
N ARG E 509 55.07 3.82 2.28
CA ARG E 509 55.84 4.88 2.94
C ARG E 509 54.91 5.64 3.89
N TYR E 510 53.65 5.74 3.51
CA TYR E 510 52.64 6.36 4.36
C TYR E 510 52.42 5.49 5.59
N GLU E 511 52.32 4.17 5.37
CA GLU E 511 52.14 3.21 6.45
C GLU E 511 53.27 3.30 7.47
N SER E 512 54.47 3.58 6.97
CA SER E 512 55.65 3.69 7.82
C SER E 512 55.53 4.86 8.79
N VAL E 513 55.38 6.07 8.24
CA VAL E 513 55.31 7.28 9.06
C VAL E 513 54.07 7.29 9.96
N LEU E 514 53.00 6.65 9.51
CA LEU E 514 51.79 6.55 10.33
C LEU E 514 52.09 5.74 11.58
N ASN E 515 52.95 4.74 11.45
CA ASN E 515 53.35 3.91 12.57
C ASN E 515 54.22 4.68 13.56
N ARG E 516 54.85 5.75 13.07
CA ARG E 516 55.66 6.62 13.92
C ARG E 516 54.78 7.52 14.80
N LEU E 517 53.47 7.46 14.56
CA LEU E 517 52.52 8.28 15.30
C LEU E 517 51.92 7.54 16.49
N VAL E 518 51.94 6.21 16.43
CA VAL E 518 51.46 5.38 17.53
C VAL E 518 52.35 5.60 18.76
N GLY E 519 51.94 6.51 19.63
CA GLY E 519 52.73 6.85 20.80
C GLY E 519 53.55 8.11 20.57
N SER E 520 54.42 8.43 21.52
CA SER E 520 55.23 9.64 21.47
C SER E 520 54.36 10.87 21.23
N THR E 521 53.26 10.96 21.96
CA THR E 521 52.32 12.05 21.80
C THR E 521 52.87 13.38 22.30
N ARG E 522 53.90 13.30 23.15
CA ARG E 522 54.56 14.48 23.67
C ARG E 522 55.32 15.20 22.56
N THR E 523 55.99 14.42 21.73
CA THR E 523 56.73 14.97 20.59
C THR E 523 55.78 15.46 19.51
N ALA E 524 54.70 14.71 19.30
CA ALA E 524 53.69 15.09 18.33
C ALA E 524 53.04 16.43 18.70
N ILE E 525 52.60 16.53 19.94
CA ILE E 525 52.02 17.78 20.43
C ILE E 525 53.09 18.87 20.49
N GLY E 526 54.35 18.44 20.59
CA GLY E 526 55.48 19.35 20.52
C GLY E 526 55.53 20.02 19.15
N ILE E 527 55.32 19.22 18.11
CA ILE E 527 55.26 19.74 16.75
C ILE E 527 54.03 20.64 16.59
N ALA E 528 52.91 20.18 17.15
CA ALA E 528 51.66 20.93 17.08
C ALA E 528 51.80 22.34 17.65
N VAL E 529 52.44 22.44 18.81
CA VAL E 529 52.69 23.72 19.42
C VAL E 529 53.78 24.47 18.64
N ALA E 530 54.72 23.73 18.07
CA ALA E 530 55.79 24.33 17.28
C ALA E 530 55.25 25.11 16.09
N THR E 531 54.20 24.59 15.46
CA THR E 531 53.55 25.29 14.35
C THR E 531 52.54 26.31 14.86
N LEU E 532 51.92 25.99 16.00
CA LEU E 532 50.95 26.88 16.63
C LEU E 532 51.63 28.21 16.97
N VAL E 533 52.92 28.15 17.27
CA VAL E 533 53.72 29.34 17.55
C VAL E 533 54.43 29.83 16.29
N GLY E 534 54.76 28.88 15.42
CA GLY E 534 55.41 29.19 14.16
C GLY E 534 54.60 30.14 13.30
N VAL E 535 53.30 29.88 13.19
CA VAL E 535 52.42 30.75 12.44
C VAL E 535 52.34 32.14 13.08
N MET E 536 52.53 32.19 14.39
CA MET E 536 52.46 33.45 15.11
C MET E 536 53.73 34.27 14.88
N ILE E 537 54.86 33.59 14.78
CA ILE E 537 56.12 34.27 14.51
C ILE E 537 56.13 34.76 13.07
N LEU E 538 55.80 33.86 12.15
CA LEU E 538 55.76 34.21 10.73
C LEU E 538 54.77 35.35 10.49
N GLY E 539 53.62 35.29 11.16
CA GLY E 539 52.59 36.30 11.00
C GLY E 539 52.96 37.64 11.59
N ALA E 540 53.31 37.68 12.87
CA ALA E 540 53.57 38.93 13.56
C ALA E 540 54.71 39.75 12.96
N THR E 541 55.59 39.08 12.22
CA THR E 541 56.72 39.75 11.60
C THR E 541 56.54 39.91 10.09
N ILE E 542 55.33 40.24 9.67
CA ILE E 542 55.05 40.44 8.26
C ILE E 542 54.56 41.87 8.03
N GLY E 543 54.58 42.31 6.78
CA GLY E 543 54.09 43.63 6.43
C GLY E 543 52.63 43.59 6.03
N ARG E 544 52.00 44.77 5.98
CA ARG E 544 50.61 44.86 5.56
C ARG E 544 50.36 46.05 4.64
N ASP E 545 49.99 45.76 3.40
CA ASP E 545 49.56 46.80 2.45
C ASP E 545 48.05 46.77 2.39
N PHE E 546 47.49 47.30 1.30
CA PHE E 546 46.04 47.25 1.10
C PHE E 546 45.70 46.62 -0.24
N LEU E 547 46.23 47.20 -1.31
CA LEU E 547 46.03 46.65 -2.64
C LEU E 547 47.34 46.12 -3.22
N PRO E 548 47.27 44.99 -3.91
CA PRO E 548 48.41 44.47 -4.67
C PRO E 548 48.61 45.27 -5.96
N TYR E 549 48.87 46.57 -5.82
CA TYR E 549 49.20 47.46 -6.93
C TYR E 549 48.11 47.63 -7.99
N LEU E 550 47.74 46.54 -8.66
CA LEU E 550 46.84 46.57 -9.80
C LEU E 550 47.42 47.31 -11.00
N ASP E 551 48.06 46.56 -11.89
CA ASP E 551 48.75 47.14 -13.04
C ASP E 551 47.81 47.43 -14.21
N GLU E 552 47.69 48.71 -14.54
CA GLU E 552 47.01 49.15 -15.75
C GLU E 552 48.11 49.32 -16.79
N GLY E 553 47.79 49.12 -18.06
CA GLY E 553 48.81 49.11 -19.10
C GLY E 553 49.66 50.35 -19.26
N SER E 554 49.41 51.39 -18.46
CA SER E 554 50.10 52.68 -18.63
C SER E 554 50.57 53.28 -17.31
N ILE E 555 50.99 54.54 -17.39
CA ILE E 555 51.48 55.27 -16.21
C ILE E 555 51.01 56.73 -16.24
N TRP E 556 50.33 57.17 -15.18
CA TRP E 556 49.97 58.57 -15.05
C TRP E 556 51.05 59.29 -14.26
N LEU E 557 51.14 60.59 -14.44
CA LEU E 557 52.27 61.34 -13.92
C LEU E 557 51.84 62.69 -13.41
N GLN E 558 51.96 62.91 -12.11
CA GLN E 558 51.81 64.26 -11.58
C GLN E 558 53.17 64.93 -11.73
N VAL E 559 53.18 66.16 -12.23
CA VAL E 559 54.43 66.84 -12.50
C VAL E 559 54.36 68.27 -12.00
N THR E 560 55.30 68.67 -11.16
CA THR E 560 55.24 69.99 -10.55
C THR E 560 56.41 70.86 -11.00
N LEU E 561 56.13 72.16 -11.21
CA LEU E 561 57.09 73.10 -11.78
C LEU E 561 57.25 74.34 -10.89
N PRO E 562 58.27 75.18 -11.17
CA PRO E 562 58.45 76.43 -10.41
C PRO E 562 57.20 77.32 -10.42
N PRO E 563 56.93 78.00 -9.29
CA PRO E 563 55.71 78.78 -9.08
C PRO E 563 55.61 80.05 -9.91
N GLY E 564 54.39 80.47 -10.21
CA GLY E 564 54.13 81.71 -10.93
C GLY E 564 54.80 81.80 -12.28
N ILE E 565 54.81 80.67 -13.00
CA ILE E 565 55.56 80.55 -14.24
C ILE E 565 54.67 80.78 -15.47
N SER E 566 55.24 81.36 -16.52
CA SER E 566 54.47 81.63 -17.73
C SER E 566 54.07 80.35 -18.44
N LEU E 567 52.98 80.42 -19.19
CA LEU E 567 52.46 79.27 -19.91
C LEU E 567 53.41 78.83 -21.01
N GLU E 568 54.09 79.80 -21.60
CA GLU E 568 55.11 79.50 -22.60
C GLU E 568 56.20 78.65 -21.96
N LYS E 569 56.79 79.18 -20.89
CA LYS E 569 57.88 78.52 -20.21
C LYS E 569 57.49 77.12 -19.75
N ALA E 570 56.32 77.01 -19.13
CA ALA E 570 55.79 75.72 -18.73
C ALA E 570 55.78 74.78 -19.91
N GLY E 571 55.24 75.27 -21.03
CA GLY E 571 55.25 74.53 -22.27
C GLY E 571 56.63 74.02 -22.69
N GLN E 572 57.63 74.88 -22.57
CA GLN E 572 58.99 74.50 -22.94
C GLN E 572 59.52 73.40 -22.04
N MET E 573 59.32 73.57 -20.73
CA MET E 573 59.70 72.56 -19.76
C MET E 573 59.04 71.22 -20.07
N ALA E 574 57.75 71.25 -20.35
CA ALA E 574 56.99 70.05 -20.70
C ALA E 574 57.52 69.38 -21.97
N ASP E 575 57.90 70.20 -22.95
CA ASP E 575 58.53 69.72 -24.16
C ASP E 575 59.76 68.92 -23.77
N ASN E 576 60.59 69.53 -22.92
CA ASN E 576 61.75 68.82 -22.39
C ASN E 576 61.39 67.50 -21.73
N LEU E 577 60.30 67.50 -20.96
CA LEU E 577 59.86 66.30 -20.26
C LEU E 577 59.53 65.16 -21.23
N ARG E 578 58.77 65.47 -22.28
CA ARG E 578 58.43 64.45 -23.26
C ARG E 578 59.62 64.00 -24.10
N ALA E 579 60.52 64.93 -24.39
CA ALA E 579 61.68 64.60 -25.20
C ALA E 579 62.62 63.69 -24.42
N ALA E 580 62.52 63.75 -23.10
CA ALA E 580 63.37 62.97 -22.22
C ALA E 580 62.67 61.68 -21.81
N THR E 581 61.41 61.54 -22.21
CA THR E 581 60.61 60.40 -21.79
C THR E 581 60.46 59.41 -22.92
N MET E 582 60.51 59.91 -24.15
CA MET E 582 60.50 59.04 -25.32
C MET E 582 61.83 58.33 -25.47
N GLU E 583 62.85 58.85 -24.79
CA GLU E 583 64.19 58.30 -24.85
C GLU E 583 64.25 56.83 -24.40
N PHE E 584 63.34 56.44 -23.50
CA PHE E 584 63.22 55.04 -23.11
C PHE E 584 62.41 54.30 -24.16
N PRO E 585 62.85 53.08 -24.50
CA PRO E 585 62.24 52.26 -25.57
C PRO E 585 60.86 51.71 -25.18
N GLU E 586 60.57 51.71 -23.89
CA GLU E 586 59.33 51.14 -23.39
C GLU E 586 58.07 51.89 -23.85
N VAL E 587 58.19 53.21 -23.97
CA VAL E 587 57.05 54.08 -24.26
C VAL E 587 56.69 54.15 -25.74
N GLU E 588 55.45 54.54 -26.02
CA GLU E 588 54.96 54.66 -27.39
C GLU E 588 54.40 56.05 -27.63
N HIS E 589 53.74 56.59 -26.61
CA HIS E 589 53.23 57.96 -26.65
C HIS E 589 53.39 58.61 -25.29
N VAL E 590 53.83 59.86 -25.29
CA VAL E 590 53.80 60.66 -24.07
C VAL E 590 52.97 61.92 -24.32
N VAL E 591 51.93 62.09 -23.49
CA VAL E 591 51.05 63.24 -23.62
C VAL E 591 51.14 64.11 -22.38
N THR E 592 51.38 65.41 -22.58
CA THR E 592 51.49 66.33 -21.46
C THR E 592 50.34 67.33 -21.42
N GLN E 593 49.73 67.46 -20.25
CA GLN E 593 48.65 68.42 -20.05
C GLN E 593 49.10 69.52 -19.09
N VAL E 594 49.69 70.58 -19.62
CA VAL E 594 50.11 71.68 -18.74
C VAL E 594 48.96 72.63 -18.45
N GLY E 595 48.64 72.78 -17.17
CA GLY E 595 47.53 73.62 -16.77
C GLY E 595 46.28 72.83 -16.42
N ARG E 596 45.15 73.23 -17.00
CA ARG E 596 43.87 72.60 -16.70
C ARG E 596 42.95 72.59 -17.92
N ASN E 597 41.97 71.70 -17.90
CA ASN E 597 40.98 71.65 -18.98
C ASN E 597 40.03 72.84 -18.94
N ASP E 598 39.27 73.02 -20.02
CA ASP E 598 38.43 74.20 -20.16
C ASP E 598 37.13 74.13 -19.35
N GLU E 599 37.09 73.25 -18.35
CA GLU E 599 35.91 73.10 -17.50
C GLU E 599 36.14 73.63 -16.09
N GLY E 600 37.30 73.29 -15.52
CA GLY E 600 37.59 73.67 -14.15
C GLY E 600 37.25 72.54 -13.20
N THR E 601 37.36 71.31 -13.70
CA THR E 601 37.24 70.13 -12.86
C THR E 601 38.61 69.77 -12.31
N ASP E 602 39.62 70.53 -12.73
CA ASP E 602 40.93 70.56 -12.12
C ASP E 602 41.38 72.02 -11.97
N PRO E 603 41.71 72.44 -10.73
CA PRO E 603 42.08 73.83 -10.39
C PRO E 603 43.48 74.20 -10.84
N PHE E 604 44.16 73.26 -11.48
CA PHE E 604 45.59 73.33 -11.76
C PHE E 604 46.09 74.58 -12.48
N SER E 605 47.27 75.05 -12.07
CA SER E 605 47.89 76.23 -12.63
C SER E 605 48.80 75.83 -13.78
N PRO E 606 49.34 76.81 -14.53
CA PRO E 606 50.29 76.43 -15.59
C PRO E 606 51.59 75.87 -15.02
N SER E 607 51.79 76.04 -13.72
CA SER E 607 52.92 75.41 -13.07
C SER E 607 52.71 73.90 -13.13
N HIS E 608 51.48 73.47 -12.96
CA HIS E 608 51.16 72.05 -12.89
C HIS E 608 51.13 71.37 -14.24
N ILE E 609 51.69 70.16 -14.29
CA ILE E 609 51.53 69.30 -15.45
C ILE E 609 50.93 67.97 -15.03
N GLU E 610 50.01 67.45 -15.83
CA GLU E 610 49.64 66.05 -15.75
C GLU E 610 50.14 65.40 -17.03
N THR E 611 50.72 64.21 -16.90
CA THR E 611 51.30 63.53 -18.05
C THR E 611 50.80 62.09 -18.17
N ALA E 612 50.47 61.70 -19.40
CA ALA E 612 50.04 60.34 -19.65
C ALA E 612 51.15 59.63 -20.42
N VAL E 613 51.54 58.47 -19.91
CA VAL E 613 52.60 57.69 -20.54
C VAL E 613 52.11 56.29 -20.88
N THR E 614 52.14 55.97 -22.17
CA THR E 614 51.70 54.66 -22.63
C THR E 614 52.89 53.80 -22.99
N LEU E 615 52.85 52.54 -22.60
CA LEU E 615 53.93 51.59 -22.89
C LEU E 615 53.60 50.76 -24.12
N HIS E 616 54.63 50.22 -24.75
CA HIS E 616 54.41 49.20 -25.78
C HIS E 616 53.90 47.96 -25.08
N PRO E 617 53.19 47.08 -25.82
CA PRO E 617 52.76 45.79 -25.28
C PRO E 617 53.88 45.12 -24.47
N TYR E 618 53.56 44.70 -23.25
CA TYR E 618 54.52 44.09 -22.35
C TYR E 618 55.27 42.94 -23.01
N SER E 619 54.56 42.20 -23.86
CA SER E 619 55.13 41.06 -24.55
C SER E 619 56.22 41.47 -25.54
N THR E 620 56.38 42.78 -25.73
CA THR E 620 57.32 43.30 -26.71
C THR E 620 58.33 44.23 -26.07
N TRP E 621 59.11 43.72 -25.12
CA TRP E 621 60.07 44.55 -24.42
C TRP E 621 61.52 44.05 -24.54
N THR E 622 62.44 44.99 -24.71
CA THR E 622 63.87 44.69 -24.82
C THR E 622 64.63 45.49 -23.77
N SER E 623 64.64 45.01 -22.53
CA SER E 623 65.27 45.74 -21.44
C SER E 623 65.55 44.89 -20.21
N GLY E 624 64.73 43.87 -20.00
CA GLY E 624 64.80 43.09 -18.78
C GLY E 624 64.40 43.98 -17.63
N ARG E 625 63.23 44.60 -17.77
CA ARG E 625 62.82 45.69 -16.90
C ARG E 625 61.31 45.57 -16.66
N ASP E 626 60.93 45.13 -15.48
CA ASP E 626 59.53 44.79 -15.20
C ASP E 626 58.66 45.93 -14.65
N LYS E 627 58.42 46.94 -15.48
CA LYS E 627 57.54 48.07 -15.12
C LYS E 627 58.03 48.82 -13.88
N GLN E 628 58.05 48.16 -12.73
CA GLN E 628 58.52 48.78 -11.50
C GLN E 628 59.96 49.26 -11.66
N GLN E 629 60.78 48.42 -12.30
CA GLN E 629 62.15 48.79 -12.65
C GLN E 629 62.13 50.03 -13.54
N LEU E 630 61.20 50.05 -14.49
CA LEU E 630 61.04 51.17 -15.39
C LEU E 630 60.57 52.43 -14.65
N ILE E 631 59.77 52.24 -13.61
CA ILE E 631 59.28 53.35 -12.82
C ILE E 631 60.42 53.99 -12.02
N GLU E 632 61.23 53.16 -11.37
CA GLU E 632 62.40 53.67 -10.65
C GLU E 632 63.43 54.32 -11.56
N ALA E 633 63.71 53.68 -12.70
CA ALA E 633 64.61 54.24 -13.70
C ALA E 633 64.12 55.59 -14.18
N MET E 634 62.82 55.66 -14.47
CA MET E 634 62.18 56.92 -14.88
C MET E 634 62.28 57.99 -13.79
N ALA E 635 62.19 57.58 -12.54
CA ALA E 635 62.35 58.53 -11.43
C ALA E 635 63.76 59.11 -11.44
N THR E 636 64.77 58.23 -11.55
CA THR E 636 66.15 58.71 -11.61
C THR E 636 66.33 59.68 -12.78
N ARG E 637 65.81 59.29 -13.95
CA ARG E 637 65.95 60.11 -15.15
C ARG E 637 65.36 61.49 -14.93
N PHE E 638 64.08 61.50 -14.57
CA PHE E 638 63.34 62.75 -14.34
C PHE E 638 63.99 63.63 -13.28
N ARG E 639 64.70 63.01 -12.33
CA ARG E 639 65.41 63.80 -11.33
C ARG E 639 66.49 64.70 -11.93
N ASP E 640 66.89 64.42 -13.18
CA ASP E 640 67.91 65.23 -13.86
C ASP E 640 67.33 66.35 -14.72
N LEU E 641 66.13 66.82 -14.38
CA LEU E 641 65.52 67.93 -15.08
C LEU E 641 65.25 69.09 -14.12
N PRO E 642 65.72 70.29 -14.50
CA PRO E 642 65.60 71.48 -13.64
C PRO E 642 64.15 71.91 -13.51
N GLY E 643 63.73 72.23 -12.29
CA GLY E 643 62.36 72.65 -12.02
C GLY E 643 61.38 71.49 -11.92
N THR E 644 61.50 70.54 -12.84
CA THR E 644 60.56 69.42 -12.96
C THR E 644 60.63 68.40 -11.82
N GLN E 645 59.62 68.42 -10.97
CA GLN E 645 59.46 67.40 -9.93
C GLN E 645 58.34 66.42 -10.29
N VAL E 646 58.68 65.14 -10.41
CA VAL E 646 57.74 64.16 -10.95
C VAL E 646 57.31 63.07 -9.98
N GLY E 647 56.01 62.99 -9.75
CA GLY E 647 55.42 61.90 -8.99
C GLY E 647 54.74 60.93 -9.94
N PHE E 648 54.92 59.64 -9.69
CA PHE E 648 54.36 58.59 -10.53
C PHE E 648 53.02 58.06 -10.03
N SER E 649 52.25 57.46 -10.94
CA SER E 649 50.93 56.90 -10.63
C SER E 649 50.36 56.17 -11.83
N GLN E 650 49.05 55.95 -11.80
CA GLN E 650 48.33 55.35 -12.94
C GLN E 650 47.00 56.08 -13.07
N PRO E 651 46.52 56.26 -14.31
CA PRO E 651 45.32 57.05 -14.62
C PRO E 651 44.13 56.85 -13.65
N MET E 652 43.40 55.75 -13.81
CA MET E 652 42.21 55.47 -13.00
C MET E 652 42.52 55.53 -11.51
N ILE E 653 43.57 54.82 -11.12
CA ILE E 653 43.93 54.75 -9.72
C ILE E 653 44.37 56.13 -9.20
N ASP E 654 44.92 56.97 -10.07
CA ASP E 654 45.29 58.30 -9.64
C ASP E 654 44.02 59.05 -9.32
N GLY E 655 43.05 58.94 -10.22
CA GLY E 655 41.74 59.54 -10.00
C GLY E 655 41.17 59.17 -8.65
N VAL E 656 41.12 57.86 -8.36
CA VAL E 656 40.54 57.43 -7.10
C VAL E 656 41.36 57.86 -5.88
N LEU E 657 42.69 57.88 -6.03
CA LEU E 657 43.57 58.31 -4.95
C LEU E 657 43.21 59.74 -4.58
N ASP E 658 42.96 60.53 -5.63
CA ASP E 658 42.58 61.93 -5.48
C ASP E 658 41.25 62.07 -4.76
N LYS E 659 40.23 61.40 -5.28
CA LYS E 659 38.91 61.49 -4.65
C LYS E 659 38.90 61.09 -3.17
N LEU E 660 39.66 60.06 -2.80
CA LEU E 660 39.72 59.71 -1.37
C LEU E 660 40.60 60.64 -0.54
N ALA E 661 41.89 60.68 -0.85
CA ALA E 661 42.88 61.29 0.04
C ALA E 661 42.90 62.83 0.05
N GLY E 662 42.29 63.44 -0.95
CA GLY E 662 42.35 64.89 -1.09
C GLY E 662 43.40 65.33 -2.09
N ALA E 663 44.31 64.43 -2.43
CA ALA E 663 45.39 64.74 -3.36
C ALA E 663 45.84 63.50 -4.15
N HIS E 664 46.54 63.74 -5.25
CA HIS E 664 46.93 62.67 -6.14
C HIS E 664 48.16 61.95 -5.63
N SER E 665 47.98 61.15 -4.58
CA SER E 665 49.07 60.36 -4.04
C SER E 665 48.57 59.21 -3.18
N ASP E 666 49.44 58.27 -2.86
CA ASP E 666 49.09 57.14 -2.01
C ASP E 666 48.81 57.63 -0.60
N LEU E 667 49.77 58.37 -0.05
CA LEU E 667 49.64 58.91 1.31
C LEU E 667 49.67 60.44 1.27
N VAL E 668 48.99 61.06 2.22
CA VAL E 668 49.04 62.50 2.38
C VAL E 668 49.11 62.87 3.85
N VAL E 669 49.83 63.95 4.14
CA VAL E 669 49.84 64.50 5.47
C VAL E 669 49.17 65.85 5.36
N LYS E 670 48.42 66.24 6.39
CA LYS E 670 47.73 67.52 6.37
C LYS E 670 48.11 68.38 7.56
N VAL E 671 48.76 69.51 7.28
CA VAL E 671 49.02 70.53 8.29
C VAL E 671 47.87 71.51 8.31
N TYR E 672 46.98 71.33 9.28
CA TYR E 672 45.83 72.23 9.46
C TYR E 672 46.28 73.46 10.23
N GLY E 673 45.90 74.63 9.73
CA GLY E 673 46.22 75.88 10.40
C GLY E 673 45.65 77.08 9.66
N ASN E 674 45.28 78.11 10.40
CA ASN E 674 44.65 79.29 9.83
C ASN E 674 45.57 80.09 8.90
N ASP E 675 46.72 80.52 9.43
CA ASP E 675 47.66 81.33 8.65
C ASP E 675 48.57 80.48 7.77
N PHE E 676 48.95 81.02 6.61
CA PHE E 676 49.59 80.24 5.57
C PHE E 676 51.11 80.11 5.68
N ALA E 677 51.75 81.12 6.27
CA ALA E 677 53.19 81.06 6.46
C ALA E 677 53.53 79.89 7.37
N GLU E 678 52.89 79.82 8.54
CA GLU E 678 53.21 78.78 9.52
C GLU E 678 52.89 77.37 9.00
N THR E 679 51.75 77.23 8.34
CA THR E 679 51.39 75.93 7.77
C THR E 679 52.42 75.52 6.72
N ARG E 680 52.82 76.47 5.90
CA ARG E 680 53.87 76.24 4.91
C ARG E 680 55.18 75.79 5.58
N GLN E 681 55.46 76.38 6.74
CA GLN E 681 56.66 76.08 7.48
C GLN E 681 56.66 74.66 8.05
N VAL E 682 55.63 74.34 8.84
CA VAL E 682 55.48 73.01 9.40
C VAL E 682 55.49 71.96 8.28
N ALA E 683 54.79 72.26 7.18
CA ALA E 683 54.73 71.35 6.05
C ALA E 683 56.09 71.18 5.42
N THR E 684 56.91 72.23 5.48
CA THR E 684 58.28 72.15 4.98
C THR E 684 59.05 71.16 5.84
N ALA E 685 58.86 71.27 7.15
CA ALA E 685 59.50 70.35 8.09
C ALA E 685 59.11 68.88 7.82
N ILE E 686 57.82 68.62 7.67
CA ILE E 686 57.35 67.26 7.39
C ILE E 686 57.82 66.78 6.02
N THR E 687 58.02 67.72 5.11
CA THR E 687 58.51 67.38 3.78
C THR E 687 59.95 66.90 3.85
N ARG E 688 60.79 67.66 4.56
CA ARG E 688 62.18 67.28 4.74
C ARG E 688 62.29 66.02 5.59
N LEU E 689 61.28 65.77 6.42
CA LEU E 689 61.29 64.60 7.30
C LEU E 689 60.96 63.33 6.53
N LEU E 690 59.79 63.29 5.91
CA LEU E 690 59.34 62.11 5.17
C LEU E 690 60.26 61.78 4.01
N LYS E 691 60.98 62.78 3.52
CA LYS E 691 61.88 62.59 2.40
C LYS E 691 63.08 61.76 2.84
N THR E 692 63.23 61.61 4.15
CA THR E 692 64.32 60.85 4.73
C THR E 692 63.86 59.44 5.13
N VAL E 693 62.59 59.32 5.49
CA VAL E 693 62.03 58.05 5.94
C VAL E 693 62.03 57.01 4.80
N PRO E 694 62.69 55.85 5.05
CA PRO E 694 62.96 54.80 4.06
C PRO E 694 61.78 54.40 3.18
N GLY E 695 60.55 54.55 3.68
CA GLY E 695 59.38 54.13 2.93
C GLY E 695 58.97 55.04 1.80
N ALA E 696 59.01 56.35 2.04
CA ALA E 696 58.56 57.33 1.06
C ALA E 696 59.44 57.37 -0.19
N GLN E 697 58.83 57.14 -1.35
CA GLN E 697 59.53 57.23 -2.62
C GLN E 697 59.39 58.63 -3.22
N ASP E 698 58.18 59.15 -3.25
CA ASP E 698 57.99 60.52 -3.73
C ASP E 698 57.40 61.38 -2.62
N VAL E 699 57.80 62.65 -2.56
CA VAL E 699 57.37 63.58 -1.50
C VAL E 699 57.35 65.03 -1.98
N ILE E 700 56.21 65.70 -1.85
CA ILE E 700 56.08 67.11 -2.26
C ILE E 700 54.91 67.83 -1.60
N ILE E 701 55.09 69.12 -1.37
CA ILE E 701 53.98 69.96 -0.90
C ILE E 701 53.01 70.22 -2.03
N ASP E 702 51.76 69.84 -1.83
CA ASP E 702 50.74 69.88 -2.86
C ASP E 702 50.45 71.30 -3.35
N GLN E 703 50.20 72.20 -2.41
CA GLN E 703 49.90 73.59 -2.76
C GLN E 703 51.14 74.32 -3.31
N GLU E 704 50.96 74.95 -4.45
CA GLU E 704 52.00 75.76 -5.07
C GLU E 704 52.27 76.97 -4.20
N PRO E 705 53.55 77.31 -4.02
CA PRO E 705 53.96 78.46 -3.19
C PRO E 705 53.28 79.76 -3.62
N PRO E 706 53.26 80.77 -2.74
CA PRO E 706 52.65 82.05 -3.12
C PRO E 706 53.31 82.67 -4.34
N LEU E 707 52.51 82.98 -5.35
CA LEU E 707 53.00 83.54 -6.61
C LEU E 707 52.96 85.07 -6.57
N PRO E 708 53.79 85.73 -7.38
CA PRO E 708 53.73 87.19 -7.36
C PRO E 708 52.49 87.72 -8.08
N GLN E 709 51.98 88.85 -7.61
CA GLN E 709 50.83 89.48 -8.24
C GLN E 709 51.13 90.96 -8.35
N VAL E 710 50.72 91.57 -9.45
CA VAL E 710 50.72 93.03 -9.48
C VAL E 710 49.35 93.47 -8.95
N ARG E 711 49.37 94.04 -7.74
CA ARG E 711 48.15 94.40 -7.03
C ARG E 711 47.82 95.88 -7.20
N ILE E 712 46.64 96.15 -7.77
CA ILE E 712 46.18 97.51 -7.95
C ILE E 712 45.17 97.87 -6.88
N ASP E 713 45.65 98.28 -5.72
CA ASP E 713 44.77 98.76 -4.67
C ASP E 713 44.35 100.18 -5.04
N VAL E 714 43.21 100.62 -4.55
CA VAL E 714 42.70 101.96 -4.85
C VAL E 714 42.67 102.82 -3.60
N ASP E 715 43.35 103.96 -3.66
CA ASP E 715 43.33 104.93 -2.58
C ASP E 715 41.97 105.65 -2.59
N ARG E 716 41.19 105.42 -1.55
CA ARG E 716 39.86 106.02 -1.44
C ARG E 716 39.94 107.55 -1.40
N ALA E 717 40.62 108.07 -0.38
CA ALA E 717 40.75 109.51 -0.17
C ALA E 717 41.24 110.28 -1.40
N ALA E 718 42.06 109.64 -2.23
CA ALA E 718 42.53 110.28 -3.45
C ALA E 718 41.38 110.44 -4.45
N ALA E 719 40.76 109.32 -4.84
CA ALA E 719 39.66 109.35 -5.81
C ALA E 719 38.49 110.16 -5.26
N ALA E 720 38.51 110.39 -3.95
CA ALA E 720 37.53 111.23 -3.29
C ALA E 720 37.89 112.69 -3.55
N ARG E 721 39.14 113.04 -3.27
CA ARG E 721 39.65 114.38 -3.52
C ARG E 721 39.99 114.60 -4.99
N LEU E 722 39.59 113.64 -5.83
CA LEU E 722 39.75 113.74 -7.28
C LEU E 722 38.45 113.48 -8.01
N GLY E 723 37.40 113.16 -7.26
CA GLY E 723 36.09 112.90 -7.84
C GLY E 723 36.10 111.72 -8.79
N ILE E 724 36.29 110.52 -8.25
CA ILE E 724 36.34 109.30 -9.04
C ILE E 724 35.78 108.12 -8.24
N ASN E 725 35.06 107.24 -8.92
CA ASN E 725 34.52 106.03 -8.30
C ASN E 725 35.41 104.81 -8.50
N VAL E 726 35.56 104.00 -7.45
CA VAL E 726 36.41 102.82 -7.54
C VAL E 726 35.81 101.81 -8.52
N ALA E 727 34.52 101.93 -8.77
CA ALA E 727 33.86 101.14 -9.79
C ALA E 727 34.48 101.40 -11.17
N ASP E 728 34.81 102.66 -11.43
CA ASP E 728 35.43 103.06 -12.71
C ASP E 728 36.73 102.31 -12.87
N VAL E 729 37.50 102.25 -11.79
CA VAL E 729 38.80 101.57 -11.78
C VAL E 729 38.64 100.08 -12.02
N MET E 730 37.70 99.47 -11.29
CA MET E 730 37.41 98.05 -11.43
C MET E 730 36.96 97.69 -12.84
N ALA E 731 36.26 98.62 -13.50
CA ALA E 731 35.88 98.43 -14.90
C ALA E 731 37.09 98.61 -15.82
N LEU E 732 37.99 99.51 -15.43
CA LEU E 732 39.22 99.74 -16.15
C LEU E 732 40.06 98.47 -16.18
N ILE E 733 40.03 97.73 -15.07
CA ILE E 733 40.82 96.51 -14.94
C ILE E 733 40.12 95.31 -15.55
N GLN E 734 38.89 95.07 -15.10
CA GLN E 734 38.12 93.91 -15.52
C GLN E 734 37.93 93.89 -17.03
N THR E 735 37.75 95.07 -17.61
CA THR E 735 37.53 95.18 -19.05
C THR E 735 38.79 95.64 -19.80
N GLY E 736 39.33 96.77 -19.40
CA GLY E 736 40.48 97.33 -20.09
C GLY E 736 41.73 96.46 -19.96
N ILE E 737 41.98 95.98 -18.75
CA ILE E 737 43.14 95.13 -18.50
C ILE E 737 42.78 93.66 -18.65
N GLY E 738 41.76 93.24 -17.88
CA GLY E 738 41.32 91.84 -17.90
C GLY E 738 40.77 91.44 -19.25
N GLY E 739 39.74 92.16 -19.71
CA GLY E 739 39.15 91.90 -21.00
C GLY E 739 37.96 90.96 -20.95
N SER E 740 36.88 91.41 -20.30
CA SER E 740 35.65 90.63 -20.24
C SER E 740 34.95 90.61 -21.61
N PRO E 741 34.38 89.44 -21.97
CA PRO E 741 33.56 89.36 -23.17
C PRO E 741 32.35 90.28 -23.06
N VAL E 742 32.04 90.99 -24.13
CA VAL E 742 30.96 91.97 -24.10
C VAL E 742 29.63 91.36 -24.51
N THR E 743 29.62 90.65 -25.64
CA THR E 743 28.38 89.99 -26.06
C THR E 743 28.67 88.65 -26.73
N GLN E 744 27.64 88.04 -27.30
CA GLN E 744 27.78 86.73 -27.93
C GLN E 744 27.36 86.76 -29.39
N VAL E 745 28.31 86.54 -30.28
CA VAL E 745 28.05 86.54 -31.72
C VAL E 745 27.73 85.12 -32.21
N PHE E 746 26.78 85.02 -33.14
CA PHE E 746 26.31 83.73 -33.64
C PHE E 746 26.54 83.56 -35.13
N VAL E 747 27.13 82.44 -35.53
CA VAL E 747 27.23 82.09 -36.94
C VAL E 747 26.86 80.62 -37.14
N GLU E 748 25.79 80.39 -37.90
CA GLU E 748 25.23 79.05 -38.05
C GLU E 748 24.85 78.47 -36.69
N ASP E 749 25.32 77.28 -36.38
CA ASP E 749 25.09 76.70 -35.06
C ASP E 749 26.27 76.97 -34.11
N ARG E 750 27.25 77.72 -34.62
CA ARG E 750 28.43 78.08 -33.86
C ARG E 750 28.27 79.41 -33.12
N SER E 751 29.00 79.54 -32.01
CA SER E 751 28.89 80.70 -31.12
C SER E 751 30.25 81.18 -30.64
N TYR E 752 30.44 82.51 -30.59
CA TYR E 752 31.73 83.11 -30.27
C TYR E 752 31.56 84.33 -29.37
N ASN E 753 32.61 84.71 -28.65
CA ASN E 753 32.50 85.81 -27.70
C ASN E 753 33.05 87.12 -28.24
N VAL E 754 32.21 88.14 -28.33
CA VAL E 754 32.68 89.48 -28.66
C VAL E 754 33.24 90.13 -27.41
N VAL E 755 34.54 90.41 -27.45
CA VAL E 755 35.31 90.83 -26.30
C VAL E 755 35.96 92.20 -26.53
N ALA E 756 35.90 93.07 -25.52
CA ALA E 756 36.54 94.38 -25.59
C ALA E 756 37.67 94.47 -24.58
N ARG E 757 38.83 94.98 -25.03
CA ARG E 757 39.99 95.14 -24.17
C ARG E 757 41.05 96.06 -24.80
N PHE E 758 41.85 96.69 -23.94
CA PHE E 758 42.95 97.56 -24.40
C PHE E 758 43.96 96.83 -25.28
N ILE E 759 44.67 97.59 -26.12
CA ILE E 759 45.64 97.00 -27.03
C ILE E 759 46.88 96.56 -26.25
N GLY E 760 47.74 95.76 -26.88
CA GLY E 760 48.99 95.37 -26.25
C GLY E 760 49.89 96.55 -25.99
N SER E 761 50.88 96.36 -25.11
CA SER E 761 51.82 97.42 -24.73
C SER E 761 51.11 98.64 -24.12
N SER E 762 49.84 98.48 -23.78
CA SER E 762 49.09 99.49 -23.05
C SER E 762 48.86 99.02 -21.62
N ARG E 763 49.09 97.73 -21.42
CA ARG E 763 48.86 97.07 -20.14
C ARG E 763 49.97 96.08 -19.82
N ASN E 764 51.12 96.25 -20.48
CA ASN E 764 52.19 95.25 -20.44
C ASN E 764 53.00 95.20 -19.15
N ASP E 765 53.02 96.31 -18.42
CA ASP E 765 53.83 96.42 -17.22
C ASP E 765 53.11 97.29 -16.19
N PRO E 766 53.53 97.22 -14.93
CA PRO E 766 52.90 98.05 -13.89
C PRO E 766 52.94 99.55 -14.19
N GLU E 767 54.03 100.05 -14.77
CA GLU E 767 54.09 101.47 -15.12
C GLU E 767 53.06 101.83 -16.19
N ALA E 768 53.08 101.09 -17.30
CA ALA E 768 52.14 101.29 -18.40
C ALA E 768 50.70 101.32 -17.91
N ILE E 769 50.34 100.33 -17.11
CA ILE E 769 49.04 100.27 -16.48
C ILE E 769 48.80 101.51 -15.61
N GLY E 770 49.85 101.95 -14.93
CA GLY E 770 49.75 103.11 -14.07
C GLY E 770 49.46 104.36 -14.87
N ASN E 771 49.85 104.35 -16.14
CA ASN E 771 49.61 105.50 -17.02
C ASN E 771 48.30 105.41 -17.81
N LEU E 772 47.51 104.37 -17.53
CA LEU E 772 46.14 104.32 -18.00
C LEU E 772 45.38 105.43 -17.28
N THR E 773 44.36 105.98 -17.93
CA THR E 773 43.61 107.08 -17.35
C THR E 773 42.10 106.82 -17.32
N LEU E 774 41.37 107.77 -16.74
CA LEU E 774 39.92 107.71 -16.67
C LEU E 774 39.36 109.08 -16.29
N THR E 775 38.19 109.42 -16.83
CA THR E 775 37.59 110.72 -16.58
C THR E 775 37.09 110.86 -15.14
N ALA E 776 36.93 112.09 -14.68
CA ALA E 776 36.48 112.36 -13.31
C ALA E 776 35.11 113.02 -13.25
N ALA E 777 34.80 113.64 -12.10
CA ALA E 777 33.55 114.35 -11.91
C ALA E 777 33.61 115.74 -12.52
N ASN E 778 34.83 116.23 -12.74
CA ASN E 778 35.04 117.52 -13.38
C ASN E 778 35.68 117.37 -14.75
N GLY E 779 35.64 116.16 -15.29
CA GLY E 779 36.19 115.87 -16.60
C GLY E 779 37.68 116.13 -16.66
N ALA E 780 38.43 115.44 -15.82
CA ALA E 780 39.86 115.66 -15.73
C ALA E 780 40.67 114.63 -16.53
N HIS E 781 41.98 114.67 -16.35
CA HIS E 781 42.90 113.76 -17.03
C HIS E 781 43.65 112.94 -15.99
N VAL E 782 42.91 112.23 -15.16
CA VAL E 782 43.50 111.50 -14.05
C VAL E 782 44.06 110.14 -14.47
N ALA E 783 45.37 109.97 -14.29
CA ALA E 783 46.03 108.70 -14.57
C ALA E 783 45.82 107.75 -13.41
N LEU E 784 45.79 106.46 -13.70
CA LEU E 784 45.51 105.44 -12.69
C LEU E 784 46.47 105.54 -11.51
N ALA E 785 47.69 105.98 -11.80
CA ALA E 785 48.76 106.02 -10.80
C ALA E 785 48.57 107.07 -9.70
N GLN E 786 47.59 107.96 -9.86
CA GLN E 786 47.39 109.02 -8.87
C GLN E 786 46.13 108.83 -8.01
N VAL E 787 45.44 107.72 -8.20
CA VAL E 787 44.33 107.35 -7.31
C VAL E 787 44.54 105.94 -6.77
N ALA E 788 45.41 105.18 -7.43
CA ALA E 788 45.61 103.78 -7.09
C ALA E 788 47.08 103.46 -6.85
N HIS E 789 47.36 102.67 -5.81
CA HIS E 789 48.72 102.27 -5.49
C HIS E 789 49.06 100.93 -6.17
N ILE E 790 49.59 101.01 -7.38
CA ILE E 790 49.93 99.82 -8.17
C ILE E 790 51.26 99.22 -7.71
N ARG E 791 51.20 98.07 -7.03
CA ARG E 791 52.40 97.48 -6.49
C ARG E 791 52.61 96.03 -6.89
N LEU E 792 53.65 95.43 -6.35
CA LEU E 792 53.92 94.01 -6.55
C LEU E 792 53.96 93.28 -5.22
N ALA E 793 53.03 92.35 -5.04
CA ALA E 793 52.91 91.59 -3.80
C ALA E 793 52.50 90.16 -4.10
N GLU E 794 53.13 89.22 -3.43
CA GLU E 794 52.80 87.82 -3.66
C GLU E 794 51.59 87.39 -2.85
N GLY E 795 50.82 86.45 -3.39
CA GLY E 795 49.62 85.95 -2.75
C GLY E 795 49.45 84.45 -2.99
N GLU E 796 48.45 83.85 -2.35
CA GLU E 796 48.28 82.41 -2.46
C GLU E 796 47.86 81.94 -3.84
N THR E 797 48.45 80.83 -4.27
CA THR E 797 48.16 80.24 -5.56
C THR E 797 46.89 79.42 -5.47
N THR E 798 46.84 78.52 -4.48
CA THR E 798 45.69 77.65 -4.29
C THR E 798 45.42 77.40 -2.81
N ILE E 799 44.39 78.05 -2.30
CA ILE E 799 43.94 77.85 -0.93
C ILE E 799 43.04 76.64 -0.85
N THR E 800 43.41 75.65 -0.05
CA THR E 800 42.58 74.45 0.05
C THR E 800 42.00 74.30 1.45
N ARG E 801 40.68 74.33 1.54
CA ARG E 801 39.99 74.18 2.83
C ARG E 801 39.43 72.78 3.00
N GLU E 802 39.19 72.41 4.26
CA GLU E 802 38.50 71.17 4.59
C GLU E 802 37.51 71.42 5.72
N MET E 803 36.23 71.14 5.47
CA MET E 803 35.15 71.41 6.43
C MET E 803 35.12 72.88 6.83
N ASN E 804 35.38 73.76 5.86
CA ASN E 804 35.52 75.19 6.08
C ASN E 804 36.60 75.52 7.12
N LYS E 805 37.74 74.86 6.97
CA LYS E 805 38.93 75.17 7.76
C LYS E 805 40.05 75.64 6.85
N ARG E 806 41.26 75.13 7.07
CA ARG E 806 42.45 75.58 6.36
C ARG E 806 43.56 74.56 6.56
N HIS E 807 44.14 74.07 5.46
CA HIS E 807 45.19 73.06 5.56
C HIS E 807 46.10 73.03 4.34
N LEU E 808 47.35 72.63 4.55
CA LEU E 808 48.26 72.36 3.44
C LEU E 808 48.66 70.89 3.46
N THR E 809 49.10 70.37 2.31
CA THR E 809 49.29 68.93 2.17
C THR E 809 50.71 68.53 1.76
N VAL E 810 51.26 67.54 2.46
CA VAL E 810 52.47 66.90 1.99
C VAL E 810 52.10 65.55 1.39
N ARG E 811 52.08 65.50 0.06
CA ARG E 811 51.69 64.27 -0.62
C ARG E 811 52.91 63.41 -0.90
N LEU E 812 52.74 62.10 -0.74
CA LEU E 812 53.85 61.16 -0.83
C LEU E 812 53.43 59.78 -1.34
N ASN E 813 54.26 59.21 -2.20
CA ASN E 813 54.03 57.88 -2.73
C ASN E 813 55.03 56.89 -2.18
N LEU E 814 54.53 55.82 -1.56
CA LEU E 814 55.38 54.75 -1.05
C LEU E 814 55.66 53.70 -2.11
N ARG E 815 56.89 53.23 -2.17
CA ARG E 815 57.27 52.18 -3.10
C ARG E 815 58.24 51.21 -2.45
N GLY E 816 57.84 49.95 -2.36
CA GLY E 816 58.70 48.91 -1.81
C GLY E 816 58.87 48.98 -0.31
N ARG E 817 57.76 49.03 0.42
CA ARG E 817 57.77 48.99 1.88
C ARG E 817 56.33 48.85 2.41
N ASP E 818 56.18 48.12 3.50
CA ASP E 818 54.88 47.92 4.13
C ASP E 818 54.27 49.27 4.51
N LEU E 819 52.98 49.43 4.25
CA LEU E 819 52.31 50.68 4.57
C LEU E 819 52.16 50.83 6.09
N SER E 820 51.93 49.70 6.75
CA SER E 820 51.79 49.66 8.20
C SER E 820 53.10 50.01 8.91
N THR E 821 54.18 49.32 8.53
CA THR E 821 55.52 49.59 9.05
C THR E 821 55.87 51.05 8.84
N PHE E 822 55.68 51.49 7.59
CA PHE E 822 55.96 52.86 7.20
C PHE E 822 55.25 53.88 8.06
N LEU E 823 53.93 53.77 8.18
CA LEU E 823 53.16 54.70 9.00
C LEU E 823 53.65 54.67 10.46
N GLU E 824 53.86 53.46 10.98
CA GLU E 824 54.39 53.25 12.32
C GLU E 824 55.63 54.11 12.59
N GLU E 825 56.64 53.98 11.74
CA GLU E 825 57.84 54.77 11.89
C GLU E 825 57.59 56.27 11.69
N ALA E 826 56.97 56.60 10.55
CA ALA E 826 56.76 57.97 10.11
C ALA E 826 55.99 58.84 11.10
N ARG E 827 54.72 58.50 11.35
CA ARG E 827 53.88 59.37 12.18
C ARG E 827 54.42 59.51 13.60
N MET E 828 55.18 58.50 14.03
CA MET E 828 55.91 58.59 15.29
C MET E 828 56.98 59.66 15.20
N ARG E 829 57.81 59.57 14.16
CA ARG E 829 58.86 60.55 13.93
C ARG E 829 58.30 61.97 13.89
N ILE E 830 57.27 62.17 13.08
CA ILE E 830 56.64 63.46 12.93
C ILE E 830 56.05 63.94 14.26
N ASP E 831 55.52 63.00 15.04
CA ASP E 831 55.02 63.32 16.37
C ASP E 831 56.15 63.84 17.25
N LYS E 832 57.36 63.33 17.03
CA LYS E 832 58.49 63.67 17.91
C LYS E 832 59.50 64.66 17.33
N GLU E 833 59.23 65.23 16.17
CA GLU E 833 60.24 66.08 15.52
C GLU E 833 59.76 67.42 14.94
N VAL E 834 58.47 67.72 15.06
CA VAL E 834 57.96 68.98 14.53
C VAL E 834 57.24 69.82 15.60
N PRO E 835 57.38 71.15 15.52
CA PRO E 835 56.72 72.11 16.42
C PRO E 835 55.29 72.42 16.01
N TYR E 836 54.48 72.95 16.92
CA TYR E 836 53.07 73.20 16.63
C TYR E 836 52.43 74.29 17.50
N ASP E 837 51.16 74.59 17.21
CA ASP E 837 50.42 75.66 17.89
C ASP E 837 51.19 76.98 17.97
N ILE E 841 46.46 74.76 15.27
CA ILE E 841 47.22 74.02 14.27
C ILE E 841 47.35 72.55 14.62
N GLN E 842 46.95 71.68 13.70
CA GLN E 842 47.06 70.24 13.91
C GLN E 842 47.73 69.54 12.74
N VAL E 843 48.00 68.25 12.89
CA VAL E 843 48.57 67.46 11.80
C VAL E 843 47.93 66.08 11.71
N ALA E 844 47.41 65.75 10.53
CA ALA E 844 46.77 64.45 10.36
C ALA E 844 47.33 63.67 9.18
N TRP E 845 46.97 62.40 9.09
CA TRP E 845 47.33 61.58 7.94
C TRP E 845 46.09 61.23 7.13
N GLY E 846 46.30 60.77 5.91
CA GLY E 846 45.20 60.38 5.04
C GLY E 846 45.68 59.55 3.86
N GLY E 847 44.76 58.85 3.23
CA GLY E 847 45.09 58.05 2.06
C GLY E 847 44.63 56.61 2.17
N GLN E 848 45.41 55.71 1.60
CA GLN E 848 45.05 54.30 1.56
C GLN E 848 45.08 53.65 2.93
N PHE E 849 45.51 54.39 3.95
CA PHE E 849 45.60 53.85 5.30
C PHE E 849 44.24 53.86 6.00
N GLU E 850 43.33 54.72 5.52
CA GLU E 850 41.96 54.72 6.01
C GLU E 850 41.31 53.39 5.64
N ASN E 851 41.48 52.99 4.39
CA ASN E 851 40.94 51.73 3.91
C ASN E 851 41.73 50.53 4.41
N GLN E 852 43.03 50.72 4.61
CA GLN E 852 43.86 49.69 5.20
C GLN E 852 43.32 49.33 6.58
N GLN E 853 43.19 50.34 7.43
CA GLN E 853 42.66 50.15 8.77
C GLN E 853 41.22 49.62 8.73
N ARG E 854 40.41 50.16 7.83
CA ARG E 854 39.01 49.70 7.71
C ARG E 854 38.93 48.21 7.41
N ALA E 855 39.67 47.79 6.39
CA ALA E 855 39.68 46.40 5.94
C ALA E 855 40.23 45.47 7.01
N GLN E 856 41.42 45.78 7.50
CA GLN E 856 42.09 44.92 8.48
C GLN E 856 41.30 44.80 9.77
N ALA E 857 40.79 45.92 10.28
CA ALA E 857 39.97 45.89 11.48
C ALA E 857 38.68 45.13 11.22
N ARG E 858 38.15 45.26 10.01
CA ARG E 858 36.96 44.51 9.63
C ARG E 858 37.22 43.01 9.71
N LEU E 859 38.38 42.58 9.22
CA LEU E 859 38.79 41.18 9.33
C LEU E 859 39.00 40.79 10.79
N ALA E 860 39.42 41.75 11.60
CA ALA E 860 39.56 41.54 13.03
C ALA E 860 38.19 41.48 13.71
N VAL E 861 37.14 41.82 12.97
CA VAL E 861 35.79 41.77 13.49
C VAL E 861 35.04 40.50 13.07
N ILE E 862 35.00 40.24 11.76
CA ILE E 862 34.16 39.17 11.22
C ILE E 862 34.88 37.85 10.94
N LEU E 863 36.00 37.62 11.60
CA LEU E 863 36.66 36.32 11.52
C LEU E 863 36.24 35.36 12.64
N PRO E 864 36.05 35.87 13.88
CA PRO E 864 35.39 35.01 14.85
C PRO E 864 33.92 34.81 14.51
N MET E 865 33.43 35.61 13.55
CA MET E 865 32.07 35.48 13.04
C MET E 865 31.84 34.08 12.48
N VAL E 866 32.89 33.50 11.92
CA VAL E 866 32.77 32.15 11.35
C VAL E 866 33.52 31.11 12.18
N LEU E 867 34.60 31.53 12.85
CA LEU E 867 35.37 30.62 13.68
C LEU E 867 34.58 30.12 14.89
N ALA E 868 33.44 30.75 15.12
CA ALA E 868 32.50 30.28 16.13
C ALA E 868 31.34 29.60 15.43
N LEU E 869 31.10 29.99 14.18
CA LEU E 869 30.02 29.42 13.39
C LEU E 869 30.39 28.02 12.96
N MET E 870 31.63 27.84 12.54
CA MET E 870 32.12 26.52 12.14
C MET E 870 32.23 25.62 13.36
N PHE E 871 32.55 26.21 14.50
CA PHE E 871 32.63 25.50 15.77
C PHE E 871 31.32 24.78 16.03
N VAL E 872 30.22 25.51 15.92
CA VAL E 872 28.89 24.97 16.18
C VAL E 872 28.45 24.03 15.07
N LEU E 873 28.66 24.47 13.83
CA LEU E 873 28.25 23.71 12.65
C LEU E 873 28.84 22.30 12.69
N LEU E 874 30.15 22.22 12.86
CA LEU E 874 30.84 20.94 12.99
C LEU E 874 30.35 20.22 14.23
N PHE E 875 29.53 19.20 14.04
CA PHE E 875 28.99 18.42 15.14
C PHE E 875 28.85 16.95 14.76
N GLY E 876 29.92 16.18 14.98
CA GLY E 876 29.91 14.77 14.70
C GLY E 876 29.35 13.97 15.86
N ARG E 882 34.35 19.37 21.39
CA ARG E 882 35.44 18.44 21.66
C ARG E 882 36.22 18.13 20.38
N GLN E 883 35.86 17.04 19.72
CA GLN E 883 36.45 16.72 18.42
C GLN E 883 36.33 17.83 17.35
N PRO E 884 35.20 18.54 17.31
CA PRO E 884 35.14 19.70 16.40
C PRO E 884 36.28 20.69 16.59
N ALA E 885 36.79 20.82 17.80
CA ALA E 885 37.96 21.67 18.02
C ALA E 885 39.15 21.12 17.23
N LEU E 886 39.31 19.80 17.30
CA LEU E 886 40.40 19.13 16.62
C LEU E 886 40.30 19.36 15.12
N ILE E 887 39.10 19.20 14.58
CA ILE E 887 38.88 19.43 13.16
C ILE E 887 39.11 20.90 12.81
N LEU E 888 38.84 21.76 13.78
CA LEU E 888 38.92 23.21 13.58
C LEU E 888 40.37 23.69 13.64
N MET E 889 41.25 22.85 14.17
CA MET E 889 42.67 23.17 14.22
C MET E 889 43.37 22.94 12.88
N ALA E 890 42.59 22.64 11.85
CA ALA E 890 43.14 22.45 10.51
C ALA E 890 43.55 23.81 9.92
N VAL E 891 43.03 24.87 10.52
CA VAL E 891 43.29 26.23 10.07
C VAL E 891 44.77 26.69 10.20
N PRO E 892 45.36 26.60 11.42
CA PRO E 892 46.74 27.05 11.55
C PRO E 892 47.72 26.28 10.65
N LEU E 893 47.53 24.96 10.55
CA LEU E 893 48.39 24.12 9.72
C LEU E 893 48.47 24.64 8.30
N ALA E 894 47.33 25.10 7.79
CA ALA E 894 47.25 25.67 6.46
C ALA E 894 47.92 27.04 6.42
N THR E 895 47.72 27.79 7.51
CA THR E 895 48.27 29.14 7.62
C THR E 895 49.79 29.12 7.52
N LEU E 896 50.40 28.04 8.01
CA LEU E 896 51.85 27.88 7.97
C LEU E 896 52.37 28.08 6.55
N GLY E 897 51.91 27.24 5.64
CA GLY E 897 52.38 27.28 4.27
C GLY E 897 52.03 28.55 3.55
N GLY E 898 50.94 29.18 3.98
CA GLY E 898 50.46 30.40 3.36
C GLY E 898 51.33 31.58 3.73
N LEU E 899 51.70 31.66 5.01
CA LEU E 899 52.55 32.73 5.49
C LEU E 899 53.96 32.65 4.89
N VAL E 900 54.46 31.42 4.73
CA VAL E 900 55.79 31.23 4.17
C VAL E 900 55.82 31.39 2.65
N ALA E 901 54.65 31.42 2.04
CA ALA E 901 54.55 31.67 0.61
C ALA E 901 54.58 33.17 0.33
N LEU E 902 54.27 33.96 1.34
CA LEU E 902 54.31 35.42 1.22
C LEU E 902 55.71 35.95 1.50
N HIS E 903 56.36 35.40 2.51
CA HIS E 903 57.74 35.74 2.81
C HIS E 903 58.64 35.32 1.65
N LEU E 904 58.19 34.29 0.93
CA LEU E 904 58.92 33.80 -0.23
C LEU E 904 58.95 34.85 -1.35
N ARG E 905 57.78 35.35 -1.71
CA ARG E 905 57.66 36.27 -2.85
C ARG E 905 57.70 37.73 -2.43
N GLY E 906 57.98 37.97 -1.15
CA GLY E 906 58.04 39.32 -0.63
C GLY E 906 56.68 40.00 -0.63
N MET E 907 55.64 39.18 -0.56
CA MET E 907 54.27 39.69 -0.55
C MET E 907 53.82 39.94 0.88
N THR E 908 52.84 40.82 1.04
CA THR E 908 52.36 41.19 2.37
C THR E 908 50.92 40.73 2.60
N LEU E 909 50.31 41.25 3.65
CA LEU E 909 48.94 40.91 4.01
C LEU E 909 47.95 41.93 3.45
N ASN E 910 47.68 41.85 2.15
CA ASN E 910 46.64 42.67 1.56
C ASN E 910 45.33 41.91 1.60
N VAL E 911 44.23 42.58 1.25
CA VAL E 911 42.92 41.95 1.30
C VAL E 911 42.86 40.71 0.41
N SER E 912 43.53 40.76 -0.72
CA SER E 912 43.58 39.65 -1.66
C SER E 912 44.09 38.37 -1.00
N SER E 913 45.31 38.46 -0.48
CA SER E 913 45.93 37.35 0.24
C SER E 913 45.05 36.86 1.39
N ALA E 914 44.37 37.80 2.06
CA ALA E 914 43.48 37.44 3.15
C ALA E 914 42.33 36.55 2.66
N VAL E 915 41.74 36.94 1.54
CA VAL E 915 40.70 36.12 0.92
C VAL E 915 41.27 34.73 0.60
N GLY E 916 42.50 34.72 0.08
CA GLY E 916 43.20 33.48 -0.16
C GLY E 916 43.28 32.60 1.08
N PHE E 917 43.54 33.24 2.22
CA PHE E 917 43.56 32.53 3.50
C PHE E 917 42.19 31.93 3.81
N ILE E 918 41.14 32.71 3.62
CA ILE E 918 39.78 32.22 3.86
C ILE E 918 39.48 30.96 3.04
N ALA E 919 39.75 31.04 1.74
CA ALA E 919 39.53 29.90 0.84
C ALA E 919 40.34 28.70 1.30
N LEU E 920 41.59 28.97 1.66
CA LEU E 920 42.52 27.95 2.15
C LEU E 920 41.95 27.24 3.36
N PHE E 921 41.39 28.01 4.28
CA PHE E 921 40.79 27.46 5.48
C PHE E 921 39.64 26.56 5.09
N GLY E 922 38.85 27.01 4.11
CA GLY E 922 37.76 26.20 3.59
C GLY E 922 38.20 24.83 3.13
N VAL E 923 39.11 24.79 2.15
CA VAL E 923 39.54 23.52 1.58
C VAL E 923 40.27 22.63 2.61
N ALA E 924 41.06 23.28 3.47
CA ALA E 924 41.79 22.57 4.51
C ALA E 924 40.82 21.85 5.45
N VAL E 925 39.85 22.59 5.96
CA VAL E 925 38.83 22.01 6.82
C VAL E 925 38.08 20.89 6.10
N LEU E 926 37.84 21.07 4.79
CA LEU E 926 37.23 19.99 4.01
C LEU E 926 38.04 18.69 4.11
N ASN E 927 39.32 18.76 3.73
CA ASN E 927 40.19 17.59 3.81
C ASN E 927 40.24 16.99 5.22
N ALA E 928 40.25 17.85 6.24
CA ALA E 928 40.25 17.42 7.62
C ALA E 928 38.97 16.65 7.96
N ILE E 929 37.85 17.06 7.39
CA ILE E 929 36.60 16.34 7.57
C ILE E 929 36.69 14.97 6.89
N ILE E 930 37.16 14.96 5.65
CA ILE E 930 37.33 13.70 4.90
C ILE E 930 38.15 12.69 5.69
N MET E 931 39.24 13.16 6.29
CA MET E 931 40.09 12.30 7.11
C MET E 931 39.39 11.84 8.38
N ILE E 932 38.85 12.81 9.14
CA ILE E 932 38.27 12.53 10.44
C ILE E 932 37.04 11.63 10.37
N ALA E 933 36.37 11.61 9.21
CA ALA E 933 35.23 10.73 9.01
C ALA E 933 35.68 9.27 9.08
N ASN E 934 36.69 8.94 8.29
CA ASN E 934 37.28 7.60 8.33
C ASN E 934 37.90 7.32 9.68
N LEU E 935 38.46 8.35 10.31
CA LEU E 935 38.99 8.21 11.65
C LEU E 935 37.89 7.85 12.66
N ASN E 936 36.66 8.22 12.34
CA ASN E 936 35.52 7.88 13.19
C ASN E 936 34.86 6.56 12.78
N ARG E 937 35.13 6.11 11.56
CA ARG E 937 34.54 4.87 11.06
C ARG E 937 35.22 3.65 11.68
N TRP E 938 36.21 3.91 12.53
CA TRP E 938 36.87 2.86 13.28
C TRP E 938 35.90 2.20 14.26
N ARG E 939 35.38 1.05 13.86
CA ARG E 939 34.44 0.28 14.69
C ARG E 939 34.63 -1.21 14.50
N GLU E 948 45.22 2.72 19.18
CA GLU E 948 46.27 2.74 18.16
C GLU E 948 45.73 2.28 16.82
N ALA E 949 44.42 2.42 16.63
CA ALA E 949 43.77 1.98 15.40
C ALA E 949 43.49 3.14 14.46
N VAL E 950 44.25 4.23 14.61
CA VAL E 950 44.08 5.40 13.76
C VAL E 950 44.74 5.23 12.40
N VAL E 951 45.73 4.35 12.33
CA VAL E 951 46.51 4.13 11.11
C VAL E 951 45.66 3.50 10.00
N ARG E 952 44.97 2.42 10.35
CA ARG E 952 44.16 1.68 9.37
C ARG E 952 43.05 2.54 8.77
N GLY E 953 42.58 3.52 9.53
CA GLY E 953 41.53 4.41 9.06
C GLY E 953 42.05 5.65 8.35
N ALA E 954 43.24 6.10 8.73
CA ALA E 954 43.85 7.26 8.10
C ALA E 954 44.42 6.89 6.73
N GLY E 955 44.90 5.65 6.62
CA GLY E 955 45.48 5.16 5.38
C GLY E 955 44.45 5.07 4.26
N GLU E 956 43.19 4.95 4.64
CA GLU E 956 42.09 4.90 3.68
C GLU E 956 41.96 6.24 2.95
N ARG E 957 42.14 7.32 3.70
CA ARG E 957 42.03 8.66 3.14
C ARG E 957 43.36 9.19 2.63
N MET E 958 44.01 8.42 1.77
CA MET E 958 45.24 8.86 1.14
C MET E 958 44.97 9.36 -0.27
N ARG E 959 44.35 8.50 -1.09
CA ARG E 959 43.99 8.88 -2.46
C ARG E 959 43.03 10.07 -2.55
N PRO E 960 41.86 10.01 -1.89
CA PRO E 960 40.93 11.13 -2.08
C PRO E 960 41.43 12.45 -1.51
N VAL E 961 41.98 12.44 -0.31
CA VAL E 961 42.50 13.65 0.33
C VAL E 961 43.56 14.31 -0.54
N LEU E 962 44.57 13.54 -0.94
CA LEU E 962 45.66 14.06 -1.76
C LEU E 962 45.18 14.48 -3.14
N MET E 963 44.14 13.82 -3.63
CA MET E 963 43.56 14.18 -4.93
C MET E 963 42.92 15.55 -4.85
N THR E 964 42.05 15.73 -3.87
CA THR E 964 41.38 17.00 -3.63
C THR E 964 42.39 18.12 -3.41
N ALA E 965 43.37 17.84 -2.55
CA ALA E 965 44.42 18.81 -2.24
C ALA E 965 45.21 19.18 -3.48
N THR E 966 45.46 18.20 -4.35
CA THR E 966 46.22 18.45 -5.56
C THR E 966 45.43 19.29 -6.57
N VAL E 967 44.19 18.89 -6.87
CA VAL E 967 43.38 19.65 -7.83
C VAL E 967 43.06 21.05 -7.33
N ALA E 968 42.92 21.21 -6.01
CA ALA E 968 42.69 22.52 -5.42
C ALA E 968 43.94 23.39 -5.46
N ALA E 969 45.08 22.82 -5.08
CA ALA E 969 46.33 23.57 -5.00
C ALA E 969 47.08 23.65 -6.34
N LEU E 970 46.49 23.10 -7.39
CA LEU E 970 47.08 23.19 -8.72
C LEU E 970 46.19 23.98 -9.67
N GLY E 971 44.94 24.19 -9.26
CA GLY E 971 44.01 24.97 -10.04
C GLY E 971 44.28 26.46 -9.89
N LEU E 972 45.21 26.80 -9.01
CA LEU E 972 45.58 28.19 -8.77
C LEU E 972 47.01 28.49 -9.17
N ILE E 973 47.77 27.44 -9.47
CA ILE E 973 49.12 27.60 -9.99
C ILE E 973 49.22 28.43 -11.28
N PRO E 974 48.31 28.23 -12.25
CA PRO E 974 48.37 29.10 -13.44
C PRO E 974 48.21 30.58 -13.10
N ALA E 975 47.38 30.89 -12.11
CA ALA E 975 47.18 32.26 -11.68
C ALA E 975 48.36 32.73 -10.83
N ALA E 976 49.05 31.77 -10.22
CA ALA E 976 50.09 32.08 -9.26
C ALA E 976 51.34 32.70 -9.89
N LEU E 977 51.57 32.45 -11.17
CA LEU E 977 52.74 33.01 -11.84
C LEU E 977 52.54 34.49 -12.14
N ALA E 978 53.64 35.26 -12.07
CA ALA E 978 53.59 36.69 -12.31
C ALA E 978 53.18 37.01 -13.75
N HIS E 979 51.88 37.18 -13.95
CA HIS E 979 51.33 37.36 -15.30
C HIS E 979 50.98 38.81 -15.64
N GLY E 980 50.41 39.00 -16.82
CA GLY E 980 50.16 40.33 -17.34
C GLY E 980 48.99 41.05 -16.70
N LEU E 981 48.39 41.96 -17.46
CA LEU E 981 47.32 42.82 -16.97
C LEU E 981 46.09 42.02 -16.52
N GLY E 982 45.75 42.17 -15.24
CA GLY E 982 44.55 41.56 -14.69
C GLY E 982 44.81 40.27 -13.95
N SER E 983 45.94 40.22 -13.25
CA SER E 983 46.28 39.06 -12.44
C SER E 983 46.89 39.53 -11.13
N ASP E 984 46.97 40.85 -10.97
CA ASP E 984 47.63 41.45 -9.83
C ASP E 984 46.86 41.24 -8.53
N VAL E 985 45.54 41.12 -8.63
CA VAL E 985 44.71 40.92 -7.45
C VAL E 985 44.63 39.43 -7.09
N GLN E 986 44.70 38.56 -8.09
CA GLN E 986 44.49 37.13 -7.89
C GLN E 986 45.77 36.41 -7.45
N ARG E 987 46.90 36.91 -7.92
CA ARG E 987 48.20 36.33 -7.56
C ARG E 987 48.44 36.13 -6.04
N PRO E 988 48.05 37.10 -5.20
CA PRO E 988 48.18 36.85 -3.75
C PRO E 988 47.30 35.70 -3.27
N LEU E 989 46.06 35.66 -3.76
CA LEU E 989 45.15 34.57 -3.45
C LEU E 989 45.78 33.23 -3.77
N ALA E 990 46.11 33.04 -5.05
CA ALA E 990 46.72 31.80 -5.52
C ALA E 990 47.96 31.44 -4.71
N THR E 991 48.78 32.45 -4.42
CA THR E 991 49.98 32.25 -3.61
C THR E 991 49.67 31.65 -2.24
N VAL E 992 48.82 32.33 -1.49
CA VAL E 992 48.44 31.89 -0.15
C VAL E 992 47.81 30.49 -0.17
N VAL E 993 46.84 30.30 -1.06
CA VAL E 993 46.14 29.02 -1.14
C VAL E 993 47.07 27.88 -1.47
N VAL E 994 47.76 28.00 -2.60
CA VAL E 994 48.67 26.94 -3.05
C VAL E 994 49.75 26.63 -2.02
N GLY E 995 50.43 27.68 -1.56
CA GLY E 995 51.50 27.50 -0.58
C GLY E 995 51.04 26.92 0.73
N GLY E 996 49.84 27.29 1.16
CA GLY E 996 49.30 26.83 2.43
C GLY E 996 48.78 25.41 2.37
N LEU E 997 48.20 25.05 1.23
CA LEU E 997 47.56 23.75 1.06
C LEU E 997 48.52 22.59 1.25
N ILE E 998 49.82 22.88 1.13
CA ILE E 998 50.85 21.85 1.27
C ILE E 998 51.04 21.41 2.72
N THR E 999 51.33 22.37 3.59
CA THR E 999 51.46 22.09 5.01
C THR E 999 50.10 21.70 5.58
N ALA E 1000 49.05 22.24 4.97
CA ALA E 1000 47.69 21.88 5.33
C ALA E 1000 47.49 20.38 5.18
N THR E 1001 47.66 19.90 3.95
CA THR E 1001 47.44 18.49 3.64
C THR E 1001 48.43 17.56 4.35
N ALA E 1002 49.69 17.99 4.42
CA ALA E 1002 50.72 17.20 5.07
C ALA E 1002 50.41 17.00 6.54
N LEU E 1003 50.24 18.10 7.26
CA LEU E 1003 49.93 18.02 8.68
C LEU E 1003 48.57 17.38 8.93
N THR E 1004 47.69 17.43 7.92
CA THR E 1004 46.40 16.78 8.01
C THR E 1004 46.57 15.27 8.02
N LEU E 1005 47.32 14.76 7.05
CA LEU E 1005 47.54 13.33 6.94
C LEU E 1005 48.41 12.79 8.08
N VAL E 1006 49.29 13.63 8.60
CA VAL E 1006 50.24 13.17 9.62
C VAL E 1006 49.80 13.46 11.06
N LEU E 1007 49.69 14.73 11.42
CA LEU E 1007 49.45 15.10 12.82
C LEU E 1007 48.01 14.89 13.29
N LEU E 1008 47.05 14.92 12.37
CA LEU E 1008 45.65 14.76 12.74
C LEU E 1008 45.26 13.35 13.23
N PRO E 1009 45.65 12.29 12.50
CA PRO E 1009 45.28 10.96 13.01
C PRO E 1009 45.93 10.65 14.37
N ALA E 1010 47.12 11.20 14.60
CA ALA E 1010 47.80 11.05 15.88
C ALA E 1010 47.10 11.89 16.94
N LEU E 1011 46.33 12.88 16.48
CA LEU E 1011 45.58 13.75 17.38
C LEU E 1011 44.28 13.10 17.83
N TYR E 1012 43.60 12.43 16.88
CA TYR E 1012 42.37 11.72 17.19
C TYR E 1012 42.63 10.57 18.15
N TYR E 1013 43.86 10.07 18.12
CA TYR E 1013 44.31 9.04 19.04
C TYR E 1013 44.56 9.63 20.42
N LEU E 1014 45.37 10.68 20.47
CA LEU E 1014 45.78 11.30 21.72
C LEU E 1014 44.62 11.95 22.50
N ILE E 1015 43.72 12.60 21.78
CA ILE E 1015 42.68 13.40 22.43
C ILE E 1015 41.67 12.58 23.25
N GLU E 1016 41.02 11.62 22.60
CA GLU E 1016 39.95 10.88 23.27
C GLU E 1016 40.44 9.80 24.24
N THR E 1017 41.60 10.03 24.85
CA THR E 1017 42.10 9.18 25.92
C THR E 1017 41.98 9.93 27.24
N ARG E 1018 42.26 11.23 27.21
CA ARG E 1018 42.16 12.08 28.39
C ARG E 1018 41.64 13.47 28.03
N ARG F 4 -3.04 13.17 -5.08
CA ARG F 4 -2.12 13.57 -4.02
C ARG F 4 -2.86 14.23 -2.85
N LEU F 5 -3.17 15.51 -3.02
CA LEU F 5 -3.77 16.30 -1.94
C LEU F 5 -5.29 16.27 -2.00
N VAL F 6 -5.82 15.37 -2.81
CA VAL F 6 -7.26 15.15 -2.85
C VAL F 6 -7.65 14.33 -1.62
N THR F 7 -6.66 13.59 -1.10
CA THR F 7 -6.87 12.71 0.03
C THR F 7 -7.31 13.46 1.29
N LEU F 8 -6.48 14.39 1.74
CA LEU F 8 -6.79 15.17 2.93
C LEU F 8 -8.01 16.05 2.68
N CYS F 9 -8.19 16.44 1.42
CA CYS F 9 -9.27 17.35 1.03
C CYS F 9 -10.64 16.68 1.14
N PHE F 10 -10.69 15.41 0.79
CA PHE F 10 -11.94 14.66 0.85
C PHE F 10 -12.44 14.59 2.29
N ASN F 11 -11.51 14.59 3.24
CA ASN F 11 -11.85 14.63 4.66
C ASN F 11 -11.81 16.05 5.19
N ARG F 12 -11.63 17.01 4.28
CA ARG F 12 -11.55 18.42 4.65
C ARG F 12 -12.64 19.22 3.93
N ARG F 13 -13.75 18.56 3.61
CA ARG F 13 -14.85 19.17 2.87
C ARG F 13 -15.33 20.49 3.47
N GLY F 14 -15.78 20.45 4.71
CA GLY F 14 -16.27 21.62 5.40
C GLY F 14 -15.23 22.73 5.51
N ILE F 15 -14.00 22.34 5.80
CA ILE F 15 -12.92 23.31 5.96
C ILE F 15 -12.55 23.99 4.65
N VAL F 16 -12.35 23.20 3.59
CA VAL F 16 -12.04 23.78 2.29
C VAL F 16 -13.20 24.63 1.79
N ALA F 17 -14.42 24.24 2.15
CA ALA F 17 -15.60 25.02 1.77
C ALA F 17 -15.59 26.37 2.48
N LEU F 18 -15.29 26.36 3.78
CA LEU F 18 -15.26 27.60 4.55
C LEU F 18 -14.15 28.54 4.11
N VAL F 19 -12.95 28.00 3.90
CA VAL F 19 -11.83 28.82 3.45
C VAL F 19 -12.06 29.34 2.04
N PHE F 20 -12.74 28.55 1.20
CA PHE F 20 -13.06 29.00 -0.15
C PHE F 20 -14.11 30.10 -0.09
N ALA F 21 -14.97 30.05 0.93
CA ALA F 21 -15.89 31.14 1.18
C ALA F 21 -15.11 32.39 1.60
N MET F 22 -14.03 32.18 2.34
CA MET F 22 -13.19 33.29 2.78
C MET F 22 -12.49 33.95 1.60
N VAL F 23 -11.97 33.14 0.69
CA VAL F 23 -11.34 33.65 -0.52
C VAL F 23 -12.41 34.29 -1.41
N ALA F 24 -13.65 33.83 -1.26
CA ALA F 24 -14.76 34.44 -1.98
C ALA F 24 -14.99 35.86 -1.49
N LEU F 25 -15.10 36.03 -0.18
CA LEU F 25 -15.28 37.35 0.42
C LEU F 25 -14.11 38.28 0.12
N TYR F 26 -12.88 37.79 0.31
CA TYR F 26 -11.70 38.61 0.07
C TYR F 26 -11.51 38.86 -1.42
N GLY F 27 -12.16 38.05 -2.24
CA GLY F 27 -12.10 38.20 -3.69
C GLY F 27 -13.03 39.30 -4.13
N TRP F 28 -14.23 39.30 -3.56
CA TRP F 28 -15.20 40.37 -3.79
C TRP F 28 -14.62 41.70 -3.31
N TYR F 29 -14.00 41.67 -2.13
CA TYR F 29 -13.36 42.86 -1.58
C TYR F 29 -12.19 43.30 -2.45
N ALA F 30 -11.45 42.33 -2.98
CA ALA F 30 -10.31 42.62 -3.85
C ALA F 30 -10.77 43.30 -5.13
N TRP F 31 -11.88 42.83 -5.69
CA TRP F 31 -12.42 43.47 -6.88
C TRP F 31 -12.94 44.87 -6.56
N LYS F 32 -13.50 45.03 -5.37
CA LYS F 32 -13.97 46.35 -4.93
C LYS F 32 -12.82 47.33 -4.67
N GLN F 33 -11.58 46.84 -4.73
CA GLN F 33 -10.42 47.69 -4.58
C GLN F 33 -9.46 47.50 -5.76
N LEU F 34 -10.00 47.59 -6.97
CA LEU F 34 -9.20 47.40 -8.18
C LEU F 34 -9.47 48.53 -9.18
N PRO F 35 -8.40 49.06 -9.79
CA PRO F 35 -8.52 50.22 -10.70
C PRO F 35 -9.17 49.87 -12.03
N LEU F 36 -10.14 50.69 -12.44
CA LEU F 36 -10.80 50.49 -13.73
C LEU F 36 -10.02 51.16 -14.85
N GLU F 37 -9.63 50.36 -15.83
CA GLU F 37 -8.95 50.87 -17.01
C GLU F 37 -9.65 50.39 -18.27
N ALA F 38 -10.33 51.30 -18.96
CA ALA F 38 -11.08 50.96 -20.17
C ALA F 38 -10.22 51.16 -21.41
N TYR F 39 -9.29 52.09 -21.34
CA TYR F 39 -8.35 52.32 -22.41
C TYR F 39 -6.99 52.48 -21.77
N PRO F 40 -6.23 51.38 -21.69
CA PRO F 40 -4.94 51.33 -21.00
C PRO F 40 -3.99 52.42 -21.49
N ASP F 41 -3.16 52.95 -20.60
CA ASP F 41 -2.20 53.97 -20.99
C ASP F 41 -1.22 53.40 -22.02
N ILE F 42 -1.64 53.46 -23.27
CA ILE F 42 -0.90 52.94 -24.41
C ILE F 42 0.43 53.64 -24.56
N ALA F 43 0.44 54.92 -24.20
CA ALA F 43 1.59 55.80 -24.39
C ALA F 43 2.90 55.25 -23.85
N ASP F 44 3.99 55.78 -24.38
CA ASP F 44 5.33 55.49 -23.87
C ASP F 44 5.76 56.65 -23.00
N THR F 45 6.82 56.47 -22.23
CA THR F 45 7.30 57.50 -21.32
C THR F 45 7.94 58.65 -22.09
N THR F 46 7.22 59.76 -22.18
CA THR F 46 7.69 60.92 -22.93
C THR F 46 7.56 62.24 -22.16
N SER F 47 8.36 63.22 -22.56
CA SER F 47 8.28 64.55 -21.98
C SER F 47 8.88 65.56 -22.93
N GLN F 48 8.26 66.73 -23.02
CA GLN F 48 8.74 67.78 -23.91
C GLN F 48 9.11 69.08 -23.19
N VAL F 49 10.14 69.75 -23.71
CA VAL F 49 10.59 71.03 -23.18
C VAL F 49 10.16 72.19 -24.07
N VAL F 50 9.62 73.23 -23.43
CA VAL F 50 9.10 74.37 -24.16
C VAL F 50 9.95 75.61 -23.93
N THR F 51 10.69 76.03 -24.96
CA THR F 51 11.38 77.30 -24.93
C THR F 51 10.56 78.31 -25.71
N GLN F 52 9.74 79.08 -25.01
CA GLN F 52 8.81 80.01 -25.66
C GLN F 52 9.33 81.45 -25.68
N VAL F 53 9.48 82.00 -26.88
CA VAL F 53 9.84 83.40 -27.04
C VAL F 53 8.72 84.17 -27.74
N ASN F 54 7.98 84.96 -26.97
CA ASN F 54 6.77 85.62 -27.46
C ASN F 54 6.99 86.60 -28.60
N GLY F 55 6.24 86.43 -29.69
CA GLY F 55 6.23 87.37 -30.80
C GLY F 55 7.39 87.26 -31.76
N LEU F 56 8.33 86.36 -31.46
CA LEU F 56 9.52 86.21 -32.28
C LEU F 56 9.32 85.16 -33.37
N ALA F 57 9.93 85.37 -34.53
CA ALA F 57 9.77 84.49 -35.68
C ALA F 57 10.61 83.20 -35.66
N ALA F 58 10.65 82.51 -36.79
CA ALA F 58 11.01 81.08 -36.85
C ALA F 58 12.43 80.70 -37.25
N GLU F 59 13.41 81.57 -36.98
CA GLU F 59 14.78 81.26 -37.38
C GLU F 59 15.76 81.82 -36.37
N GLU F 60 15.26 82.79 -35.60
CA GLU F 60 15.99 83.31 -34.45
C GLU F 60 15.51 82.53 -33.23
N VAL F 61 15.07 81.30 -33.49
CA VAL F 61 14.44 80.42 -32.50
C VAL F 61 15.00 79.00 -32.64
N GLU F 62 15.75 78.75 -33.70
CA GLU F 62 16.26 77.42 -34.00
C GLU F 62 17.77 77.43 -34.12
N GLN F 63 18.28 78.56 -34.59
CA GLN F 63 19.70 78.70 -34.89
C GLN F 63 20.54 78.48 -33.63
N GLN F 64 20.07 79.07 -32.53
CA GLN F 64 20.85 79.08 -31.30
C GLN F 64 20.10 78.48 -30.11
N ILE F 65 18.87 78.05 -30.32
CA ILE F 65 18.07 77.57 -29.22
C ILE F 65 17.88 76.06 -29.26
N THR F 66 17.20 75.58 -30.29
CA THR F 66 16.91 74.15 -30.40
C THR F 66 18.17 73.30 -30.57
N ILE F 67 19.17 73.86 -31.26
CA ILE F 67 20.40 73.11 -31.54
C ILE F 67 21.27 72.73 -30.33
N PRO F 68 21.69 73.73 -29.51
CA PRO F 68 22.56 73.38 -28.39
C PRO F 68 21.81 72.60 -27.30
N LEU F 69 20.53 72.91 -27.17
CA LEU F 69 19.63 72.17 -26.30
C LEU F 69 19.58 70.74 -26.76
N GLU F 70 19.49 70.53 -28.08
CA GLU F 70 19.46 69.18 -28.62
C GLU F 70 20.78 68.47 -28.34
N ARG F 71 21.89 69.21 -28.40
CA ARG F 71 23.19 68.66 -28.06
C ARG F 71 23.24 68.12 -26.63
N GLU F 72 22.93 68.97 -25.66
CA GLU F 72 22.98 68.51 -24.26
C GLU F 72 21.92 67.46 -23.92
N ILE F 73 20.68 67.72 -24.32
CA ILE F 73 19.56 66.82 -24.03
C ILE F 73 19.68 65.44 -24.70
N MET F 74 20.33 65.37 -25.85
CA MET F 74 20.55 64.08 -26.52
C MET F 74 21.22 63.06 -25.59
N GLY F 75 22.00 63.55 -24.64
CA GLY F 75 22.72 62.70 -23.72
C GLY F 75 21.99 62.33 -22.45
N VAL F 76 20.71 62.69 -22.33
CA VAL F 76 19.94 62.27 -21.16
C VAL F 76 19.86 60.75 -21.12
N PRO F 77 20.00 60.18 -19.92
CA PRO F 77 19.92 58.73 -19.77
C PRO F 77 18.53 58.21 -20.09
N GLY F 78 18.45 56.99 -20.63
CA GLY F 78 17.18 56.36 -20.90
C GLY F 78 16.47 56.93 -22.11
N MET F 79 17.15 57.79 -22.86
CA MET F 79 16.57 58.38 -24.05
C MET F 79 16.38 57.33 -25.16
N HIS F 80 15.28 57.43 -25.89
CA HIS F 80 15.01 56.51 -26.99
C HIS F 80 14.88 57.23 -28.32
N VAL F 81 13.90 58.13 -28.41
CA VAL F 81 13.72 58.92 -29.61
C VAL F 81 13.73 60.40 -29.25
N MET F 82 14.47 61.20 -30.02
CA MET F 82 14.51 62.63 -29.76
C MET F 82 14.12 63.48 -30.96
N ARG F 83 12.98 64.15 -30.84
CA ARG F 83 12.46 65.01 -31.89
C ARG F 83 12.43 66.45 -31.42
N SER F 84 12.28 67.39 -32.35
CA SER F 84 12.20 68.80 -32.00
C SER F 84 11.62 69.64 -33.12
N LYS F 85 10.92 70.72 -32.74
CA LYS F 85 10.28 71.60 -33.73
C LYS F 85 10.45 73.08 -33.38
N SER F 86 10.88 73.85 -34.37
CA SER F 86 11.22 75.24 -34.14
C SER F 86 10.41 76.15 -35.07
N THR F 87 9.91 77.25 -34.52
CA THR F 87 8.99 78.12 -35.25
C THR F 87 8.69 79.44 -34.55
N PHE F 88 7.90 80.27 -35.24
CA PHE F 88 7.38 81.52 -34.70
C PHE F 88 6.73 81.24 -33.36
N GLY F 89 7.20 81.94 -32.33
CA GLY F 89 6.70 81.73 -30.99
C GLY F 89 7.60 80.88 -30.11
N LEU F 90 8.17 79.81 -30.65
CA LEU F 90 8.83 78.84 -29.77
C LEU F 90 9.73 77.78 -30.40
N SER F 91 10.45 77.09 -29.51
CA SER F 91 11.17 75.87 -29.81
C SER F 91 10.69 74.80 -28.84
N LEU F 92 10.00 73.78 -29.34
CA LEU F 92 9.56 72.70 -28.45
C LEU F 92 10.22 71.39 -28.80
N ILE F 93 10.85 70.77 -27.80
CA ILE F 93 11.64 69.57 -28.01
C ILE F 93 10.99 68.37 -27.35
N THR F 94 10.64 67.37 -28.14
CA THR F 94 10.02 66.16 -27.61
C THR F 94 11.06 65.09 -27.35
N VAL F 95 11.03 64.49 -26.17
CA VAL F 95 11.89 63.34 -25.87
C VAL F 95 11.07 62.15 -25.40
N VAL F 96 11.19 61.03 -26.10
CA VAL F 96 10.59 59.79 -25.64
C VAL F 96 11.69 58.86 -25.18
N PHE F 97 11.44 58.16 -24.06
CA PHE F 97 12.46 57.35 -23.39
C PHE F 97 12.32 55.86 -23.68
N LYS F 98 13.26 55.08 -23.16
CA LYS F 98 13.18 53.63 -23.28
C LYS F 98 12.17 53.12 -22.27
N ASP F 99 11.77 51.86 -22.39
CA ASP F 99 10.80 51.28 -21.46
C ASP F 99 11.44 50.89 -20.13
N GLY F 100 10.66 51.07 -19.06
CA GLY F 100 11.17 50.85 -17.72
C GLY F 100 11.63 52.15 -17.10
N ALA F 101 11.76 53.18 -17.94
CA ALA F 101 12.18 54.50 -17.48
C ALA F 101 11.05 55.19 -16.73
N GLU F 102 11.22 55.33 -15.42
CA GLU F 102 10.19 55.92 -14.56
C GLU F 102 10.02 57.41 -14.87
N ASP F 103 8.78 57.88 -14.79
CA ASP F 103 8.42 59.24 -15.19
C ASP F 103 9.20 60.35 -14.49
N TYR F 104 8.91 60.57 -13.20
CA TYR F 104 9.52 61.67 -12.45
C TYR F 104 11.05 61.65 -12.53
N TRP F 105 11.61 60.45 -12.56
CA TRP F 105 13.03 60.24 -12.76
C TRP F 105 13.49 60.87 -14.07
N SER F 106 12.85 60.45 -15.16
CA SER F 106 13.17 60.97 -16.50
C SER F 106 13.02 62.48 -16.57
N ARG F 107 11.87 62.98 -16.12
CA ARG F 107 11.59 64.42 -16.09
C ARG F 107 12.67 65.14 -15.30
N GLN F 108 13.23 64.45 -14.31
CA GLN F 108 14.28 65.01 -13.49
C GLN F 108 15.60 65.10 -14.24
N ARG F 109 15.93 64.06 -15.00
CA ARG F 109 17.17 64.08 -15.76
C ARG F 109 17.10 65.16 -16.83
N LEU F 110 15.93 65.22 -17.47
CA LEU F 110 15.65 66.22 -18.49
C LEU F 110 15.83 67.60 -17.87
N GLN F 111 15.12 67.85 -16.78
CA GLN F 111 15.17 69.13 -16.09
C GLN F 111 16.59 69.51 -15.68
N GLU F 112 17.36 68.53 -15.26
CA GLU F 112 18.76 68.76 -14.92
C GLU F 112 19.53 69.24 -16.13
N ARG F 113 19.39 68.54 -17.25
CA ARG F 113 20.17 68.85 -18.45
C ARG F 113 19.82 70.20 -19.09
N ILE F 114 18.56 70.61 -18.99
CA ILE F 114 18.13 71.87 -19.59
C ILE F 114 18.51 73.08 -18.74
N ASN F 115 19.21 72.82 -17.64
CA ASN F 115 19.69 73.90 -16.78
C ASN F 115 21.19 74.10 -16.94
N ALA F 123 17.63 82.25 -22.98
CA ALA F 123 16.38 81.53 -23.17
C ALA F 123 15.89 80.92 -21.87
N GLN F 124 14.58 80.66 -21.79
CA GLN F 124 13.96 80.16 -20.58
C GLN F 124 13.18 78.85 -20.80
N PRO F 125 13.90 77.73 -20.99
CA PRO F 125 13.28 76.44 -21.30
C PRO F 125 12.54 75.82 -20.12
N SER F 126 11.27 75.46 -20.33
CA SER F 126 10.43 74.91 -19.27
C SER F 126 10.03 73.45 -19.57
N LEU F 127 9.35 72.82 -18.63
CA LEU F 127 8.88 71.46 -18.83
C LEU F 127 7.37 71.40 -18.97
N ASP F 128 6.88 70.65 -19.96
CA ASP F 128 5.45 70.51 -20.17
C ASP F 128 4.85 69.69 -19.02
N PRO F 129 3.53 69.82 -18.79
CA PRO F 129 2.83 69.05 -17.75
C PRO F 129 2.98 67.53 -17.89
N LEU F 130 3.00 66.82 -16.75
CA LEU F 130 3.21 65.38 -16.76
C LEU F 130 1.90 64.64 -17.03
N THR F 131 1.62 64.43 -18.31
CA THR F 131 0.38 63.79 -18.72
C THR F 131 0.66 62.91 -19.95
N SER F 132 -0.17 61.88 -20.11
CA SER F 132 -0.11 61.02 -21.28
C SER F 132 -0.89 61.69 -22.42
N PRO F 133 -0.54 61.37 -23.67
CA PRO F 133 -1.30 61.80 -24.84
C PRO F 133 -2.77 61.36 -24.80
N ILE F 134 -3.11 60.48 -23.86
CA ILE F 134 -4.51 60.11 -23.62
C ILE F 134 -4.99 60.62 -22.27
N GLY F 135 -4.37 61.70 -21.80
CA GLY F 135 -4.73 62.27 -20.51
C GLY F 135 -5.83 63.31 -20.59
N GLU F 136 -6.20 63.68 -21.81
CA GLU F 136 -7.19 64.74 -22.03
C GLU F 136 -8.61 64.21 -21.85
N ILE F 137 -9.03 64.09 -20.60
CA ILE F 137 -10.18 63.26 -20.27
C ILE F 137 -11.53 63.97 -20.23
N TYR F 138 -11.53 65.29 -20.25
CA TYR F 138 -12.78 66.04 -20.12
C TYR F 138 -12.75 67.36 -20.86
N ARG F 139 -13.21 67.35 -22.10
CA ARG F 139 -13.27 68.56 -22.92
C ARG F 139 -14.59 69.27 -22.72
N TYR F 140 -14.54 70.60 -22.58
CA TYR F 140 -15.74 71.35 -22.27
C TYR F 140 -15.69 72.75 -22.87
N THR F 141 -16.82 73.44 -22.80
CA THR F 141 -16.94 74.81 -23.28
C THR F 141 -17.86 75.57 -22.34
N LEU F 142 -17.53 76.83 -22.10
CA LEU F 142 -18.40 77.74 -21.36
C LEU F 142 -19.52 78.22 -22.27
N VAL F 143 -20.76 77.78 -22.02
CA VAL F 143 -21.89 78.30 -22.79
C VAL F 143 -22.68 79.36 -22.03
N SER F 144 -23.28 80.25 -22.82
CA SER F 144 -24.13 81.31 -22.33
C SER F 144 -24.90 81.87 -23.51
N LYS F 145 -25.98 82.60 -23.24
CA LYS F 145 -26.76 83.23 -24.30
C LYS F 145 -26.59 84.74 -24.23
N THR F 146 -26.29 85.23 -23.02
CA THR F 146 -26.26 86.66 -22.74
C THR F 146 -24.85 87.20 -22.50
N ARG F 147 -23.92 86.32 -22.19
CA ARG F 147 -22.58 86.77 -21.80
C ARG F 147 -21.62 86.84 -22.99
N ASP F 148 -20.70 87.79 -22.93
CA ASP F 148 -19.79 88.04 -24.02
C ASP F 148 -18.45 87.33 -23.81
N LEU F 149 -17.79 87.00 -24.92
CA LEU F 149 -16.58 86.18 -24.92
C LEU F 149 -15.47 86.65 -23.99
N ARG F 150 -15.39 87.96 -23.73
CA ARG F 150 -14.42 88.47 -22.77
C ARG F 150 -14.82 88.07 -21.36
N GLU F 151 -16.09 88.23 -21.04
CA GLU F 151 -16.60 87.83 -19.73
C GLU F 151 -16.42 86.33 -19.50
N LEU F 152 -16.71 85.54 -20.53
CA LEU F 152 -16.50 84.11 -20.47
C LEU F 152 -15.03 83.77 -20.35
N SER F 153 -14.19 84.64 -20.90
CA SER F 153 -12.75 84.42 -20.82
C SER F 153 -12.27 84.62 -19.39
N GLU F 154 -12.72 85.69 -18.75
CA GLU F 154 -12.31 85.95 -17.38
C GLU F 154 -12.89 84.92 -16.43
N LEU F 155 -14.12 84.46 -16.73
CA LEU F 155 -14.74 83.40 -15.95
C LEU F 155 -13.88 82.16 -16.02
N GLN F 156 -13.46 81.83 -17.25
CA GLN F 156 -12.59 80.70 -17.47
C GLN F 156 -11.34 80.85 -16.63
N PHE F 157 -10.63 81.95 -16.84
CA PHE F 157 -9.31 82.15 -16.26
C PHE F 157 -9.28 82.17 -14.74
N TRP F 158 -10.28 82.81 -14.14
CA TRP F 158 -10.21 83.10 -12.71
C TRP F 158 -11.16 82.29 -11.83
N LYS F 159 -12.08 81.57 -12.45
CA LYS F 159 -13.02 80.73 -11.72
C LYS F 159 -12.87 79.25 -12.07
N VAL F 160 -13.12 78.92 -13.33
CA VAL F 160 -13.25 77.53 -13.76
C VAL F 160 -11.94 76.75 -13.66
N ILE F 161 -10.90 77.26 -14.32
CA ILE F 161 -9.61 76.60 -14.30
C ILE F 161 -9.03 76.54 -12.89
N PRO F 162 -9.01 77.68 -12.16
CA PRO F 162 -8.49 77.58 -10.79
C PRO F 162 -9.22 76.55 -9.94
N ARG F 163 -10.46 76.25 -10.29
CA ARG F 163 -11.25 75.29 -9.54
C ARG F 163 -10.89 73.86 -9.94
N LEU F 164 -10.97 73.57 -11.24
CA LEU F 164 -10.66 72.24 -11.73
C LEU F 164 -9.22 71.84 -11.44
N LYS F 165 -8.35 72.83 -11.25
CA LYS F 165 -6.97 72.59 -10.87
C LYS F 165 -6.86 71.99 -9.47
N GLN F 166 -7.95 72.03 -8.70
CA GLN F 166 -7.92 71.48 -7.35
C GLN F 166 -8.26 70.00 -7.32
N VAL F 167 -8.83 69.50 -8.41
CA VAL F 167 -9.19 68.08 -8.46
C VAL F 167 -7.93 67.25 -8.46
N ALA F 168 -7.75 66.46 -7.40
CA ALA F 168 -6.59 65.60 -7.27
C ALA F 168 -6.51 64.62 -8.44
N GLY F 169 -5.37 64.64 -9.12
CA GLY F 169 -5.19 63.80 -10.29
C GLY F 169 -5.18 64.63 -11.56
N VAL F 170 -5.52 65.91 -11.42
CA VAL F 170 -5.52 66.81 -12.55
C VAL F 170 -4.25 67.61 -12.56
N VAL F 171 -3.36 67.29 -13.50
CA VAL F 171 -2.06 67.93 -13.52
C VAL F 171 -2.15 69.36 -14.04
N ASP F 172 -2.96 69.58 -15.07
CA ASP F 172 -3.22 70.94 -15.56
C ASP F 172 -4.46 71.01 -16.46
N VAL F 173 -4.90 72.24 -16.72
CA VAL F 173 -6.03 72.50 -17.60
C VAL F 173 -5.56 73.39 -18.73
N ALA F 174 -5.91 73.01 -19.96
CA ALA F 174 -5.48 73.75 -21.15
C ALA F 174 -6.61 74.62 -21.74
N ASN F 175 -6.42 75.93 -21.75
CA ASN F 175 -7.41 76.81 -22.35
C ASN F 175 -7.20 76.98 -23.85
N PHE F 176 -8.29 77.18 -24.58
CA PHE F 176 -8.20 77.52 -26.00
C PHE F 176 -9.39 78.41 -26.37
N GLY F 177 -9.10 79.61 -26.85
CA GLY F 177 -10.14 80.52 -27.29
C GLY F 177 -10.38 81.64 -26.31
N GLY F 178 -11.43 82.40 -26.53
CA GLY F 178 -11.72 83.52 -25.67
C GLY F 178 -10.73 84.65 -25.83
N LEU F 179 -10.67 85.55 -24.85
CA LEU F 179 -9.84 86.75 -24.96
C LEU F 179 -9.18 87.12 -23.65
N THR F 180 -7.86 87.03 -23.59
CA THR F 180 -7.13 87.59 -22.46
C THR F 180 -7.19 89.11 -22.54
N THR F 181 -7.37 89.76 -21.39
CA THR F 181 -7.59 91.20 -21.36
C THR F 181 -6.35 91.95 -20.89
N GLN F 182 -5.95 92.97 -21.66
CA GLN F 182 -4.80 93.76 -21.28
C GLN F 182 -5.08 95.26 -21.36
N PHE F 183 -4.24 96.04 -20.68
CA PHE F 183 -4.34 97.49 -20.67
C PHE F 183 -3.37 97.99 -21.71
N MET F 184 -3.83 98.83 -22.64
CA MET F 184 -2.93 99.31 -23.68
C MET F 184 -3.19 100.73 -24.17
N LEU F 185 -2.12 101.50 -24.28
CA LEU F 185 -2.15 102.80 -24.91
C LEU F 185 -1.84 102.62 -26.38
N GLU F 186 -2.58 103.32 -27.23
CA GLU F 186 -2.39 103.21 -28.67
C GLU F 186 -1.65 104.43 -29.24
N PHE F 187 -0.32 104.35 -29.23
CA PHE F 187 0.56 105.43 -29.67
C PHE F 187 0.30 105.94 -31.09
N ASP F 188 0.55 107.22 -31.27
CA ASP F 188 0.64 107.82 -32.60
C ASP F 188 1.98 108.54 -32.66
N PRO F 189 2.96 107.93 -33.33
CA PRO F 189 4.35 108.40 -33.42
C PRO F 189 4.49 109.83 -33.93
N VAL F 190 3.40 110.40 -34.46
CA VAL F 190 3.36 111.80 -34.86
C VAL F 190 3.82 112.69 -33.70
N MET F 191 3.39 112.34 -32.49
CA MET F 191 3.81 113.07 -31.30
C MET F 191 4.96 112.36 -30.59
N LEU F 192 5.76 111.64 -31.37
CA LEU F 192 7.00 111.05 -30.89
C LEU F 192 8.15 111.63 -31.70
N SER F 193 7.78 112.30 -32.78
CA SER F 193 8.73 112.88 -33.72
C SER F 193 9.73 113.83 -33.06
N LYS F 194 9.30 115.05 -32.78
CA LYS F 194 10.18 116.04 -32.16
C LYS F 194 9.99 116.10 -30.64
N TYR F 195 10.11 114.94 -30.01
CA TYR F 195 9.91 114.84 -28.57
C TYR F 195 11.06 114.09 -27.92
N ASN F 196 11.91 113.50 -28.76
CA ASN F 196 13.14 112.83 -28.34
C ASN F 196 13.02 111.83 -27.19
N ILE F 197 11.81 111.33 -26.93
CA ILE F 197 11.66 110.23 -26.00
C ILE F 197 11.38 108.95 -26.79
N SER F 198 12.19 107.93 -26.54
CA SER F 198 12.08 106.67 -27.24
C SER F 198 11.04 105.75 -26.61
N LEU F 199 10.69 104.69 -27.32
CA LEU F 199 9.81 103.66 -26.80
C LEU F 199 10.42 103.04 -25.56
N ASN F 200 11.75 103.00 -25.50
CA ASN F 200 12.44 102.42 -24.36
C ASN F 200 12.40 103.29 -23.11
N GLN F 201 12.52 104.60 -23.28
CA GLN F 201 12.41 105.50 -22.14
C GLN F 201 10.96 105.61 -21.70
N ILE F 202 10.05 105.58 -22.66
CA ILE F 202 8.62 105.53 -22.37
C ILE F 202 8.27 104.31 -21.54
N THR F 203 8.75 103.15 -21.97
CA THR F 203 8.44 101.89 -21.28
C THR F 203 9.17 101.71 -19.95
N GLN F 204 10.42 102.15 -19.88
CA GLN F 204 11.16 102.10 -18.61
C GLN F 204 10.52 103.03 -17.59
N ALA F 205 10.09 104.20 -18.04
CA ALA F 205 9.37 105.13 -17.20
C ALA F 205 8.07 104.48 -16.72
N ILE F 206 7.24 104.08 -17.66
CA ILE F 206 5.90 103.57 -17.37
C ILE F 206 5.93 102.24 -16.61
N SER F 207 7.11 101.60 -16.56
CA SER F 207 7.26 100.35 -15.82
C SER F 207 7.83 100.54 -14.43
N GLU F 208 8.83 101.41 -14.31
CA GLU F 208 9.54 101.57 -13.03
C GLU F 208 8.71 102.19 -11.92
N ASN F 209 7.64 102.90 -12.27
CA ASN F 209 6.79 103.53 -11.26
C ASN F 209 5.54 102.69 -10.93
N ASN F 210 5.72 101.39 -10.85
CA ASN F 210 4.65 100.50 -10.40
C ASN F 210 5.13 99.63 -9.25
N ALA F 211 5.18 100.22 -8.06
CA ALA F 211 5.65 99.49 -6.88
C ALA F 211 5.00 100.02 -5.60
N ASN F 212 4.83 99.13 -4.63
CA ASN F 212 4.29 99.50 -3.33
C ASN F 212 5.32 99.23 -2.24
N ALA F 213 6.17 100.21 -1.98
CA ALA F 213 7.17 100.08 -0.94
C ALA F 213 6.52 99.97 0.44
N GLY F 214 7.25 99.40 1.38
CA GLY F 214 6.84 99.37 2.76
C GLY F 214 7.91 100.06 3.59
N GLY F 215 7.49 100.82 4.60
CA GLY F 215 8.45 101.55 5.42
C GLY F 215 8.75 100.88 6.75
N SER F 216 8.44 99.59 6.84
CA SER F 216 8.60 98.82 8.08
C SER F 216 7.86 99.45 9.26
N ILE F 217 8.43 99.35 10.45
CA ILE F 217 7.71 99.74 11.66
C ILE F 217 8.09 101.11 12.21
N LEU F 218 7.09 101.98 12.31
CA LEU F 218 7.28 103.32 12.86
C LEU F 218 6.53 103.40 14.17
N ASN F 219 7.24 103.72 15.24
CA ASN F 219 6.66 103.71 16.57
C ASN F 219 5.99 105.02 16.97
N ARG F 220 5.03 104.92 17.89
CA ARG F 220 4.30 106.07 18.39
C ARG F 220 3.77 105.73 19.77
N GLY F 221 4.62 105.93 20.78
CA GLY F 221 4.29 105.58 22.14
C GLY F 221 4.55 104.10 22.38
N GLU F 222 3.50 103.37 22.75
CA GLU F 222 3.59 101.94 22.94
C GLU F 222 3.16 101.17 21.69
N GLN F 223 2.69 101.88 20.68
CA GLN F 223 2.24 101.26 19.43
C GLN F 223 3.35 101.29 18.40
N GLY F 224 3.34 100.33 17.49
CA GLY F 224 4.31 100.27 16.40
C GLY F 224 3.63 99.98 15.08
N LEU F 225 3.35 101.02 14.31
CA LEU F 225 2.54 100.92 13.10
C LEU F 225 3.36 100.72 11.82
N VAL F 226 2.96 99.76 11.00
CA VAL F 226 3.67 99.52 9.75
C VAL F 226 3.36 100.63 8.75
N VAL F 227 4.36 101.01 7.96
CA VAL F 227 4.20 102.06 6.96
C VAL F 227 3.95 101.48 5.58
N ARG F 228 2.87 101.93 4.94
CA ARG F 228 2.52 101.47 3.60
C ARG F 228 2.57 102.59 2.57
N GLY F 229 3.49 102.47 1.63
CA GLY F 229 3.48 103.31 0.45
C GLY F 229 2.75 102.56 -0.65
N VAL F 230 1.86 103.23 -1.36
CA VAL F 230 1.09 102.60 -2.40
C VAL F 230 1.29 103.31 -3.73
N GLY F 231 1.87 102.59 -4.69
CA GLY F 231 2.12 103.15 -6.01
C GLY F 231 1.76 102.19 -7.12
N LEU F 232 1.14 101.07 -6.74
CA LEU F 232 0.69 100.08 -7.71
C LEU F 232 -0.45 100.64 -8.56
N ILE F 233 -0.30 100.56 -9.88
CA ILE F 233 -1.35 101.02 -10.79
C ILE F 233 -2.59 100.13 -10.69
N ARG F 234 -3.77 100.75 -10.74
CA ARG F 234 -5.02 100.03 -10.45
C ARG F 234 -5.95 99.95 -11.64
N ASN F 235 -5.99 101.02 -12.43
CA ASN F 235 -6.84 101.04 -13.61
C ASN F 235 -6.30 102.02 -14.63
N LEU F 236 -6.80 101.94 -15.85
CA LEU F 236 -6.32 102.80 -16.93
C LEU F 236 -6.51 104.28 -16.60
N ASP F 237 -7.35 104.56 -15.61
CA ASP F 237 -7.46 105.89 -15.05
C ASP F 237 -6.14 106.28 -14.41
N ASP F 238 -5.57 105.35 -13.65
CA ASP F 238 -4.29 105.60 -12.99
C ASP F 238 -3.15 105.46 -13.99
N LEU F 239 -3.46 104.94 -15.18
CA LEU F 239 -2.48 104.83 -16.26
C LEU F 239 -2.45 106.12 -17.07
N GLY F 240 -3.64 106.70 -17.26
CA GLY F 240 -3.81 107.91 -18.04
C GLY F 240 -3.06 109.12 -17.52
N ASN F 241 -2.53 109.02 -16.31
CA ASN F 241 -1.77 110.10 -15.71
C ASN F 241 -0.31 109.72 -15.48
N LEU F 257 -2.02 112.06 -25.00
CA LEU F 257 -1.49 111.52 -26.24
C LEU F 257 -2.53 110.70 -27.00
N GLY F 258 -2.26 109.41 -27.14
CA GLY F 258 -3.12 108.51 -27.87
C GLY F 258 -4.23 107.92 -27.02
N ARG F 259 -4.95 106.96 -27.59
CA ARG F 259 -6.08 106.35 -26.93
C ARG F 259 -5.64 105.24 -25.96
N VAL F 260 -5.72 105.53 -24.66
CA VAL F 260 -5.46 104.50 -23.66
C VAL F 260 -6.74 103.75 -23.31
N VAL F 261 -6.78 102.47 -23.68
CA VAL F 261 -7.98 101.68 -23.49
C VAL F 261 -7.67 100.26 -23.06
N LEU F 262 -8.73 99.53 -22.71
CA LEU F 262 -8.67 98.10 -22.54
C LEU F 262 -8.41 97.47 -23.90
N GLY F 263 -7.99 96.22 -23.90
CA GLY F 263 -7.72 95.54 -25.15
C GLY F 263 -7.27 94.11 -24.96
N ASN F 264 -6.86 93.49 -26.06
CA ASN F 264 -6.43 92.10 -26.06
C ASN F 264 -5.28 91.91 -27.02
N PRO F 265 -4.33 91.02 -26.67
CA PRO F 265 -3.17 90.77 -27.52
C PRO F 265 -3.61 90.07 -28.80
N GLN F 266 -2.75 90.08 -29.81
CA GLN F 266 -3.05 89.43 -31.08
C GLN F 266 -3.46 87.99 -30.82
N ARG F 267 -4.56 87.58 -31.44
CA ARG F 267 -5.25 86.35 -31.04
C ARG F 267 -4.47 85.07 -31.29
N HIS F 268 -4.39 84.26 -30.24
CA HIS F 268 -3.72 82.96 -30.28
C HIS F 268 -4.30 82.12 -31.41
N GLY F 269 -5.41 81.44 -31.13
CA GLY F 269 -6.18 80.79 -32.15
C GLY F 269 -7.66 81.10 -31.93
N ILE F 270 -8.51 80.49 -32.74
CA ILE F 270 -9.94 80.59 -32.55
C ILE F 270 -10.52 79.19 -32.40
N LEU F 271 -11.49 79.05 -31.51
CA LEU F 271 -12.17 77.78 -31.32
C LEU F 271 -13.62 77.92 -31.75
N GLY F 272 -14.12 76.95 -32.51
CA GLY F 272 -15.47 77.04 -32.99
C GLY F 272 -16.31 75.82 -32.65
N MET F 273 -17.62 75.99 -32.65
CA MET F 273 -18.53 74.88 -32.42
C MET F 273 -19.80 75.00 -33.27
N ASP F 274 -20.83 74.23 -32.92
CA ASP F 274 -22.10 74.22 -33.64
C ASP F 274 -22.58 75.63 -33.95
N ARG F 275 -22.26 76.11 -35.16
CA ARG F 275 -22.62 77.46 -35.61
C ARG F 275 -21.88 78.59 -34.86
N ASN F 276 -21.35 78.29 -33.68
CA ASN F 276 -20.58 79.26 -32.92
C ASN F 276 -19.13 79.32 -33.41
N PRO F 277 -18.73 80.48 -33.96
CA PRO F 277 -17.39 80.62 -34.53
C PRO F 277 -16.37 80.99 -33.46
N ASP F 278 -16.81 81.66 -32.40
CA ASP F 278 -15.87 82.20 -31.41
C ASP F 278 -16.28 81.94 -29.96
N THR F 279 -15.91 80.78 -29.42
CA THR F 279 -16.13 80.53 -28.01
C THR F 279 -14.81 80.14 -27.29
N ILE F 280 -14.92 79.45 -26.16
CA ILE F 280 -13.76 79.15 -25.33
C ILE F 280 -13.86 77.80 -24.64
N GLN F 281 -12.77 77.03 -24.67
CA GLN F 281 -12.80 75.67 -24.17
C GLN F 281 -11.64 75.32 -23.24
N GLY F 282 -11.80 74.25 -22.50
CA GLY F 282 -10.76 73.74 -21.63
C GLY F 282 -10.51 72.26 -21.81
N ILE F 283 -9.28 71.84 -21.54
CA ILE F 283 -8.87 70.46 -21.68
C ILE F 283 -8.29 69.96 -20.36
N THR F 284 -9.02 69.06 -19.70
CA THR F 284 -8.60 68.52 -18.41
C THR F 284 -7.56 67.43 -18.58
N LEU F 285 -6.36 67.69 -18.12
CA LEU F 285 -5.24 66.80 -18.38
C LEU F 285 -5.01 65.83 -17.23
N LEU F 286 -5.32 64.56 -17.48
CA LEU F 286 -5.09 63.51 -16.52
C LEU F 286 -3.62 63.40 -16.20
N LEU F 287 -3.29 63.59 -14.93
CA LEU F 287 -1.93 63.39 -14.43
C LEU F 287 -1.49 61.98 -14.75
N LYS F 288 -0.22 61.84 -15.14
CA LYS F 288 0.32 60.54 -15.56
C LYS F 288 0.18 59.49 -14.46
N ASN F 289 -0.20 58.29 -14.85
CA ASN F 289 -0.34 57.15 -13.95
C ASN F 289 -1.30 57.39 -12.78
N GLU F 290 -2.47 57.93 -13.08
CA GLU F 290 -3.56 58.03 -12.12
C GLU F 290 -4.84 57.55 -12.80
N ASN F 291 -5.75 56.99 -12.01
CA ASN F 291 -6.91 56.31 -12.57
C ASN F 291 -7.95 57.27 -13.13
N PRO F 292 -8.16 57.22 -14.45
CA PRO F 292 -9.06 58.12 -15.19
C PRO F 292 -10.45 58.28 -14.56
N SER F 293 -11.16 57.19 -14.31
CA SER F 293 -12.53 57.31 -13.80
C SER F 293 -12.52 57.92 -12.40
N VAL F 294 -11.53 57.51 -11.61
CA VAL F 294 -11.35 57.99 -10.24
C VAL F 294 -11.20 59.50 -10.20
N VAL F 295 -10.35 60.02 -11.06
CA VAL F 295 -10.19 61.47 -11.16
C VAL F 295 -11.43 62.13 -11.76
N MET F 296 -12.10 61.42 -12.68
CA MET F 296 -13.33 61.93 -13.30
C MET F 296 -14.43 62.16 -12.28
N GLU F 297 -14.42 61.37 -11.20
CA GLU F 297 -15.34 61.59 -10.10
C GLU F 297 -15.14 63.00 -9.51
N GLY F 298 -13.91 63.30 -9.10
CA GLY F 298 -13.58 64.60 -8.52
C GLY F 298 -13.77 65.76 -9.47
N VAL F 299 -13.48 65.52 -10.74
CA VAL F 299 -13.73 66.52 -11.76
C VAL F 299 -15.23 66.80 -11.86
N HIS F 300 -16.04 65.74 -11.77
CA HIS F 300 -17.49 65.89 -11.83
C HIS F 300 -18.00 66.71 -10.66
N ALA F 301 -17.43 66.43 -9.48
CA ALA F 301 -17.71 67.23 -8.29
C ALA F 301 -17.40 68.70 -8.52
N ALA F 302 -16.20 68.96 -9.06
CA ALA F 302 -15.77 70.34 -9.34
C ALA F 302 -16.70 71.06 -10.32
N VAL F 303 -16.89 70.46 -11.49
CA VAL F 303 -17.77 70.99 -12.52
C VAL F 303 -19.15 71.31 -11.95
N ARG F 304 -19.72 70.33 -11.24
CA ARG F 304 -21.03 70.49 -10.61
C ARG F 304 -21.05 71.71 -9.68
N ASP F 305 -20.05 71.79 -8.80
CA ASP F 305 -19.86 72.93 -7.91
C ASP F 305 -19.81 74.26 -8.68
N LEU F 306 -19.17 74.24 -9.84
CA LEU F 306 -19.05 75.44 -10.65
C LEU F 306 -20.41 75.88 -11.17
N ASN F 307 -21.18 74.95 -11.73
CA ASN F 307 -22.48 75.32 -12.28
C ASN F 307 -23.48 75.73 -11.19
N ASP F 308 -23.55 74.92 -10.12
CA ASP F 308 -24.53 75.10 -9.06
C ASP F 308 -24.35 76.38 -8.26
N ASN F 309 -23.12 76.64 -7.82
CA ASN F 309 -22.88 77.67 -6.80
C ASN F 309 -21.93 78.81 -7.18
N ILE F 310 -20.96 78.52 -8.04
CA ILE F 310 -19.95 79.53 -8.34
C ILE F 310 -20.27 80.43 -9.51
N LEU F 311 -20.36 79.84 -10.71
CA LEU F 311 -20.58 80.60 -11.93
C LEU F 311 -21.86 81.43 -11.90
N PRO F 312 -21.87 82.56 -12.64
CA PRO F 312 -23.11 83.30 -12.83
C PRO F 312 -24.13 82.41 -13.54
N LYS F 313 -25.41 82.70 -13.34
CA LYS F 313 -26.44 81.93 -14.00
C LYS F 313 -26.39 82.18 -15.51
N ASP F 314 -26.94 81.25 -16.28
CA ASP F 314 -26.78 81.23 -17.73
C ASP F 314 -25.32 81.33 -18.13
N VAL F 315 -24.48 80.68 -17.34
CA VAL F 315 -23.11 80.38 -17.73
C VAL F 315 -22.88 78.97 -17.23
N LYS F 316 -22.83 78.02 -18.16
CA LYS F 316 -22.72 76.63 -17.77
C LYS F 316 -21.52 76.01 -18.45
N VAL F 317 -20.69 75.32 -17.66
CA VAL F 317 -19.62 74.52 -18.22
C VAL F 317 -20.22 73.24 -18.74
N VAL F 318 -20.15 73.03 -20.05
CA VAL F 318 -20.75 71.84 -20.64
C VAL F 318 -19.71 71.07 -21.43
N PRO F 319 -19.58 69.77 -21.13
CA PRO F 319 -18.60 68.91 -21.80
C PRO F 319 -19.06 68.43 -23.18
N TYR F 320 -18.09 68.10 -24.05
CA TYR F 320 -18.41 67.49 -25.33
C TYR F 320 -17.62 66.19 -25.50
N ILE F 321 -16.50 66.08 -24.80
CA ILE F 321 -15.84 64.80 -24.61
C ILE F 321 -15.69 64.54 -23.12
N ASP F 322 -16.06 63.33 -22.70
CA ASP F 322 -16.02 62.97 -21.29
C ASP F 322 -15.66 61.49 -21.17
N ARG F 323 -14.43 61.21 -20.76
CA ARG F 323 -13.89 59.85 -20.70
C ARG F 323 -14.82 58.87 -19.98
N SER F 324 -15.61 59.41 -19.04
CA SER F 324 -16.59 58.61 -18.32
C SER F 324 -17.55 57.89 -19.27
N ASN F 325 -17.95 58.57 -20.34
CA ASN F 325 -18.82 57.97 -21.36
C ASN F 325 -18.19 56.70 -21.90
N LEU F 326 -16.92 56.78 -22.25
CA LEU F 326 -16.22 55.67 -22.84
C LEU F 326 -16.12 54.53 -21.83
N VAL F 327 -15.83 54.87 -20.58
CA VAL F 327 -15.78 53.87 -19.52
C VAL F 327 -17.14 53.16 -19.40
N ASP F 328 -18.21 53.93 -19.53
CA ASP F 328 -19.57 53.39 -19.48
C ASP F 328 -19.82 52.39 -20.61
N ALA F 329 -19.61 52.83 -21.85
CA ALA F 329 -19.85 51.98 -23.01
C ALA F 329 -18.99 50.73 -22.96
N THR F 330 -17.77 50.89 -22.42
CA THR F 330 -16.85 49.77 -22.30
C THR F 330 -17.31 48.75 -21.25
N VAL F 331 -17.74 49.22 -20.08
CA VAL F 331 -18.23 48.29 -19.06
C VAL F 331 -19.57 47.67 -19.46
N HIS F 332 -20.32 48.36 -20.31
CA HIS F 332 -21.57 47.80 -20.81
C HIS F 332 -21.27 46.70 -21.81
N THR F 333 -20.32 46.96 -22.70
CA THR F 333 -19.94 45.98 -23.72
C THR F 333 -19.30 44.73 -23.11
N VAL F 334 -18.32 44.94 -22.23
CA VAL F 334 -17.65 43.84 -21.54
C VAL F 334 -18.63 43.11 -20.61
N GLY F 335 -19.51 43.87 -19.94
CA GLY F 335 -20.50 43.26 -19.08
C GLY F 335 -21.44 42.34 -19.84
N LYS F 336 -21.97 42.86 -20.94
CA LYS F 336 -22.86 42.09 -21.80
C LYS F 336 -22.15 40.86 -22.33
N THR F 337 -20.88 41.04 -22.72
CA THR F 337 -20.09 39.93 -23.25
C THR F 337 -19.89 38.82 -22.23
N LEU F 338 -19.35 39.15 -21.06
CA LEU F 338 -19.11 38.16 -20.02
C LEU F 338 -20.41 37.49 -19.55
N MET F 339 -21.50 38.25 -19.46
CA MET F 339 -22.79 37.67 -19.11
C MET F 339 -23.26 36.65 -20.14
N GLU F 340 -23.25 37.03 -21.42
CA GLU F 340 -23.68 36.13 -22.49
C GLU F 340 -22.82 34.86 -22.54
N GLY F 341 -21.51 35.03 -22.40
CA GLY F 341 -20.60 33.90 -22.37
C GLY F 341 -20.90 32.98 -21.21
N MET F 342 -21.12 33.57 -20.04
CA MET F 342 -21.51 32.83 -18.84
C MET F 342 -22.74 31.95 -19.08
N PHE F 343 -23.84 32.60 -19.45
CA PHE F 343 -25.11 31.89 -19.66
C PHE F 343 -25.02 30.85 -20.77
N LEU F 344 -24.20 31.09 -21.78
CA LEU F 344 -24.02 30.12 -22.84
C LEU F 344 -23.25 28.89 -22.36
N VAL F 345 -22.18 29.11 -21.60
CA VAL F 345 -21.40 28.02 -21.03
C VAL F 345 -22.27 27.15 -20.11
N SER F 346 -23.04 27.82 -19.25
CA SER F 346 -23.96 27.10 -18.36
C SER F 346 -25.04 26.37 -19.15
N LEU F 347 -25.45 26.96 -20.27
CA LEU F 347 -26.40 26.30 -21.17
C LEU F 347 -25.79 25.00 -21.69
N VAL F 348 -24.51 25.05 -22.03
CA VAL F 348 -23.80 23.85 -22.48
C VAL F 348 -23.71 22.79 -21.39
N LEU F 349 -23.32 23.20 -20.19
CA LEU F 349 -23.24 22.27 -19.06
C LEU F 349 -24.58 21.61 -18.77
N LEU F 350 -25.64 22.41 -18.82
CA LEU F 350 -27.00 21.93 -18.56
C LEU F 350 -27.43 20.93 -19.63
N LEU F 351 -27.22 21.30 -20.89
CA LEU F 351 -27.58 20.43 -22.02
C LEU F 351 -26.79 19.12 -22.01
N PHE F 352 -25.56 19.17 -21.50
CA PHE F 352 -24.69 18.01 -21.53
C PHE F 352 -24.88 17.06 -20.35
N LEU F 353 -24.63 17.55 -19.14
CA LEU F 353 -24.72 16.69 -17.96
C LEU F 353 -26.14 16.19 -17.70
N GLY F 354 -27.12 17.03 -18.04
CA GLY F 354 -28.52 16.69 -17.82
C GLY F 354 -28.99 17.09 -16.44
N SER F 355 -28.09 16.98 -15.46
CA SER F 355 -28.40 17.35 -14.08
C SER F 355 -27.99 18.79 -13.81
N PRO F 356 -28.97 19.65 -13.52
CA PRO F 356 -28.74 21.06 -13.19
C PRO F 356 -27.88 21.22 -11.93
N ARG F 357 -27.95 20.22 -11.05
CA ARG F 357 -27.14 20.22 -9.84
C ARG F 357 -25.66 20.20 -10.19
N ALA F 358 -25.24 19.18 -10.93
CA ALA F 358 -23.87 19.04 -11.37
C ALA F 358 -23.42 20.21 -12.23
N ALA F 359 -24.34 20.68 -13.09
CA ALA F 359 -24.08 21.83 -13.94
C ALA F 359 -23.72 23.05 -13.09
N ILE F 360 -24.48 23.27 -12.03
CA ILE F 360 -24.22 24.39 -11.13
C ILE F 360 -22.92 24.21 -10.35
N ILE F 361 -22.72 23.02 -9.79
CA ILE F 361 -21.54 22.79 -8.96
C ILE F 361 -20.24 22.81 -9.77
N VAL F 362 -20.34 22.61 -11.08
CA VAL F 362 -19.17 22.72 -11.93
C VAL F 362 -19.09 24.11 -12.56
N ALA F 363 -20.20 24.83 -12.54
CA ALA F 363 -20.23 26.19 -13.05
C ALA F 363 -19.61 27.15 -12.06
N VAL F 364 -19.84 26.90 -10.77
CA VAL F 364 -19.36 27.77 -9.70
C VAL F 364 -17.84 27.76 -9.56
N THR F 365 -17.14 27.22 -10.56
CA THR F 365 -15.70 27.34 -10.62
C THR F 365 -15.36 28.70 -11.22
N ILE F 366 -16.15 29.13 -12.19
CA ILE F 366 -15.96 30.43 -12.85
C ILE F 366 -15.98 31.63 -11.89
N PRO F 367 -17.02 31.77 -11.05
CA PRO F 367 -16.98 32.91 -10.13
C PRO F 367 -15.93 32.71 -9.03
N LEU F 368 -15.68 31.46 -8.65
CA LEU F 368 -14.69 31.15 -7.62
C LEU F 368 -13.29 31.56 -8.08
N SER F 369 -12.90 31.10 -9.26
CA SER F 369 -11.59 31.43 -9.82
C SER F 369 -11.43 32.93 -10.03
N LEU F 370 -12.48 33.58 -10.52
CA LEU F 370 -12.45 35.02 -10.75
C LEU F 370 -12.16 35.78 -9.45
N LEU F 371 -12.86 35.43 -8.39
CA LEU F 371 -12.60 36.01 -7.07
C LEU F 371 -11.22 35.61 -6.57
N MET F 372 -10.77 34.43 -6.99
CA MET F 372 -9.49 33.89 -6.56
C MET F 372 -8.35 34.44 -7.42
N ALA F 373 -8.73 35.17 -8.47
CA ALA F 373 -7.74 35.80 -9.35
C ALA F 373 -7.64 37.28 -9.06
N PHE F 374 -8.74 37.87 -8.60
CA PHE F 374 -8.77 39.28 -8.24
C PHE F 374 -7.78 39.57 -7.12
N ILE F 375 -7.79 38.72 -6.10
CA ILE F 375 -6.90 38.86 -4.95
C ILE F 375 -5.43 38.91 -5.38
N LEU F 376 -5.05 38.02 -6.29
CA LEU F 376 -3.67 37.98 -6.77
C LEU F 376 -3.34 39.20 -7.63
N MET F 377 -4.37 39.77 -8.24
CA MET F 377 -4.18 41.01 -9.00
C MET F 377 -4.27 42.19 -8.06
N HIS F 378 -4.91 41.99 -6.92
CA HIS F 378 -5.04 43.03 -5.92
C HIS F 378 -3.71 43.25 -5.20
N HIS F 379 -2.98 42.17 -4.97
CA HIS F 379 -1.72 42.25 -4.24
C HIS F 379 -0.50 42.44 -5.14
N PHE F 380 -0.63 42.10 -6.41
CA PHE F 380 0.42 42.40 -7.38
C PHE F 380 0.13 43.77 -7.99
N LYS F 381 -0.98 44.37 -7.56
CA LYS F 381 -1.41 45.70 -8.01
C LYS F 381 -1.76 45.76 -9.49
N ILE F 382 -2.13 44.61 -10.06
CA ILE F 382 -2.51 44.53 -11.46
C ILE F 382 -3.87 45.18 -11.68
N PRO F 383 -3.99 46.02 -12.72
CA PRO F 383 -5.25 46.70 -12.99
C PRO F 383 -6.31 45.76 -13.53
N ALA F 384 -7.52 46.26 -13.72
CA ALA F 384 -8.58 45.50 -14.34
C ALA F 384 -8.91 46.03 -15.73
N ASN F 385 -8.02 45.78 -16.69
CA ASN F 385 -8.27 46.10 -18.09
C ASN F 385 -9.56 45.48 -18.59
N LEU F 386 -10.55 46.31 -18.88
CA LEU F 386 -11.81 45.82 -19.40
C LEU F 386 -11.66 45.30 -20.82
N LEU F 387 -10.75 45.91 -21.58
CA LEU F 387 -10.48 45.50 -22.95
C LEU F 387 -9.95 44.07 -23.04
N SER F 388 -9.22 43.65 -22.03
CA SER F 388 -8.62 42.31 -22.02
C SER F 388 -9.39 41.31 -21.15
N LEU F 389 -10.11 41.81 -20.14
CA LEU F 389 -10.96 40.94 -19.34
C LEU F 389 -12.22 40.53 -20.10
N GLY F 390 -12.56 41.30 -21.13
CA GLY F 390 -13.68 40.96 -21.98
C GLY F 390 -13.31 39.72 -22.77
N ALA F 391 -12.02 39.52 -22.98
CA ALA F 391 -11.53 38.44 -23.82
C ALA F 391 -11.19 37.16 -23.05
N ILE F 392 -11.80 36.99 -21.88
CA ILE F 392 -11.64 35.77 -21.12
C ILE F 392 -12.63 34.73 -21.66
N ASP F 393 -12.19 33.48 -21.73
CA ASP F 393 -12.97 32.43 -22.38
C ASP F 393 -14.04 31.83 -21.47
N PHE F 394 -13.79 31.86 -20.16
CA PHE F 394 -14.67 31.21 -19.18
C PHE F 394 -14.81 29.72 -19.40
N GLY F 395 -15.28 29.34 -20.59
CA GLY F 395 -15.41 27.95 -20.95
C GLY F 395 -14.07 27.24 -21.13
N ILE F 396 -12.98 27.97 -20.90
CA ILE F 396 -11.65 27.38 -20.96
C ILE F 396 -11.12 27.21 -19.53
N ILE F 397 -11.84 27.80 -18.58
CA ILE F 397 -11.49 27.69 -17.16
C ILE F 397 -12.04 26.40 -16.57
N VAL F 398 -13.26 26.04 -16.98
CA VAL F 398 -13.97 24.91 -16.39
C VAL F 398 -13.52 23.57 -16.97
N ASP F 399 -12.75 23.61 -18.05
CA ASP F 399 -12.26 22.39 -18.69
C ASP F 399 -11.39 21.58 -17.74
N GLY F 400 -10.84 22.24 -16.73
CA GLY F 400 -10.11 21.54 -15.69
C GLY F 400 -11.08 20.82 -14.78
N ALA F 401 -12.32 21.28 -14.76
CA ALA F 401 -13.32 20.74 -13.83
C ALA F 401 -14.33 19.80 -14.50
N ILE F 402 -14.75 20.13 -15.72
CA ILE F 402 -15.82 19.37 -16.36
C ILE F 402 -15.40 17.97 -16.80
N VAL F 403 -14.10 17.76 -16.98
CA VAL F 403 -13.59 16.44 -17.34
C VAL F 403 -13.75 15.47 -16.19
N VAL F 404 -13.55 16.00 -14.98
CA VAL F 404 -13.71 15.22 -13.75
C VAL F 404 -15.16 14.80 -13.60
N MET F 405 -16.05 15.79 -13.68
CA MET F 405 -17.49 15.58 -13.59
C MET F 405 -17.98 14.59 -14.65
N GLU F 406 -17.42 14.68 -15.85
CA GLU F 406 -17.76 13.75 -16.92
C GLU F 406 -17.28 12.35 -16.57
N ASN F 407 -16.09 12.27 -15.97
CA ASN F 407 -15.51 10.99 -15.60
C ASN F 407 -16.18 10.35 -14.39
N ILE F 408 -16.99 11.13 -13.68
CA ILE F 408 -17.70 10.63 -12.51
C ILE F 408 -19.17 10.30 -12.79
N LEU F 409 -19.87 11.21 -13.46
CA LEU F 409 -21.31 11.06 -13.67
C LEU F 409 -21.65 10.18 -14.86
N ARG F 410 -20.63 9.66 -15.54
CA ARG F 410 -20.85 8.80 -16.69
C ARG F 410 -19.97 7.57 -16.65
N ARG F 411 -18.65 7.77 -16.67
CA ARG F 411 -17.68 6.69 -16.65
C ARG F 411 -17.84 5.80 -15.41
N ARG F 412 -18.02 6.43 -14.26
CA ARG F 412 -18.15 5.71 -13.01
C ARG F 412 -19.46 4.90 -12.95
N GLU F 413 -20.52 5.46 -13.51
CA GLU F 413 -21.82 4.80 -13.51
C GLU F 413 -21.88 3.67 -14.52
N ARG F 423 -20.18 6.43 -3.12
CA ARG F 423 -19.12 5.63 -2.53
C ARG F 423 -17.80 6.39 -2.44
N ASP F 424 -16.85 6.04 -3.31
CA ASP F 424 -15.53 6.68 -3.29
C ASP F 424 -15.35 7.61 -4.48
N ILE F 425 -15.45 8.91 -4.21
CA ILE F 425 -15.34 9.91 -5.25
C ILE F 425 -13.93 9.96 -5.82
N MET F 426 -12.93 10.16 -4.97
CA MET F 426 -11.56 10.39 -5.43
C MET F 426 -10.83 9.13 -5.91
N GLN F 427 -11.59 8.12 -6.34
CA GLN F 427 -11.02 6.99 -7.04
C GLN F 427 -11.10 7.26 -8.53
N SER F 428 -12.09 8.06 -8.91
CA SER F 428 -12.32 8.40 -10.31
C SER F 428 -11.57 9.67 -10.71
N VAL F 429 -11.31 10.53 -9.73
CA VAL F 429 -10.62 11.80 -9.99
C VAL F 429 -9.14 11.58 -10.20
N LEU F 430 -8.67 10.38 -9.90
CA LEU F 430 -7.25 10.03 -10.05
C LEU F 430 -6.95 9.55 -11.46
N GLN F 431 -7.96 9.05 -12.15
CA GLN F 431 -7.80 8.54 -13.50
C GLN F 431 -7.40 9.66 -14.47
N VAL F 432 -8.11 10.77 -14.38
CA VAL F 432 -7.90 11.88 -15.30
C VAL F 432 -7.13 13.01 -14.59
N ALA F 433 -6.53 12.68 -13.46
CA ALA F 433 -5.76 13.66 -12.68
C ALA F 433 -4.50 14.15 -13.40
N ARG F 434 -3.56 13.25 -13.66
CA ARG F 434 -2.30 13.59 -14.35
C ARG F 434 -2.46 14.38 -15.66
N PRO F 435 -3.35 13.94 -16.57
CA PRO F 435 -3.53 14.73 -17.80
C PRO F 435 -4.13 16.11 -17.52
N ILE F 436 -4.76 16.28 -16.35
CA ILE F 436 -5.33 17.56 -15.97
C ILE F 436 -4.34 18.50 -15.31
N PHE F 437 -3.56 18.01 -14.35
CA PHE F 437 -2.52 18.82 -13.75
C PHE F 437 -1.51 19.24 -14.82
N PHE F 438 -1.05 18.25 -15.60
CA PHE F 438 -0.07 18.57 -16.63
C PHE F 438 -0.68 19.33 -17.81
N GLY F 439 -1.91 19.00 -18.17
CA GLY F 439 -2.60 19.71 -19.24
C GLY F 439 -2.80 21.18 -18.91
N MET F 440 -3.19 21.46 -17.67
CA MET F 440 -3.44 22.82 -17.24
C MET F 440 -2.14 23.59 -16.97
N ILE F 441 -1.10 22.91 -16.51
CA ILE F 441 0.18 23.57 -16.38
C ILE F 441 0.75 23.84 -17.78
N VAL F 442 0.28 23.06 -18.75
CA VAL F 442 0.65 23.29 -20.14
C VAL F 442 -0.10 24.50 -20.71
N ILE F 443 -1.38 24.62 -20.38
CA ILE F 443 -2.13 25.80 -20.86
C ILE F 443 -1.63 27.07 -20.15
N ILE F 444 -1.08 26.89 -18.95
CA ILE F 444 -0.49 28.00 -18.21
C ILE F 444 0.88 28.38 -18.79
N THR F 445 1.71 27.38 -19.09
CA THR F 445 3.01 27.64 -19.68
C THR F 445 2.85 28.17 -21.11
N ALA F 446 1.71 27.91 -21.72
CA ALA F 446 1.44 28.37 -23.07
C ALA F 446 0.90 29.78 -23.03
N TYR F 447 0.05 30.06 -22.04
CA TYR F 447 -0.46 31.41 -21.84
C TYR F 447 0.65 32.30 -21.31
N LEU F 448 1.74 31.68 -20.85
CA LEU F 448 2.82 32.39 -20.19
C LEU F 448 3.51 33.45 -21.07
N PRO F 449 4.14 33.02 -22.19
CA PRO F 449 5.00 34.00 -22.88
C PRO F 449 4.25 35.13 -23.59
N LEU F 450 3.42 35.85 -22.86
CA LEU F 450 2.85 37.10 -23.37
C LEU F 450 3.63 38.24 -22.74
N PHE F 451 4.45 37.90 -21.74
CA PHE F 451 5.24 38.90 -21.04
C PHE F 451 6.49 39.24 -21.83
N ALA F 452 6.68 38.55 -22.95
CA ALA F 452 7.83 38.79 -23.81
C ALA F 452 7.82 40.19 -24.37
N PHE F 453 6.82 40.50 -25.20
CA PHE F 453 6.75 41.82 -25.84
C PHE F 453 6.56 42.94 -24.84
N GLN F 454 7.00 44.14 -25.23
CA GLN F 454 6.91 45.31 -24.37
C GLN F 454 6.06 46.40 -25.02
N ARG F 455 6.22 47.63 -24.55
CA ARG F 455 5.51 48.79 -25.07
C ARG F 455 3.98 48.62 -25.10
N ILE F 456 3.40 49.05 -26.20
CA ILE F 456 1.94 49.13 -26.34
C ILE F 456 1.28 47.75 -26.45
N GLU F 457 1.92 46.83 -27.17
CA GLU F 457 1.36 45.49 -27.36
C GLU F 457 1.41 44.70 -26.05
N TYR F 458 2.20 45.19 -25.11
CA TYR F 458 2.22 44.63 -23.77
C TYR F 458 1.17 45.31 -22.89
N LYS F 459 1.17 46.64 -22.86
CA LYS F 459 0.21 47.39 -22.05
C LYS F 459 -1.22 46.99 -22.37
N LEU F 460 -1.49 46.71 -23.64
CA LEU F 460 -2.81 46.29 -24.07
C LEU F 460 -3.17 44.90 -23.54
N PHE F 461 -2.28 43.92 -23.76
CA PHE F 461 -2.56 42.52 -23.43
C PHE F 461 -1.70 41.96 -22.32
N SER F 462 -1.67 42.62 -21.18
CA SER F 462 -0.90 42.12 -20.04
C SER F 462 -1.75 41.69 -18.85
N PRO F 463 -2.73 42.52 -18.44
CA PRO F 463 -3.61 42.08 -17.35
C PRO F 463 -4.35 40.79 -17.67
N MET F 464 -4.61 40.55 -18.94
CA MET F 464 -5.25 39.31 -19.35
C MET F 464 -4.36 38.11 -19.04
N ALA F 465 -3.08 38.25 -19.32
CA ALA F 465 -2.12 37.15 -19.10
C ALA F 465 -2.10 36.75 -17.64
N PHE F 466 -2.03 37.75 -16.76
CA PHE F 466 -2.00 37.49 -15.33
C PHE F 466 -3.33 36.96 -14.82
N ALA F 467 -4.41 37.64 -15.18
CA ALA F 467 -5.75 37.23 -14.76
C ALA F 467 -5.99 35.77 -15.14
N VAL F 468 -5.69 35.44 -16.39
CA VAL F 468 -5.84 34.09 -16.89
C VAL F 468 -4.93 33.12 -16.14
N GLY F 469 -3.69 33.52 -15.88
CA GLY F 469 -2.76 32.67 -15.14
C GLY F 469 -3.29 32.30 -13.77
N PHE F 470 -3.55 33.33 -12.96
CA PHE F 470 -4.07 33.17 -11.60
C PHE F 470 -5.36 32.37 -11.59
N ALA F 471 -6.31 32.75 -12.44
CA ALA F 471 -7.60 32.07 -12.51
C ALA F 471 -7.44 30.62 -12.96
N LEU F 472 -6.40 30.35 -13.73
CA LEU F 472 -6.12 29.01 -14.22
C LEU F 472 -5.64 28.16 -13.06
N PHE F 473 -4.69 28.70 -12.30
CA PHE F 473 -4.19 28.00 -11.12
C PHE F 473 -5.32 27.81 -10.11
N GLY F 474 -6.27 28.73 -10.11
CA GLY F 474 -7.43 28.62 -9.25
C GLY F 474 -8.36 27.51 -9.72
N ALA F 475 -8.47 27.36 -11.04
CA ALA F 475 -9.28 26.30 -11.62
C ALA F 475 -8.68 24.96 -11.26
N LEU F 476 -7.35 24.89 -11.30
CA LEU F 476 -6.62 23.71 -10.85
C LEU F 476 -6.91 23.42 -9.39
N LEU F 477 -6.77 24.44 -8.55
CA LEU F 477 -6.94 24.31 -7.11
C LEU F 477 -8.40 24.05 -6.72
N VAL F 478 -9.31 24.20 -7.67
CA VAL F 478 -10.73 23.97 -7.40
C VAL F 478 -11.17 22.60 -7.86
N ALA F 479 -10.79 22.26 -9.10
CA ALA F 479 -11.23 21.03 -9.75
C ALA F 479 -10.78 19.77 -9.01
N LEU F 480 -9.62 19.86 -8.38
CA LEU F 480 -9.06 18.73 -7.66
C LEU F 480 -9.02 19.02 -6.16
N LEU F 481 -10.13 19.56 -5.63
CA LEU F 481 -10.20 19.91 -4.22
C LEU F 481 -11.63 20.11 -3.73
N LEU F 482 -12.29 21.14 -4.24
CA LEU F 482 -13.65 21.45 -3.81
C LEU F 482 -14.67 20.62 -4.57
N ILE F 483 -14.29 20.20 -5.77
CA ILE F 483 -15.16 19.39 -6.62
C ILE F 483 -15.33 17.94 -6.16
N PRO F 484 -14.23 17.26 -5.76
CA PRO F 484 -14.42 15.91 -5.21
C PRO F 484 -15.34 15.90 -3.98
N GLY F 485 -15.33 16.98 -3.21
CA GLY F 485 -16.21 17.11 -2.06
C GLY F 485 -17.67 17.10 -2.48
N LEU F 486 -17.93 17.44 -3.74
CA LEU F 486 -19.28 17.49 -4.27
C LEU F 486 -19.64 16.20 -5.00
N ALA F 487 -20.68 15.52 -4.53
CA ALA F 487 -21.10 14.24 -5.10
C ALA F 487 -22.60 14.18 -5.37
N ALA F 502 -30.52 13.54 -28.89
CA ALA F 502 -29.76 13.85 -30.10
C ALA F 502 -28.33 13.32 -30.01
N LEU F 503 -27.89 13.04 -28.79
CA LEU F 503 -26.56 12.48 -28.56
C LEU F 503 -26.55 11.02 -28.94
N VAL F 504 -27.73 10.41 -28.87
CA VAL F 504 -27.92 9.00 -29.19
C VAL F 504 -27.40 8.65 -30.58
N TRP F 505 -27.71 9.51 -31.56
CA TRP F 505 -27.26 9.29 -32.93
C TRP F 505 -25.80 9.72 -33.11
N LEU F 506 -25.35 10.62 -32.26
CA LEU F 506 -23.96 11.07 -32.29
C LEU F 506 -23.02 9.97 -31.80
N ALA F 507 -23.55 9.07 -30.99
CA ALA F 507 -22.74 7.99 -30.43
C ALA F 507 -22.17 6.98 -31.45
N PRO F 508 -23.04 6.28 -32.21
CA PRO F 508 -22.49 5.24 -33.08
C PRO F 508 -21.98 5.75 -34.42
N ARG F 509 -22.37 6.99 -34.77
CA ARG F 509 -21.81 7.65 -35.94
C ARG F 509 -20.31 7.79 -35.75
N TYR F 510 -19.92 8.06 -34.49
CA TYR F 510 -18.53 8.16 -34.12
C TYR F 510 -17.83 6.81 -34.22
N GLU F 511 -18.56 5.74 -33.87
CA GLU F 511 -18.03 4.39 -33.93
C GLU F 511 -17.75 3.95 -35.36
N SER F 512 -18.56 4.43 -36.29
CA SER F 512 -18.43 4.08 -37.69
C SER F 512 -17.14 4.63 -38.31
N VAL F 513 -16.93 5.94 -38.17
CA VAL F 513 -15.73 6.58 -38.73
C VAL F 513 -14.46 6.11 -38.04
N LEU F 514 -14.57 5.71 -36.78
CA LEU F 514 -13.44 5.13 -36.07
C LEU F 514 -13.09 3.77 -36.67
N ASN F 515 -14.10 3.08 -37.19
CA ASN F 515 -13.89 1.82 -37.88
C ASN F 515 -13.32 2.05 -39.28
N ARG F 516 -13.48 3.28 -39.78
CA ARG F 516 -12.88 3.68 -41.04
C ARG F 516 -11.38 3.91 -40.85
N LEU F 517 -10.97 4.11 -39.60
CA LEU F 517 -9.57 4.32 -39.28
C LEU F 517 -8.78 3.02 -39.27
N VAL F 518 -9.49 1.90 -39.29
CA VAL F 518 -8.85 0.59 -39.36
C VAL F 518 -8.15 0.45 -40.71
N GLY F 519 -6.87 0.84 -40.74
CA GLY F 519 -6.11 0.90 -41.96
C GLY F 519 -6.06 2.32 -42.49
N SER F 520 -6.04 2.45 -43.82
CA SER F 520 -6.01 3.76 -44.48
C SER F 520 -4.90 4.65 -43.94
N THR F 521 -3.70 4.08 -43.82
CA THR F 521 -2.54 4.79 -43.30
C THR F 521 -2.18 6.00 -44.17
N ARG F 522 -1.89 5.72 -45.43
CA ARG F 522 -1.47 6.75 -46.38
C ARG F 522 -2.57 7.78 -46.64
N THR F 523 -3.82 7.40 -46.42
CA THR F 523 -4.93 8.32 -46.60
C THR F 523 -5.06 9.24 -45.40
N ALA F 524 -4.87 8.70 -44.20
CA ALA F 524 -4.94 9.48 -42.98
C ALA F 524 -3.79 10.48 -42.93
N ILE F 525 -2.56 9.97 -43.07
CA ILE F 525 -1.39 10.82 -43.09
C ILE F 525 -1.43 11.70 -44.35
N GLY F 526 -2.18 11.24 -45.35
CA GLY F 526 -2.43 12.04 -46.52
C GLY F 526 -3.20 13.30 -46.16
N ILE F 527 -4.31 13.12 -45.46
CA ILE F 527 -5.13 14.25 -45.02
C ILE F 527 -4.31 15.17 -44.14
N ALA F 528 -3.58 14.59 -43.19
CA ALA F 528 -2.74 15.36 -42.28
C ALA F 528 -1.72 16.23 -43.02
N VAL F 529 -0.84 15.60 -43.78
CA VAL F 529 0.22 16.29 -44.49
C VAL F 529 -0.34 17.30 -45.50
N ALA F 530 -1.41 16.92 -46.19
CA ALA F 530 -2.02 17.81 -47.19
C ALA F 530 -2.63 19.06 -46.55
N THR F 531 -3.33 18.89 -45.44
CA THR F 531 -3.93 20.03 -44.76
C THR F 531 -2.89 20.87 -44.02
N LEU F 532 -1.74 20.28 -43.72
CA LEU F 532 -0.64 21.02 -43.11
C LEU F 532 -0.22 22.18 -44.01
N VAL F 533 0.11 21.86 -45.25
CA VAL F 533 0.46 22.89 -46.22
C VAL F 533 -0.81 23.62 -46.66
N GLY F 534 -1.94 22.93 -46.51
CA GLY F 534 -3.24 23.47 -46.87
C GLY F 534 -3.63 24.64 -45.98
N VAL F 535 -3.00 24.72 -44.82
CA VAL F 535 -3.18 25.86 -43.93
C VAL F 535 -1.92 26.72 -43.92
N MET F 536 -0.80 26.12 -44.30
CA MET F 536 0.45 26.85 -44.42
C MET F 536 0.37 27.82 -45.60
N ILE F 537 -0.51 27.52 -46.55
CA ILE F 537 -0.75 28.42 -47.67
C ILE F 537 -2.20 28.93 -47.63
N LEU F 538 -2.58 29.43 -46.46
CA LEU F 538 -3.86 30.10 -46.27
C LEU F 538 -3.59 31.27 -45.33
N GLY F 539 -2.65 31.06 -44.42
CA GLY F 539 -2.16 32.11 -43.55
C GLY F 539 -0.99 32.80 -44.21
N ALA F 540 -0.67 32.36 -45.42
CA ALA F 540 0.38 32.99 -46.21
C ALA F 540 -0.22 34.07 -47.08
N THR F 541 -1.55 34.03 -47.20
CA THR F 541 -2.28 34.99 -48.02
C THR F 541 -3.04 35.98 -47.15
N ILE F 542 -3.12 35.69 -45.85
CA ILE F 542 -3.82 36.56 -44.92
C ILE F 542 -3.14 37.93 -44.81
N GLY F 543 -3.95 38.97 -44.65
CA GLY F 543 -3.43 40.31 -44.45
C GLY F 543 -2.90 40.46 -43.04
N ARG F 544 -1.97 41.39 -42.85
CA ARG F 544 -1.36 41.60 -41.54
C ARG F 544 -1.45 43.06 -41.10
N ASP F 545 -1.92 43.28 -39.88
CA ASP F 545 -2.01 44.62 -39.30
C ASP F 545 -1.12 44.73 -38.06
N PHE F 546 -1.57 45.50 -37.08
CA PHE F 546 -0.92 45.54 -35.78
C PHE F 546 -1.97 45.54 -34.67
N LEU F 547 -3.10 46.18 -34.94
CA LEU F 547 -4.28 46.11 -34.08
C LEU F 547 -5.49 46.62 -34.85
N PRO F 548 -6.68 46.12 -34.51
CA PRO F 548 -7.93 46.62 -35.13
C PRO F 548 -8.19 48.08 -34.78
N TYR F 549 -9.19 48.66 -35.44
CA TYR F 549 -9.47 50.10 -35.36
C TYR F 549 -9.54 50.66 -33.94
N LEU F 550 -10.03 49.84 -33.00
CA LEU F 550 -10.21 50.28 -31.61
C LEU F 550 -11.10 51.53 -31.51
N ASP F 551 -12.40 51.33 -31.56
CA ASP F 551 -13.37 52.41 -31.65
C ASP F 551 -13.52 53.19 -30.34
N GLU F 552 -13.23 54.48 -30.40
CA GLU F 552 -13.48 55.37 -29.27
C GLU F 552 -14.84 56.03 -29.47
N GLY F 553 -15.21 56.95 -28.59
CA GLY F 553 -16.51 57.58 -28.68
C GLY F 553 -16.68 58.52 -29.88
N SER F 554 -15.55 58.98 -30.43
CA SER F 554 -15.59 60.07 -31.40
C SER F 554 -14.59 59.92 -32.54
N ILE F 555 -14.36 61.01 -33.26
CA ILE F 555 -13.41 61.05 -34.37
C ILE F 555 -12.59 62.34 -34.34
N TRP F 556 -11.27 62.23 -34.45
CA TRP F 556 -10.40 63.41 -34.45
C TRP F 556 -9.87 63.72 -35.84
N LEU F 557 -9.71 65.02 -36.11
CA LEU F 557 -9.28 65.49 -37.43
C LEU F 557 -8.03 66.36 -37.38
N GLN F 558 -7.09 66.11 -38.28
CA GLN F 558 -5.96 67.00 -38.48
C GLN F 558 -6.15 67.76 -39.78
N VAL F 559 -6.90 68.85 -39.70
CA VAL F 559 -7.32 69.58 -40.89
C VAL F 559 -6.30 70.61 -41.31
N THR F 560 -5.79 70.45 -42.53
CA THR F 560 -4.75 71.32 -43.07
C THR F 560 -5.30 72.37 -44.05
N LEU F 561 -4.81 73.59 -43.92
CA LEU F 561 -5.32 74.72 -44.67
C LEU F 561 -4.22 75.40 -45.47
N PRO F 562 -4.59 76.23 -46.47
CA PRO F 562 -3.61 76.94 -47.29
C PRO F 562 -2.61 77.77 -46.49
N PRO F 563 -1.37 77.87 -46.99
CA PRO F 563 -0.25 78.54 -46.30
C PRO F 563 -0.41 80.06 -46.16
N GLY F 564 0.02 80.60 -45.02
CA GLY F 564 0.06 82.04 -44.83
C GLY F 564 -1.27 82.68 -44.49
N ILE F 565 -2.34 81.91 -44.58
CA ILE F 565 -3.69 82.36 -44.32
C ILE F 565 -3.84 83.10 -42.99
N SER F 566 -4.53 84.25 -43.05
CA SER F 566 -4.81 85.05 -41.86
C SER F 566 -5.69 84.28 -40.90
N LEU F 567 -5.82 84.76 -39.67
CA LEU F 567 -6.66 84.09 -38.69
C LEU F 567 -8.16 84.27 -38.97
N GLU F 568 -8.52 85.36 -39.63
CA GLU F 568 -9.92 85.57 -40.01
C GLU F 568 -10.34 84.57 -41.07
N LYS F 569 -9.55 84.50 -42.14
CA LYS F 569 -9.83 83.59 -43.25
C LYS F 569 -9.84 82.15 -42.76
N ALA F 570 -8.85 81.81 -41.93
CA ALA F 570 -8.77 80.49 -41.31
C ALA F 570 -10.08 80.20 -40.58
N GLY F 571 -10.49 81.15 -39.74
CA GLY F 571 -11.74 81.05 -39.01
C GLY F 571 -12.94 80.76 -39.89
N GLN F 572 -13.02 81.45 -41.03
CA GLN F 572 -14.12 81.25 -41.96
C GLN F 572 -14.07 79.85 -42.58
N MET F 573 -12.88 79.40 -42.93
CA MET F 573 -12.70 78.08 -43.53
C MET F 573 -13.13 77.01 -42.53
N ALA F 574 -12.80 77.23 -41.27
CA ALA F 574 -13.18 76.30 -40.21
C ALA F 574 -14.69 76.30 -40.00
N ASP F 575 -15.28 77.50 -39.99
CA ASP F 575 -16.73 77.67 -39.96
C ASP F 575 -17.41 76.81 -41.02
N ASN F 576 -16.93 76.91 -42.25
CA ASN F 576 -17.46 76.12 -43.34
C ASN F 576 -17.27 74.64 -43.14
N LEU F 577 -16.08 74.24 -42.71
CA LEU F 577 -15.75 72.84 -42.48
C LEU F 577 -16.74 72.23 -41.51
N ARG F 578 -16.95 72.94 -40.43
CA ARG F 578 -17.80 72.51 -39.34
C ARG F 578 -19.27 72.52 -39.76
N ALA F 579 -19.63 73.43 -40.65
CA ALA F 579 -21.00 73.48 -41.15
C ALA F 579 -21.28 72.33 -42.14
N ALA F 580 -20.22 71.81 -42.76
CA ALA F 580 -20.35 70.65 -43.65
C ALA F 580 -20.29 69.36 -42.86
N THR F 581 -19.62 69.37 -41.72
CA THR F 581 -19.57 68.19 -40.86
C THR F 581 -20.92 67.95 -40.17
N MET F 582 -21.65 69.02 -39.87
CA MET F 582 -22.97 68.91 -39.26
C MET F 582 -24.04 68.45 -40.24
N GLU F 583 -23.67 68.32 -41.52
CA GLU F 583 -24.61 67.88 -42.55
C GLU F 583 -24.87 66.38 -42.46
N PHE F 584 -24.70 65.82 -41.27
CA PHE F 584 -24.94 64.40 -41.03
C PHE F 584 -25.82 64.25 -39.80
N PRO F 585 -26.67 63.22 -39.78
CA PRO F 585 -27.58 62.97 -38.66
C PRO F 585 -26.86 62.36 -37.46
N GLU F 586 -25.62 61.95 -37.64
CA GLU F 586 -24.92 61.20 -36.60
C GLU F 586 -23.90 62.01 -35.81
N VAL F 587 -23.79 63.31 -36.09
CA VAL F 587 -22.82 64.14 -35.40
C VAL F 587 -23.43 65.01 -34.30
N GLU F 588 -23.16 64.64 -33.05
CA GLU F 588 -23.69 65.36 -31.89
C GLU F 588 -23.15 66.79 -31.83
N HIS F 589 -21.83 66.93 -31.75
CA HIS F 589 -21.19 68.24 -31.76
C HIS F 589 -19.95 68.20 -32.65
N VAL F 590 -19.57 69.37 -33.17
CA VAL F 590 -18.33 69.50 -33.93
C VAL F 590 -17.55 70.71 -33.42
N VAL F 591 -16.30 70.48 -33.05
CA VAL F 591 -15.46 71.51 -32.45
C VAL F 591 -14.20 71.68 -33.28
N THR F 592 -13.89 72.92 -33.63
CA THR F 592 -12.63 73.22 -34.32
C THR F 592 -11.67 73.98 -33.41
N GLN F 593 -10.40 73.62 -33.48
CA GLN F 593 -9.35 74.38 -32.81
C GLN F 593 -8.38 74.92 -33.84
N VAL F 594 -8.74 76.03 -34.49
CA VAL F 594 -7.83 76.60 -35.47
C VAL F 594 -6.80 77.45 -34.73
N GLY F 595 -5.53 77.26 -35.09
CA GLY F 595 -4.48 78.07 -34.50
C GLY F 595 -3.96 77.55 -33.18
N ARG F 596 -3.45 78.47 -32.36
CA ARG F 596 -2.76 78.11 -31.12
C ARG F 596 -3.55 78.52 -29.88
N ASN F 597 -3.16 77.99 -28.73
CA ASN F 597 -3.83 78.25 -27.47
C ASN F 597 -3.09 79.21 -26.53
N ASP F 598 -2.97 78.84 -25.26
CA ASP F 598 -2.33 79.72 -24.29
C ASP F 598 -0.94 79.24 -23.87
N GLU F 599 -0.83 77.95 -23.58
CA GLU F 599 0.41 77.36 -23.07
C GLU F 599 1.56 77.41 -24.06
N GLY F 600 1.43 76.65 -25.15
CA GLY F 600 2.47 76.61 -26.15
C GLY F 600 2.99 75.20 -26.32
N THR F 601 2.15 74.22 -26.02
CA THR F 601 2.50 72.81 -26.21
C THR F 601 2.16 72.38 -27.64
N ASP F 602 1.74 73.36 -28.43
CA ASP F 602 1.53 73.19 -29.87
C ASP F 602 2.08 74.41 -30.60
N PRO F 603 2.83 74.17 -31.70
CA PRO F 603 3.45 75.20 -32.54
C PRO F 603 2.60 75.44 -33.79
N PHE F 604 1.31 75.69 -33.58
CA PHE F 604 0.36 75.71 -34.68
C PHE F 604 -0.02 77.10 -35.19
N SER F 605 -0.30 77.17 -36.48
CA SER F 605 -0.63 78.42 -37.15
C SER F 605 -2.11 78.38 -37.51
N PRO F 606 -2.68 79.50 -37.98
CA PRO F 606 -4.10 79.46 -38.34
C PRO F 606 -4.37 78.51 -39.49
N SER F 607 -3.33 78.18 -40.26
CA SER F 607 -3.48 77.24 -41.37
C SER F 607 -3.62 75.82 -40.84
N HIS F 608 -3.39 75.64 -39.55
CA HIS F 608 -3.55 74.34 -38.92
C HIS F 608 -4.80 74.28 -38.08
N ILE F 609 -5.57 73.22 -38.25
CA ILE F 609 -6.74 73.01 -37.39
C ILE F 609 -6.71 71.59 -36.85
N GLU F 610 -7.14 71.44 -35.61
CA GLU F 610 -7.47 70.14 -35.06
C GLU F 610 -8.95 70.19 -34.76
N THR F 611 -9.68 69.22 -35.28
CA THR F 611 -11.13 69.21 -35.11
C THR F 611 -11.59 68.01 -34.29
N ALA F 612 -12.53 68.23 -33.38
CA ALA F 612 -13.14 67.13 -32.64
C ALA F 612 -14.56 66.88 -33.14
N VAL F 613 -14.83 65.64 -33.54
CA VAL F 613 -16.13 65.26 -34.06
C VAL F 613 -16.82 64.24 -33.17
N THR F 614 -17.82 64.69 -32.42
CA THR F 614 -18.55 63.82 -31.50
C THR F 614 -19.75 63.23 -32.22
N LEU F 615 -20.09 61.99 -31.88
CA LEU F 615 -21.16 61.28 -32.55
C LEU F 615 -22.36 61.04 -31.65
N HIS F 616 -23.44 60.53 -32.26
CA HIS F 616 -24.59 60.04 -31.51
C HIS F 616 -24.34 58.60 -31.13
N PRO F 617 -25.05 58.10 -30.10
CA PRO F 617 -24.96 56.66 -29.79
C PRO F 617 -25.25 55.83 -31.03
N TYR F 618 -24.43 54.82 -31.29
CA TYR F 618 -24.63 53.94 -32.44
C TYR F 618 -26.03 53.36 -32.43
N SER F 619 -26.57 53.20 -31.22
CA SER F 619 -27.92 52.71 -31.00
C SER F 619 -28.94 53.52 -31.79
N THR F 620 -28.74 54.83 -31.83
CA THR F 620 -29.69 55.72 -32.49
C THR F 620 -29.19 56.23 -33.83
N TRP F 621 -28.82 55.32 -34.72
CA TRP F 621 -28.39 55.73 -36.06
C TRP F 621 -29.45 55.44 -37.11
N THR F 622 -30.32 56.43 -37.32
CA THR F 622 -31.40 56.32 -38.29
C THR F 622 -30.84 56.10 -39.68
N SER F 623 -29.86 56.93 -40.07
CA SER F 623 -29.20 56.78 -41.35
C SER F 623 -28.45 55.46 -41.41
N GLY F 624 -28.82 54.60 -42.35
CA GLY F 624 -28.17 53.31 -42.50
C GLY F 624 -26.76 53.46 -43.00
N ARG F 625 -25.85 53.76 -42.09
CA ARG F 625 -24.45 53.97 -42.45
C ARG F 625 -23.51 53.36 -41.40
N ASP F 626 -22.55 52.58 -41.87
CA ASP F 626 -21.51 52.05 -41.00
C ASP F 626 -20.60 53.19 -40.59
N LYS F 627 -19.93 53.06 -39.44
CA LYS F 627 -19.03 54.12 -38.96
C LYS F 627 -17.90 54.41 -39.95
N GLN F 628 -17.31 53.34 -40.51
CA GLN F 628 -16.27 53.49 -41.52
C GLN F 628 -16.84 54.16 -42.76
N GLN F 629 -18.08 53.80 -43.09
CA GLN F 629 -18.78 54.40 -44.22
C GLN F 629 -19.15 55.86 -43.92
N LEU F 630 -19.35 56.16 -42.65
CA LEU F 630 -19.55 57.54 -42.22
C LEU F 630 -18.26 58.30 -42.42
N ILE F 631 -17.15 57.64 -42.12
CA ILE F 631 -15.84 58.24 -42.28
C ILE F 631 -15.54 58.54 -43.74
N GLU F 632 -15.88 57.61 -44.64
CA GLU F 632 -15.65 57.83 -46.06
C GLU F 632 -16.65 58.83 -46.67
N ALA F 633 -17.85 58.90 -46.10
CA ALA F 633 -18.81 59.91 -46.51
C ALA F 633 -18.26 61.27 -46.12
N MET F 634 -17.64 61.32 -44.94
CA MET F 634 -17.00 62.53 -44.43
C MET F 634 -15.82 62.93 -45.29
N ALA F 635 -15.00 61.96 -45.67
CA ALA F 635 -13.80 62.22 -46.46
C ALA F 635 -14.18 62.73 -47.84
N THR F 636 -15.16 62.05 -48.45
CA THR F 636 -15.66 62.48 -49.74
C THR F 636 -16.24 63.90 -49.66
N ARG F 637 -17.04 64.15 -48.63
CA ARG F 637 -17.62 65.47 -48.43
C ARG F 637 -16.52 66.51 -48.32
N PHE F 638 -15.50 66.20 -47.53
CA PHE F 638 -14.40 67.11 -47.27
C PHE F 638 -13.56 67.34 -48.54
N ARG F 639 -13.63 66.41 -49.48
CA ARG F 639 -13.01 66.63 -50.78
C ARG F 639 -13.90 67.48 -51.68
N ASP F 640 -14.60 68.43 -51.07
CA ASP F 640 -15.47 69.37 -51.77
C ASP F 640 -15.51 70.71 -51.03
N LEU F 641 -14.73 70.82 -49.96
CA LEU F 641 -14.48 72.08 -49.29
C LEU F 641 -13.13 72.58 -49.77
N PRO F 642 -13.10 73.79 -50.34
CA PRO F 642 -11.89 74.33 -50.98
C PRO F 642 -10.77 74.66 -49.99
N GLY F 643 -9.59 74.11 -50.23
CA GLY F 643 -8.42 74.37 -49.42
C GLY F 643 -8.31 73.52 -48.17
N THR F 644 -9.35 72.74 -47.90
CA THR F 644 -9.46 71.98 -46.66
C THR F 644 -8.95 70.56 -46.77
N GLN F 645 -7.67 70.36 -46.47
CA GLN F 645 -7.11 69.02 -46.39
C GLN F 645 -7.34 68.39 -45.01
N VAL F 646 -7.88 67.17 -44.97
CA VAL F 646 -8.36 66.60 -43.72
C VAL F 646 -7.76 65.24 -43.36
N GLY F 647 -7.02 65.21 -42.25
CA GLY F 647 -6.47 63.97 -41.74
C GLY F 647 -7.44 63.30 -40.78
N PHE F 648 -7.54 61.97 -40.88
CA PHE F 648 -8.51 61.21 -40.10
C PHE F 648 -7.88 60.33 -39.01
N SER F 649 -8.32 60.54 -37.77
CA SER F 649 -7.81 59.79 -36.61
C SER F 649 -8.81 59.80 -35.47
N GLN F 650 -8.32 59.64 -34.24
CA GLN F 650 -9.18 59.62 -33.05
C GLN F 650 -8.53 60.39 -31.92
N PRO F 651 -9.35 60.93 -30.99
CA PRO F 651 -8.83 61.84 -29.96
C PRO F 651 -7.74 61.24 -29.04
N MET F 652 -7.86 59.97 -28.65
CA MET F 652 -6.83 59.38 -27.79
C MET F 652 -5.64 58.88 -28.59
N ILE F 653 -5.92 58.11 -29.64
CA ILE F 653 -4.86 57.44 -30.40
C ILE F 653 -3.99 58.40 -31.21
N ASP F 654 -4.54 59.55 -31.60
CA ASP F 654 -3.80 60.54 -32.38
C ASP F 654 -2.58 61.02 -31.62
N GLY F 655 -2.76 61.20 -30.31
CA GLY F 655 -1.69 61.63 -29.45
C GLY F 655 -0.52 60.67 -29.43
N VAL F 656 -0.81 59.40 -29.18
CA VAL F 656 0.25 58.40 -29.08
C VAL F 656 0.86 58.14 -30.45
N LEU F 657 0.05 58.25 -31.50
CA LEU F 657 0.57 58.17 -32.86
C LEU F 657 1.63 59.24 -33.06
N ASP F 658 1.33 60.45 -32.59
CA ASP F 658 2.23 61.57 -32.75
C ASP F 658 3.50 61.41 -31.91
N LYS F 659 3.34 61.08 -30.64
CA LYS F 659 4.47 60.92 -29.75
C LYS F 659 5.37 59.78 -30.24
N LEU F 660 4.77 58.82 -30.93
CA LEU F 660 5.53 57.66 -31.41
C LEU F 660 6.30 57.99 -32.69
N ALA F 661 5.57 58.16 -33.78
CA ALA F 661 6.18 58.46 -35.08
C ALA F 661 6.76 59.88 -35.14
N GLY F 662 5.89 60.87 -35.15
CA GLY F 662 6.31 62.26 -35.21
C GLY F 662 5.12 63.15 -35.45
N ALA F 663 4.31 62.77 -36.42
CA ALA F 663 3.12 63.54 -36.78
C ALA F 663 1.86 62.76 -36.49
N HIS F 664 0.73 63.45 -36.55
CA HIS F 664 -0.55 62.86 -36.16
C HIS F 664 -1.14 62.03 -37.28
N SER F 665 -0.51 60.89 -37.57
CA SER F 665 -1.03 59.96 -38.56
C SER F 665 -0.51 58.54 -38.29
N ASP F 666 -1.22 57.54 -38.81
CA ASP F 666 -0.88 56.14 -38.61
C ASP F 666 0.51 55.84 -39.18
N LEU F 667 0.77 56.38 -40.37
CA LEU F 667 2.01 56.12 -41.09
C LEU F 667 2.68 57.44 -41.44
N VAL F 668 4.02 57.46 -41.45
CA VAL F 668 4.74 58.60 -41.96
C VAL F 668 5.91 58.15 -42.83
N VAL F 669 6.38 59.05 -43.69
CA VAL F 669 7.60 58.82 -44.43
C VAL F 669 8.51 60.02 -44.23
N LYS F 670 9.63 59.80 -43.55
CA LYS F 670 10.53 60.89 -43.20
C LYS F 670 11.65 61.05 -44.23
N VAL F 671 11.69 62.21 -44.87
CA VAL F 671 12.72 62.56 -45.85
C VAL F 671 13.78 63.47 -45.23
N TYR F 672 14.94 62.90 -44.94
CA TYR F 672 15.97 63.59 -44.17
C TYR F 672 16.91 64.38 -45.07
N GLY F 673 17.52 65.43 -44.51
CA GLY F 673 18.50 66.20 -45.24
C GLY F 673 18.60 67.64 -44.77
N ASN F 674 19.80 68.21 -44.85
CA ASN F 674 20.04 69.54 -44.30
C ASN F 674 19.61 70.67 -45.23
N ASP F 675 19.06 70.32 -46.39
CA ASP F 675 18.56 71.31 -47.33
C ASP F 675 17.03 71.34 -47.33
N PHE F 676 16.47 72.53 -47.17
CA PHE F 676 15.02 72.68 -47.10
C PHE F 676 14.36 72.45 -48.46
N ALA F 677 14.86 73.14 -49.47
CA ALA F 677 14.34 73.05 -50.83
C ALA F 677 14.32 71.62 -51.36
N GLU F 678 15.46 70.94 -51.31
CA GLU F 678 15.57 69.59 -51.88
C GLU F 678 14.76 68.54 -51.13
N THR F 679 14.84 68.54 -49.80
CA THR F 679 14.06 67.61 -49.01
C THR F 679 12.59 67.80 -49.31
N ARG F 680 12.17 69.06 -49.47
CA ARG F 680 10.79 69.36 -49.84
C ARG F 680 10.45 68.89 -51.25
N GLN F 681 11.46 68.91 -52.14
CA GLN F 681 11.27 68.41 -53.49
C GLN F 681 10.98 66.91 -53.46
N VAL F 682 11.91 66.15 -52.89
CA VAL F 682 11.78 64.71 -52.75
C VAL F 682 10.48 64.37 -52.05
N ALA F 683 10.13 65.18 -51.05
CA ALA F 683 8.88 64.98 -50.32
C ALA F 683 7.68 65.18 -51.22
N THR F 684 7.78 66.13 -52.14
CA THR F 684 6.71 66.36 -53.11
C THR F 684 6.55 65.10 -53.94
N ALA F 685 7.69 64.55 -54.35
CA ALA F 685 7.68 63.28 -55.09
C ALA F 685 6.97 62.16 -54.30
N ILE F 686 7.45 61.88 -53.10
CA ILE F 686 6.91 60.80 -52.28
C ILE F 686 5.43 61.02 -51.99
N THR F 687 5.03 62.28 -51.87
CA THR F 687 3.63 62.58 -51.63
C THR F 687 2.79 62.21 -52.84
N ARG F 688 3.17 62.74 -54.00
CA ARG F 688 2.45 62.45 -55.23
C ARG F 688 2.41 60.96 -55.53
N LEU F 689 3.46 60.24 -55.14
CA LEU F 689 3.54 58.81 -55.38
C LEU F 689 2.61 58.05 -54.45
N LEU F 690 2.86 58.20 -53.15
CA LEU F 690 2.09 57.49 -52.13
C LEU F 690 0.60 57.74 -52.23
N LYS F 691 0.22 58.92 -52.70
CA LYS F 691 -1.20 59.25 -52.77
C LYS F 691 -1.88 58.58 -53.96
N THR F 692 -1.11 57.83 -54.74
CA THR F 692 -1.65 57.07 -55.86
C THR F 692 -1.94 55.61 -55.48
N VAL F 693 -1.20 55.11 -54.50
CA VAL F 693 -1.40 53.75 -54.00
C VAL F 693 -2.80 53.58 -53.38
N PRO F 694 -3.56 52.56 -53.84
CA PRO F 694 -4.95 52.32 -53.42
C PRO F 694 -5.17 52.09 -51.94
N GLY F 695 -4.10 51.95 -51.17
CA GLY F 695 -4.22 51.73 -49.73
C GLY F 695 -4.14 53.01 -48.93
N ALA F 696 -3.26 53.92 -49.36
CA ALA F 696 -3.06 55.19 -48.67
C ALA F 696 -4.26 56.09 -48.85
N GLN F 697 -4.82 56.56 -47.75
CA GLN F 697 -6.04 57.36 -47.81
C GLN F 697 -5.77 58.86 -47.83
N ASP F 698 -5.22 59.38 -46.73
CA ASP F 698 -4.81 60.78 -46.69
C ASP F 698 -3.29 60.82 -46.80
N VAL F 699 -2.76 61.82 -47.52
CA VAL F 699 -1.31 62.01 -47.63
C VAL F 699 -0.98 63.48 -47.72
N ILE F 700 -0.10 63.96 -46.83
CA ILE F 700 0.33 65.36 -46.88
C ILE F 700 1.75 65.55 -46.35
N ILE F 701 2.33 66.71 -46.64
CA ILE F 701 3.62 67.07 -46.05
C ILE F 701 3.36 67.81 -44.75
N ASP F 702 3.74 67.20 -43.64
CA ASP F 702 3.45 67.76 -42.32
C ASP F 702 3.98 69.19 -42.18
N GLN F 703 5.23 69.40 -42.56
CA GLN F 703 5.83 70.72 -42.52
C GLN F 703 5.20 71.64 -43.55
N GLU F 704 4.63 72.74 -43.07
CA GLU F 704 3.97 73.72 -43.92
C GLU F 704 5.03 74.45 -44.74
N PRO F 705 4.65 74.89 -45.95
CA PRO F 705 5.56 75.59 -46.86
C PRO F 705 6.16 76.86 -46.25
N PRO F 706 7.28 77.34 -46.81
CA PRO F 706 7.77 78.65 -46.41
C PRO F 706 6.74 79.74 -46.70
N LEU F 707 6.75 80.80 -45.90
CA LEU F 707 5.77 81.85 -46.01
C LEU F 707 6.43 83.20 -46.19
N PRO F 708 5.71 84.15 -46.79
CA PRO F 708 6.28 85.50 -46.87
C PRO F 708 6.33 86.08 -45.46
N GLN F 709 7.35 86.91 -45.22
CA GLN F 709 7.47 87.66 -44.00
C GLN F 709 7.94 89.03 -44.42
N VAL F 710 7.28 90.07 -43.93
CA VAL F 710 7.82 91.41 -44.13
C VAL F 710 9.01 91.54 -43.18
N ARG F 711 10.20 91.55 -43.77
CA ARG F 711 11.45 91.45 -43.03
C ARG F 711 12.20 92.78 -43.00
N ILE F 712 12.56 93.22 -41.79
CA ILE F 712 13.30 94.46 -41.63
C ILE F 712 14.75 94.21 -41.20
N ASP F 713 15.67 94.26 -42.16
CA ASP F 713 17.07 94.18 -41.83
C ASP F 713 17.54 95.60 -41.54
N VAL F 714 18.62 95.76 -40.78
CA VAL F 714 19.13 97.09 -40.49
C VAL F 714 20.40 97.39 -41.27
N ASP F 715 20.45 98.59 -41.83
CA ASP F 715 21.62 99.06 -42.58
C ASP F 715 22.64 99.61 -41.58
N ARG F 716 23.77 98.91 -41.47
CA ARG F 716 24.82 99.28 -40.53
C ARG F 716 25.39 100.67 -40.85
N ALA F 717 26.02 100.78 -42.01
CA ALA F 717 26.65 102.04 -42.41
C ALA F 717 25.68 103.22 -42.47
N ALA F 718 24.42 102.96 -42.76
CA ALA F 718 23.44 104.04 -42.78
C ALA F 718 23.23 104.63 -41.39
N ALA F 719 23.05 103.75 -40.40
CA ALA F 719 22.87 104.17 -39.02
C ALA F 719 24.20 104.52 -38.39
N ALA F 720 25.26 104.30 -39.15
CA ALA F 720 26.60 104.70 -38.73
C ALA F 720 26.85 106.13 -39.21
N ARG F 721 26.04 106.55 -40.18
CA ARG F 721 26.14 107.90 -40.73
C ARG F 721 24.99 108.76 -40.24
N LEU F 722 24.11 108.18 -39.43
CA LEU F 722 22.97 108.91 -38.88
C LEU F 722 22.93 108.84 -37.36
N GLY F 723 23.89 108.13 -36.78
CA GLY F 723 23.95 107.96 -35.34
C GLY F 723 22.68 107.33 -34.78
N ILE F 724 22.51 106.03 -35.04
CA ILE F 724 21.34 105.28 -34.58
C ILE F 724 21.75 103.85 -34.24
N ASN F 725 21.23 103.33 -33.13
CA ASN F 725 21.47 101.95 -32.73
C ASN F 725 20.45 101.01 -33.34
N VAL F 726 20.89 99.79 -33.66
CA VAL F 726 19.97 98.78 -34.15
C VAL F 726 18.97 98.45 -33.05
N ALA F 727 19.38 98.65 -31.80
CA ALA F 727 18.51 98.40 -30.66
C ALA F 727 17.30 99.35 -30.61
N ASP F 728 17.46 100.55 -31.16
CA ASP F 728 16.38 101.52 -31.24
C ASP F 728 15.31 101.00 -32.20
N VAL F 729 15.80 100.43 -33.29
CA VAL F 729 14.98 99.85 -34.33
C VAL F 729 14.23 98.64 -33.81
N MET F 730 14.97 97.71 -33.22
CA MET F 730 14.38 96.50 -32.66
C MET F 730 13.40 96.83 -31.55
N ALA F 731 13.68 97.89 -30.80
CA ALA F 731 12.73 98.35 -29.79
C ALA F 731 11.47 98.81 -30.49
N LEU F 732 11.65 99.57 -31.57
CA LEU F 732 10.53 100.07 -32.36
C LEU F 732 9.65 98.94 -32.86
N ILE F 733 10.26 97.83 -33.25
CA ILE F 733 9.53 96.70 -33.82
C ILE F 733 8.87 95.85 -32.74
N GLN F 734 9.56 95.70 -31.62
CA GLN F 734 9.14 94.77 -30.56
C GLN F 734 8.10 95.42 -29.67
N THR F 735 8.28 96.71 -29.41
CA THR F 735 7.38 97.44 -28.54
C THR F 735 6.32 98.13 -29.38
N GLY F 736 6.76 99.02 -30.27
CA GLY F 736 5.86 99.78 -31.12
C GLY F 736 5.01 98.92 -32.02
N ILE F 737 5.64 98.19 -32.94
CA ILE F 737 4.90 97.29 -33.82
C ILE F 737 4.42 96.04 -33.09
N GLY F 738 5.38 95.22 -32.64
CA GLY F 738 5.10 93.95 -31.99
C GLY F 738 4.11 94.03 -30.85
N GLY F 739 4.19 95.11 -30.07
CA GLY F 739 3.28 95.32 -28.97
C GLY F 739 3.62 94.47 -27.76
N SER F 740 4.86 94.56 -27.31
CA SER F 740 5.28 93.84 -26.11
C SER F 740 4.65 94.45 -24.86
N PRO F 741 4.22 93.59 -23.92
CA PRO F 741 3.71 94.04 -22.63
C PRO F 741 4.78 94.77 -21.83
N VAL F 742 4.41 95.90 -21.21
CA VAL F 742 5.39 96.69 -20.47
C VAL F 742 5.40 96.34 -19.00
N THR F 743 4.24 96.30 -18.38
CA THR F 743 4.18 96.01 -16.95
C THR F 743 2.99 95.11 -16.60
N GLN F 744 2.66 95.03 -15.32
CA GLN F 744 1.61 94.09 -14.87
C GLN F 744 0.73 94.66 -13.76
N VAL F 745 -0.47 95.09 -14.14
CA VAL F 745 -1.44 95.66 -13.21
C VAL F 745 -2.24 94.57 -12.51
N PHE F 746 -2.45 94.72 -11.20
CA PHE F 746 -3.19 93.74 -10.41
C PHE F 746 -4.59 94.24 -10.06
N VAL F 747 -5.57 93.36 -10.18
CA VAL F 747 -6.94 93.66 -9.74
C VAL F 747 -7.50 92.45 -8.99
N GLU F 748 -7.66 92.58 -7.68
CA GLU F 748 -8.02 91.48 -6.78
C GLU F 748 -7.00 90.34 -6.86
N ASP F 749 -7.48 89.14 -7.15
CA ASP F 749 -6.58 87.99 -7.32
C ASP F 749 -6.23 87.81 -8.79
N ARG F 750 -6.66 88.74 -9.62
CA ARG F 750 -6.39 88.69 -11.05
C ARG F 750 -5.26 89.64 -11.44
N SER F 751 -4.68 89.42 -12.61
CA SER F 751 -3.61 90.29 -13.10
C SER F 751 -3.64 90.42 -14.63
N TYR F 752 -3.17 91.56 -15.13
CA TYR F 752 -3.24 91.88 -16.55
C TYR F 752 -1.98 92.58 -16.98
N ASN F 753 -1.58 92.38 -18.24
CA ASN F 753 -0.40 93.05 -18.78
C ASN F 753 -0.76 94.45 -19.27
N VAL F 754 0.06 95.43 -18.91
CA VAL F 754 -0.05 96.75 -19.51
C VAL F 754 0.92 96.83 -20.67
N VAL F 755 0.37 97.10 -21.85
CA VAL F 755 1.13 97.11 -23.10
C VAL F 755 1.14 98.49 -23.75
N ALA F 756 2.26 98.85 -24.36
CA ALA F 756 2.35 100.04 -25.20
C ALA F 756 2.61 99.63 -26.63
N ARG F 757 1.79 100.13 -27.55
CA ARG F 757 2.00 99.86 -28.97
C ARG F 757 1.32 100.91 -29.84
N PHE F 758 1.87 101.14 -31.02
CA PHE F 758 1.30 102.05 -32.00
C PHE F 758 -0.09 101.61 -32.42
N ILE F 759 -0.91 102.56 -32.82
CA ILE F 759 -2.28 102.28 -33.21
C ILE F 759 -2.31 101.55 -34.56
N GLY F 760 -3.45 100.94 -34.87
CA GLY F 760 -3.64 100.29 -36.14
C GLY F 760 -3.50 101.28 -37.28
N SER F 761 -3.26 100.77 -38.49
CA SER F 761 -3.05 101.60 -39.67
C SER F 761 -1.83 102.54 -39.55
N SER F 762 -1.00 102.31 -38.54
CA SER F 762 0.30 102.97 -38.42
C SER F 762 1.38 101.93 -38.68
N ARG F 763 0.96 100.66 -38.68
CA ARG F 763 1.83 99.53 -38.97
C ARG F 763 1.19 98.70 -40.08
N ASN F 764 0.22 99.30 -40.76
CA ASN F 764 -0.65 98.63 -41.74
C ASN F 764 0.09 97.76 -42.75
N ASP F 765 1.03 98.36 -43.46
CA ASP F 765 1.75 97.70 -44.56
C ASP F 765 3.25 98.02 -44.45
N PRO F 766 4.10 97.39 -45.31
CA PRO F 766 5.53 97.69 -45.26
C PRO F 766 5.88 99.17 -45.48
N GLU F 767 5.13 99.85 -46.33
CA GLU F 767 5.33 101.28 -46.52
C GLU F 767 5.16 102.04 -45.22
N ALA F 768 4.00 101.85 -44.56
CA ALA F 768 3.67 102.54 -43.32
C ALA F 768 4.68 102.29 -42.21
N ILE F 769 5.14 101.05 -42.10
CA ILE F 769 6.21 100.72 -41.18
C ILE F 769 7.43 101.58 -41.52
N GLY F 770 7.87 101.48 -42.78
CA GLY F 770 9.05 102.20 -43.22
C GLY F 770 8.95 103.70 -43.05
N ASN F 771 7.72 104.19 -42.92
CA ASN F 771 7.45 105.63 -42.92
C ASN F 771 7.41 106.26 -41.54
N LEU F 772 7.16 105.46 -40.51
CA LEU F 772 7.20 106.00 -39.15
C LEU F 772 8.64 106.27 -38.74
N THR F 773 8.81 107.16 -37.78
CA THR F 773 10.13 107.72 -37.51
C THR F 773 10.70 107.33 -36.15
N LEU F 774 11.98 107.60 -35.97
CA LEU F 774 12.69 107.37 -34.72
C LEU F 774 13.86 108.35 -34.63
N THR F 775 14.04 108.98 -33.47
CA THR F 775 15.04 110.03 -33.33
C THR F 775 16.48 109.52 -33.40
N ALA F 776 17.43 110.45 -33.46
CA ALA F 776 18.84 110.10 -33.65
C ALA F 776 19.74 110.78 -32.62
N ALA F 777 21.03 110.88 -32.95
CA ALA F 777 22.00 111.49 -32.05
C ALA F 777 22.02 113.01 -32.21
N ASN F 778 21.53 113.50 -33.34
CA ASN F 778 21.48 114.92 -33.61
C ASN F 778 20.24 115.59 -33.04
N GLY F 779 19.43 114.81 -32.34
CA GLY F 779 18.23 115.33 -31.70
C GLY F 779 17.12 115.69 -32.68
N ALA F 780 16.98 114.88 -33.72
CA ALA F 780 15.95 115.11 -34.74
C ALA F 780 15.47 113.79 -35.32
N HIS F 781 14.19 113.74 -35.65
CA HIS F 781 13.57 112.52 -36.16
C HIS F 781 14.27 111.96 -37.41
N VAL F 782 14.22 110.64 -37.56
CA VAL F 782 14.76 109.96 -38.75
C VAL F 782 13.83 108.82 -39.17
N ALA F 783 13.36 108.87 -40.41
CA ALA F 783 12.45 107.84 -40.92
C ALA F 783 13.13 106.48 -40.93
N LEU F 784 12.34 105.43 -40.71
CA LEU F 784 12.86 104.08 -40.59
C LEU F 784 13.46 103.55 -41.90
N ALA F 785 12.87 103.93 -43.02
CA ALA F 785 13.30 103.42 -44.33
C ALA F 785 14.60 104.06 -44.78
N GLN F 786 15.19 104.84 -43.90
CA GLN F 786 16.41 105.59 -44.18
C GLN F 786 17.63 104.79 -43.73
N VAL F 787 17.40 103.76 -42.90
CA VAL F 787 18.50 102.98 -42.33
C VAL F 787 18.19 101.49 -42.24
N ALA F 788 17.09 101.08 -42.84
CA ALA F 788 16.66 99.69 -42.68
C ALA F 788 15.96 99.18 -43.93
N HIS F 789 16.36 98.01 -44.39
CA HIS F 789 15.72 97.38 -45.53
C HIS F 789 14.44 96.67 -45.08
N ILE F 790 13.31 97.35 -45.28
CA ILE F 790 12.00 96.77 -45.06
C ILE F 790 11.52 96.14 -46.36
N ARG F 791 11.48 94.82 -46.41
CA ARG F 791 11.10 94.15 -47.63
C ARG F 791 10.19 92.97 -47.37
N LEU F 792 10.00 92.15 -48.39
CA LEU F 792 9.15 90.98 -48.30
C LEU F 792 9.98 89.78 -48.69
N ALA F 793 10.31 88.94 -47.72
CA ALA F 793 11.17 87.80 -47.96
C ALA F 793 10.55 86.51 -47.44
N GLU F 794 10.70 85.44 -48.21
CA GLU F 794 10.16 84.14 -47.85
C GLU F 794 11.05 83.45 -46.82
N GLY F 795 10.45 82.98 -45.74
CA GLY F 795 11.19 82.27 -44.71
C GLY F 795 10.52 80.96 -44.35
N GLU F 796 11.21 80.09 -43.62
CA GLU F 796 10.60 78.82 -43.25
C GLU F 796 9.61 78.96 -42.08
N THR F 797 8.53 78.18 -42.12
CA THR F 797 7.49 78.30 -41.12
C THR F 797 7.79 77.41 -39.92
N THR F 798 8.35 76.23 -40.21
CA THR F 798 8.59 75.22 -39.20
C THR F 798 9.82 74.35 -39.56
N ILE F 799 10.73 74.21 -38.61
CA ILE F 799 11.93 73.38 -38.80
C ILE F 799 11.90 72.18 -37.85
N THR F 800 11.82 70.98 -38.39
CA THR F 800 11.73 69.79 -37.55
C THR F 800 13.01 68.96 -37.59
N ARG F 801 13.71 68.88 -36.46
CA ARG F 801 14.93 68.09 -36.38
C ARG F 801 14.76 66.86 -35.50
N GLU F 802 15.01 65.69 -36.07
CA GLU F 802 14.87 64.42 -35.34
C GLU F 802 16.14 63.61 -35.42
N MET F 803 16.67 63.23 -34.25
CA MET F 803 17.94 62.52 -34.15
C MET F 803 19.04 63.30 -34.85
N ASN F 804 19.02 64.61 -34.66
CA ASN F 804 20.03 65.50 -35.23
C ASN F 804 20.06 65.47 -36.74
N LYS F 805 18.88 65.38 -37.33
CA LYS F 805 18.71 65.36 -38.78
C LYS F 805 17.51 66.23 -39.16
N ARG F 806 17.73 67.18 -40.05
CA ARG F 806 16.65 67.97 -40.60
C ARG F 806 15.83 67.07 -41.52
N HIS F 807 14.53 66.95 -41.26
CA HIS F 807 13.70 66.12 -42.12
C HIS F 807 12.33 66.75 -42.40
N LEU F 808 11.67 66.26 -43.44
CA LEU F 808 10.29 66.64 -43.73
C LEU F 808 9.45 65.38 -43.65
N THR F 809 8.20 65.52 -43.22
CA THR F 809 7.38 64.36 -42.93
C THR F 809 6.20 64.25 -43.87
N VAL F 810 6.13 63.13 -44.58
CA VAL F 810 4.94 62.84 -45.38
C VAL F 810 4.02 61.96 -44.54
N ARG F 811 3.06 62.59 -43.87
CA ARG F 811 2.13 61.85 -43.04
C ARG F 811 0.95 61.29 -43.85
N LEU F 812 0.50 60.09 -43.47
CA LEU F 812 -0.51 59.35 -44.23
C LEU F 812 -1.20 58.26 -43.41
N ASN F 813 -2.47 57.99 -43.72
CA ASN F 813 -3.24 56.95 -43.01
C ASN F 813 -3.44 55.67 -43.82
N LEU F 814 -3.39 54.54 -43.14
CA LEU F 814 -3.46 53.22 -43.78
C LEU F 814 -4.87 52.81 -44.18
N ARG F 815 -5.86 53.58 -43.71
CA ARG F 815 -7.28 53.28 -43.90
C ARG F 815 -7.67 52.99 -45.35
N GLY F 816 -8.47 51.93 -45.53
CA GLY F 816 -8.98 51.59 -46.84
C GLY F 816 -8.76 50.13 -47.19
N ARG F 817 -7.61 49.59 -46.81
CA ARG F 817 -7.25 48.23 -47.19
C ARG F 817 -6.47 47.50 -46.12
N ASP F 818 -5.19 47.24 -46.39
CA ASP F 818 -4.37 46.40 -45.54
C ASP F 818 -3.21 47.20 -44.98
N LEU F 819 -2.26 46.50 -44.37
CA LEU F 819 -1.02 47.14 -43.93
C LEU F 819 0.18 46.43 -44.53
N SER F 820 0.21 45.10 -44.41
CA SER F 820 1.33 44.31 -44.91
C SER F 820 1.49 44.45 -46.42
N THR F 821 0.47 44.03 -47.15
CA THR F 821 0.48 44.10 -48.61
C THR F 821 0.56 45.54 -49.10
N PHE F 822 -0.15 46.44 -48.41
CA PHE F 822 -0.14 47.85 -48.75
C PHE F 822 1.25 48.46 -48.62
N LEU F 823 1.85 48.32 -47.44
CA LEU F 823 3.16 48.89 -47.20
C LEU F 823 4.19 48.23 -48.11
N GLU F 824 3.99 46.95 -48.40
CA GLU F 824 4.84 46.25 -49.35
C GLU F 824 4.82 46.94 -50.71
N GLU F 825 3.62 47.12 -51.25
CA GLU F 825 3.43 47.76 -52.54
C GLU F 825 3.98 49.19 -52.60
N ALA F 826 3.52 50.03 -51.68
CA ALA F 826 3.94 51.43 -51.65
C ALA F 826 5.43 51.60 -51.43
N ARG F 827 5.96 50.95 -50.39
CA ARG F 827 7.40 51.02 -50.11
C ARG F 827 8.23 50.50 -51.28
N MET F 828 7.71 49.50 -51.99
CA MET F 828 8.38 49.02 -53.19
C MET F 828 8.37 50.11 -54.27
N ARG F 829 7.25 50.81 -54.39
CA ARG F 829 7.13 51.88 -55.38
C ARG F 829 7.94 53.13 -54.99
N ILE F 830 8.41 53.18 -53.75
CA ILE F 830 9.22 54.31 -53.28
C ILE F 830 10.65 54.26 -53.84
N ASP F 831 11.17 53.05 -54.01
CA ASP F 831 12.55 52.85 -54.43
C ASP F 831 12.82 53.36 -55.85
N LYS F 832 11.74 53.61 -56.59
CA LYS F 832 11.84 54.16 -57.94
C LYS F 832 12.53 55.52 -57.92
N GLU F 833 12.08 56.38 -57.03
CA GLU F 833 12.56 57.77 -56.98
C GLU F 833 13.82 57.90 -56.14
N VAL F 834 13.70 58.66 -55.05
CA VAL F 834 14.83 59.00 -54.19
C VAL F 834 16.05 59.52 -54.95
N PRO F 835 15.93 60.69 -55.60
CA PRO F 835 17.08 61.26 -56.32
C PRO F 835 18.20 61.73 -55.38
N TYR F 836 19.12 60.81 -55.11
CA TYR F 836 20.29 61.06 -54.27
C TYR F 836 21.11 62.22 -54.85
N ASP F 837 21.92 62.91 -54.04
CA ASP F 837 22.07 62.68 -52.61
C ASP F 837 22.38 63.99 -51.89
N ARG F 838 23.16 64.84 -52.56
CA ARG F 838 23.61 66.12 -52.02
C ARG F 838 24.35 65.97 -50.69
N ILE F 841 20.64 62.68 -48.68
CA ILE F 841 19.22 62.62 -48.34
C ILE F 841 18.71 61.19 -48.17
N GLN F 842 18.29 60.86 -46.95
CA GLN F 842 17.78 59.52 -46.64
C GLN F 842 16.27 59.56 -46.47
N VAL F 843 15.62 58.41 -46.64
CA VAL F 843 14.18 58.30 -46.49
C VAL F 843 13.78 57.06 -45.69
N ALA F 844 12.99 57.26 -44.64
CA ALA F 844 12.56 56.14 -43.80
C ALA F 844 11.04 56.08 -43.64
N TRP F 845 10.54 54.93 -43.20
CA TRP F 845 9.12 54.77 -42.89
C TRP F 845 8.93 54.74 -41.38
N GLY F 846 7.77 55.20 -40.91
CA GLY F 846 7.51 55.25 -39.49
C GLY F 846 6.05 55.13 -39.14
N GLY F 847 5.76 54.94 -37.86
CA GLY F 847 4.39 54.81 -37.40
C GLY F 847 4.07 53.40 -36.93
N GLN F 848 2.92 52.90 -37.36
CA GLN F 848 2.52 51.53 -37.01
C GLN F 848 3.30 50.50 -37.81
N PHE F 849 4.17 50.98 -38.70
CA PHE F 849 5.13 50.12 -39.39
C PHE F 849 6.08 49.52 -38.37
N GLU F 850 6.60 50.36 -37.48
CA GLU F 850 7.49 49.91 -36.42
C GLU F 850 6.74 49.03 -35.44
N ASN F 851 5.48 49.36 -35.19
CA ASN F 851 4.63 48.53 -34.36
C ASN F 851 4.50 47.12 -34.93
N GLN F 852 4.21 47.04 -36.23
CA GLN F 852 4.13 45.76 -36.94
C GLN F 852 5.43 44.99 -36.85
N GLN F 853 6.54 45.69 -37.05
CA GLN F 853 7.87 45.06 -36.98
C GLN F 853 8.15 44.44 -35.61
N ARG F 854 7.98 45.23 -34.55
CA ARG F 854 8.22 44.76 -33.19
C ARG F 854 7.30 43.61 -32.82
N ALA F 855 6.02 43.72 -33.20
CA ALA F 855 5.04 42.68 -32.92
C ALA F 855 5.39 41.36 -33.61
N GLN F 856 5.71 41.45 -34.90
CA GLN F 856 6.10 40.28 -35.68
C GLN F 856 7.35 39.61 -35.10
N ALA F 857 8.39 40.41 -34.89
CA ALA F 857 9.65 39.91 -34.32
C ALA F 857 9.40 39.22 -32.99
N ARG F 858 8.56 39.84 -32.16
CA ARG F 858 8.21 39.25 -30.87
C ARG F 858 7.44 37.93 -31.02
N LEU F 859 6.59 37.84 -32.04
CA LEU F 859 5.87 36.61 -32.32
C LEU F 859 6.86 35.50 -32.64
N ALA F 860 7.79 35.81 -33.54
CA ALA F 860 8.84 34.86 -33.94
C ALA F 860 9.73 34.46 -32.76
N VAL F 861 9.89 35.36 -31.80
CA VAL F 861 10.67 35.05 -30.60
C VAL F 861 9.91 34.13 -29.65
N ILE F 862 8.65 34.46 -29.43
CA ILE F 862 7.79 33.73 -28.49
C ILE F 862 7.50 32.30 -28.93
N LEU F 863 7.12 32.14 -30.20
CA LEU F 863 6.68 30.83 -30.71
C LEU F 863 7.54 29.60 -30.35
N PRO F 864 8.87 29.65 -30.57
CA PRO F 864 9.64 28.45 -30.25
C PRO F 864 9.94 28.34 -28.77
N MET F 865 9.85 29.45 -28.05
CA MET F 865 10.13 29.47 -26.62
C MET F 865 9.15 28.57 -25.88
N VAL F 866 7.87 28.72 -26.20
CA VAL F 866 6.82 27.93 -25.55
C VAL F 866 6.88 26.45 -25.96
N LEU F 867 7.09 26.20 -27.24
CA LEU F 867 7.15 24.83 -27.76
C LEU F 867 8.30 24.03 -27.15
N ALA F 868 9.28 24.75 -26.60
CA ALA F 868 10.36 24.11 -25.87
C ALA F 868 9.81 23.52 -24.58
N LEU F 869 9.32 24.38 -23.71
CA LEU F 869 8.74 23.95 -22.43
C LEU F 869 7.54 23.02 -22.64
N MET F 870 6.71 23.36 -23.62
CA MET F 870 5.52 22.58 -23.94
C MET F 870 5.88 21.13 -24.25
N PHE F 871 6.95 20.94 -25.00
CA PHE F 871 7.45 19.60 -25.30
C PHE F 871 8.09 19.02 -24.04
N VAL F 872 8.73 19.88 -23.26
CA VAL F 872 9.39 19.47 -22.03
C VAL F 872 8.39 18.95 -20.99
N LEU F 873 7.30 19.68 -20.80
CA LEU F 873 6.23 19.22 -19.92
C LEU F 873 5.62 17.96 -20.50
N LEU F 874 5.44 17.94 -21.80
CA LEU F 874 4.86 16.79 -22.49
C LEU F 874 5.86 15.64 -22.64
N PHE F 875 7.03 15.79 -22.05
CA PHE F 875 7.99 14.69 -22.05
C PHE F 875 7.61 13.69 -20.97
N GLY F 876 7.93 12.42 -21.21
CA GLY F 876 7.59 11.35 -20.31
C GLY F 876 6.10 11.08 -20.31
N GLU F 877 5.37 11.92 -19.59
CA GLU F 877 3.91 11.82 -19.52
C GLU F 877 3.27 12.17 -20.86
N GLN F 883 7.57 11.00 -29.42
CA GLN F 883 6.29 10.70 -28.78
C GLN F 883 5.49 11.95 -28.40
N PRO F 884 6.11 12.93 -27.72
CA PRO F 884 5.31 14.13 -27.41
C PRO F 884 5.02 14.94 -28.67
N ALA F 885 5.84 14.74 -29.70
CA ALA F 885 5.67 15.44 -30.98
C ALA F 885 4.28 15.20 -31.54
N LEU F 886 3.78 13.98 -31.33
CA LEU F 886 2.44 13.60 -31.73
C LEU F 886 1.41 14.59 -31.21
N ILE F 887 1.52 14.91 -29.92
CA ILE F 887 0.57 15.83 -29.29
C ILE F 887 0.88 17.27 -29.69
N LEU F 888 2.17 17.57 -29.84
CA LEU F 888 2.61 18.90 -30.22
C LEU F 888 2.01 19.32 -31.56
N MET F 889 1.87 18.36 -32.46
CA MET F 889 1.35 18.65 -33.80
C MET F 889 -0.17 18.80 -33.85
N ALA F 890 -0.76 19.19 -32.72
CA ALA F 890 -2.18 19.47 -32.67
C ALA F 890 -2.43 20.95 -32.97
N VAL F 891 -1.36 21.74 -32.92
CA VAL F 891 -1.48 23.18 -33.19
C VAL F 891 -1.94 23.56 -34.61
N PRO F 892 -1.51 22.82 -35.65
CA PRO F 892 -2.04 23.23 -36.96
C PRO F 892 -3.51 22.87 -37.12
N LEU F 893 -3.96 21.84 -36.40
CA LEU F 893 -5.35 21.40 -36.44
C LEU F 893 -6.26 22.53 -36.01
N ALA F 894 -5.78 23.33 -35.05
CA ALA F 894 -6.51 24.47 -34.56
C ALA F 894 -6.24 25.69 -35.43
N THR F 895 -5.05 25.72 -36.02
CA THR F 895 -4.63 26.83 -36.87
C THR F 895 -5.54 26.96 -38.09
N LEU F 896 -6.04 25.83 -38.59
CA LEU F 896 -6.95 25.81 -39.73
C LEU F 896 -8.15 26.72 -39.51
N GLY F 897 -8.93 26.42 -38.47
CA GLY F 897 -10.11 27.21 -38.15
C GLY F 897 -9.78 28.64 -37.80
N GLY F 898 -8.65 28.82 -37.11
CA GLY F 898 -8.23 30.14 -36.66
C GLY F 898 -7.91 31.06 -37.82
N LEU F 899 -7.69 30.47 -38.99
CA LEU F 899 -7.36 31.25 -40.18
C LEU F 899 -8.52 31.31 -41.18
N VAL F 900 -9.35 30.27 -41.20
CA VAL F 900 -10.51 30.28 -42.09
C VAL F 900 -11.59 31.20 -41.55
N ALA F 901 -11.56 31.43 -40.25
CA ALA F 901 -12.53 32.30 -39.61
C ALA F 901 -12.14 33.77 -39.80
N LEU F 902 -10.85 34.03 -39.94
CA LEU F 902 -10.37 35.37 -40.21
C LEU F 902 -10.82 35.82 -41.61
N HIS F 903 -10.69 34.93 -42.58
CA HIS F 903 -11.15 35.21 -43.94
C HIS F 903 -12.68 35.28 -43.98
N LEU F 904 -13.34 34.61 -43.05
CA LEU F 904 -14.80 34.54 -43.03
C LEU F 904 -15.47 35.89 -42.86
N ARG F 905 -15.19 36.56 -41.74
CA ARG F 905 -15.82 37.85 -41.44
C ARG F 905 -15.11 39.01 -42.13
N GLY F 906 -13.89 38.79 -42.59
CA GLY F 906 -13.11 39.83 -43.23
C GLY F 906 -12.21 40.54 -42.24
N MET F 907 -11.11 39.88 -41.86
CA MET F 907 -10.19 40.43 -40.87
C MET F 907 -8.75 40.25 -41.30
N THR F 908 -7.83 40.62 -40.41
CA THR F 908 -6.40 40.49 -40.67
C THR F 908 -5.73 39.65 -39.59
N LEU F 909 -4.42 39.82 -39.44
CA LEU F 909 -3.65 39.07 -38.44
C LEU F 909 -2.92 40.01 -37.48
N ASN F 910 -3.65 40.51 -36.49
CA ASN F 910 -3.11 41.46 -35.53
C ASN F 910 -2.55 40.79 -34.29
N VAL F 911 -1.87 41.56 -33.45
CA VAL F 911 -1.29 41.02 -32.22
C VAL F 911 -2.39 40.44 -31.32
N SER F 912 -3.59 41.00 -31.42
CA SER F 912 -4.75 40.53 -30.68
C SER F 912 -5.11 39.10 -31.08
N SER F 913 -5.27 38.87 -32.38
CA SER F 913 -5.57 37.55 -32.90
C SER F 913 -4.41 36.58 -32.68
N ALA F 914 -3.19 37.12 -32.64
CA ALA F 914 -2.01 36.32 -32.33
C ALA F 914 -2.15 35.73 -30.93
N VAL F 915 -2.38 36.62 -29.97
CA VAL F 915 -2.66 36.20 -28.60
C VAL F 915 -3.82 35.21 -28.60
N GLY F 916 -4.78 35.44 -29.49
CA GLY F 916 -5.88 34.52 -29.67
C GLY F 916 -5.41 33.11 -30.00
N PHE F 917 -4.45 32.99 -30.90
CA PHE F 917 -3.88 31.69 -31.24
C PHE F 917 -3.14 31.10 -30.05
N ILE F 918 -2.44 31.96 -29.30
CA ILE F 918 -1.76 31.54 -28.08
C ILE F 918 -2.75 30.89 -27.11
N ALA F 919 -3.95 31.45 -27.08
CA ALA F 919 -5.02 30.92 -26.23
C ALA F 919 -5.58 29.60 -26.77
N LEU F 920 -5.89 29.59 -28.07
CA LEU F 920 -6.48 28.43 -28.74
C LEU F 920 -5.60 27.19 -28.58
N PHE F 921 -4.29 27.40 -28.69
CA PHE F 921 -3.34 26.31 -28.59
C PHE F 921 -3.48 25.56 -27.27
N GLY F 922 -3.75 26.30 -26.20
CA GLY F 922 -3.93 25.72 -24.89
C GLY F 922 -5.07 24.72 -24.83
N VAL F 923 -6.28 25.19 -25.14
CA VAL F 923 -7.46 24.32 -25.09
C VAL F 923 -7.35 23.15 -26.08
N ALA F 924 -6.84 23.44 -27.27
CA ALA F 924 -6.67 22.40 -28.30
C ALA F 924 -5.73 21.30 -27.82
N VAL F 925 -4.56 21.70 -27.34
CA VAL F 925 -3.58 20.74 -26.84
C VAL F 925 -4.08 20.06 -25.57
N LEU F 926 -5.01 20.69 -24.87
CA LEU F 926 -5.63 20.06 -23.71
C LEU F 926 -6.49 18.90 -24.17
N ASN F 927 -7.29 19.14 -25.19
CA ASN F 927 -8.12 18.07 -25.76
C ASN F 927 -7.28 16.93 -26.32
N ALA F 928 -6.22 17.28 -27.05
CA ALA F 928 -5.29 16.28 -27.57
C ALA F 928 -4.67 15.46 -26.44
N ILE F 929 -4.24 16.14 -25.38
CA ILE F 929 -3.63 15.49 -24.22
C ILE F 929 -4.60 14.50 -23.58
N ILE F 930 -5.83 14.95 -23.31
CA ILE F 930 -6.83 14.08 -22.70
C ILE F 930 -7.08 12.84 -23.55
N MET F 931 -7.30 13.07 -24.85
CA MET F 931 -7.50 11.97 -25.80
C MET F 931 -6.37 10.94 -25.73
N ILE F 932 -5.16 11.40 -26.02
CA ILE F 932 -3.99 10.53 -26.10
C ILE F 932 -3.67 9.84 -24.77
N ALA F 933 -3.94 10.53 -23.67
CA ALA F 933 -3.67 9.98 -22.34
C ALA F 933 -4.65 8.86 -21.97
N ASN F 934 -5.95 9.16 -22.06
CA ASN F 934 -6.94 8.14 -21.76
C ASN F 934 -6.84 6.96 -22.72
N LEU F 935 -6.38 7.23 -23.93
CA LEU F 935 -6.12 6.18 -24.91
C LEU F 935 -4.96 5.28 -24.47
N ASN F 936 -3.79 5.90 -24.34
CA ASN F 936 -2.55 5.22 -23.99
C ASN F 936 -2.62 4.51 -22.64
N ARG F 937 -3.51 4.97 -21.77
CA ARG F 937 -3.70 4.34 -20.47
C ARG F 937 -4.75 3.23 -20.54
N TRP F 938 -5.76 3.43 -21.38
CA TRP F 938 -6.77 2.40 -21.59
C TRP F 938 -6.12 1.14 -22.15
N ARG F 939 -5.28 1.29 -23.16
CA ARG F 939 -4.63 0.12 -23.74
C ARG F 939 -3.35 -0.30 -23.03
N ASP F 940 -2.50 0.67 -22.69
CA ASP F 940 -1.19 0.38 -22.13
C ASP F 940 -1.07 0.91 -20.70
N VAL F 944 -7.67 -5.68 -34.88
CA VAL F 944 -6.48 -5.85 -34.04
C VAL F 944 -6.79 -5.46 -32.60
N SER F 945 -6.17 -6.15 -31.64
CA SER F 945 -6.41 -5.91 -30.22
C SER F 945 -6.05 -4.50 -29.80
N LEU F 946 -5.10 -3.89 -30.50
CA LEU F 946 -4.72 -2.51 -30.23
C LEU F 946 -5.65 -1.54 -30.96
N LYS F 947 -6.13 -1.97 -32.12
CA LYS F 947 -7.07 -1.17 -32.92
C LYS F 947 -8.41 -1.04 -32.20
N GLU F 948 -8.71 -2.00 -31.34
CA GLU F 948 -9.94 -1.97 -30.57
C GLU F 948 -9.90 -0.80 -29.60
N ALA F 949 -8.70 -0.49 -29.09
CA ALA F 949 -8.53 0.62 -28.16
C ALA F 949 -8.81 1.96 -28.82
N VAL F 950 -8.61 2.02 -30.14
CA VAL F 950 -8.85 3.23 -30.92
C VAL F 950 -10.33 3.62 -30.86
N VAL F 951 -11.19 2.65 -30.60
CA VAL F 951 -12.63 2.90 -30.43
C VAL F 951 -13.04 2.72 -28.98
N ARG F 952 -12.14 2.14 -28.17
CA ARG F 952 -12.40 1.92 -26.76
C ARG F 952 -11.87 3.06 -25.89
N GLY F 953 -10.56 3.25 -25.91
CA GLY F 953 -9.92 4.28 -25.11
C GLY F 953 -10.10 5.66 -25.68
N ALA F 954 -10.54 5.74 -26.94
CA ALA F 954 -10.74 7.01 -27.62
C ALA F 954 -12.22 7.26 -27.88
N GLY F 955 -12.97 6.19 -28.11
CA GLY F 955 -14.38 6.28 -28.41
C GLY F 955 -15.22 6.75 -27.23
N GLU F 956 -14.70 6.56 -26.03
CA GLU F 956 -15.42 6.97 -24.82
C GLU F 956 -14.95 8.34 -24.35
N ARG F 957 -13.98 8.91 -25.05
CA ARG F 957 -13.52 10.26 -24.75
C ARG F 957 -14.24 11.26 -25.63
N MET F 958 -15.23 10.77 -26.37
CA MET F 958 -16.07 11.61 -27.23
C MET F 958 -16.70 12.74 -26.43
N ARG F 959 -17.43 12.39 -25.38
CA ARG F 959 -18.14 13.37 -24.57
C ARG F 959 -17.28 14.42 -23.83
N PRO F 960 -16.21 13.99 -23.14
CA PRO F 960 -15.39 15.02 -22.47
C PRO F 960 -14.80 16.01 -23.46
N VAL F 961 -14.21 15.49 -24.54
CA VAL F 961 -13.59 16.33 -25.56
C VAL F 961 -14.60 17.28 -26.20
N LEU F 962 -15.75 16.74 -26.61
CA LEU F 962 -16.79 17.58 -27.21
C LEU F 962 -17.28 18.65 -26.25
N MET F 963 -17.41 18.28 -24.97
CA MET F 963 -17.92 19.19 -23.95
C MET F 963 -16.96 20.35 -23.76
N THR F 964 -15.69 20.03 -23.54
CA THR F 964 -14.64 21.04 -23.39
C THR F 964 -14.57 21.93 -24.62
N ALA F 965 -14.55 21.30 -25.79
CA ALA F 965 -14.44 22.00 -27.06
C ALA F 965 -15.67 22.85 -27.37
N THR F 966 -16.74 22.61 -26.62
CA THR F 966 -17.95 23.42 -26.79
C THR F 966 -17.96 24.62 -25.85
N VAL F 967 -17.77 24.37 -24.55
CA VAL F 967 -17.76 25.47 -23.59
C VAL F 967 -16.65 26.47 -23.91
N ALA F 968 -15.49 25.97 -24.32
CA ALA F 968 -14.37 26.84 -24.65
C ALA F 968 -14.63 27.59 -25.95
N ALA F 969 -15.62 27.15 -26.71
CA ALA F 969 -15.90 27.77 -28.01
C ALA F 969 -17.23 28.53 -28.02
N LEU F 970 -17.89 28.59 -26.88
CA LEU F 970 -19.14 29.36 -26.78
C LEU F 970 -18.99 30.52 -25.83
N GLY F 971 -17.90 30.51 -25.05
CA GLY F 971 -17.61 31.61 -24.16
C GLY F 971 -17.12 32.82 -24.93
N LEU F 972 -16.62 32.57 -26.14
CA LEU F 972 -16.02 33.63 -26.95
C LEU F 972 -16.90 34.08 -28.10
N ILE F 973 -18.00 33.37 -28.32
CA ILE F 973 -19.01 33.81 -29.28
C ILE F 973 -19.59 35.20 -28.97
N PRO F 974 -19.94 35.48 -27.70
CA PRO F 974 -20.40 36.84 -27.43
C PRO F 974 -19.27 37.87 -27.60
N ALA F 975 -18.04 37.45 -27.35
CA ALA F 975 -16.89 38.32 -27.52
C ALA F 975 -16.62 38.57 -28.99
N ALA F 976 -17.22 37.73 -29.84
CA ALA F 976 -17.13 37.90 -31.28
C ALA F 976 -18.19 38.90 -31.78
N LEU F 977 -18.84 39.59 -30.84
CA LEU F 977 -19.77 40.66 -31.17
C LEU F 977 -19.06 42.01 -31.18
N ALA F 978 -19.50 42.90 -32.05
CA ALA F 978 -18.87 44.20 -32.24
C ALA F 978 -19.72 45.33 -31.69
N HIS F 979 -21.03 45.11 -31.69
CA HIS F 979 -22.00 46.13 -31.33
C HIS F 979 -21.72 46.78 -29.98
N GLY F 980 -20.81 47.74 -29.97
CA GLY F 980 -20.47 48.47 -28.76
C GLY F 980 -19.00 48.83 -28.66
N LEU F 981 -18.72 49.85 -27.86
CA LEU F 981 -17.34 50.29 -27.62
C LEU F 981 -16.67 49.38 -26.60
N GLY F 982 -15.55 48.77 -27.00
CA GLY F 982 -14.79 47.94 -26.09
C GLY F 982 -14.66 46.52 -26.57
N SER F 983 -15.27 46.22 -27.70
CA SER F 983 -15.20 44.89 -28.30
C SER F 983 -14.28 44.92 -29.49
N ASP F 984 -13.55 46.02 -29.65
CA ASP F 984 -12.70 46.22 -30.81
C ASP F 984 -11.29 45.69 -30.60
N VAL F 985 -11.16 44.65 -29.80
CA VAL F 985 -9.86 44.03 -29.59
C VAL F 985 -10.06 42.59 -29.14
N GLN F 986 -11.28 42.28 -28.74
CA GLN F 986 -11.63 40.95 -28.25
C GLN F 986 -12.00 40.04 -29.41
N ARG F 987 -12.70 40.62 -30.38
CA ARG F 987 -13.14 39.88 -31.57
C ARG F 987 -12.04 39.11 -32.32
N PRO F 988 -10.80 39.63 -32.34
CA PRO F 988 -9.74 38.79 -32.93
C PRO F 988 -9.53 37.47 -32.19
N LEU F 989 -9.32 37.52 -30.88
CA LEU F 989 -9.12 36.29 -30.10
C LEU F 989 -10.37 35.42 -30.19
N ALA F 990 -11.53 36.06 -30.10
CA ALA F 990 -12.82 35.37 -30.19
C ALA F 990 -12.91 34.58 -31.48
N THR F 991 -12.62 35.24 -32.59
CA THR F 991 -12.69 34.64 -33.92
C THR F 991 -11.69 33.49 -34.04
N VAL F 992 -10.44 33.76 -33.68
CA VAL F 992 -9.38 32.76 -33.76
C VAL F 992 -9.71 31.50 -32.97
N VAL F 993 -10.17 31.66 -31.75
CA VAL F 993 -10.49 30.51 -30.89
C VAL F 993 -11.77 29.79 -31.34
N VAL F 994 -12.87 30.52 -31.44
CA VAL F 994 -14.15 29.95 -31.86
C VAL F 994 -14.05 29.19 -33.18
N GLY F 995 -13.47 29.84 -34.20
CA GLY F 995 -13.29 29.22 -35.49
C GLY F 995 -12.26 28.10 -35.46
N GLY F 996 -11.19 28.30 -34.69
CA GLY F 996 -10.10 27.36 -34.64
C GLY F 996 -10.28 26.21 -33.67
N LEU F 997 -11.47 26.12 -33.08
CA LEU F 997 -11.75 25.03 -32.15
C LEU F 997 -12.85 24.14 -32.71
N ILE F 998 -13.65 24.71 -33.61
CA ILE F 998 -14.74 23.97 -34.22
C ILE F 998 -14.23 23.21 -35.45
N THR F 999 -12.96 23.41 -35.78
CA THR F 999 -12.31 22.67 -36.86
C THR F 999 -11.06 21.97 -36.35
N ALA F 1000 -10.90 21.96 -35.04
CA ALA F 1000 -9.75 21.31 -34.42
C ALA F 1000 -10.17 20.02 -33.75
N THR F 1001 -11.38 20.02 -33.20
CA THR F 1001 -11.92 18.84 -32.54
C THR F 1001 -12.20 17.75 -33.56
N ALA F 1002 -12.65 18.15 -34.74
CA ALA F 1002 -12.97 17.22 -35.82
C ALA F 1002 -11.72 16.51 -36.34
N LEU F 1003 -10.56 17.03 -35.99
CA LEU F 1003 -9.29 16.43 -36.39
C LEU F 1003 -8.58 15.87 -35.17
N THR F 1004 -9.14 16.12 -34.00
CA THR F 1004 -8.61 15.58 -32.75
C THR F 1004 -9.24 14.21 -32.49
N LEU F 1005 -10.43 14.01 -33.05
CA LEU F 1005 -11.19 12.79 -32.82
C LEU F 1005 -11.15 11.86 -34.02
N VAL F 1006 -10.46 12.26 -35.08
CA VAL F 1006 -10.39 11.45 -36.29
C VAL F 1006 -8.95 11.14 -36.71
N LEU F 1007 -8.24 12.16 -37.18
CA LEU F 1007 -6.87 11.98 -37.67
C LEU F 1007 -5.91 11.63 -36.53
N LEU F 1008 -6.25 12.06 -35.32
CA LEU F 1008 -5.38 11.87 -34.17
C LEU F 1008 -5.30 10.43 -33.64
N PRO F 1009 -6.45 9.75 -33.47
CA PRO F 1009 -6.36 8.33 -33.06
C PRO F 1009 -5.65 7.49 -34.12
N ALA F 1010 -5.96 7.73 -35.39
CA ALA F 1010 -5.28 7.06 -36.49
C ALA F 1010 -3.79 7.35 -36.44
N LEU F 1011 -3.44 8.56 -36.04
CA LEU F 1011 -2.05 8.94 -35.89
C LEU F 1011 -1.38 8.10 -34.81
N TYR F 1012 -2.06 7.97 -33.67
CA TYR F 1012 -1.53 7.19 -32.56
C TYR F 1012 -1.35 5.71 -32.91
N TYR F 1013 -2.34 5.15 -33.60
CA TYR F 1013 -2.27 3.75 -34.00
C TYR F 1013 -1.18 3.52 -35.04
N LEU F 1014 -1.00 4.50 -35.93
CA LEU F 1014 0.00 4.37 -36.99
C LEU F 1014 1.42 4.50 -36.45
N ILE F 1015 1.60 5.38 -35.47
CA ILE F 1015 2.93 5.67 -34.95
C ILE F 1015 3.47 4.58 -34.03
N GLU F 1016 2.62 4.06 -33.14
CA GLU F 1016 3.05 3.12 -32.11
C GLU F 1016 3.26 1.68 -32.61
N THR F 1017 3.36 1.49 -33.92
CA THR F 1017 3.65 0.18 -34.49
C THR F 1017 4.93 0.22 -35.32
ZN ZN G . -42.93 -65.22 5.42
ZN ZN H . 0.14 -76.36 -12.36
ZN ZN I . 7.90 76.66 16.82
ZN ZN J . 42.30 63.12 -13.30
#